data_7ALQ
#
_entry.id   7ALQ
#
_cell.length_a   106.104
_cell.length_b   185.418
_cell.length_c   184.231
_cell.angle_alpha   90.000
_cell.angle_beta   97.940
_cell.angle_gamma   90.000
#
_symmetry.space_group_name_H-M   'P 1 21 1'
#
loop_
_entity.id
_entity.type
_entity.pdbx_description
1 polymer 'GTP cyclohydrolase 1'
2 polymer 'GTP cyclohydrolase 1 feedback regulatory protein'
3 non-polymer 'ZINC ION'
4 non-polymer 7-deaza-GTP
5 non-polymer 7,8-DIHYDROBIOPTERIN
6 non-polymer 'POTASSIUM ION'
7 water water
#
loop_
_entity_poly.entity_id
_entity_poly.type
_entity_poly.pdbx_seq_one_letter_code
_entity_poly.pdbx_strand_id
1 'polypeptide(L)'
;PEAKSAQPADGWKGERPRSEEDNELNLPNLAAAYSSILSSLGENPQRQGLLKTPWRAASAMQFFTKGYQETISDVLNDAI
FDEDHDEMVIVKDIDMFSMCEHHLVPFVGKVHIGYLPNKQVLGLSKLARIVEIYSRRLQVQERLTKQIAVAITEALRPAG
VGVVVEATHMCMVMRGVQKMNSKTVTSTMLGVFREDPKTREEFLTLIRS
;
A,B,C,D,E,F,G,H,I,J,K,L,M,N,O,P,Q,R,S,T
2 'polypeptide(L)'
;GSHMPYLLISTQIRMEVGPTMVGDEQSDPELMQHLGASKRRALGNNFYEYYVDDPPRIVLDKLERRGFRVLSMTGVGQTL
VWCLHKE
;
a,b,c,d,e,f,g,h,i,j,k,l,m,n,o,p,q,r,s,t
#
loop_
_chem_comp.id
_chem_comp.type
_chem_comp.name
_chem_comp.formula
HBI non-polymer 7,8-DIHYDROBIOPTERIN 'C9 H13 N5 O3'
K non-polymer 'POTASSIUM ION' 'K 1'
QBQ non-polymer 7-deaza-GTP 'C11 H17 N4 O14 P3'
ZN non-polymer 'ZINC ION' 'Zn 2'
#
# COMPACT_ATOMS: atom_id res chain seq x y z
N PRO A 17 -0.24 30.08 0.92
CA PRO A 17 -1.10 29.74 2.06
C PRO A 17 -0.31 29.44 3.34
N ARG A 18 -0.99 29.43 4.48
CA ARG A 18 -0.38 29.15 5.79
C ARG A 18 0.17 27.71 5.84
N SER A 19 1.39 27.51 6.35
CA SER A 19 1.97 26.16 6.40
C SER A 19 1.89 25.53 7.81
N GLU A 20 2.16 24.22 7.93
CA GLU A 20 2.20 23.55 9.23
C GLU A 20 3.43 24.01 10.06
N GLU A 21 4.52 24.46 9.37
CA GLU A 21 5.72 25.02 10.00
C GLU A 21 5.40 26.41 10.60
N ASP A 22 4.54 27.20 9.93
CA ASP A 22 4.05 28.49 10.43
C ASP A 22 3.25 28.23 11.71
N ASN A 23 2.43 27.17 11.74
CA ASN A 23 1.64 26.81 12.90
C ASN A 23 2.53 26.44 14.09
N GLU A 24 3.59 25.66 13.82
CA GLU A 24 4.54 25.19 14.82
C GLU A 24 5.28 26.38 15.47
N LEU A 25 5.68 27.33 14.63
CA LEU A 25 6.41 28.54 15.00
C LEU A 25 5.55 29.60 15.72
N ASN A 26 4.30 29.80 15.28
CA ASN A 26 3.42 30.81 15.90
C ASN A 26 2.65 30.35 17.11
N LEU A 27 2.65 29.04 17.40
CA LEU A 27 1.90 28.48 18.51
C LEU A 27 2.30 29.08 19.86
N PRO A 28 3.60 29.20 20.20
CA PRO A 28 3.97 29.84 21.48
C PRO A 28 3.47 31.27 21.64
N ASN A 29 3.48 32.06 20.56
CA ASN A 29 3.01 33.44 20.55
C ASN A 29 1.51 33.50 20.72
N LEU A 30 0.76 32.53 20.16
CA LEU A 30 -0.68 32.48 20.34
C LEU A 30 -0.97 32.13 21.79
N ALA A 31 -0.26 31.12 22.34
CA ALA A 31 -0.40 30.72 23.73
C ALA A 31 -0.09 31.90 24.67
N ALA A 32 0.95 32.71 24.34
CA ALA A 32 1.38 33.87 25.14
C ALA A 32 0.30 34.92 25.21
N ALA A 33 -0.41 35.13 24.09
CA ALA A 33 -1.50 36.11 24.00
C ALA A 33 -2.68 35.68 24.80
N TYR A 34 -2.99 34.36 24.81
CA TYR A 34 -4.13 33.80 25.57
C TYR A 34 -3.89 33.78 27.06
N SER A 35 -2.66 33.55 27.45
CA SER A 35 -2.28 33.58 28.86
C SER A 35 -2.45 35.01 29.41
N SER A 36 -2.08 35.98 28.60
CA SER A 36 -2.20 37.40 28.82
C SER A 36 -3.67 37.79 28.97
N ILE A 37 -4.55 37.22 28.14
CA ILE A 37 -6.00 37.46 28.16
C ILE A 37 -6.60 36.94 29.47
N LEU A 38 -6.19 35.73 29.93
CA LEU A 38 -6.66 35.14 31.19
C LEU A 38 -6.33 36.07 32.35
N SER A 39 -5.10 36.62 32.37
CA SER A 39 -4.69 37.56 33.40
C SER A 39 -5.50 38.87 33.28
N SER A 40 -5.62 39.45 32.07
CA SER A 40 -6.35 40.70 31.87
C SER A 40 -7.82 40.61 32.26
N LEU A 41 -8.41 39.39 32.20
CA LEU A 41 -9.82 39.17 32.58
C LEU A 41 -10.05 39.01 34.09
N GLY A 42 -8.97 39.06 34.87
CA GLY A 42 -8.98 38.88 36.31
C GLY A 42 -8.71 37.46 36.74
N GLU A 43 -8.60 36.52 35.78
CA GLU A 43 -8.44 35.12 36.14
C GLU A 43 -7.03 34.80 36.58
N ASN A 44 -6.90 33.68 37.30
CA ASN A 44 -5.61 33.18 37.81
C ASN A 44 -5.15 32.14 36.83
N PRO A 45 -4.18 32.46 35.94
CA PRO A 45 -3.74 31.46 34.95
C PRO A 45 -3.09 30.22 35.55
N GLN A 46 -2.71 30.27 36.84
CA GLN A 46 -2.06 29.17 37.54
C GLN A 46 -3.01 28.23 38.26
N ARG A 47 -4.33 28.45 38.20
CA ARG A 47 -5.29 27.55 38.84
C ARG A 47 -5.48 26.30 37.99
N GLN A 48 -5.75 25.12 38.62
CA GLN A 48 -5.87 23.81 37.94
C GLN A 48 -6.52 23.86 36.57
N GLY A 49 -7.72 24.45 36.51
CA GLY A 49 -8.54 24.52 35.31
C GLY A 49 -8.01 25.35 34.18
N LEU A 50 -7.15 26.34 34.47
CA LEU A 50 -6.61 27.20 33.41
C LEU A 50 -5.15 26.93 33.03
N LEU A 51 -4.47 25.99 33.67
CA LEU A 51 -3.04 25.75 33.43
C LEU A 51 -2.68 25.45 31.96
N LYS A 52 -3.47 24.64 31.26
CA LYS A 52 -3.20 24.34 29.84
C LYS A 52 -4.07 25.12 28.87
N THR A 53 -4.96 26.01 29.37
CA THR A 53 -5.85 26.81 28.55
C THR A 53 -5.06 27.63 27.49
N PRO A 54 -3.95 28.34 27.77
CA PRO A 54 -3.25 29.06 26.69
C PRO A 54 -2.92 28.21 25.44
N TRP A 55 -2.38 27.00 25.61
CA TRP A 55 -2.04 26.09 24.52
C TRP A 55 -3.27 25.47 23.89
N ARG A 56 -4.29 25.18 24.71
CA ARG A 56 -5.53 24.63 24.19
C ARG A 56 -6.30 25.67 23.35
N ALA A 57 -6.42 26.91 23.88
CA ALA A 57 -7.09 28.01 23.17
C ALA A 57 -6.34 28.33 21.86
N ALA A 58 -4.97 28.36 21.89
CA ALA A 58 -4.13 28.59 20.71
C ALA A 58 -4.32 27.53 19.62
N SER A 59 -4.22 26.22 19.95
CA SER A 59 -4.45 25.13 19.00
C SER A 59 -5.85 25.13 18.44
N ALA A 60 -6.86 25.46 19.30
CA ALA A 60 -8.25 25.48 18.85
C ALA A 60 -8.42 26.56 17.81
N MET A 61 -7.89 27.77 18.06
CA MET A 61 -7.96 28.89 17.12
C MET A 61 -7.22 28.60 15.80
N GLN A 62 -6.14 27.82 15.86
CA GLN A 62 -5.39 27.41 14.67
C GLN A 62 -6.22 26.41 13.85
N PHE A 63 -6.99 25.54 14.53
CA PHE A 63 -7.86 24.60 13.84
C PHE A 63 -9.06 25.35 13.22
N PHE A 64 -9.59 26.34 13.94
CA PHE A 64 -10.72 27.12 13.46
C PHE A 64 -10.41 27.93 12.23
N THR A 65 -9.11 28.24 12.00
CA THR A 65 -8.62 29.02 10.86
C THR A 65 -7.70 28.15 9.92
N LYS A 66 -7.93 26.83 9.84
CA LYS A 66 -7.14 25.95 8.96
C LYS A 66 -7.46 26.09 7.47
N GLY A 67 -8.44 26.92 7.13
CA GLY A 67 -8.85 27.15 5.74
C GLY A 67 -7.84 27.96 4.96
N TYR A 68 -7.07 28.80 5.68
CA TYR A 68 -6.00 29.62 5.13
C TYR A 68 -4.84 28.74 4.62
N GLN A 69 -4.68 27.53 5.21
CA GLN A 69 -3.67 26.55 4.80
C GLN A 69 -4.05 25.85 3.46
N GLU A 70 -5.32 25.96 3.04
CA GLU A 70 -5.86 25.27 1.88
C GLU A 70 -6.01 26.10 0.64
N THR A 71 -5.98 25.44 -0.53
CA THR A 71 -6.20 26.07 -1.83
C THR A 71 -7.28 25.29 -2.56
N ILE A 72 -8.11 25.99 -3.31
CA ILE A 72 -9.21 25.39 -4.03
C ILE A 72 -8.76 24.23 -4.97
N SER A 73 -7.54 24.27 -5.51
CA SER A 73 -7.06 23.20 -6.39
C SER A 73 -6.74 21.92 -5.63
N ASP A 74 -6.06 22.02 -4.48
CA ASP A 74 -5.72 20.85 -3.66
C ASP A 74 -6.98 20.11 -3.17
N VAL A 75 -7.96 20.86 -2.64
CA VAL A 75 -9.19 20.38 -2.05
C VAL A 75 -10.05 19.60 -3.02
N LEU A 76 -10.13 20.09 -4.26
CA LEU A 76 -10.94 19.45 -5.27
C LEU A 76 -10.43 18.03 -5.62
N ASN A 77 -9.12 17.75 -5.40
CA ASN A 77 -8.47 16.44 -5.56
C ASN A 77 -8.77 15.74 -6.89
N ASP A 78 -8.95 16.52 -7.97
CA ASP A 78 -9.29 15.98 -9.28
C ASP A 78 -10.56 15.10 -9.25
N ALA A 79 -11.58 15.54 -8.49
CA ALA A 79 -12.84 14.80 -8.43
C ALA A 79 -13.89 15.50 -9.29
N ILE A 80 -13.48 15.82 -10.52
CA ILE A 80 -14.33 16.46 -11.53
C ILE A 80 -14.50 15.42 -12.64
N PHE A 81 -15.62 14.71 -12.60
CA PHE A 81 -15.97 13.65 -13.56
C PHE A 81 -16.60 14.30 -14.79
N ASP A 82 -16.02 14.07 -15.97
CA ASP A 82 -16.49 14.66 -17.24
C ASP A 82 -17.73 13.91 -17.77
N GLU A 83 -18.81 13.95 -17.00
CA GLU A 83 -20.08 13.31 -17.32
C GLU A 83 -21.15 14.34 -17.68
N ASP A 84 -22.24 13.89 -18.34
CA ASP A 84 -23.36 14.78 -18.63
C ASP A 84 -24.67 14.18 -18.09
N HIS A 85 -25.02 14.58 -16.88
CA HIS A 85 -26.23 14.16 -16.20
C HIS A 85 -27.01 15.43 -16.10
N ASP A 86 -27.96 15.65 -16.99
CA ASP A 86 -28.75 16.86 -16.98
C ASP A 86 -29.82 16.78 -15.85
N GLU A 87 -29.40 17.13 -14.64
CA GLU A 87 -30.24 17.05 -13.45
C GLU A 87 -29.72 17.93 -12.33
N MET A 88 -30.60 18.29 -11.40
CA MET A 88 -30.20 19.11 -10.27
C MET A 88 -29.52 18.24 -9.22
N VAL A 89 -28.34 18.70 -8.74
CA VAL A 89 -27.59 18.00 -7.69
C VAL A 89 -27.54 18.92 -6.51
N ILE A 90 -27.92 18.42 -5.34
CA ILE A 90 -27.96 19.19 -4.12
C ILE A 90 -27.32 18.44 -2.98
N VAL A 91 -26.45 19.10 -2.23
CA VAL A 91 -25.92 18.52 -0.99
C VAL A 91 -26.47 19.48 0.10
N LYS A 92 -27.43 19.01 0.86
CA LYS A 92 -28.10 19.86 1.85
C LYS A 92 -27.70 19.55 3.29
N ASP A 93 -27.93 20.47 4.20
CA ASP A 93 -27.61 20.32 5.63
C ASP A 93 -26.15 19.97 5.89
N ILE A 94 -25.22 20.66 5.20
CA ILE A 94 -23.81 20.48 5.45
C ILE A 94 -23.53 21.32 6.72
N ASP A 95 -23.12 20.70 7.84
CA ASP A 95 -22.84 21.47 9.07
C ASP A 95 -21.66 22.41 8.80
N MET A 96 -21.81 23.67 9.19
CA MET A 96 -20.85 24.73 8.95
C MET A 96 -20.47 25.42 10.29
N PHE A 97 -19.18 25.51 10.61
CA PHE A 97 -18.68 26.16 11.83
C PHE A 97 -17.67 27.19 11.43
N SER A 98 -17.96 28.47 11.70
CA SER A 98 -17.05 29.53 11.29
C SER A 98 -16.77 30.51 12.46
N MET A 99 -15.92 31.52 12.24
CA MET A 99 -15.63 32.51 13.28
C MET A 99 -15.86 33.87 12.71
N CYS A 100 -16.66 34.70 13.33
CA CYS A 100 -16.86 36.01 12.74
C CYS A 100 -15.63 36.87 12.98
N GLU A 101 -15.24 37.61 11.95
CA GLU A 101 -14.05 38.43 11.98
C GLU A 101 -14.17 39.68 12.82
N HIS A 102 -15.40 40.10 13.10
CA HIS A 102 -15.65 41.28 13.90
C HIS A 102 -15.53 41.08 15.40
N HIS A 103 -15.95 39.94 15.92
CA HIS A 103 -15.90 39.71 17.37
C HIS A 103 -15.11 38.51 17.80
N LEU A 104 -14.59 37.76 16.84
CA LEU A 104 -13.84 36.55 17.10
C LEU A 104 -14.59 35.57 17.99
N VAL A 105 -15.87 35.33 17.63
CA VAL A 105 -16.79 34.41 18.31
C VAL A 105 -17.45 33.60 17.20
N PRO A 106 -17.85 32.33 17.49
CA PRO A 106 -18.40 31.49 16.42
C PRO A 106 -19.75 31.89 15.85
N PHE A 107 -19.93 31.57 14.57
CA PHE A 107 -21.20 31.59 13.88
C PHE A 107 -21.33 30.22 13.29
N VAL A 108 -22.35 29.49 13.75
CA VAL A 108 -22.55 28.09 13.42
C VAL A 108 -23.89 27.85 12.74
N GLY A 109 -23.92 26.92 11.79
CA GLY A 109 -25.18 26.61 11.11
C GLY A 109 -25.09 25.51 10.10
N LYS A 110 -25.76 25.70 8.95
CA LYS A 110 -25.90 24.75 7.84
C LYS A 110 -25.67 25.42 6.51
N VAL A 111 -25.24 24.65 5.52
CA VAL A 111 -25.04 25.13 4.14
C VAL A 111 -25.77 24.16 3.22
N HIS A 112 -26.50 24.72 2.26
CA HIS A 112 -27.23 23.96 1.25
C HIS A 112 -26.70 24.43 -0.08
N ILE A 113 -26.26 23.49 -0.93
CA ILE A 113 -25.68 23.76 -2.25
C ILE A 113 -26.42 23.03 -3.34
N GLY A 114 -26.74 23.74 -4.39
CA GLY A 114 -27.38 23.16 -5.55
C GLY A 114 -26.69 23.64 -6.80
N TYR A 115 -26.65 22.78 -7.81
CA TYR A 115 -26.07 23.13 -9.09
C TYR A 115 -26.69 22.32 -10.17
N LEU A 116 -26.64 22.85 -11.37
CA LEU A 116 -27.11 22.21 -12.58
C LEU A 116 -25.88 22.14 -13.44
N PRO A 117 -25.29 20.95 -13.57
CA PRO A 117 -24.05 20.84 -14.35
C PRO A 117 -24.27 21.03 -15.83
N ASN A 118 -23.22 21.45 -16.55
CA ASN A 118 -23.26 21.54 -18.00
C ASN A 118 -22.50 20.29 -18.46
N LYS A 119 -21.18 20.36 -18.51
CA LYS A 119 -20.37 19.23 -18.94
C LYS A 119 -19.55 18.59 -17.82
N GLN A 120 -19.61 19.13 -16.58
CA GLN A 120 -18.81 18.60 -15.49
C GLN A 120 -19.57 18.40 -14.19
N VAL A 121 -19.26 17.29 -13.51
CA VAL A 121 -19.85 16.96 -12.23
C VAL A 121 -18.71 16.85 -11.19
N LEU A 122 -18.98 17.34 -9.99
CA LEU A 122 -18.04 17.31 -8.87
C LEU A 122 -18.43 16.13 -7.95
N GLY A 123 -17.45 15.57 -7.24
CA GLY A 123 -17.72 14.54 -6.26
C GLY A 123 -18.45 15.18 -5.10
N LEU A 124 -19.55 14.58 -4.64
CA LEU A 124 -20.42 15.13 -3.60
C LEU A 124 -19.71 15.70 -2.41
N SER A 125 -18.70 14.96 -1.89
CA SER A 125 -17.97 15.40 -0.71
C SER A 125 -17.09 16.63 -0.94
N LYS A 126 -16.72 16.94 -2.20
CA LYS A 126 -15.88 18.13 -2.46
C LYS A 126 -16.68 19.42 -2.28
N LEU A 127 -18.00 19.37 -2.39
CA LEU A 127 -18.89 20.49 -2.12
C LEU A 127 -18.77 20.81 -0.60
N ALA A 128 -18.71 19.80 0.28
CA ALA A 128 -18.55 20.00 1.72
C ALA A 128 -17.13 20.50 2.00
N ARG A 129 -16.14 19.98 1.27
CA ARG A 129 -14.76 20.41 1.42
C ARG A 129 -14.56 21.85 0.98
N ILE A 130 -15.36 22.37 0.02
CA ILE A 130 -15.36 23.77 -0.41
C ILE A 130 -15.88 24.64 0.78
N VAL A 131 -16.92 24.16 1.46
CA VAL A 131 -17.52 24.80 2.64
C VAL A 131 -16.44 24.97 3.72
N GLU A 132 -15.67 23.89 3.94
CA GLU A 132 -14.55 23.83 4.87
C GLU A 132 -13.44 24.82 4.59
N ILE A 133 -12.99 25.00 3.33
CA ILE A 133 -11.90 25.97 3.05
C ILE A 133 -12.24 27.37 3.54
N TYR A 134 -13.46 27.80 3.28
CA TYR A 134 -13.89 29.14 3.54
C TYR A 134 -14.52 29.36 4.88
N SER A 135 -15.14 28.36 5.48
CA SER A 135 -15.76 28.53 6.79
C SER A 135 -14.69 28.56 7.89
N ARG A 136 -13.58 27.82 7.71
CA ARG A 136 -12.46 27.76 8.64
C ARG A 136 -11.51 28.94 8.48
N ARG A 137 -12.07 30.14 8.59
CA ARG A 137 -11.38 31.43 8.45
C ARG A 137 -12.15 32.48 9.27
N LEU A 138 -11.61 33.69 9.37
CA LEU A 138 -12.31 34.79 10.02
C LEU A 138 -13.20 35.29 8.88
N GLN A 139 -14.52 35.15 9.06
CA GLN A 139 -15.46 35.42 8.00
C GLN A 139 -16.60 36.36 8.37
N VAL A 140 -17.37 36.67 7.34
CA VAL A 140 -18.61 37.41 7.39
C VAL A 140 -19.49 36.51 6.51
N GLN A 141 -20.69 36.16 6.98
CA GLN A 141 -21.58 35.26 6.24
C GLN A 141 -21.74 35.50 4.75
N GLU A 142 -21.93 36.74 4.35
CA GLU A 142 -22.07 37.07 2.95
C GLU A 142 -20.85 36.66 2.14
N ARG A 143 -19.66 36.81 2.70
CA ARG A 143 -18.45 36.47 1.98
C ARG A 143 -18.30 34.96 1.80
N LEU A 144 -18.58 34.20 2.84
CA LEU A 144 -18.53 32.75 2.83
C LEU A 144 -19.49 32.19 1.76
N THR A 145 -20.73 32.69 1.72
CA THR A 145 -21.73 32.25 0.76
C THR A 145 -21.26 32.50 -0.66
N LYS A 146 -20.78 33.72 -0.96
CA LYS A 146 -20.28 34.06 -2.27
C LYS A 146 -19.05 33.22 -2.64
N GLN A 147 -18.10 33.03 -1.73
CA GLN A 147 -16.89 32.26 -2.01
C GLN A 147 -17.20 30.83 -2.41
N ILE A 148 -18.22 30.22 -1.77
CA ILE A 148 -18.67 28.85 -2.04
C ILE A 148 -19.18 28.75 -3.46
N ALA A 149 -20.11 29.67 -3.84
CA ALA A 149 -20.71 29.74 -5.16
C ALA A 149 -19.67 29.99 -6.25
N VAL A 150 -18.70 30.89 -6.00
CA VAL A 150 -17.62 31.20 -6.94
C VAL A 150 -16.70 30.01 -7.15
N ALA A 151 -16.38 29.26 -6.06
CA ALA A 151 -15.53 28.09 -6.18
C ALA A 151 -16.21 27.02 -7.04
N ILE A 152 -17.50 26.73 -6.81
CA ILE A 152 -18.26 25.76 -7.62
C ILE A 152 -18.45 26.22 -9.08
N THR A 153 -18.80 27.50 -9.31
CA THR A 153 -18.97 28.06 -10.66
C THR A 153 -17.68 28.00 -11.50
N GLU A 154 -16.55 28.32 -10.91
CA GLU A 154 -15.27 28.32 -11.61
C GLU A 154 -14.72 26.93 -11.84
N ALA A 155 -15.01 25.97 -10.95
CA ALA A 155 -14.51 24.62 -11.10
C ALA A 155 -15.28 23.84 -12.15
N LEU A 156 -16.59 24.01 -12.19
CA LEU A 156 -17.45 23.24 -13.08
C LEU A 156 -17.98 23.97 -14.31
N ARG A 157 -18.01 25.32 -14.30
CA ARG A 157 -18.58 26.16 -15.38
C ARG A 157 -20.03 25.68 -15.65
N PRO A 158 -20.91 25.65 -14.62
CA PRO A 158 -22.22 25.00 -14.79
C PRO A 158 -23.30 25.92 -15.33
N ALA A 159 -24.51 25.37 -15.51
CA ALA A 159 -25.63 26.14 -16.00
C ALA A 159 -26.12 27.13 -14.91
N GLY A 160 -26.05 26.71 -13.65
CA GLY A 160 -26.44 27.52 -12.50
C GLY A 160 -25.96 26.97 -11.19
N VAL A 161 -25.98 27.80 -10.13
CA VAL A 161 -25.59 27.45 -8.76
C VAL A 161 -26.54 28.16 -7.79
N GLY A 162 -26.85 27.49 -6.70
CA GLY A 162 -27.60 28.03 -5.59
C GLY A 162 -26.82 27.71 -4.32
N VAL A 163 -26.53 28.71 -3.49
CA VAL A 163 -25.87 28.47 -2.22
C VAL A 163 -26.66 29.18 -1.16
N VAL A 164 -27.19 28.46 -0.17
CA VAL A 164 -27.91 29.04 0.96
C VAL A 164 -27.18 28.70 2.28
N VAL A 165 -26.98 29.69 3.15
CA VAL A 165 -26.33 29.45 4.44
C VAL A 165 -27.26 29.91 5.59
N GLU A 166 -27.56 29.04 6.56
CA GLU A 166 -28.35 29.46 7.75
C GLU A 166 -27.43 29.38 8.97
N ALA A 167 -27.26 30.46 9.73
CA ALA A 167 -26.37 30.42 10.88
C ALA A 167 -26.90 31.19 12.04
N THR A 168 -26.52 30.74 13.24
CA THR A 168 -26.75 31.43 14.51
C THR A 168 -25.45 32.17 14.78
N HIS A 169 -25.52 33.46 15.01
CA HIS A 169 -24.34 34.24 15.31
C HIS A 169 -24.26 34.45 16.81
N MET A 170 -23.20 33.96 17.44
CA MET A 170 -23.01 34.13 18.89
C MET A 170 -22.92 35.58 19.33
N CYS A 171 -22.37 36.46 18.50
CA CYS A 171 -22.28 37.87 18.82
C CYS A 171 -23.64 38.55 18.86
N MET A 172 -24.67 37.88 18.36
CA MET A 172 -26.02 38.45 18.34
C MET A 172 -26.93 37.79 19.35
N VAL A 173 -26.45 36.70 19.93
CA VAL A 173 -27.23 35.90 20.88
C VAL A 173 -26.65 35.99 22.32
N MET A 174 -25.31 35.86 22.46
CA MET A 174 -24.56 35.86 23.73
C MET A 174 -24.27 37.26 24.28
N ARG A 175 -24.45 38.27 23.45
CA ARG A 175 -24.19 39.65 23.78
C ARG A 175 -24.88 40.55 22.76
N GLY A 176 -24.61 41.84 22.85
CA GLY A 176 -25.17 42.83 21.94
C GLY A 176 -26.68 42.94 21.97
N VAL A 177 -27.32 42.68 20.84
CA VAL A 177 -28.80 42.72 20.74
C VAL A 177 -29.48 41.60 21.57
N GLN A 178 -28.75 40.48 21.78
CA GLN A 178 -29.21 39.29 22.50
C GLN A 178 -30.57 38.84 22.03
N LYS A 179 -30.78 38.86 20.73
CA LYS A 179 -31.99 38.35 20.12
C LYS A 179 -31.64 36.87 19.94
N MET A 180 -31.99 36.08 20.99
CA MET A 180 -31.68 34.66 21.22
C MET A 180 -32.27 33.69 20.24
N ASN A 181 -33.33 34.06 19.53
CA ASN A 181 -33.94 33.16 18.54
C ASN A 181 -33.58 33.51 17.08
N SER A 182 -32.89 34.62 16.85
CA SER A 182 -32.57 35.05 15.50
C SER A 182 -31.55 34.19 14.79
N LYS A 183 -31.75 34.08 13.49
CA LYS A 183 -30.87 33.35 12.59
C LYS A 183 -30.63 34.22 11.36
N THR A 184 -29.43 34.14 10.79
CA THR A 184 -29.09 34.84 9.56
C THR A 184 -29.08 33.86 8.42
N VAL A 185 -29.81 34.17 7.36
CA VAL A 185 -29.82 33.33 6.16
C VAL A 185 -29.22 34.17 5.03
N THR A 186 -28.23 33.64 4.32
CA THR A 186 -27.68 34.31 3.15
C THR A 186 -27.91 33.39 1.95
N SER A 187 -28.24 33.96 0.79
CA SER A 187 -28.59 33.15 -0.37
C SER A 187 -28.08 33.70 -1.71
N THR A 188 -27.24 32.91 -2.39
CA THR A 188 -26.64 33.28 -3.69
C THR A 188 -27.30 32.40 -4.77
N MET A 189 -27.85 33.00 -5.84
CA MET A 189 -28.48 32.25 -6.94
C MET A 189 -27.82 32.70 -8.25
N LEU A 190 -27.08 31.83 -8.93
CA LEU A 190 -26.34 32.21 -10.14
C LEU A 190 -26.82 31.40 -11.34
N GLY A 191 -26.67 31.96 -12.56
CA GLY A 191 -27.10 31.27 -13.77
C GLY A 191 -28.59 30.96 -13.77
N VAL A 192 -28.98 29.74 -14.20
CA VAL A 192 -30.37 29.32 -14.23
C VAL A 192 -31.08 29.38 -12.84
N PHE A 193 -30.32 29.28 -11.72
CA PHE A 193 -30.95 29.41 -10.40
C PHE A 193 -31.45 30.86 -10.16
N ARG A 194 -30.85 31.83 -10.86
CA ARG A 194 -31.25 33.22 -10.79
C ARG A 194 -32.40 33.44 -11.78
N GLU A 195 -32.22 33.07 -13.07
CA GLU A 195 -33.16 33.35 -14.15
C GLU A 195 -34.42 32.54 -14.24
N ASP A 196 -34.37 31.26 -13.86
CA ASP A 196 -35.53 30.38 -14.07
C ASP A 196 -36.32 30.23 -12.77
N PRO A 197 -37.60 30.65 -12.78
CA PRO A 197 -38.41 30.56 -11.56
C PRO A 197 -38.67 29.12 -11.12
N LYS A 198 -38.77 28.19 -12.11
CA LYS A 198 -38.99 26.78 -11.92
C LYS A 198 -37.81 26.19 -11.21
N THR A 199 -36.57 26.51 -11.66
CA THR A 199 -35.34 26.03 -11.06
C THR A 199 -35.15 26.50 -9.62
N ARG A 200 -35.31 27.80 -9.36
CA ARG A 200 -35.12 28.33 -8.02
C ARG A 200 -36.08 27.76 -6.99
N GLU A 201 -37.37 27.65 -7.37
CA GLU A 201 -38.43 27.11 -6.53
C GLU A 201 -38.18 25.64 -6.22
N GLU A 202 -37.68 24.89 -7.20
CA GLU A 202 -37.37 23.50 -7.03
C GLU A 202 -36.20 23.31 -6.07
N PHE A 203 -35.14 24.13 -6.19
CA PHE A 203 -34.00 24.02 -5.30
C PHE A 203 -34.41 24.43 -3.90
N LEU A 204 -35.20 25.50 -3.77
CA LEU A 204 -35.67 25.96 -2.47
C LEU A 204 -36.58 24.96 -1.82
N THR A 205 -37.32 24.14 -2.60
CA THR A 205 -38.21 23.12 -2.02
C THR A 205 -37.41 21.90 -1.61
N LEU A 206 -36.44 21.48 -2.45
CA LEU A 206 -35.68 20.27 -2.19
C LEU A 206 -34.71 20.43 -1.05
N ILE A 207 -34.27 21.65 -0.69
CA ILE A 207 -33.35 21.82 0.44
C ILE A 207 -34.05 21.78 1.81
N ARG A 208 -35.41 21.76 1.83
CA ARG A 208 -36.21 21.69 3.05
C ARG A 208 -36.62 20.24 3.24
N PRO B 17 -34.61 63.89 20.87
CA PRO B 17 -34.96 62.60 21.49
C PRO B 17 -34.95 62.65 23.00
N ARG B 18 -35.71 61.72 23.64
CA ARG B 18 -35.84 61.63 25.09
C ARG B 18 -34.48 61.37 25.72
N SER B 19 -34.17 62.04 26.83
CA SER B 19 -32.87 61.86 27.48
C SER B 19 -32.96 61.12 28.80
N GLU B 20 -31.81 60.70 29.36
CA GLU B 20 -31.79 60.07 30.67
C GLU B 20 -32.13 61.09 31.78
N GLU B 21 -31.87 62.41 31.54
CA GLU B 21 -32.23 63.51 32.44
C GLU B 21 -33.77 63.63 32.49
N ASP B 22 -34.44 63.50 31.33
CA ASP B 22 -35.90 63.53 31.23
C ASP B 22 -36.49 62.37 32.01
N ASN B 23 -35.86 61.17 31.93
CA ASN B 23 -36.31 59.99 32.64
C ASN B 23 -36.21 60.13 34.16
N GLU B 24 -35.13 60.73 34.67
CA GLU B 24 -34.96 60.96 36.12
C GLU B 24 -36.01 61.96 36.63
N LEU B 25 -36.27 63.00 35.82
CA LEU B 25 -37.23 64.06 36.10
C LEU B 25 -38.68 63.55 36.12
N ASN B 26 -39.05 62.69 35.16
CA ASN B 26 -40.41 62.19 35.07
C ASN B 26 -40.69 60.93 35.85
N LEU B 27 -39.67 60.25 36.36
CA LEU B 27 -39.88 59.01 37.13
C LEU B 27 -40.81 59.21 38.34
N PRO B 28 -40.65 60.27 39.18
CA PRO B 28 -41.59 60.45 40.31
C PRO B 28 -43.04 60.70 39.87
N ASN B 29 -43.22 61.37 38.72
CA ASN B 29 -44.56 61.63 38.17
C ASN B 29 -45.20 60.36 37.65
N LEU B 30 -44.41 59.46 37.06
CA LEU B 30 -44.88 58.18 36.57
C LEU B 30 -45.23 57.30 37.77
N ALA B 31 -44.38 57.27 38.80
CA ALA B 31 -44.64 56.49 39.99
C ALA B 31 -45.93 56.94 40.70
N ALA B 32 -46.18 58.27 40.75
CA ALA B 32 -47.38 58.82 41.37
C ALA B 32 -48.63 58.41 40.59
N ALA B 33 -48.56 58.38 39.27
CA ALA B 33 -49.67 57.98 38.42
C ALA B 33 -50.00 56.51 38.62
N TYR B 34 -48.97 55.66 38.73
CA TYR B 34 -49.17 54.23 38.97
C TYR B 34 -49.73 53.95 40.37
N SER B 35 -49.34 54.78 41.37
CA SER B 35 -49.87 54.65 42.71
C SER B 35 -51.37 55.01 42.70
N SER B 36 -51.74 56.05 41.94
CA SER B 36 -53.13 56.47 41.78
C SER B 36 -53.95 55.35 41.14
N ILE B 37 -53.39 54.66 40.13
CA ILE B 37 -54.05 53.54 39.45
C ILE B 37 -54.33 52.40 40.43
N LEU B 38 -53.35 52.04 41.28
CA LEU B 38 -53.52 50.99 42.28
C LEU B 38 -54.70 51.28 43.22
N SER B 39 -54.81 52.53 43.68
CA SER B 39 -55.90 52.96 44.54
C SER B 39 -57.23 52.95 43.79
N SER B 40 -57.25 53.44 42.53
CA SER B 40 -58.48 53.50 41.73
C SER B 40 -59.00 52.13 41.33
N LEU B 41 -58.14 51.10 41.30
CA LEU B 41 -58.59 49.74 41.00
C LEU B 41 -59.19 49.02 42.22
N GLY B 42 -59.10 49.62 43.40
CA GLY B 42 -59.58 49.01 44.64
C GLY B 42 -58.51 48.26 45.40
N GLU B 43 -57.25 48.42 45.01
CA GLU B 43 -56.16 47.75 45.69
C GLU B 43 -55.58 48.61 46.83
N ASN B 44 -54.85 47.98 47.75
CA ASN B 44 -54.19 48.61 48.89
C ASN B 44 -52.74 48.89 48.49
N PRO B 45 -52.39 50.13 48.10
CA PRO B 45 -51.00 50.40 47.69
C PRO B 45 -49.95 50.13 48.78
N GLN B 46 -50.40 50.03 50.05
CA GLN B 46 -49.51 49.83 51.18
C GLN B 46 -49.21 48.38 51.49
N ARG B 47 -49.98 47.42 50.94
CA ARG B 47 -49.73 46.02 51.19
C ARG B 47 -48.36 45.60 50.63
N GLN B 48 -47.70 44.64 51.32
CA GLN B 48 -46.36 44.13 51.01
C GLN B 48 -46.05 43.96 49.53
N GLY B 49 -46.94 43.30 48.79
CA GLY B 49 -46.76 43.03 47.37
C GLY B 49 -46.81 44.21 46.43
N LEU B 50 -47.27 45.38 46.91
CA LEU B 50 -47.41 46.54 46.04
C LEU B 50 -46.61 47.77 46.46
N LEU B 51 -45.87 47.71 47.57
CA LEU B 51 -45.13 48.88 48.05
C LEU B 51 -44.20 49.51 46.99
N LYS B 52 -43.41 48.67 46.30
CA LYS B 52 -42.49 49.15 45.26
C LYS B 52 -43.08 49.17 43.85
N THR B 53 -44.33 48.72 43.66
CA THR B 53 -44.98 48.64 42.34
C THR B 53 -45.09 49.97 41.60
N PRO B 54 -45.48 51.12 42.22
CA PRO B 54 -45.57 52.37 41.43
C PRO B 54 -44.24 52.72 40.75
N TRP B 55 -43.13 52.46 41.44
CA TRP B 55 -41.79 52.72 40.96
C TRP B 55 -41.33 51.73 39.92
N ARG B 56 -41.56 50.43 40.17
CA ARG B 56 -41.17 49.36 39.23
C ARG B 56 -41.96 49.44 37.93
N ALA B 57 -43.25 49.80 37.99
CA ALA B 57 -44.10 49.92 36.80
C ALA B 57 -43.69 51.14 35.94
N ALA B 58 -43.25 52.22 36.62
CA ALA B 58 -42.80 53.45 35.97
C ALA B 58 -41.49 53.16 35.24
N SER B 59 -40.53 52.45 35.88
CA SER B 59 -39.27 52.10 35.25
C SER B 59 -39.46 51.15 34.09
N ALA B 60 -40.38 50.18 34.22
CA ALA B 60 -40.69 49.23 33.15
C ALA B 60 -41.24 49.99 31.95
N MET B 61 -42.17 50.95 32.18
CA MET B 61 -42.73 51.75 31.11
C MET B 61 -41.70 52.63 30.40
N GLN B 62 -40.72 53.14 31.14
CA GLN B 62 -39.63 53.90 30.53
C GLN B 62 -38.77 52.95 29.68
N PHE B 63 -38.53 51.70 30.16
CA PHE B 63 -37.76 50.73 29.39
C PHE B 63 -38.50 50.36 28.12
N PHE B 64 -39.82 50.17 28.21
CA PHE B 64 -40.67 49.83 27.06
C PHE B 64 -40.76 50.97 26.04
N THR B 65 -40.46 52.21 26.46
CA THR B 65 -40.49 53.32 25.52
C THR B 65 -39.12 53.95 25.33
N LYS B 66 -38.02 53.19 25.58
CA LYS B 66 -36.65 53.69 25.41
C LYS B 66 -36.30 54.03 23.94
N GLY B 67 -37.11 53.59 22.99
CA GLY B 67 -36.93 53.84 21.57
C GLY B 67 -37.04 55.30 21.21
N TYR B 68 -37.81 56.08 22.01
CA TYR B 68 -37.96 57.55 21.86
C TYR B 68 -36.62 58.28 22.13
N GLN B 69 -35.71 57.64 22.89
CA GLN B 69 -34.40 58.19 23.21
C GLN B 69 -33.36 57.93 22.14
N GLU B 70 -33.70 57.25 21.03
CA GLU B 70 -32.75 56.85 20.01
C GLU B 70 -32.98 57.47 18.64
N THR B 71 -31.89 57.59 17.87
CA THR B 71 -31.93 58.11 16.50
C THR B 71 -31.33 57.05 15.58
N ILE B 72 -31.87 56.90 14.37
CA ILE B 72 -31.42 55.87 13.44
C ILE B 72 -29.92 56.03 13.09
N SER B 73 -29.39 57.28 12.99
CA SER B 73 -27.96 57.47 12.69
C SER B 73 -27.09 56.98 13.83
N ASP B 74 -27.53 57.17 15.07
CA ASP B 74 -26.78 56.68 16.22
C ASP B 74 -26.76 55.15 16.21
N VAL B 75 -27.93 54.52 16.04
CA VAL B 75 -28.14 53.09 16.01
C VAL B 75 -27.29 52.41 14.94
N LEU B 76 -27.19 53.01 13.75
CA LEU B 76 -26.31 52.50 12.71
C LEU B 76 -24.95 53.10 13.04
N ASN B 77 -24.17 52.43 13.86
CA ASN B 77 -22.91 52.97 14.34
C ASN B 77 -21.79 52.88 13.31
N ASP B 78 -21.94 53.56 12.14
CA ASP B 78 -21.01 53.54 10.98
C ASP B 78 -20.89 52.13 10.38
N ALA B 79 -21.84 51.23 10.58
CA ALA B 79 -21.73 49.85 10.16
C ALA B 79 -22.40 49.58 8.85
N ILE B 80 -22.06 50.44 7.91
CA ILE B 80 -22.54 50.36 6.53
C ILE B 80 -21.30 50.23 5.66
N PHE B 81 -20.97 49.03 5.21
CA PHE B 81 -19.78 48.84 4.39
C PHE B 81 -20.07 48.76 2.89
N ASP B 82 -19.19 49.35 2.08
CA ASP B 82 -19.33 49.25 0.63
C ASP B 82 -18.73 47.90 0.32
N GLU B 83 -19.55 46.88 -0.03
CA GLU B 83 -19.03 45.54 -0.24
C GLU B 83 -19.48 44.83 -1.50
N ASP B 84 -20.62 45.24 -2.07
CA ASP B 84 -21.11 44.62 -3.30
C ASP B 84 -21.25 43.07 -3.21
N HIS B 85 -22.26 42.61 -2.47
CA HIS B 85 -22.53 41.17 -2.36
C HIS B 85 -23.85 40.95 -3.08
N ASP B 86 -23.85 40.30 -4.25
CA ASP B 86 -25.08 40.14 -5.04
C ASP B 86 -25.97 38.97 -4.53
N GLU B 87 -26.32 39.01 -3.26
CA GLU B 87 -27.02 37.93 -2.63
C GLU B 87 -28.11 38.42 -1.69
N MET B 88 -29.06 37.53 -1.39
CA MET B 88 -30.12 37.86 -0.46
C MET B 88 -29.64 37.71 1.00
N VAL B 89 -29.87 38.73 1.80
CA VAL B 89 -29.46 38.72 3.20
C VAL B 89 -30.71 38.74 4.06
N ILE B 90 -30.89 37.77 4.93
CA ILE B 90 -32.08 37.68 5.80
C ILE B 90 -31.68 37.54 7.26
N VAL B 91 -32.39 38.26 8.14
CA VAL B 91 -32.28 38.08 9.57
C VAL B 91 -33.69 37.78 10.04
N LYS B 92 -33.97 36.50 10.31
CA LYS B 92 -35.30 36.08 10.70
C LYS B 92 -35.36 35.80 12.19
N ASP B 93 -36.58 35.73 12.75
CA ASP B 93 -36.85 35.42 14.15
C ASP B 93 -36.27 36.40 15.15
N ILE B 94 -36.41 37.67 14.85
CA ILE B 94 -35.95 38.71 15.77
C ILE B 94 -37.11 38.90 16.73
N ASP B 95 -36.95 38.55 18.02
CA ASP B 95 -38.01 38.75 19.03
C ASP B 95 -38.33 40.23 19.13
N MET B 96 -39.61 40.56 19.08
CA MET B 96 -40.10 41.91 19.02
C MET B 96 -41.11 42.09 20.14
N PHE B 97 -40.90 43.09 20.99
CA PHE B 97 -41.76 43.38 22.12
C PHE B 97 -42.15 44.85 22.06
N SER B 98 -43.44 45.10 21.85
CA SER B 98 -43.93 46.46 21.71
C SER B 98 -45.15 46.72 22.62
N MET B 99 -45.72 47.91 22.59
CA MET B 99 -46.85 48.32 23.41
C MET B 99 -47.83 48.88 22.48
N CYS B 100 -49.06 48.46 22.61
CA CYS B 100 -50.15 48.97 21.78
C CYS B 100 -50.46 50.38 22.25
N GLU B 101 -50.47 51.34 21.32
CA GLU B 101 -50.76 52.72 21.70
C GLU B 101 -52.23 52.92 22.07
N HIS B 102 -53.13 51.97 21.70
CA HIS B 102 -54.54 52.15 22.00
C HIS B 102 -54.95 51.74 23.42
N HIS B 103 -54.51 50.58 23.91
CA HIS B 103 -54.85 50.12 25.25
C HIS B 103 -53.67 50.12 26.24
N LEU B 104 -52.43 50.36 25.74
CA LEU B 104 -51.22 50.33 26.56
C LEU B 104 -50.97 48.95 27.13
N VAL B 105 -51.18 47.93 26.31
CA VAL B 105 -50.90 46.55 26.69
C VAL B 105 -49.93 46.00 25.62
N PRO B 106 -49.08 45.02 25.97
CA PRO B 106 -48.07 44.57 25.00
C PRO B 106 -48.55 43.84 23.78
N PHE B 107 -47.84 44.02 22.66
CA PHE B 107 -48.01 43.23 21.47
C PHE B 107 -46.65 42.68 21.17
N VAL B 108 -46.55 41.34 21.15
CA VAL B 108 -45.26 40.68 21.04
C VAL B 108 -45.20 39.64 19.92
N GLY B 109 -44.02 39.49 19.33
CA GLY B 109 -43.83 38.51 18.28
C GLY B 109 -42.42 38.45 17.74
N LYS B 110 -42.31 38.34 16.42
CA LYS B 110 -41.05 38.22 15.70
C LYS B 110 -41.11 39.16 14.50
N VAL B 111 -39.92 39.60 14.03
CA VAL B 111 -39.70 40.38 12.81
C VAL B 111 -38.74 39.54 11.96
N HIS B 112 -38.97 39.49 10.64
CA HIS B 112 -38.12 38.80 9.67
C HIS B 112 -37.83 39.82 8.62
N ILE B 113 -36.54 40.16 8.47
CA ILE B 113 -36.07 41.18 7.54
C ILE B 113 -35.20 40.60 6.42
N GLY B 114 -35.47 40.99 5.20
CA GLY B 114 -34.68 40.54 4.06
C GLY B 114 -34.34 41.70 3.16
N TYR B 115 -33.19 41.63 2.51
CA TYR B 115 -32.81 42.69 1.58
C TYR B 115 -31.84 42.21 0.53
N LEU B 116 -31.78 42.93 -0.59
CA LEU B 116 -30.82 42.66 -1.67
C LEU B 116 -30.04 43.93 -1.80
N PRO B 117 -28.77 43.95 -1.40
CA PRO B 117 -28.01 45.19 -1.48
C PRO B 117 -27.62 45.60 -2.88
N ASN B 118 -27.39 46.90 -3.08
CA ASN B 118 -26.85 47.39 -4.33
C ASN B 118 -25.35 47.45 -4.06
N LYS B 119 -24.90 48.42 -3.25
CA LYS B 119 -23.48 48.57 -2.98
C LYS B 119 -23.14 48.56 -1.50
N GLN B 120 -24.12 48.86 -0.62
CA GLN B 120 -23.87 48.87 0.81
C GLN B 120 -24.52 47.73 1.55
N VAL B 121 -23.70 47.09 2.37
CA VAL B 121 -24.12 46.02 3.21
C VAL B 121 -24.17 46.58 4.61
N LEU B 122 -25.16 46.16 5.38
CA LEU B 122 -25.33 46.62 6.73
C LEU B 122 -24.85 45.56 7.68
N GLY B 123 -24.48 45.97 8.88
CA GLY B 123 -24.06 45.03 9.89
C GLY B 123 -25.26 44.22 10.29
N LEU B 124 -25.11 42.92 10.50
CA LEU B 124 -26.22 42.05 10.85
C LEU B 124 -27.03 42.49 12.06
N SER B 125 -26.35 42.88 13.13
CA SER B 125 -26.99 43.32 14.36
C SER B 125 -27.84 44.56 14.22
N LYS B 126 -27.46 45.46 13.30
CA LYS B 126 -28.17 46.70 13.08
C LYS B 126 -29.63 46.50 12.67
N LEU B 127 -29.92 45.43 11.93
CA LEU B 127 -31.27 45.13 11.55
C LEU B 127 -32.11 44.91 12.80
N ALA B 128 -31.58 44.18 13.78
CA ALA B 128 -32.31 43.94 15.04
C ALA B 128 -32.35 45.24 15.91
N ARG B 129 -31.34 46.08 15.76
CA ARG B 129 -31.30 47.35 16.47
C ARG B 129 -32.30 48.36 15.92
N ILE B 130 -32.62 48.23 14.64
CA ILE B 130 -33.61 49.05 13.96
C ILE B 130 -35.01 48.56 14.47
N VAL B 131 -35.20 47.23 14.63
CA VAL B 131 -36.41 46.68 15.21
C VAL B 131 -36.62 47.29 16.63
N GLU B 132 -35.54 47.41 17.42
CA GLU B 132 -35.58 47.99 18.75
C GLU B 132 -35.93 49.48 18.81
N ILE B 133 -35.48 50.34 17.84
CA ILE B 133 -35.82 51.78 17.90
C ILE B 133 -37.31 51.99 17.83
N TYR B 134 -37.98 51.30 16.90
CA TYR B 134 -39.37 51.48 16.59
C TYR B 134 -40.29 50.66 17.44
N SER B 135 -39.91 49.42 17.80
CA SER B 135 -40.77 48.58 18.62
C SER B 135 -40.83 49.04 20.10
N ARG B 136 -39.77 49.66 20.63
CA ARG B 136 -39.76 50.10 22.01
C ARG B 136 -40.40 51.49 22.09
N ARG B 137 -41.62 51.59 21.60
CA ARG B 137 -42.44 52.81 21.59
C ARG B 137 -43.90 52.39 21.69
N LEU B 138 -44.83 53.35 21.85
CA LEU B 138 -46.27 53.05 21.84
C LEU B 138 -46.56 53.04 20.33
N GLN B 139 -47.04 51.91 19.82
CA GLN B 139 -47.16 51.67 18.40
C GLN B 139 -48.47 51.05 17.91
N VAL B 140 -48.56 50.94 16.56
CA VAL B 140 -49.48 50.17 15.73
C VAL B 140 -48.57 49.35 14.79
N GLN B 141 -48.86 48.07 14.66
CA GLN B 141 -48.04 47.12 13.94
C GLN B 141 -47.69 47.53 12.54
N GLU B 142 -48.58 48.23 11.87
CA GLU B 142 -48.33 48.67 10.50
C GLU B 142 -47.29 49.78 10.44
N ARG B 143 -47.36 50.71 11.42
CA ARG B 143 -46.41 51.81 11.50
C ARG B 143 -45.01 51.24 11.74
N LEU B 144 -44.91 50.31 12.70
CA LEU B 144 -43.70 49.62 13.09
C LEU B 144 -43.06 48.87 11.90
N THR B 145 -43.89 48.16 11.11
CA THR B 145 -43.42 47.42 9.94
C THR B 145 -42.83 48.39 8.90
N LYS B 146 -43.53 49.51 8.62
CA LYS B 146 -43.12 50.52 7.65
C LYS B 146 -41.85 51.23 8.08
N GLN B 147 -41.74 51.55 9.37
CA GLN B 147 -40.59 52.25 9.89
C GLN B 147 -39.33 51.44 9.75
N ILE B 148 -39.41 50.10 9.92
CA ILE B 148 -38.22 49.26 9.76
C ILE B 148 -37.75 49.28 8.28
N ALA B 149 -38.71 49.10 7.36
CA ALA B 149 -38.47 49.05 5.91
C ALA B 149 -37.93 50.33 5.38
N VAL B 150 -38.44 51.45 5.86
CA VAL B 150 -37.97 52.74 5.43
C VAL B 150 -36.57 53.01 5.95
N ALA B 151 -36.28 52.66 7.21
CA ALA B 151 -34.94 52.85 7.76
C ALA B 151 -33.90 52.05 7.03
N ILE B 152 -34.25 50.85 6.54
CA ILE B 152 -33.28 50.03 5.79
C ILE B 152 -33.07 50.58 4.38
N THR B 153 -34.16 50.99 3.75
CA THR B 153 -34.16 51.54 2.40
C THR B 153 -33.36 52.83 2.31
N GLU B 154 -33.58 53.73 3.26
CA GLU B 154 -32.90 55.02 3.25
C GLU B 154 -31.42 54.85 3.55
N ALA B 155 -31.08 53.93 4.47
CA ALA B 155 -29.69 53.71 4.85
C ALA B 155 -28.83 53.08 3.76
N LEU B 156 -29.34 52.04 3.12
CA LEU B 156 -28.54 51.27 2.16
C LEU B 156 -28.87 51.50 0.70
N ARG B 157 -30.04 52.12 0.40
CA ARG B 157 -30.58 52.26 -0.95
C ARG B 157 -30.52 50.92 -1.71
N PRO B 158 -31.13 49.86 -1.15
CA PRO B 158 -30.96 48.53 -1.75
C PRO B 158 -31.79 48.28 -2.99
N ALA B 159 -31.53 47.16 -3.72
CA ALA B 159 -32.36 46.78 -4.88
C ALA B 159 -33.80 46.45 -4.44
N GLY B 160 -33.98 45.94 -3.22
CA GLY B 160 -35.26 45.63 -2.62
C GLY B 160 -35.18 45.34 -1.13
N VAL B 161 -36.36 45.33 -0.45
CA VAL B 161 -36.46 45.04 0.99
C VAL B 161 -37.77 44.35 1.23
N GLY B 162 -37.79 43.41 2.16
CA GLY B 162 -39.01 42.76 2.61
C GLY B 162 -38.98 42.76 4.12
N VAL B 163 -40.08 43.18 4.76
CA VAL B 163 -40.17 43.18 6.22
C VAL B 163 -41.44 42.47 6.59
N VAL B 164 -41.38 41.42 7.40
CA VAL B 164 -42.56 40.67 7.83
C VAL B 164 -42.62 40.65 9.36
N VAL B 165 -43.67 41.25 9.95
CA VAL B 165 -43.83 41.27 11.41
C VAL B 165 -45.00 40.38 11.82
N GLU B 166 -44.78 39.32 12.64
CA GLU B 166 -45.89 38.49 13.10
C GLU B 166 -46.00 38.63 14.63
N ALA B 167 -47.19 39.04 15.15
CA ALA B 167 -47.37 39.32 16.57
C ALA B 167 -48.73 38.91 17.18
N THR B 168 -48.70 38.63 18.49
CA THR B 168 -49.86 38.35 19.31
C THR B 168 -50.16 39.65 20.03
N HIS B 169 -51.36 40.22 19.84
CA HIS B 169 -51.81 41.44 20.49
C HIS B 169 -52.59 41.09 21.77
N MET B 170 -52.09 41.46 22.96
CA MET B 170 -52.81 41.16 24.21
C MET B 170 -54.20 41.76 24.27
N CYS B 171 -54.46 42.87 23.56
CA CYS B 171 -55.75 43.54 23.55
C CYS B 171 -56.83 42.72 22.78
N MET B 172 -56.39 41.80 21.89
CA MET B 172 -57.29 40.93 21.13
C MET B 172 -57.44 39.53 21.75
N VAL B 173 -56.58 39.17 22.73
CA VAL B 173 -56.48 37.84 23.36
C VAL B 173 -56.94 37.84 24.83
N MET B 174 -56.44 38.80 25.66
CA MET B 174 -56.75 38.95 27.10
C MET B 174 -58.05 39.70 27.37
N ARG B 175 -58.68 40.27 26.35
CA ARG B 175 -59.90 41.08 26.47
C ARG B 175 -60.52 41.25 25.07
N GLY B 176 -61.61 42.04 24.99
CA GLY B 176 -62.28 42.34 23.73
C GLY B 176 -62.74 41.13 22.97
N VAL B 177 -62.31 40.97 21.67
CA VAL B 177 -62.72 39.81 20.85
C VAL B 177 -62.31 38.48 21.48
N GLN B 178 -61.22 38.49 22.30
CA GLN B 178 -60.72 37.32 23.02
C GLN B 178 -60.54 36.12 22.10
N LYS B 179 -59.87 36.38 20.97
CA LYS B 179 -59.60 35.34 19.99
C LYS B 179 -58.22 34.86 20.34
N MET B 180 -58.17 33.95 21.32
CA MET B 180 -57.01 33.39 22.01
C MET B 180 -55.85 32.92 21.12
N ASN B 181 -56.11 32.44 19.92
CA ASN B 181 -55.06 31.94 19.03
C ASN B 181 -54.70 32.84 17.86
N SER B 182 -55.35 34.01 17.74
CA SER B 182 -55.11 34.87 16.57
C SER B 182 -53.82 35.64 16.62
N LYS B 183 -53.26 35.86 15.46
CA LYS B 183 -51.99 36.56 15.29
C LYS B 183 -52.12 37.52 14.14
N THR B 184 -51.51 38.70 14.26
CA THR B 184 -51.50 39.68 13.19
C THR B 184 -50.16 39.59 12.47
N VAL B 185 -50.19 39.48 11.14
CA VAL B 185 -48.98 39.42 10.34
C VAL B 185 -49.04 40.58 9.38
N THR B 186 -48.02 41.42 9.34
CA THR B 186 -47.95 42.56 8.42
C THR B 186 -46.71 42.41 7.52
N SER B 187 -46.82 42.83 6.25
CA SER B 187 -45.76 42.56 5.31
C SER B 187 -45.52 43.67 4.33
N THR B 188 -44.31 44.26 4.37
CA THR B 188 -43.88 45.33 3.45
C THR B 188 -42.91 44.74 2.42
N MET B 189 -43.18 44.90 1.11
CA MET B 189 -42.31 44.38 0.08
C MET B 189 -42.00 45.56 -0.83
N LEU B 190 -40.73 45.93 -0.93
CA LEU B 190 -40.29 47.06 -1.73
C LEU B 190 -39.21 46.61 -2.72
N GLY B 191 -39.11 47.36 -3.82
CA GLY B 191 -38.10 47.13 -4.82
C GLY B 191 -38.34 45.81 -5.50
N VAL B 192 -37.28 45.03 -5.67
CA VAL B 192 -37.38 43.73 -6.35
C VAL B 192 -38.17 42.70 -5.52
N PHE B 193 -38.25 42.89 -4.18
CA PHE B 193 -39.05 42.01 -3.34
C PHE B 193 -40.54 42.10 -3.74
N ARG B 194 -40.98 43.27 -4.23
CA ARG B 194 -42.33 43.44 -4.70
C ARG B 194 -42.45 42.98 -6.18
N GLU B 195 -41.58 43.50 -7.04
CA GLU B 195 -41.60 43.31 -8.48
C GLU B 195 -41.33 41.90 -8.99
N ASP B 196 -40.32 41.21 -8.48
CA ASP B 196 -39.92 39.92 -8.98
C ASP B 196 -40.58 38.78 -8.21
N PRO B 197 -41.30 37.87 -8.92
CA PRO B 197 -41.98 36.78 -8.22
C PRO B 197 -41.01 35.78 -7.57
N LYS B 198 -39.82 35.61 -8.17
CA LYS B 198 -38.80 34.68 -7.69
C LYS B 198 -38.21 35.20 -6.38
N THR B 199 -37.95 36.53 -6.33
CA THR B 199 -37.40 37.19 -5.14
C THR B 199 -38.35 37.09 -3.96
N ARG B 200 -39.65 37.38 -4.18
CA ARG B 200 -40.61 37.33 -3.08
C ARG B 200 -40.80 35.90 -2.56
N GLU B 201 -40.88 34.94 -3.48
CA GLU B 201 -41.05 33.55 -3.13
C GLU B 201 -39.87 33.04 -2.32
N GLU B 202 -38.66 33.43 -2.70
CA GLU B 202 -37.43 33.01 -2.02
C GLU B 202 -37.33 33.56 -0.62
N PHE B 203 -37.69 34.82 -0.44
CA PHE B 203 -37.65 35.44 0.87
C PHE B 203 -38.65 34.73 1.80
N LEU B 204 -39.88 34.53 1.30
CA LEU B 204 -40.95 33.92 2.05
C LEU B 204 -40.66 32.49 2.43
N THR B 205 -39.99 31.73 1.57
CA THR B 205 -39.61 30.36 1.89
C THR B 205 -38.49 30.32 2.97
N LEU B 206 -37.46 31.15 2.81
CA LEU B 206 -36.28 31.20 3.66
C LEU B 206 -36.53 31.76 5.04
N ILE B 207 -37.66 32.47 5.25
CA ILE B 207 -37.99 32.96 6.59
C ILE B 207 -38.78 31.94 7.43
N ARG B 208 -38.93 30.71 6.97
CA ARG B 208 -39.69 29.68 7.68
C ARG B 208 -38.75 28.82 8.54
N PRO C 17 -83.06 43.95 12.64
CA PRO C 17 -82.25 43.01 13.43
C PRO C 17 -82.96 42.49 14.66
N ARG C 18 -82.61 41.27 15.09
CA ARG C 18 -83.21 40.64 16.27
C ARG C 18 -82.86 41.44 17.51
N SER C 19 -83.83 41.68 18.40
CA SER C 19 -83.60 42.50 19.59
C SER C 19 -83.58 41.66 20.88
N GLU C 20 -83.16 42.27 21.99
CA GLU C 20 -83.18 41.60 23.29
C GLU C 20 -84.62 41.38 23.77
N GLU C 21 -85.58 42.25 23.34
CA GLU C 21 -87.00 42.12 23.64
C GLU C 21 -87.53 40.88 22.93
N ASP C 22 -87.11 40.65 21.67
CA ASP C 22 -87.51 39.49 20.88
C ASP C 22 -87.02 38.21 21.56
N ASN C 23 -85.78 38.24 22.09
CA ASN C 23 -85.17 37.11 22.77
C ASN C 23 -85.93 36.73 24.03
N GLU C 24 -86.36 37.73 24.84
CA GLU C 24 -87.11 37.47 26.07
C GLU C 24 -88.48 36.88 25.76
N LEU C 25 -89.11 37.39 24.68
CA LEU C 25 -90.43 36.99 24.18
C LEU C 25 -90.43 35.54 23.65
N ASN C 26 -89.40 35.17 22.87
CA ASN C 26 -89.34 33.85 22.27
C ASN C 26 -88.68 32.78 23.10
N LEU C 27 -88.02 33.16 24.21
CA LEU C 27 -87.33 32.17 25.03
C LEU C 27 -88.26 31.08 25.58
N PRO C 28 -89.48 31.38 26.11
CA PRO C 28 -90.36 30.30 26.56
C PRO C 28 -90.79 29.34 25.44
N ASN C 29 -90.94 29.86 24.21
CA ASN C 29 -91.32 29.05 23.06
C ASN C 29 -90.21 28.13 22.64
N LEU C 30 -88.94 28.62 22.72
CA LEU C 30 -87.75 27.83 22.42
C LEU C 30 -87.57 26.75 23.50
N ALA C 31 -87.75 27.10 24.78
CA ALA C 31 -87.65 26.13 25.86
C ALA C 31 -88.73 25.05 25.74
N ALA C 32 -89.94 25.39 25.30
CA ALA C 32 -91.01 24.40 25.10
C ALA C 32 -90.64 23.43 24.00
N ALA C 33 -90.01 23.92 22.90
CA ALA C 33 -89.63 23.04 21.81
C ALA C 33 -88.51 22.11 22.21
N TYR C 34 -87.55 22.58 23.04
CA TYR C 34 -86.49 21.73 23.57
C TYR C 34 -87.02 20.70 24.55
N SER C 35 -88.03 21.08 25.33
CA SER C 35 -88.68 20.18 26.26
C SER C 35 -89.38 19.04 25.51
N SER C 36 -90.03 19.37 24.39
CA SER C 36 -90.70 18.44 23.51
C SER C 36 -89.68 17.46 22.91
N ILE C 37 -88.51 17.97 22.48
CA ILE C 37 -87.43 17.16 21.91
C ILE C 37 -86.95 16.12 22.92
N LEU C 38 -86.73 16.50 24.20
CA LEU C 38 -86.29 15.57 25.24
C LEU C 38 -87.27 14.40 25.42
N SER C 39 -88.56 14.71 25.41
CA SER C 39 -89.60 13.68 25.53
C SER C 39 -89.64 12.80 24.30
N SER C 40 -89.56 13.39 23.10
CA SER C 40 -89.62 12.65 21.84
C SER C 40 -88.40 11.76 21.63
N LEU C 41 -87.26 12.05 22.27
CA LEU C 41 -86.07 11.18 22.15
C LEU C 41 -86.13 9.95 23.05
N GLY C 42 -87.12 9.89 23.95
CA GLY C 42 -87.25 8.81 24.91
C GLY C 42 -86.62 9.14 26.25
N GLU C 43 -86.18 10.40 26.45
CA GLU C 43 -85.58 10.79 27.71
C GLU C 43 -86.63 11.22 28.72
N ASN C 44 -86.27 11.12 30.02
CA ASN C 44 -87.14 11.55 31.08
C ASN C 44 -86.76 12.98 31.32
N PRO C 45 -87.58 13.94 30.86
CA PRO C 45 -87.26 15.36 31.08
C PRO C 45 -87.26 15.79 32.54
N GLN C 46 -87.72 14.92 33.46
CA GLN C 46 -87.78 15.27 34.87
C GLN C 46 -86.56 14.82 35.68
N ARG C 47 -85.64 14.03 35.10
CA ARG C 47 -84.43 13.63 35.85
C ARG C 47 -83.52 14.86 36.11
N GLN C 48 -82.71 14.84 37.21
CA GLN C 48 -81.82 15.94 37.63
C GLN C 48 -81.10 16.62 36.46
N GLY C 49 -80.40 15.84 35.63
CA GLY C 49 -79.63 16.32 34.51
C GLY C 49 -80.38 17.11 33.46
N LEU C 50 -81.64 16.73 33.17
CA LEU C 50 -82.44 17.40 32.14
C LEU C 50 -83.39 18.46 32.65
N LEU C 51 -83.45 18.68 33.98
CA LEU C 51 -84.38 19.62 34.60
C LEU C 51 -84.24 21.08 34.08
N LYS C 52 -83.02 21.54 33.89
CA LYS C 52 -82.79 22.89 33.38
C LYS C 52 -82.42 22.95 31.89
N THR C 53 -82.24 21.77 31.25
CA THR C 53 -81.86 21.65 29.84
C THR C 53 -82.77 22.42 28.86
N PRO C 54 -84.13 22.48 28.94
CA PRO C 54 -84.87 23.27 27.94
C PRO C 54 -84.52 24.76 27.90
N TRP C 55 -84.21 25.38 29.05
CA TRP C 55 -83.83 26.80 29.09
C TRP C 55 -82.37 26.98 28.75
N ARG C 56 -81.51 26.06 29.20
CA ARG C 56 -80.09 26.13 28.89
C ARG C 56 -79.83 25.96 27.40
N ALA C 57 -80.48 24.99 26.77
CA ALA C 57 -80.36 24.78 25.33
C ALA C 57 -81.00 25.96 24.56
N ALA C 58 -82.13 26.51 25.02
CA ALA C 58 -82.76 27.64 24.33
C ALA C 58 -81.88 28.89 24.37
N SER C 59 -81.33 29.24 25.55
CA SER C 59 -80.42 30.38 25.70
C SER C 59 -79.15 30.18 24.88
N ALA C 60 -78.62 28.95 24.85
CA ALA C 60 -77.42 28.66 24.06
C ALA C 60 -77.70 28.89 22.58
N MET C 61 -78.86 28.43 22.08
CA MET C 61 -79.25 28.59 20.68
C MET C 61 -79.43 30.07 20.30
N GLN C 62 -79.91 30.89 21.25
CA GLN C 62 -80.02 32.32 21.02
C GLN C 62 -78.64 32.93 20.98
N PHE C 63 -77.70 32.43 21.79
CA PHE C 63 -76.34 32.96 21.78
C PHE C 63 -75.64 32.59 20.47
N PHE C 64 -75.85 31.36 19.98
CA PHE C 64 -75.22 30.91 18.74
C PHE C 64 -75.71 31.66 17.51
N THR C 65 -76.88 32.30 17.57
CA THR C 65 -77.50 33.05 16.49
C THR C 65 -77.58 34.59 16.84
N LYS C 66 -76.71 35.06 17.74
CA LYS C 66 -76.67 36.47 18.15
C LYS C 66 -76.24 37.45 17.04
N GLY C 67 -75.60 36.93 16.01
CA GLY C 67 -75.18 37.73 14.86
C GLY C 67 -76.33 38.41 14.15
N TYR C 68 -77.55 37.87 14.30
CA TYR C 68 -78.75 38.49 13.73
C TYR C 68 -79.13 39.80 14.49
N GLN C 69 -78.61 40.01 15.71
CA GLN C 69 -78.85 41.20 16.52
C GLN C 69 -77.87 42.35 16.23
N GLU C 70 -76.84 42.13 15.42
CA GLU C 70 -75.82 43.15 15.20
C GLU C 70 -75.76 43.58 13.76
N THR C 71 -75.41 44.84 13.52
CA THR C 71 -75.28 45.36 12.15
C THR C 71 -73.82 45.63 11.85
N ILE C 72 -73.37 45.34 10.62
CA ILE C 72 -71.99 45.53 10.17
C ILE C 72 -71.49 46.97 10.44
N SER C 73 -72.40 47.93 10.42
CA SER C 73 -72.14 49.34 10.69
C SER C 73 -71.85 49.56 12.18
N ASP C 74 -72.65 48.94 13.10
CA ASP C 74 -72.45 49.03 14.56
C ASP C 74 -71.16 48.30 15.01
N VAL C 75 -70.87 47.15 14.37
CA VAL C 75 -69.70 46.34 14.64
C VAL C 75 -68.44 47.14 14.32
N LEU C 76 -68.44 47.80 13.14
CA LEU C 76 -67.37 48.70 12.73
C LEU C 76 -67.62 50.01 13.48
N ASN C 77 -67.10 50.09 14.74
CA ASN C 77 -67.26 51.17 15.70
C ASN C 77 -66.41 52.38 15.32
N ASP C 78 -66.67 52.95 14.13
CA ASP C 78 -65.88 54.06 13.57
C ASP C 78 -64.39 53.73 13.56
N ALA C 79 -64.03 52.43 13.47
CA ALA C 79 -62.64 51.99 13.53
C ALA C 79 -62.05 51.75 12.14
N ILE C 80 -62.32 52.71 11.25
CA ILE C 80 -61.80 52.78 9.89
C ILE C 80 -60.90 54.03 9.89
N PHE C 81 -59.62 53.86 9.63
CA PHE C 81 -58.67 54.96 9.66
C PHE C 81 -58.15 55.31 8.28
N ASP C 82 -57.86 56.59 8.03
CA ASP C 82 -57.27 56.99 6.75
C ASP C 82 -55.78 56.89 6.94
N GLU C 83 -55.18 55.80 6.47
CA GLU C 83 -53.75 55.57 6.62
C GLU C 83 -53.19 55.06 5.34
N ASP C 84 -52.04 55.58 4.92
CA ASP C 84 -51.40 55.04 3.74
C ASP C 84 -50.24 54.13 4.11
N HIS C 85 -50.50 52.83 4.15
CA HIS C 85 -49.53 51.80 4.47
C HIS C 85 -49.77 50.77 3.37
N ASP C 86 -48.97 50.75 2.24
CA ASP C 86 -49.27 49.72 1.24
C ASP C 86 -48.61 48.40 1.64
N GLU C 87 -49.08 47.85 2.75
CA GLU C 87 -48.58 46.58 3.25
C GLU C 87 -49.71 45.56 3.35
N MET C 88 -49.37 44.28 3.25
CA MET C 88 -50.38 43.25 3.40
C MET C 88 -50.67 43.14 4.89
N VAL C 89 -51.95 43.25 5.27
CA VAL C 89 -52.37 43.13 6.65
C VAL C 89 -53.13 41.83 6.79
N ILE C 90 -52.69 40.95 7.70
CA ILE C 90 -53.32 39.64 7.94
C ILE C 90 -53.68 39.41 9.41
N VAL C 91 -54.87 38.87 9.68
CA VAL C 91 -55.22 38.41 11.01
C VAL C 91 -55.61 36.95 10.83
N LYS C 92 -54.73 36.05 11.24
CA LYS C 92 -54.91 34.63 11.03
C LYS C 92 -55.26 33.92 12.34
N ASP C 93 -55.77 32.69 12.21
CA ASP C 93 -56.18 31.86 13.32
C ASP C 93 -57.28 32.49 14.16
N ILE C 94 -58.23 33.17 13.51
CA ILE C 94 -59.35 33.73 14.25
C ILE C 94 -60.32 32.60 14.47
N ASP C 95 -60.45 32.09 15.73
CA ASP C 95 -61.36 31.01 16.10
C ASP C 95 -62.77 31.27 15.60
N MET C 96 -63.38 30.28 14.98
CA MET C 96 -64.69 30.44 14.39
C MET C 96 -65.60 29.34 14.85
N PHE C 97 -66.80 29.69 15.30
CA PHE C 97 -67.78 28.72 15.78
C PHE C 97 -69.12 29.08 15.14
N SER C 98 -69.63 28.22 14.26
CA SER C 98 -70.91 28.50 13.60
C SER C 98 -71.89 27.31 13.70
N MET C 99 -73.06 27.45 13.12
CA MET C 99 -74.08 26.42 13.13
C MET C 99 -74.45 26.08 11.73
N CYS C 100 -74.38 24.84 11.41
CA CYS C 100 -74.83 24.31 10.14
C CYS C 100 -76.39 24.58 9.98
N GLU C 101 -76.83 25.32 8.95
CA GLU C 101 -78.27 25.57 8.76
C GLU C 101 -79.01 24.31 8.28
N HIS C 102 -78.27 23.26 7.82
CA HIS C 102 -78.91 22.06 7.30
C HIS C 102 -79.32 21.07 8.38
N HIS C 103 -78.47 20.84 9.37
CA HIS C 103 -78.73 19.89 10.45
C HIS C 103 -78.79 20.53 11.82
N LEU C 104 -78.39 21.81 11.96
CA LEU C 104 -78.38 22.52 13.24
C LEU C 104 -77.41 21.93 14.23
N VAL C 105 -76.21 21.57 13.72
CA VAL C 105 -75.08 21.04 14.48
C VAL C 105 -73.91 21.96 14.19
N PRO C 106 -72.98 22.14 15.14
CA PRO C 106 -71.87 23.09 14.90
C PRO C 106 -70.90 22.75 13.79
N PHE C 107 -70.28 23.78 13.25
CA PHE C 107 -69.14 23.67 12.33
C PHE C 107 -68.16 24.69 12.85
N VAL C 108 -67.01 24.20 13.32
CA VAL C 108 -66.04 25.03 13.98
C VAL C 108 -64.70 25.00 13.32
N GLY C 109 -63.93 26.06 13.47
CA GLY C 109 -62.60 26.14 12.88
C GLY C 109 -61.90 27.44 13.14
N LYS C 110 -61.33 27.99 12.08
CA LYS C 110 -60.48 29.17 12.04
C LYS C 110 -60.72 29.92 10.75
N VAL C 111 -60.56 31.24 10.81
CA VAL C 111 -60.65 32.13 9.65
C VAL C 111 -59.29 32.86 9.56
N HIS C 112 -58.83 33.08 8.34
CA HIS C 112 -57.61 33.81 8.05
C HIS C 112 -57.99 34.94 7.10
N ILE C 113 -57.79 36.19 7.53
CA ILE C 113 -58.12 37.36 6.68
C ILE C 113 -56.90 38.15 6.27
N GLY C 114 -56.81 38.47 5.00
CA GLY C 114 -55.76 39.32 4.50
C GLY C 114 -56.35 40.44 3.67
N TYR C 115 -55.75 41.63 3.71
CA TYR C 115 -56.17 42.72 2.83
C TYR C 115 -54.98 43.58 2.46
N LEU C 116 -55.10 44.28 1.33
CA LEU C 116 -54.09 45.24 0.90
C LEU C 116 -54.84 46.54 0.83
N PRO C 117 -54.65 47.44 1.80
CA PRO C 117 -55.39 48.71 1.79
C PRO C 117 -54.99 49.60 0.63
N ASN C 118 -55.93 50.47 0.18
CA ASN C 118 -55.54 51.44 -0.82
C ASN C 118 -55.64 52.88 -0.23
N LYS C 119 -56.45 53.12 0.83
CA LYS C 119 -56.50 54.45 1.48
C LYS C 119 -57.08 54.37 2.91
N GLN C 120 -57.89 53.33 3.19
CA GLN C 120 -58.49 53.07 4.51
C GLN C 120 -57.95 51.77 5.09
N VAL C 121 -57.79 51.78 6.41
CA VAL C 121 -57.28 50.68 7.22
C VAL C 121 -58.32 50.38 8.31
N LEU C 122 -58.50 49.11 8.65
CA LEU C 122 -59.45 48.73 9.70
C LEU C 122 -58.71 48.39 11.03
N GLY C 123 -59.36 48.57 12.18
CA GLY C 123 -58.79 48.15 13.46
C GLY C 123 -58.67 46.63 13.47
N LEU C 124 -57.57 46.08 14.02
CA LEU C 124 -57.33 44.63 13.99
C LEU C 124 -58.48 43.79 14.58
N SER C 125 -58.96 44.15 15.77
CA SER C 125 -60.04 43.40 16.40
C SER C 125 -61.33 43.41 15.58
N LYS C 126 -61.55 44.48 14.78
CA LYS C 126 -62.78 44.58 13.97
C LYS C 126 -62.87 43.52 12.90
N LEU C 127 -61.75 42.88 12.54
CA LEU C 127 -61.78 41.76 11.61
C LEU C 127 -62.37 40.52 12.30
N ALA C 128 -62.10 40.31 13.60
CA ALA C 128 -62.71 39.21 14.33
C ALA C 128 -64.20 39.51 14.67
N ARG C 129 -64.57 40.80 14.87
CA ARG C 129 -65.96 41.22 15.09
C ARG C 129 -66.80 40.95 13.82
N ILE C 130 -66.17 41.07 12.61
CA ILE C 130 -66.82 40.79 11.31
C ILE C 130 -67.08 39.28 11.21
N VAL C 131 -66.11 38.46 11.63
CA VAL C 131 -66.26 37.00 11.69
C VAL C 131 -67.47 36.67 12.58
N GLU C 132 -67.57 37.33 13.74
CA GLU C 132 -68.63 37.13 14.73
C GLU C 132 -70.04 37.52 14.29
N ILE C 133 -70.21 38.56 13.44
CA ILE C 133 -71.56 38.93 12.97
C ILE C 133 -72.11 37.80 12.12
N TYR C 134 -71.26 37.23 11.25
CA TYR C 134 -71.68 36.26 10.28
C TYR C 134 -71.58 34.82 10.74
N SER C 135 -70.68 34.49 11.64
CA SER C 135 -70.53 33.11 12.12
C SER C 135 -71.63 32.76 13.13
N ARG C 136 -72.03 33.72 13.95
CA ARG C 136 -73.08 33.52 14.92
C ARG C 136 -74.46 33.58 14.29
N ARG C 137 -74.74 32.65 13.39
CA ARG C 137 -75.99 32.51 12.66
C ARG C 137 -76.08 31.09 12.12
N LEU C 138 -77.28 30.68 11.63
CA LEU C 138 -77.40 29.40 10.94
C LEU C 138 -76.79 29.68 9.54
N GLN C 139 -75.73 28.98 9.20
CA GLN C 139 -74.93 29.26 8.02
C GLN C 139 -74.62 28.09 7.10
N VAL C 140 -74.05 28.42 5.96
CA VAL C 140 -73.34 27.54 5.07
C VAL C 140 -71.91 28.17 4.97
N GLN C 141 -70.85 27.37 5.05
CA GLN C 141 -69.47 27.89 5.03
C GLN C 141 -69.18 28.85 3.87
N GLU C 142 -69.66 28.52 2.67
CA GLU C 142 -69.49 29.33 1.47
C GLU C 142 -70.08 30.73 1.67
N ARG C 143 -71.30 30.82 2.20
CA ARG C 143 -71.93 32.09 2.43
C ARG C 143 -71.15 32.88 3.51
N LEU C 144 -70.77 32.20 4.63
CA LEU C 144 -70.02 32.85 5.69
C LEU C 144 -68.70 33.48 5.14
N THR C 145 -67.97 32.72 4.31
CA THR C 145 -66.71 33.18 3.72
C THR C 145 -66.91 34.46 2.92
N LYS C 146 -67.94 34.47 2.05
CA LYS C 146 -68.25 35.59 1.17
C LYS C 146 -68.71 36.81 1.95
N GLN C 147 -69.47 36.63 3.01
CA GLN C 147 -69.98 37.72 3.81
C GLN C 147 -68.86 38.41 4.53
N ILE C 148 -67.90 37.67 5.06
CA ILE C 148 -66.71 38.27 5.68
C ILE C 148 -65.94 39.14 4.65
N ALA C 149 -65.69 38.59 3.44
CA ALA C 149 -64.94 39.27 2.37
C ALA C 149 -65.66 40.50 1.81
N VAL C 150 -66.98 40.40 1.59
CA VAL C 150 -67.77 41.53 1.12
C VAL C 150 -67.80 42.65 2.18
N ALA C 151 -67.86 42.30 3.48
CA ALA C 151 -67.88 43.31 4.54
C ALA C 151 -66.64 44.21 4.51
N ILE C 152 -65.45 43.61 4.33
CA ILE C 152 -64.17 44.32 4.25
C ILE C 152 -64.05 45.10 2.94
N THR C 153 -64.39 44.46 1.82
CA THR C 153 -64.39 45.08 0.49
C THR C 153 -65.23 46.36 0.48
N GLU C 154 -66.46 46.30 1.01
CA GLU C 154 -67.33 47.46 1.02
C GLU C 154 -66.88 48.54 2.05
N ALA C 155 -66.36 48.13 3.23
CA ALA C 155 -65.96 49.08 4.27
C ALA C 155 -64.70 49.87 3.96
N LEU C 156 -63.68 49.22 3.40
CA LEU C 156 -62.42 49.85 3.16
C LEU C 156 -62.14 50.21 1.70
N ARG C 157 -62.84 49.60 0.73
CA ARG C 157 -62.62 49.78 -0.71
C ARG C 157 -61.14 49.54 -1.04
N PRO C 158 -60.60 48.34 -0.70
CA PRO C 158 -59.15 48.14 -0.80
C PRO C 158 -58.68 47.69 -2.17
N ALA C 159 -57.36 47.44 -2.31
CA ALA C 159 -56.76 46.92 -3.53
C ALA C 159 -57.23 45.46 -3.73
N GLY C 160 -57.32 44.71 -2.64
CA GLY C 160 -57.77 43.33 -2.67
C GLY C 160 -58.01 42.77 -1.27
N VAL C 161 -58.65 41.59 -1.20
CA VAL C 161 -58.95 40.91 0.06
C VAL C 161 -58.82 39.40 -0.11
N GLY C 162 -58.31 38.72 0.91
CA GLY C 162 -58.22 37.28 0.95
C GLY C 162 -58.92 36.74 2.19
N VAL C 163 -59.88 35.81 2.03
CA VAL C 163 -60.55 35.18 3.19
C VAL C 163 -60.46 33.65 3.08
N VAL C 164 -59.92 32.97 4.08
CA VAL C 164 -59.83 31.50 4.07
C VAL C 164 -60.48 30.98 5.39
N VAL C 165 -61.52 30.14 5.28
CA VAL C 165 -62.16 29.55 6.46
C VAL C 165 -61.84 28.06 6.43
N GLU C 166 -61.33 27.47 7.51
CA GLU C 166 -61.12 26.01 7.60
C GLU C 166 -61.99 25.55 8.79
N ALA C 167 -62.86 24.57 8.55
CA ALA C 167 -63.78 24.12 9.60
C ALA C 167 -64.05 22.64 9.55
N THR C 168 -64.35 22.07 10.70
CA THR C 168 -64.78 20.71 10.88
C THR C 168 -66.27 20.81 11.11
N HIS C 169 -67.04 20.16 10.22
CA HIS C 169 -68.49 20.09 10.29
C HIS C 169 -68.86 18.85 11.07
N MET C 170 -69.61 19.01 12.16
CA MET C 170 -70.06 17.90 12.97
C MET C 170 -71.09 17.00 12.25
N CYS C 171 -71.77 17.55 11.24
CA CYS C 171 -72.74 16.81 10.44
C CYS C 171 -72.07 15.87 9.40
N MET C 172 -70.73 15.86 9.32
CA MET C 172 -69.98 14.97 8.43
C MET C 172 -69.05 14.03 9.23
N VAL C 173 -68.79 14.35 10.50
CA VAL C 173 -67.88 13.65 11.38
C VAL C 173 -68.71 12.77 12.35
N MET C 174 -69.74 13.33 12.99
CA MET C 174 -70.58 12.66 13.96
C MET C 174 -71.69 11.80 13.37
N ARG C 175 -72.03 12.00 12.10
CA ARG C 175 -73.13 11.30 11.45
C ARG C 175 -72.92 11.34 9.92
N GLY C 176 -73.84 10.75 9.17
CA GLY C 176 -73.83 10.77 7.71
C GLY C 176 -72.67 10.00 7.13
N VAL C 177 -71.82 10.68 6.37
CA VAL C 177 -70.66 10.04 5.76
C VAL C 177 -69.61 9.57 6.80
N GLN C 178 -69.65 10.18 7.99
CA GLN C 178 -68.79 9.91 9.13
C GLN C 178 -67.32 9.86 8.76
N LYS C 179 -66.86 10.89 8.03
CA LYS C 179 -65.45 11.02 7.69
C LYS C 179 -64.84 11.92 8.77
N MET C 180 -64.45 11.32 9.89
CA MET C 180 -63.94 11.93 11.12
C MET C 180 -62.73 12.82 10.98
N ASN C 181 -61.89 12.57 9.95
CA ASN C 181 -60.71 13.41 9.75
C ASN C 181 -60.91 14.50 8.72
N SER C 182 -62.07 14.57 8.04
CA SER C 182 -62.24 15.58 7.00
C SER C 182 -62.48 16.99 7.53
N LYS C 183 -62.00 17.97 6.75
CA LYS C 183 -62.18 19.40 6.99
C LYS C 183 -62.66 20.04 5.70
N THR C 184 -63.36 21.16 5.83
CA THR C 184 -63.81 21.93 4.68
C THR C 184 -63.05 23.26 4.67
N VAL C 185 -62.47 23.64 3.52
CA VAL C 185 -61.78 24.90 3.37
C VAL C 185 -62.48 25.65 2.27
N THR C 186 -62.89 26.90 2.52
CA THR C 186 -63.47 27.78 1.51
C THR C 186 -62.56 29.00 1.40
N SER C 187 -62.38 29.50 0.18
CA SER C 187 -61.45 30.58 -0.06
C SER C 187 -61.96 31.66 -1.02
N THR C 188 -62.06 32.92 -0.54
CA THR C 188 -62.47 34.03 -1.40
C THR C 188 -61.23 34.87 -1.66
N MET C 189 -60.91 35.13 -2.94
CA MET C 189 -59.75 35.95 -3.33
C MET C 189 -60.27 37.09 -4.19
N LEU C 190 -60.22 38.35 -3.70
CA LEU C 190 -60.74 39.53 -4.41
C LEU C 190 -59.66 40.55 -4.72
N GLY C 191 -59.90 41.37 -5.75
CA GLY C 191 -58.96 42.40 -6.17
C GLY C 191 -57.62 41.82 -6.56
N VAL C 192 -56.53 42.43 -6.07
CA VAL C 192 -55.18 41.94 -6.35
C VAL C 192 -54.94 40.54 -5.81
N PHE C 193 -55.64 40.12 -4.74
CA PHE C 193 -55.46 38.75 -4.23
C PHE C 193 -55.86 37.72 -5.31
N ARG C 194 -56.84 38.05 -6.16
CA ARG C 194 -57.16 37.18 -7.28
C ARG C 194 -56.23 37.36 -8.49
N GLU C 195 -55.92 38.63 -8.89
CA GLU C 195 -55.14 38.90 -10.10
C GLU C 195 -53.65 38.65 -9.98
N ASP C 196 -53.01 39.14 -8.94
CA ASP C 196 -51.58 39.05 -8.79
C ASP C 196 -51.16 37.70 -8.20
N PRO C 197 -50.31 36.95 -8.93
CA PRO C 197 -49.85 35.66 -8.38
C PRO C 197 -48.91 35.84 -7.20
N LYS C 198 -48.17 36.96 -7.13
CA LYS C 198 -47.25 37.17 -6.02
C LYS C 198 -48.05 37.47 -4.75
N THR C 199 -49.11 38.29 -4.88
CA THR C 199 -50.01 38.61 -3.78
C THR C 199 -50.66 37.37 -3.20
N ARG C 200 -51.30 36.53 -4.03
CA ARG C 200 -51.98 35.34 -3.51
C ARG C 200 -51.01 34.38 -2.87
N GLU C 201 -49.85 34.14 -3.51
CA GLU C 201 -48.84 33.23 -2.97
C GLU C 201 -48.28 33.74 -1.64
N GLU C 202 -48.16 35.06 -1.48
CA GLU C 202 -47.68 35.63 -0.24
C GLU C 202 -48.69 35.46 0.88
N PHE C 203 -49.97 35.73 0.61
CA PHE C 203 -51.04 35.56 1.57
C PHE C 203 -51.14 34.09 1.99
N LEU C 204 -51.17 33.17 1.02
CA LEU C 204 -51.30 31.75 1.34
C LEU C 204 -50.12 31.22 2.14
N THR C 205 -48.94 31.88 2.06
CA THR C 205 -47.77 31.49 2.84
C THR C 205 -47.85 32.04 4.28
N LEU C 206 -48.14 33.32 4.43
CA LEU C 206 -48.14 33.95 5.73
C LEU C 206 -49.28 33.52 6.67
N ILE C 207 -50.37 32.90 6.13
CA ILE C 207 -51.47 32.37 6.98
C ILE C 207 -51.09 31.03 7.65
N ARG C 208 -50.00 30.38 7.22
CA ARG C 208 -49.57 29.12 7.78
C ARG C 208 -48.53 29.30 8.89
N PRO D 17 -77.71 -1.81 -11.52
CA PRO D 17 -76.97 -1.78 -10.25
C PRO D 17 -77.25 -3.00 -9.38
N ARG D 18 -76.28 -3.36 -8.50
CA ARG D 18 -76.44 -4.51 -7.60
C ARG D 18 -77.51 -4.23 -6.58
N SER D 19 -78.35 -5.21 -6.29
CA SER D 19 -79.48 -5.06 -5.38
C SER D 19 -79.29 -5.81 -4.06
N GLU D 20 -80.19 -5.56 -3.09
CA GLU D 20 -80.17 -6.28 -1.83
C GLU D 20 -80.58 -7.75 -2.04
N GLU D 21 -81.40 -8.03 -3.08
CA GLU D 21 -81.81 -9.40 -3.44
C GLU D 21 -80.58 -10.15 -3.96
N ASP D 22 -79.76 -9.48 -4.81
CA ASP D 22 -78.51 -10.02 -5.35
C ASP D 22 -77.55 -10.38 -4.21
N ASN D 23 -77.53 -9.59 -3.13
CA ASN D 23 -76.69 -9.80 -1.98
C ASN D 23 -77.11 -11.04 -1.19
N GLU D 24 -78.43 -11.20 -0.93
CA GLU D 24 -78.98 -12.35 -0.17
C GLU D 24 -78.72 -13.66 -0.94
N LEU D 25 -78.98 -13.63 -2.25
CA LEU D 25 -78.72 -14.74 -3.17
C LEU D 25 -77.21 -14.64 -3.43
N ASN D 26 -76.54 -15.74 -3.53
CA ASN D 26 -75.08 -15.78 -3.75
C ASN D 26 -74.22 -15.21 -2.55
N LEU D 27 -74.85 -14.79 -1.41
CA LEU D 27 -74.10 -14.62 -0.16
C LEU D 27 -73.64 -16.07 0.28
N PRO D 28 -74.48 -17.15 0.23
CA PRO D 28 -73.99 -18.50 0.58
C PRO D 28 -72.91 -19.02 -0.38
N ASN D 29 -72.90 -18.56 -1.64
CA ASN D 29 -71.89 -18.95 -2.61
C ASN D 29 -70.53 -18.33 -2.30
N LEU D 30 -70.55 -17.11 -1.79
CA LEU D 30 -69.36 -16.39 -1.38
C LEU D 30 -68.81 -17.09 -0.13
N ALA D 31 -69.68 -17.42 0.85
CA ALA D 31 -69.29 -18.12 2.08
C ALA D 31 -68.64 -19.48 1.75
N ALA D 32 -69.18 -20.18 0.74
CA ALA D 32 -68.67 -21.47 0.26
C ALA D 32 -67.26 -21.34 -0.31
N ALA D 33 -67.01 -20.27 -1.06
CA ALA D 33 -65.69 -20.01 -1.65
C ALA D 33 -64.69 -19.70 -0.55
N TYR D 34 -65.09 -18.93 0.48
CA TYR D 34 -64.20 -18.60 1.59
C TYR D 34 -63.86 -19.82 2.44
N SER D 35 -64.81 -20.78 2.64
CA SER D 35 -64.45 -22.01 3.39
C SER D 35 -63.52 -22.90 2.55
N SER D 36 -63.68 -22.90 1.21
CA SER D 36 -62.79 -23.60 0.31
C SER D 36 -61.38 -23.01 0.40
N ILE D 37 -61.26 -21.67 0.53
CA ILE D 37 -59.98 -20.98 0.67
C ILE D 37 -59.31 -21.40 1.98
N LEU D 38 -60.08 -21.45 3.08
CA LEU D 38 -59.58 -21.88 4.39
C LEU D 38 -59.02 -23.32 4.35
N SER D 39 -59.63 -24.19 3.55
CA SER D 39 -59.15 -25.56 3.40
C SER D 39 -57.87 -25.54 2.57
N SER D 40 -57.89 -24.84 1.42
CA SER D 40 -56.76 -24.78 0.49
C SER D 40 -55.49 -24.14 1.08
N LEU D 41 -55.63 -23.29 2.10
CA LEU D 41 -54.46 -22.69 2.76
C LEU D 41 -53.82 -23.61 3.81
N GLY D 42 -54.43 -24.76 4.07
CA GLY D 42 -54.00 -25.72 5.08
C GLY D 42 -54.62 -25.50 6.45
N GLU D 43 -55.62 -24.61 6.54
CA GLU D 43 -56.27 -24.33 7.81
C GLU D 43 -57.43 -25.28 8.08
N ASN D 44 -57.80 -25.42 9.36
CA ASN D 44 -58.92 -26.27 9.77
C ASN D 44 -60.17 -25.40 9.88
N PRO D 45 -61.09 -25.48 8.89
CA PRO D 45 -62.29 -24.64 8.92
C PRO D 45 -63.24 -24.87 10.10
N GLN D 46 -63.03 -25.97 10.84
CA GLN D 46 -63.87 -26.32 11.96
C GLN D 46 -63.36 -25.78 13.32
N ARG D 47 -62.18 -25.13 13.36
CA ARG D 47 -61.68 -24.57 14.62
C ARG D 47 -62.49 -23.33 15.05
N GLN D 48 -62.60 -23.08 16.39
CA GLN D 48 -63.41 -21.99 16.96
C GLN D 48 -63.29 -20.64 16.22
N GLY D 49 -62.06 -20.17 16.03
CA GLY D 49 -61.79 -18.90 15.37
C GLY D 49 -62.17 -18.83 13.90
N LEU D 50 -62.38 -19.98 13.24
CA LEU D 50 -62.72 -20.01 11.82
C LEU D 50 -64.13 -20.48 11.51
N LEU D 51 -64.94 -20.83 12.52
CA LEU D 51 -66.29 -21.33 12.26
C LEU D 51 -67.20 -20.32 11.55
N LYS D 52 -67.19 -19.05 11.98
CA LYS D 52 -68.03 -18.03 11.34
C LYS D 52 -67.31 -17.26 10.23
N THR D 53 -65.98 -17.39 10.16
CA THR D 53 -65.12 -16.73 9.17
C THR D 53 -65.64 -16.81 7.71
N PRO D 54 -66.08 -17.97 7.14
CA PRO D 54 -66.54 -17.95 5.73
C PRO D 54 -67.73 -17.01 5.49
N TRP D 55 -68.64 -16.89 6.46
CA TRP D 55 -69.78 -15.98 6.38
C TRP D 55 -69.40 -14.52 6.70
N ARG D 56 -68.51 -14.28 7.71
CA ARG D 56 -68.05 -12.94 8.08
C ARG D 56 -67.20 -12.32 6.98
N ALA D 57 -66.27 -13.09 6.37
CA ALA D 57 -65.47 -12.65 5.22
C ALA D 57 -66.35 -12.36 3.98
N ALA D 58 -67.44 -13.14 3.75
CA ALA D 58 -68.30 -12.89 2.59
C ALA D 58 -69.14 -11.61 2.77
N SER D 59 -69.65 -11.37 3.99
CA SER D 59 -70.38 -10.14 4.31
C SER D 59 -69.44 -8.93 4.16
N ALA D 60 -68.19 -9.08 4.61
CA ALA D 60 -67.18 -8.04 4.53
C ALA D 60 -66.92 -7.67 3.08
N MET D 61 -66.68 -8.65 2.20
CA MET D 61 -66.44 -8.41 0.78
C MET D 61 -67.64 -7.76 0.08
N GLN D 62 -68.87 -8.09 0.51
CA GLN D 62 -70.08 -7.47 -0.05
C GLN D 62 -70.14 -6.01 0.34
N PHE D 63 -69.81 -5.69 1.61
CA PHE D 63 -69.76 -4.32 2.10
C PHE D 63 -68.64 -3.51 1.41
N PHE D 64 -67.44 -4.10 1.21
CA PHE D 64 -66.34 -3.42 0.53
C PHE D 64 -66.67 -3.11 -0.93
N THR D 65 -67.61 -3.86 -1.56
CA THR D 65 -68.04 -3.63 -2.94
C THR D 65 -69.46 -3.07 -3.01
N LYS D 66 -69.95 -2.39 -1.94
CA LYS D 66 -71.31 -1.80 -1.90
C LYS D 66 -71.52 -0.60 -2.87
N GLY D 67 -70.44 -0.10 -3.46
CA GLY D 67 -70.51 0.97 -4.43
C GLY D 67 -71.22 0.53 -5.69
N TYR D 68 -71.12 -0.76 -6.03
CA TYR D 68 -71.83 -1.32 -7.19
C TYR D 68 -73.36 -1.14 -7.05
N GLN D 69 -73.86 -1.12 -5.82
CA GLN D 69 -75.28 -0.94 -5.53
C GLN D 69 -75.74 0.53 -5.62
N GLU D 70 -74.87 1.50 -6.02
CA GLU D 70 -75.27 2.91 -6.01
C GLU D 70 -75.18 3.60 -7.36
N THR D 71 -75.97 4.64 -7.50
CA THR D 71 -76.13 5.48 -8.68
C THR D 71 -75.75 6.91 -8.30
N ILE D 72 -75.09 7.64 -9.20
CA ILE D 72 -74.70 9.02 -8.92
C ILE D 72 -75.91 9.94 -8.62
N SER D 73 -77.03 9.73 -9.30
CA SER D 73 -78.25 10.52 -9.14
C SER D 73 -78.82 10.40 -7.72
N ASP D 74 -78.87 9.18 -7.20
CA ASP D 74 -79.40 8.88 -5.88
C ASP D 74 -78.49 9.42 -4.79
N VAL D 75 -77.17 9.29 -5.00
CA VAL D 75 -76.13 9.72 -4.07
C VAL D 75 -76.13 11.25 -3.94
N LEU D 76 -76.32 11.94 -5.06
CA LEU D 76 -76.36 13.40 -5.06
C LEU D 76 -77.58 13.95 -4.30
N ASN D 77 -78.64 13.11 -4.13
CA ASN D 77 -79.89 13.34 -3.37
C ASN D 77 -80.50 14.73 -3.56
N ASP D 78 -80.37 15.30 -4.75
CA ASP D 78 -80.88 16.63 -5.05
C ASP D 78 -80.25 17.71 -4.13
N ALA D 79 -78.96 17.57 -3.81
CA ALA D 79 -78.27 18.56 -2.99
C ALA D 79 -77.35 19.46 -3.81
N ILE D 80 -77.79 19.76 -5.06
CA ILE D 80 -77.15 20.66 -6.02
C ILE D 80 -77.96 21.97 -5.95
N PHE D 81 -77.40 23.01 -5.31
CA PHE D 81 -78.09 24.29 -5.17
C PHE D 81 -77.52 25.30 -6.16
N ASP D 82 -78.37 26.17 -6.72
CA ASP D 82 -77.91 27.18 -7.67
C ASP D 82 -77.44 28.44 -6.95
N GLU D 83 -76.13 28.53 -6.66
CA GLU D 83 -75.54 29.65 -5.95
C GLU D 83 -74.46 30.35 -6.78
N ASP D 84 -74.20 31.63 -6.47
CA ASP D 84 -73.19 32.42 -7.17
C ASP D 84 -71.90 32.58 -6.36
N HIS D 85 -71.60 31.63 -5.46
CA HIS D 85 -70.42 31.74 -4.61
C HIS D 85 -69.10 31.65 -5.40
N ASP D 86 -68.52 32.80 -5.78
CA ASP D 86 -67.28 32.80 -6.54
C ASP D 86 -66.11 32.58 -5.58
N GLU D 87 -65.91 31.32 -5.17
CA GLU D 87 -64.90 30.94 -4.22
C GLU D 87 -64.46 29.50 -4.36
N MET D 88 -63.22 29.18 -3.95
CA MET D 88 -62.73 27.81 -4.02
C MET D 88 -63.36 26.98 -2.89
N VAL D 89 -63.84 25.79 -3.21
CA VAL D 89 -64.47 24.94 -2.22
C VAL D 89 -63.69 23.63 -2.15
N ILE D 90 -63.17 23.35 -0.95
CA ILE D 90 -62.37 22.16 -0.72
C ILE D 90 -62.93 21.29 0.40
N VAL D 91 -63.00 19.97 0.18
CA VAL D 91 -63.27 19.04 1.26
C VAL D 91 -62.04 18.14 1.26
N LYS D 92 -61.14 18.31 2.27
CA LYS D 92 -59.89 17.54 2.38
C LYS D 92 -59.93 16.45 3.46
N ASP D 93 -59.01 15.49 3.38
CA ASP D 93 -58.85 14.41 4.31
C ASP D 93 -60.09 13.56 4.43
N ILE D 94 -60.65 13.19 3.27
CA ILE D 94 -61.77 12.26 3.28
C ILE D 94 -61.14 10.89 3.32
N ASP D 95 -61.40 10.11 4.39
CA ASP D 95 -60.88 8.74 4.52
C ASP D 95 -61.43 7.90 3.39
N MET D 96 -60.56 7.19 2.75
CA MET D 96 -60.88 6.42 1.58
C MET D 96 -60.38 4.99 1.81
N PHE D 97 -61.23 4.00 1.49
CA PHE D 97 -60.96 2.57 1.62
C PHE D 97 -61.41 1.89 0.35
N SER D 98 -60.50 1.23 -0.35
CA SER D 98 -60.86 0.48 -1.55
C SER D 98 -60.12 -0.84 -1.61
N MET D 99 -60.48 -1.60 -2.63
CA MET D 99 -59.93 -2.91 -2.86
C MET D 99 -59.25 -2.93 -4.18
N CYS D 100 -58.03 -3.43 -4.19
CA CYS D 100 -57.27 -3.56 -5.40
C CYS D 100 -57.93 -4.64 -6.24
N GLU D 101 -57.97 -4.47 -7.55
CA GLU D 101 -58.59 -5.47 -8.40
C GLU D 101 -57.62 -6.52 -8.91
N HIS D 102 -56.33 -6.28 -8.75
CA HIS D 102 -55.31 -7.21 -9.20
C HIS D 102 -55.09 -8.30 -8.15
N HIS D 103 -54.91 -7.88 -6.91
CA HIS D 103 -54.77 -8.80 -5.78
C HIS D 103 -55.90 -8.33 -4.89
N LEU D 104 -56.74 -9.20 -4.40
CA LEU D 104 -57.86 -8.71 -3.60
C LEU D 104 -57.51 -8.21 -2.19
N VAL D 105 -56.62 -7.22 -2.15
CA VAL D 105 -56.18 -6.61 -0.89
C VAL D 105 -56.43 -5.09 -0.86
N PRO D 106 -56.63 -4.53 0.33
CA PRO D 106 -57.01 -3.11 0.40
C PRO D 106 -55.97 -2.07 0.05
N PHE D 107 -56.42 -0.96 -0.52
CA PHE D 107 -55.59 0.22 -0.72
C PHE D 107 -56.32 1.35 0.00
N VAL D 108 -55.69 1.88 1.04
CA VAL D 108 -56.37 2.84 1.93
C VAL D 108 -55.65 4.17 2.02
N GLY D 109 -56.40 5.25 2.17
CA GLY D 109 -55.81 6.57 2.27
C GLY D 109 -56.80 7.69 2.43
N LYS D 110 -56.52 8.82 1.80
CA LYS D 110 -57.29 10.07 1.87
C LYS D 110 -57.55 10.61 0.49
N VAL D 111 -58.62 11.42 0.36
CA VAL D 111 -59.02 12.10 -0.88
C VAL D 111 -59.23 13.57 -0.55
N HIS D 112 -58.66 14.43 -1.37
CA HIS D 112 -58.79 15.88 -1.26
C HIS D 112 -59.42 16.33 -2.58
N ILE D 113 -60.53 17.03 -2.48
CA ILE D 113 -61.30 17.50 -3.62
C ILE D 113 -61.49 18.98 -3.51
N GLY D 114 -61.33 19.66 -4.62
CA GLY D 114 -61.62 21.07 -4.69
C GLY D 114 -62.32 21.39 -5.98
N TYR D 115 -63.14 22.42 -5.98
CA TYR D 115 -63.80 22.91 -7.18
C TYR D 115 -64.11 24.40 -7.09
N LEU D 116 -64.25 25.01 -8.25
CA LEU D 116 -64.61 26.42 -8.39
C LEU D 116 -65.91 26.40 -9.15
N PRO D 117 -67.01 26.72 -8.46
CA PRO D 117 -68.32 26.63 -9.11
C PRO D 117 -68.58 27.68 -10.16
N ASN D 118 -69.54 27.40 -11.05
CA ASN D 118 -70.03 28.34 -12.06
C ASN D 118 -71.37 28.82 -11.45
N LYS D 119 -72.48 28.09 -11.68
CA LYS D 119 -73.75 28.46 -11.07
C LYS D 119 -74.27 27.42 -10.07
N GLN D 120 -73.71 26.19 -10.06
CA GLN D 120 -74.17 25.15 -9.16
C GLN D 120 -73.14 24.72 -8.08
N VAL D 121 -73.62 24.61 -6.83
CA VAL D 121 -72.83 24.23 -5.68
C VAL D 121 -73.35 22.88 -5.13
N LEU D 122 -72.45 22.02 -4.67
CA LEU D 122 -72.79 20.71 -4.15
C LEU D 122 -72.78 20.70 -2.63
N GLY D 123 -73.61 19.87 -2.00
CA GLY D 123 -73.56 19.70 -0.54
C GLY D 123 -72.22 19.08 -0.16
N LEU D 124 -71.57 19.58 0.90
CA LEU D 124 -70.24 19.12 1.27
C LEU D 124 -70.12 17.61 1.41
N SER D 125 -71.02 16.96 2.13
CA SER D 125 -70.97 15.51 2.28
C SER D 125 -71.12 14.79 0.96
N LYS D 126 -71.84 15.38 -0.01
CA LYS D 126 -72.02 14.74 -1.31
C LYS D 126 -70.67 14.48 -2.02
N LEU D 127 -69.62 15.24 -1.69
CA LEU D 127 -68.29 15.00 -2.25
C LEU D 127 -67.71 13.71 -1.64
N ALA D 128 -67.89 13.52 -0.33
CA ALA D 128 -67.45 12.32 0.35
C ALA D 128 -68.28 11.12 -0.13
N ARG D 129 -69.58 11.31 -0.40
CA ARG D 129 -70.43 10.24 -0.89
C ARG D 129 -70.06 9.82 -2.32
N ILE D 130 -69.56 10.74 -3.15
CA ILE D 130 -69.08 10.42 -4.49
C ILE D 130 -67.77 9.57 -4.34
N VAL D 131 -66.90 9.87 -3.35
CA VAL D 131 -65.71 9.05 -3.08
C VAL D 131 -66.13 7.61 -2.76
N GLU D 132 -67.19 7.45 -1.97
CA GLU D 132 -67.74 6.16 -1.56
C GLU D 132 -68.30 5.27 -2.67
N ILE D 133 -69.01 5.83 -3.68
CA ILE D 133 -69.56 4.97 -4.76
C ILE D 133 -68.43 4.29 -5.52
N TYR D 134 -67.33 5.03 -5.79
CA TYR D 134 -66.25 4.51 -6.57
C TYR D 134 -65.21 3.77 -5.76
N SER D 135 -64.91 4.20 -4.51
CA SER D 135 -63.89 3.50 -3.72
C SER D 135 -64.40 2.13 -3.24
N ARG D 136 -65.70 2.02 -2.96
CA ARG D 136 -66.31 0.79 -2.52
C ARG D 136 -66.59 -0.15 -3.69
N ARG D 137 -65.57 -0.55 -4.42
CA ARG D 137 -65.62 -1.41 -5.59
C ARG D 137 -64.17 -1.98 -5.77
N LEU D 138 -63.98 -2.95 -6.69
CA LEU D 138 -62.62 -3.44 -7.00
C LEU D 138 -62.09 -2.39 -7.96
N GLN D 139 -61.02 -1.72 -7.59
CA GLN D 139 -60.51 -0.64 -8.41
C GLN D 139 -59.01 -0.56 -8.59
N VAL D 140 -58.64 0.48 -9.31
CA VAL D 140 -57.26 0.87 -9.54
C VAL D 140 -57.30 2.36 -9.23
N GLN D 141 -56.32 2.87 -8.50
CA GLN D 141 -56.31 4.28 -8.11
C GLN D 141 -56.57 5.30 -9.20
N GLU D 142 -55.99 5.09 -10.39
CA GLU D 142 -56.20 6.01 -11.48
C GLU D 142 -57.64 6.08 -11.92
N ARG D 143 -58.33 4.94 -11.92
CA ARG D 143 -59.73 4.92 -12.29
C ARG D 143 -60.53 5.65 -11.24
N LEU D 144 -60.32 5.27 -9.98
CA LEU D 144 -60.98 5.93 -8.86
C LEU D 144 -60.84 7.48 -8.91
N THR D 145 -59.62 8.04 -9.05
CA THR D 145 -59.40 9.48 -9.13
C THR D 145 -60.24 10.14 -10.25
N LYS D 146 -60.14 9.62 -11.49
CA LYS D 146 -60.89 10.11 -12.64
C LYS D 146 -62.42 10.02 -12.46
N GLN D 147 -62.92 8.94 -11.83
CA GLN D 147 -64.36 8.80 -11.60
C GLN D 147 -64.89 9.90 -10.69
N ILE D 148 -64.18 10.22 -9.58
CA ILE D 148 -64.58 11.29 -8.68
C ILE D 148 -64.62 12.63 -9.43
N ALA D 149 -63.54 12.95 -10.18
CA ALA D 149 -63.46 14.20 -10.92
C ALA D 149 -64.52 14.36 -12.04
N VAL D 150 -64.87 13.27 -12.75
CA VAL D 150 -65.87 13.33 -13.79
C VAL D 150 -67.27 13.45 -13.19
N ALA D 151 -67.51 12.81 -12.03
CA ALA D 151 -68.81 12.88 -11.39
C ALA D 151 -69.12 14.32 -10.99
N ILE D 152 -68.12 15.03 -10.45
CA ILE D 152 -68.26 16.43 -10.02
C ILE D 152 -68.41 17.36 -11.21
N THR D 153 -67.54 17.19 -12.21
CA THR D 153 -67.60 17.94 -13.47
C THR D 153 -68.98 17.81 -14.14
N GLU D 154 -69.53 16.60 -14.26
CA GLU D 154 -70.80 16.41 -14.94
C GLU D 154 -72.02 16.83 -14.09
N ALA D 155 -71.90 16.81 -12.76
CA ALA D 155 -73.01 17.23 -11.92
C ALA D 155 -73.12 18.73 -11.82
N LEU D 156 -71.97 19.44 -11.80
CA LEU D 156 -71.98 20.87 -11.57
C LEU D 156 -71.64 21.74 -12.73
N ARG D 157 -70.94 21.19 -13.76
CA ARG D 157 -70.33 21.94 -14.87
C ARG D 157 -69.51 23.12 -14.33
N PRO D 158 -68.53 22.83 -13.45
CA PRO D 158 -67.82 23.91 -12.80
C PRO D 158 -66.69 24.47 -13.63
N ALA D 159 -66.19 25.65 -13.20
CA ALA D 159 -65.07 26.32 -13.84
C ALA D 159 -63.81 25.41 -13.76
N GLY D 160 -63.66 24.69 -12.64
CA GLY D 160 -62.56 23.77 -12.47
C GLY D 160 -62.77 22.78 -11.34
N VAL D 161 -61.99 21.66 -11.37
CA VAL D 161 -61.98 20.60 -10.37
C VAL D 161 -60.55 20.12 -10.14
N GLY D 162 -60.21 19.81 -8.89
CA GLY D 162 -58.97 19.19 -8.52
C GLY D 162 -59.26 18.02 -7.59
N VAL D 163 -58.72 16.81 -7.89
CA VAL D 163 -58.89 15.62 -7.05
C VAL D 163 -57.53 14.96 -6.80
N VAL D 164 -57.17 14.81 -5.53
CA VAL D 164 -55.89 14.23 -5.15
C VAL D 164 -56.22 13.06 -4.24
N VAL D 165 -55.76 11.87 -4.62
CA VAL D 165 -55.94 10.68 -3.83
C VAL D 165 -54.55 10.21 -3.35
N GLU D 166 -54.32 10.13 -2.05
CA GLU D 166 -53.08 9.54 -1.53
C GLU D 166 -53.44 8.23 -0.83
N ALA D 167 -52.73 7.14 -1.16
CA ALA D 167 -53.08 5.85 -0.60
C ALA D 167 -51.90 4.87 -0.46
N THR D 168 -52.03 3.98 0.51
CA THR D 168 -51.07 2.95 0.77
C THR D 168 -51.66 1.70 0.18
N HIS D 169 -50.89 1.01 -0.64
CA HIS D 169 -51.37 -0.21 -1.22
C HIS D 169 -50.82 -1.36 -0.41
N MET D 170 -51.69 -2.28 -0.03
CA MET D 170 -51.30 -3.42 0.78
C MET D 170 -50.50 -4.46 0.01
N CYS D 171 -50.65 -4.45 -1.31
CA CYS D 171 -49.95 -5.36 -2.18
C CYS D 171 -48.50 -4.90 -2.43
N MET D 172 -48.20 -3.65 -2.13
CA MET D 172 -46.87 -3.10 -2.29
C MET D 172 -46.12 -3.10 -0.97
N VAL D 173 -46.85 -3.28 0.12
CA VAL D 173 -46.28 -3.24 1.46
C VAL D 173 -46.15 -4.60 2.17
N MET D 174 -47.18 -5.44 2.05
CA MET D 174 -47.19 -6.74 2.71
C MET D 174 -46.57 -7.82 1.87
N ARG D 175 -46.41 -7.54 0.59
CA ARG D 175 -45.87 -8.52 -0.33
C ARG D 175 -45.23 -7.81 -1.50
N GLY D 176 -44.83 -8.58 -2.50
CA GLY D 176 -44.22 -8.05 -3.70
C GLY D 176 -42.94 -7.29 -3.45
N VAL D 177 -42.95 -6.00 -3.78
CA VAL D 177 -41.79 -5.14 -3.60
C VAL D 177 -41.53 -4.81 -2.14
N GLN D 178 -42.55 -4.97 -1.31
CA GLN D 178 -42.45 -4.73 0.14
C GLN D 178 -41.73 -3.44 0.51
N LYS D 179 -42.20 -2.32 -0.09
CA LYS D 179 -41.67 -1.00 0.19
C LYS D 179 -42.66 -0.39 1.20
N MET D 180 -42.42 -0.69 2.48
CA MET D 180 -43.27 -0.36 3.62
C MET D 180 -43.61 1.12 3.80
N ASN D 181 -42.78 2.04 3.32
CA ASN D 181 -43.07 3.46 3.50
C ASN D 181 -43.73 4.16 2.30
N SER D 182 -43.87 3.47 1.18
CA SER D 182 -44.40 4.09 -0.03
C SER D 182 -45.89 4.36 -0.04
N LYS D 183 -46.27 5.46 -0.68
CA LYS D 183 -47.65 5.87 -0.90
C LYS D 183 -47.81 6.20 -2.40
N THR D 184 -49.00 6.06 -2.95
CA THR D 184 -49.28 6.41 -4.34
C THR D 184 -50.19 7.63 -4.30
N VAL D 185 -49.79 8.67 -5.02
CA VAL D 185 -50.56 9.90 -5.10
C VAL D 185 -50.99 10.03 -6.58
N THR D 186 -52.26 10.24 -6.81
CA THR D 186 -52.82 10.44 -8.13
C THR D 186 -53.52 11.79 -8.10
N SER D 187 -53.44 12.54 -9.19
CA SER D 187 -53.97 13.89 -9.20
C SER D 187 -54.61 14.29 -10.51
N THR D 188 -55.89 14.66 -10.45
CA THR D 188 -56.65 15.13 -11.61
C THR D 188 -56.90 16.63 -11.46
N MET D 189 -56.44 17.43 -12.45
CA MET D 189 -56.68 18.86 -12.48
C MET D 189 -57.43 19.12 -13.77
N LEU D 190 -58.68 19.60 -13.66
CA LEU D 190 -59.57 19.92 -14.77
C LEU D 190 -59.94 21.43 -14.77
N GLY D 191 -60.21 21.99 -15.94
CA GLY D 191 -60.63 23.37 -16.07
C GLY D 191 -59.64 24.36 -15.56
N VAL D 192 -60.10 25.36 -14.75
CA VAL D 192 -59.17 26.36 -14.19
C VAL D 192 -58.15 25.78 -13.26
N PHE D 193 -58.39 24.58 -12.69
CA PHE D 193 -57.37 23.96 -11.82
C PHE D 193 -56.19 23.55 -12.69
N ARG D 194 -56.42 23.11 -13.93
CA ARG D 194 -55.34 22.81 -14.84
C ARG D 194 -54.70 24.05 -15.46
N GLU D 195 -55.48 25.03 -15.94
CA GLU D 195 -54.93 26.18 -16.66
C GLU D 195 -54.28 27.22 -15.80
N ASP D 196 -54.92 27.62 -14.69
CA ASP D 196 -54.41 28.73 -13.88
C ASP D 196 -53.36 28.29 -12.85
N PRO D 197 -52.13 28.85 -12.97
CA PRO D 197 -51.07 28.54 -11.99
C PRO D 197 -51.48 28.96 -10.57
N LYS D 198 -52.24 30.07 -10.46
CA LYS D 198 -52.67 30.61 -9.19
C LYS D 198 -53.71 29.73 -8.54
N THR D 199 -54.61 29.17 -9.35
CA THR D 199 -55.65 28.30 -8.87
C THR D 199 -55.04 27.01 -8.38
N ARG D 200 -54.16 26.39 -9.20
CA ARG D 200 -53.56 25.13 -8.80
C ARG D 200 -52.73 25.24 -7.54
N GLU D 201 -51.92 26.29 -7.43
CA GLU D 201 -51.09 26.50 -6.26
C GLU D 201 -51.95 26.73 -5.01
N GLU D 202 -53.05 27.47 -5.13
CA GLU D 202 -53.97 27.70 -4.01
C GLU D 202 -54.57 26.42 -3.53
N PHE D 203 -54.98 25.57 -4.45
CA PHE D 203 -55.57 24.30 -4.10
C PHE D 203 -54.54 23.40 -3.42
N LEU D 204 -53.33 23.27 -4.00
CA LEU D 204 -52.31 22.41 -3.44
C LEU D 204 -51.78 22.88 -2.08
N THR D 205 -51.90 24.17 -1.78
CA THR D 205 -51.50 24.69 -0.49
C THR D 205 -52.61 24.43 0.57
N LEU D 206 -53.89 24.64 0.17
CA LEU D 206 -54.98 24.52 1.13
C LEU D 206 -55.31 23.07 1.50
N ILE D 207 -54.87 22.07 0.73
CA ILE D 207 -55.10 20.66 1.12
C ILE D 207 -54.04 20.10 2.07
N ARG D 208 -53.00 20.88 2.37
CA ARG D 208 -51.92 20.45 3.24
C ARG D 208 -52.39 20.29 4.69
N PRO E 17 -26.46 -10.31 -18.79
CA PRO E 17 -26.68 -10.10 -17.35
C PRO E 17 -26.08 -11.21 -16.49
N ARG E 18 -25.77 -10.87 -15.22
CA ARG E 18 -25.20 -11.80 -14.25
C ARG E 18 -26.20 -12.92 -13.95
N SER E 19 -25.73 -14.17 -13.90
CA SER E 19 -26.62 -15.30 -13.68
C SER E 19 -26.46 -15.91 -12.29
N GLU E 20 -27.40 -16.80 -11.89
CA GLU E 20 -27.28 -17.50 -10.61
C GLU E 20 -26.11 -18.52 -10.64
N GLU E 21 -25.73 -19.01 -11.83
CA GLU E 21 -24.58 -19.89 -12.03
C GLU E 21 -23.29 -19.10 -11.76
N ASP E 22 -23.24 -17.83 -12.21
CA ASP E 22 -22.10 -16.93 -11.98
C ASP E 22 -21.96 -16.67 -10.48
N ASN E 23 -23.08 -16.50 -9.77
CA ASN E 23 -23.10 -16.27 -8.33
C ASN E 23 -22.53 -17.45 -7.55
N GLU E 24 -22.89 -18.70 -7.93
CA GLU E 24 -22.39 -19.91 -7.27
C GLU E 24 -20.89 -20.05 -7.49
N LEU E 25 -20.44 -19.74 -8.71
CA LEU E 25 -19.04 -19.80 -9.15
C LEU E 25 -18.16 -18.78 -8.42
N ASN E 26 -18.64 -17.54 -8.27
CA ASN E 26 -17.86 -16.48 -7.66
C ASN E 26 -17.99 -16.35 -6.17
N LEU E 27 -18.94 -17.06 -5.54
CA LEU E 27 -19.10 -16.99 -4.09
C LEU E 27 -17.83 -17.40 -3.32
N PRO E 28 -17.16 -18.53 -3.65
CA PRO E 28 -15.92 -18.88 -2.95
C PRO E 28 -14.78 -17.87 -3.13
N ASN E 29 -14.72 -17.22 -4.31
CA ASN E 29 -13.70 -16.21 -4.58
C ASN E 29 -13.93 -14.93 -3.77
N LEU E 30 -15.21 -14.56 -3.60
CA LEU E 30 -15.67 -13.40 -2.87
C LEU E 30 -15.44 -13.68 -1.33
N ALA E 31 -15.66 -14.94 -0.88
CA ALA E 31 -15.43 -15.30 0.53
C ALA E 31 -13.95 -15.28 0.84
N ALA E 32 -13.09 -15.73 -0.10
CA ALA E 32 -11.64 -15.72 0.08
C ALA E 32 -11.11 -14.30 0.21
N ALA E 33 -11.65 -13.37 -0.61
CA ALA E 33 -11.26 -11.96 -0.58
C ALA E 33 -11.64 -11.32 0.75
N TYR E 34 -12.85 -11.64 1.26
CA TYR E 34 -13.31 -11.12 2.55
C TYR E 34 -12.52 -11.70 3.72
N SER E 35 -12.09 -12.96 3.61
CA SER E 35 -11.24 -13.56 4.63
C SER E 35 -9.88 -12.86 4.67
N SER E 36 -9.35 -12.52 3.49
CA SER E 36 -8.09 -11.82 3.35
C SER E 36 -8.21 -10.40 3.96
N ILE E 37 -9.35 -9.74 3.78
CA ILE E 37 -9.61 -8.41 4.33
C ILE E 37 -9.58 -8.47 5.86
N LEU E 38 -10.23 -9.48 6.46
CA LEU E 38 -10.24 -9.65 7.93
C LEU E 38 -8.82 -9.74 8.48
N SER E 39 -7.95 -10.51 7.81
CA SER E 39 -6.55 -10.66 8.22
C SER E 39 -5.79 -9.36 8.03
N SER E 40 -6.02 -8.64 6.91
CA SER E 40 -5.32 -7.37 6.59
C SER E 40 -5.63 -6.28 7.57
N LEU E 41 -6.83 -6.31 8.17
CA LEU E 41 -7.09 -5.44 9.34
C LEU E 41 -6.46 -6.33 10.48
N GLY E 42 -6.37 -5.86 11.70
CA GLY E 42 -5.72 -6.69 12.73
C GLY E 42 -6.53 -7.88 13.20
N GLU E 43 -7.57 -8.32 12.44
CA GLU E 43 -8.51 -9.28 12.99
C GLU E 43 -8.13 -10.76 12.86
N ASN E 44 -8.76 -11.60 13.70
CA ASN E 44 -8.58 -13.05 13.79
C ASN E 44 -9.75 -13.76 13.12
N PRO E 45 -9.59 -14.18 11.86
CA PRO E 45 -10.69 -14.88 11.17
C PRO E 45 -11.15 -16.18 11.82
N GLN E 46 -10.43 -16.66 12.85
CA GLN E 46 -10.80 -17.88 13.56
C GLN E 46 -11.60 -17.63 14.83
N ARG E 47 -11.82 -16.36 15.23
CA ARG E 47 -12.65 -16.11 16.41
C ARG E 47 -14.11 -16.45 16.10
N GLN E 48 -14.87 -16.82 17.13
CA GLN E 48 -16.26 -17.26 16.98
C GLN E 48 -17.13 -16.32 16.15
N GLY E 49 -16.95 -15.01 16.33
CA GLY E 49 -17.75 -14.00 15.65
C GLY E 49 -17.44 -13.79 14.20
N LEU E 50 -16.24 -14.25 13.74
CA LEU E 50 -15.84 -14.09 12.35
C LEU E 50 -15.77 -15.38 11.52
N LEU E 51 -16.18 -16.52 12.06
CA LEU E 51 -16.08 -17.78 11.33
C LEU E 51 -16.92 -17.83 10.04
N LYS E 52 -18.21 -17.49 10.12
CA LYS E 52 -19.05 -17.46 8.93
C LYS E 52 -18.96 -16.13 8.17
N THR E 53 -18.25 -15.11 8.72
CA THR E 53 -18.23 -13.78 8.12
C THR E 53 -17.78 -13.78 6.68
N PRO E 54 -16.72 -14.48 6.22
CA PRO E 54 -16.36 -14.41 4.81
C PRO E 54 -17.50 -14.78 3.84
N TRP E 55 -18.36 -15.75 4.19
CA TRP E 55 -19.46 -16.13 3.29
C TRP E 55 -20.71 -15.27 3.42
N ARG E 56 -21.02 -14.79 4.64
CA ARG E 56 -22.15 -13.89 4.81
C ARG E 56 -21.80 -12.55 4.15
N ALA E 57 -20.58 -12.04 4.30
CA ALA E 57 -20.15 -10.81 3.62
C ALA E 57 -20.29 -10.94 2.09
N ALA E 58 -19.81 -12.08 1.52
CA ALA E 58 -19.86 -12.38 0.09
C ALA E 58 -21.30 -12.49 -0.39
N SER E 59 -22.18 -13.15 0.38
CA SER E 59 -23.60 -13.28 0.06
C SER E 59 -24.29 -11.94 0.07
N ALA E 60 -24.05 -11.11 1.11
CA ALA E 60 -24.64 -9.78 1.20
C ALA E 60 -24.25 -8.93 0.00
N MET E 61 -22.97 -8.94 -0.41
CA MET E 61 -22.52 -8.18 -1.58
C MET E 61 -23.19 -8.62 -2.88
N GLN E 62 -23.45 -9.92 -3.03
CA GLN E 62 -24.15 -10.40 -4.21
C GLN E 62 -25.61 -9.92 -4.20
N PHE E 63 -26.24 -9.85 -3.01
CA PHE E 63 -27.61 -9.37 -2.92
C PHE E 63 -27.62 -7.87 -3.23
N PHE E 64 -26.68 -7.11 -2.65
CA PHE E 64 -26.59 -5.69 -2.88
C PHE E 64 -26.36 -5.35 -4.34
N THR E 65 -25.89 -6.30 -5.17
CA THR E 65 -25.63 -6.07 -6.60
C THR E 65 -26.49 -7.00 -7.51
N LYS E 66 -27.65 -7.41 -7.03
CA LYS E 66 -28.54 -8.29 -7.77
C LYS E 66 -29.11 -7.64 -9.03
N GLY E 67 -29.12 -6.31 -9.12
CA GLY E 67 -29.61 -5.59 -10.29
C GLY E 67 -28.84 -5.92 -11.55
N TYR E 68 -27.58 -6.39 -11.41
CA TYR E 68 -26.78 -6.80 -12.56
C TYR E 68 -27.38 -8.05 -13.24
N GLN E 69 -28.17 -8.87 -12.45
CA GLN E 69 -28.82 -10.11 -12.86
C GLN E 69 -30.11 -9.94 -13.66
N GLU E 70 -30.67 -8.72 -13.65
CA GLU E 70 -31.96 -8.41 -14.24
C GLU E 70 -31.87 -7.49 -15.44
N THR E 71 -32.89 -7.52 -16.32
CA THR E 71 -32.96 -6.57 -17.43
C THR E 71 -34.23 -5.76 -17.29
N ILE E 72 -34.27 -4.56 -17.90
CA ILE E 72 -35.45 -3.70 -17.81
C ILE E 72 -36.68 -4.40 -18.40
N SER E 73 -36.50 -5.28 -19.41
CA SER E 73 -37.61 -6.03 -20.00
C SER E 73 -38.23 -7.02 -19.03
N ASP E 74 -37.40 -7.71 -18.24
CA ASP E 74 -37.89 -8.67 -17.25
C ASP E 74 -38.77 -7.97 -16.21
N VAL E 75 -38.35 -6.77 -15.77
CA VAL E 75 -39.04 -5.94 -14.78
C VAL E 75 -40.43 -5.56 -15.28
N LEU E 76 -40.50 -5.19 -16.55
CA LEU E 76 -41.77 -4.87 -17.17
C LEU E 76 -42.43 -6.19 -17.53
N ASN E 77 -43.01 -6.87 -16.55
CA ASN E 77 -43.66 -8.17 -16.73
C ASN E 77 -45.08 -8.04 -17.31
N ASP E 78 -45.20 -7.50 -18.52
CA ASP E 78 -46.46 -7.24 -19.20
C ASP E 78 -47.41 -6.36 -18.37
N ALA E 79 -46.82 -5.38 -17.67
CA ALA E 79 -47.53 -4.50 -16.76
C ALA E 79 -47.66 -3.13 -17.34
N ILE E 80 -48.16 -3.09 -18.57
CA ILE E 80 -48.42 -1.85 -19.24
C ILE E 80 -49.92 -1.86 -19.44
N PHE E 81 -50.55 -0.73 -19.22
CA PHE E 81 -51.97 -0.62 -19.37
C PHE E 81 -52.27 0.57 -20.25
N ASP E 82 -52.86 0.32 -21.41
CA ASP E 82 -53.22 1.38 -22.32
C ASP E 82 -54.42 2.04 -21.71
N GLU E 83 -54.26 3.20 -21.09
CA GLU E 83 -55.40 3.80 -20.42
C GLU E 83 -55.80 5.24 -20.77
N ASP E 84 -54.89 6.22 -20.80
CA ASP E 84 -55.30 7.63 -21.03
C ASP E 84 -56.08 8.24 -19.79
N HIS E 85 -55.54 8.03 -18.58
CA HIS E 85 -56.11 8.63 -17.37
C HIS E 85 -55.30 9.89 -17.35
N ASP E 86 -55.85 11.01 -17.79
CA ASP E 86 -55.09 12.26 -17.88
C ASP E 86 -54.81 12.87 -16.49
N GLU E 87 -53.90 12.22 -15.75
CA GLU E 87 -53.63 12.60 -14.38
C GLU E 87 -52.20 12.33 -13.97
N MET E 88 -51.71 13.08 -12.97
CA MET E 88 -50.37 12.86 -12.48
C MET E 88 -50.34 11.62 -11.57
N VAL E 89 -49.39 10.71 -11.82
CA VAL E 89 -49.22 9.50 -11.04
C VAL E 89 -47.91 9.60 -10.35
N ILE E 90 -47.90 9.55 -9.03
CA ILE E 90 -46.70 9.64 -8.22
C ILE E 90 -46.61 8.40 -7.33
N VAL E 91 -45.42 7.86 -7.15
CA VAL E 91 -45.17 6.84 -6.14
C VAL E 91 -43.99 7.39 -5.28
N LYS E 92 -44.32 7.86 -4.08
CA LYS E 92 -43.35 8.51 -3.20
C LYS E 92 -42.93 7.64 -2.01
N ASP E 93 -41.77 7.94 -1.41
CA ASP E 93 -41.18 7.27 -0.27
C ASP E 93 -40.78 5.84 -0.57
N ILE E 94 -40.24 5.60 -1.76
CA ILE E 94 -39.77 4.26 -2.10
C ILE E 94 -38.43 4.10 -1.41
N ASP E 95 -38.26 3.19 -0.44
CA ASP E 95 -36.95 3.02 0.21
C ASP E 95 -35.94 2.55 -0.81
N MET E 96 -34.77 3.14 -0.76
CA MET E 96 -33.74 2.88 -1.74
C MET E 96 -32.43 2.59 -0.99
N PHE E 97 -31.81 1.44 -1.32
CA PHE E 97 -30.53 1.03 -0.73
C PHE E 97 -29.58 0.76 -1.87
N SER E 98 -28.53 1.56 -1.96
CA SER E 98 -27.54 1.39 -3.01
C SER E 98 -26.14 1.34 -2.42
N MET E 99 -25.13 1.20 -3.27
CA MET E 99 -23.76 1.14 -2.82
C MET E 99 -22.95 2.08 -3.64
N CYS E 100 -22.22 2.95 -2.98
CA CYS E 100 -21.32 3.86 -3.61
C CYS E 100 -20.19 3.07 -4.36
N GLU E 101 -20.02 3.31 -5.68
CA GLU E 101 -18.94 2.67 -6.46
C GLU E 101 -17.59 3.25 -6.13
N HIS E 102 -17.52 4.40 -5.44
CA HIS E 102 -16.25 5.02 -5.12
C HIS E 102 -15.59 4.45 -3.85
N HIS E 103 -16.37 4.02 -2.85
CA HIS E 103 -15.81 3.51 -1.60
C HIS E 103 -16.32 2.14 -1.18
N LEU E 104 -17.28 1.55 -1.94
CA LEU E 104 -17.96 0.29 -1.64
C LEU E 104 -18.64 0.35 -0.28
N VAL E 105 -19.34 1.46 -0.03
CA VAL E 105 -20.09 1.61 1.23
C VAL E 105 -21.55 2.06 0.89
N PRO E 106 -22.60 1.70 1.67
CA PRO E 106 -23.96 2.08 1.25
C PRO E 106 -24.29 3.58 1.20
N PHE E 107 -25.25 3.89 0.36
CA PHE E 107 -25.93 5.18 0.30
C PHE E 107 -27.40 4.81 0.26
N VAL E 108 -28.12 5.23 1.30
CA VAL E 108 -29.49 4.81 1.51
C VAL E 108 -30.45 6.01 1.69
N GLY E 109 -31.65 5.91 1.15
CA GLY E 109 -32.63 6.97 1.26
C GLY E 109 -33.98 6.61 0.68
N LYS E 110 -34.61 7.57 -0.03
CA LYS E 110 -35.90 7.36 -0.68
C LYS E 110 -35.88 7.86 -2.14
N VAL E 111 -36.73 7.26 -2.98
CA VAL E 111 -36.98 7.67 -4.36
C VAL E 111 -38.46 8.10 -4.45
N HIS E 112 -38.72 9.24 -5.10
CA HIS E 112 -40.07 9.76 -5.34
C HIS E 112 -40.20 9.95 -6.86
N ILE E 113 -41.03 9.13 -7.49
CA ILE E 113 -41.20 9.15 -8.95
C ILE E 113 -42.59 9.71 -9.31
N GLY E 114 -42.67 10.46 -10.39
CA GLY E 114 -43.94 10.96 -10.90
C GLY E 114 -43.90 10.94 -12.41
N TYR E 115 -45.07 10.85 -13.03
CA TYR E 115 -45.16 10.92 -14.48
C TYR E 115 -46.52 11.37 -14.93
N LEU E 116 -46.63 11.85 -16.15
CA LEU E 116 -47.92 12.23 -16.70
C LEU E 116 -48.06 11.39 -17.92
N PRO E 117 -48.96 10.40 -17.89
CA PRO E 117 -49.08 9.47 -19.02
C PRO E 117 -49.58 10.08 -20.31
N ASN E 118 -49.23 9.44 -21.44
CA ASN E 118 -49.76 9.82 -22.73
C ASN E 118 -50.87 8.81 -23.00
N LYS E 119 -50.56 7.63 -23.59
CA LYS E 119 -51.56 6.61 -23.81
C LYS E 119 -51.40 5.38 -22.93
N GLN E 120 -50.28 5.26 -22.24
CA GLN E 120 -50.05 4.08 -21.41
C GLN E 120 -49.73 4.40 -19.96
N VAL E 121 -50.02 3.43 -19.11
CA VAL E 121 -49.84 3.55 -17.68
C VAL E 121 -49.02 2.36 -17.20
N LEU E 122 -48.18 2.56 -16.20
CA LEU E 122 -47.36 1.50 -15.66
C LEU E 122 -48.01 0.94 -14.40
N GLY E 123 -47.70 -0.31 -14.05
CA GLY E 123 -48.23 -0.90 -12.85
C GLY E 123 -47.50 -0.26 -11.69
N LEU E 124 -48.23 0.15 -10.67
CA LEU E 124 -47.64 0.85 -9.52
C LEU E 124 -46.37 0.25 -8.92
N SER E 125 -46.35 -1.05 -8.66
CA SER E 125 -45.19 -1.70 -8.08
C SER E 125 -43.99 -1.89 -9.00
N LYS E 126 -44.19 -1.69 -10.29
CA LYS E 126 -43.13 -1.82 -11.28
C LYS E 126 -42.22 -0.61 -11.24
N LEU E 127 -42.75 0.52 -10.77
CA LEU E 127 -42.01 1.75 -10.59
C LEU E 127 -40.94 1.50 -9.56
N ALA E 128 -41.32 0.82 -8.48
CA ALA E 128 -40.42 0.45 -7.41
C ALA E 128 -39.48 -0.67 -7.83
N ARG E 129 -39.87 -1.46 -8.83
CA ARG E 129 -39.03 -2.52 -9.33
C ARG E 129 -37.96 -1.95 -10.25
N ILE E 130 -38.24 -0.78 -10.83
CA ILE E 130 -37.30 -0.09 -11.68
C ILE E 130 -36.22 0.49 -10.76
N VAL E 131 -36.63 1.05 -9.63
CA VAL E 131 -35.68 1.53 -8.63
C VAL E 131 -34.73 0.39 -8.23
N GLU E 132 -35.29 -0.80 -8.02
CA GLU E 132 -34.51 -1.95 -7.61
C GLU E 132 -33.45 -2.40 -8.57
N ILE E 133 -33.66 -2.32 -9.90
CA ILE E 133 -32.66 -2.82 -10.87
C ILE E 133 -31.43 -1.98 -10.75
N TYR E 134 -31.60 -0.65 -10.75
CA TYR E 134 -30.52 0.30 -10.80
C TYR E 134 -29.90 0.56 -9.48
N SER E 135 -30.70 0.56 -8.39
CA SER E 135 -30.15 0.79 -7.08
C SER E 135 -29.34 -0.39 -6.56
N ARG E 136 -29.71 -1.64 -6.94
CA ARG E 136 -28.96 -2.82 -6.48
C ARG E 136 -27.73 -3.07 -7.36
N ARG E 137 -26.80 -2.11 -7.36
CA ARG E 137 -25.56 -2.11 -8.16
C ARG E 137 -24.58 -1.13 -7.56
N LEU E 138 -23.33 -1.13 -8.02
CA LEU E 138 -22.31 -0.18 -7.64
C LEU E 138 -22.68 1.08 -8.45
N GLN E 139 -23.00 2.16 -7.74
CA GLN E 139 -23.58 3.36 -8.33
C GLN E 139 -22.97 4.70 -7.95
N VAL E 140 -23.44 5.72 -8.67
CA VAL E 140 -23.34 7.14 -8.39
C VAL E 140 -24.79 7.65 -8.45
N GLN E 141 -25.20 8.41 -7.42
CA GLN E 141 -26.60 8.84 -7.27
C GLN E 141 -27.21 9.45 -8.55
N GLU E 142 -26.44 10.24 -9.30
CA GLU E 142 -26.84 10.92 -10.53
C GLU E 142 -27.14 9.93 -11.63
N ARG E 143 -26.36 8.85 -11.73
CA ARG E 143 -26.60 7.84 -12.75
C ARG E 143 -27.86 7.07 -12.36
N LEU E 144 -27.98 6.69 -11.06
CA LEU E 144 -29.18 6.03 -10.53
C LEU E 144 -30.47 6.83 -10.86
N THR E 145 -30.50 8.15 -10.53
CA THR E 145 -31.63 9.05 -10.83
C THR E 145 -31.97 9.07 -12.32
N LYS E 146 -30.96 9.23 -13.20
CA LYS E 146 -31.16 9.30 -14.65
C LYS E 146 -31.68 7.98 -15.22
N GLN E 147 -31.10 6.86 -14.80
CA GLN E 147 -31.47 5.53 -15.23
C GLN E 147 -32.94 5.21 -14.89
N ILE E 148 -33.46 5.64 -13.73
CA ILE E 148 -34.88 5.40 -13.41
C ILE E 148 -35.80 6.18 -14.34
N ALA E 149 -35.50 7.48 -14.59
CA ALA E 149 -36.28 8.37 -15.45
C ALA E 149 -36.26 7.91 -16.89
N VAL E 150 -35.11 7.45 -17.38
CA VAL E 150 -35.00 6.96 -18.76
C VAL E 150 -35.83 5.69 -18.93
N ALA E 151 -35.79 4.78 -17.95
CA ALA E 151 -36.56 3.54 -18.04
C ALA E 151 -38.06 3.81 -18.16
N ILE E 152 -38.60 4.75 -17.36
CA ILE E 152 -40.02 5.10 -17.45
C ILE E 152 -40.30 5.76 -18.80
N THR E 153 -39.43 6.69 -19.22
CA THR E 153 -39.62 7.43 -20.48
C THR E 153 -39.72 6.49 -21.68
N GLU E 154 -38.83 5.51 -21.74
CA GLU E 154 -38.81 4.58 -22.87
C GLU E 154 -39.89 3.54 -22.76
N ALA E 155 -40.32 3.16 -21.56
CA ALA E 155 -41.39 2.19 -21.40
C ALA E 155 -42.75 2.77 -21.77
N LEU E 156 -43.06 4.02 -21.32
CA LEU E 156 -44.40 4.57 -21.54
C LEU E 156 -44.54 5.66 -22.58
N ARG E 157 -43.43 6.32 -22.98
CA ARG E 157 -43.41 7.51 -23.87
C ARG E 157 -44.44 8.55 -23.38
N PRO E 158 -44.23 9.01 -22.12
CA PRO E 158 -45.25 9.86 -21.48
C PRO E 158 -45.12 11.34 -21.77
N ALA E 159 -46.06 12.16 -21.28
CA ALA E 159 -45.99 13.60 -21.44
C ALA E 159 -44.74 14.17 -20.73
N GLY E 160 -44.40 13.59 -19.58
CA GLY E 160 -43.26 13.97 -18.76
C GLY E 160 -43.02 13.02 -17.60
N VAL E 161 -41.85 13.19 -16.93
CA VAL E 161 -41.40 12.39 -15.78
C VAL E 161 -40.60 13.27 -14.81
N GLY E 162 -40.75 13.00 -13.52
CA GLY E 162 -39.98 13.63 -12.46
C GLY E 162 -39.46 12.50 -11.58
N VAL E 163 -38.16 12.48 -11.26
CA VAL E 163 -37.58 11.46 -10.38
C VAL E 163 -36.72 12.18 -9.34
N VAL E 164 -37.04 12.08 -8.05
CA VAL E 164 -36.26 12.73 -6.99
C VAL E 164 -35.71 11.67 -6.06
N VAL E 165 -34.38 11.67 -5.83
CA VAL E 165 -33.69 10.73 -4.95
C VAL E 165 -33.00 11.47 -3.81
N GLU E 166 -33.40 11.24 -2.55
CA GLU E 166 -32.74 11.82 -1.40
C GLU E 166 -32.02 10.67 -0.68
N ALA E 167 -30.72 10.77 -0.47
CA ALA E 167 -29.97 9.71 0.19
C ALA E 167 -28.89 10.25 1.13
N THR E 168 -28.50 9.43 2.12
CA THR E 168 -27.44 9.71 3.07
C THR E 168 -26.30 8.83 2.61
N HIS E 169 -25.13 9.42 2.31
CA HIS E 169 -23.98 8.62 1.90
C HIS E 169 -23.14 8.29 3.13
N MET E 170 -22.85 7.01 3.39
CA MET E 170 -22.01 6.63 4.53
C MET E 170 -20.60 7.16 4.35
N CYS E 171 -20.08 7.21 3.12
CA CYS E 171 -18.75 7.76 2.86
C CYS E 171 -18.66 9.29 3.18
N MET E 172 -19.80 9.96 3.44
CA MET E 172 -19.80 11.36 3.85
C MET E 172 -20.12 11.58 5.32
N VAL E 173 -20.63 10.54 6.00
CA VAL E 173 -21.09 10.59 7.37
C VAL E 173 -20.13 9.84 8.30
N MET E 174 -19.75 8.59 7.93
CA MET E 174 -18.86 7.71 8.69
C MET E 174 -17.37 8.05 8.58
N ARG E 175 -16.98 8.75 7.52
CA ARG E 175 -15.57 9.08 7.23
C ARG E 175 -15.50 10.37 6.37
N GLY E 176 -14.27 10.70 5.93
CA GLY E 176 -14.00 11.86 5.09
C GLY E 176 -14.43 13.15 5.72
N VAL E 177 -15.36 13.88 5.06
CA VAL E 177 -15.87 15.15 5.62
C VAL E 177 -16.59 14.96 6.96
N GLN E 178 -17.20 13.77 7.17
CA GLN E 178 -17.96 13.42 8.37
C GLN E 178 -19.02 14.46 8.67
N LYS E 179 -19.76 14.88 7.62
CA LYS E 179 -20.85 15.83 7.76
C LYS E 179 -22.11 15.00 8.05
N MET E 180 -22.23 14.69 9.34
CA MET E 180 -23.19 13.83 9.98
C MET E 180 -24.63 14.05 9.61
N ASN E 181 -25.03 15.27 9.30
CA ASN E 181 -26.42 15.58 8.96
C ASN E 181 -26.67 15.78 7.46
N SER E 182 -25.61 15.81 6.63
CA SER E 182 -25.80 16.06 5.20
C SER E 182 -26.62 14.96 4.47
N LYS E 183 -27.29 15.36 3.41
CA LYS E 183 -28.05 14.48 2.58
C LYS E 183 -27.92 14.97 1.16
N THR E 184 -27.82 14.07 0.20
CA THR E 184 -27.76 14.42 -1.21
C THR E 184 -29.15 14.25 -1.88
N VAL E 185 -29.65 15.28 -2.55
CA VAL E 185 -30.89 15.19 -3.30
C VAL E 185 -30.50 15.38 -4.79
N THR E 186 -30.84 14.44 -5.66
CA THR E 186 -30.63 14.55 -7.10
C THR E 186 -32.05 14.57 -7.70
N SER E 187 -32.23 15.31 -8.80
CA SER E 187 -33.56 15.50 -9.34
C SER E 187 -33.63 15.56 -10.88
N THR E 188 -34.34 14.61 -11.50
CA THR E 188 -34.52 14.62 -12.97
C THR E 188 -35.95 15.09 -13.34
N MET E 189 -36.08 16.07 -14.23
CA MET E 189 -37.36 16.58 -14.69
C MET E 189 -37.36 16.52 -16.22
N LEU E 190 -38.21 15.67 -16.82
CA LEU E 190 -38.29 15.47 -18.26
C LEU E 190 -39.65 15.84 -18.82
N GLY E 191 -39.67 16.23 -20.09
CA GLY E 191 -40.90 16.62 -20.77
C GLY E 191 -41.63 17.77 -20.11
N VAL E 192 -42.95 17.60 -19.89
CA VAL E 192 -43.80 18.61 -19.24
C VAL E 192 -43.36 18.89 -17.77
N PHE E 193 -42.71 17.93 -17.09
CA PHE E 193 -42.16 18.19 -15.75
C PHE E 193 -41.06 19.24 -15.80
N ARG E 194 -40.37 19.40 -16.95
CA ARG E 194 -39.40 20.46 -17.10
C ARG E 194 -40.04 21.75 -17.59
N GLU E 195 -40.83 21.66 -18.65
CA GLU E 195 -41.43 22.83 -19.28
C GLU E 195 -42.49 23.54 -18.47
N ASP E 196 -43.47 22.83 -17.91
CA ASP E 196 -44.56 23.48 -17.21
C ASP E 196 -44.24 23.80 -15.72
N PRO E 197 -44.30 25.10 -15.36
CA PRO E 197 -44.11 25.48 -13.95
C PRO E 197 -45.22 24.95 -13.03
N LYS E 198 -46.42 24.67 -13.57
CA LYS E 198 -47.53 24.18 -12.75
C LYS E 198 -47.31 22.67 -12.47
N THR E 199 -46.86 21.92 -13.52
CA THR E 199 -46.54 20.50 -13.42
C THR E 199 -45.44 20.29 -12.39
N ARG E 200 -44.31 21.02 -12.53
CA ARG E 200 -43.20 20.87 -11.58
C ARG E 200 -43.56 21.29 -10.12
N GLU E 201 -44.31 22.40 -9.91
CA GLU E 201 -44.71 22.79 -8.54
C GLU E 201 -45.61 21.71 -7.92
N GLU E 202 -46.53 21.14 -8.71
CA GLU E 202 -47.47 20.15 -8.23
C GLU E 202 -46.78 18.89 -7.79
N PHE E 203 -45.87 18.39 -8.62
CA PHE E 203 -45.10 17.21 -8.33
C PHE E 203 -44.27 17.39 -7.04
N LEU E 204 -43.53 18.50 -6.90
CA LEU E 204 -42.71 18.74 -5.74
C LEU E 204 -43.53 18.95 -4.48
N THR E 205 -44.74 19.48 -4.59
CA THR E 205 -45.61 19.65 -3.42
C THR E 205 -46.15 18.30 -2.96
N LEU E 206 -46.66 17.48 -3.91
CA LEU E 206 -47.30 16.20 -3.63
C LEU E 206 -46.36 15.10 -3.15
N ILE E 207 -45.04 15.21 -3.39
CA ILE E 207 -44.10 14.22 -2.86
C ILE E 207 -43.70 14.54 -1.40
N ARG E 208 -43.96 15.77 -0.93
CA ARG E 208 -43.59 16.25 0.41
C ARG E 208 -44.62 15.81 1.43
N PRO F 17 -1.72 -3.03 20.11
CA PRO F 17 -2.60 -2.22 19.26
C PRO F 17 -2.09 -2.09 17.82
N ARG F 18 -3.03 -1.93 16.87
CA ARG F 18 -2.71 -1.76 15.47
C ARG F 18 -1.98 -0.42 15.29
N SER F 19 -0.89 -0.41 14.53
CA SER F 19 -0.14 0.83 14.31
C SER F 19 -0.43 1.45 12.92
N GLU F 20 0.07 2.64 12.68
CA GLU F 20 -0.04 3.30 11.38
C GLU F 20 0.85 2.61 10.34
N GLU F 21 1.98 2.01 10.77
CA GLU F 21 2.84 1.26 9.84
C GLU F 21 2.16 -0.04 9.46
N ASP F 22 1.38 -0.69 10.36
CA ASP F 22 0.62 -1.89 10.01
C ASP F 22 -0.39 -1.56 8.91
N ASN F 23 -1.02 -0.37 8.99
CA ASN F 23 -1.98 0.13 8.02
C ASN F 23 -1.33 0.32 6.67
N GLU F 24 -0.13 0.94 6.61
CA GLU F 24 0.61 1.17 5.36
C GLU F 24 1.02 -0.16 4.76
N LEU F 25 1.45 -1.12 5.58
CA LEU F 25 1.89 -2.44 5.17
C LEU F 25 0.78 -3.28 4.56
N ASN F 26 -0.41 -3.27 5.17
CA ASN F 26 -1.54 -4.07 4.72
C ASN F 26 -2.42 -3.41 3.68
N LEU F 27 -2.23 -2.11 3.42
CA LEU F 27 -3.06 -1.40 2.44
C LEU F 27 -3.01 -2.01 1.04
N PRO F 28 -1.84 -2.40 0.47
CA PRO F 28 -1.85 -3.05 -0.85
C PRO F 28 -2.59 -4.39 -0.91
N ASN F 29 -2.54 -5.15 0.20
CA ASN F 29 -3.23 -6.43 0.30
C ASN F 29 -4.74 -6.25 0.36
N LEU F 30 -5.19 -5.19 1.05
CA LEU F 30 -6.59 -4.87 1.16
C LEU F 30 -7.10 -4.36 -0.20
N ALA F 31 -6.34 -3.49 -0.86
CA ALA F 31 -6.71 -2.97 -2.17
C ALA F 31 -6.85 -4.10 -3.21
N ALA F 32 -5.93 -5.09 -3.17
CA ALA F 32 -5.97 -6.23 -4.07
C ALA F 32 -7.21 -7.07 -3.84
N ALA F 33 -7.61 -7.26 -2.58
CA ALA F 33 -8.81 -8.03 -2.22
C ALA F 33 -10.06 -7.30 -2.71
N TYR F 34 -10.12 -5.96 -2.59
CA TYR F 34 -11.27 -5.20 -3.08
C TYR F 34 -11.35 -5.21 -4.60
N SER F 35 -10.19 -5.24 -5.31
CA SER F 35 -10.17 -5.35 -6.76
C SER F 35 -10.72 -6.74 -7.18
N SER F 36 -10.36 -7.79 -6.42
CA SER F 36 -10.84 -9.14 -6.65
C SER F 36 -12.36 -9.20 -6.46
N ILE F 37 -12.90 -8.48 -5.46
CA ILE F 37 -14.34 -8.42 -5.19
C ILE F 37 -15.06 -7.79 -6.36
N LEU F 38 -14.56 -6.67 -6.90
CA LEU F 38 -15.16 -6.00 -8.08
C LEU F 38 -15.27 -6.97 -9.27
N SER F 39 -14.22 -7.75 -9.53
CA SER F 39 -14.23 -8.73 -10.61
C SER F 39 -15.20 -9.87 -10.33
N SER F 40 -15.23 -10.37 -9.10
CA SER F 40 -16.11 -11.47 -8.72
C SER F 40 -17.60 -11.09 -8.72
N LEU F 41 -17.91 -9.80 -8.59
CA LEU F 41 -19.32 -9.36 -8.66
C LEU F 41 -19.83 -9.20 -10.11
N GLY F 42 -18.94 -9.32 -11.09
CA GLY F 42 -19.30 -9.12 -12.49
C GLY F 42 -18.97 -7.74 -13.02
N GLU F 43 -18.35 -6.90 -12.20
CA GLU F 43 -18.01 -5.55 -12.61
C GLU F 43 -16.66 -5.48 -13.38
N ASN F 44 -16.43 -4.38 -14.10
CA ASN F 44 -15.19 -4.16 -14.83
C ASN F 44 -14.33 -3.22 -13.99
N PRO F 45 -13.27 -3.75 -13.31
CA PRO F 45 -12.40 -2.87 -12.50
C PRO F 45 -11.64 -1.82 -13.29
N GLN F 46 -11.67 -1.90 -14.64
CA GLN F 46 -11.01 -0.94 -15.53
C GLN F 46 -11.87 0.26 -15.90
N ARG F 47 -13.19 0.20 -15.66
CA ARG F 47 -14.05 1.34 -15.98
C ARG F 47 -13.67 2.55 -15.11
N GLN F 48 -13.81 3.76 -15.69
CA GLN F 48 -13.44 5.04 -15.07
C GLN F 48 -13.83 5.18 -13.62
N GLY F 49 -15.09 4.90 -13.30
CA GLY F 49 -15.63 5.06 -11.95
C GLY F 49 -15.11 4.07 -10.93
N LEU F 50 -14.53 2.97 -11.39
CA LEU F 50 -14.01 1.95 -10.48
C LEU F 50 -12.51 1.90 -10.37
N LEU F 51 -11.77 2.70 -11.16
CA LEU F 51 -10.30 2.62 -11.15
C LEU F 51 -9.63 2.95 -9.81
N LYS F 52 -10.14 3.94 -9.06
CA LYS F 52 -9.53 4.27 -7.74
C LYS F 52 -10.26 3.58 -6.55
N THR F 53 -11.31 2.81 -6.82
CA THR F 53 -12.14 2.17 -5.80
C THR F 53 -11.40 1.18 -4.89
N PRO F 54 -10.54 0.26 -5.39
CA PRO F 54 -9.86 -0.68 -4.46
C PRO F 54 -9.07 -0.01 -3.34
N TRP F 55 -8.43 1.11 -3.64
CA TRP F 55 -7.66 1.85 -2.66
C TRP F 55 -8.53 2.70 -1.74
N ARG F 56 -9.60 3.31 -2.29
CA ARG F 56 -10.51 4.14 -1.52
C ARG F 56 -11.34 3.30 -0.53
N ALA F 57 -11.69 2.06 -0.92
CA ALA F 57 -12.43 1.11 -0.11
C ALA F 57 -11.52 0.50 0.94
N ALA F 58 -10.24 0.25 0.63
CA ALA F 58 -9.28 -0.29 1.58
C ALA F 58 -9.00 0.75 2.67
N SER F 59 -8.85 2.02 2.27
CA SER F 59 -8.62 3.15 3.16
C SER F 59 -9.83 3.41 4.04
N ALA F 60 -11.04 3.30 3.48
CA ALA F 60 -12.28 3.50 4.23
C ALA F 60 -12.39 2.43 5.30
N MET F 61 -12.16 1.15 4.94
CA MET F 61 -12.20 0.04 5.88
C MET F 61 -11.23 0.18 7.07
N GLN F 62 -10.03 0.74 6.84
CA GLN F 62 -9.04 0.96 7.91
C GLN F 62 -9.50 2.09 8.81
N PHE F 63 -10.14 3.14 8.26
CA PHE F 63 -10.65 4.23 9.08
C PHE F 63 -11.80 3.68 9.96
N PHE F 64 -12.70 2.84 9.36
CA PHE F 64 -13.81 2.19 10.08
C PHE F 64 -13.34 1.31 11.21
N THR F 65 -12.08 0.79 11.15
CA THR F 65 -11.54 -0.08 12.16
C THR F 65 -10.38 0.56 12.92
N LYS F 66 -10.27 1.91 12.93
CA LYS F 66 -9.21 2.63 13.64
C LYS F 66 -9.22 2.47 15.17
N GLY F 67 -10.29 1.88 15.73
CA GLY F 67 -10.39 1.64 17.16
C GLY F 67 -9.37 0.64 17.65
N TYR F 68 -8.96 -0.31 16.79
CA TYR F 68 -7.91 -1.30 17.07
C TYR F 68 -6.54 -0.68 17.32
N GLN F 69 -6.33 0.58 16.91
CA GLN F 69 -5.09 1.30 17.12
C GLN F 69 -5.03 2.05 18.48
N GLU F 70 -6.18 2.18 19.16
CA GLU F 70 -6.27 2.95 20.39
C GLU F 70 -6.34 2.13 21.66
N THR F 71 -5.90 2.73 22.77
CA THR F 71 -6.00 2.15 24.11
C THR F 71 -6.69 3.15 25.05
N ILE F 72 -7.54 2.67 25.99
CA ILE F 72 -8.25 3.56 26.93
C ILE F 72 -7.33 4.57 27.61
N SER F 73 -6.22 4.10 28.18
CA SER F 73 -5.24 4.94 28.86
C SER F 73 -4.75 6.10 28.00
N ASP F 74 -4.47 5.84 26.71
CA ASP F 74 -4.00 6.88 25.80
C ASP F 74 -5.11 7.89 25.47
N VAL F 75 -6.26 7.40 25.04
CA VAL F 75 -7.44 8.17 24.66
C VAL F 75 -7.87 9.20 25.74
N LEU F 76 -7.83 8.76 26.99
CA LEU F 76 -8.29 9.56 28.12
C LEU F 76 -7.41 10.79 28.40
N ASN F 77 -6.21 10.88 27.79
CA ASN F 77 -5.24 11.98 27.87
C ASN F 77 -5.08 12.63 29.27
N ASP F 78 -5.19 11.84 30.35
CA ASP F 78 -5.07 12.35 31.72
C ASP F 78 -6.14 13.38 32.07
N ALA F 79 -7.28 13.36 31.38
CA ALA F 79 -8.35 14.31 31.64
C ALA F 79 -9.33 13.75 32.68
N ILE F 80 -8.79 13.25 33.80
CA ILE F 80 -9.59 12.74 34.92
C ILE F 80 -9.38 13.72 36.06
N PHE F 81 -10.37 14.60 36.31
CA PHE F 81 -10.29 15.64 37.33
C PHE F 81 -10.74 15.15 38.70
N ASP F 82 -10.22 15.78 39.76
CA ASP F 82 -10.57 15.38 41.13
C ASP F 82 -11.75 16.15 41.73
N GLU F 83 -12.53 16.87 40.90
CA GLU F 83 -13.69 17.62 41.38
C GLU F 83 -14.77 16.68 41.92
N ASP F 84 -15.15 16.88 43.20
CA ASP F 84 -16.13 16.04 43.90
C ASP F 84 -17.52 16.65 43.73
N HIS F 85 -18.16 16.33 42.59
CA HIS F 85 -19.47 16.84 42.20
C HIS F 85 -20.56 15.79 42.39
N ASP F 86 -21.48 16.02 43.32
CA ASP F 86 -22.54 15.07 43.60
C ASP F 86 -23.72 15.22 42.60
N GLU F 87 -23.45 15.14 41.30
CA GLU F 87 -24.47 15.35 40.28
C GLU F 87 -24.38 14.38 39.12
N MET F 88 -25.51 14.18 38.43
CA MET F 88 -25.56 13.31 37.27
C MET F 88 -25.01 14.05 36.07
N VAL F 89 -24.08 13.42 35.35
CA VAL F 89 -23.45 14.00 34.18
C VAL F 89 -23.79 13.12 33.00
N ILE F 90 -24.35 13.71 31.96
CA ILE F 90 -24.77 12.99 30.77
C ILE F 90 -24.18 13.62 29.52
N VAL F 91 -23.82 12.80 28.54
CA VAL F 91 -23.43 13.25 27.21
C VAL F 91 -24.35 12.42 26.28
N LYS F 92 -25.34 13.10 25.68
CA LYS F 92 -26.31 12.43 24.84
C LYS F 92 -26.14 12.75 23.37
N ASP F 93 -26.72 11.92 22.53
CA ASP F 93 -26.72 12.05 21.08
C ASP F 93 -25.35 12.04 20.48
N ILE F 94 -24.46 11.19 21.00
CA ILE F 94 -23.12 11.04 20.43
C ILE F 94 -23.27 10.18 19.19
N ASP F 95 -23.07 10.73 17.99
CA ASP F 95 -23.14 9.95 16.75
C ASP F 95 -22.15 8.81 16.79
N MET F 96 -22.63 7.61 16.48
CA MET F 96 -21.90 6.36 16.55
C MET F 96 -21.99 5.66 15.19
N PHE F 97 -20.87 5.22 14.66
CA PHE F 97 -20.80 4.51 13.38
C PHE F 97 -19.92 3.28 13.60
N SER F 98 -20.53 2.07 13.54
CA SER F 98 -19.77 0.83 13.74
C SER F 98 -19.93 -0.09 12.50
N MET F 99 -19.27 -1.25 12.54
CA MET F 99 -19.30 -2.23 11.47
C MET F 99 -19.84 -3.51 12.02
N CYS F 100 -20.75 -4.13 11.30
CA CYS F 100 -21.26 -5.42 11.71
C CYS F 100 -20.15 -6.48 11.41
N GLU F 101 -19.72 -7.22 12.44
CA GLU F 101 -18.71 -8.25 12.25
C GLU F 101 -19.28 -9.47 11.48
N HIS F 102 -20.63 -9.62 11.39
CA HIS F 102 -21.22 -10.77 10.71
C HIS F 102 -21.37 -10.58 9.21
N HIS F 103 -21.62 -9.33 8.77
CA HIS F 103 -21.86 -9.06 7.37
C HIS F 103 -20.94 -8.00 6.76
N LEU F 104 -20.13 -7.33 7.59
CA LEU F 104 -19.24 -6.24 7.15
C LEU F 104 -20.01 -5.08 6.56
N VAL F 105 -21.19 -4.79 7.13
CA VAL F 105 -22.00 -3.64 6.71
C VAL F 105 -22.21 -2.75 7.92
N PRO F 106 -22.28 -1.42 7.73
CA PRO F 106 -22.42 -0.53 8.89
C PRO F 106 -23.68 -0.68 9.74
N PHE F 107 -23.55 -0.34 11.04
CA PHE F 107 -24.64 -0.15 12.00
C PHE F 107 -24.36 1.19 12.65
N VAL F 108 -25.25 2.15 12.44
CA VAL F 108 -25.05 3.52 12.82
C VAL F 108 -26.20 4.01 13.69
N GLY F 109 -25.90 4.95 14.59
CA GLY F 109 -26.89 5.47 15.49
C GLY F 109 -26.32 6.51 16.43
N LYS F 110 -26.73 6.45 17.71
CA LYS F 110 -26.36 7.39 18.76
C LYS F 110 -26.05 6.62 20.06
N VAL F 111 -25.21 7.19 20.90
CA VAL F 111 -24.90 6.63 22.21
C VAL F 111 -25.21 7.73 23.23
N HIS F 112 -25.82 7.35 24.36
CA HIS F 112 -26.13 8.30 25.41
C HIS F 112 -25.52 7.74 26.65
N ILE F 113 -24.62 8.50 27.25
CA ILE F 113 -23.92 8.05 28.44
C ILE F 113 -24.29 8.91 29.64
N GLY F 114 -24.35 8.29 30.80
CA GLY F 114 -24.60 9.00 32.04
C GLY F 114 -23.81 8.38 33.15
N TYR F 115 -23.42 9.18 34.14
CA TYR F 115 -22.70 8.65 35.29
C TYR F 115 -22.88 9.53 36.51
N LEU F 116 -22.65 8.96 37.69
CA LEU F 116 -22.67 9.66 38.96
C LEU F 116 -21.31 9.49 39.58
N PRO F 117 -20.45 10.52 39.52
CA PRO F 117 -19.07 10.36 40.03
C PRO F 117 -18.95 10.24 41.53
N ASN F 118 -17.80 9.74 42.01
CA ASN F 118 -17.52 9.66 43.44
C ASN F 118 -16.52 10.79 43.73
N LYS F 119 -15.26 10.59 43.36
CA LYS F 119 -14.20 11.55 43.60
C LYS F 119 -13.58 12.05 42.29
N GLN F 120 -13.65 11.23 41.23
CA GLN F 120 -13.11 11.56 39.92
C GLN F 120 -14.23 11.81 38.87
N VAL F 121 -14.04 12.88 38.10
CA VAL F 121 -14.88 13.35 37.00
C VAL F 121 -14.05 13.28 35.70
N LEU F 122 -14.63 12.83 34.60
CA LEU F 122 -13.92 12.74 33.32
C LEU F 122 -14.19 13.99 32.49
N GLY F 123 -13.24 14.39 31.63
CA GLY F 123 -13.47 15.49 30.70
C GLY F 123 -14.52 15.07 29.68
N LEU F 124 -15.57 15.89 29.47
CA LEU F 124 -16.73 15.56 28.62
C LEU F 124 -16.43 14.88 27.27
N SER F 125 -15.52 15.43 26.45
CA SER F 125 -15.23 14.85 25.13
C SER F 125 -14.64 13.47 25.18
N LYS F 126 -14.03 13.08 26.34
CA LYS F 126 -13.39 11.77 26.47
C LYS F 126 -14.41 10.64 26.47
N LEU F 127 -15.66 10.90 26.90
CA LEU F 127 -16.75 9.95 26.81
C LEU F 127 -17.06 9.65 25.33
N ALA F 128 -17.04 10.68 24.45
CA ALA F 128 -17.24 10.48 23.00
C ALA F 128 -16.02 9.73 22.39
N ARG F 129 -14.81 9.94 22.93
CA ARG F 129 -13.61 9.21 22.49
C ARG F 129 -13.65 7.74 22.95
N ILE F 130 -14.30 7.45 24.10
CA ILE F 130 -14.50 6.08 24.58
C ILE F 130 -15.48 5.40 23.58
N VAL F 131 -16.52 6.12 23.09
CA VAL F 131 -17.43 5.59 22.10
C VAL F 131 -16.62 5.26 20.81
N GLU F 132 -15.73 6.17 20.38
CA GLU F 132 -14.85 5.98 19.23
C GLU F 132 -13.91 4.78 19.32
N ILE F 133 -13.29 4.47 20.47
CA ILE F 133 -12.38 3.32 20.59
C ILE F 133 -13.07 2.04 20.18
N TYR F 134 -14.28 1.82 20.73
CA TYR F 134 -15.00 0.58 20.61
C TYR F 134 -15.89 0.49 19.38
N SER F 135 -16.50 1.61 18.98
CA SER F 135 -17.38 1.62 17.82
C SER F 135 -16.60 1.53 16.48
N ARG F 136 -15.37 2.06 16.42
CA ARG F 136 -14.58 1.99 15.19
C ARG F 136 -13.86 0.64 15.12
N ARG F 137 -14.62 -0.46 15.23
CA ARG F 137 -14.13 -1.84 15.21
C ARG F 137 -15.18 -2.73 14.57
N LEU F 138 -14.85 -4.02 14.28
CA LEU F 138 -15.85 -4.99 13.78
C LEU F 138 -16.59 -5.49 15.05
N GLN F 139 -17.88 -5.17 15.16
CA GLN F 139 -18.63 -5.33 16.39
C GLN F 139 -19.98 -6.04 16.36
N VAL F 140 -20.50 -6.28 17.57
CA VAL F 140 -21.86 -6.63 17.89
C VAL F 140 -22.32 -5.47 18.82
N GLN F 141 -23.57 -5.01 18.71
CA GLN F 141 -24.05 -3.89 19.52
C GLN F 141 -23.98 -4.12 21.02
N GLU F 142 -24.15 -5.38 21.45
CA GLU F 142 -24.16 -5.72 22.88
C GLU F 142 -22.75 -5.58 23.45
N ARG F 143 -21.73 -6.08 22.69
CA ARG F 143 -20.34 -5.96 23.12
C ARG F 143 -19.94 -4.50 23.17
N LEU F 144 -20.28 -3.74 22.15
CA LEU F 144 -19.99 -2.31 22.09
C LEU F 144 -20.52 -1.55 23.33
N THR F 145 -21.76 -1.84 23.72
CA THR F 145 -22.43 -1.23 24.86
C THR F 145 -21.71 -1.54 26.17
N LYS F 146 -21.34 -2.81 26.39
CA LYS F 146 -20.66 -3.19 27.61
C LYS F 146 -19.27 -2.55 27.69
N GLN F 147 -18.53 -2.51 26.57
CA GLN F 147 -17.18 -1.95 26.55
C GLN F 147 -17.17 -0.49 26.98
N ILE F 148 -18.13 0.33 26.51
CA ILE F 148 -18.22 1.72 26.93
C ILE F 148 -18.49 1.79 28.45
N ALA F 149 -19.50 1.05 28.94
CA ALA F 149 -19.86 1.02 30.36
C ALA F 149 -18.74 0.58 31.29
N VAL F 150 -18.04 -0.48 30.92
CA VAL F 150 -16.90 -1.01 31.69
C VAL F 150 -15.69 -0.06 31.62
N ALA F 151 -15.46 0.62 30.47
CA ALA F 151 -14.33 1.56 30.39
C ALA F 151 -14.52 2.72 31.38
N ILE F 152 -15.75 3.26 31.46
CA ILE F 152 -16.11 4.34 32.37
C ILE F 152 -16.02 3.91 33.84
N THR F 153 -16.45 2.69 34.11
CA THR F 153 -16.51 2.15 35.46
C THR F 153 -15.13 1.92 36.02
N GLU F 154 -14.22 1.37 35.20
CA GLU F 154 -12.87 1.09 35.67
C GLU F 154 -12.02 2.35 35.78
N ALA F 155 -12.20 3.31 34.87
CA ALA F 155 -11.42 4.54 34.90
C ALA F 155 -11.86 5.53 35.98
N LEU F 156 -13.16 5.65 36.26
CA LEU F 156 -13.63 6.62 37.25
C LEU F 156 -14.06 6.05 38.57
N ARG F 157 -14.37 4.74 38.61
CA ARG F 157 -14.93 4.05 39.79
C ARG F 157 -16.13 4.83 40.38
N PRO F 158 -17.16 5.09 39.56
CA PRO F 158 -18.26 5.94 40.03
C PRO F 158 -19.32 5.20 40.83
N ALA F 159 -20.29 5.97 41.35
CA ALA F 159 -21.44 5.42 42.06
C ALA F 159 -22.36 4.65 41.08
N GLY F 160 -22.37 5.03 39.80
CA GLY F 160 -23.15 4.38 38.77
C GLY F 160 -22.85 4.90 37.38
N VAL F 161 -23.25 4.13 36.33
CA VAL F 161 -23.09 4.42 34.90
C VAL F 161 -24.32 3.86 34.17
N GLY F 162 -24.76 4.56 33.13
CA GLY F 162 -25.84 4.15 32.24
C GLY F 162 -25.36 4.40 30.83
N VAL F 163 -25.50 3.42 29.93
CA VAL F 163 -25.11 3.55 28.53
C VAL F 163 -26.25 3.00 27.70
N VAL F 164 -26.81 3.80 26.79
CA VAL F 164 -27.85 3.34 25.89
C VAL F 164 -27.31 3.53 24.47
N VAL F 165 -27.31 2.47 23.64
CA VAL F 165 -26.90 2.58 22.25
C VAL F 165 -28.15 2.37 21.38
N GLU F 166 -28.39 3.25 20.40
CA GLU F 166 -29.56 3.16 19.53
C GLU F 166 -29.00 3.07 18.12
N ALA F 167 -29.27 1.99 17.34
CA ALA F 167 -28.68 1.89 16.00
C ALA F 167 -29.55 1.22 14.93
N THR F 168 -29.31 1.56 13.66
CA THR F 168 -29.97 0.95 12.53
C THR F 168 -28.94 0.04 11.92
N HIS F 169 -29.23 -1.24 11.83
CA HIS F 169 -28.31 -2.20 11.25
C HIS F 169 -28.59 -2.33 9.75
N MET F 170 -27.64 -1.92 8.89
CA MET F 170 -27.86 -2.01 7.45
C MET F 170 -28.16 -3.43 6.98
N CYS F 171 -27.68 -4.45 7.70
CA CYS F 171 -27.94 -5.85 7.35
C CYS F 171 -29.37 -6.31 7.65
N MET F 172 -30.16 -5.51 8.40
CA MET F 172 -31.59 -5.83 8.62
C MET F 172 -32.54 -4.97 7.76
N VAL F 173 -32.02 -3.90 7.16
CA VAL F 173 -32.73 -2.89 6.41
C VAL F 173 -32.50 -3.03 4.88
N MET F 174 -31.24 -3.22 4.47
CA MET F 174 -30.91 -3.38 3.05
C MET F 174 -31.05 -4.83 2.57
N ARG F 175 -31.24 -5.80 3.48
CA ARG F 175 -31.23 -7.24 3.16
C ARG F 175 -31.85 -8.07 4.31
N GLY F 176 -31.87 -9.39 4.13
CA GLY F 176 -32.39 -10.31 5.14
C GLY F 176 -33.85 -10.06 5.41
N VAL F 177 -34.20 -9.68 6.65
CA VAL F 177 -35.58 -9.41 7.00
C VAL F 177 -36.17 -8.16 6.32
N GLN F 178 -35.30 -7.23 5.84
CA GLN F 178 -35.69 -5.96 5.20
C GLN F 178 -36.79 -5.23 6.01
N LYS F 179 -36.58 -5.12 7.34
CA LYS F 179 -37.50 -4.42 8.22
C LYS F 179 -36.95 -3.00 8.31
N MET F 180 -37.20 -2.24 7.24
CA MET F 180 -36.73 -0.89 6.97
C MET F 180 -36.94 0.16 8.04
N ASN F 181 -37.80 -0.08 9.02
CA ASN F 181 -38.04 0.89 10.08
C ASN F 181 -37.47 0.46 11.45
N SER F 182 -36.94 -0.77 11.55
CA SER F 182 -36.48 -1.28 12.81
C SER F 182 -35.14 -0.69 13.30
N LYS F 183 -35.05 -0.60 14.62
CA LYS F 183 -33.86 -0.08 15.26
C LYS F 183 -33.54 -0.94 16.48
N THR F 184 -32.25 -1.17 16.76
CA THR F 184 -31.86 -1.92 17.94
C THR F 184 -31.45 -0.96 19.02
N VAL F 185 -32.02 -1.10 20.22
CA VAL F 185 -31.67 -0.32 21.38
C VAL F 185 -31.06 -1.28 22.41
N THR F 186 -29.88 -0.96 22.95
CA THR F 186 -29.24 -1.80 23.98
C THR F 186 -28.91 -0.90 25.14
N SER F 187 -29.06 -1.41 26.37
CA SER F 187 -28.88 -0.54 27.52
C SER F 187 -28.20 -1.19 28.72
N THR F 188 -27.10 -0.60 29.19
CA THR F 188 -26.36 -1.11 30.38
C THR F 188 -26.57 -0.16 31.52
N MET F 189 -26.93 -0.65 32.71
CA MET F 189 -27.17 0.17 33.88
C MET F 189 -26.38 -0.46 35.00
N LEU F 190 -25.39 0.26 35.55
CA LEU F 190 -24.51 -0.23 36.60
C LEU F 190 -24.60 0.63 37.83
N GLY F 191 -24.37 0.04 39.00
CA GLY F 191 -24.39 0.72 40.29
C GLY F 191 -25.73 1.34 40.62
N VAL F 192 -25.75 2.58 41.11
CA VAL F 192 -26.98 3.31 41.45
C VAL F 192 -27.93 3.47 40.24
N PHE F 193 -27.44 3.45 38.99
CA PHE F 193 -28.35 3.48 37.81
C PHE F 193 -29.17 2.19 37.74
N ARG F 194 -28.66 1.08 38.28
CA ARG F 194 -29.37 -0.18 38.33
C ARG F 194 -30.28 -0.21 39.57
N GLU F 195 -29.72 0.02 40.76
CA GLU F 195 -30.43 -0.08 42.03
C GLU F 195 -31.50 0.95 42.33
N ASP F 196 -31.25 2.24 42.04
CA ASP F 196 -32.19 3.28 42.43
C ASP F 196 -33.15 3.56 41.32
N PRO F 197 -34.47 3.44 41.59
CA PRO F 197 -35.46 3.72 40.53
C PRO F 197 -35.51 5.20 40.10
N LYS F 198 -35.14 6.11 41.04
CA LYS F 198 -35.16 7.52 40.79
C LYS F 198 -34.04 7.90 39.84
N THR F 199 -32.85 7.29 40.03
CA THR F 199 -31.70 7.49 39.22
C THR F 199 -31.97 7.03 37.80
N ARG F 200 -32.43 5.77 37.63
CA ARG F 200 -32.67 5.25 36.27
C ARG F 200 -33.76 6.03 35.54
N GLU F 201 -34.75 6.49 36.29
CA GLU F 201 -35.83 7.26 35.71
C GLU F 201 -35.38 8.62 35.23
N GLU F 202 -34.56 9.31 36.01
CA GLU F 202 -34.00 10.60 35.65
C GLU F 202 -33.01 10.51 34.46
N PHE F 203 -32.18 9.47 34.42
CA PHE F 203 -31.26 9.29 33.30
C PHE F 203 -32.04 9.09 31.98
N LEU F 204 -32.97 8.11 31.95
CA LEU F 204 -33.81 7.82 30.79
C LEU F 204 -34.63 9.01 30.33
N THR F 205 -35.03 9.90 31.24
CA THR F 205 -35.79 11.08 30.88
C THR F 205 -34.87 12.13 30.30
N LEU F 206 -33.72 12.42 30.96
CA LEU F 206 -32.82 13.46 30.50
C LEU F 206 -32.10 13.16 29.18
N ILE F 207 -32.06 11.90 28.74
CA ILE F 207 -31.47 11.56 27.43
C ILE F 207 -32.47 11.72 26.28
N ARG F 208 -33.78 11.90 26.57
CA ARG F 208 -34.78 12.04 25.51
C ARG F 208 -34.66 13.41 24.81
N PRO G 17 -46.24 -29.23 8.95
CA PRO G 17 -46.16 -27.89 8.36
C PRO G 17 -46.39 -27.89 6.86
N ARG G 18 -46.90 -26.76 6.35
CA ARG G 18 -47.20 -26.61 4.94
C ARG G 18 -45.94 -26.68 4.08
N SER G 19 -46.00 -27.38 2.96
CA SER G 19 -44.84 -27.53 2.07
C SER G 19 -45.03 -26.79 0.73
N GLU G 20 -43.95 -26.67 -0.06
CA GLU G 20 -44.03 -26.05 -1.38
C GLU G 20 -44.84 -26.92 -2.36
N GLU G 21 -44.86 -28.26 -2.13
CA GLU G 21 -45.64 -29.21 -2.92
C GLU G 21 -47.13 -28.96 -2.65
N ASP G 22 -47.50 -28.71 -1.38
CA ASP G 22 -48.87 -28.38 -0.97
C ASP G 22 -49.31 -27.10 -1.66
N ASN G 23 -48.42 -26.09 -1.75
CA ASN G 23 -48.73 -24.82 -2.39
C ASN G 23 -49.00 -24.97 -3.89
N GLU G 24 -48.22 -25.79 -4.59
CA GLU G 24 -48.43 -26.00 -6.03
C GLU G 24 -49.76 -26.74 -6.27
N LEU G 25 -50.08 -27.70 -5.39
CA LEU G 25 -51.29 -28.53 -5.41
C LEU G 25 -52.54 -27.72 -5.14
N ASN G 26 -52.49 -26.81 -4.16
CA ASN G 26 -53.66 -26.03 -3.77
C ASN G 26 -53.84 -24.71 -4.52
N LEU G 27 -52.83 -24.27 -5.29
CA LEU G 27 -52.95 -23.03 -6.04
C LEU G 27 -54.14 -23.01 -7.01
N PRO G 28 -54.37 -24.07 -7.82
CA PRO G 28 -55.53 -24.05 -8.73
C PRO G 28 -56.88 -23.98 -7.99
N ASN G 29 -56.96 -24.60 -6.81
CA ASN G 29 -58.18 -24.59 -6.00
C ASN G 29 -58.45 -23.22 -5.43
N LEU G 30 -57.38 -22.49 -5.04
CA LEU G 30 -57.47 -21.15 -4.51
C LEU G 30 -57.87 -20.22 -5.63
N ALA G 31 -57.25 -20.34 -6.82
CA ALA G 31 -57.59 -19.48 -7.95
C ALA G 31 -59.06 -19.67 -8.39
N ALA G 32 -59.56 -20.90 -8.33
CA ALA G 32 -60.94 -21.20 -8.70
C ALA G 32 -61.91 -20.54 -7.72
N ALA G 33 -61.57 -20.55 -6.42
CA ALA G 33 -62.41 -19.94 -5.39
C ALA G 33 -62.44 -18.40 -5.57
N TYR G 34 -61.30 -17.80 -5.92
CA TYR G 34 -61.23 -16.35 -6.14
C TYR G 34 -61.99 -15.95 -7.40
N SER G 35 -61.97 -16.81 -8.44
CA SER G 35 -62.73 -16.55 -9.67
C SER G 35 -64.24 -16.56 -9.35
N SER G 36 -64.66 -17.54 -8.51
CA SER G 36 -66.04 -17.67 -8.05
C SER G 36 -66.47 -16.43 -7.27
N ILE G 37 -65.57 -15.87 -6.44
CA ILE G 37 -65.86 -14.68 -5.63
C ILE G 37 -66.13 -13.49 -6.54
N LEU G 38 -65.29 -13.31 -7.58
CA LEU G 38 -65.40 -12.24 -8.58
C LEU G 38 -66.77 -12.27 -9.26
N SER G 39 -67.29 -13.44 -9.59
CA SER G 39 -68.61 -13.63 -10.20
C SER G 39 -69.75 -13.38 -9.19
N SER G 40 -69.60 -13.90 -7.96
CA SER G 40 -70.61 -13.75 -6.92
C SER G 40 -70.76 -12.31 -6.44
N LEU G 41 -69.74 -11.46 -6.63
CA LEU G 41 -69.85 -10.05 -6.24
C LEU G 41 -70.56 -9.18 -7.31
N GLY G 42 -70.86 -9.76 -8.47
CA GLY G 42 -71.46 -9.05 -9.58
C GLY G 42 -70.44 -8.50 -10.56
N GLU G 43 -69.16 -8.86 -10.40
CA GLU G 43 -68.11 -8.40 -11.29
C GLU G 43 -67.95 -9.33 -12.51
N ASN G 44 -67.27 -8.84 -13.56
CA ASN G 44 -67.04 -9.61 -14.77
C ASN G 44 -65.62 -10.12 -14.72
N PRO G 45 -65.42 -11.42 -14.46
CA PRO G 45 -64.05 -11.95 -14.38
C PRO G 45 -63.23 -11.90 -15.67
N GLN G 46 -63.88 -11.58 -16.80
CA GLN G 46 -63.20 -11.50 -18.10
C GLN G 46 -62.74 -10.08 -18.48
N ARG G 47 -62.99 -9.05 -17.64
CA ARG G 47 -62.49 -7.68 -17.88
C ARG G 47 -60.97 -7.70 -17.96
N GLN G 48 -60.33 -6.74 -18.66
CA GLN G 48 -58.86 -6.64 -18.72
C GLN G 48 -58.23 -6.69 -17.32
N GLY G 49 -58.67 -5.78 -16.44
CA GLY G 49 -58.17 -5.64 -15.08
C GLY G 49 -58.47 -6.77 -14.12
N LEU G 50 -59.51 -7.55 -14.40
CA LEU G 50 -59.90 -8.66 -13.53
C LEU G 50 -59.48 -10.05 -14.04
N LEU G 51 -58.79 -10.11 -15.19
CA LEU G 51 -58.38 -11.35 -15.86
C LEU G 51 -57.43 -12.25 -15.07
N LYS G 52 -56.29 -11.73 -14.61
CA LYS G 52 -55.31 -12.52 -13.87
C LYS G 52 -55.52 -12.49 -12.35
N THR G 53 -56.52 -11.74 -11.85
CA THR G 53 -56.80 -11.61 -10.41
C THR G 53 -56.93 -12.98 -9.70
N PRO G 54 -57.69 -14.00 -10.18
CA PRO G 54 -57.77 -15.26 -9.44
C PRO G 54 -56.43 -15.89 -9.06
N TRP G 55 -55.47 -15.87 -9.97
CA TRP G 55 -54.17 -16.43 -9.71
C TRP G 55 -53.30 -15.55 -8.81
N ARG G 56 -53.46 -14.24 -8.95
CA ARG G 56 -52.70 -13.28 -8.16
C ARG G 56 -53.21 -13.16 -6.74
N ALA G 57 -54.52 -13.23 -6.58
CA ALA G 57 -55.12 -13.16 -5.26
C ALA G 57 -54.82 -14.44 -4.51
N ALA G 58 -54.79 -15.55 -5.25
CA ALA G 58 -54.50 -16.84 -4.65
C ALA G 58 -53.04 -16.94 -4.17
N SER G 59 -52.06 -16.49 -4.98
CA SER G 59 -50.67 -16.57 -4.59
C SER G 59 -50.29 -15.52 -3.57
N ALA G 60 -50.97 -14.35 -3.55
CA ALA G 60 -50.75 -13.37 -2.50
C ALA G 60 -51.22 -13.96 -1.16
N MET G 61 -52.35 -14.69 -1.15
CA MET G 61 -52.92 -15.38 0.01
C MET G 61 -52.02 -16.53 0.50
N GLN G 62 -51.27 -17.20 -0.39
CA GLN G 62 -50.30 -18.22 0.03
C GLN G 62 -49.14 -17.50 0.75
N PHE G 63 -48.70 -16.35 0.22
CA PHE G 63 -47.63 -15.57 0.79
C PHE G 63 -48.01 -14.98 2.14
N PHE G 64 -49.27 -14.51 2.31
CA PHE G 64 -49.70 -13.94 3.60
C PHE G 64 -49.85 -14.99 4.69
N THR G 65 -49.76 -16.27 4.32
CA THR G 65 -50.00 -17.43 5.12
C THR G 65 -48.73 -18.38 5.14
N LYS G 66 -47.57 -17.93 4.57
CA LYS G 66 -46.27 -18.62 4.71
C LYS G 66 -45.93 -18.44 6.21
N GLY G 67 -45.37 -19.43 6.86
CA GLY G 67 -45.20 -19.33 8.31
C GLY G 67 -45.87 -20.50 8.95
N TYR G 68 -46.95 -21.03 8.32
CA TYR G 68 -47.47 -22.35 8.60
C TYR G 68 -46.34 -23.35 8.11
N GLN G 69 -45.61 -22.98 7.01
CA GLN G 69 -44.45 -23.66 6.42
C GLN G 69 -43.19 -23.60 7.31
N GLU G 70 -43.16 -22.71 8.30
CA GLU G 70 -41.97 -22.48 9.11
C GLU G 70 -42.02 -23.06 10.51
N THR G 71 -40.82 -23.40 11.03
CA THR G 71 -40.56 -23.93 12.37
C THR G 71 -39.51 -23.04 13.03
N ILE G 72 -39.66 -22.72 14.32
CA ILE G 72 -38.73 -21.87 15.08
C ILE G 72 -37.24 -22.22 14.89
N SER G 73 -36.89 -23.49 15.09
CA SER G 73 -35.50 -23.93 15.02
C SER G 73 -34.84 -23.70 13.66
N ASP G 74 -35.60 -23.76 12.56
CA ASP G 74 -35.04 -23.51 11.23
C ASP G 74 -34.82 -22.01 10.98
N VAL G 75 -35.73 -21.18 11.48
CA VAL G 75 -35.71 -19.73 11.39
C VAL G 75 -34.48 -19.21 12.16
N LEU G 76 -34.29 -19.74 13.38
CA LEU G 76 -33.13 -19.47 14.22
C LEU G 76 -32.04 -20.32 13.57
N ASN G 77 -31.30 -19.74 12.62
CA ASN G 77 -30.27 -20.45 11.86
C ASN G 77 -29.00 -20.59 12.70
N ASP G 78 -29.15 -21.12 13.94
CA ASP G 78 -28.11 -21.28 14.95
C ASP G 78 -27.48 -19.93 15.36
N ALA G 79 -28.23 -18.83 15.17
CA ALA G 79 -27.79 -17.49 15.50
C ALA G 79 -28.01 -17.20 16.98
N ILE G 80 -27.48 -18.08 17.83
CA ILE G 80 -27.50 -17.92 19.28
C ILE G 80 -26.05 -17.82 19.72
N PHE G 81 -25.65 -16.61 20.07
CA PHE G 81 -24.29 -16.26 20.44
C PHE G 81 -24.09 -16.22 21.97
N ASP G 82 -22.83 -16.18 22.41
CA ASP G 82 -22.50 -16.10 23.82
C ASP G 82 -22.06 -14.71 24.23
N GLU G 83 -23.02 -13.80 24.33
CA GLU G 83 -22.73 -12.45 24.77
C GLU G 83 -23.16 -12.34 26.23
N ASP G 84 -22.18 -12.69 27.07
CA ASP G 84 -22.12 -12.73 28.54
C ASP G 84 -22.38 -11.39 29.21
N HIS G 85 -23.06 -10.46 28.52
CA HIS G 85 -23.31 -9.13 29.05
C HIS G 85 -24.65 -9.07 29.75
N ASP G 86 -24.72 -8.23 30.74
CA ASP G 86 -25.92 -8.11 31.57
C ASP G 86 -26.71 -6.87 31.14
N GLU G 87 -27.29 -6.87 29.94
CA GLU G 87 -27.97 -5.67 29.43
C GLU G 87 -29.32 -5.92 28.77
N MET G 88 -30.14 -4.87 28.69
CA MET G 88 -31.41 -4.98 28.03
C MET G 88 -31.19 -4.89 26.52
N VAL G 89 -31.81 -5.81 25.76
CA VAL G 89 -31.70 -5.78 24.32
C VAL G 89 -33.10 -5.57 23.77
N ILE G 90 -33.28 -4.58 22.89
CA ILE G 90 -34.57 -4.24 22.33
C ILE G 90 -34.44 -4.15 20.82
N VAL G 91 -35.39 -4.75 20.08
CA VAL G 91 -35.47 -4.52 18.66
C VAL G 91 -36.84 -3.92 18.50
N LYS G 92 -36.89 -2.65 18.10
CA LYS G 92 -38.17 -1.95 18.00
C LYS G 92 -38.52 -1.58 16.57
N ASP G 93 -39.78 -1.25 16.35
CA ASP G 93 -40.34 -0.83 15.08
C ASP G 93 -40.17 -1.86 14.00
N ILE G 94 -40.41 -3.12 14.34
CA ILE G 94 -40.37 -4.20 13.34
C ILE G 94 -41.74 -4.18 12.67
N ASP G 95 -41.81 -3.89 11.35
CA ASP G 95 -43.06 -3.87 10.61
C ASP G 95 -43.74 -5.22 10.68
N MET G 96 -45.04 -5.20 10.92
CA MET G 96 -45.79 -6.40 11.11
C MET G 96 -46.99 -6.38 10.17
N PHE G 97 -47.18 -7.44 9.38
CA PHE G 97 -48.35 -7.54 8.51
C PHE G 97 -49.00 -8.88 8.74
N SER G 98 -50.22 -8.87 9.25
CA SER G 98 -50.93 -10.13 9.49
C SER G 98 -52.32 -10.14 8.87
N MET G 99 -53.03 -11.27 9.00
CA MET G 99 -54.35 -11.47 8.45
C MET G 99 -55.30 -11.82 9.55
N CYS G 100 -56.32 -11.01 9.73
CA CYS G 100 -57.31 -11.25 10.76
C CYS G 100 -58.09 -12.55 10.43
N GLU G 101 -58.08 -13.55 11.34
CA GLU G 101 -58.76 -14.83 11.12
C GLU G 101 -60.29 -14.76 11.14
N HIS G 102 -60.90 -13.65 11.65
CA HIS G 102 -62.37 -13.58 11.67
C HIS G 102 -62.93 -13.07 10.36
N HIS G 103 -62.37 -12.00 9.78
CA HIS G 103 -62.91 -11.44 8.54
C HIS G 103 -62.01 -11.60 7.33
N LEU G 104 -60.77 -12.11 7.51
CA LEU G 104 -59.78 -12.32 6.45
C LEU G 104 -59.31 -11.03 5.82
N VAL G 105 -59.15 -10.00 6.65
CA VAL G 105 -58.63 -8.70 6.20
C VAL G 105 -57.35 -8.36 6.92
N PRO G 106 -56.39 -7.64 6.29
CA PRO G 106 -55.11 -7.37 6.97
C PRO G 106 -55.24 -6.58 8.25
N PHE G 107 -54.34 -6.84 9.17
CA PHE G 107 -54.15 -6.04 10.39
C PHE G 107 -52.65 -5.81 10.42
N VAL G 108 -52.26 -4.55 10.37
CA VAL G 108 -50.89 -4.16 10.17
C VAL G 108 -50.40 -3.18 11.20
N GLY G 109 -49.11 -3.23 11.51
CA GLY G 109 -48.53 -2.35 12.50
C GLY G 109 -47.06 -2.55 12.71
N LYS G 110 -46.63 -2.47 13.95
CA LYS G 110 -45.23 -2.57 14.38
C LYS G 110 -45.19 -3.52 15.61
N VAL G 111 -44.03 -4.13 15.88
CA VAL G 111 -43.80 -4.99 17.03
C VAL G 111 -42.48 -4.56 17.68
N HIS G 112 -42.47 -4.38 19.01
CA HIS G 112 -41.26 -3.96 19.73
C HIS G 112 -40.94 -5.03 20.73
N ILE G 113 -39.77 -5.68 20.59
CA ILE G 113 -39.38 -6.78 21.48
C ILE G 113 -38.24 -6.34 22.36
N GLY G 114 -38.30 -6.71 23.62
CA GLY G 114 -37.22 -6.45 24.56
C GLY G 114 -36.96 -7.69 25.39
N TYR G 115 -35.74 -7.82 25.88
CA TYR G 115 -35.38 -8.96 26.73
C TYR G 115 -34.08 -8.72 27.48
N LEU G 116 -33.94 -9.44 28.59
CA LEU G 116 -32.74 -9.43 29.40
C LEU G 116 -32.20 -10.82 29.33
N PRO G 117 -31.14 -11.05 28.56
CA PRO G 117 -30.61 -12.42 28.43
C PRO G 117 -30.03 -13.04 29.71
N ASN G 118 -29.67 -14.32 29.62
CA ASN G 118 -29.00 -15.01 30.71
C ASN G 118 -27.63 -15.32 30.17
N LYS G 119 -27.46 -16.45 29.50
CA LYS G 119 -26.17 -16.79 28.93
C LYS G 119 -26.21 -16.88 27.40
N GLN G 120 -27.35 -16.54 26.79
CA GLN G 120 -27.52 -16.65 25.36
C GLN G 120 -28.21 -15.43 24.80
N VAL G 121 -27.61 -14.89 23.74
CA VAL G 121 -28.14 -13.74 23.00
C VAL G 121 -28.52 -14.22 21.57
N LEU G 122 -29.65 -13.76 21.09
CA LEU G 122 -30.12 -14.11 19.77
C LEU G 122 -29.59 -13.08 18.76
N GLY G 123 -29.42 -13.47 17.50
CA GLY G 123 -29.05 -12.55 16.44
C GLY G 123 -30.24 -11.63 16.20
N LEU G 124 -29.99 -10.31 16.12
CA LEU G 124 -31.02 -9.28 16.02
C LEU G 124 -32.13 -9.58 15.00
N SER G 125 -31.74 -10.03 13.80
CA SER G 125 -32.70 -10.31 12.74
C SER G 125 -33.62 -11.47 13.05
N LYS G 126 -33.21 -12.41 13.91
CA LYS G 126 -34.03 -13.59 14.21
C LYS G 126 -35.26 -13.24 15.04
N LEU G 127 -35.21 -12.15 15.82
CA LEU G 127 -36.39 -11.66 16.53
C LEU G 127 -37.46 -11.23 15.48
N ALA G 128 -37.02 -10.58 14.38
CA ALA G 128 -37.91 -10.17 13.31
C ALA G 128 -38.39 -11.38 12.47
N ARG G 129 -37.58 -12.45 12.38
CA ARG G 129 -37.97 -13.70 11.71
C ARG G 129 -38.99 -14.49 12.56
N ILE G 130 -38.95 -14.33 13.92
CA ILE G 130 -39.93 -14.93 14.83
C ILE G 130 -41.28 -14.22 14.59
N VAL G 131 -41.26 -12.88 14.43
CA VAL G 131 -42.45 -12.09 14.13
C VAL G 131 -43.07 -12.57 12.80
N GLU G 132 -42.24 -12.85 11.82
CA GLU G 132 -42.69 -13.30 10.51
C GLU G 132 -43.26 -14.72 10.48
N ILE G 133 -42.87 -15.61 11.40
CA ILE G 133 -43.42 -16.98 11.42
C ILE G 133 -44.90 -16.92 11.78
N TYR G 134 -45.23 -16.10 12.80
CA TYR G 134 -46.57 -15.94 13.39
C TYR G 134 -47.46 -14.91 12.74
N SER G 135 -46.93 -13.76 12.31
CA SER G 135 -47.76 -12.76 11.63
C SER G 135 -48.23 -13.27 10.27
N ARG G 136 -47.43 -14.12 9.58
CA ARG G 136 -47.83 -14.64 8.27
C ARG G 136 -48.72 -15.85 8.45
N ARG G 137 -49.85 -15.65 9.11
CA ARG G 137 -50.84 -16.68 9.42
C ARG G 137 -52.22 -15.99 9.62
N LEU G 138 -53.28 -16.79 9.82
CA LEU G 138 -54.60 -16.24 10.13
C LEU G 138 -54.54 -16.11 11.66
N GLN G 139 -54.60 -14.87 12.15
CA GLN G 139 -54.36 -14.57 13.55
C GLN G 139 -55.43 -13.74 14.26
N VAL G 140 -55.28 -13.65 15.57
CA VAL G 140 -55.88 -12.71 16.49
C VAL G 140 -54.64 -12.07 17.17
N GLN G 141 -54.55 -10.74 17.21
CA GLN G 141 -53.37 -10.05 17.77
C GLN G 141 -52.85 -10.61 19.10
N GLU G 142 -53.76 -11.04 19.99
CA GLU G 142 -53.39 -11.59 21.30
C GLU G 142 -52.60 -12.89 21.18
N ARG G 143 -52.99 -13.76 20.23
CA ARG G 143 -52.28 -15.02 20.04
C ARG G 143 -50.91 -14.76 19.47
N LEU G 144 -50.82 -13.85 18.49
CA LEU G 144 -49.57 -13.44 17.87
C LEU G 144 -48.60 -12.88 18.93
N THR G 145 -49.07 -11.98 19.81
CA THR G 145 -48.22 -11.38 20.85
C THR G 145 -47.60 -12.45 21.73
N LYS G 146 -48.41 -13.40 22.20
CA LYS G 146 -47.99 -14.49 23.08
C LYS G 146 -47.06 -15.46 22.37
N GLN G 147 -47.33 -15.82 21.11
CA GLN G 147 -46.48 -16.78 20.37
C GLN G 147 -45.07 -16.27 20.19
N ILE G 148 -44.93 -14.96 19.88
CA ILE G 148 -43.65 -14.28 19.75
C ILE G 148 -42.89 -14.37 21.08
N ALA G 149 -43.56 -14.00 22.20
CA ALA G 149 -42.99 -14.03 23.55
C ALA G 149 -42.57 -15.44 24.00
N VAL G 150 -43.42 -16.44 23.77
CA VAL G 150 -43.14 -17.84 24.12
C VAL G 150 -41.92 -18.34 23.33
N ALA G 151 -41.83 -17.98 22.03
CA ALA G 151 -40.68 -18.37 21.22
C ALA G 151 -39.38 -17.78 21.74
N ILE G 152 -39.37 -16.51 22.17
CA ILE G 152 -38.16 -15.90 22.73
C ILE G 152 -37.79 -16.57 24.04
N THR G 153 -38.78 -16.76 24.93
CA THR G 153 -38.63 -17.37 26.25
C THR G 153 -38.10 -18.77 26.16
N GLU G 154 -38.63 -19.61 25.26
CA GLU G 154 -38.19 -21.00 25.15
C GLU G 154 -36.84 -21.15 24.47
N ALA G 155 -36.54 -20.34 23.45
CA ALA G 155 -35.28 -20.43 22.75
C ALA G 155 -34.12 -19.92 23.56
N LEU G 156 -34.35 -18.90 24.40
CA LEU G 156 -33.25 -18.29 25.12
C LEU G 156 -33.23 -18.55 26.60
N ARG G 157 -34.40 -18.67 27.20
CA ARG G 157 -34.61 -18.81 28.64
C ARG G 157 -34.01 -17.62 29.38
N PRO G 158 -34.54 -16.41 29.07
CA PRO G 158 -33.95 -15.20 29.65
C PRO G 158 -34.50 -14.82 31.00
N ALA G 159 -33.86 -13.83 31.62
CA ALA G 159 -34.34 -13.30 32.90
C ALA G 159 -35.72 -12.61 32.72
N GLY G 160 -36.02 -12.13 31.53
CA GLY G 160 -37.28 -11.47 31.27
C GLY G 160 -37.49 -11.12 29.83
N VAL G 161 -38.75 -11.00 29.43
CA VAL G 161 -39.16 -10.69 28.06
C VAL G 161 -40.34 -9.67 28.07
N GLY G 162 -40.36 -8.80 27.08
CA GLY G 162 -41.45 -7.86 26.85
C GLY G 162 -41.74 -7.83 25.36
N VAL G 163 -43.00 -7.99 24.97
CA VAL G 163 -43.39 -7.91 23.55
C VAL G 163 -44.59 -6.97 23.46
N VAL G 164 -44.49 -5.95 22.60
CA VAL G 164 -45.58 -5.00 22.45
C VAL G 164 -45.94 -4.93 20.97
N VAL G 165 -47.19 -5.23 20.62
CA VAL G 165 -47.63 -5.17 19.24
C VAL G 165 -48.60 -4.00 19.08
N GLU G 166 -48.38 -3.09 18.11
CA GLU G 166 -49.38 -2.06 17.82
C GLU G 166 -49.89 -2.26 16.38
N ALA G 167 -51.21 -2.37 16.19
CA ALA G 167 -51.76 -2.63 14.87
C ALA G 167 -53.06 -1.88 14.62
N THR G 168 -53.37 -1.63 13.33
CA THR G 168 -54.62 -1.09 12.83
C THR G 168 -55.31 -2.28 12.21
N HIS G 169 -56.56 -2.57 12.61
CA HIS G 169 -57.27 -3.68 12.02
C HIS G 169 -58.12 -3.13 10.93
N MET G 170 -58.02 -3.64 9.68
CA MET G 170 -58.88 -3.12 8.60
C MET G 170 -60.34 -3.35 8.90
N CYS G 171 -60.67 -4.47 9.55
CA CYS G 171 -62.04 -4.82 9.91
C CYS G 171 -62.68 -3.83 10.89
N MET G 172 -61.90 -2.97 11.56
CA MET G 172 -62.40 -1.96 12.49
C MET G 172 -62.39 -0.54 11.88
N VAL G 173 -61.61 -0.33 10.80
CA VAL G 173 -61.40 0.93 10.12
C VAL G 173 -62.23 1.00 8.79
N MET G 174 -62.11 0.00 7.92
CA MET G 174 -62.80 -0.09 6.63
C MET G 174 -64.30 -0.46 6.75
N ARG G 175 -64.72 -1.06 7.86
CA ARG G 175 -66.08 -1.52 8.03
C ARG G 175 -66.39 -1.69 9.54
N GLY G 176 -67.64 -2.12 9.85
CA GLY G 176 -68.11 -2.39 11.20
C GLY G 176 -68.23 -1.11 11.98
N VAL G 177 -67.46 -0.97 13.06
CA VAL G 177 -67.51 0.24 13.87
C VAL G 177 -66.91 1.48 13.14
N GLN G 178 -66.01 1.24 12.17
CA GLN G 178 -65.41 2.28 11.35
C GLN G 178 -64.75 3.39 12.19
N LYS G 179 -63.92 3.01 13.16
CA LYS G 179 -63.22 3.98 14.00
C LYS G 179 -61.88 4.15 13.33
N MET G 180 -61.84 5.06 12.35
CA MET G 180 -60.72 5.29 11.42
C MET G 180 -59.38 5.61 12.05
N ASN G 181 -59.38 6.20 13.26
CA ASN G 181 -58.16 6.53 14.00
C ASN G 181 -57.79 5.49 15.06
N SER G 182 -58.59 4.44 15.28
CA SER G 182 -58.30 3.47 16.35
C SER G 182 -57.15 2.51 16.02
N LYS G 183 -56.43 2.10 17.07
CA LYS G 183 -55.31 1.19 17.00
C LYS G 183 -55.42 0.23 18.17
N THR G 184 -54.93 -1.01 17.99
CA THR G 184 -54.92 -2.03 19.04
C THR G 184 -53.49 -2.26 19.56
N VAL G 185 -53.31 -2.17 20.87
CA VAL G 185 -52.01 -2.38 21.49
C VAL G 185 -52.15 -3.58 22.42
N THR G 186 -51.33 -4.61 22.21
CA THR G 186 -51.30 -5.80 23.04
C THR G 186 -49.91 -5.88 23.64
N SER G 187 -49.81 -6.21 24.93
CA SER G 187 -48.54 -6.21 25.61
C SER G 187 -48.32 -7.39 26.57
N THR G 188 -47.23 -8.16 26.33
CA THR G 188 -46.85 -9.28 27.18
C THR G 188 -45.59 -8.95 27.95
N MET G 189 -45.62 -9.00 29.30
CA MET G 189 -44.43 -8.73 30.11
C MET G 189 -44.16 -9.96 30.97
N LEU G 190 -42.99 -10.62 30.84
CA LEU G 190 -42.63 -11.84 31.58
C LEU G 190 -41.31 -11.67 32.38
N GLY G 191 -41.16 -12.45 33.44
CA GLY G 191 -39.96 -12.43 34.29
C GLY G 191 -39.73 -11.05 34.89
N VAL G 192 -38.48 -10.56 34.82
CA VAL G 192 -38.12 -9.25 35.37
C VAL G 192 -38.89 -8.10 34.72
N PHE G 193 -39.39 -8.29 33.48
CA PHE G 193 -40.21 -7.29 32.79
C PHE G 193 -41.55 -7.13 33.49
N ARG G 194 -42.03 -8.17 34.20
CA ARG G 194 -43.24 -8.06 34.98
C ARG G 194 -42.93 -7.71 36.40
N GLU G 195 -41.91 -8.34 36.99
CA GLU G 195 -41.61 -8.18 38.41
C GLU G 195 -41.03 -6.83 38.80
N ASP G 196 -40.08 -6.29 38.00
CA ASP G 196 -39.35 -5.06 38.35
C ASP G 196 -39.93 -3.81 37.71
N PRO G 197 -40.30 -2.82 38.55
CA PRO G 197 -40.83 -1.56 38.01
C PRO G 197 -39.79 -0.81 37.14
N LYS G 198 -38.53 -0.86 37.57
CA LYS G 198 -37.43 -0.22 36.85
C LYS G 198 -37.22 -0.84 35.44
N THR G 199 -37.25 -2.18 35.36
CA THR G 199 -37.09 -2.87 34.08
C THR G 199 -38.20 -2.54 33.07
N ARG G 200 -39.46 -2.57 33.53
CA ARG G 200 -40.61 -2.29 32.66
C ARG G 200 -40.71 -0.83 32.25
N GLU G 201 -40.41 0.10 33.16
CA GLU G 201 -40.37 1.52 32.86
C GLU G 201 -39.24 1.82 31.83
N GLU G 202 -38.09 1.17 31.96
CA GLU G 202 -36.99 1.33 31.05
C GLU G 202 -37.33 0.84 29.65
N PHE G 203 -37.88 -0.35 29.55
CA PHE G 203 -38.27 -0.95 28.29
C PHE G 203 -39.37 -0.07 27.63
N LEU G 204 -40.45 0.27 28.36
CA LEU G 204 -41.50 1.12 27.82
C LEU G 204 -41.00 2.46 27.35
N THR G 205 -39.95 2.99 27.99
CA THR G 205 -39.34 4.26 27.57
C THR G 205 -38.48 4.10 26.31
N LEU G 206 -37.63 3.07 26.28
CA LEU G 206 -36.72 2.88 25.17
C LEU G 206 -37.39 2.45 23.89
N ILE G 207 -38.60 1.88 23.95
CA ILE G 207 -39.33 1.52 22.72
C ILE G 207 -39.97 2.74 22.04
N ARG G 208 -39.96 3.92 22.71
CA ARG G 208 -40.52 5.15 22.20
C ARG G 208 -39.44 6.00 21.53
N PRO H 17 -85.64 -1.00 25.82
CA PRO H 17 -84.86 -0.08 24.98
C PRO H 17 -85.73 0.65 23.94
N ARG H 18 -85.23 1.77 23.38
CA ARG H 18 -85.96 2.52 22.35
C ARG H 18 -86.04 1.66 21.08
N SER H 19 -87.20 1.59 20.44
CA SER H 19 -87.38 0.73 19.27
C SER H 19 -87.45 1.50 17.94
N GLU H 20 -87.42 0.77 16.81
CA GLU H 20 -87.56 1.40 15.50
C GLU H 20 -88.99 1.94 15.30
N GLU H 21 -90.00 1.34 15.97
CA GLU H 21 -91.38 1.78 15.95
C GLU H 21 -91.49 3.13 16.67
N ASP H 22 -90.79 3.27 17.82
CA ASP H 22 -90.73 4.51 18.59
C ASP H 22 -90.12 5.61 17.75
N ASN H 23 -89.06 5.28 16.97
CA ASN H 23 -88.36 6.23 16.12
C ASN H 23 -89.25 6.77 15.01
N GLU H 24 -90.05 5.89 14.37
CA GLU H 24 -90.95 6.33 13.30
C GLU H 24 -92.02 7.25 13.85
N LEU H 25 -92.53 6.92 15.05
CA LEU H 25 -93.58 7.63 15.76
C LEU H 25 -93.12 9.01 16.25
N ASN H 26 -91.91 9.12 16.79
CA ASN H 26 -91.38 10.37 17.32
C ASN H 26 -90.64 11.25 16.34
N LEU H 27 -90.30 10.73 15.15
CA LEU H 27 -89.58 11.56 14.17
C LEU H 27 -90.35 12.83 13.76
N PRO H 28 -91.68 12.73 13.46
CA PRO H 28 -92.43 13.93 13.11
C PRO H 28 -92.51 14.93 14.23
N ASN H 29 -92.52 14.47 15.49
CA ASN H 29 -92.57 15.35 16.66
C ASN H 29 -91.27 16.10 16.84
N LEU H 30 -90.15 15.45 16.54
CA LEU H 30 -88.84 16.05 16.62
C LEU H 30 -88.72 17.09 15.51
N ALA H 31 -89.15 16.75 14.28
CA ALA H 31 -89.08 17.67 13.14
C ALA H 31 -89.92 18.92 13.40
N ALA H 32 -91.10 18.75 13.97
CA ALA H 32 -92.00 19.86 14.27
C ALA H 32 -91.38 20.79 15.32
N ALA H 33 -90.72 20.22 16.32
CA ALA H 33 -90.07 21.01 17.36
C ALA H 33 -88.89 21.81 16.78
N TYR H 34 -88.13 21.21 15.83
CA TYR H 34 -87.02 21.93 15.17
C TYR H 34 -87.53 23.03 14.26
N SER H 35 -88.69 22.84 13.61
CA SER H 35 -89.30 23.87 12.79
C SER H 35 -89.72 25.06 13.68
N SER H 36 -90.26 24.75 14.86
CA SER H 36 -90.67 25.75 15.82
C SER H 36 -89.45 26.56 16.31
N ILE H 37 -88.31 25.88 16.55
CA ILE H 37 -87.06 26.52 16.96
C ILE H 37 -86.60 27.51 15.90
N LEU H 38 -86.61 27.12 14.61
CA LEU H 38 -86.22 28.01 13.52
C LEU H 38 -87.06 29.30 13.53
N SER H 39 -88.38 29.18 13.70
CA SER H 39 -89.26 30.35 13.79
C SER H 39 -88.99 31.20 15.05
N SER H 40 -88.75 30.55 16.20
CA SER H 40 -88.49 31.28 17.43
C SER H 40 -87.16 32.03 17.42
N LEU H 41 -86.20 31.59 16.60
CA LEU H 41 -84.91 32.28 16.48
C LEU H 41 -84.96 33.50 15.53
N GLY H 42 -86.08 33.72 14.86
CA GLY H 42 -86.27 34.79 13.90
C GLY H 42 -86.02 34.38 12.46
N GLU H 43 -85.74 33.09 12.20
CA GLU H 43 -85.48 32.61 10.85
C GLU H 43 -86.74 32.25 10.08
N ASN H 44 -86.63 32.09 8.74
CA ASN H 44 -87.75 31.67 7.90
C ASN H 44 -87.57 30.20 7.55
N PRO H 45 -88.32 29.26 8.14
CA PRO H 45 -88.11 27.83 7.80
C PRO H 45 -88.55 27.42 6.37
N GLN H 46 -89.03 28.38 5.59
CA GLN H 46 -89.47 28.16 4.22
C GLN H 46 -88.44 28.57 3.18
N ARG H 47 -87.34 29.26 3.57
CA ARG H 47 -86.31 29.62 2.62
C ARG H 47 -85.62 28.36 2.11
N GLN H 48 -85.09 28.35 0.84
CA GLN H 48 -84.50 27.14 0.25
C GLN H 48 -83.70 26.28 1.24
N GLY H 49 -82.71 26.92 1.87
CA GLY H 49 -81.76 26.30 2.77
C GLY H 49 -82.29 25.81 4.09
N LEU H 50 -83.53 26.17 4.45
CA LEU H 50 -84.10 25.73 5.71
C LEU H 50 -85.28 24.76 5.59
N LEU H 51 -85.78 24.55 4.37
CA LEU H 51 -86.95 23.71 4.16
C LEU H 51 -86.86 22.28 4.69
N LYS H 52 -85.75 21.55 4.39
CA LYS H 52 -85.52 20.17 4.88
C LYS H 52 -84.82 20.12 6.25
N THR H 53 -84.55 21.27 6.86
CA THR H 53 -83.84 21.35 8.12
C THR H 53 -84.66 20.70 9.24
N PRO H 54 -85.98 20.95 9.44
CA PRO H 54 -86.73 20.19 10.47
C PRO H 54 -86.55 18.66 10.40
N TRP H 55 -86.64 18.04 9.21
CA TRP H 55 -86.44 16.61 9.07
C TRP H 55 -84.98 16.21 9.28
N ARG H 56 -83.98 17.02 8.76
CA ARG H 56 -82.54 16.75 8.90
C ARG H 56 -82.04 16.89 10.32
N ALA H 57 -82.45 17.94 11.03
CA ALA H 57 -82.08 18.15 12.42
C ALA H 57 -82.74 17.05 13.26
N ALA H 58 -84.02 16.66 12.96
CA ALA H 58 -84.68 15.58 13.66
C ALA H 58 -83.96 14.23 13.48
N SER H 59 -83.61 13.85 12.23
CA SER H 59 -82.88 12.60 12.01
C SER H 59 -81.52 12.62 12.68
N ALA H 60 -80.82 13.78 12.68
CA ALA H 60 -79.51 13.87 13.34
C ALA H 60 -79.65 13.57 14.85
N MET H 61 -80.59 14.21 15.57
CA MET H 61 -80.78 13.99 16.98
C MET H 61 -81.16 12.51 17.35
N GLN H 62 -81.90 11.83 16.47
CA GLN H 62 -82.23 10.42 16.66
C GLN H 62 -80.93 9.60 16.56
N PHE H 63 -80.09 9.85 15.55
CA PHE H 63 -78.85 9.13 15.36
C PHE H 63 -77.91 9.41 16.54
N PHE H 64 -77.81 10.67 16.98
CA PHE H 64 -77.00 11.07 18.12
C PHE H 64 -77.45 10.38 19.41
N THR H 65 -78.75 9.98 19.51
CA THR H 65 -79.24 9.31 20.71
C THR H 65 -79.61 7.86 20.46
N LYS H 66 -79.00 7.20 19.46
CA LYS H 66 -79.31 5.81 19.09
C LYS H 66 -78.84 4.75 20.09
N GLY H 67 -78.05 5.14 21.08
CA GLY H 67 -77.56 4.24 22.12
C GLY H 67 -78.65 3.79 23.07
N TYR H 68 -79.75 4.56 23.17
CA TYR H 68 -80.91 4.18 23.97
C TYR H 68 -81.58 2.92 23.37
N GLN H 69 -81.42 2.69 22.05
CA GLN H 69 -81.95 1.51 21.35
C GLN H 69 -81.12 0.22 21.59
N GLU H 70 -79.98 0.33 22.28
CA GLU H 70 -79.07 -0.78 22.41
C GLU H 70 -79.02 -1.39 23.79
N THR H 71 -78.69 -2.69 23.82
CA THR H 71 -78.52 -3.53 25.00
C THR H 71 -77.03 -3.99 25.00
N ILE H 72 -76.40 -4.05 26.19
CA ILE H 72 -75.01 -4.45 26.26
C ILE H 72 -74.80 -5.91 25.73
N SER H 73 -75.72 -6.85 26.02
CA SER H 73 -75.58 -8.23 25.52
C SER H 73 -75.86 -8.40 24.02
N ASP H 74 -76.73 -7.57 23.43
CA ASP H 74 -76.98 -7.66 21.99
C ASP H 74 -75.77 -7.18 21.22
N VAL H 75 -75.16 -6.08 21.70
CA VAL H 75 -73.97 -5.45 21.17
C VAL H 75 -72.79 -6.41 21.21
N LEU H 76 -72.62 -7.09 22.35
CA LEU H 76 -71.55 -8.05 22.52
C LEU H 76 -71.58 -9.20 21.48
N ASN H 77 -72.77 -9.58 20.95
CA ASN H 77 -72.98 -10.61 19.90
C ASN H 77 -72.25 -11.93 20.15
N ASP H 78 -72.17 -12.34 21.43
CA ASP H 78 -71.50 -13.57 21.87
C ASP H 78 -70.01 -13.58 21.47
N ALA H 79 -69.38 -12.38 21.40
CA ALA H 79 -67.97 -12.25 21.03
C ALA H 79 -67.05 -12.23 22.25
N ILE H 80 -67.33 -13.14 23.18
CA ILE H 80 -66.52 -13.33 24.37
C ILE H 80 -65.88 -14.69 24.14
N PHE H 81 -64.57 -14.68 23.91
CA PHE H 81 -63.83 -15.89 23.61
C PHE H 81 -63.06 -16.32 24.84
N ASP H 82 -63.35 -17.52 25.35
CA ASP H 82 -62.64 -18.09 26.50
C ASP H 82 -61.24 -18.49 26.07
N GLU H 83 -60.31 -17.54 26.21
CA GLU H 83 -58.91 -17.68 25.86
C GLU H 83 -58.06 -17.24 27.05
N ASP H 84 -56.91 -17.91 27.22
CA ASP H 84 -55.96 -17.68 28.29
C ASP H 84 -54.81 -16.84 27.77
N HIS H 85 -55.00 -15.50 27.77
CA HIS H 85 -53.97 -14.60 27.24
C HIS H 85 -53.54 -13.60 28.29
N ASP H 86 -52.46 -13.90 29.00
CA ASP H 86 -52.00 -13.07 30.09
C ASP H 86 -51.24 -11.86 29.59
N GLU H 87 -51.97 -10.92 28.99
CA GLU H 87 -51.36 -9.74 28.41
C GLU H 87 -52.30 -8.56 28.43
N MET H 88 -51.73 -7.33 28.39
CA MET H 88 -52.54 -6.14 28.40
C MET H 88 -53.17 -5.94 27.02
N VAL H 89 -54.47 -5.62 26.99
CA VAL H 89 -55.16 -5.39 25.74
C VAL H 89 -55.68 -3.97 25.72
N ILE H 90 -55.21 -3.15 24.79
CA ILE H 90 -55.65 -1.78 24.67
C ILE H 90 -56.28 -1.55 23.32
N VAL H 91 -57.45 -0.87 23.28
CA VAL H 91 -57.99 -0.35 22.03
C VAL H 91 -57.99 1.19 22.24
N LYS H 92 -57.05 1.92 21.59
CA LYS H 92 -56.93 3.36 21.79
C LYS H 92 -57.39 4.21 20.62
N ASP H 93 -57.54 5.52 20.84
CA ASP H 93 -57.97 6.52 19.86
C ASP H 93 -59.29 6.16 19.20
N ILE H 94 -60.21 5.61 19.99
CA ILE H 94 -61.54 5.29 19.50
C ILE H 94 -62.26 6.63 19.44
N ASP H 95 -62.70 7.07 18.24
CA ASP H 95 -63.44 8.31 18.12
C ASP H 95 -64.74 8.24 18.89
N MET H 96 -64.99 9.25 19.70
CA MET H 96 -66.14 9.31 20.56
C MET H 96 -66.86 10.60 20.23
N PHE H 97 -68.14 10.51 19.89
CA PHE H 97 -68.99 11.67 19.64
C PHE H 97 -70.16 11.54 20.59
N SER H 98 -70.43 12.58 21.38
CA SER H 98 -71.54 12.52 22.33
C SER H 98 -72.29 13.85 22.43
N MET H 99 -73.39 13.88 23.20
CA MET H 99 -74.20 15.05 23.40
C MET H 99 -74.23 15.44 24.87
N CYS H 100 -73.91 16.69 25.14
CA CYS H 100 -73.94 17.26 26.46
C CYS H 100 -75.41 17.39 26.85
N GLU H 101 -75.79 16.79 27.97
CA GLU H 101 -77.18 16.82 28.41
C GLU H 101 -77.59 18.15 28.96
N HIS H 102 -76.66 19.03 29.36
CA HIS H 102 -77.04 20.33 29.93
C HIS H 102 -77.41 21.39 28.87
N HIS H 103 -76.66 21.47 27.77
CA HIS H 103 -76.92 22.48 26.73
C HIS H 103 -77.36 21.93 25.39
N LEU H 104 -77.27 20.59 25.20
CA LEU H 104 -77.62 19.90 23.95
C LEU H 104 -76.68 20.26 22.82
N VAL H 105 -75.42 20.39 23.11
CA VAL H 105 -74.35 20.69 22.15
C VAL H 105 -73.33 19.56 22.24
N PRO H 106 -72.69 19.19 21.14
CA PRO H 106 -71.76 18.05 21.20
C PRO H 106 -70.51 18.17 22.09
N PHE H 107 -70.10 17.05 22.67
CA PHE H 107 -68.79 16.93 23.27
C PHE H 107 -68.12 15.80 22.51
N VAL H 108 -66.96 16.08 21.89
CA VAL H 108 -66.35 15.12 20.98
C VAL H 108 -64.88 14.91 21.30
N GLY H 109 -64.38 13.70 21.04
CA GLY H 109 -63.00 13.38 21.35
C GLY H 109 -62.63 11.97 21.05
N LYS H 110 -61.91 11.32 21.98
CA LYS H 110 -61.33 9.98 21.90
C LYS H 110 -61.53 9.20 23.21
N VAL H 111 -61.52 7.84 23.14
CA VAL H 111 -61.59 6.94 24.32
C VAL H 111 -60.46 5.92 24.19
N HIS H 112 -59.72 5.68 25.25
CA HIS H 112 -58.64 4.70 25.26
C HIS H 112 -59.01 3.66 26.31
N ILE H 113 -59.20 2.41 25.91
CA ILE H 113 -59.62 1.35 26.82
C ILE H 113 -58.57 0.26 26.95
N GLY H 114 -58.26 -0.13 28.15
CA GLY H 114 -57.30 -1.19 28.39
C GLY H 114 -57.84 -2.17 29.41
N TYR H 115 -57.45 -3.44 29.32
CA TYR H 115 -57.87 -4.47 30.29
C TYR H 115 -56.88 -5.62 30.36
N LEU H 116 -56.92 -6.36 31.46
CA LEU H 116 -56.06 -7.51 31.63
C LEU H 116 -57.01 -8.68 31.80
N PRO H 117 -57.18 -9.49 30.76
CA PRO H 117 -58.16 -10.58 30.85
C PRO H 117 -57.91 -11.59 31.98
N ASN H 118 -58.99 -12.25 32.44
CA ASN H 118 -58.89 -13.24 33.48
C ASN H 118 -59.02 -14.59 32.77
N LYS H 119 -60.22 -14.95 32.34
CA LYS H 119 -60.43 -16.19 31.59
C LYS H 119 -61.02 -15.91 30.20
N GLN H 120 -61.78 -14.81 30.06
CA GLN H 120 -62.42 -14.42 28.82
C GLN H 120 -61.77 -13.17 28.18
N VAL H 121 -61.75 -13.14 26.84
CA VAL H 121 -61.23 -12.07 26.00
C VAL H 121 -62.39 -11.51 25.15
N LEU H 122 -62.52 -10.21 25.04
CA LEU H 122 -63.57 -9.60 24.22
C LEU H 122 -63.04 -9.33 22.80
N GLY H 123 -63.91 -9.44 21.79
CA GLY H 123 -63.55 -9.10 20.41
C GLY H 123 -63.25 -7.62 20.35
N LEU H 124 -62.10 -7.22 19.76
CA LEU H 124 -61.63 -5.82 19.70
C LEU H 124 -62.71 -4.79 19.34
N SER H 125 -63.51 -5.04 18.31
CA SER H 125 -64.53 -4.08 17.91
C SER H 125 -65.62 -3.89 18.97
N LYS H 126 -65.87 -4.90 19.81
CA LYS H 126 -66.91 -4.80 20.81
C LYS H 126 -66.58 -3.75 21.85
N LEU H 127 -65.29 -3.38 22.02
CA LEU H 127 -64.90 -2.32 22.93
C LEU H 127 -65.35 -0.99 22.34
N ALA H 128 -65.16 -0.76 21.03
CA ALA H 128 -65.64 0.44 20.35
C ALA H 128 -67.17 0.49 20.38
N ARG H 129 -67.86 -0.68 20.27
CA ARG H 129 -69.32 -0.74 20.33
C ARG H 129 -69.85 -0.43 21.71
N ILE H 130 -69.10 -0.80 22.77
CA ILE H 130 -69.45 -0.45 24.16
C ILE H 130 -69.34 1.10 24.29
N VAL H 131 -68.36 1.74 23.63
CA VAL H 131 -68.22 3.20 23.61
C VAL H 131 -69.47 3.84 22.99
N GLU H 132 -69.93 3.28 21.86
CA GLU H 132 -71.10 3.72 21.10
C GLU H 132 -72.45 3.60 21.82
N ILE H 133 -72.68 2.54 22.64
CA ILE H 133 -73.96 2.39 23.39
C ILE H 133 -74.16 3.59 24.29
N TYR H 134 -73.11 3.98 25.02
CA TYR H 134 -73.17 5.04 26.00
C TYR H 134 -72.85 6.44 25.48
N SER H 135 -72.00 6.58 24.46
CA SER H 135 -71.69 7.91 23.95
C SER H 135 -72.86 8.47 23.16
N ARG H 136 -73.56 7.60 22.38
CA ARG H 136 -74.74 8.02 21.61
C ARG H 136 -75.97 8.20 22.50
N ARG H 137 -75.88 9.12 23.48
CA ARG H 137 -76.91 9.44 24.49
C ARG H 137 -76.72 10.89 25.01
N LEU H 138 -77.65 11.45 25.76
CA LEU H 138 -77.51 12.76 26.39
C LEU H 138 -76.70 12.44 27.65
N GLN H 139 -75.48 13.00 27.77
CA GLN H 139 -74.55 12.59 28.81
C GLN H 139 -73.73 13.66 29.52
N VAL H 140 -73.01 13.20 30.54
CA VAL H 140 -71.94 13.88 31.25
C VAL H 140 -70.73 12.93 31.11
N GLN H 141 -69.56 13.48 30.77
CA GLN H 141 -68.34 12.74 30.53
C GLN H 141 -67.99 11.74 31.63
N GLU H 142 -68.19 12.11 32.90
CA GLU H 142 -67.89 11.21 34.00
C GLU H 142 -68.80 10.00 34.01
N ARG H 143 -70.09 10.18 33.70
CA ARG H 143 -71.01 9.05 33.64
C ARG H 143 -70.63 8.13 32.49
N LEU H 144 -70.39 8.69 31.30
CA LEU H 144 -69.99 7.96 30.11
C LEU H 144 -68.77 7.05 30.37
N THR H 145 -67.69 7.62 30.95
CA THR H 145 -66.44 6.96 31.35
C THR H 145 -66.73 5.76 32.25
N LYS H 146 -67.50 5.96 33.34
CA LYS H 146 -67.88 4.90 34.29
C LYS H 146 -68.70 3.80 33.65
N GLN H 147 -69.66 4.17 32.80
CA GLN H 147 -70.49 3.18 32.11
C GLN H 147 -69.66 2.26 31.19
N ILE H 148 -68.69 2.81 30.47
CA ILE H 148 -67.81 2.01 29.62
C ILE H 148 -67.00 1.02 30.48
N ALA H 149 -66.44 1.51 31.59
CA ALA H 149 -65.63 0.71 32.49
C ALA H 149 -66.41 -0.40 33.16
N VAL H 150 -67.62 -0.10 33.63
CA VAL H 150 -68.47 -1.09 34.30
C VAL H 150 -68.95 -2.19 33.34
N ALA H 151 -69.31 -1.83 32.08
CA ALA H 151 -69.74 -2.77 31.07
C ALA H 151 -68.66 -3.80 30.79
N ILE H 152 -67.39 -3.37 30.72
CA ILE H 152 -66.28 -4.28 30.46
C ILE H 152 -66.07 -5.15 31.66
N THR H 153 -66.00 -4.52 32.85
CA THR H 153 -65.85 -5.21 34.12
C THR H 153 -66.91 -6.31 34.36
N GLU H 154 -68.19 -6.02 34.13
CA GLU H 154 -69.25 -7.02 34.33
C GLU H 154 -69.29 -8.09 33.22
N ALA H 155 -68.92 -7.76 31.97
CA ALA H 155 -68.93 -8.73 30.88
C ALA H 155 -67.78 -9.76 30.94
N LEU H 156 -66.59 -9.31 31.29
CA LEU H 156 -65.41 -10.16 31.28
C LEU H 156 -64.90 -10.57 32.65
N ARG H 157 -65.21 -9.80 33.72
CA ARG H 157 -64.68 -9.99 35.07
C ARG H 157 -63.13 -10.08 35.05
N PRO H 158 -62.49 -9.03 34.51
CA PRO H 158 -61.04 -9.10 34.33
C PRO H 158 -60.26 -8.81 35.61
N ALA H 159 -58.92 -8.90 35.52
CA ALA H 159 -58.03 -8.58 36.62
C ALA H 159 -58.07 -7.06 36.90
N GLY H 160 -58.21 -6.27 35.84
CA GLY H 160 -58.28 -4.82 35.95
C GLY H 160 -58.77 -4.19 34.67
N VAL H 161 -59.19 -2.92 34.76
CA VAL H 161 -59.70 -2.14 33.63
C VAL H 161 -59.22 -0.70 33.74
N GLY H 162 -58.95 -0.10 32.60
CA GLY H 162 -58.62 1.30 32.53
C GLY H 162 -59.37 1.89 31.37
N VAL H 163 -60.00 3.06 31.60
CA VAL H 163 -60.76 3.80 30.58
C VAL H 163 -60.41 5.30 30.71
N VAL H 164 -59.83 5.90 29.65
CA VAL H 164 -59.49 7.31 29.59
C VAL H 164 -60.31 7.93 28.45
N VAL H 165 -60.96 9.05 28.69
CA VAL H 165 -61.78 9.73 27.69
C VAL H 165 -61.27 11.17 27.64
N GLU H 166 -60.91 11.66 26.47
CA GLU H 166 -60.49 13.05 26.30
C GLU H 166 -61.49 13.67 25.33
N ALA H 167 -62.03 14.85 25.66
CA ALA H 167 -63.06 15.45 24.82
C ALA H 167 -63.06 16.98 24.89
N THR H 168 -63.46 17.62 23.80
CA THR H 168 -63.69 19.06 23.71
C THR H 168 -65.22 19.21 23.88
N HIS H 169 -65.64 20.09 24.78
CA HIS H 169 -67.03 20.34 25.07
C HIS H 169 -67.39 21.63 24.34
N MET H 170 -68.28 21.58 23.32
CA MET H 170 -68.66 22.77 22.56
C MET H 170 -69.24 23.87 23.43
N CYS H 171 -69.93 23.50 24.51
CA CYS H 171 -70.51 24.44 25.45
C CYS H 171 -69.47 25.21 26.27
N MET H 172 -68.21 24.78 26.26
CA MET H 172 -67.10 25.45 26.94
C MET H 172 -66.21 26.26 25.99
N VAL H 173 -66.28 25.95 24.69
CA VAL H 173 -65.47 26.51 23.61
C VAL H 173 -66.29 27.54 22.78
N MET H 174 -67.51 27.19 22.34
CA MET H 174 -68.42 28.04 21.55
C MET H 174 -69.24 29.05 22.37
N ARG H 175 -69.21 28.96 23.69
CA ARG H 175 -70.01 29.82 24.55
C ARG H 175 -69.51 29.68 26.00
N GLY H 176 -70.19 30.37 26.93
CA GLY H 176 -69.86 30.31 28.35
C GLY H 176 -68.49 30.89 28.59
N VAL H 177 -67.58 30.09 29.21
CA VAL H 177 -66.23 30.52 29.49
C VAL H 177 -65.41 30.80 28.23
N GLN H 178 -65.78 30.14 27.10
CA GLN H 178 -65.12 30.30 25.81
C GLN H 178 -63.62 30.13 25.89
N LYS H 179 -63.20 29.06 26.56
CA LYS H 179 -61.78 28.75 26.64
C LYS H 179 -61.59 27.73 25.51
N MET H 180 -61.22 28.22 24.33
CA MET H 180 -61.13 27.53 23.05
C MET H 180 -60.09 26.40 22.97
N ASN H 181 -59.05 26.42 23.78
CA ASN H 181 -58.04 25.36 23.74
C ASN H 181 -58.25 24.26 24.79
N SER H 182 -59.20 24.43 25.73
CA SER H 182 -59.35 23.48 26.82
C SER H 182 -59.94 22.15 26.42
N LYS H 183 -59.54 21.08 27.15
CA LYS H 183 -60.03 19.71 26.97
C LYS H 183 -60.34 19.08 28.34
N THR H 184 -61.33 18.18 28.41
CA THR H 184 -61.66 17.49 29.64
C THR H 184 -61.16 16.05 29.54
N VAL H 185 -60.44 15.57 30.57
CA VAL H 185 -59.91 14.20 30.60
C VAL H 185 -60.49 13.45 31.81
N THR H 186 -61.14 12.33 31.56
CA THR H 186 -61.71 11.51 32.63
C THR H 186 -61.00 10.15 32.61
N SER H 187 -60.71 9.58 33.79
CA SER H 187 -59.92 8.37 33.89
C SER H 187 -60.40 7.43 35.01
N THR H 188 -60.79 6.20 34.65
CA THR H 188 -61.25 5.18 35.59
C THR H 188 -60.21 4.09 35.57
N MET H 189 -59.73 3.70 36.76
CA MET H 189 -58.74 2.65 36.91
C MET H 189 -59.32 1.66 37.91
N LEU H 190 -59.53 0.43 37.49
CA LEU H 190 -60.15 -0.59 38.32
C LEU H 190 -59.23 -1.80 38.49
N GLY H 191 -59.35 -2.50 39.61
CA GLY H 191 -58.56 -3.70 39.85
C GLY H 191 -57.08 -3.45 39.81
N VAL H 192 -56.31 -4.30 39.14
CA VAL H 192 -54.85 -4.13 39.03
C VAL H 192 -54.42 -2.84 38.33
N PHE H 193 -55.33 -2.22 37.55
CA PHE H 193 -54.98 -0.93 36.93
C PHE H 193 -54.95 0.16 38.04
N ARG H 194 -55.71 0.01 39.15
CA ARG H 194 -55.62 0.93 40.26
C ARG H 194 -54.49 0.57 41.24
N GLU H 195 -54.43 -0.71 41.65
CA GLU H 195 -53.48 -1.23 42.63
C GLU H 195 -52.04 -1.25 42.22
N ASP H 196 -51.76 -1.67 40.98
CA ASP H 196 -50.37 -1.86 40.55
C ASP H 196 -49.81 -0.64 39.87
N PRO H 197 -48.75 -0.06 40.47
CA PRO H 197 -48.11 1.10 39.86
C PRO H 197 -47.53 0.78 38.49
N LYS H 198 -47.09 -0.48 38.29
CA LYS H 198 -46.46 -0.90 37.04
C LYS H 198 -47.49 -1.00 35.93
N THR H 199 -48.67 -1.55 36.26
CA THR H 199 -49.77 -1.74 35.35
C THR H 199 -50.30 -0.42 34.85
N ARG H 200 -50.46 0.54 35.76
CA ARG H 200 -51.00 1.84 35.40
C ARG H 200 -50.06 2.65 34.54
N GLU H 201 -48.78 2.69 34.90
CA GLU H 201 -47.77 3.43 34.13
C GLU H 201 -47.67 2.85 32.69
N GLU H 202 -47.81 1.52 32.56
CA GLU H 202 -47.82 0.80 31.29
C GLU H 202 -49.00 1.17 30.42
N PHE H 203 -50.23 1.13 30.96
CA PHE H 203 -51.43 1.53 30.22
C PHE H 203 -51.33 2.98 29.80
N LEU H 204 -50.95 3.88 30.72
CA LEU H 204 -50.82 5.29 30.43
C LEU H 204 -49.73 5.57 29.40
N THR H 205 -48.67 4.75 29.34
CA THR H 205 -47.61 4.97 28.33
C THR H 205 -48.08 4.52 26.95
N LEU H 206 -48.67 3.31 26.89
CA LEU H 206 -49.07 2.69 25.64
C LEU H 206 -50.25 3.36 24.95
N ILE H 207 -51.00 4.24 25.66
CA ILE H 207 -52.13 4.94 25.03
C ILE H 207 -51.69 6.27 24.34
N ARG H 208 -50.48 6.72 24.59
CA ARG H 208 -49.96 7.94 23.99
C ARG H 208 -49.02 7.62 22.84
N PRO I 17 -66.69 42.92 47.78
CA PRO I 17 -66.19 42.89 46.41
C PRO I 17 -66.46 44.18 45.65
N ARG I 18 -65.64 44.46 44.62
CA ARG I 18 -65.74 45.64 43.79
C ARG I 18 -67.08 45.66 43.06
N SER I 19 -67.74 46.81 43.00
CA SER I 19 -69.05 46.93 42.37
C SER I 19 -69.01 47.67 41.03
N GLU I 20 -70.11 47.62 40.26
CA GLU I 20 -70.19 48.36 39.01
C GLU I 20 -70.24 49.88 39.27
N GLU I 21 -70.76 50.30 40.44
CA GLU I 21 -70.81 51.69 40.86
C GLU I 21 -69.38 52.18 41.12
N ASP I 22 -68.54 51.34 41.75
CA ASP I 22 -67.13 51.66 42.00
C ASP I 22 -66.39 51.85 40.66
N ASN I 23 -66.69 51.00 39.67
CA ASN I 23 -66.08 51.09 38.35
C ASN I 23 -66.42 52.38 37.62
N GLU I 24 -67.69 52.81 37.67
CA GLU I 24 -68.12 54.06 37.03
C GLU I 24 -67.46 55.28 37.70
N LEU I 25 -67.36 55.23 39.04
CA LEU I 25 -66.79 56.25 39.89
C LEU I 25 -65.30 56.43 39.66
N ASN I 26 -64.55 55.31 39.55
CA ASN I 26 -63.11 55.36 39.40
C ASN I 26 -62.61 55.43 37.98
N LEU I 27 -63.48 55.23 36.98
CA LEU I 27 -63.03 55.29 35.59
C LEU I 27 -62.39 56.64 35.21
N PRO I 28 -62.98 57.82 35.57
CA PRO I 28 -62.32 59.09 35.25
C PRO I 28 -60.96 59.26 35.92
N ASN I 29 -60.79 58.71 37.14
CA ASN I 29 -59.53 58.79 37.87
C ASN I 29 -58.46 57.93 37.23
N LEU I 30 -58.86 56.77 36.69
CA LEU I 30 -57.96 55.87 36.00
C LEU I 30 -57.55 56.52 34.68
N ALA I 31 -58.51 57.10 33.94
CA ALA I 31 -58.24 57.79 32.67
C ALA I 31 -57.26 58.94 32.87
N ALA I 32 -57.42 59.71 33.96
CA ALA I 32 -56.54 60.85 34.28
C ALA I 32 -55.12 60.38 34.53
N ALA I 33 -54.96 59.26 35.25
CA ALA I 33 -53.65 58.69 35.54
C ALA I 33 -52.97 58.21 34.28
N TYR I 34 -53.72 57.59 33.35
CA TYR I 34 -53.17 57.12 32.08
C TYR I 34 -52.79 58.29 31.16
N SER I 35 -53.54 59.38 31.23
CA SER I 35 -53.22 60.58 30.46
C SER I 35 -51.92 61.19 30.98
N SER I 36 -51.74 61.19 32.31
CA SER I 36 -50.53 61.67 32.96
C SER I 36 -49.33 60.83 32.54
N ILE I 37 -49.51 59.49 32.43
CA ILE I 37 -48.45 58.58 32.00
C ILE I 37 -47.99 58.92 30.58
N LEU I 38 -48.94 59.14 29.66
CA LEU I 38 -48.61 59.51 28.27
C LEU I 38 -47.73 60.78 28.22
N SER I 39 -48.10 61.80 29.01
CA SER I 39 -47.33 63.03 29.07
C SER I 39 -45.96 62.83 29.71
N SER I 40 -45.89 62.04 30.80
CA SER I 40 -44.64 61.79 31.49
C SER I 40 -43.64 60.97 30.68
N LEU I 41 -44.12 60.17 29.72
CA LEU I 41 -43.23 59.40 28.85
C LEU I 41 -42.64 60.21 27.67
N GLY I 42 -43.09 61.46 27.51
CA GLY I 42 -42.68 62.33 26.41
C GLY I 42 -43.59 62.24 25.20
N GLU I 43 -44.73 61.55 25.31
CA GLU I 43 -45.66 61.41 24.21
C GLU I 43 -46.67 62.57 24.15
N ASN I 44 -47.33 62.73 23.00
CA ASN I 44 -48.33 63.77 22.83
C ASN I 44 -49.72 63.16 23.06
N PRO I 45 -50.37 63.48 24.18
CA PRO I 45 -51.70 62.93 24.45
C PRO I 45 -52.76 63.40 23.44
N GLN I 46 -52.57 64.59 22.89
CA GLN I 46 -53.49 65.15 21.89
C GLN I 46 -53.24 64.63 20.46
N ARG I 47 -52.20 63.79 20.29
CA ARG I 47 -51.84 63.11 19.05
C ARG I 47 -53.02 62.19 18.70
N GLN I 48 -53.35 62.06 17.42
CA GLN I 48 -54.53 61.29 16.99
C GLN I 48 -54.63 59.86 17.56
N GLY I 49 -53.53 59.11 17.48
CA GLY I 49 -53.46 57.74 17.98
C GLY I 49 -53.63 57.59 19.47
N LEU I 50 -53.36 58.65 20.24
CA LEU I 50 -53.50 58.62 21.70
C LEU I 50 -54.74 59.36 22.24
N LEU I 51 -55.61 59.92 21.36
CA LEU I 51 -56.76 60.69 21.85
C LEU I 51 -57.64 59.91 22.84
N LYS I 52 -58.19 58.75 22.45
CA LYS I 52 -59.03 58.00 23.37
C LYS I 52 -58.27 56.91 24.17
N THR I 53 -56.91 56.90 24.12
CA THR I 53 -56.10 55.95 24.85
C THR I 53 -56.33 56.02 26.40
N PRO I 54 -56.33 57.20 27.09
CA PRO I 54 -56.56 57.20 28.54
C PRO I 54 -57.82 56.44 28.99
N TRP I 55 -58.86 56.42 28.14
CA TRP I 55 -60.10 55.75 28.49
C TRP I 55 -60.06 54.28 28.14
N ARG I 56 -59.47 53.91 26.98
CA ARG I 56 -59.36 52.51 26.58
C ARG I 56 -58.43 51.75 27.52
N ALA I 57 -57.33 52.38 27.92
CA ALA I 57 -56.36 51.80 28.85
C ALA I 57 -57.01 51.56 30.22
N ALA I 58 -57.85 52.50 30.66
CA ALA I 58 -58.57 52.42 31.93
C ALA I 58 -59.65 51.32 31.92
N SER I 59 -60.46 51.22 30.85
CA SER I 59 -61.46 50.16 30.74
C SER I 59 -60.79 48.79 30.71
N ALA I 60 -59.69 48.66 29.94
CA ALA I 60 -58.94 47.42 29.86
C ALA I 60 -58.42 47.02 31.23
N MET I 61 -57.78 47.94 32.00
CA MET I 61 -57.31 47.64 33.35
C MET I 61 -58.45 47.23 34.31
N GLN I 62 -59.66 47.77 34.13
CA GLN I 62 -60.82 47.36 34.93
C GLN I 62 -61.22 45.93 34.51
N PHE I 63 -61.14 45.60 33.21
CA PHE I 63 -61.46 44.26 32.75
C PHE I 63 -60.43 43.27 33.32
N PHE I 64 -59.14 43.63 33.26
CA PHE I 64 -58.03 42.82 33.77
C PHE I 64 -58.09 42.53 35.26
N THR I 65 -58.77 43.40 36.00
CA THR I 65 -58.92 43.22 37.44
C THR I 65 -60.39 43.00 37.83
N LYS I 66 -61.21 42.42 36.94
CA LYS I 66 -62.63 42.16 37.25
C LYS I 66 -62.87 41.04 38.28
N GLY I 67 -61.85 40.21 38.54
CA GLY I 67 -61.93 39.14 39.52
C GLY I 67 -62.22 39.63 40.93
N TYR I 68 -61.98 40.92 41.19
CA TYR I 68 -62.27 41.55 42.46
C TYR I 68 -63.79 41.71 42.66
N GLN I 69 -64.57 41.81 41.57
CA GLN I 69 -66.03 41.95 41.66
C GLN I 69 -66.76 40.66 42.03
N GLU I 70 -66.16 39.51 41.73
CA GLU I 70 -66.78 38.21 41.93
C GLU I 70 -66.44 37.59 43.26
N THR I 71 -67.35 36.72 43.73
CA THR I 71 -67.12 35.93 44.93
C THR I 71 -67.07 34.47 44.51
N ILE I 72 -66.25 33.65 45.16
CA ILE I 72 -66.15 32.23 44.81
C ILE I 72 -67.50 31.49 44.97
N SER I 73 -68.37 31.99 45.85
CA SER I 73 -69.68 31.42 46.11
C SER I 73 -70.63 31.49 44.90
N ASP I 74 -70.86 32.71 44.35
CA ASP I 74 -71.78 32.86 43.22
C ASP I 74 -71.20 32.42 41.88
N VAL I 75 -69.89 32.11 41.83
CA VAL I 75 -69.26 31.68 40.60
C VAL I 75 -69.59 30.21 40.30
N LEU I 76 -69.80 29.37 41.34
CA LEU I 76 -70.10 27.96 41.10
C LEU I 76 -71.55 27.72 40.58
N ASN I 77 -72.48 28.68 40.81
CA ASN I 77 -73.88 28.69 40.35
C ASN I 77 -74.69 27.41 40.66
N ASP I 78 -74.45 26.81 41.83
CA ASP I 78 -75.12 25.55 42.23
C ASP I 78 -74.79 24.37 41.31
N ALA I 79 -73.71 24.48 40.52
CA ALA I 79 -73.34 23.40 39.62
C ALA I 79 -72.41 22.43 40.33
N ILE I 80 -72.87 21.94 41.48
CA ILE I 80 -72.18 20.92 42.25
C ILE I 80 -73.13 19.76 42.23
N PHE I 81 -72.75 18.73 41.50
CA PHE I 81 -73.58 17.55 41.36
C PHE I 81 -73.08 16.54 42.39
N ASP I 82 -73.85 16.32 43.49
CA ASP I 82 -73.46 15.37 44.55
C ASP I 82 -73.48 13.96 44.00
N GLU I 83 -72.31 13.51 43.50
CA GLU I 83 -72.14 12.20 42.87
C GLU I 83 -70.83 11.56 43.31
N ASP I 84 -70.84 10.24 43.49
CA ASP I 84 -69.64 9.50 43.81
C ASP I 84 -69.33 8.70 42.54
N HIS I 85 -68.29 9.13 41.80
CA HIS I 85 -67.93 8.47 40.55
C HIS I 85 -66.71 7.54 40.68
N ASP I 86 -65.67 7.97 41.43
CA ASP I 86 -64.43 7.24 41.73
C ASP I 86 -63.44 7.26 40.56
N GLU I 87 -63.39 8.38 39.86
CA GLU I 87 -62.52 8.53 38.71
C GLU I 87 -61.83 9.87 38.77
N MET I 88 -60.68 10.01 38.11
CA MET I 88 -60.01 11.29 38.09
C MET I 88 -60.66 12.20 37.05
N VAL I 89 -60.86 13.47 37.40
CA VAL I 89 -61.42 14.45 36.45
C VAL I 89 -60.35 15.51 36.22
N ILE I 90 -60.12 15.88 34.97
CA ILE I 90 -59.13 16.86 34.54
C ILE I 90 -59.74 17.81 33.53
N VAL I 91 -59.39 19.09 33.61
CA VAL I 91 -59.71 20.08 32.59
C VAL I 91 -58.35 20.77 32.34
N LYS I 92 -57.76 20.51 31.19
CA LYS I 92 -56.43 20.99 30.86
C LYS I 92 -56.47 22.03 29.76
N ASP I 93 -55.45 22.88 29.68
CA ASP I 93 -55.32 23.92 28.66
C ASP I 93 -56.36 25.01 28.81
N ILE I 94 -56.51 25.47 30.03
CA ILE I 94 -57.42 26.57 30.31
C ILE I 94 -56.57 27.81 30.09
N ASP I 95 -56.91 28.65 29.10
CA ASP I 95 -56.15 29.88 28.86
C ASP I 95 -56.25 30.80 30.08
N MET I 96 -55.12 31.32 30.50
CA MET I 96 -55.01 32.15 31.68
C MET I 96 -54.30 33.45 31.28
N PHE I 97 -54.84 34.60 31.72
CA PHE I 97 -54.30 35.91 31.43
C PHE I 97 -54.38 36.69 32.74
N SER I 98 -53.21 36.92 33.38
CA SER I 98 -53.16 37.62 34.66
C SER I 98 -52.29 38.90 34.57
N MET I 99 -52.17 39.62 35.67
CA MET I 99 -51.38 40.85 35.72
C MET I 99 -50.40 40.69 36.83
N CYS I 100 -49.13 40.88 36.55
CA CYS I 100 -48.10 40.84 37.56
C CYS I 100 -48.30 42.04 38.52
N GLU I 101 -48.31 41.79 39.82
CA GLU I 101 -48.54 42.86 40.78
C GLU I 101 -47.26 43.73 41.00
N HIS I 102 -46.06 43.19 40.62
CA HIS I 102 -44.76 43.84 40.77
C HIS I 102 -44.44 44.90 39.73
N HIS I 103 -44.84 44.68 38.47
CA HIS I 103 -44.54 45.62 37.40
C HIS I 103 -45.77 46.07 36.61
N LEU I 104 -46.98 45.53 36.92
CA LEU I 104 -48.22 45.79 36.20
C LEU I 104 -48.14 45.42 34.69
N VAL I 105 -47.47 44.30 34.37
CA VAL I 105 -47.40 43.77 33.00
C VAL I 105 -48.04 42.36 32.99
N PRO I 106 -48.61 41.91 31.85
CA PRO I 106 -49.32 40.64 31.86
C PRO I 106 -48.45 39.43 32.05
N PHE I 107 -49.02 38.39 32.64
CA PHE I 107 -48.39 37.08 32.70
C PHE I 107 -49.44 36.12 32.18
N VAL I 108 -49.12 35.41 31.11
CA VAL I 108 -50.10 34.60 30.39
C VAL I 108 -49.67 33.14 30.19
N GLY I 109 -50.63 32.21 30.21
CA GLY I 109 -50.34 30.80 29.96
C GLY I 109 -51.56 29.91 30.03
N LYS I 110 -51.39 28.69 30.62
CA LYS I 110 -52.43 27.68 30.81
C LYS I 110 -52.51 27.21 32.29
N VAL I 111 -53.71 26.81 32.69
CA VAL I 111 -53.96 26.18 33.98
C VAL I 111 -54.49 24.79 33.67
N HIS I 112 -53.94 23.75 34.28
CA HIS I 112 -54.42 22.38 34.13
C HIS I 112 -54.86 21.95 35.52
N ILE I 113 -56.12 21.56 35.67
CA ILE I 113 -56.67 21.19 36.98
C ILE I 113 -57.09 19.73 36.99
N GLY I 114 -56.81 19.04 38.08
CA GLY I 114 -57.22 17.67 38.25
C GLY I 114 -57.75 17.45 39.65
N TYR I 115 -58.73 16.55 39.81
CA TYR I 115 -59.22 16.20 41.14
C TYR I 115 -59.78 14.77 41.17
N LEU I 116 -59.87 14.22 42.36
CA LEU I 116 -60.48 12.93 42.57
C LEU I 116 -61.65 13.19 43.53
N PRO I 117 -62.91 13.21 43.07
CA PRO I 117 -64.04 13.50 43.98
C PRO I 117 -64.24 12.54 45.14
N ASN I 118 -64.88 13.04 46.22
CA ASN I 118 -65.26 12.26 47.40
C ASN I 118 -66.78 12.53 47.55
N LYS I 119 -67.61 12.01 46.62
CA LYS I 119 -69.09 12.22 46.68
C LYS I 119 -69.52 13.68 46.38
N GLN I 120 -68.98 14.29 45.30
CA GLN I 120 -69.24 15.67 44.85
C GLN I 120 -68.42 16.00 43.57
N VAL I 121 -69.11 16.25 42.46
CA VAL I 121 -68.51 16.59 41.17
C VAL I 121 -68.88 18.02 40.76
N LEU I 122 -67.90 18.84 40.40
CA LEU I 122 -68.15 20.21 39.96
C LEU I 122 -68.48 20.28 38.46
N GLY I 123 -69.31 21.24 38.05
CA GLY I 123 -69.60 21.52 36.64
C GLY I 123 -68.30 21.93 35.97
N LEU I 124 -67.97 21.34 34.82
CA LEU I 124 -66.69 21.53 34.12
C LEU I 124 -66.32 22.99 33.86
N SER I 125 -67.24 23.82 33.36
CA SER I 125 -66.93 25.23 33.11
C SER I 125 -66.65 26.01 34.37
N LYS I 126 -67.09 25.53 35.54
CA LYS I 126 -66.81 26.21 36.80
C LYS I 126 -65.33 26.10 37.20
N LEU I 127 -64.60 25.10 36.67
CA LEU I 127 -63.16 25.04 36.92
C LEU I 127 -62.47 26.22 36.24
N ALA I 128 -62.90 26.58 35.01
CA ALA I 128 -62.36 27.73 34.31
C ALA I 128 -62.86 29.05 34.92
N ARG I 129 -64.09 29.07 35.50
CA ARG I 129 -64.61 30.25 36.19
C ARG I 129 -63.87 30.49 37.52
N ILE I 130 -63.37 29.43 38.19
CA ILE I 130 -62.53 29.58 39.38
C ILE I 130 -61.19 30.21 38.95
N VAL I 131 -60.64 29.76 37.78
CA VAL I 131 -59.43 30.32 37.21
C VAL I 131 -59.66 31.80 36.87
N GLU I 132 -60.82 32.14 36.35
CA GLU I 132 -61.15 33.52 36.00
C GLU I 132 -61.23 34.46 37.21
N ILE I 133 -61.73 34.03 38.40
CA ILE I 133 -61.79 34.93 39.57
C ILE I 133 -60.42 35.35 40.07
N TYR I 134 -59.51 34.40 40.15
CA TYR I 134 -58.20 34.62 40.71
C TYR I 134 -57.22 35.19 39.73
N SER I 135 -57.28 34.75 38.44
CA SER I 135 -56.36 35.26 37.44
C SER I 135 -56.61 36.73 37.09
N ARG I 136 -57.89 37.17 37.02
CA ARG I 136 -58.24 38.57 36.76
C ARG I 136 -58.03 39.53 37.98
N ARG I 137 -56.83 39.57 38.49
CA ARG I 137 -56.42 40.39 39.63
C ARG I 137 -54.93 40.68 39.50
N LEU I 138 -54.39 41.68 40.23
CA LEU I 138 -52.94 41.88 40.26
C LEU I 138 -52.40 40.72 41.12
N GLN I 139 -51.51 39.90 40.55
CA GLN I 139 -51.13 38.65 41.16
C GLN I 139 -49.68 38.30 41.14
N VAL I 140 -49.36 37.19 41.81
CA VAL I 140 -48.10 36.47 41.80
C VAL I 140 -48.51 35.01 41.50
N GLN I 141 -47.81 34.34 40.57
CA GLN I 141 -48.18 33.02 40.10
C GLN I 141 -48.47 32.02 41.19
N GLU I 142 -47.60 31.97 42.21
CA GLU I 142 -47.71 31.07 43.36
C GLU I 142 -49.03 31.24 44.11
N ARG I 143 -49.47 32.48 44.25
CA ARG I 143 -50.70 32.79 44.95
C ARG I 143 -51.87 32.37 44.12
N LEU I 144 -51.83 32.66 42.83
CA LEU I 144 -52.88 32.27 41.92
C LEU I 144 -53.06 30.73 41.90
N THR I 145 -51.96 29.96 41.82
CA THR I 145 -51.98 28.49 41.83
C THR I 145 -52.67 27.91 43.05
N LYS I 146 -52.35 28.46 44.25
CA LYS I 146 -52.87 28.02 45.54
C LYS I 146 -54.33 28.37 45.72
N GLN I 147 -54.73 29.60 45.32
CA GLN I 147 -56.12 30.05 45.45
C GLN I 147 -57.04 29.15 44.65
N ILE I 148 -56.62 28.72 43.45
CA ILE I 148 -57.42 27.83 42.62
C ILE I 148 -57.59 26.48 43.32
N ALA I 149 -56.52 25.96 43.94
CA ALA I 149 -56.54 24.67 44.63
C ALA I 149 -57.39 24.68 45.90
N VAL I 150 -57.32 25.78 46.65
CA VAL I 150 -58.09 25.93 47.87
C VAL I 150 -59.56 26.05 47.51
N ALA I 151 -59.90 26.85 46.48
CA ALA I 151 -61.30 27.00 46.10
C ALA I 151 -61.93 25.68 45.66
N ILE I 152 -61.18 24.78 45.01
CA ILE I 152 -61.75 23.49 44.61
C ILE I 152 -61.89 22.54 45.82
N THR I 153 -60.90 22.56 46.73
CA THR I 153 -60.88 21.72 47.93
C THR I 153 -61.99 22.12 48.86
N GLU I 154 -62.25 23.43 49.03
CA GLU I 154 -63.29 23.88 49.94
C GLU I 154 -64.69 23.67 49.37
N ALA I 155 -64.84 23.69 48.03
CA ALA I 155 -66.14 23.48 47.41
C ALA I 155 -66.53 22.01 47.36
N LEU I 156 -65.58 21.11 47.04
CA LEU I 156 -65.92 19.70 46.88
C LEU I 156 -65.40 18.75 47.93
N ARG I 157 -64.49 19.18 48.84
CA ARG I 157 -63.80 18.30 49.83
C ARG I 157 -63.37 16.96 49.18
N PRO I 158 -62.57 17.03 48.11
CA PRO I 158 -62.25 15.80 47.37
C PRO I 158 -61.12 15.00 47.97
N ALA I 159 -60.84 13.83 47.39
CA ALA I 159 -59.78 12.97 47.85
C ALA I 159 -58.44 13.67 47.71
N GLY I 160 -58.28 14.41 46.62
CA GLY I 160 -57.12 15.21 46.27
C GLY I 160 -57.41 16.17 45.12
N VAL I 161 -56.45 17.09 44.87
CA VAL I 161 -56.48 18.10 43.82
C VAL I 161 -55.04 18.34 43.35
N GLY I 162 -54.90 18.62 42.08
CA GLY I 162 -53.62 18.97 41.50
C GLY I 162 -53.86 20.17 40.62
N VAL I 163 -53.06 21.25 40.80
CA VAL I 163 -53.19 22.45 39.95
C VAL I 163 -51.85 22.77 39.36
N VAL I 164 -51.73 22.87 38.03
CA VAL I 164 -50.45 23.22 37.39
C VAL I 164 -50.66 24.48 36.56
N VAL I 165 -49.87 25.53 36.76
CA VAL I 165 -50.01 26.75 35.96
C VAL I 165 -48.69 26.95 35.24
N GLU I 166 -48.67 26.98 33.89
CA GLU I 166 -47.47 27.30 33.12
C GLU I 166 -47.71 28.68 32.52
N ALA I 167 -46.82 29.65 32.76
CA ALA I 167 -47.00 31.01 32.26
C ALA I 167 -45.72 31.66 31.74
N THR I 168 -45.87 32.62 30.84
CA THR I 168 -44.80 33.49 30.35
C THR I 168 -45.03 34.82 31.03
N HIS I 169 -44.02 35.28 31.75
CA HIS I 169 -44.12 36.56 32.44
C HIS I 169 -43.53 37.64 31.57
N MET I 170 -44.33 38.64 31.17
CA MET I 170 -43.80 39.72 30.34
C MET I 170 -42.61 40.46 31.01
N CYS I 171 -42.62 40.54 32.35
CA CYS I 171 -41.56 41.19 33.14
C CYS I 171 -40.20 40.45 33.11
N MET I 172 -40.15 39.26 32.53
CA MET I 172 -38.94 38.50 32.38
C MET I 172 -38.48 38.40 30.91
N VAL I 173 -39.39 38.64 29.98
CA VAL I 173 -39.21 38.48 28.55
C VAL I 173 -38.99 39.84 27.83
N MET I 174 -39.83 40.84 28.15
CA MET I 174 -39.78 42.16 27.54
C MET I 174 -38.76 43.11 28.17
N ARG I 175 -38.25 42.76 29.37
CA ARG I 175 -37.38 43.63 30.15
C ARG I 175 -36.61 42.77 31.17
N GLY I 176 -35.79 43.42 32.02
CA GLY I 176 -35.04 42.74 33.08
C GLY I 176 -34.03 41.74 32.58
N VAL I 177 -34.15 40.47 33.03
CA VAL I 177 -33.26 39.38 32.59
C VAL I 177 -33.39 39.11 31.10
N GLN I 178 -34.55 39.42 30.49
CA GLN I 178 -34.80 39.24 29.06
C GLN I 178 -34.50 37.81 28.59
N LYS I 179 -35.04 36.83 29.34
CA LYS I 179 -34.91 35.43 29.03
C LYS I 179 -36.16 35.08 28.22
N MET I 180 -36.11 35.38 26.91
CA MET I 180 -37.16 35.29 25.90
C MET I 180 -37.89 33.96 25.83
N ASN I 181 -37.22 32.87 26.05
CA ASN I 181 -37.82 31.54 25.98
C ASN I 181 -38.29 30.98 27.30
N SER I 182 -37.96 31.62 28.45
CA SER I 182 -38.33 31.06 29.75
C SER I 182 -39.83 31.09 30.05
N LYS I 183 -40.27 30.10 30.83
CA LYS I 183 -41.62 29.91 31.31
C LYS I 183 -41.54 29.52 32.80
N THR I 184 -42.56 29.90 33.57
CA THR I 184 -42.63 29.56 34.97
C THR I 184 -43.72 28.54 35.14
N VAL I 185 -43.41 27.40 35.77
CA VAL I 185 -44.43 26.41 36.08
C VAL I 185 -44.57 26.38 37.59
N THR I 186 -45.82 26.41 38.09
CA THR I 186 -46.12 26.28 39.51
C THR I 186 -47.09 25.12 39.70
N SER I 187 -46.87 24.31 40.74
CA SER I 187 -47.66 23.11 40.93
C SER I 187 -48.09 22.84 42.38
N THR I 188 -49.40 22.67 42.58
CA THR I 188 -49.93 22.38 43.92
C THR I 188 -50.44 20.98 43.90
N MET I 189 -50.00 20.13 44.84
CA MET I 189 -50.52 18.76 44.91
C MET I 189 -51.09 18.48 46.31
N LEU I 190 -52.43 18.40 46.42
CA LEU I 190 -53.12 18.19 47.70
C LEU I 190 -53.70 16.77 47.83
N GLY I 191 -53.80 16.29 49.06
CA GLY I 191 -54.38 15.00 49.38
C GLY I 191 -53.75 13.81 48.69
N VAL I 192 -54.57 12.98 48.03
CA VAL I 192 -54.10 11.79 47.29
C VAL I 192 -53.14 12.14 46.14
N PHE I 193 -53.27 13.35 45.55
CA PHE I 193 -52.36 13.76 44.49
C PHE I 193 -50.96 13.94 45.08
N ARG I 194 -50.84 14.35 46.36
CA ARG I 194 -49.54 14.43 46.97
C ARG I 194 -49.05 13.07 47.48
N GLU I 195 -49.91 12.34 48.18
CA GLU I 195 -49.52 11.09 48.83
C GLU I 195 -49.22 9.93 47.90
N ASP I 196 -50.03 9.73 46.85
CA ASP I 196 -49.93 8.55 46.01
C ASP I 196 -49.14 8.81 44.73
N PRO I 197 -48.08 8.01 44.50
CA PRO I 197 -47.27 8.18 43.28
C PRO I 197 -48.03 7.80 42.01
N LYS I 198 -48.96 6.85 42.10
CA LYS I 198 -49.76 6.45 40.95
C LYS I 198 -50.68 7.61 40.56
N THR I 199 -51.36 8.24 41.53
CA THR I 199 -52.24 9.37 41.25
C THR I 199 -51.50 10.53 40.60
N ARG I 200 -50.36 10.98 41.22
CA ARG I 200 -49.54 12.06 40.67
C ARG I 200 -48.94 11.75 39.28
N GLU I 201 -48.46 10.53 39.07
CA GLU I 201 -47.92 10.15 37.76
C GLU I 201 -49.02 10.18 36.70
N GLU I 202 -50.22 9.74 37.07
CA GLU I 202 -51.36 9.72 36.16
C GLU I 202 -51.83 11.11 35.78
N PHE I 203 -51.97 12.04 36.73
CA PHE I 203 -52.36 13.41 36.39
C PHE I 203 -51.30 14.14 35.56
N LEU I 204 -50.01 14.00 35.90
CA LEU I 204 -48.94 14.65 35.15
C LEU I 204 -48.85 14.14 33.71
N THR I 205 -49.19 12.88 33.47
CA THR I 205 -49.15 12.29 32.14
C THR I 205 -50.39 12.73 31.33
N LEU I 206 -51.55 12.73 31.97
CA LEU I 206 -52.79 13.05 31.29
C LEU I 206 -52.94 14.53 30.94
N ILE I 207 -52.19 15.41 31.58
CA ILE I 207 -52.27 16.84 31.24
C ILE I 207 -51.42 17.21 30.03
N ARG I 208 -50.50 16.34 29.58
CA ARG I 208 -49.66 16.61 28.42
C ARG I 208 -50.51 16.59 27.16
N PRO J 17 -14.47 41.65 43.91
CA PRO J 17 -15.11 41.42 42.61
C PRO J 17 -14.60 42.35 41.52
N ARG J 18 -14.65 41.90 40.25
CA ARG J 18 -14.18 42.72 39.13
C ARG J 18 -15.04 43.97 38.99
N SER J 19 -14.45 45.14 38.74
CA SER J 19 -15.24 46.36 38.59
C SER J 19 -15.25 46.89 37.13
N GLU J 20 -16.11 47.89 36.86
CA GLU J 20 -16.16 48.53 35.54
C GLU J 20 -14.87 49.34 35.30
N GLU J 21 -14.21 49.82 36.38
CA GLU J 21 -12.94 50.54 36.32
C GLU J 21 -11.83 49.56 35.92
N ASP J 22 -11.85 48.34 36.44
CA ASP J 22 -10.89 47.29 36.07
C ASP J 22 -11.02 46.95 34.58
N ASN J 23 -12.28 46.88 34.07
CA ASN J 23 -12.59 46.62 32.67
C ASN J 23 -11.98 47.69 31.76
N GLU J 24 -12.15 48.98 32.11
CA GLU J 24 -11.61 50.08 31.30
C GLU J 24 -10.08 50.06 31.31
N LEU J 25 -9.47 49.72 32.45
CA LEU J 25 -8.03 49.64 32.64
C LEU J 25 -7.38 48.52 31.81
N ASN J 26 -8.01 47.35 31.78
CA ASN J 26 -7.45 46.20 31.08
C ASN J 26 -7.83 46.10 29.61
N LEU J 27 -8.76 46.94 29.14
CA LEU J 27 -9.21 46.87 27.76
C LEU J 27 -8.10 47.07 26.76
N PRO J 28 -7.16 48.06 26.89
CA PRO J 28 -6.07 48.17 25.92
C PRO J 28 -5.14 46.95 25.88
N ASN J 29 -4.94 46.29 27.03
CA ASN J 29 -4.09 45.11 27.11
C ASN J 29 -4.74 43.93 26.42
N LEU J 30 -6.08 43.81 26.54
CA LEU J 30 -6.85 42.76 25.91
C LEU J 30 -6.87 43.01 24.41
N ALA J 31 -7.08 44.26 23.97
CA ALA J 31 -7.06 44.58 22.53
C ALA J 31 -5.69 44.27 21.90
N ALA J 32 -4.60 44.55 22.60
CA ALA J 32 -3.26 44.26 22.13
C ALA J 32 -3.05 42.74 21.96
N ALA J 33 -3.55 41.92 22.92
CA ALA J 33 -3.44 40.47 22.85
C ALA J 33 -4.24 39.92 21.66
N TYR J 34 -5.43 40.46 21.41
CA TYR J 34 -6.25 40.04 20.28
C TYR J 34 -5.64 40.45 18.95
N SER J 35 -4.95 41.61 18.91
CA SER J 35 -4.27 42.05 17.70
C SER J 35 -3.10 41.09 17.40
N SER J 36 -2.40 40.65 18.45
CA SER J 36 -1.31 39.71 18.35
C SER J 36 -1.81 38.38 17.80
N ILE J 37 -2.99 37.92 18.27
CA ILE J 37 -3.62 36.69 17.80
C ILE J 37 -3.93 36.77 16.30
N LEU J 38 -4.50 37.90 15.83
CA LEU J 38 -4.80 38.09 14.40
C LEU J 38 -3.54 37.94 13.55
N SER J 39 -2.43 38.53 13.98
CA SER J 39 -1.17 38.43 13.25
C SER J 39 -0.60 37.02 13.32
N SER J 40 -0.68 36.36 14.49
CA SER J 40 -0.14 35.01 14.64
C SER J 40 -0.92 33.97 13.85
N LEU J 41 -2.21 34.24 13.53
CA LEU J 41 -3.00 33.30 12.72
C LEU J 41 -2.76 33.44 11.21
N GLY J 42 -1.98 34.43 10.81
CA GLY J 42 -1.69 34.69 9.41
C GLY J 42 -2.59 35.76 8.80
N GLU J 43 -3.43 36.41 9.61
CA GLU J 43 -4.31 37.43 9.10
C GLU J 43 -3.68 38.80 9.03
N ASN J 44 -4.25 39.70 8.21
CA ASN J 44 -3.79 41.07 8.08
C ASN J 44 -4.62 41.96 9.01
N PRO J 45 -4.04 42.38 10.15
CA PRO J 45 -4.78 43.23 11.09
C PRO J 45 -5.15 44.62 10.57
N GLN J 46 -4.60 45.01 9.42
CA GLN J 46 -4.86 46.30 8.79
C GLN J 46 -5.97 46.28 7.77
N ARG J 47 -6.48 45.10 7.35
CA ARG J 47 -7.58 45.07 6.40
C ARG J 47 -8.87 45.66 7.04
N GLN J 48 -9.79 46.19 6.21
CA GLN J 48 -11.03 46.84 6.66
C GLN J 48 -11.83 46.04 7.76
N GLY J 49 -12.13 44.77 7.49
CA GLY J 49 -12.90 43.94 8.42
C GLY J 49 -12.28 43.68 9.78
N LEU J 50 -10.95 43.69 9.88
CA LEU J 50 -10.27 43.45 11.14
C LEU J 50 -9.85 44.70 11.92
N LEU J 51 -10.03 45.91 11.34
CA LEU J 51 -9.55 47.14 12.01
C LEU J 51 -10.05 47.33 13.43
N LYS J 52 -11.33 47.08 13.68
CA LYS J 52 -11.91 47.23 15.00
C LYS J 52 -12.08 45.93 15.75
N THR J 53 -11.54 44.84 15.23
CA THR J 53 -11.66 43.53 15.85
C THR J 53 -10.93 43.41 17.21
N PRO J 54 -9.70 43.91 17.45
CA PRO J 54 -9.11 43.78 18.78
C PRO J 54 -10.00 44.34 19.90
N TRP J 55 -10.63 45.52 19.74
CA TRP J 55 -11.52 46.15 20.73
C TRP J 55 -12.86 45.48 20.85
N ARG J 56 -13.38 44.98 19.74
CA ARG J 56 -14.66 44.30 19.77
C ARG J 56 -14.52 42.94 20.43
N ALA J 57 -13.44 42.23 20.13
CA ALA J 57 -13.20 40.95 20.75
C ALA J 57 -12.88 41.10 22.26
N ALA J 58 -12.22 42.19 22.63
CA ALA J 58 -11.86 42.44 24.01
C ALA J 58 -13.10 42.74 24.82
N SER J 59 -14.00 43.59 24.29
CA SER J 59 -15.22 43.94 25.02
C SER J 59 -16.10 42.75 25.15
N ALA J 60 -16.28 41.95 24.05
CA ALA J 60 -17.13 40.76 24.06
C ALA J 60 -16.69 39.82 25.15
N MET J 61 -15.35 39.61 25.29
CA MET J 61 -14.75 38.73 26.29
C MET J 61 -15.00 39.24 27.71
N GLN J 62 -14.98 40.57 27.89
CA GLN J 62 -15.29 41.15 29.21
C GLN J 62 -16.76 40.92 29.53
N PHE J 63 -17.64 41.07 28.53
CA PHE J 63 -19.07 40.86 28.73
C PHE J 63 -19.37 39.42 29.07
N PHE J 64 -18.71 38.46 28.38
CA PHE J 64 -18.84 37.02 28.59
C PHE J 64 -18.36 36.59 29.99
N THR J 65 -17.47 37.35 30.63
CA THR J 65 -17.00 37.04 31.97
C THR J 65 -17.47 38.09 33.00
N LYS J 66 -18.58 38.80 32.73
CA LYS J 66 -19.13 39.82 33.63
C LYS J 66 -19.61 39.28 34.99
N GLY J 67 -19.87 37.98 35.08
CA GLY J 67 -20.30 37.33 36.31
C GLY J 67 -19.32 37.50 37.45
N TYR J 68 -18.05 37.77 37.13
CA TYR J 68 -17.01 38.03 38.12
C TYR J 68 -17.26 39.36 38.84
N GLN J 69 -17.94 40.31 38.18
CA GLN J 69 -18.29 41.62 38.73
C GLN J 69 -19.50 41.57 39.69
N GLU J 70 -20.07 40.38 39.94
CA GLU J 70 -21.31 40.26 40.70
C GLU J 70 -21.21 39.47 42.00
N THR J 71 -22.11 39.79 42.90
CA THR J 71 -22.21 39.20 44.21
C THR J 71 -23.63 38.66 44.37
N ILE J 72 -23.79 37.38 44.78
CA ILE J 72 -25.11 36.77 44.97
C ILE J 72 -26.02 37.62 45.89
N SER J 73 -25.43 38.40 46.80
CA SER J 73 -26.18 39.30 47.69
C SER J 73 -26.84 40.44 46.91
N ASP J 74 -26.07 41.15 46.07
CA ASP J 74 -26.57 42.26 45.26
C ASP J 74 -27.57 41.76 44.19
N VAL J 75 -27.30 40.59 43.63
CA VAL J 75 -28.12 40.00 42.58
C VAL J 75 -29.54 39.70 43.07
N LEU J 76 -29.67 39.28 44.33
CA LEU J 76 -30.98 38.94 44.89
C LEU J 76 -31.87 40.15 45.11
N ASN J 77 -31.28 41.37 45.26
CA ASN J 77 -31.98 42.65 45.42
C ASN J 77 -33.11 42.59 46.50
N ASP J 78 -32.84 41.88 47.61
CA ASP J 78 -33.78 41.67 48.71
C ASP J 78 -35.13 41.14 48.24
N ALA J 79 -35.17 40.42 47.10
CA ALA J 79 -36.42 39.89 46.58
C ALA J 79 -36.68 38.50 47.10
N ILE J 80 -36.70 38.40 48.44
CA ILE J 80 -37.01 37.21 49.21
C ILE J 80 -38.28 37.58 50.00
N PHE J 81 -39.36 36.83 49.78
CA PHE J 81 -40.66 37.07 50.38
C PHE J 81 -41.02 35.90 51.31
N ASP J 82 -41.25 36.19 52.62
CA ASP J 82 -41.60 35.20 53.64
C ASP J 82 -43.02 34.68 53.39
N GLU J 83 -43.16 33.64 52.55
CA GLU J 83 -44.46 33.09 52.22
C GLU J 83 -44.52 31.60 52.42
N ASP J 84 -45.63 31.10 53.01
CA ASP J 84 -45.79 29.67 53.24
C ASP J 84 -46.50 28.95 52.09
N HIS J 85 -46.13 29.25 50.83
CA HIS J 85 -46.70 28.56 49.67
C HIS J 85 -46.14 27.15 49.68
N ASP J 86 -47.00 26.15 49.58
CA ASP J 86 -46.54 24.76 49.63
C ASP J 86 -46.67 24.18 48.24
N GLU J 87 -45.79 24.62 47.33
CA GLU J 87 -45.89 24.19 45.95
C GLU J 87 -44.56 24.15 45.25
N MET J 88 -44.49 23.42 44.11
CA MET J 88 -43.27 23.38 43.36
C MET J 88 -43.22 24.61 42.48
N VAL J 89 -42.13 25.40 42.55
CA VAL J 89 -41.94 26.60 41.73
C VAL J 89 -40.78 26.30 40.76
N ILE J 90 -41.04 26.28 39.45
CA ILE J 90 -40.03 26.00 38.42
C ILE J 90 -39.88 27.19 37.49
N VAL J 91 -38.64 27.50 37.08
CA VAL J 91 -38.41 28.45 36.00
C VAL J 91 -37.61 27.73 34.96
N LYS J 92 -38.25 27.30 33.87
CA LYS J 92 -37.58 26.49 32.85
C LYS J 92 -37.22 27.28 31.61
N ASP J 93 -36.32 26.71 30.77
CA ASP J 93 -35.84 27.26 29.49
C ASP J 93 -35.21 28.62 29.62
N ILE J 94 -34.40 28.79 30.69
CA ILE J 94 -33.65 30.00 30.91
C ILE J 94 -32.45 29.87 29.97
N ASP J 95 -32.32 30.73 28.96
CA ASP J 95 -31.17 30.69 28.06
C ASP J 95 -29.87 30.92 28.84
N MET J 96 -28.86 30.10 28.53
CA MET J 96 -27.58 30.06 29.23
C MET J 96 -26.45 30.13 28.18
N PHE J 97 -25.53 31.06 28.39
CA PHE J 97 -24.37 31.27 27.51
C PHE J 97 -23.17 31.36 28.41
N SER J 98 -22.27 30.39 28.29
CA SER J 98 -21.08 30.37 29.12
C SER J 98 -19.84 30.13 28.27
N MET J 99 -18.67 30.10 28.89
CA MET J 99 -17.40 29.91 28.20
C MET J 99 -16.67 28.76 28.80
N CYS J 100 -16.17 27.90 27.96
CA CYS J 100 -15.39 26.75 28.38
C CYS J 100 -14.01 27.24 28.92
N GLU J 101 -13.67 26.90 30.16
CA GLU J 101 -12.37 27.31 30.74
C GLU J 101 -11.16 26.55 30.15
N HIS J 102 -11.39 25.49 29.39
CA HIS J 102 -10.31 24.71 28.79
C HIS J 102 -9.89 25.25 27.45
N HIS J 103 -10.83 25.59 26.57
CA HIS J 103 -10.55 26.06 25.23
C HIS J 103 -10.98 27.50 24.94
N LEU J 104 -11.67 28.14 25.88
CA LEU J 104 -12.15 29.51 25.73
C LEU J 104 -13.08 29.67 24.53
N VAL J 105 -13.96 28.68 24.35
CA VAL J 105 -14.98 28.67 23.32
C VAL J 105 -16.31 28.56 24.07
N PRO J 106 -17.41 29.12 23.54
CA PRO J 106 -18.69 29.05 24.26
C PRO J 106 -19.29 27.66 24.43
N PHE J 107 -20.05 27.46 25.52
CA PHE J 107 -20.95 26.32 25.68
C PHE J 107 -22.29 26.92 26.00
N VAL J 108 -23.26 26.63 25.14
CA VAL J 108 -24.55 27.29 25.23
C VAL J 108 -25.75 26.33 25.31
N GLY J 109 -26.79 26.73 26.04
CA GLY J 109 -27.99 25.94 26.16
C GLY J 109 -29.06 26.55 27.03
N LYS J 110 -29.72 25.75 27.87
CA LYS J 110 -30.81 26.18 28.76
C LYS J 110 -30.60 25.66 30.18
N VAL J 111 -31.16 26.37 31.17
CA VAL J 111 -31.18 25.94 32.58
C VAL J 111 -32.62 25.87 33.03
N HIS J 112 -32.97 24.79 33.75
CA HIS J 112 -34.29 24.54 34.31
C HIS J 112 -34.09 24.41 35.80
N ILE J 113 -34.69 25.31 36.54
CA ILE J 113 -34.53 25.34 38.00
C ILE J 113 -35.86 25.08 38.62
N GLY J 114 -35.87 24.34 39.71
CA GLY J 114 -37.10 24.05 40.43
C GLY J 114 -36.83 23.95 41.90
N TYR J 115 -37.77 24.38 42.71
CA TYR J 115 -37.62 24.30 44.17
C TYR J 115 -38.97 24.16 44.86
N LEU J 116 -38.91 23.65 46.10
CA LEU J 116 -40.00 23.50 47.04
C LEU J 116 -39.67 24.39 48.24
N PRO J 117 -40.31 25.58 48.30
CA PRO J 117 -39.99 26.53 49.37
C PRO J 117 -40.31 26.07 50.77
N ASN J 118 -39.58 26.60 51.75
CA ASN J 118 -39.85 26.27 53.14
C ASN J 118 -40.67 27.42 53.65
N LYS J 119 -40.04 28.51 54.05
CA LYS J 119 -40.74 29.69 54.53
C LYS J 119 -40.42 30.93 53.70
N GLN J 120 -39.35 30.87 52.88
CA GLN J 120 -38.90 31.95 52.02
C GLN J 120 -39.08 31.58 50.55
N VAL J 121 -39.61 32.54 49.80
CA VAL J 121 -39.90 32.46 48.38
C VAL J 121 -39.06 33.49 47.62
N LEU J 122 -38.40 33.07 46.55
CA LEU J 122 -37.54 33.96 45.77
C LEU J 122 -38.31 34.59 44.63
N GLY J 123 -37.98 35.84 44.29
CA GLY J 123 -38.54 36.54 43.14
C GLY J 123 -38.11 35.81 41.87
N LEU J 124 -39.10 35.44 41.02
CA LEU J 124 -38.90 34.65 39.81
C LEU J 124 -37.68 35.02 38.96
N SER J 125 -37.50 36.32 38.63
CA SER J 125 -36.35 36.72 37.79
C SER J 125 -34.98 36.52 38.46
N LYS J 126 -34.93 36.47 39.80
CA LYS J 126 -33.67 36.27 40.50
C LYS J 126 -33.10 34.87 40.23
N LEU J 127 -33.96 33.89 39.86
CA LEU J 127 -33.48 32.56 39.47
C LEU J 127 -32.62 32.68 38.20
N ALA J 128 -33.05 33.52 37.24
CA ALA J 128 -32.32 33.80 36.00
C ALA J 128 -31.08 34.64 36.30
N ARG J 129 -31.14 35.53 37.29
CA ARG J 129 -29.98 36.36 37.65
C ARG J 129 -28.86 35.58 38.33
N ILE J 130 -29.21 34.45 39.01
CA ILE J 130 -28.28 33.51 39.64
C ILE J 130 -27.57 32.74 38.50
N VAL J 131 -28.32 32.37 37.46
CA VAL J 131 -27.76 31.69 36.29
C VAL J 131 -26.73 32.62 35.61
N GLU J 132 -27.04 33.92 35.51
CA GLU J 132 -26.15 34.91 34.92
C GLU J 132 -24.87 35.18 35.72
N ILE J 133 -24.85 35.05 37.07
CA ILE J 133 -23.61 35.29 37.83
C ILE J 133 -22.60 34.24 37.47
N TYR J 134 -23.03 32.97 37.45
CA TYR J 134 -22.12 31.87 37.28
C TYR J 134 -21.84 31.53 35.86
N SER J 135 -22.80 31.70 34.96
CA SER J 135 -22.56 31.33 33.56
C SER J 135 -21.63 32.32 32.87
N ARG J 136 -21.67 33.61 33.26
CA ARG J 136 -20.80 34.60 32.66
C ARG J 136 -19.43 34.56 33.32
N ARG J 137 -18.73 33.43 33.16
CA ARG J 137 -17.43 33.13 33.75
C ARG J 137 -16.76 32.04 32.91
N LEU J 138 -15.47 31.80 33.14
CA LEU J 138 -14.78 30.70 32.46
C LEU J 138 -15.13 29.51 33.33
N GLN J 139 -15.96 28.62 32.77
CA GLN J 139 -16.60 27.54 33.51
C GLN J 139 -16.38 26.10 33.06
N VAL J 140 -16.81 25.19 33.92
CA VAL J 140 -17.05 23.80 33.64
C VAL J 140 -18.52 23.57 34.05
N GLN J 141 -19.30 22.95 33.18
CA GLN J 141 -20.73 22.76 33.36
C GLN J 141 -21.12 22.19 34.73
N GLU J 142 -20.33 21.27 35.26
CA GLU J 142 -20.64 20.65 36.55
C GLU J 142 -20.58 21.67 37.66
N ARG J 143 -19.53 22.51 37.66
CA ARG J 143 -19.32 23.58 38.64
C ARG J 143 -20.44 24.57 38.58
N LEU J 144 -20.87 24.94 37.35
CA LEU J 144 -21.93 25.92 37.12
C LEU J 144 -23.28 25.43 37.65
N THR J 145 -23.60 24.17 37.42
CA THR J 145 -24.81 23.56 37.90
C THR J 145 -24.84 23.56 39.44
N LYS J 146 -23.71 23.16 40.07
CA LYS J 146 -23.59 23.11 41.53
C LYS J 146 -23.70 24.49 42.13
N GLN J 147 -23.06 25.50 41.50
CA GLN J 147 -23.11 26.87 42.00
C GLN J 147 -24.53 27.45 42.01
N ILE J 148 -25.34 27.12 40.98
CA ILE J 148 -26.71 27.59 40.93
C ILE J 148 -27.54 26.96 42.03
N ALA J 149 -27.37 25.64 42.25
CA ALA J 149 -28.10 24.91 43.26
C ALA J 149 -27.73 25.34 44.67
N VAL J 150 -26.44 25.58 44.94
CA VAL J 150 -25.94 26.03 46.24
C VAL J 150 -26.40 27.46 46.55
N ALA J 151 -26.51 28.32 45.54
CA ALA J 151 -26.98 29.69 45.75
C ALA J 151 -28.45 29.73 46.12
N ILE J 152 -29.29 28.87 45.51
CA ILE J 152 -30.72 28.80 45.83
C ILE J 152 -30.89 28.17 47.22
N THR J 153 -30.11 27.13 47.54
CA THR J 153 -30.15 26.46 48.83
C THR J 153 -29.74 27.37 49.98
N GLU J 154 -28.67 28.18 49.81
CA GLU J 154 -28.21 29.04 50.90
C GLU J 154 -29.06 30.32 51.06
N ALA J 155 -29.63 30.85 49.98
CA ALA J 155 -30.48 32.03 50.08
C ALA J 155 -31.84 31.70 50.61
N LEU J 156 -32.39 30.52 50.28
CA LEU J 156 -33.77 30.20 50.68
C LEU J 156 -33.92 29.15 51.74
N ARG J 157 -32.92 28.25 51.90
CA ARG J 157 -32.98 27.07 52.78
C ARG J 157 -34.30 26.30 52.55
N PRO J 158 -34.55 25.85 51.30
CA PRO J 158 -35.84 25.24 51.00
C PRO J 158 -35.89 23.76 51.34
N ALA J 159 -37.06 23.14 51.17
CA ALA J 159 -37.19 21.70 51.36
C ALA J 159 -36.37 20.97 50.30
N GLY J 160 -36.25 21.52 49.09
CA GLY J 160 -35.50 20.90 48.02
C GLY J 160 -35.26 21.77 46.81
N VAL J 161 -34.20 21.45 46.07
CA VAL J 161 -33.85 22.17 44.86
C VAL J 161 -33.49 21.16 43.76
N GLY J 162 -33.79 21.52 42.53
CA GLY J 162 -33.43 20.74 41.36
C GLY J 162 -32.88 21.71 40.33
N VAL J 163 -31.72 21.40 39.76
CA VAL J 163 -31.13 22.26 38.73
C VAL J 163 -30.68 21.36 37.59
N VAL J 164 -31.21 21.59 36.40
CA VAL J 164 -30.83 20.83 35.21
C VAL J 164 -30.27 21.80 34.20
N VAL J 165 -29.03 21.59 33.74
CA VAL J 165 -28.42 22.44 32.70
C VAL J 165 -28.20 21.57 31.42
N GLU J 166 -28.61 22.03 30.24
CA GLU J 166 -28.34 21.30 28.99
C GLU J 166 -27.62 22.22 28.06
N ALA J 167 -26.47 21.81 27.51
CA ALA J 167 -25.66 22.70 26.69
C ALA J 167 -24.95 22.00 25.59
N THR J 168 -24.70 22.72 24.49
CA THR J 168 -23.88 22.30 23.36
C THR J 168 -22.53 22.95 23.59
N HIS J 169 -21.47 22.15 23.54
CA HIS J 169 -20.12 22.63 23.73
C HIS J 169 -19.50 22.78 22.37
N MET J 170 -19.10 24.01 21.99
CA MET J 170 -18.46 24.28 20.68
C MET J 170 -17.11 23.57 20.52
N CYS J 171 -16.45 23.22 21.63
CA CYS J 171 -15.19 22.47 21.64
C CYS J 171 -15.41 20.97 21.39
N MET J 172 -16.66 20.50 21.39
CA MET J 172 -16.99 19.12 21.07
C MET J 172 -17.65 19.00 19.68
N VAL J 173 -18.14 20.12 19.12
CA VAL J 173 -18.86 20.24 17.87
C VAL J 173 -17.99 20.86 16.72
N MET J 174 -17.38 22.03 16.95
CA MET J 174 -16.55 22.72 15.95
C MET J 174 -15.16 22.11 15.75
N ARG J 175 -14.71 21.27 16.69
CA ARG J 175 -13.37 20.70 16.72
C ARG J 175 -13.39 19.45 17.63
N GLY J 176 -12.23 18.78 17.72
CA GLY J 176 -12.00 17.63 18.59
C GLY J 176 -12.75 16.43 18.10
N VAL J 177 -13.66 15.88 18.94
CA VAL J 177 -14.49 14.74 18.56
C VAL J 177 -15.43 15.08 17.38
N GLN J 178 -15.79 16.38 17.22
CA GLN J 178 -16.70 16.86 16.18
C GLN J 178 -18.00 16.06 16.14
N LYS J 179 -18.58 15.83 17.32
CA LYS J 179 -19.85 15.12 17.41
C LYS J 179 -20.88 16.24 17.39
N MET J 180 -21.29 16.63 16.19
CA MET J 180 -22.20 17.74 15.94
C MET J 180 -23.52 17.74 16.70
N ASN J 181 -24.09 16.56 16.92
CA ASN J 181 -25.40 16.48 17.58
C ASN J 181 -25.34 16.29 19.09
N SER J 182 -24.15 16.17 19.68
CA SER J 182 -24.09 15.89 21.11
C SER J 182 -24.40 17.09 21.97
N LYS J 183 -24.98 16.81 23.12
CA LYS J 183 -25.29 17.78 24.16
C LYS J 183 -24.89 17.17 25.51
N THR J 184 -24.52 18.04 26.46
CA THR J 184 -24.16 17.64 27.80
C THR J 184 -25.30 18.05 28.73
N VAL J 185 -25.86 17.10 29.50
CA VAL J 185 -26.90 17.38 30.50
C VAL J 185 -26.28 17.17 31.91
N THR J 186 -26.35 18.16 32.79
CA THR J 186 -25.84 18.04 34.17
C THR J 186 -27.04 18.27 35.08
N SER J 187 -27.15 17.48 36.13
CA SER J 187 -28.33 17.54 36.98
C SER J 187 -28.02 17.41 38.45
N THR J 188 -28.33 18.45 39.23
CA THR J 188 -28.18 18.46 40.69
C THR J 188 -29.58 18.38 41.35
N MET J 189 -29.79 17.37 42.19
CA MET J 189 -31.06 17.18 42.92
C MET J 189 -30.77 17.22 44.41
N LEU J 190 -31.29 18.20 45.15
CA LEU J 190 -31.04 18.35 46.59
C LEU J 190 -32.34 18.32 47.40
N GLY J 191 -32.21 17.95 48.68
CA GLY J 191 -33.35 17.86 49.57
C GLY J 191 -34.39 16.85 49.14
N VAL J 192 -35.68 17.26 49.09
CA VAL J 192 -36.76 16.37 48.68
C VAL J 192 -36.64 16.00 47.18
N PHE J 193 -36.05 16.87 46.36
CA PHE J 193 -35.81 16.55 44.96
C PHE J 193 -34.90 15.32 44.79
N ARG J 194 -34.06 15.03 45.81
CA ARG J 194 -33.26 13.82 45.78
C ARG J 194 -33.99 12.63 46.48
N GLU J 195 -34.55 12.85 47.70
CA GLU J 195 -35.13 11.76 48.47
C GLU J 195 -36.50 11.28 48.03
N ASP J 196 -37.31 12.14 47.42
CA ASP J 196 -38.69 11.77 47.08
C ASP J 196 -38.86 11.48 45.58
N PRO J 197 -39.30 10.23 45.26
CA PRO J 197 -39.48 9.85 43.85
C PRO J 197 -40.59 10.61 43.16
N LYS J 198 -41.66 10.94 43.92
CA LYS J 198 -42.80 11.68 43.39
C LYS J 198 -42.36 13.08 42.99
N THR J 199 -41.59 13.73 43.86
CA THR J 199 -41.04 15.07 43.67
C THR J 199 -40.10 15.12 42.48
N ARG J 200 -39.17 14.16 42.40
CA ARG J 200 -38.22 14.18 41.31
C ARG J 200 -38.90 13.93 39.98
N GLU J 201 -39.84 12.97 39.95
CA GLU J 201 -40.53 12.66 38.71
C GLU J 201 -41.38 13.85 38.23
N GLU J 202 -41.95 14.61 39.16
CA GLU J 202 -42.79 15.74 38.81
C GLU J 202 -41.98 16.85 38.16
N PHE J 203 -40.86 17.23 38.78
CA PHE J 203 -39.96 18.25 38.32
C PHE J 203 -39.44 17.93 36.93
N LEU J 204 -38.99 16.69 36.72
CA LEU J 204 -38.47 16.28 35.42
C LEU J 204 -39.54 16.25 34.35
N THR J 205 -40.80 16.00 34.71
CA THR J 205 -41.88 15.97 33.73
C THR J 205 -42.24 17.41 33.37
N LEU J 206 -42.34 18.30 34.38
CA LEU J 206 -42.77 19.67 34.19
C LEU J 206 -41.75 20.56 33.47
N ILE J 207 -40.49 20.14 33.39
CA ILE J 207 -39.49 20.93 32.66
C ILE J 207 -39.45 20.58 31.17
N ARG J 208 -40.17 19.52 30.73
CA ARG J 208 -40.25 19.08 29.33
C ARG J 208 -41.16 20.04 28.58
N PRO K 17 88.79 -12.55 -28.74
CA PRO K 17 87.77 -12.91 -27.73
C PRO K 17 88.39 -13.36 -26.41
N ARG K 18 87.66 -13.14 -25.29
CA ARG K 18 88.13 -13.49 -23.96
C ARG K 18 88.34 -14.99 -23.84
N SER K 19 89.46 -15.40 -23.26
CA SER K 19 89.79 -16.82 -23.14
C SER K 19 89.60 -17.31 -21.72
N GLU K 20 89.68 -18.63 -21.51
CA GLU K 20 89.63 -19.25 -20.19
C GLU K 20 90.91 -18.94 -19.41
N GLU K 21 92.04 -18.75 -20.11
CA GLU K 21 93.32 -18.39 -19.52
C GLU K 21 93.24 -16.97 -18.98
N ASP K 22 92.57 -16.05 -19.70
CA ASP K 22 92.37 -14.67 -19.25
C ASP K 22 91.54 -14.67 -17.95
N ASN K 23 90.51 -15.54 -17.89
CA ASN K 23 89.64 -15.67 -16.73
C ASN K 23 90.40 -16.12 -15.49
N GLU K 24 91.28 -17.12 -15.64
CA GLU K 24 92.06 -17.64 -14.53
C GLU K 24 93.06 -16.57 -14.03
N LEU K 25 93.64 -15.81 -14.95
CA LEU K 25 94.61 -14.75 -14.69
C LEU K 25 93.97 -13.58 -13.92
N ASN K 26 92.76 -13.17 -14.33
CA ASN K 26 92.07 -12.03 -13.72
C ASN K 26 91.23 -12.35 -12.52
N LEU K 27 91.01 -13.64 -12.21
CA LEU K 27 90.21 -14.04 -11.04
C LEU K 27 90.72 -13.45 -9.72
N PRO K 28 92.03 -13.52 -9.38
CA PRO K 28 92.49 -12.90 -8.12
C PRO K 28 92.22 -11.39 -7.99
N ASN K 29 92.37 -10.63 -9.08
CA ASN K 29 92.06 -9.20 -9.07
C ASN K 29 90.56 -8.94 -8.93
N LEU K 30 89.71 -9.80 -9.54
CA LEU K 30 88.26 -9.65 -9.44
C LEU K 30 87.85 -9.94 -8.01
N ALA K 31 88.39 -11.02 -7.42
CA ALA K 31 88.12 -11.42 -6.03
C ALA K 31 88.55 -10.32 -5.07
N ALA K 32 89.70 -9.68 -5.34
CA ALA K 32 90.22 -8.61 -4.50
C ALA K 32 89.31 -7.38 -4.56
N ALA K 33 88.79 -7.05 -5.74
CA ALA K 33 87.88 -5.93 -5.89
C ALA K 33 86.59 -6.20 -5.12
N TYR K 34 86.05 -7.44 -5.17
CA TYR K 34 84.85 -7.81 -4.40
C TYR K 34 85.12 -7.79 -2.90
N SER K 35 86.33 -8.15 -2.46
CA SER K 35 86.69 -8.09 -1.05
C SER K 35 86.73 -6.63 -0.58
N SER K 36 87.25 -5.75 -1.42
CA SER K 36 87.31 -4.33 -1.16
C SER K 36 85.90 -3.74 -1.05
N ILE K 37 84.96 -4.20 -1.92
CA ILE K 37 83.57 -3.77 -1.90
C ILE K 37 82.91 -4.18 -0.57
N LEU K 38 83.10 -5.42 -0.10
CA LEU K 38 82.56 -5.88 1.19
C LEU K 38 82.99 -4.96 2.33
N SER K 39 84.29 -4.58 2.37
CA SER K 39 84.83 -3.69 3.39
C SER K 39 84.27 -2.28 3.26
N SER K 40 84.17 -1.76 2.02
CA SER K 40 83.67 -0.41 1.79
C SER K 40 82.16 -0.28 2.11
N LEU K 41 81.41 -1.40 2.07
CA LEU K 41 79.98 -1.34 2.42
C LEU K 41 79.72 -1.40 3.93
N GLY K 42 80.77 -1.58 4.72
CA GLY K 42 80.62 -1.69 6.16
C GLY K 42 80.56 -3.12 6.68
N GLU K 43 80.72 -4.12 5.78
CA GLU K 43 80.69 -5.51 6.18
C GLU K 43 82.05 -6.03 6.67
N ASN K 44 82.05 -7.14 7.36
CA ASN K 44 83.24 -7.78 7.87
C ASN K 44 83.51 -8.94 6.93
N PRO K 45 84.54 -8.86 6.08
CA PRO K 45 84.82 -9.97 5.15
C PRO K 45 85.36 -11.25 5.79
N GLN K 46 85.49 -11.27 7.13
CA GLN K 46 85.97 -12.43 7.87
C GLN K 46 84.87 -13.24 8.56
N ARG K 47 83.60 -12.79 8.51
CA ARG K 47 82.51 -13.57 9.06
C ARG K 47 82.26 -14.79 8.14
N GLN K 48 81.84 -15.93 8.72
CA GLN K 48 81.67 -17.20 8.02
C GLN K 48 80.96 -17.13 6.68
N GLY K 49 79.87 -16.38 6.62
CA GLY K 49 79.08 -16.24 5.40
C GLY K 49 79.73 -15.46 4.28
N LEU K 50 80.72 -14.64 4.60
CA LEU K 50 81.43 -13.84 3.60
C LEU K 50 82.80 -14.39 3.22
N LEU K 51 83.35 -15.35 3.98
CA LEU K 51 84.69 -15.90 3.73
C LEU K 51 84.95 -16.30 2.28
N LYS K 52 84.06 -17.08 1.67
CA LYS K 52 84.22 -17.52 0.28
C LYS K 52 83.56 -16.60 -0.75
N THR K 53 82.95 -15.50 -0.32
CA THR K 53 82.19 -14.63 -1.20
C THR K 53 83.04 -13.96 -2.32
N PRO K 54 84.18 -13.27 -2.05
CA PRO K 54 84.93 -12.68 -3.16
C PRO K 54 85.16 -13.58 -4.38
N TRP K 55 85.55 -14.84 -4.19
CA TRP K 55 85.80 -15.76 -5.29
C TRP K 55 84.53 -16.21 -6.01
N ARG K 56 83.45 -16.39 -5.25
CA ARG K 56 82.15 -16.79 -5.75
C ARG K 56 81.52 -15.67 -6.56
N ALA K 57 81.65 -14.42 -6.07
CA ALA K 57 81.15 -13.23 -6.72
C ALA K 57 81.92 -13.01 -8.01
N ALA K 58 83.25 -13.16 -7.98
CA ALA K 58 84.10 -13.00 -9.14
C ALA K 58 83.79 -14.03 -10.23
N SER K 59 83.66 -15.32 -9.89
CA SER K 59 83.32 -16.39 -10.84
C SER K 59 81.96 -16.16 -11.47
N ALA K 60 80.93 -15.82 -10.63
CA ALA K 60 79.57 -15.53 -11.10
C ALA K 60 79.58 -14.43 -12.15
N MET K 61 80.35 -13.34 -11.92
CA MET K 61 80.51 -12.21 -12.84
C MET K 61 81.24 -12.60 -14.13
N GLN K 62 82.16 -13.57 -14.09
CA GLN K 62 82.80 -14.02 -15.32
C GLN K 62 81.80 -14.85 -16.15
N PHE K 63 80.97 -15.65 -15.47
CA PHE K 63 79.93 -16.43 -16.12
C PHE K 63 78.90 -15.49 -16.78
N PHE K 64 78.47 -14.42 -16.08
CA PHE K 64 77.51 -13.47 -16.62
C PHE K 64 77.99 -12.75 -17.84
N THR K 65 79.32 -12.62 -18.01
CA THR K 65 79.96 -11.98 -19.15
C THR K 65 80.70 -13.01 -20.06
N LYS K 66 80.37 -14.30 -19.96
CA LYS K 66 80.95 -15.38 -20.76
C LYS K 66 80.74 -15.24 -22.27
N GLY K 67 79.81 -14.37 -22.66
CA GLY K 67 79.50 -14.08 -24.05
C GLY K 67 80.65 -13.44 -24.78
N TYR K 68 81.58 -12.81 -24.02
CA TYR K 68 82.81 -12.21 -24.56
C TYR K 68 83.79 -13.28 -25.04
N GLN K 69 83.65 -14.53 -24.56
CA GLN K 69 84.48 -15.68 -24.94
C GLN K 69 84.04 -16.35 -26.27
N GLU K 70 82.91 -15.93 -26.84
CA GLU K 70 82.32 -16.54 -28.01
C GLU K 70 82.32 -15.70 -29.29
N THR K 71 82.29 -16.39 -30.42
CA THR K 71 82.22 -15.77 -31.76
C THR K 71 80.97 -16.26 -32.44
N ILE K 72 80.22 -15.39 -33.15
CA ILE K 72 79.02 -15.81 -33.85
C ILE K 72 79.30 -16.99 -34.81
N SER K 73 80.51 -17.03 -35.39
CA SER K 73 80.94 -18.10 -36.26
C SER K 73 81.02 -19.45 -35.52
N ASP K 74 81.54 -19.44 -34.31
CA ASP K 74 81.64 -20.65 -33.50
C ASP K 74 80.26 -21.14 -33.09
N VAL K 75 79.41 -20.21 -32.67
CA VAL K 75 78.05 -20.48 -32.21
C VAL K 75 77.21 -21.14 -33.34
N LEU K 76 77.28 -20.61 -34.57
CA LEU K 76 76.63 -21.23 -35.73
C LEU K 76 77.64 -22.31 -36.18
N ASN K 77 77.66 -23.39 -35.39
CA ASN K 77 78.53 -24.56 -35.54
C ASN K 77 78.18 -25.39 -36.76
N ASP K 78 78.05 -24.68 -37.88
CA ASP K 78 77.68 -25.18 -39.19
C ASP K 78 76.25 -25.75 -39.19
N ALA K 79 75.37 -25.16 -38.38
CA ALA K 79 73.98 -25.59 -38.30
C ALA K 79 73.09 -24.76 -39.20
N ILE K 80 73.45 -24.72 -40.46
CA ILE K 80 72.76 -24.02 -41.53
C ILE K 80 72.44 -25.09 -42.56
N PHE K 81 71.19 -25.16 -42.99
CA PHE K 81 70.78 -26.16 -43.96
C PHE K 81 70.07 -25.54 -45.14
N ASP K 82 70.26 -26.10 -46.32
CA ASP K 82 69.60 -25.61 -47.52
C ASP K 82 68.20 -26.19 -47.60
N GLU K 83 67.16 -25.39 -47.27
CA GLU K 83 65.75 -25.83 -47.34
C GLU K 83 64.83 -24.79 -47.96
N ASP K 84 64.03 -25.20 -48.95
CA ASP K 84 63.08 -24.32 -49.64
C ASP K 84 61.64 -24.29 -49.04
N HIS K 85 61.45 -24.62 -47.74
CA HIS K 85 60.08 -24.55 -47.16
C HIS K 85 59.73 -23.16 -46.65
N ASP K 86 58.98 -22.35 -47.44
CA ASP K 86 58.64 -21.00 -47.00
C ASP K 86 57.58 -21.00 -45.91
N GLU K 87 58.02 -21.09 -44.67
CA GLU K 87 57.16 -21.09 -43.51
C GLU K 87 57.79 -20.29 -42.40
N MET K 88 56.97 -19.74 -41.51
CA MET K 88 57.48 -18.97 -40.41
C MET K 88 57.98 -19.91 -39.35
N VAL K 89 59.22 -19.73 -38.94
CA VAL K 89 59.86 -20.51 -37.91
C VAL K 89 60.05 -19.60 -36.71
N ILE K 90 59.44 -19.94 -35.58
CA ILE K 90 59.54 -19.16 -34.36
C ILE K 90 60.12 -20.04 -33.24
N VAL K 91 61.02 -19.49 -32.43
CA VAL K 91 61.47 -20.13 -31.22
C VAL K 91 61.14 -19.08 -30.17
N LYS K 92 60.11 -19.35 -29.35
CA LYS K 92 59.64 -18.41 -28.37
C LYS K 92 59.97 -18.80 -26.92
N ASP K 93 59.85 -17.85 -25.99
CA ASP K 93 60.06 -18.02 -24.56
C ASP K 93 61.46 -18.50 -24.21
N ILE K 94 62.46 -17.94 -24.88
CA ILE K 94 63.84 -18.25 -24.61
C ILE K 94 64.26 -17.44 -23.39
N ASP K 95 64.58 -18.09 -22.27
CA ASP K 95 64.94 -17.42 -21.04
C ASP K 95 66.23 -16.67 -21.24
N MET K 96 66.22 -15.38 -20.92
CA MET K 96 67.32 -14.48 -21.14
C MET K 96 67.77 -13.81 -19.82
N PHE K 97 69.09 -13.80 -19.56
CA PHE K 97 69.64 -13.20 -18.34
C PHE K 97 70.78 -12.38 -18.79
N SER K 98 70.69 -11.07 -18.58
CA SER K 98 71.78 -10.18 -18.99
C SER K 98 72.17 -9.25 -17.87
N MET K 99 73.20 -8.45 -18.09
CA MET K 99 73.70 -7.50 -17.10
C MET K 99 73.62 -6.11 -17.63
N CYS K 100 73.03 -5.24 -16.85
CA CYS K 100 72.91 -3.83 -17.15
C CYS K 100 74.33 -3.19 -17.12
N GLU K 101 74.74 -2.53 -18.20
CA GLU K 101 76.05 -1.89 -18.27
C GLU K 101 76.13 -0.57 -17.48
N HIS K 102 75.00 0.03 -17.13
CA HIS K 102 74.98 1.30 -16.43
C HIS K 102 75.14 1.14 -14.92
N HIS K 103 74.52 0.13 -14.32
CA HIS K 103 74.58 -0.07 -12.87
C HIS K 103 75.16 -1.45 -12.46
N LEU K 104 75.42 -2.34 -13.43
CA LEU K 104 75.95 -3.69 -13.19
C LEU K 104 75.01 -4.55 -12.36
N VAL K 105 73.68 -4.42 -12.62
CA VAL K 105 72.64 -5.23 -11.99
C VAL K 105 71.89 -5.97 -13.10
N PRO K 106 71.37 -7.17 -12.82
CA PRO K 106 70.68 -7.93 -13.88
C PRO K 106 69.41 -7.34 -14.48
N PHE K 107 69.16 -7.69 -15.74
CA PHE K 107 67.92 -7.48 -16.45
C PHE K 107 67.56 -8.85 -17.03
N VAL K 108 66.39 -9.35 -16.65
CA VAL K 108 66.03 -10.72 -16.95
C VAL K 108 64.69 -10.83 -17.62
N GLY K 109 64.53 -11.84 -18.46
CA GLY K 109 63.28 -12.04 -19.15
C GLY K 109 63.30 -13.10 -20.21
N LYS K 110 62.71 -12.77 -21.38
CA LYS K 110 62.50 -13.70 -22.48
C LYS K 110 62.77 -13.06 -23.83
N VAL K 111 63.08 -13.90 -24.82
CA VAL K 111 63.31 -13.53 -26.21
C VAL K 111 62.46 -14.45 -27.07
N HIS K 112 61.79 -13.86 -28.04
CA HIS K 112 60.94 -14.58 -28.99
C HIS K 112 61.48 -14.22 -30.33
N ILE K 113 61.87 -15.21 -31.11
CA ILE K 113 62.48 -14.96 -32.41
C ILE K 113 61.68 -15.62 -33.49
N GLY K 114 61.47 -14.93 -34.58
CA GLY K 114 60.79 -15.48 -35.74
C GLY K 114 61.52 -15.10 -37.00
N TYR K 115 61.31 -15.87 -38.05
CA TYR K 115 61.90 -15.59 -39.35
C TYR K 115 61.22 -16.37 -40.44
N LEU K 116 61.30 -15.83 -41.65
CA LEU K 116 60.80 -16.40 -42.86
C LEU K 116 62.02 -16.67 -43.70
N PRO K 117 62.44 -17.94 -43.79
CA PRO K 117 63.66 -18.25 -44.54
C PRO K 117 63.56 -18.08 -46.04
N ASN K 118 64.72 -18.03 -46.71
CA ASN K 118 64.77 -17.98 -48.15
C ASN K 118 65.29 -19.37 -48.60
N LYS K 119 66.62 -19.54 -48.76
CA LYS K 119 67.17 -20.83 -49.14
C LYS K 119 67.89 -21.56 -48.01
N GLN K 120 68.05 -20.88 -46.82
CA GLN K 120 68.76 -21.43 -45.67
C GLN K 120 67.94 -21.37 -44.35
N VAL K 121 68.08 -22.42 -43.58
CA VAL K 121 67.40 -22.56 -42.32
C VAL K 121 68.45 -22.80 -41.25
N LEU K 122 68.14 -22.39 -40.02
CA LEU K 122 69.06 -22.53 -38.92
C LEU K 122 68.62 -23.61 -37.97
N GLY K 123 69.59 -24.16 -37.24
CA GLY K 123 69.30 -25.18 -36.26
C GLY K 123 68.55 -24.50 -35.14
N LEU K 124 67.46 -25.11 -34.70
CA LEU K 124 66.61 -24.56 -33.67
C LEU K 124 67.31 -24.02 -32.42
N SER K 125 68.26 -24.77 -31.88
CA SER K 125 68.94 -24.31 -30.68
C SER K 125 69.91 -23.17 -30.94
N LYS K 126 70.39 -23.03 -32.16
CA LYS K 126 71.32 -21.98 -32.49
C LYS K 126 70.69 -20.63 -32.22
N LEU K 127 69.38 -20.52 -32.36
CA LEU K 127 68.71 -19.27 -32.10
C LEU K 127 68.88 -18.87 -30.63
N ALA K 128 68.86 -19.85 -29.71
CA ALA K 128 69.03 -19.69 -28.25
C ALA K 128 70.49 -19.43 -27.92
N ARG K 129 71.38 -19.97 -28.72
CA ARG K 129 72.81 -19.76 -28.56
C ARG K 129 73.17 -18.34 -29.00
N ILE K 130 72.46 -17.81 -29.99
CA ILE K 130 72.64 -16.42 -30.44
C ILE K 130 72.24 -15.49 -29.28
N VAL K 131 71.12 -15.80 -28.61
CA VAL K 131 70.67 -15.06 -27.43
C VAL K 131 71.77 -15.07 -26.35
N GLU K 132 72.40 -16.22 -26.12
CA GLU K 132 73.48 -16.39 -25.13
C GLU K 132 74.73 -15.60 -25.43
N ILE K 133 75.22 -15.50 -26.71
CA ILE K 133 76.45 -14.72 -27.01
C ILE K 133 76.29 -13.29 -26.59
N TYR K 134 75.16 -12.69 -26.92
CA TYR K 134 74.92 -11.30 -26.73
C TYR K 134 74.39 -10.95 -25.39
N SER K 135 73.57 -11.82 -24.76
CA SER K 135 72.99 -11.48 -23.46
C SER K 135 74.01 -11.59 -22.34
N ARG K 136 74.98 -12.54 -22.47
CA ARG K 136 76.01 -12.75 -21.48
C ARG K 136 77.14 -11.74 -21.64
N ARG K 137 76.80 -10.47 -21.50
CA ARG K 137 77.70 -9.36 -21.66
C ARG K 137 77.13 -8.18 -20.86
N LEU K 138 77.86 -7.04 -20.78
CA LEU K 138 77.30 -5.84 -20.16
C LEU K 138 76.53 -5.18 -21.30
N GLN K 139 75.22 -5.07 -21.15
CA GLN K 139 74.36 -4.62 -22.23
C GLN K 139 73.40 -3.45 -21.96
N VAL K 140 72.74 -3.04 -23.02
CA VAL K 140 71.55 -2.22 -23.07
C VAL K 140 70.59 -3.08 -23.90
N GLN K 141 69.33 -3.19 -23.47
CA GLN K 141 68.33 -4.04 -24.09
C GLN K 141 68.21 -3.83 -25.59
N GLU K 142 68.30 -2.57 -26.05
CA GLU K 142 68.22 -2.20 -27.46
C GLU K 142 69.38 -2.78 -28.24
N ARG K 143 70.59 -2.76 -27.70
CA ARG K 143 71.74 -3.32 -28.40
C ARG K 143 71.58 -4.81 -28.56
N LEU K 144 71.22 -5.49 -27.48
CA LEU K 144 70.99 -6.92 -27.42
C LEU K 144 69.99 -7.36 -28.49
N THR K 145 68.81 -6.69 -28.56
CA THR K 145 67.76 -6.97 -29.54
C THR K 145 68.31 -6.92 -30.96
N LYS K 146 68.94 -5.78 -31.35
CA LYS K 146 69.53 -5.58 -32.66
C LYS K 146 70.63 -6.62 -32.97
N GLN K 147 71.50 -6.94 -32.01
CA GLN K 147 72.57 -7.91 -32.25
C GLN K 147 72.01 -9.28 -32.59
N ILE K 148 70.90 -9.69 -31.95
CA ILE K 148 70.27 -10.97 -32.26
C ILE K 148 69.69 -10.94 -33.68
N ALA K 149 68.92 -9.90 -34.02
CA ALA K 149 68.31 -9.72 -35.33
C ALA K 149 69.33 -9.72 -36.46
N VAL K 150 70.43 -8.98 -36.30
CA VAL K 150 71.49 -8.87 -37.28
C VAL K 150 72.26 -10.20 -37.47
N ALA K 151 72.50 -10.95 -36.38
CA ALA K 151 73.16 -12.24 -36.51
C ALA K 151 72.36 -13.21 -37.38
N ILE K 152 71.01 -13.23 -37.22
CA ILE K 152 70.13 -14.10 -38.00
C ILE K 152 70.02 -13.66 -39.48
N THR K 153 69.97 -12.34 -39.68
CA THR K 153 69.87 -11.74 -41.00
C THR K 153 71.13 -12.04 -41.80
N GLU K 154 72.30 -11.90 -41.15
CA GLU K 154 73.55 -12.09 -41.85
C GLU K 154 73.83 -13.58 -42.08
N ALA K 155 73.51 -14.45 -41.12
CA ALA K 155 73.75 -15.87 -41.28
C ALA K 155 72.84 -16.55 -42.30
N LEU K 156 71.58 -16.07 -42.48
CA LEU K 156 70.65 -16.76 -43.36
C LEU K 156 70.16 -15.98 -44.55
N ARG K 157 70.28 -14.63 -44.55
CA ARG K 157 69.69 -13.75 -45.59
C ARG K 157 68.21 -14.06 -45.81
N PRO K 158 67.40 -14.08 -44.74
CA PRO K 158 66.01 -14.50 -44.88
C PRO K 158 65.11 -13.45 -45.53
N ALA K 159 63.88 -13.84 -45.81
CA ALA K 159 62.88 -12.93 -46.30
C ALA K 159 62.55 -11.90 -45.19
N GLY K 160 62.68 -12.29 -43.91
CA GLY K 160 62.45 -11.37 -42.79
C GLY K 160 62.81 -11.95 -41.44
N VAL K 161 62.92 -11.10 -40.41
CA VAL K 161 63.28 -11.49 -39.04
C VAL K 161 62.43 -10.68 -38.06
N GLY K 162 61.98 -11.31 -36.99
CA GLY K 162 61.27 -10.65 -35.91
C GLY K 162 61.95 -11.02 -34.61
N VAL K 163 62.34 -10.04 -33.78
CA VAL K 163 62.96 -10.32 -32.49
C VAL K 163 62.28 -9.48 -31.42
N VAL K 164 61.75 -10.12 -30.38
CA VAL K 164 61.06 -9.43 -29.32
C VAL K 164 61.72 -9.79 -28.02
N VAL K 165 62.20 -8.80 -27.27
CA VAL K 165 62.84 -9.04 -25.96
C VAL K 165 61.98 -8.40 -24.87
N GLU K 166 61.54 -9.14 -23.87
CA GLU K 166 60.81 -8.57 -22.73
C GLU K 166 61.65 -8.82 -21.48
N ALA K 167 61.91 -7.79 -20.68
CA ALA K 167 62.77 -7.94 -19.52
C ALA K 167 62.39 -7.04 -18.35
N THR K 168 62.77 -7.47 -17.14
CA THR K 168 62.62 -6.73 -15.89
C THR K 168 64.04 -6.22 -15.55
N HIS K 169 64.18 -4.91 -15.57
CA HIS K 169 65.43 -4.27 -15.23
C HIS K 169 65.49 -4.11 -13.69
N MET K 170 66.38 -4.83 -13.02
CA MET K 170 66.48 -4.72 -11.55
C MET K 170 66.79 -3.30 -11.07
N CYS K 171 67.44 -2.48 -11.91
CA CYS K 171 67.78 -1.09 -11.62
C CYS K 171 66.57 -0.15 -11.68
N MET K 172 65.45 -0.62 -12.20
CA MET K 172 64.21 0.15 -12.19
C MET K 172 63.20 -0.39 -11.14
N VAL K 173 63.46 -1.58 -10.57
CA VAL K 173 62.60 -2.29 -9.62
C VAL K 173 63.17 -2.20 -8.16
N MET K 174 64.44 -2.60 -7.96
CA MET K 174 65.13 -2.60 -6.68
C MET K 174 65.59 -1.21 -6.20
N ARG K 175 65.64 -0.24 -7.11
CA ARG K 175 66.15 1.10 -6.84
C ARG K 175 65.61 2.08 -7.90
N GLY K 176 66.01 3.36 -7.78
CA GLY K 176 65.64 4.39 -8.73
C GLY K 176 64.15 4.62 -8.69
N VAL K 177 63.49 4.57 -9.87
CA VAL K 177 62.05 4.76 -9.99
C VAL K 177 61.23 3.77 -9.15
N GLN K 178 61.82 2.58 -8.83
CA GLN K 178 61.21 1.54 -8.02
C GLN K 178 59.79 1.17 -8.53
N LYS K 179 59.67 1.13 -9.87
CA LYS K 179 58.43 0.75 -10.49
C LYS K 179 58.55 -0.78 -10.57
N MET K 180 57.98 -1.41 -9.53
CA MET K 180 57.99 -2.83 -9.25
C MET K 180 57.35 -3.71 -10.32
N ASN K 181 56.26 -3.26 -10.97
CA ASN K 181 55.63 -4.11 -11.98
C ASN K 181 56.05 -3.79 -13.42
N SER K 182 57.02 -2.88 -13.63
CA SER K 182 57.38 -2.48 -14.98
C SER K 182 58.32 -3.43 -15.73
N LYS K 183 58.03 -3.63 -17.01
CA LYS K 183 58.86 -4.44 -17.89
C LYS K 183 59.21 -3.58 -19.11
N THR K 184 60.37 -3.83 -19.71
CA THR K 184 60.79 -3.17 -20.92
C THR K 184 60.66 -4.20 -22.06
N VAL K 185 59.97 -3.82 -23.12
CA VAL K 185 59.82 -4.66 -24.31
C VAL K 185 60.54 -3.94 -25.48
N THR K 186 61.46 -4.61 -26.17
CA THR K 186 62.12 -4.04 -27.34
C THR K 186 61.75 -4.91 -28.53
N SER K 187 61.51 -4.29 -29.69
CA SER K 187 61.06 -5.07 -30.83
C SER K 187 61.70 -4.69 -32.16
N THR K 188 62.37 -5.65 -32.81
CA THR K 188 62.99 -5.39 -34.10
C THR K 188 62.27 -6.23 -35.14
N MET K 189 61.76 -5.60 -36.24
CA MET K 189 61.06 -6.26 -37.34
C MET K 189 61.77 -5.95 -38.61
N LEU K 190 62.28 -6.94 -39.34
CA LEU K 190 63.03 -6.69 -40.56
C LEU K 190 62.46 -7.40 -41.78
N GLY K 191 62.77 -6.91 -42.99
CA GLY K 191 62.29 -7.50 -44.23
C GLY K 191 60.78 -7.58 -44.27
N VAL K 192 60.25 -8.79 -44.64
CA VAL K 192 58.83 -9.04 -44.72
C VAL K 192 58.14 -8.87 -43.38
N PHE K 193 58.86 -9.02 -42.25
CA PHE K 193 58.26 -8.78 -40.94
C PHE K 193 57.96 -7.31 -40.71
N ARG K 194 58.67 -6.40 -41.40
CA ARG K 194 58.36 -4.99 -41.28
C ARG K 194 57.34 -4.59 -42.32
N GLU K 195 57.55 -5.02 -43.55
CA GLU K 195 56.69 -4.61 -44.68
C GLU K 195 55.31 -5.24 -44.76
N ASP K 196 55.14 -6.52 -44.36
CA ASP K 196 53.85 -7.20 -44.50
C ASP K 196 53.02 -7.22 -43.20
N PRO K 197 51.80 -6.67 -43.26
CA PRO K 197 50.97 -6.63 -42.05
C PRO K 197 50.49 -8.02 -41.63
N LYS K 198 50.24 -8.91 -42.62
CA LYS K 198 49.83 -10.27 -42.36
C LYS K 198 50.95 -11.01 -41.65
N THR K 199 52.20 -10.82 -42.09
CA THR K 199 53.37 -11.45 -41.51
C THR K 199 53.60 -11.01 -40.08
N ARG K 200 53.62 -9.69 -39.83
CA ARG K 200 53.85 -9.17 -38.50
C ARG K 200 52.75 -9.58 -37.50
N GLU K 201 51.49 -9.55 -37.92
CA GLU K 201 50.37 -9.92 -37.05
C GLU K 201 50.43 -11.40 -36.69
N GLU K 202 50.80 -12.25 -37.66
CA GLU K 202 50.94 -13.69 -37.46
C GLU K 202 52.04 -13.98 -36.42
N PHE K 203 53.20 -13.30 -36.57
CA PHE K 203 54.34 -13.41 -35.68
C PHE K 203 53.99 -13.02 -34.26
N LEU K 204 53.44 -11.81 -34.06
CA LEU K 204 53.06 -11.35 -32.74
C LEU K 204 51.99 -12.20 -32.10
N THR K 205 51.11 -12.84 -32.88
CA THR K 205 50.09 -13.73 -32.33
C THR K 205 50.72 -15.04 -31.86
N LEU K 206 51.56 -15.67 -32.71
CA LEU K 206 52.16 -16.95 -32.39
C LEU K 206 53.22 -16.89 -31.28
N ILE K 207 53.72 -15.69 -30.88
CA ILE K 207 54.68 -15.64 -29.75
C ILE K 207 54.00 -15.55 -28.37
N ARG K 208 52.67 -15.49 -28.33
CA ARG K 208 51.92 -15.41 -27.07
C ARG K 208 51.81 -16.79 -26.45
N PRO L 17 59.09 26.83 -10.52
CA PRO L 17 58.59 25.60 -9.88
C PRO L 17 58.50 25.72 -8.35
N ARG L 18 57.67 24.89 -7.71
CA ARG L 18 57.50 24.89 -6.26
C ARG L 18 58.81 24.45 -5.60
N SER L 19 59.22 25.16 -4.53
CA SER L 19 60.48 24.84 -3.86
C SER L 19 60.29 24.15 -2.50
N GLU L 20 61.38 23.62 -1.93
CA GLU L 20 61.35 23.02 -0.61
C GLU L 20 61.11 24.10 0.48
N GLU L 21 61.51 25.35 0.21
CA GLU L 21 61.28 26.47 1.11
C GLU L 21 59.77 26.81 1.14
N ASP L 22 59.11 26.74 -0.04
CA ASP L 22 57.67 26.94 -0.17
C ASP L 22 56.93 25.87 0.62
N ASN L 23 57.42 24.61 0.59
CA ASN L 23 56.81 23.49 1.30
C ASN L 23 56.87 23.68 2.80
N GLU L 24 58.01 24.17 3.34
CA GLU L 24 58.14 24.41 4.78
C GLU L 24 57.21 25.55 5.23
N LEU L 25 57.10 26.59 4.39
CA LEU L 25 56.28 27.77 4.61
C LEU L 25 54.77 27.44 4.58
N ASN L 26 54.32 26.61 3.63
CA ASN L 26 52.91 26.28 3.49
C ASN L 26 52.44 25.08 4.27
N LEU L 27 53.35 24.31 4.86
CA LEU L 27 52.95 23.14 5.65
C LEU L 27 52.03 23.49 6.82
N PRO L 28 52.32 24.55 7.63
CA PRO L 28 51.39 24.90 8.72
C PRO L 28 50.00 25.33 8.23
N ASN L 29 49.93 25.97 7.06
CA ASN L 29 48.66 26.39 6.48
C ASN L 29 47.83 25.21 6.00
N LEU L 30 48.50 24.19 5.45
CA LEU L 30 47.86 22.98 4.99
C LEU L 30 47.38 22.19 6.20
N ALA L 31 48.20 22.09 7.27
CA ALA L 31 47.84 21.37 8.50
C ALA L 31 46.62 22.01 9.15
N ALA L 32 46.56 23.34 9.16
CA ALA L 32 45.44 24.08 9.73
C ALA L 32 44.15 23.81 8.98
N ALA L 33 44.23 23.73 7.64
CA ALA L 33 43.07 23.46 6.80
C ALA L 33 42.55 22.04 7.03
N TYR L 34 43.47 21.07 7.19
CA TYR L 34 43.07 19.69 7.48
C TYR L 34 42.47 19.53 8.86
N SER L 35 42.96 20.31 9.84
CA SER L 35 42.41 20.31 11.19
C SER L 35 40.97 20.87 11.16
N SER L 36 40.77 21.93 10.36
CA SER L 36 39.46 22.55 10.19
C SER L 36 38.49 21.56 9.55
N ILE L 37 38.96 20.75 8.58
CA ILE L 37 38.15 19.73 7.91
C ILE L 37 37.67 18.68 8.93
N LEU L 38 38.58 18.20 9.80
CA LEU L 38 38.24 17.21 10.83
C LEU L 38 37.12 17.74 11.74
N SER L 39 37.21 19.01 12.16
CA SER L 39 36.18 19.61 13.00
C SER L 39 34.85 19.77 12.23
N SER L 40 34.92 20.22 10.96
CA SER L 40 33.72 20.42 10.14
C SER L 40 32.98 19.12 9.82
N LEU L 41 33.69 17.98 9.84
CA LEU L 41 33.04 16.68 9.58
C LEU L 41 32.34 16.10 10.83
N GLY L 42 32.52 16.73 11.97
CA GLY L 42 31.97 16.25 13.22
C GLY L 42 32.95 15.40 14.03
N GLU L 43 34.21 15.31 13.58
CA GLU L 43 35.19 14.52 14.27
C GLU L 43 35.91 15.30 15.37
N ASN L 44 36.61 14.56 16.25
CA ASN L 44 37.35 15.15 17.37
C ASN L 44 38.82 15.25 17.00
N PRO L 45 39.30 16.46 16.65
CA PRO L 45 40.73 16.60 16.31
C PRO L 45 41.68 16.25 17.47
N GLN L 46 41.18 16.24 18.71
CA GLN L 46 42.02 15.95 19.86
C GLN L 46 42.06 14.45 20.24
N ARG L 47 41.22 13.61 19.61
CA ARG L 47 41.24 12.19 19.90
C ARG L 47 42.57 11.57 19.46
N GLN L 48 43.06 10.53 20.17
CA GLN L 48 44.36 9.89 19.90
C GLN L 48 44.71 9.72 18.40
N GLY L 49 43.78 9.16 17.61
CA GLY L 49 43.97 8.85 16.20
C GLY L 49 44.02 10.01 15.23
N LEU L 50 43.40 11.13 15.61
CA LEU L 50 43.39 12.32 14.75
C LEU L 50 44.37 13.40 15.21
N LEU L 51 45.28 13.07 16.13
CA LEU L 51 46.21 14.02 16.71
C LEU L 51 47.21 14.57 15.71
N LYS L 52 48.01 13.68 15.07
CA LYS L 52 49.01 14.04 14.05
C LYS L 52 48.41 14.05 12.62
N THR L 53 47.09 13.77 12.47
CA THR L 53 46.44 13.73 11.15
C THR L 53 46.60 15.03 10.37
N PRO L 54 46.43 16.26 10.96
CA PRO L 54 46.61 17.48 10.14
C PRO L 54 47.99 17.64 9.48
N TRP L 55 49.08 17.22 10.15
CA TRP L 55 50.42 17.30 9.55
C TRP L 55 50.70 16.15 8.59
N ARG L 56 50.28 14.92 8.93
CA ARG L 56 50.47 13.79 8.04
C ARG L 56 49.70 13.97 6.73
N ALA L 57 48.45 14.45 6.80
CA ALA L 57 47.60 14.73 5.64
C ALA L 57 48.17 15.85 4.78
N ALA L 58 48.78 16.86 5.41
CA ALA L 58 49.36 17.99 4.68
C ALA L 58 50.63 17.56 3.93
N SER L 59 51.50 16.76 4.57
CA SER L 59 52.74 16.26 3.97
C SER L 59 52.43 15.31 2.84
N ALA L 60 51.39 14.46 3.01
CA ALA L 60 50.96 13.53 1.96
C ALA L 60 50.48 14.35 0.78
N MET L 61 49.67 15.40 0.99
CA MET L 61 49.20 16.24 -0.09
C MET L 61 50.36 16.89 -0.88
N GLN L 62 51.40 17.39 -0.16
CA GLN L 62 52.59 17.97 -0.76
C GLN L 62 53.37 16.91 -1.56
N PHE L 63 53.38 15.65 -1.07
CA PHE L 63 54.04 14.54 -1.75
C PHE L 63 53.28 14.21 -3.03
N PHE L 64 51.93 14.19 -2.96
CA PHE L 64 51.12 13.91 -4.13
C PHE L 64 51.24 15.00 -5.19
N THR L 65 51.67 16.22 -4.82
CA THR L 65 51.82 17.32 -5.75
C THR L 65 53.33 17.72 -5.94
N LYS L 66 54.28 16.80 -5.63
CA LYS L 66 55.73 17.01 -5.80
C LYS L 66 56.15 17.25 -7.26
N GLY L 67 55.30 16.88 -8.23
CA GLY L 67 55.56 17.08 -9.64
C GLY L 67 55.67 18.54 -10.02
N TYR L 68 54.99 19.41 -9.28
CA TYR L 68 55.06 20.86 -9.46
C TYR L 68 56.49 21.40 -9.18
N GLN L 69 57.26 20.71 -8.32
CA GLN L 69 58.64 21.03 -7.99
C GLN L 69 59.65 20.58 -9.07
N GLU L 70 59.19 19.95 -10.17
CA GLU L 70 60.08 19.42 -11.19
C GLU L 70 59.91 20.07 -12.58
N THR L 71 60.91 19.87 -13.45
CA THR L 71 60.95 20.30 -14.86
C THR L 71 61.56 19.15 -15.67
N ILE L 72 61.09 18.92 -16.91
CA ILE L 72 61.60 17.85 -17.79
C ILE L 72 63.14 17.87 -17.89
N SER L 73 63.65 19.07 -18.13
CA SER L 73 65.05 19.44 -18.26
C SER L 73 65.93 18.77 -17.18
N ASP L 74 65.54 18.91 -15.90
CA ASP L 74 66.30 18.34 -14.79
C ASP L 74 66.11 16.83 -14.66
N VAL L 75 64.88 16.36 -14.85
CA VAL L 75 64.53 14.96 -14.69
C VAL L 75 65.27 14.06 -15.69
N LEU L 76 65.32 14.51 -16.95
CA LEU L 76 65.97 13.74 -18.00
C LEU L 76 67.47 13.47 -17.76
N ASN L 77 68.15 14.34 -16.98
CA ASN L 77 69.54 14.18 -16.54
C ASN L 77 70.54 13.77 -17.63
N ASP L 78 70.41 14.38 -18.82
CA ASP L 78 71.28 14.10 -19.97
C ASP L 78 71.27 12.62 -20.38
N ALA L 79 70.26 11.85 -19.96
CA ALA L 79 70.19 10.43 -20.31
C ALA L 79 69.53 10.26 -21.68
N ILE L 80 70.05 11.03 -22.67
CA ILE L 80 69.64 11.00 -24.05
C ILE L 80 70.86 10.56 -24.86
N PHE L 81 70.85 9.32 -25.29
CA PHE L 81 71.96 8.76 -26.06
C PHE L 81 71.62 8.87 -27.56
N ASP L 82 72.60 9.14 -28.41
CA ASP L 82 72.37 9.21 -29.85
C ASP L 82 72.64 7.83 -30.40
N GLU L 83 71.58 7.10 -30.74
CA GLU L 83 71.70 5.75 -31.26
C GLU L 83 70.82 5.54 -32.50
N ASP L 84 71.32 4.74 -33.47
CA ASP L 84 70.68 4.47 -34.76
C ASP L 84 69.75 3.25 -34.76
N HIS L 85 69.31 2.78 -33.58
CA HIS L 85 68.43 1.62 -33.49
C HIS L 85 67.10 1.89 -34.17
N ASP L 86 66.68 0.98 -35.05
CA ASP L 86 65.40 1.14 -35.75
C ASP L 86 64.47 0.11 -35.11
N GLU L 87 64.14 0.31 -33.84
CA GLU L 87 63.32 -0.65 -33.12
C GLU L 87 62.35 -0.02 -32.14
N MET L 88 61.20 -0.71 -31.92
CA MET L 88 60.21 -0.23 -30.97
C MET L 88 60.61 -0.47 -29.52
N VAL L 89 60.61 0.60 -28.74
CA VAL L 89 60.97 0.55 -27.34
C VAL L 89 59.71 0.77 -26.50
N ILE L 90 59.41 -0.16 -25.61
CA ILE L 90 58.24 -0.06 -24.75
C ILE L 90 58.67 -0.24 -23.30
N VAL L 91 58.08 0.55 -22.41
CA VAL L 91 58.18 0.41 -20.96
C VAL L 91 56.70 0.35 -20.54
N LYS L 92 56.27 -0.85 -20.16
CA LYS L 92 54.87 -1.06 -19.78
C LYS L 92 54.73 -1.34 -18.27
N ASP L 93 53.51 -1.28 -17.78
CA ASP L 93 53.11 -1.56 -16.41
C ASP L 93 53.78 -0.65 -15.42
N ILE L 94 53.85 0.63 -15.77
CA ILE L 94 54.44 1.62 -14.89
C ILE L 94 53.35 1.99 -13.91
N ASP L 95 53.56 1.81 -12.59
CA ASP L 95 52.55 2.23 -11.62
C ASP L 95 52.41 3.75 -11.58
N MET L 96 51.18 4.23 -11.65
CA MET L 96 50.84 5.65 -11.71
C MET L 96 49.85 5.97 -10.57
N PHE L 97 50.14 7.03 -9.77
CA PHE L 97 49.28 7.47 -8.69
C PHE L 97 49.07 8.96 -8.90
N SER L 98 47.84 9.36 -9.18
CA SER L 98 47.54 10.78 -9.41
C SER L 98 46.33 11.24 -8.58
N MET L 99 46.07 12.55 -8.58
CA MET L 99 44.95 13.09 -7.84
C MET L 99 44.01 13.68 -8.82
N CYS L 100 42.74 13.38 -8.68
CA CYS L 100 41.73 13.96 -9.53
C CYS L 100 41.55 15.42 -9.05
N GLU L 101 41.63 16.37 -10.00
CA GLU L 101 41.52 17.78 -9.67
C GLU L 101 40.07 18.23 -9.42
N HIS L 102 39.07 17.38 -9.73
CA HIS L 102 37.67 17.75 -9.51
C HIS L 102 37.15 17.43 -8.10
N HIS L 103 37.65 16.35 -7.48
CA HIS L 103 37.17 15.94 -6.17
C HIS L 103 38.26 15.79 -5.10
N LEU L 104 39.55 15.94 -5.49
CA LEU L 104 40.74 15.79 -4.64
C LEU L 104 40.87 14.39 -4.03
N VAL L 105 40.58 13.36 -4.85
CA VAL L 105 40.67 11.93 -4.48
C VAL L 105 41.54 11.19 -5.52
N PRO L 106 42.23 10.11 -5.13
CA PRO L 106 43.15 9.46 -6.07
C PRO L 106 42.53 8.84 -7.32
N PHE L 107 43.34 8.80 -8.36
CA PHE L 107 43.09 8.03 -9.55
C PHE L 107 44.41 7.33 -9.80
N VAL L 108 44.39 6.00 -9.69
CA VAL L 108 45.57 5.16 -9.72
C VAL L 108 45.46 4.09 -10.80
N GLY L 109 46.60 3.71 -11.37
CA GLY L 109 46.64 2.66 -12.38
C GLY L 109 48.02 2.37 -12.96
N LYS L 110 48.08 2.15 -14.28
CA LYS L 110 49.31 1.85 -14.99
C LYS L 110 49.44 2.76 -16.22
N VAL L 111 50.69 2.96 -16.70
CA VAL L 111 51.01 3.71 -17.92
C VAL L 111 51.92 2.82 -18.80
N HIS L 112 51.63 2.78 -20.09
CA HIS L 112 52.40 2.00 -21.04
C HIS L 112 52.87 2.97 -22.08
N ILE L 113 54.17 3.06 -22.23
CA ILE L 113 54.79 3.99 -23.17
C ILE L 113 55.59 3.23 -24.24
N GLY L 114 55.41 3.63 -25.49
CA GLY L 114 56.13 3.05 -26.59
C GLY L 114 56.63 4.15 -27.50
N TYR L 115 57.80 3.94 -28.11
CA TYR L 115 58.34 4.93 -29.04
C TYR L 115 59.21 4.29 -30.08
N LEU L 116 59.25 4.91 -31.28
CA LEU L 116 60.14 4.48 -32.35
C LEU L 116 61.16 5.58 -32.45
N PRO L 117 62.40 5.38 -31.97
CA PRO L 117 63.38 6.48 -32.01
C PRO L 117 63.81 6.93 -33.41
N ASN L 118 64.29 8.18 -33.52
CA ASN L 118 64.83 8.65 -34.80
C ASN L 118 66.34 8.60 -34.64
N LYS L 119 66.93 9.57 -33.95
CA LYS L 119 68.37 9.58 -33.72
C LYS L 119 68.76 9.65 -32.26
N GLN L 120 67.78 9.67 -31.34
CA GLN L 120 68.01 9.71 -29.91
C GLN L 120 67.15 8.67 -29.21
N VAL L 121 67.79 8.00 -28.27
CA VAL L 121 67.24 6.97 -27.42
C VAL L 121 67.29 7.48 -25.99
N LEU L 122 66.17 7.45 -25.29
CA LEU L 122 66.10 7.88 -23.91
C LEU L 122 66.47 6.71 -22.98
N GLY L 123 67.03 7.00 -21.81
CA GLY L 123 67.29 5.99 -20.78
C GLY L 123 65.95 5.48 -20.27
N LEU L 124 65.79 4.15 -20.16
CA LEU L 124 64.50 3.54 -19.79
C LEU L 124 63.83 4.13 -18.59
N SER L 125 64.55 4.32 -17.45
CA SER L 125 63.94 4.88 -16.25
C SER L 125 63.43 6.29 -16.41
N LYS L 126 63.99 7.06 -17.37
CA LYS L 126 63.55 8.43 -17.59
C LYS L 126 62.11 8.51 -18.07
N LEU L 127 61.58 7.44 -18.72
CA LEU L 127 60.19 7.34 -19.16
C LEU L 127 59.29 7.27 -17.93
N ALA L 128 59.68 6.48 -16.92
CA ALA L 128 58.93 6.40 -15.66
C ALA L 128 59.10 7.71 -14.85
N ARG L 129 60.26 8.37 -14.96
CA ARG L 129 60.51 9.64 -14.26
C ARG L 129 59.61 10.76 -14.83
N ILE L 130 59.29 10.70 -16.16
CA ILE L 130 58.40 11.65 -16.85
C ILE L 130 56.95 11.42 -16.35
N VAL L 131 56.52 10.14 -16.16
CA VAL L 131 55.20 9.79 -15.63
C VAL L 131 55.05 10.45 -14.23
N GLU L 132 56.11 10.45 -13.41
CA GLU L 132 56.11 11.06 -12.08
C GLU L 132 55.94 12.59 -12.06
N ILE L 133 56.52 13.34 -13.00
CA ILE L 133 56.37 14.80 -13.01
C ILE L 133 54.91 15.22 -13.15
N TYR L 134 54.21 14.60 -14.13
CA TYR L 134 52.85 14.92 -14.50
C TYR L 134 51.81 14.27 -13.64
N SER L 135 52.03 13.02 -13.22
CA SER L 135 51.06 12.31 -12.41
C SER L 135 51.02 12.82 -10.97
N ARG L 136 52.16 13.27 -10.41
CA ARG L 136 52.22 13.81 -9.04
C ARG L 136 51.76 15.29 -9.04
N ARG L 137 50.53 15.53 -9.48
CA ARG L 137 49.90 16.84 -9.60
C ARG L 137 48.36 16.65 -9.56
N LEU L 138 47.61 17.75 -9.45
CA LEU L 138 46.14 17.67 -9.54
C LEU L 138 45.87 17.53 -11.05
N GLN L 139 45.21 16.43 -11.44
CA GLN L 139 45.06 16.10 -12.84
C GLN L 139 43.68 15.65 -13.34
N VAL L 140 43.59 15.54 -14.67
CA VAL L 140 42.55 14.91 -15.44
C VAL L 140 43.32 13.94 -16.34
N GLN L 141 42.92 12.67 -16.38
CA GLN L 141 43.62 11.64 -17.12
C GLN L 141 44.05 12.02 -18.55
N GLU L 142 43.22 12.80 -19.27
CA GLU L 142 43.50 13.22 -20.64
C GLU L 142 44.70 14.22 -20.69
N ARG L 143 44.79 15.10 -19.70
CA ARG L 143 45.92 16.03 -19.63
C ARG L 143 47.19 15.24 -19.32
N LEU L 144 47.16 14.42 -18.27
CA LEU L 144 48.26 13.55 -17.89
C LEU L 144 48.81 12.71 -19.07
N THR L 145 47.92 12.14 -19.88
CA THR L 145 48.27 11.30 -21.04
C THR L 145 48.96 12.11 -22.14
N LYS L 146 48.43 13.31 -22.46
CA LYS L 146 49.02 14.15 -23.47
C LYS L 146 50.39 14.68 -23.03
N GLN L 147 50.52 15.04 -21.76
CA GLN L 147 51.77 15.62 -21.25
C GLN L 147 52.95 14.66 -21.32
N ILE L 148 52.73 13.38 -21.07
CA ILE L 148 53.78 12.37 -21.13
C ILE L 148 54.19 12.22 -22.59
N ALA L 149 53.20 12.11 -23.51
CA ALA L 149 53.45 11.94 -24.94
C ALA L 149 54.15 13.15 -25.53
N VAL L 150 53.75 14.35 -25.15
CA VAL L 150 54.40 15.58 -25.64
C VAL L 150 55.85 15.71 -25.11
N ALA L 151 56.11 15.34 -23.84
CA ALA L 151 57.45 15.43 -23.28
C ALA L 151 58.42 14.52 -24.04
N ILE L 152 57.99 13.27 -24.35
CA ILE L 152 58.81 12.31 -25.06
C ILE L 152 59.06 12.77 -26.51
N THR L 153 58.02 13.32 -27.13
CA THR L 153 58.10 13.81 -28.50
C THR L 153 59.10 14.95 -28.60
N GLU L 154 59.05 15.92 -27.70
CA GLU L 154 59.92 17.08 -27.72
C GLU L 154 61.33 16.80 -27.24
N ALA L 155 61.49 15.83 -26.32
CA ALA L 155 62.84 15.49 -25.87
C ALA L 155 63.59 14.65 -26.94
N LEU L 156 62.90 13.71 -27.59
CA LEU L 156 63.54 12.80 -28.52
C LEU L 156 63.37 13.01 -30.02
N ARG L 157 62.32 13.74 -30.45
CA ARG L 157 61.95 13.91 -31.86
C ARG L 157 61.87 12.54 -32.58
N PRO L 158 61.04 11.62 -32.08
CA PRO L 158 61.01 10.27 -32.67
C PRO L 158 60.10 10.14 -33.87
N ALA L 159 60.17 9.00 -34.53
CA ALA L 159 59.28 8.72 -35.65
C ALA L 159 57.81 8.60 -35.22
N GLY L 160 57.60 8.17 -33.98
CA GLY L 160 56.27 8.02 -33.38
C GLY L 160 56.33 7.72 -31.90
N VAL L 161 55.23 7.99 -31.20
CA VAL L 161 55.05 7.77 -29.76
C VAL L 161 53.65 7.23 -29.49
N GLY L 162 53.51 6.39 -28.48
CA GLY L 162 52.25 5.87 -28.03
C GLY L 162 52.23 5.86 -26.52
N VAL L 163 51.17 6.41 -25.88
CA VAL L 163 51.01 6.41 -24.44
C VAL L 163 49.58 5.93 -24.11
N VAL L 164 49.47 4.89 -23.31
CA VAL L 164 48.20 4.37 -22.87
C VAL L 164 48.20 4.42 -21.35
N VAL L 165 47.23 5.10 -20.74
CA VAL L 165 47.08 5.19 -19.29
C VAL L 165 45.76 4.50 -18.92
N GLU L 166 45.79 3.47 -18.08
CA GLU L 166 44.60 2.78 -17.58
C GLU L 166 44.48 3.08 -16.08
N ALA L 167 43.36 3.67 -15.60
CA ALA L 167 43.23 4.00 -14.19
C ALA L 167 41.85 3.78 -13.59
N THR L 168 41.79 3.57 -12.26
CA THR L 168 40.54 3.47 -11.48
C THR L 168 40.41 4.81 -10.77
N HIS L 169 39.32 5.54 -11.03
CA HIS L 169 39.11 6.83 -10.39
C HIS L 169 38.31 6.57 -9.14
N MET L 170 38.85 6.92 -7.96
CA MET L 170 38.12 6.72 -6.69
C MET L 170 36.84 7.55 -6.66
N CYS L 171 36.83 8.72 -7.34
CA CYS L 171 35.64 9.57 -7.44
C CYS L 171 34.50 8.91 -8.25
N MET L 172 34.77 7.76 -8.89
CA MET L 172 33.75 7.02 -9.66
C MET L 172 33.37 5.67 -9.03
N VAL L 173 34.14 5.20 -8.07
CA VAL L 173 34.05 3.90 -7.43
C VAL L 173 33.58 4.03 -5.95
N MET L 174 34.17 4.99 -5.20
CA MET L 174 33.82 5.20 -3.78
C MET L 174 32.56 6.05 -3.58
N ARG L 175 32.13 6.75 -4.62
CA ARG L 175 31.07 7.74 -4.52
C ARG L 175 30.50 8.00 -5.92
N GLY L 176 29.46 8.84 -5.99
CA GLY L 176 28.85 9.26 -7.24
C GLY L 176 28.21 8.11 -7.97
N VAL L 177 28.62 7.85 -9.24
CA VAL L 177 28.02 6.73 -9.98
C VAL L 177 28.25 5.39 -9.27
N GLN L 178 29.35 5.26 -8.49
CA GLN L 178 29.70 4.04 -7.77
C GLN L 178 29.73 2.82 -8.70
N LYS L 179 30.39 2.94 -9.85
CA LYS L 179 30.57 1.81 -10.77
C LYS L 179 31.95 1.26 -10.34
N MET L 180 31.94 0.36 -9.36
CA MET L 180 33.11 -0.22 -8.71
C MET L 180 34.01 -1.07 -9.59
N ASN L 181 33.59 -1.42 -10.80
CA ASN L 181 34.43 -2.18 -11.72
C ASN L 181 34.97 -1.33 -12.87
N SER L 182 34.46 -0.10 -13.04
CA SER L 182 34.89 0.74 -14.14
C SER L 182 36.32 1.24 -14.02
N LYS L 183 36.94 1.35 -15.19
CA LYS L 183 38.30 1.82 -15.37
C LYS L 183 38.31 2.73 -16.59
N THR L 184 39.05 3.83 -16.52
CA THR L 184 39.18 4.77 -17.62
C THR L 184 40.49 4.48 -18.34
N VAL L 185 40.46 4.37 -19.67
CA VAL L 185 41.66 4.13 -20.46
C VAL L 185 41.79 5.27 -21.45
N THR L 186 42.96 5.92 -21.48
CA THR L 186 43.23 7.03 -22.41
C THR L 186 44.42 6.67 -23.30
N SER L 187 44.38 7.09 -24.58
CA SER L 187 45.43 6.68 -25.49
C SER L 187 45.81 7.74 -26.53
N THR L 188 47.11 8.11 -26.49
CA THR L 188 47.71 9.08 -27.41
C THR L 188 48.57 8.34 -28.43
N MET L 189 48.31 8.51 -29.73
CA MET L 189 49.11 7.84 -30.76
C MET L 189 49.59 8.94 -31.66
N LEU L 190 50.93 9.12 -31.80
CA LEU L 190 51.55 10.17 -32.61
C LEU L 190 52.52 9.61 -33.63
N GLY L 191 52.72 10.34 -34.74
CA GLY L 191 53.64 9.92 -35.80
C GLY L 191 53.22 8.59 -36.37
N VAL L 192 54.17 7.67 -36.63
CA VAL L 192 53.90 6.34 -37.18
C VAL L 192 52.95 5.50 -36.32
N PHE L 193 52.89 5.77 -35.00
CA PHE L 193 51.95 5.04 -34.13
C PHE L 193 50.51 5.37 -34.51
N ARG L 194 50.26 6.57 -35.05
CA ARG L 194 48.96 6.95 -35.52
C ARG L 194 48.73 6.49 -36.95
N GLU L 195 49.72 6.77 -37.85
CA GLU L 195 49.58 6.54 -39.28
C GLU L 195 49.64 5.09 -39.72
N ASP L 196 50.61 4.33 -39.17
CA ASP L 196 50.86 2.95 -39.58
C ASP L 196 50.01 1.97 -38.82
N PRO L 197 49.18 1.19 -39.52
CA PRO L 197 48.33 0.20 -38.83
C PRO L 197 49.16 -0.93 -38.18
N LYS L 198 50.35 -1.24 -38.78
CA LYS L 198 51.25 -2.27 -38.33
C LYS L 198 51.90 -1.89 -37.01
N THR L 199 52.39 -0.61 -36.88
CA THR L 199 53.01 -0.05 -35.69
C THR L 199 52.02 0.03 -34.51
N ARG L 200 50.77 0.49 -34.77
CA ARG L 200 49.78 0.60 -33.70
C ARG L 200 49.35 -0.77 -33.16
N GLU L 201 49.14 -1.74 -34.07
CA GLU L 201 48.78 -3.08 -33.66
C GLU L 201 49.94 -3.71 -32.86
N GLU L 202 51.18 -3.53 -33.29
CA GLU L 202 52.35 -4.04 -32.58
C GLU L 202 52.49 -3.45 -31.16
N PHE L 203 52.29 -2.15 -31.01
CA PHE L 203 52.38 -1.51 -29.69
C PHE L 203 51.26 -2.05 -28.77
N LEU L 204 50.00 -2.10 -29.28
CA LEU L 204 48.89 -2.54 -28.46
C LEU L 204 48.98 -4.01 -28.10
N THR L 205 49.61 -4.85 -28.93
CA THR L 205 49.75 -6.26 -28.64
C THR L 205 50.81 -6.44 -27.56
N LEU L 206 51.96 -5.76 -27.72
CA LEU L 206 53.11 -5.86 -26.84
C LEU L 206 52.90 -5.25 -25.46
N ILE L 207 51.92 -4.36 -25.27
CA ILE L 207 51.69 -3.78 -23.93
C ILE L 207 50.83 -4.68 -23.01
N ARG L 208 50.38 -5.83 -23.50
CA ARG L 208 49.65 -6.79 -22.69
C ARG L 208 50.72 -7.73 -22.12
N PRO M 17 9.10 13.68 -19.15
CA PRO M 17 9.72 12.76 -18.19
C PRO M 17 8.86 12.45 -16.97
N ARG M 18 9.08 11.29 -16.37
CA ARG M 18 8.36 10.84 -15.18
C ARG M 18 8.71 11.76 -14.00
N SER M 19 7.72 12.12 -13.20
CA SER M 19 7.94 13.04 -12.09
C SER M 19 7.86 12.34 -10.73
N GLU M 20 8.27 13.05 -9.66
CA GLU M 20 8.17 12.51 -8.30
C GLU M 20 6.68 12.41 -7.87
N GLU M 21 5.81 13.27 -8.43
CA GLU M 21 4.35 13.24 -8.16
C GLU M 21 3.77 11.95 -8.77
N ASP M 22 4.23 11.59 -9.99
CA ASP M 22 3.82 10.37 -10.69
C ASP M 22 4.21 9.15 -9.85
N ASN M 23 5.43 9.17 -9.27
CA ASN M 23 5.96 8.09 -8.43
C ASN M 23 5.12 7.87 -7.17
N GLU M 24 4.71 8.96 -6.50
CA GLU M 24 3.91 8.85 -5.28
C GLU M 24 2.52 8.26 -5.56
N LEU M 25 1.86 8.69 -6.66
CA LEU M 25 0.54 8.20 -7.00
C LEU M 25 0.57 6.76 -7.59
N ASN M 26 1.61 6.47 -8.39
CA ASN M 26 1.75 5.17 -9.04
C ASN M 26 2.29 4.07 -8.15
N LEU M 27 2.90 4.41 -7.00
CA LEU M 27 3.46 3.41 -6.11
C LEU M 27 2.39 2.45 -5.49
N PRO M 28 1.26 2.96 -4.98
CA PRO M 28 0.23 2.07 -4.43
C PRO M 28 -0.36 1.13 -5.46
N ASN M 29 -0.45 1.55 -6.73
CA ASN M 29 -0.95 0.71 -7.80
C ASN M 29 -0.01 -0.42 -8.12
N LEU M 30 1.30 -0.18 -8.04
CA LEU M 30 2.32 -1.19 -8.26
C LEU M 30 2.27 -2.18 -7.09
N ALA M 31 2.19 -1.68 -5.84
CA ALA M 31 2.13 -2.57 -4.68
C ALA M 31 0.86 -3.48 -4.69
N ALA M 32 -0.27 -2.92 -5.08
CA ALA M 32 -1.52 -3.68 -5.18
C ALA M 32 -1.43 -4.78 -6.25
N ALA M 33 -0.80 -4.47 -7.40
CA ALA M 33 -0.63 -5.43 -8.48
C ALA M 33 0.30 -6.55 -8.05
N TYR M 34 1.36 -6.25 -7.28
CA TYR M 34 2.28 -7.28 -6.80
C TYR M 34 1.61 -8.17 -5.76
N SER M 35 0.72 -7.61 -4.94
CA SER M 35 -0.04 -8.39 -3.97
C SER M 35 -0.97 -9.38 -4.71
N SER M 36 -1.59 -8.91 -5.79
CA SER M 36 -2.48 -9.71 -6.61
C SER M 36 -1.69 -10.88 -7.25
N ILE M 37 -0.43 -10.59 -7.71
CA ILE M 37 0.43 -11.59 -8.33
C ILE M 37 0.75 -12.70 -7.31
N LEU M 38 1.09 -12.33 -6.07
CA LEU M 38 1.40 -13.29 -5.02
C LEU M 38 0.24 -14.26 -4.81
N SER M 39 -1.00 -13.73 -4.77
CA SER M 39 -2.20 -14.54 -4.59
C SER M 39 -2.48 -15.42 -5.81
N SER M 40 -2.28 -14.89 -7.03
CA SER M 40 -2.52 -15.64 -8.26
C SER M 40 -1.51 -16.76 -8.46
N LEU M 41 -0.30 -16.65 -7.86
CA LEU M 41 0.69 -17.72 -7.98
C LEU M 41 0.46 -18.88 -6.99
N GLY M 42 -0.49 -18.73 -6.08
CA GLY M 42 -0.78 -19.73 -5.07
C GLY M 42 -0.09 -19.45 -3.74
N GLU M 43 0.60 -18.31 -3.63
CA GLU M 43 1.28 -17.94 -2.39
C GLU M 43 0.35 -17.21 -1.41
N ASN M 44 0.79 -17.02 -0.16
CA ASN M 44 -0.01 -16.31 0.84
C ASN M 44 0.70 -15.00 1.12
N PRO M 45 0.20 -13.88 0.57
CA PRO M 45 0.86 -12.59 0.82
C PRO M 45 0.70 -12.03 2.23
N GLN M 46 0.06 -12.76 3.16
CA GLN M 46 -0.03 -12.34 4.57
C GLN M 46 1.04 -13.05 5.42
N ARG M 47 1.63 -14.18 4.94
CA ARG M 47 2.71 -14.87 5.65
C ARG M 47 3.91 -13.92 5.83
N GLN M 48 4.62 -14.04 6.95
CA GLN M 48 5.70 -13.13 7.36
C GLN M 48 6.61 -12.62 6.22
N GLY M 49 7.20 -13.56 5.46
CA GLY M 49 8.14 -13.24 4.41
C GLY M 49 7.55 -12.53 3.20
N LEU M 50 6.22 -12.50 3.09
CA LEU M 50 5.58 -11.83 1.96
C LEU M 50 4.87 -10.54 2.35
N LEU M 51 4.65 -10.29 3.63
CA LEU M 51 3.96 -9.08 4.08
C LEU M 51 4.45 -7.77 3.44
N LYS M 52 5.76 -7.51 3.51
CA LYS M 52 6.36 -6.29 2.94
C LYS M 52 6.68 -6.40 1.43
N THR M 53 6.51 -7.59 0.83
CA THR M 53 6.82 -7.85 -0.56
C THR M 53 6.05 -6.92 -1.48
N PRO M 54 4.71 -6.75 -1.39
CA PRO M 54 4.02 -5.78 -2.28
C PRO M 54 4.68 -4.40 -2.38
N TRP M 55 5.08 -3.79 -1.25
CA TRP M 55 5.78 -2.49 -1.25
C TRP M 55 7.24 -2.56 -1.72
N ARG M 56 8.01 -3.59 -1.31
CA ARG M 56 9.41 -3.76 -1.70
C ARG M 56 9.56 -3.99 -3.18
N ALA M 57 8.71 -4.85 -3.76
CA ALA M 57 8.76 -5.12 -5.19
C ALA M 57 8.30 -3.90 -6.03
N ALA M 58 7.38 -3.08 -5.51
CA ALA M 58 6.91 -1.87 -6.19
C ALA M 58 8.02 -0.80 -6.20
N SER M 59 8.73 -0.63 -5.06
CA SER M 59 9.85 0.32 -4.97
C SER M 59 11.05 -0.17 -5.81
N ALA M 60 11.29 -1.51 -5.86
CA ALA M 60 12.35 -2.03 -6.69
C ALA M 60 12.02 -1.74 -8.17
N MET M 61 10.76 -1.95 -8.61
CA MET M 61 10.37 -1.68 -10.00
C MET M 61 10.41 -0.18 -10.34
N GLN M 62 10.06 0.68 -9.39
CA GLN M 62 10.14 2.12 -9.58
C GLN M 62 11.66 2.55 -9.73
N PHE M 63 12.55 1.88 -9.00
CA PHE M 63 13.98 2.15 -9.08
C PHE M 63 14.58 1.65 -10.41
N PHE M 64 14.07 0.50 -10.90
CA PHE M 64 14.53 -0.08 -12.14
C PHE M 64 14.15 0.77 -13.36
N THR M 65 13.13 1.61 -13.26
CA THR M 65 12.62 2.44 -14.34
C THR M 65 12.76 3.94 -14.08
N LYS M 66 13.68 4.34 -13.18
CA LYS M 66 13.89 5.75 -12.85
C LYS M 66 14.51 6.58 -13.99
N GLY M 67 15.01 5.91 -15.03
CA GLY M 67 15.58 6.55 -16.21
C GLY M 67 14.58 7.36 -17.00
N TYR M 68 13.30 7.05 -16.88
CA TYR M 68 12.25 7.80 -17.56
C TYR M 68 12.18 9.25 -17.05
N GLN M 69 12.40 9.42 -15.73
CA GLN M 69 12.43 10.70 -15.03
C GLN M 69 13.59 11.61 -15.45
N GLU M 70 14.67 11.03 -15.99
CA GLU M 70 15.88 11.81 -16.26
C GLU M 70 16.00 12.42 -17.67
N THR M 71 16.58 13.61 -17.71
CA THR M 71 16.88 14.36 -18.93
C THR M 71 18.40 14.34 -19.13
N ILE M 72 18.86 14.04 -20.33
CA ILE M 72 20.29 13.98 -20.61
C ILE M 72 21.02 15.32 -20.31
N SER M 73 20.30 16.44 -20.41
CA SER M 73 20.83 17.77 -20.08
C SER M 73 21.11 17.92 -18.57
N ASP M 74 20.22 17.38 -17.74
CA ASP M 74 20.36 17.41 -16.29
C ASP M 74 21.54 16.52 -15.86
N VAL M 75 21.58 15.29 -16.39
CA VAL M 75 22.57 14.27 -16.07
C VAL M 75 23.98 14.74 -16.42
N LEU M 76 24.12 15.40 -17.56
CA LEU M 76 25.39 15.94 -18.01
C LEU M 76 25.93 16.98 -17.04
N ASN M 77 25.04 17.77 -16.40
CA ASN M 77 25.36 18.77 -15.38
C ASN M 77 26.46 19.73 -15.81
N ASP M 78 26.41 20.16 -17.07
CA ASP M 78 27.43 21.06 -17.62
C ASP M 78 28.87 20.50 -17.48
N ALA M 79 29.04 19.16 -17.31
CA ALA M 79 30.37 18.59 -17.21
C ALA M 79 31.00 18.32 -18.58
N ILE M 80 31.08 19.38 -19.39
CA ILE M 80 31.72 19.39 -20.69
C ILE M 80 32.89 20.38 -20.54
N PHE M 81 34.13 19.90 -20.69
CA PHE M 81 35.36 20.70 -20.49
C PHE M 81 36.08 20.94 -21.77
N ASP M 82 36.69 22.12 -21.88
CA ASP M 82 37.45 22.49 -23.06
C ASP M 82 38.88 21.98 -22.86
N GLU M 83 39.08 20.70 -23.19
CA GLU M 83 40.37 20.03 -23.09
C GLU M 83 40.57 19.38 -24.45
N ASP M 84 41.11 20.14 -25.44
CA ASP M 84 41.35 19.62 -26.80
C ASP M 84 42.63 18.79 -26.87
N HIS M 85 42.54 17.55 -26.38
CA HIS M 85 43.63 16.58 -26.39
C HIS M 85 43.16 15.58 -27.42
N ASP M 86 43.92 15.40 -28.49
CA ASP M 86 43.52 14.55 -29.59
C ASP M 86 43.71 13.04 -29.33
N GLU M 87 43.15 12.55 -28.22
CA GLU M 87 43.32 11.16 -27.82
C GLU M 87 42.02 10.37 -27.67
N MET M 88 42.12 9.03 -27.67
CA MET M 88 40.97 8.18 -27.44
C MET M 88 40.68 8.08 -25.92
N VAL M 89 39.40 8.30 -25.55
CA VAL M 89 38.93 8.22 -24.18
C VAL M 89 37.94 7.04 -24.10
N ILE M 90 38.23 6.11 -23.19
CA ILE M 90 37.44 4.91 -22.98
C ILE M 90 37.09 4.77 -21.51
N VAL M 91 35.87 4.42 -21.20
CA VAL M 91 35.43 4.07 -19.86
C VAL M 91 34.81 2.67 -20.05
N LYS M 92 35.50 1.65 -19.53
CA LYS M 92 35.15 0.26 -19.69
C LYS M 92 34.63 -0.40 -18.39
N ASP M 93 33.98 -1.56 -18.51
CA ASP M 93 33.45 -2.32 -17.39
C ASP M 93 32.47 -1.53 -16.52
N ILE M 94 31.65 -0.67 -17.14
CA ILE M 94 30.61 0.04 -16.41
C ILE M 94 29.50 -0.97 -16.16
N ASP M 95 29.20 -1.30 -14.89
CA ASP M 95 28.12 -2.26 -14.61
C ASP M 95 26.78 -1.72 -15.11
N MET M 96 26.05 -2.57 -15.78
CA MET M 96 24.79 -2.21 -16.37
C MET M 96 23.73 -3.21 -15.91
N PHE M 97 22.55 -2.72 -15.48
CA PHE M 97 21.42 -3.54 -15.03
C PHE M 97 20.21 -2.97 -15.68
N SER M 98 19.57 -3.73 -16.55
CA SER M 98 18.36 -3.27 -17.22
C SER M 98 17.21 -4.26 -17.04
N MET M 99 16.06 -3.97 -17.64
CA MET M 99 14.90 -4.84 -17.57
C MET M 99 14.41 -5.18 -18.96
N CYS M 100 14.21 -6.45 -19.23
CA CYS M 100 13.70 -6.84 -20.51
C CYS M 100 12.26 -6.35 -20.61
N GLU M 101 11.92 -5.66 -21.69
CA GLU M 101 10.55 -5.20 -21.88
C GLU M 101 9.63 -6.32 -22.39
N HIS M 102 10.14 -7.47 -22.77
CA HIS M 102 9.29 -8.55 -23.26
C HIS M 102 8.89 -9.54 -22.17
N HIS M 103 9.67 -9.66 -21.11
CA HIS M 103 9.37 -10.61 -20.06
C HIS M 103 9.38 -10.06 -18.64
N LEU M 104 9.86 -8.83 -18.51
CA LEU M 104 10.01 -8.09 -17.25
C LEU M 104 10.98 -8.79 -16.31
N VAL M 105 12.05 -9.36 -16.87
CA VAL M 105 13.09 -10.03 -16.11
C VAL M 105 14.44 -9.36 -16.43
N PRO M 106 15.35 -9.24 -15.44
CA PRO M 106 16.58 -8.47 -15.71
C PRO M 106 17.49 -8.96 -16.82
N PHE M 107 18.24 -8.03 -17.42
CA PHE M 107 19.33 -8.33 -18.32
C PHE M 107 20.48 -7.52 -17.79
N VAL M 108 21.53 -8.21 -17.36
CA VAL M 108 22.64 -7.57 -16.65
C VAL M 108 24.03 -7.82 -17.29
N GLY M 109 24.92 -6.85 -17.15
CA GLY M 109 26.25 -6.99 -17.69
C GLY M 109 27.06 -5.73 -17.59
N LYS M 110 27.82 -5.40 -18.64
CA LYS M 110 28.65 -4.20 -18.66
C LYS M 110 28.58 -3.46 -19.98
N VAL M 111 28.88 -2.16 -19.93
CA VAL M 111 29.02 -1.27 -21.08
C VAL M 111 30.48 -0.77 -21.15
N HIS M 112 31.03 -0.67 -22.35
CA HIS M 112 32.33 -0.12 -22.58
C HIS M 112 32.10 0.96 -23.59
N ILE M 113 32.36 2.21 -23.21
CA ILE M 113 32.18 3.34 -24.12
C ILE M 113 33.54 3.90 -24.49
N GLY M 114 33.74 4.19 -25.76
CA GLY M 114 34.94 4.81 -26.26
C GLY M 114 34.59 5.98 -27.16
N TYR M 115 35.44 6.99 -27.24
CA TYR M 115 35.21 8.12 -28.12
C TYR M 115 36.49 8.96 -28.36
N LEU M 116 36.48 9.72 -29.45
CA LEU M 116 37.55 10.60 -29.88
C LEU M 116 36.97 12.00 -29.98
N PRO M 117 37.19 12.84 -28.96
CA PRO M 117 36.54 14.16 -28.94
C PRO M 117 37.10 15.16 -29.93
N ASN M 118 36.31 16.21 -30.22
CA ASN M 118 36.75 17.27 -31.13
C ASN M 118 37.37 18.40 -30.28
N LYS M 119 36.59 19.40 -29.85
CA LYS M 119 37.12 20.45 -28.99
C LYS M 119 36.70 20.23 -27.52
N GLN M 120 35.51 19.63 -27.30
CA GLN M 120 35.01 19.38 -25.96
C GLN M 120 35.14 17.94 -25.50
N VAL M 121 35.40 17.77 -24.18
CA VAL M 121 35.57 16.51 -23.50
C VAL M 121 34.49 16.37 -22.40
N LEU M 122 34.04 15.14 -22.12
CA LEU M 122 33.00 14.91 -21.12
C LEU M 122 33.61 14.43 -19.78
N GLY M 123 32.97 14.77 -18.68
CA GLY M 123 33.42 14.30 -17.36
C GLY M 123 33.16 12.82 -17.29
N LEU M 124 34.21 12.03 -17.00
CA LEU M 124 34.19 10.56 -17.03
C LEU M 124 32.95 9.92 -16.42
N SER M 125 32.51 10.33 -15.21
CA SER M 125 31.33 9.72 -14.59
C SER M 125 30.04 9.98 -15.37
N LYS M 126 29.99 11.04 -16.21
CA LYS M 126 28.83 11.35 -17.04
C LYS M 126 28.59 10.32 -18.13
N LEU M 127 29.65 9.64 -18.59
CA LEU M 127 29.49 8.52 -19.51
C LEU M 127 28.70 7.38 -18.80
N ALA M 128 28.98 7.13 -17.49
CA ALA M 128 28.28 6.14 -16.69
C ALA M 128 26.85 6.57 -16.36
N ARG M 129 26.60 7.89 -16.29
CA ARG M 129 25.27 8.40 -16.02
C ARG M 129 24.43 8.33 -17.28
N ILE M 130 25.04 8.44 -18.49
CA ILE M 130 24.32 8.28 -19.75
C ILE M 130 23.82 6.81 -19.82
N VAL M 131 24.67 5.84 -19.38
CA VAL M 131 24.29 4.42 -19.33
C VAL M 131 23.08 4.24 -18.40
N GLU M 132 23.06 4.95 -17.26
CA GLU M 132 21.98 4.88 -16.28
C GLU M 132 20.65 5.47 -16.76
N ILE M 133 20.64 6.56 -17.58
CA ILE M 133 19.36 7.10 -18.07
C ILE M 133 18.62 6.07 -18.90
N TYR M 134 19.35 5.39 -19.79
CA TYR M 134 18.74 4.44 -20.70
C TYR M 134 18.61 3.03 -20.17
N SER M 135 19.52 2.57 -19.30
CA SER M 135 19.42 1.20 -18.80
C SER M 135 18.31 1.06 -17.79
N ARG M 136 18.04 2.13 -17.02
CA ARG M 136 16.99 2.09 -16.00
C ARG M 136 15.66 2.36 -16.63
N ARG M 137 15.26 1.44 -17.50
CA ARG M 137 14.02 1.50 -18.27
C ARG M 137 13.63 0.07 -18.72
N LEU M 138 12.44 -0.09 -19.30
CA LEU M 138 12.05 -1.37 -19.90
C LEU M 138 12.71 -1.26 -21.28
N GLN M 139 13.63 -2.18 -21.58
CA GLN M 139 14.39 -2.06 -22.80
C GLN M 139 14.67 -3.32 -23.60
N VAL M 140 15.32 -3.09 -24.72
CA VAL M 140 15.83 -4.12 -25.61
C VAL M 140 17.26 -3.64 -25.81
N GLN M 141 18.22 -4.54 -25.66
CA GLN M 141 19.65 -4.22 -25.78
C GLN M 141 20.12 -3.38 -26.97
N GLU M 142 19.51 -3.57 -28.14
CA GLU M 142 19.87 -2.80 -29.31
C GLU M 142 19.46 -1.36 -29.14
N ARG M 143 18.35 -1.11 -28.46
CA ARG M 143 17.89 0.25 -28.27
C ARG M 143 18.81 0.93 -27.29
N LEU M 144 19.08 0.27 -26.16
CA LEU M 144 19.95 0.77 -25.12
C LEU M 144 21.35 1.13 -25.70
N THR M 145 21.95 0.25 -26.49
CA THR M 145 23.24 0.51 -27.10
C THR M 145 23.20 1.77 -27.99
N LYS M 146 22.20 1.88 -28.87
CA LYS M 146 22.03 3.04 -29.75
C LYS M 146 21.86 4.36 -29.00
N GLN M 147 20.98 4.39 -27.98
CA GLN M 147 20.66 5.58 -27.19
C GLN M 147 21.85 6.13 -26.48
N ILE M 148 22.68 5.28 -25.89
CA ILE M 148 23.92 5.75 -25.26
C ILE M 148 24.84 6.40 -26.33
N ALA M 149 25.00 5.74 -27.51
CA ALA M 149 25.85 6.26 -28.59
C ALA M 149 25.35 7.58 -29.16
N VAL M 150 24.04 7.73 -29.27
CA VAL M 150 23.38 8.96 -29.76
C VAL M 150 23.54 10.10 -28.74
N ALA M 151 23.40 9.78 -27.43
CA ALA M 151 23.56 10.77 -26.37
C ALA M 151 24.95 11.37 -26.39
N ILE M 152 25.99 10.53 -26.52
CA ILE M 152 27.36 11.05 -26.58
C ILE M 152 27.57 11.87 -27.84
N THR M 153 27.12 11.36 -29.00
CA THR M 153 27.30 12.09 -30.26
C THR M 153 26.64 13.45 -30.25
N GLU M 154 25.41 13.54 -29.76
CA GLU M 154 24.71 14.82 -29.72
C GLU M 154 25.36 15.78 -28.72
N ALA M 155 25.76 15.28 -27.55
CA ALA M 155 26.41 16.08 -26.51
C ALA M 155 27.79 16.64 -26.87
N LEU M 156 28.68 15.82 -27.43
CA LEU M 156 30.04 16.25 -27.72
C LEU M 156 30.38 16.50 -29.18
N ARG M 157 29.59 16.00 -30.16
CA ARG M 157 29.88 16.08 -31.61
C ARG M 157 31.33 15.67 -31.88
N PRO M 158 31.72 14.46 -31.45
CA PRO M 158 33.12 14.06 -31.58
C PRO M 158 33.45 13.54 -32.97
N ALA M 159 34.72 13.17 -33.17
CA ALA M 159 35.15 12.56 -34.42
C ALA M 159 34.54 11.13 -34.54
N GLY M 160 34.28 10.47 -33.41
CA GLY M 160 33.71 9.13 -33.43
C GLY M 160 33.41 8.59 -32.05
N VAL M 161 32.49 7.60 -31.98
CA VAL M 161 32.03 6.96 -30.73
C VAL M 161 31.95 5.43 -30.94
N GLY M 162 32.22 4.66 -29.92
CA GLY M 162 32.08 3.21 -29.96
C GLY M 162 31.43 2.74 -28.65
N VAL M 163 30.32 2.02 -28.74
CA VAL M 163 29.63 1.51 -27.55
C VAL M 163 29.46 0.00 -27.65
N VAL M 164 29.96 -0.75 -26.66
CA VAL M 164 29.81 -2.19 -26.63
C VAL M 164 29.11 -2.58 -25.32
N VAL M 165 27.98 -3.27 -25.42
CA VAL M 165 27.22 -3.73 -24.27
C VAL M 165 27.26 -5.24 -24.29
N GLU M 166 27.64 -5.87 -23.18
CA GLU M 166 27.58 -7.32 -23.08
C GLU M 166 26.66 -7.65 -21.89
N ALA M 167 25.62 -8.47 -22.12
CA ALA M 167 24.66 -8.77 -21.06
C ALA M 167 24.11 -10.19 -21.08
N THR M 168 23.76 -10.69 -19.91
CA THR M 168 23.15 -11.99 -19.71
C THR M 168 21.70 -11.69 -19.58
N HIS M 169 20.88 -12.34 -20.39
CA HIS M 169 19.46 -12.15 -20.29
C HIS M 169 18.90 -13.26 -19.45
N MET M 170 18.16 -12.90 -18.40
CA MET M 170 17.55 -13.92 -17.55
C MET M 170 16.43 -14.67 -18.27
N CYS M 171 15.77 -14.01 -19.21
CA CYS M 171 14.74 -14.64 -20.01
C CYS M 171 15.29 -15.75 -20.88
N MET M 172 16.61 -15.81 -21.05
CA MET M 172 17.23 -16.85 -21.88
C MET M 172 18.00 -17.89 -21.07
N VAL M 173 18.26 -17.57 -19.82
CA VAL M 173 19.01 -18.40 -18.90
C VAL M 173 18.05 -19.13 -17.92
N MET M 174 17.12 -18.40 -17.28
CA MET M 174 16.18 -18.94 -16.28
C MET M 174 14.97 -19.65 -16.87
N ARG M 175 14.67 -19.39 -18.14
CA ARG M 175 13.52 -19.98 -18.81
C ARG M 175 13.79 -20.04 -20.30
N GLY M 176 12.79 -20.45 -21.08
CA GLY M 176 12.91 -20.54 -22.51
C GLY M 176 13.95 -21.52 -23.01
N VAL M 177 14.89 -21.03 -23.81
CA VAL M 177 15.94 -21.86 -24.35
C VAL M 177 16.85 -22.37 -23.25
N GLN M 178 16.89 -21.65 -22.14
CA GLN M 178 17.71 -22.03 -21.00
C GLN M 178 19.16 -22.29 -21.40
N LYS M 179 19.75 -21.35 -22.15
CA LYS M 179 21.13 -21.49 -22.57
C LYS M 179 21.89 -20.70 -21.52
N MET M 180 22.11 -21.32 -20.34
CA MET M 180 22.72 -20.74 -19.15
C MET M 180 24.12 -20.19 -19.36
N ASN M 181 24.81 -20.54 -20.44
CA ASN M 181 26.14 -19.96 -20.70
C ASN M 181 26.10 -18.84 -21.74
N SER M 182 24.97 -18.58 -22.39
CA SER M 182 24.90 -17.57 -23.46
C SER M 182 24.95 -16.13 -22.97
N LYS M 183 25.47 -15.23 -23.82
CA LYS M 183 25.60 -13.79 -23.56
C LYS M 183 25.31 -13.03 -24.84
N THR M 184 24.79 -11.82 -24.72
CA THR M 184 24.50 -10.98 -25.87
C THR M 184 25.43 -9.80 -25.93
N VAL M 185 26.15 -9.62 -27.06
CA VAL M 185 27.02 -8.48 -27.22
C VAL M 185 26.42 -7.60 -28.32
N THR M 186 26.29 -6.31 -28.05
CA THR M 186 25.76 -5.36 -29.05
C THR M 186 26.82 -4.28 -29.23
N SER M 187 27.03 -3.86 -30.48
CA SER M 187 28.11 -2.94 -30.76
C SER M 187 27.76 -1.87 -31.76
N THR M 188 27.80 -0.59 -31.31
CA THR M 188 27.58 0.55 -32.18
C THR M 188 28.96 1.22 -32.41
N MET M 189 29.35 1.42 -33.69
CA MET M 189 30.59 2.09 -34.04
C MET M 189 30.24 3.27 -34.94
N LEU M 190 30.43 4.51 -34.48
CA LEU M 190 30.09 5.69 -35.27
C LEU M 190 31.32 6.53 -35.57
N GLY M 191 31.25 7.31 -36.64
CA GLY M 191 32.32 8.22 -37.00
C GLY M 191 33.58 7.45 -37.38
N VAL M 192 34.74 7.89 -36.84
CA VAL M 192 36.02 7.25 -37.14
C VAL M 192 36.12 5.81 -36.59
N PHE M 193 35.28 5.47 -35.56
CA PHE M 193 35.19 4.11 -35.02
C PHE M 193 34.64 3.13 -36.07
N ARG M 194 33.79 3.61 -36.99
CA ARG M 194 33.37 2.79 -38.08
C ARG M 194 34.33 2.88 -39.26
N GLU M 195 34.87 4.06 -39.59
CA GLU M 195 35.67 4.20 -40.82
C GLU M 195 37.09 3.76 -40.74
N ASP M 196 37.80 4.11 -39.68
CA ASP M 196 39.23 3.82 -39.56
C ASP M 196 39.39 2.44 -38.94
N PRO M 197 40.06 1.52 -39.64
CA PRO M 197 40.28 0.19 -39.05
C PRO M 197 41.23 0.24 -37.86
N LYS M 198 42.19 1.18 -37.87
CA LYS M 198 43.14 1.39 -36.79
C LYS M 198 42.38 1.82 -35.55
N THR M 199 41.46 2.80 -35.70
CA THR M 199 40.65 3.28 -34.58
C THR M 199 39.81 2.19 -33.93
N ARG M 200 39.07 1.43 -34.74
CA ARG M 200 38.20 0.39 -34.21
C ARG M 200 38.98 -0.76 -33.53
N GLU M 201 40.14 -1.14 -34.09
CA GLU M 201 40.96 -2.21 -33.55
C GLU M 201 41.51 -1.77 -32.19
N GLU M 202 41.95 -0.52 -32.08
CA GLU M 202 42.47 0.01 -30.84
C GLU M 202 41.40 0.02 -29.75
N PHE M 203 40.17 0.46 -30.10
CA PHE M 203 39.05 0.50 -29.16
C PHE M 203 38.76 -0.90 -28.66
N LEU M 204 38.63 -1.87 -29.61
CA LEU M 204 38.34 -3.27 -29.31
C LEU M 204 39.39 -3.94 -28.46
N THR M 205 40.64 -3.51 -28.60
CA THR M 205 41.74 -4.07 -27.81
C THR M 205 41.76 -3.49 -26.39
N LEU M 206 41.60 -2.16 -26.27
CA LEU M 206 41.70 -1.49 -24.98
C LEU M 206 40.53 -1.79 -24.05
N ILE M 207 39.37 -2.21 -24.58
CA ILE M 207 38.22 -2.52 -23.72
C ILE M 207 38.33 -3.89 -23.03
N ARG M 208 39.32 -4.72 -23.41
CA ARG M 208 39.49 -6.02 -22.78
C ARG M 208 40.76 -6.07 -21.98
N PRO N 17 7.72 -32.59 -41.68
CA PRO N 17 8.45 -32.75 -40.41
C PRO N 17 7.96 -33.95 -39.61
N ARG N 18 8.82 -34.50 -38.74
CA ARG N 18 8.47 -35.62 -37.87
C ARG N 18 7.36 -35.18 -36.90
N SER N 19 6.36 -36.02 -36.68
CA SER N 19 5.24 -35.66 -35.82
C SER N 19 5.27 -36.41 -34.49
N GLU N 20 4.43 -35.98 -33.52
CA GLU N 20 4.34 -36.66 -32.24
C GLU N 20 3.67 -38.05 -32.41
N GLU N 21 2.84 -38.24 -33.45
CA GLU N 21 2.21 -39.52 -33.77
C GLU N 21 3.31 -40.49 -34.24
N ASP N 22 4.24 -40.00 -35.10
CA ASP N 22 5.38 -40.77 -35.60
C ASP N 22 6.23 -41.23 -34.42
N ASN N 23 6.46 -40.34 -33.43
CA ASN N 23 7.25 -40.60 -32.23
C ASN N 23 6.65 -41.70 -31.38
N GLU N 24 5.33 -41.70 -31.17
CA GLU N 24 4.66 -42.74 -30.38
C GLU N 24 4.74 -44.09 -31.09
N LEU N 25 4.60 -44.07 -32.42
CA LEU N 25 4.64 -45.25 -33.28
C LEU N 25 6.04 -45.87 -33.32
N ASN N 26 7.09 -45.05 -33.43
CA ASN N 26 8.46 -45.55 -33.53
C ASN N 26 9.22 -45.75 -32.22
N LEU N 27 8.65 -45.28 -31.11
CA LEU N 27 9.31 -45.47 -29.82
C LEU N 27 9.52 -46.95 -29.46
N PRO N 28 8.52 -47.84 -29.62
CA PRO N 28 8.74 -49.26 -29.32
C PRO N 28 9.79 -49.91 -30.22
N ASN N 29 9.92 -49.45 -31.46
CA ASN N 29 10.92 -49.98 -32.39
C ASN N 29 12.30 -49.59 -31.99
N LEU N 30 12.47 -48.36 -31.48
CA LEU N 30 13.74 -47.86 -30.99
C LEU N 30 14.11 -48.64 -29.72
N ALA N 31 13.16 -48.84 -28.79
CA ALA N 31 13.44 -49.56 -27.56
C ALA N 31 13.84 -51.01 -27.82
N ALA N 32 13.19 -51.66 -28.80
CA ALA N 32 13.50 -53.04 -29.18
C ALA N 32 14.92 -53.14 -29.79
N ALA N 33 15.32 -52.15 -30.61
CA ALA N 33 16.67 -52.12 -31.19
C ALA N 33 17.71 -51.92 -30.12
N TYR N 34 17.44 -51.08 -29.10
CA TYR N 34 18.40 -50.88 -27.99
C TYR N 34 18.52 -52.12 -27.12
N SER N 35 17.42 -52.87 -26.95
CA SER N 35 17.45 -54.13 -26.21
C SER N 35 18.31 -55.16 -26.96
N SER N 36 18.19 -55.19 -28.28
CA SER N 36 18.96 -56.05 -29.15
C SER N 36 20.44 -55.74 -29.03
N ILE N 37 20.79 -54.43 -28.99
CA ILE N 37 22.18 -53.96 -28.87
C ILE N 37 22.77 -54.45 -27.55
N LEU N 38 22.03 -54.30 -26.42
CA LEU N 38 22.50 -54.76 -25.10
C LEU N 38 22.85 -56.24 -25.13
N SER N 39 21.99 -57.08 -25.74
CA SER N 39 22.25 -58.51 -25.87
C SER N 39 23.42 -58.82 -26.78
N SER N 40 23.53 -58.12 -27.92
CA SER N 40 24.64 -58.33 -28.86
C SER N 40 25.98 -57.91 -28.28
N LEU N 41 26.01 -56.99 -27.30
CA LEU N 41 27.27 -56.57 -26.66
C LEU N 41 27.75 -57.54 -25.56
N GLY N 42 26.96 -58.55 -25.24
CA GLY N 42 27.28 -59.51 -24.21
C GLY N 42 26.64 -59.20 -22.87
N GLU N 43 25.82 -58.13 -22.79
CA GLU N 43 25.19 -57.74 -21.55
C GLU N 43 23.85 -58.44 -21.30
N ASN N 44 23.31 -58.35 -20.08
CA ASN N 44 22.05 -58.98 -19.74
C ASN N 44 21.01 -57.86 -19.61
N PRO N 45 20.15 -57.63 -20.61
CA PRO N 45 19.17 -56.53 -20.49
C PRO N 45 18.10 -56.71 -19.40
N GLN N 46 18.24 -57.77 -18.58
CA GLN N 46 17.33 -58.05 -17.47
C GLN N 46 17.90 -57.78 -16.09
N ARG N 47 19.20 -57.40 -16.02
CA ARG N 47 19.77 -57.05 -14.72
C ARG N 47 19.15 -55.70 -14.28
N GLN N 48 19.01 -55.48 -12.96
CA GLN N 48 18.40 -54.28 -12.40
C GLN N 48 18.72 -52.96 -13.18
N GLY N 49 20.01 -52.68 -13.36
CA GLY N 49 20.50 -51.49 -14.05
C GLY N 49 20.15 -51.38 -15.51
N LEU N 50 19.87 -52.52 -16.18
CA LEU N 50 19.54 -52.50 -17.61
C LEU N 50 18.07 -52.67 -17.95
N LEU N 51 17.23 -52.97 -16.98
CA LEU N 51 15.80 -53.19 -17.22
C LEU N 51 15.04 -52.03 -17.94
N LYS N 52 15.21 -50.77 -17.50
CA LYS N 52 14.53 -49.64 -18.14
C LYS N 52 15.37 -48.99 -19.24
N THR N 53 16.61 -49.48 -19.47
CA THR N 53 17.53 -48.95 -20.46
C THR N 53 16.94 -48.97 -21.87
N PRO N 54 16.34 -50.05 -22.40
CA PRO N 54 15.77 -49.96 -23.75
C PRO N 54 14.83 -48.78 -23.97
N TRP N 55 13.91 -48.50 -23.05
CA TRP N 55 12.99 -47.37 -23.19
C TRP N 55 13.65 -46.02 -22.99
N ARG N 56 14.56 -45.90 -21.99
CA ARG N 56 15.32 -44.69 -21.68
C ARG N 56 16.26 -44.29 -22.80
N ALA N 57 16.94 -45.25 -23.44
CA ALA N 57 17.86 -44.96 -24.54
C ALA N 57 17.08 -44.52 -25.77
N ALA N 58 15.88 -45.12 -26.01
CA ALA N 58 15.00 -44.78 -27.13
C ALA N 58 14.44 -43.38 -26.95
N SER N 59 14.04 -43.02 -25.72
CA SER N 59 13.50 -41.69 -25.42
C SER N 59 14.62 -40.67 -25.60
N ALA N 60 15.84 -40.97 -25.08
CA ALA N 60 16.98 -40.08 -25.24
C ALA N 60 17.28 -39.86 -26.75
N MET N 61 17.41 -40.94 -27.55
CA MET N 61 17.65 -40.80 -28.98
C MET N 61 16.57 -40.00 -29.72
N GLN N 62 15.35 -40.02 -29.21
CA GLN N 62 14.24 -39.29 -29.80
C GLN N 62 14.35 -37.80 -29.48
N PHE N 63 14.70 -37.47 -28.24
CA PHE N 63 14.91 -36.10 -27.84
C PHE N 63 16.16 -35.53 -28.55
N PHE N 64 17.21 -36.35 -28.71
CA PHE N 64 18.42 -35.90 -29.40
C PHE N 64 18.12 -35.55 -30.87
N THR N 65 17.05 -36.14 -31.48
CA THR N 65 16.73 -35.85 -32.86
C THR N 65 15.41 -35.06 -33.03
N LYS N 66 14.93 -34.37 -31.99
CA LYS N 66 13.64 -33.62 -32.09
C LYS N 66 13.63 -32.45 -33.13
N GLY N 67 14.79 -32.11 -33.70
CA GLY N 67 14.92 -31.06 -34.70
C GLY N 67 14.22 -31.37 -35.99
N TYR N 68 14.10 -32.67 -36.33
CA TYR N 68 13.33 -33.13 -37.48
C TYR N 68 11.82 -32.75 -37.32
N GLN N 69 11.37 -32.49 -36.08
CA GLN N 69 9.97 -32.13 -35.82
C GLN N 69 9.67 -30.64 -35.99
N GLU N 70 10.68 -29.83 -36.30
CA GLU N 70 10.52 -28.38 -36.30
C GLU N 70 10.63 -27.73 -37.65
N THR N 71 9.92 -26.62 -37.77
CA THR N 71 9.95 -25.81 -38.97
C THR N 71 10.51 -24.45 -38.58
N ILE N 72 11.37 -23.86 -39.43
CA ILE N 72 11.95 -22.56 -39.18
C ILE N 72 10.89 -21.47 -38.97
N SER N 73 9.77 -21.50 -39.73
CA SER N 73 8.70 -20.52 -39.57
C SER N 73 8.05 -20.62 -38.19
N ASP N 74 7.85 -21.84 -37.69
CA ASP N 74 7.25 -22.07 -36.37
C ASP N 74 8.17 -21.58 -35.25
N VAL N 75 9.47 -21.87 -35.40
CA VAL N 75 10.51 -21.54 -34.45
C VAL N 75 10.65 -20.02 -34.29
N LEU N 76 10.61 -19.29 -35.39
CA LEU N 76 10.71 -17.85 -35.36
C LEU N 76 9.55 -17.16 -34.61
N ASN N 77 8.36 -17.75 -34.69
CA ASN N 77 7.17 -17.25 -34.01
C ASN N 77 6.86 -15.77 -34.20
N ASP N 78 7.08 -15.23 -35.40
CA ASP N 78 6.85 -13.83 -35.77
C ASP N 78 7.63 -12.84 -34.88
N ALA N 79 8.81 -13.21 -34.38
CA ALA N 79 9.57 -12.36 -33.50
C ALA N 79 10.63 -11.60 -34.26
N ILE N 80 10.23 -11.14 -35.42
CA ILE N 80 11.08 -10.37 -36.31
C ILE N 80 10.63 -8.92 -36.23
N PHE N 81 11.18 -8.19 -35.27
CA PHE N 81 10.81 -6.80 -35.11
C PHE N 81 11.36 -5.97 -36.25
N ASP N 82 10.64 -4.90 -36.60
CA ASP N 82 11.10 -4.02 -37.68
C ASP N 82 11.69 -2.75 -37.11
N GLU N 83 12.99 -2.79 -36.78
CA GLU N 83 13.70 -1.64 -36.24
C GLU N 83 14.97 -1.38 -37.07
N ASP N 84 15.46 -0.13 -37.05
CA ASP N 84 16.67 0.19 -37.79
C ASP N 84 17.82 0.46 -36.83
N HIS N 85 18.30 -0.63 -36.24
CA HIS N 85 19.44 -0.58 -35.35
C HIS N 85 20.61 -0.89 -36.22
N ASP N 86 21.39 0.12 -36.58
CA ASP N 86 22.55 -0.08 -37.44
C ASP N 86 23.75 -0.52 -36.58
N GLU N 87 23.65 -1.71 -35.99
CA GLU N 87 24.67 -2.16 -35.06
C GLU N 87 24.87 -3.65 -35.09
N MET N 88 26.08 -4.10 -34.71
CA MET N 88 26.35 -5.53 -34.70
C MET N 88 25.67 -6.15 -33.48
N VAL N 89 24.98 -7.24 -33.72
CA VAL N 89 24.30 -8.00 -32.68
C VAL N 89 24.90 -9.42 -32.66
N ILE N 90 25.40 -9.86 -31.49
CA ILE N 90 25.97 -11.18 -31.27
C ILE N 90 25.26 -11.91 -30.13
N VAL N 91 24.98 -13.20 -30.31
CA VAL N 91 24.57 -14.08 -29.21
C VAL N 91 25.70 -15.14 -29.19
N LYS N 92 26.52 -15.09 -28.14
CA LYS N 92 27.68 -15.99 -28.02
C LYS N 92 27.53 -17.02 -26.90
N ASP N 93 28.32 -18.10 -26.99
CA ASP N 93 28.38 -19.20 -26.04
C ASP N 93 27.07 -19.94 -25.95
N ILE N 94 26.40 -20.11 -27.08
CA ILE N 94 25.15 -20.88 -27.10
C ILE N 94 25.55 -22.36 -27.01
N ASP N 95 25.21 -23.06 -25.92
CA ASP N 95 25.53 -24.48 -25.78
C ASP N 95 24.86 -25.27 -26.88
N MET N 96 25.63 -26.14 -27.48
CA MET N 96 25.18 -26.89 -28.63
C MET N 96 25.46 -28.35 -28.36
N PHE N 97 24.45 -29.22 -28.61
CA PHE N 97 24.54 -30.65 -28.40
C PHE N 97 24.00 -31.32 -29.61
N SER N 98 24.86 -32.00 -30.37
CA SER N 98 24.41 -32.68 -31.58
C SER N 98 24.85 -34.16 -31.61
N MET N 99 24.47 -34.88 -32.66
CA MET N 99 24.78 -36.29 -32.81
C MET N 99 25.46 -36.47 -34.09
N CYS N 100 26.66 -36.99 -34.04
CA CYS N 100 27.44 -37.28 -35.21
C CYS N 100 26.73 -38.35 -36.07
N GLU N 101 26.47 -38.04 -37.36
CA GLU N 101 25.75 -38.98 -38.24
C GLU N 101 26.61 -40.16 -38.73
N HIS N 102 27.91 -40.14 -38.50
CA HIS N 102 28.78 -41.23 -38.94
C HIS N 102 28.89 -42.35 -37.90
N HIS N 103 28.99 -42.00 -36.60
CA HIS N 103 29.16 -43.00 -35.54
C HIS N 103 28.01 -43.04 -34.52
N LEU N 104 27.07 -42.08 -34.60
CA LEU N 104 25.93 -41.95 -33.69
C LEU N 104 26.35 -41.68 -32.26
N VAL N 105 27.44 -40.96 -32.08
CA VAL N 105 27.95 -40.55 -30.78
C VAL N 105 27.88 -38.99 -30.72
N PRO N 106 27.78 -38.38 -29.53
CA PRO N 106 27.60 -36.92 -29.49
C PRO N 106 28.79 -36.06 -29.90
N PHE N 107 28.52 -34.92 -30.52
CA PHE N 107 29.52 -33.89 -30.71
C PHE N 107 28.94 -32.68 -29.98
N VAL N 108 29.62 -32.21 -28.93
CA VAL N 108 29.10 -31.11 -28.11
C VAL N 108 30.01 -29.89 -28.10
N GLY N 109 29.41 -28.72 -28.00
CA GLY N 109 30.19 -27.49 -27.96
C GLY N 109 29.39 -26.23 -27.73
N LYS N 110 29.75 -25.19 -28.48
CA LYS N 110 29.24 -23.83 -28.40
C LYS N 110 29.10 -23.26 -29.79
N VAL N 111 28.14 -22.32 -29.95
CA VAL N 111 27.86 -21.60 -31.20
C VAL N 111 27.89 -20.10 -30.89
N HIS N 112 28.51 -19.32 -31.77
CA HIS N 112 28.60 -17.87 -31.60
C HIS N 112 28.02 -17.29 -32.90
N ILE N 113 27.00 -16.44 -32.79
CA ILE N 113 26.32 -15.91 -33.95
C ILE N 113 26.37 -14.40 -33.91
N GLY N 114 26.64 -13.78 -35.05
CA GLY N 114 26.68 -12.35 -35.17
C GLY N 114 26.02 -11.92 -36.46
N TYR N 115 25.36 -10.76 -36.47
CA TYR N 115 24.75 -10.26 -37.70
C TYR N 115 24.61 -8.76 -37.71
N LEU N 116 24.47 -8.19 -38.92
CA LEU N 116 24.27 -6.76 -39.05
C LEU N 116 22.92 -6.56 -39.68
N PRO N 117 21.94 -6.07 -38.91
CA PRO N 117 20.59 -5.96 -39.45
C PRO N 117 20.49 -4.93 -40.57
N ASN N 118 19.52 -5.17 -41.45
CA ASN N 118 19.23 -4.35 -42.60
C ASN N 118 17.95 -3.60 -42.18
N LYS N 119 16.77 -4.18 -42.39
CA LYS N 119 15.51 -3.57 -41.96
C LYS N 119 14.87 -4.34 -40.79
N GLN N 120 15.24 -5.63 -40.62
CA GLN N 120 14.65 -6.48 -39.59
C GLN N 120 15.66 -7.04 -38.55
N VAL N 121 15.25 -6.98 -37.30
CA VAL N 121 16.01 -7.47 -36.17
C VAL N 121 15.28 -8.63 -35.53
N LEU N 122 15.96 -9.74 -35.34
CA LEU N 122 15.38 -10.93 -34.76
C LEU N 122 15.37 -10.89 -33.25
N GLY N 123 14.53 -11.70 -32.64
CA GLY N 123 14.45 -11.81 -31.21
C GLY N 123 15.63 -12.64 -30.75
N LEU N 124 16.38 -12.14 -29.78
CA LEU N 124 17.58 -12.78 -29.25
C LEU N 124 17.53 -14.29 -29.05
N SER N 125 16.46 -14.78 -28.42
CA SER N 125 16.31 -16.21 -28.15
C SER N 125 16.11 -17.06 -29.41
N LYS N 126 15.55 -16.45 -30.46
CA LYS N 126 15.31 -17.16 -31.69
C LYS N 126 16.62 -17.59 -32.33
N LEU N 127 17.71 -16.88 -32.05
CA LEU N 127 19.00 -17.28 -32.59
C LEU N 127 19.40 -18.65 -31.99
N ALA N 128 19.14 -18.85 -30.67
CA ALA N 128 19.37 -20.13 -30.01
C ALA N 128 18.36 -21.20 -30.48
N ARG N 129 17.15 -20.80 -30.84
CA ARG N 129 16.14 -21.74 -31.34
C ARG N 129 16.52 -22.25 -32.74
N ILE N 130 17.12 -21.41 -33.56
CA ILE N 130 17.64 -21.84 -34.89
C ILE N 130 18.76 -22.89 -34.64
N VAL N 131 19.61 -22.68 -33.60
CA VAL N 131 20.66 -23.61 -33.21
C VAL N 131 20.05 -24.95 -32.85
N GLU N 132 18.93 -24.93 -32.10
CA GLU N 132 18.21 -26.12 -31.70
C GLU N 132 17.54 -26.89 -32.84
N ILE N 133 16.96 -26.22 -33.88
CA ILE N 133 16.36 -26.97 -35.01
C ILE N 133 17.38 -27.90 -35.66
N TYR N 134 18.61 -27.36 -35.89
CA TYR N 134 19.60 -28.07 -36.67
C TYR N 134 20.52 -28.96 -35.87
N SER N 135 20.88 -28.57 -34.63
CA SER N 135 21.77 -29.40 -33.85
C SER N 135 21.09 -30.64 -33.38
N ARG N 136 19.82 -30.57 -33.00
CA ARG N 136 19.05 -31.74 -32.55
C ARG N 136 18.66 -32.65 -33.72
N ARG N 137 19.63 -33.08 -34.52
CA ARG N 137 19.50 -33.96 -35.66
C ARG N 137 20.84 -34.77 -35.81
N LEU N 138 20.84 -35.84 -36.65
CA LEU N 138 22.07 -36.59 -36.98
C LEU N 138 22.79 -35.63 -37.96
N GLN N 139 23.97 -35.13 -37.57
CA GLN N 139 24.62 -34.07 -38.36
C GLN N 139 26.07 -34.25 -38.69
N VAL N 140 26.59 -33.29 -39.45
CA VAL N 140 27.99 -33.01 -39.68
C VAL N 140 28.16 -31.51 -39.41
N GLN N 141 29.20 -31.14 -38.63
CA GLN N 141 29.46 -29.76 -38.20
C GLN N 141 29.43 -28.69 -39.33
N GLU N 142 29.93 -29.04 -40.52
CA GLU N 142 29.91 -28.12 -41.65
C GLU N 142 28.49 -27.84 -42.13
N ARG N 143 27.60 -28.82 -42.05
CA ARG N 143 26.22 -28.63 -42.48
C ARG N 143 25.43 -27.83 -41.46
N LEU N 144 25.62 -28.13 -40.18
CA LEU N 144 24.94 -27.48 -39.09
C LEU N 144 25.24 -25.98 -39.08
N THR N 145 26.53 -25.59 -39.23
CA THR N 145 27.03 -24.24 -39.28
C THR N 145 26.37 -23.47 -40.44
N LYS N 146 26.28 -24.10 -41.61
CA LYS N 146 25.68 -23.49 -42.79
C LYS N 146 24.16 -23.32 -42.65
N GLN N 147 23.48 -24.30 -42.08
CA GLN N 147 22.04 -24.24 -41.86
C GLN N 147 21.66 -23.11 -40.92
N ILE N 148 22.44 -22.89 -39.87
CA ILE N 148 22.20 -21.76 -38.96
C ILE N 148 22.38 -20.41 -39.73
N ALA N 149 23.51 -20.25 -40.46
CA ALA N 149 23.80 -19.01 -41.20
C ALA N 149 22.74 -18.71 -42.27
N VAL N 150 22.39 -19.69 -43.10
CA VAL N 150 21.36 -19.57 -44.14
C VAL N 150 19.98 -19.26 -43.55
N ALA N 151 19.63 -19.88 -42.40
CA ALA N 151 18.34 -19.63 -41.76
C ALA N 151 18.20 -18.15 -41.38
N ILE N 152 19.25 -17.54 -40.84
CA ILE N 152 19.26 -16.14 -40.41
C ILE N 152 19.26 -15.25 -41.64
N THR N 153 20.09 -15.60 -42.63
CA THR N 153 20.22 -14.86 -43.88
C THR N 153 18.91 -14.78 -44.60
N GLU N 154 18.18 -15.89 -44.69
CA GLU N 154 16.88 -15.93 -45.36
C GLU N 154 15.76 -15.26 -44.56
N ALA N 155 15.79 -15.36 -43.21
CA ALA N 155 14.74 -14.75 -42.41
C ALA N 155 14.84 -13.24 -42.30
N LEU N 156 16.07 -12.70 -42.19
CA LEU N 156 16.23 -11.27 -41.97
C LEU N 156 16.74 -10.48 -43.15
N ARG N 157 17.33 -11.17 -44.15
CA ARG N 157 18.00 -10.52 -45.30
C ARG N 157 18.96 -9.41 -44.80
N PRO N 158 19.92 -9.77 -43.93
CA PRO N 158 20.76 -8.74 -43.32
C PRO N 158 21.95 -8.34 -44.17
N ALA N 159 22.71 -7.33 -43.70
CA ALA N 159 23.91 -6.89 -44.40
C ALA N 159 25.00 -7.97 -44.34
N GLY N 160 25.08 -8.69 -43.23
CA GLY N 160 26.06 -9.75 -43.04
C GLY N 160 25.74 -10.66 -41.88
N VAL N 161 26.28 -11.88 -41.88
CA VAL N 161 26.08 -12.90 -40.85
C VAL N 161 27.42 -13.64 -40.64
N GLY N 162 27.72 -13.99 -39.40
CA GLY N 162 28.88 -14.77 -39.04
C GLY N 162 28.43 -15.87 -38.10
N VAL N 163 28.84 -17.11 -38.33
CA VAL N 163 28.47 -18.24 -37.46
C VAL N 163 29.74 -19.04 -37.18
N VAL N 164 30.12 -19.16 -35.90
CA VAL N 164 31.29 -19.94 -35.52
C VAL N 164 30.82 -21.05 -34.57
N VAL N 165 31.15 -22.30 -34.86
CA VAL N 165 30.73 -23.43 -34.03
C VAL N 165 32.03 -24.09 -33.57
N GLU N 166 32.26 -24.22 -32.25
CA GLU N 166 33.44 -24.95 -31.70
C GLU N 166 32.90 -26.18 -31.00
N ALA N 167 33.40 -27.38 -31.32
CA ALA N 167 32.85 -28.58 -30.71
C ALA N 167 33.88 -29.67 -30.43
N THR N 168 33.57 -30.57 -29.52
CA THR N 168 34.36 -31.75 -29.22
C THR N 168 33.57 -32.95 -29.78
N HIS N 169 34.19 -33.71 -30.68
CA HIS N 169 33.54 -34.88 -31.24
C HIS N 169 33.98 -36.05 -30.40
N MET N 170 33.03 -36.76 -29.79
CA MET N 170 33.30 -37.95 -29.01
C MET N 170 33.92 -39.06 -29.88
N CYS N 171 33.58 -39.10 -31.19
CA CYS N 171 34.15 -40.08 -32.11
C CYS N 171 35.65 -39.85 -32.39
N MET N 172 36.19 -38.68 -32.04
CA MET N 172 37.63 -38.41 -32.17
C MET N 172 38.39 -38.47 -30.83
N VAL N 173 37.66 -38.42 -29.71
CA VAL N 173 38.26 -38.41 -28.40
C VAL N 173 38.15 -39.78 -27.69
N MET N 174 36.93 -40.38 -27.64
CA MET N 174 36.70 -41.68 -26.99
C MET N 174 37.18 -42.88 -27.81
N ARG N 175 37.42 -42.71 -29.11
CA ARG N 175 37.83 -43.81 -29.99
C ARG N 175 38.62 -43.26 -31.20
N GLY N 176 39.01 -44.13 -32.13
CA GLY N 176 39.72 -43.72 -33.33
C GLY N 176 41.08 -43.12 -33.07
N VAL N 177 41.28 -41.85 -33.50
CA VAL N 177 42.55 -41.18 -33.27
C VAL N 177 42.82 -40.95 -31.78
N GLN N 178 41.72 -40.82 -30.96
CA GLN N 178 41.79 -40.54 -29.53
C GLN N 178 42.71 -39.32 -29.24
N LYS N 179 42.40 -38.20 -29.90
CA LYS N 179 43.11 -36.95 -29.71
C LYS N 179 42.21 -36.17 -28.74
N MET N 180 42.32 -36.51 -27.44
CA MET N 180 41.54 -36.06 -26.27
C MET N 180 41.43 -34.55 -26.09
N ASN N 181 42.37 -33.78 -26.60
CA ASN N 181 42.33 -32.32 -26.46
C ASN N 181 41.80 -31.60 -27.70
N SER N 182 41.60 -32.31 -28.83
CA SER N 182 41.21 -31.65 -30.05
C SER N 182 39.79 -31.19 -30.05
N LYS N 183 39.56 -30.10 -30.77
CA LYS N 183 38.26 -29.48 -30.96
C LYS N 183 38.16 -29.04 -32.42
N THR N 184 36.97 -29.15 -33.01
CA THR N 184 36.71 -28.73 -34.39
C THR N 184 36.02 -27.38 -34.40
N VAL N 185 36.51 -26.44 -35.19
CA VAL N 185 35.90 -25.11 -35.28
C VAL N 185 35.47 -24.89 -36.74
N THR N 186 34.19 -24.59 -36.97
CA THR N 186 33.72 -24.26 -38.31
C THR N 186 33.26 -22.81 -38.32
N SER N 187 33.44 -22.11 -39.45
CA SER N 187 33.15 -20.69 -39.54
C SER N 187 32.54 -20.22 -40.89
N THR N 188 31.33 -19.68 -40.85
CA THR N 188 30.66 -19.14 -42.04
C THR N 188 30.61 -17.61 -41.89
N MET N 189 31.13 -16.89 -42.89
CA MET N 189 31.13 -15.44 -42.94
C MET N 189 30.40 -15.03 -44.21
N LEU N 190 29.27 -14.31 -44.08
CA LEU N 190 28.44 -13.90 -45.22
C LEU N 190 28.26 -12.35 -45.25
N GLY N 191 28.04 -11.81 -46.45
CA GLY N 191 27.86 -10.38 -46.61
C GLY N 191 29.06 -9.58 -46.16
N VAL N 192 28.81 -8.49 -45.40
CA VAL N 192 29.85 -7.62 -44.85
C VAL N 192 30.78 -8.33 -43.86
N PHE N 193 30.32 -9.44 -43.25
CA PHE N 193 31.20 -10.22 -42.38
C PHE N 193 32.32 -10.83 -43.19
N ARG N 194 32.06 -11.19 -44.46
CA ARG N 194 33.10 -11.70 -45.33
C ARG N 194 33.95 -10.57 -45.95
N GLU N 195 33.30 -9.51 -46.45
CA GLU N 195 33.96 -8.44 -47.18
C GLU N 195 34.77 -7.44 -46.37
N ASP N 196 34.24 -7.02 -45.22
CA ASP N 196 34.87 -5.95 -44.46
C ASP N 196 35.77 -6.53 -43.41
N PRO N 197 37.08 -6.21 -43.49
CA PRO N 197 38.03 -6.69 -42.48
C PRO N 197 37.72 -6.15 -41.08
N LYS N 198 37.15 -4.94 -41.00
CA LYS N 198 36.85 -4.34 -39.72
C LYS N 198 35.68 -5.08 -39.08
N THR N 199 34.68 -5.46 -39.88
CA THR N 199 33.51 -6.18 -39.40
C THR N 199 33.93 -7.55 -38.91
N ARG N 200 34.75 -8.24 -39.71
CA ARG N 200 35.19 -9.58 -39.36
C ARG N 200 36.07 -9.61 -38.09
N GLU N 201 36.96 -8.63 -37.92
CA GLU N 201 37.82 -8.59 -36.74
C GLU N 201 37.01 -8.28 -35.48
N GLU N 202 35.99 -7.45 -35.61
CA GLU N 202 35.15 -7.02 -34.51
C GLU N 202 34.31 -8.19 -34.02
N PHE N 203 33.72 -8.95 -34.95
CA PHE N 203 32.96 -10.15 -34.62
C PHE N 203 33.85 -11.15 -33.89
N LEU N 204 35.04 -11.45 -34.44
CA LEU N 204 35.94 -12.41 -33.84
C LEU N 204 36.52 -11.97 -32.52
N THR N 205 36.55 -10.65 -32.23
CA THR N 205 37.05 -10.19 -30.93
C THR N 205 35.95 -10.32 -29.90
N LEU N 206 34.74 -9.85 -30.25
CA LEU N 206 33.63 -9.80 -29.33
C LEU N 206 33.05 -11.16 -28.98
N ILE N 207 33.40 -12.23 -29.70
CA ILE N 207 32.95 -13.57 -29.32
C ILE N 207 33.93 -14.29 -28.38
N ARG N 208 35.04 -13.68 -28.02
CA ARG N 208 36.05 -14.28 -27.16
C ARG N 208 35.59 -14.29 -25.71
N PRO O 17 56.82 -49.22 -48.10
CA PRO O 17 56.47 -48.98 -46.69
C PRO O 17 56.84 -50.12 -45.77
N ARG O 18 57.12 -49.81 -44.50
CA ARG O 18 57.47 -50.82 -43.50
C ARG O 18 56.25 -51.74 -43.23
N SER O 19 56.47 -53.06 -43.11
CA SER O 19 55.37 -53.99 -42.85
C SER O 19 55.49 -54.65 -41.47
N GLU O 20 54.41 -55.29 -40.99
CA GLU O 20 54.38 -55.99 -39.70
C GLU O 20 55.37 -57.16 -39.66
N GLU O 21 55.70 -57.74 -40.83
CA GLU O 21 56.66 -58.82 -41.00
C GLU O 21 58.06 -58.29 -40.68
N ASP O 22 58.40 -57.08 -41.20
CA ASP O 22 59.69 -56.41 -40.95
C ASP O 22 59.84 -56.06 -39.46
N ASN O 23 58.72 -55.73 -38.79
CA ASN O 23 58.72 -55.41 -37.38
C ASN O 23 59.05 -56.63 -36.53
N GLU O 24 58.46 -57.79 -36.86
CA GLU O 24 58.73 -59.02 -36.13
C GLU O 24 60.17 -59.49 -36.31
N LEU O 25 60.67 -59.34 -37.54
CA LEU O 25 62.02 -59.72 -37.96
C LEU O 25 63.08 -58.87 -37.27
N ASN O 26 62.86 -57.56 -37.18
CA ASN O 26 63.83 -56.64 -36.61
C ASN O 26 63.74 -56.42 -35.12
N LEU O 27 62.65 -56.87 -34.47
CA LEU O 27 62.48 -56.67 -33.03
C LEU O 27 63.63 -57.28 -32.20
N PRO O 28 64.09 -58.54 -32.45
CA PRO O 28 65.22 -59.06 -31.66
C PRO O 28 66.55 -58.30 -31.86
N ASN O 29 66.75 -57.77 -33.06
CA ASN O 29 67.92 -56.98 -33.47
C ASN O 29 67.91 -55.62 -32.77
N LEU O 30 66.73 -55.04 -32.55
CA LEU O 30 66.56 -53.78 -31.86
C LEU O 30 66.77 -54.00 -30.38
N ALA O 31 66.20 -55.11 -29.82
CA ALA O 31 66.36 -55.46 -28.40
C ALA O 31 67.83 -55.66 -28.04
N ALA O 32 68.61 -56.30 -28.95
CA ALA O 32 70.04 -56.52 -28.75
C ALA O 32 70.80 -55.20 -28.68
N ALA O 33 70.44 -54.22 -29.51
CA ALA O 33 71.09 -52.90 -29.50
C ALA O 33 70.77 -52.14 -28.22
N TYR O 34 69.52 -52.25 -27.73
CA TYR O 34 69.13 -51.60 -26.48
C TYR O 34 69.80 -52.26 -25.26
N SER O 35 70.01 -53.59 -25.32
CA SER O 35 70.74 -54.31 -24.27
C SER O 35 72.19 -53.86 -24.25
N SER O 36 72.79 -53.65 -25.43
CA SER O 36 74.16 -53.16 -25.58
C SER O 36 74.28 -51.76 -24.98
N ILE O 37 73.28 -50.90 -25.18
CA ILE O 37 73.25 -49.54 -24.65
C ILE O 37 73.27 -49.57 -23.13
N LEU O 38 72.42 -50.42 -22.51
CA LEU O 38 72.37 -50.58 -21.05
C LEU O 38 73.75 -50.95 -20.49
N SER O 39 74.44 -51.91 -21.13
CA SER O 39 75.78 -52.33 -20.70
C SER O 39 76.80 -51.22 -20.88
N SER O 40 76.76 -50.49 -22.03
CA SER O 40 77.69 -49.40 -22.32
C SER O 40 77.53 -48.20 -21.37
N LEU O 41 76.34 -48.02 -20.79
CA LEU O 41 76.10 -46.94 -19.83
C LEU O 41 76.58 -47.27 -18.39
N GLY O 42 76.99 -48.52 -18.16
CA GLY O 42 77.43 -48.97 -16.85
C GLY O 42 76.33 -49.64 -16.04
N GLU O 43 75.17 -49.85 -16.64
CA GLU O 43 74.04 -50.48 -15.97
C GLU O 43 74.08 -52.02 -16.02
N ASN O 44 73.36 -52.64 -15.06
CA ASN O 44 73.20 -54.09 -14.92
C ASN O 44 71.90 -54.48 -15.64
N PRO O 45 72.00 -55.07 -16.84
CA PRO O 45 70.79 -55.43 -17.60
C PRO O 45 69.93 -56.55 -16.98
N GLN O 46 70.46 -57.23 -15.94
CA GLN O 46 69.79 -58.33 -15.23
C GLN O 46 68.90 -57.91 -14.07
N ARG O 47 69.04 -56.66 -13.62
CA ARG O 47 68.25 -56.19 -12.49
C ARG O 47 66.75 -56.13 -12.83
N GLN O 48 65.89 -56.22 -11.80
CA GLN O 48 64.45 -56.23 -11.97
C GLN O 48 63.91 -55.13 -12.90
N GLY O 49 64.38 -53.90 -12.70
CA GLY O 49 63.98 -52.76 -13.51
C GLY O 49 64.43 -52.76 -14.97
N LEU O 50 65.58 -53.37 -15.27
CA LEU O 50 66.08 -53.40 -16.65
C LEU O 50 65.91 -54.72 -17.40
N LEU O 51 65.34 -55.74 -16.75
CA LEU O 51 65.18 -57.07 -17.33
C LEU O 51 64.46 -57.09 -18.70
N LYS O 52 63.26 -56.56 -18.79
CA LYS O 52 62.52 -56.55 -20.05
C LYS O 52 62.73 -55.29 -20.88
N THR O 53 63.49 -54.34 -20.34
CA THR O 53 63.81 -53.05 -20.95
C THR O 53 64.23 -53.13 -22.43
N PRO O 54 65.16 -53.99 -22.87
CA PRO O 54 65.56 -53.97 -24.28
C PRO O 54 64.42 -54.30 -25.27
N TRP O 55 63.44 -55.11 -24.84
CA TRP O 55 62.31 -55.44 -25.69
C TRP O 55 61.26 -54.33 -25.67
N ARG O 56 61.07 -53.71 -24.51
CA ARG O 56 60.10 -52.63 -24.33
C ARG O 56 60.55 -51.35 -25.02
N ALA O 57 61.85 -51.09 -25.01
CA ALA O 57 62.42 -49.93 -25.68
C ALA O 57 62.38 -50.17 -27.19
N ALA O 58 62.69 -51.39 -27.65
CA ALA O 58 62.63 -51.74 -29.06
C ALA O 58 61.20 -51.57 -29.59
N SER O 59 60.22 -52.17 -28.91
CA SER O 59 58.80 -52.09 -29.24
C SER O 59 58.30 -50.68 -29.25
N ALA O 60 58.72 -49.84 -28.27
CA ALA O 60 58.36 -48.42 -28.18
C ALA O 60 58.89 -47.67 -29.39
N MET O 61 60.19 -47.87 -29.75
CA MET O 61 60.77 -47.23 -30.93
C MET O 61 60.06 -47.62 -32.25
N GLN O 62 59.49 -48.84 -32.33
CA GLN O 62 58.74 -49.26 -33.52
C GLN O 62 57.41 -48.48 -33.55
N PHE O 63 56.74 -48.35 -32.38
CA PHE O 63 55.49 -47.60 -32.31
C PHE O 63 55.74 -46.14 -32.66
N PHE O 64 56.83 -45.53 -32.15
CA PHE O 64 57.17 -44.13 -32.44
C PHE O 64 57.42 -43.89 -33.92
N THR O 65 57.87 -44.92 -34.66
CA THR O 65 58.16 -44.79 -36.08
C THR O 65 57.14 -45.56 -36.95
N LYS O 66 55.91 -45.80 -36.43
CA LYS O 66 54.87 -46.53 -37.17
C LYS O 66 54.39 -45.82 -38.45
N GLY O 67 54.66 -44.53 -38.61
CA GLY O 67 54.29 -43.78 -39.81
C GLY O 67 54.98 -44.23 -41.08
N TYR O 68 56.05 -45.03 -40.96
CA TYR O 68 56.73 -45.58 -42.14
C TYR O 68 55.87 -46.67 -42.80
N GLN O 69 55.01 -47.37 -42.00
CA GLN O 69 54.09 -48.43 -42.43
C GLN O 69 52.86 -47.93 -43.18
N GLU O 70 52.62 -46.61 -43.17
CA GLU O 70 51.43 -46.01 -43.76
C GLU O 70 51.74 -45.19 -45.00
N THR O 71 50.74 -45.15 -45.90
CA THR O 71 50.71 -44.35 -47.13
C THR O 71 49.52 -43.37 -46.98
N ILE O 72 49.64 -42.15 -47.50
CA ILE O 72 48.57 -41.15 -47.37
C ILE O 72 47.21 -41.65 -47.95
N SER O 73 47.23 -42.43 -49.04
CA SER O 73 46.00 -42.93 -49.63
C SER O 73 45.28 -43.91 -48.71
N ASP O 74 46.00 -44.90 -48.14
CA ASP O 74 45.42 -45.87 -47.22
C ASP O 74 44.77 -45.17 -46.02
N VAL O 75 45.44 -44.13 -45.51
CA VAL O 75 45.03 -43.37 -44.34
C VAL O 75 43.74 -42.59 -44.59
N LEU O 76 43.68 -41.87 -45.73
CA LEU O 76 42.50 -41.09 -46.10
C LEU O 76 41.21 -41.95 -46.12
N ASN O 77 41.32 -43.25 -46.42
CA ASN O 77 40.23 -44.23 -46.44
C ASN O 77 38.98 -43.79 -47.22
N ASP O 78 39.17 -43.16 -48.41
CA ASP O 78 38.07 -42.65 -49.25
C ASP O 78 37.13 -41.73 -48.46
N ALA O 79 37.67 -40.97 -47.49
CA ALA O 79 36.80 -40.07 -46.71
C ALA O 79 36.81 -38.65 -47.22
N ILE O 80 36.88 -38.50 -48.54
CA ILE O 80 36.81 -37.21 -49.19
C ILE O 80 35.40 -37.15 -49.71
N PHE O 81 34.56 -36.29 -49.10
CA PHE O 81 33.17 -36.15 -49.49
C PHE O 81 33.00 -34.86 -50.33
N ASP O 82 32.28 -34.93 -51.47
CA ASP O 82 32.07 -33.78 -52.37
C ASP O 82 31.00 -32.78 -51.88
N GLU O 83 31.33 -31.97 -50.86
CA GLU O 83 30.38 -31.02 -50.33
C GLU O 83 30.71 -29.57 -50.64
N ASP O 84 29.66 -28.80 -50.96
CA ASP O 84 29.84 -27.39 -51.29
C ASP O 84 29.56 -26.52 -50.05
N HIS O 85 30.37 -26.73 -49.02
CA HIS O 85 30.22 -25.98 -47.78
C HIS O 85 31.33 -24.94 -47.77
N ASP O 86 31.01 -23.71 -48.16
CA ASP O 86 31.95 -22.61 -48.28
C ASP O 86 32.38 -21.99 -46.92
N GLU O 87 32.97 -22.79 -46.05
CA GLU O 87 33.36 -22.33 -44.73
C GLU O 87 34.72 -22.80 -44.30
N MET O 88 35.34 -22.08 -43.35
CA MET O 88 36.64 -22.46 -42.83
C MET O 88 36.48 -23.59 -41.82
N VAL O 89 37.25 -24.66 -42.00
CA VAL O 89 37.17 -25.83 -41.14
C VAL O 89 38.50 -25.98 -40.47
N ILE O 90 38.49 -26.00 -39.14
CA ILE O 90 39.68 -26.07 -38.31
C ILE O 90 39.60 -27.28 -37.38
N VAL O 91 40.69 -27.98 -37.19
CA VAL O 91 40.78 -29.00 -36.17
C VAL O 91 42.00 -28.54 -35.35
N LYS O 92 41.75 -27.98 -34.15
CA LYS O 92 42.84 -27.46 -33.34
C LYS O 92 43.23 -28.37 -32.17
N ASP O 93 44.44 -28.15 -31.59
CA ASP O 93 44.96 -28.86 -30.41
C ASP O 93 45.13 -30.35 -30.63
N ILE O 94 45.52 -30.76 -31.83
CA ILE O 94 45.74 -32.18 -32.11
C ILE O 94 47.09 -32.52 -31.45
N ASP O 95 47.09 -33.46 -30.50
CA ASP O 95 48.34 -33.85 -29.84
C ASP O 95 49.22 -34.55 -30.81
N MET O 96 50.44 -34.07 -30.86
CA MET O 96 51.50 -34.47 -31.75
C MET O 96 52.71 -34.95 -30.91
N PHE O 97 53.17 -36.19 -31.17
CA PHE O 97 54.34 -36.75 -30.51
C PHE O 97 55.28 -37.25 -31.59
N SER O 98 56.41 -36.56 -31.77
CA SER O 98 57.39 -36.98 -32.78
C SER O 98 58.76 -37.32 -32.13
N MET O 99 59.75 -37.67 -32.96
CA MET O 99 61.09 -38.00 -32.50
C MET O 99 62.05 -37.18 -33.29
N CYS O 100 62.85 -36.35 -32.65
CA CYS O 100 63.78 -35.55 -33.41
C CYS O 100 64.82 -36.47 -34.03
N GLU O 101 65.09 -36.29 -35.32
CA GLU O 101 66.03 -37.14 -36.05
C GLU O 101 67.48 -36.89 -35.67
N HIS O 102 67.79 -35.72 -35.11
CA HIS O 102 69.17 -35.41 -34.75
C HIS O 102 69.66 -36.07 -33.46
N HIS O 103 68.84 -36.12 -32.42
CA HIS O 103 69.27 -36.69 -31.14
C HIS O 103 68.46 -37.87 -30.65
N LEU O 104 67.51 -38.33 -31.44
CA LEU O 104 66.63 -39.43 -31.07
C LEU O 104 65.88 -39.19 -29.75
N VAL O 105 65.59 -37.93 -29.42
CA VAL O 105 64.82 -37.58 -28.22
C VAL O 105 63.46 -37.01 -28.67
N PRO O 106 62.38 -37.19 -27.89
CA PRO O 106 61.06 -36.73 -28.35
C PRO O 106 60.87 -35.23 -28.47
N PHE O 107 60.05 -34.81 -29.43
CA PHE O 107 59.59 -33.41 -29.57
C PHE O 107 58.08 -33.51 -29.66
N VAL O 108 57.43 -32.93 -28.65
CA VAL O 108 56.02 -33.06 -28.40
C VAL O 108 55.25 -31.73 -28.34
N GLY O 109 54.00 -31.73 -28.76
CA GLY O 109 53.16 -30.54 -28.72
C GLY O 109 51.83 -30.75 -29.41
N LYS O 110 51.31 -29.69 -30.03
CA LYS O 110 50.04 -29.62 -30.71
C LYS O 110 50.20 -29.20 -32.18
N VAL O 111 49.21 -29.56 -33.03
CA VAL O 111 49.11 -29.18 -34.42
C VAL O 111 47.70 -28.58 -34.63
N HIS O 112 47.60 -27.40 -35.27
CA HIS O 112 46.34 -26.73 -35.58
C HIS O 112 46.26 -26.63 -37.10
N ILE O 113 45.25 -27.22 -37.69
CA ILE O 113 45.08 -27.28 -39.13
C ILE O 113 43.79 -26.55 -39.48
N GLY O 114 43.84 -25.73 -40.51
CA GLY O 114 42.68 -25.04 -41.03
C GLY O 114 42.68 -25.09 -42.54
N TYR O 115 41.52 -25.12 -43.16
CA TYR O 115 41.41 -25.09 -44.62
C TYR O 115 40.08 -24.47 -45.08
N LEU O 116 40.07 -23.98 -46.31
CA LEU O 116 38.87 -23.43 -46.89
C LEU O 116 38.58 -24.35 -48.05
N PRO O 117 37.59 -25.24 -47.94
CA PRO O 117 37.35 -26.21 -49.00
C PRO O 117 36.94 -25.58 -50.31
N ASN O 118 37.23 -26.27 -51.40
CA ASN O 118 36.90 -25.77 -52.71
C ASN O 118 35.67 -26.53 -53.25
N LYS O 119 35.78 -27.84 -53.40
CA LYS O 119 34.67 -28.68 -53.82
C LYS O 119 34.63 -29.95 -52.97
N GLN O 120 35.80 -30.41 -52.49
CA GLN O 120 35.85 -31.57 -51.62
C GLN O 120 36.19 -31.18 -50.16
N VAL O 121 35.58 -31.92 -49.24
CA VAL O 121 35.72 -31.81 -47.80
C VAL O 121 36.28 -33.14 -47.29
N LEU O 122 37.09 -33.11 -46.25
CA LEU O 122 37.71 -34.30 -45.69
C LEU O 122 37.04 -34.65 -44.35
N GLY O 123 37.02 -35.93 -43.99
CA GLY O 123 36.55 -36.34 -42.67
C GLY O 123 37.50 -35.80 -41.62
N LEU O 124 36.97 -35.08 -40.60
CA LEU O 124 37.76 -34.45 -39.52
C LEU O 124 38.89 -35.32 -38.93
N SER O 125 38.61 -36.60 -38.62
CA SER O 125 39.65 -37.44 -38.00
C SER O 125 40.79 -37.69 -38.94
N LYS O 126 40.55 -37.66 -40.26
CA LYS O 126 41.59 -37.86 -41.26
C LYS O 126 42.66 -36.77 -41.21
N LEU O 127 42.35 -35.57 -40.66
CA LEU O 127 43.36 -34.50 -40.49
C LEU O 127 44.36 -34.91 -39.37
N ALA O 128 43.86 -35.52 -38.28
CA ALA O 128 44.68 -36.06 -37.20
C ALA O 128 45.39 -37.32 -37.69
N ARG O 129 44.75 -38.11 -38.58
CA ARG O 129 45.38 -39.29 -39.12
C ARG O 129 46.57 -38.90 -39.99
N ILE O 130 46.50 -37.75 -40.72
CA ILE O 130 47.61 -37.16 -41.50
C ILE O 130 48.73 -36.73 -40.54
N VAL O 131 48.38 -36.16 -39.38
CA VAL O 131 49.39 -35.76 -38.39
C VAL O 131 50.12 -37.02 -37.90
N GLU O 132 49.40 -38.11 -37.69
CA GLU O 132 49.97 -39.37 -37.24
C GLU O 132 50.90 -40.03 -38.28
N ILE O 133 50.60 -39.96 -39.60
CA ILE O 133 51.51 -40.54 -40.61
C ILE O 133 52.91 -39.94 -40.54
N TYR O 134 52.99 -38.59 -40.48
CA TYR O 134 54.27 -37.87 -40.52
C TYR O 134 54.90 -37.65 -39.18
N SER O 135 54.11 -37.55 -38.10
CA SER O 135 54.72 -37.34 -36.77
C SER O 135 55.31 -38.60 -36.24
N ARG O 136 54.77 -39.78 -36.61
CA ARG O 136 55.33 -41.04 -36.17
C ARG O 136 56.50 -41.46 -37.06
N ARG O 137 57.53 -40.64 -37.12
CA ARG O 137 58.76 -40.84 -37.91
C ARG O 137 59.88 -40.05 -37.24
N LEU O 138 61.14 -40.27 -37.67
CA LEU O 138 62.27 -39.47 -37.16
C LEU O 138 62.19 -38.19 -37.99
N GLN O 139 61.90 -37.08 -37.33
CA GLN O 139 61.60 -35.83 -38.01
C GLN O 139 62.41 -34.58 -37.62
N VAL O 140 62.03 -33.51 -38.29
CA VAL O 140 62.47 -32.15 -38.03
C VAL O 140 61.15 -31.37 -38.09
N GLN O 141 60.95 -30.42 -37.20
CA GLN O 141 59.69 -29.71 -37.18
C GLN O 141 59.21 -29.06 -38.48
N GLU O 142 60.13 -28.49 -39.24
CA GLU O 142 59.77 -27.83 -40.48
C GLU O 142 59.32 -28.79 -41.56
N ARG O 143 59.86 -29.99 -41.55
CA ARG O 143 59.50 -31.00 -42.53
C ARG O 143 58.10 -31.49 -42.24
N LEU O 144 57.83 -31.79 -40.97
CA LEU O 144 56.55 -32.29 -40.52
C LEU O 144 55.41 -31.30 -40.84
N THR O 145 55.63 -29.99 -40.61
CA THR O 145 54.62 -28.95 -40.85
C THR O 145 54.18 -28.96 -42.34
N LYS O 146 55.17 -28.94 -43.23
CA LYS O 146 55.03 -28.91 -44.67
C LYS O 146 54.41 -30.18 -45.18
N GLN O 147 54.78 -31.34 -44.63
CA GLN O 147 54.22 -32.61 -45.10
C GLN O 147 52.74 -32.68 -44.82
N ILE O 148 52.29 -32.12 -43.69
CA ILE O 148 50.88 -32.08 -43.37
C ILE O 148 50.17 -31.13 -44.33
N ALA O 149 50.74 -29.96 -44.57
CA ALA O 149 50.11 -28.96 -45.44
C ALA O 149 50.03 -29.42 -46.88
N VAL O 150 51.07 -30.08 -47.37
CA VAL O 150 51.13 -30.57 -48.73
C VAL O 150 50.13 -31.71 -48.93
N ALA O 151 49.97 -32.58 -47.91
CA ALA O 151 49.01 -33.70 -47.96
C ALA O 151 47.58 -33.21 -48.03
N ILE O 152 47.24 -32.18 -47.25
CA ILE O 152 45.90 -31.58 -47.29
C ILE O 152 45.65 -30.96 -48.65
N THR O 153 46.60 -30.19 -49.14
CA THR O 153 46.55 -29.49 -50.42
C THR O 153 46.33 -30.44 -51.59
N GLU O 154 47.08 -31.53 -51.68
CA GLU O 154 47.01 -32.45 -52.81
C GLU O 154 45.73 -33.29 -52.83
N ALA O 155 45.25 -33.68 -51.65
CA ALA O 155 44.04 -34.49 -51.49
C ALA O 155 42.77 -33.70 -51.76
N LEU O 156 42.70 -32.44 -51.34
CA LEU O 156 41.49 -31.66 -51.49
C LEU O 156 41.53 -30.60 -52.57
N ARG O 157 42.72 -30.08 -52.89
CA ARG O 157 42.91 -28.93 -53.80
C ARG O 157 42.01 -27.75 -53.36
N PRO O 158 42.19 -27.31 -52.09
CA PRO O 158 41.30 -26.30 -51.54
C PRO O 158 41.66 -24.86 -51.89
N ALA O 159 40.83 -23.90 -51.47
CA ALA O 159 41.12 -22.49 -51.67
C ALA O 159 42.40 -22.09 -50.95
N GLY O 160 42.66 -22.68 -49.80
CA GLY O 160 43.85 -22.41 -49.00
C GLY O 160 43.94 -23.32 -47.79
N VAL O 161 45.13 -23.35 -47.16
CA VAL O 161 45.42 -24.20 -45.99
C VAL O 161 46.32 -23.49 -45.02
N GLY O 162 46.04 -23.64 -43.74
CA GLY O 162 46.87 -23.15 -42.67
C GLY O 162 47.28 -24.32 -41.81
N VAL O 163 48.57 -24.43 -41.47
CA VAL O 163 49.06 -25.50 -40.58
C VAL O 163 50.06 -24.90 -39.58
N VAL O 164 49.76 -24.94 -38.27
CA VAL O 164 50.60 -24.42 -37.16
C VAL O 164 50.97 -25.58 -36.25
N VAL O 165 52.27 -25.75 -35.93
CA VAL O 165 52.73 -26.80 -35.03
C VAL O 165 53.51 -26.13 -33.89
N GLU O 166 53.16 -26.41 -32.64
CA GLU O 166 53.86 -25.86 -31.48
C GLU O 166 54.41 -27.05 -30.69
N ALA O 167 55.73 -27.07 -30.44
CA ALA O 167 56.37 -28.21 -29.78
C ALA O 167 57.48 -27.83 -28.81
N THR O 168 57.72 -28.68 -27.82
CA THR O 168 58.79 -28.57 -26.86
C THR O 168 59.77 -29.63 -27.28
N HIS O 169 60.97 -29.22 -27.62
CA HIS O 169 61.97 -30.17 -28.02
C HIS O 169 62.71 -30.57 -26.78
N MET O 170 62.82 -31.87 -26.52
CA MET O 170 63.56 -32.33 -25.35
C MET O 170 65.07 -32.08 -25.52
N CYS O 171 65.58 -32.06 -26.74
CA CYS O 171 66.98 -31.79 -27.00
C CYS O 171 67.35 -30.33 -26.68
N MET O 172 66.39 -29.51 -26.28
CA MET O 172 66.64 -28.11 -25.98
C MET O 172 66.27 -27.73 -24.56
N VAL O 173 65.67 -28.68 -23.86
CA VAL O 173 65.16 -28.52 -22.51
C VAL O 173 65.97 -29.42 -21.54
N MET O 174 66.22 -30.69 -21.95
CA MET O 174 66.90 -31.71 -21.15
C MET O 174 68.42 -31.72 -21.25
N ARG O 175 68.93 -31.03 -22.25
CA ARG O 175 70.36 -30.93 -22.55
C ARG O 175 70.60 -29.72 -23.43
N GLY O 176 71.84 -29.56 -23.89
CA GLY O 176 72.21 -28.46 -24.76
C GLY O 176 72.05 -27.10 -24.13
N VAL O 177 71.32 -26.22 -24.81
CA VAL O 177 71.08 -24.87 -24.32
C VAL O 177 70.21 -24.83 -23.08
N GLN O 178 69.55 -25.95 -22.80
CA GLN O 178 68.70 -26.13 -21.63
C GLN O 178 67.75 -24.94 -21.34
N LYS O 179 67.14 -24.35 -22.40
CA LYS O 179 66.13 -23.31 -22.26
C LYS O 179 64.79 -24.02 -22.00
N MET O 180 64.55 -24.28 -20.71
CA MET O 180 63.46 -25.09 -20.17
C MET O 180 62.05 -24.62 -20.50
N ASN O 181 61.83 -23.33 -20.70
CA ASN O 181 60.50 -22.81 -21.05
C ASN O 181 60.29 -22.59 -22.54
N SER O 182 61.29 -22.85 -23.40
CA SER O 182 61.17 -22.52 -24.82
C SER O 182 60.37 -23.50 -25.66
N LYS O 183 59.69 -22.98 -26.68
CA LYS O 183 58.91 -23.79 -27.60
C LYS O 183 59.18 -23.34 -29.03
N THR O 184 59.06 -24.29 -29.97
CA THR O 184 59.23 -23.98 -31.36
C THR O 184 57.88 -23.98 -32.04
N VAL O 185 57.54 -22.89 -32.72
CA VAL O 185 56.30 -22.83 -33.50
C VAL O 185 56.69 -22.77 -34.96
N THR O 186 56.08 -23.59 -35.78
CA THR O 186 56.28 -23.54 -37.22
C THR O 186 54.90 -23.31 -37.86
N SER O 187 54.84 -22.49 -38.91
CA SER O 187 53.57 -22.14 -39.53
C SER O 187 53.59 -22.06 -41.06
N THR O 188 52.73 -22.87 -41.71
CA THR O 188 52.59 -22.87 -43.17
C THR O 188 51.25 -22.25 -43.56
N MET O 189 51.28 -21.22 -44.41
CA MET O 189 50.06 -20.56 -44.90
C MET O 189 50.08 -20.66 -46.43
N LEU O 190 49.09 -21.33 -47.03
CA LEU O 190 48.97 -21.59 -48.47
C LEU O 190 47.63 -21.08 -49.02
N GLY O 191 47.61 -20.73 -50.31
CA GLY O 191 46.42 -20.21 -50.96
C GLY O 191 45.92 -18.93 -50.31
N VAL O 192 44.57 -18.84 -50.11
CA VAL O 192 43.91 -17.70 -49.48
C VAL O 192 44.38 -17.45 -48.04
N PHE O 193 44.85 -18.51 -47.34
CA PHE O 193 45.40 -18.33 -46.00
C PHE O 193 46.67 -17.47 -46.05
N ARG O 194 47.35 -17.36 -47.21
CA ARG O 194 48.47 -16.48 -47.34
C ARG O 194 48.09 -15.11 -47.89
N GLU O 195 47.25 -15.08 -48.92
CA GLU O 195 46.89 -13.83 -49.59
C GLU O 195 45.95 -12.92 -48.86
N ASP O 196 44.92 -13.48 -48.21
CA ASP O 196 43.85 -12.72 -47.58
C ASP O 196 44.18 -12.44 -46.12
N PRO O 197 44.29 -11.16 -45.76
CA PRO O 197 44.56 -10.83 -44.35
C PRO O 197 43.38 -11.22 -43.44
N LYS O 198 42.17 -11.22 -43.97
CA LYS O 198 40.99 -11.55 -43.19
C LYS O 198 40.97 -13.05 -42.91
N THR O 199 41.30 -13.89 -43.91
CA THR O 199 41.37 -15.35 -43.72
C THR O 199 42.44 -15.77 -42.69
N ARG O 200 43.65 -15.18 -42.79
CA ARG O 200 44.74 -15.51 -41.87
C ARG O 200 44.50 -15.02 -40.46
N GLU O 201 43.97 -13.81 -40.26
CA GLU O 201 43.68 -13.29 -38.92
C GLU O 201 42.58 -14.17 -38.29
N GLU O 202 41.59 -14.61 -39.10
CA GLU O 202 40.49 -15.46 -38.62
C GLU O 202 40.99 -16.83 -38.21
N PHE O 203 41.87 -17.44 -39.01
CA PHE O 203 42.46 -18.72 -38.67
C PHE O 203 43.23 -18.63 -37.34
N LEU O 204 44.15 -17.64 -37.23
CA LEU O 204 44.98 -17.42 -36.07
C LEU O 204 44.17 -17.07 -34.80
N THR O 205 42.99 -16.46 -34.98
CA THR O 205 42.14 -16.13 -33.82
C THR O 205 41.39 -17.40 -33.38
N LEU O 206 40.79 -18.12 -34.33
CA LEU O 206 39.97 -19.28 -34.00
C LEU O 206 40.75 -20.48 -33.45
N ILE O 207 42.08 -20.56 -33.68
CA ILE O 207 42.90 -21.66 -33.14
C ILE O 207 43.34 -21.46 -31.69
N ARG O 208 43.11 -20.27 -31.11
CA ARG O 208 43.49 -19.96 -29.73
C ARG O 208 42.63 -20.74 -28.75
N PRO P 17 82.15 -44.70 -8.98
CA PRO P 17 81.32 -43.96 -9.95
C PRO P 17 81.86 -44.04 -11.37
N ARG P 18 80.97 -43.80 -12.37
CA ARG P 18 81.33 -43.81 -13.79
C ARG P 18 82.31 -42.66 -14.05
N SER P 19 83.37 -42.91 -14.83
CA SER P 19 84.36 -41.87 -15.10
C SER P 19 84.28 -41.32 -16.53
N GLU P 20 84.99 -40.21 -16.82
CA GLU P 20 85.02 -39.68 -18.19
C GLU P 20 85.82 -40.64 -19.10
N GLU P 21 86.80 -41.39 -18.53
CA GLU P 21 87.56 -42.40 -19.28
C GLU P 21 86.60 -43.50 -19.76
N ASP P 22 85.66 -43.92 -18.89
CA ASP P 22 84.63 -44.91 -19.21
C ASP P 22 83.74 -44.37 -20.35
N ASN P 23 83.39 -43.09 -20.30
CA ASN P 23 82.58 -42.42 -21.30
C ASN P 23 83.27 -42.39 -22.66
N GLU P 24 84.57 -42.09 -22.70
CA GLU P 24 85.29 -42.07 -23.97
C GLU P 24 85.44 -43.46 -24.58
N LEU P 25 85.64 -44.46 -23.73
CA LEU P 25 85.77 -45.86 -24.11
C LEU P 25 84.46 -46.42 -24.66
N ASN P 26 83.33 -46.11 -24.02
CA ASN P 26 82.03 -46.64 -24.44
C ASN P 26 81.29 -45.80 -25.47
N LEU P 27 81.74 -44.58 -25.77
CA LEU P 27 81.06 -43.74 -26.76
C LEU P 27 80.96 -44.39 -28.14
N PRO P 28 82.04 -45.00 -28.70
CA PRO P 28 81.90 -45.66 -30.01
C PRO P 28 80.94 -46.84 -29.99
N ASN P 29 80.84 -47.56 -28.86
CA ASN P 29 79.91 -48.68 -28.71
C ASN P 29 78.47 -48.23 -28.64
N LEU P 30 78.23 -47.07 -28.02
CA LEU P 30 76.90 -46.45 -27.95
C LEU P 30 76.51 -45.97 -29.35
N ALA P 31 77.44 -45.29 -30.07
CA ALA P 31 77.18 -44.84 -31.45
C ALA P 31 76.85 -46.00 -32.38
N ALA P 32 77.56 -47.11 -32.24
CA ALA P 32 77.34 -48.30 -33.07
C ALA P 32 75.98 -48.90 -32.81
N ALA P 33 75.51 -48.91 -31.54
CA ALA P 33 74.21 -49.43 -31.17
C ALA P 33 73.10 -48.56 -31.75
N TYR P 34 73.29 -47.23 -31.73
CA TYR P 34 72.31 -46.29 -32.30
C TYR P 34 72.25 -46.40 -33.81
N SER P 35 73.41 -46.67 -34.46
CA SER P 35 73.44 -46.85 -35.91
C SER P 35 72.69 -48.13 -36.28
N SER P 36 72.83 -49.18 -35.48
CA SER P 36 72.14 -50.45 -35.66
C SER P 36 70.62 -50.24 -35.51
N ILE P 37 70.20 -49.40 -34.55
CA ILE P 37 68.78 -49.08 -34.33
C ILE P 37 68.20 -48.39 -35.55
N LEU P 38 68.91 -47.40 -36.11
CA LEU P 38 68.46 -46.68 -37.31
C LEU P 38 68.21 -47.65 -38.48
N SER P 39 69.12 -48.60 -38.69
CA SER P 39 68.98 -49.61 -39.74
C SER P 39 67.83 -50.57 -39.46
N SER P 40 67.68 -51.01 -38.20
CA SER P 40 66.62 -51.93 -37.81
C SER P 40 65.22 -51.31 -37.89
N LEU P 41 65.11 -49.98 -37.81
CA LEU P 41 63.82 -49.30 -37.95
C LEU P 41 63.39 -49.09 -39.42
N GLY P 42 64.28 -49.41 -40.36
CA GLY P 42 64.03 -49.23 -41.78
C GLY P 42 64.56 -47.92 -42.34
N GLU P 43 65.31 -47.17 -41.52
CA GLU P 43 65.86 -45.89 -41.93
C GLU P 43 67.21 -46.00 -42.61
N ASN P 44 67.64 -44.90 -43.26
CA ASN P 44 68.90 -44.76 -43.98
C ASN P 44 69.91 -43.99 -43.15
N PRO P 45 70.79 -44.69 -42.40
CA PRO P 45 71.80 -43.99 -41.58
C PRO P 45 72.80 -43.14 -42.36
N GLN P 46 72.78 -43.22 -43.70
CA GLN P 46 73.66 -42.43 -44.54
C GLN P 46 73.04 -41.12 -45.03
N ARG P 47 71.76 -40.87 -44.74
CA ARG P 47 71.14 -39.61 -45.14
C ARG P 47 71.69 -38.47 -44.26
N GLN P 48 71.67 -37.23 -44.77
CA GLN P 48 72.27 -36.11 -44.07
C GLN P 48 71.73 -35.90 -42.68
N GLY P 49 70.42 -36.00 -42.53
CA GLY P 49 69.79 -35.81 -41.23
C GLY P 49 70.20 -36.86 -40.21
N LEU P 50 70.47 -38.09 -40.69
CA LEU P 50 70.82 -39.17 -39.80
C LEU P 50 72.30 -39.51 -39.70
N LEU P 51 73.19 -38.78 -40.40
CA LEU P 51 74.62 -39.10 -40.37
C LEU P 51 75.30 -38.94 -38.99
N LYS P 52 75.12 -37.79 -38.34
CA LYS P 52 75.71 -37.54 -37.04
C LYS P 52 74.88 -38.10 -35.86
N THR P 53 73.62 -38.52 -36.13
CA THR P 53 72.67 -39.06 -35.17
C THR P 53 73.24 -40.17 -34.28
N PRO P 54 73.94 -41.23 -34.78
CA PRO P 54 74.47 -42.24 -33.86
C PRO P 54 75.39 -41.66 -32.78
N TRP P 55 76.10 -40.55 -33.07
CA TRP P 55 77.02 -39.91 -32.11
C TRP P 55 76.35 -38.91 -31.22
N ARG P 56 75.42 -38.15 -31.77
CA ARG P 56 74.69 -37.15 -30.98
C ARG P 56 73.75 -37.84 -30.02
N ALA P 57 73.16 -38.96 -30.44
CA ALA P 57 72.26 -39.75 -29.59
C ALA P 57 73.02 -40.40 -28.43
N ALA P 58 74.25 -40.89 -28.73
CA ALA P 58 75.11 -41.53 -27.74
C ALA P 58 75.62 -40.48 -26.75
N SER P 59 75.98 -39.27 -27.23
CA SER P 59 76.42 -38.21 -26.33
C SER P 59 75.25 -37.76 -25.45
N ALA P 60 74.06 -37.55 -26.04
CA ALA P 60 72.88 -37.18 -25.28
C ALA P 60 72.56 -38.26 -24.22
N MET P 61 72.65 -39.55 -24.57
CA MET P 61 72.41 -40.62 -23.60
C MET P 61 73.39 -40.63 -22.45
N GLN P 62 74.65 -40.28 -22.72
CA GLN P 62 75.67 -40.17 -21.69
C GLN P 62 75.36 -38.98 -20.79
N PHE P 63 74.91 -37.85 -21.38
CA PHE P 63 74.55 -36.67 -20.59
C PHE P 63 73.34 -37.00 -19.69
N PHE P 64 72.33 -37.70 -20.23
CA PHE P 64 71.14 -38.09 -19.46
C PHE P 64 71.45 -39.06 -18.33
N THR P 65 72.62 -39.73 -18.35
CA THR P 65 73.01 -40.66 -17.29
C THR P 65 74.31 -40.22 -16.58
N LYS P 66 74.65 -38.90 -16.60
CA LYS P 66 75.85 -38.33 -15.95
C LYS P 66 75.81 -38.38 -14.42
N GLY P 67 74.64 -38.71 -13.83
CA GLY P 67 74.46 -38.84 -12.38
C GLY P 67 75.14 -40.07 -11.81
N TYR P 68 75.42 -41.06 -12.68
CA TYR P 68 76.17 -42.27 -12.36
C TYR P 68 77.65 -41.91 -12.09
N GLN P 69 78.15 -40.75 -12.59
CA GLN P 69 79.51 -40.26 -12.37
C GLN P 69 79.63 -39.41 -11.08
N GLU P 70 78.52 -39.13 -10.38
CA GLU P 70 78.55 -38.23 -9.23
C GLU P 70 78.37 -38.90 -7.89
N THR P 71 78.93 -38.27 -6.86
CA THR P 71 78.82 -38.74 -5.47
C THR P 71 78.04 -37.69 -4.68
N ILE P 72 77.25 -38.13 -3.71
CA ILE P 72 76.51 -37.21 -2.86
C ILE P 72 77.47 -36.36 -1.97
N SER P 73 78.68 -36.87 -1.67
CA SER P 73 79.66 -36.13 -0.87
C SER P 73 80.36 -35.02 -1.63
N ASP P 74 80.69 -35.29 -2.90
CA ASP P 74 81.36 -34.31 -3.75
C ASP P 74 80.40 -33.17 -4.09
N VAL P 75 79.15 -33.51 -4.47
CA VAL P 75 78.12 -32.56 -4.89
C VAL P 75 77.81 -31.53 -3.79
N LEU P 76 77.77 -31.97 -2.55
CA LEU P 76 77.41 -31.11 -1.43
C LEU P 76 78.46 -29.98 -1.14
N ASN P 77 79.69 -30.12 -1.70
CA ASN P 77 80.80 -29.16 -1.64
C ASN P 77 80.94 -28.39 -0.32
N ASP P 78 80.82 -29.11 0.82
CA ASP P 78 80.94 -28.52 2.16
C ASP P 78 80.02 -27.31 2.40
N ALA P 79 78.90 -27.22 1.68
CA ALA P 79 77.98 -26.09 1.83
C ALA P 79 76.92 -26.35 2.90
N ILE P 80 77.35 -26.87 4.05
CA ILE P 80 76.50 -27.14 5.21
C ILE P 80 76.80 -26.10 6.31
N PHE P 81 76.08 -24.97 6.24
CA PHE P 81 76.21 -23.86 7.17
C PHE P 81 75.58 -24.21 8.53
N ASP P 82 76.40 -24.18 9.59
CA ASP P 82 75.90 -24.45 10.93
C ASP P 82 75.27 -23.21 11.50
N GLU P 83 73.95 -23.13 11.34
CA GLU P 83 73.13 -22.03 11.82
C GLU P 83 71.93 -22.59 12.59
N ASP P 84 71.27 -21.75 13.40
CA ASP P 84 70.12 -22.21 14.18
C ASP P 84 68.86 -21.44 13.85
N HIS P 85 68.22 -21.81 12.73
CA HIS P 85 66.98 -21.17 12.35
C HIS P 85 65.94 -22.24 12.41
N ASP P 86 65.08 -22.28 13.47
CA ASP P 86 64.07 -23.33 13.49
C ASP P 86 62.85 -22.85 12.64
N GLU P 87 63.04 -22.94 11.33
CA GLU P 87 62.08 -22.52 10.33
C GLU P 87 62.04 -23.49 9.15
N MET P 88 60.94 -23.49 8.41
CA MET P 88 60.79 -24.39 7.28
C MET P 88 61.51 -23.81 6.07
N VAL P 89 62.35 -24.62 5.39
CA VAL P 89 63.06 -24.17 4.19
C VAL P 89 62.55 -24.97 2.99
N ILE P 90 62.06 -24.27 1.95
CA ILE P 90 61.53 -24.94 0.76
C ILE P 90 62.19 -24.43 -0.52
N VAL P 91 62.54 -25.35 -1.40
CA VAL P 91 62.98 -25.01 -2.75
C VAL P 91 61.96 -25.72 -3.63
N LYS P 92 61.03 -24.95 -4.20
CA LYS P 92 59.98 -25.53 -5.04
C LYS P 92 60.22 -25.24 -6.53
N ASP P 93 59.57 -26.00 -7.41
CA ASP P 93 59.62 -25.85 -8.86
C ASP P 93 61.03 -26.05 -9.47
N ILE P 94 61.80 -27.00 -8.94
CA ILE P 94 63.11 -27.37 -9.50
C ILE P 94 62.78 -28.20 -10.74
N ASP P 95 63.14 -27.75 -11.95
CA ASP P 95 62.93 -28.53 -13.17
C ASP P 95 63.70 -29.84 -13.06
N MET P 96 63.03 -30.95 -13.31
CA MET P 96 63.57 -32.31 -13.20
C MET P 96 63.43 -32.99 -14.55
N PHE P 97 64.51 -33.60 -15.09
CA PHE P 97 64.45 -34.34 -16.34
C PHE P 97 65.09 -35.69 -16.08
N SER P 98 64.36 -36.78 -16.28
CA SER P 98 64.91 -38.13 -16.04
C SER P 98 64.60 -39.10 -17.18
N MET P 99 65.13 -40.31 -17.15
CA MET P 99 64.87 -41.32 -18.17
C MET P 99 64.19 -42.49 -17.52
N CYS P 100 63.10 -42.93 -18.11
CA CYS P 100 62.39 -44.09 -17.61
C CYS P 100 63.22 -45.33 -17.90
N GLU P 101 63.46 -46.15 -16.89
CA GLU P 101 64.26 -47.35 -17.07
C GLU P 101 63.54 -48.49 -17.80
N HIS P 102 62.22 -48.41 -17.92
CA HIS P 102 61.47 -49.46 -18.60
C HIS P 102 61.39 -49.33 -20.12
N HIS P 103 61.34 -48.11 -20.63
CA HIS P 103 61.22 -47.92 -22.06
C HIS P 103 62.28 -47.01 -22.67
N LEU P 104 63.18 -46.50 -21.84
CA LEU P 104 64.26 -45.60 -22.27
C LEU P 104 63.76 -44.34 -22.99
N VAL P 105 62.71 -43.72 -22.43
CA VAL P 105 62.10 -42.48 -22.90
C VAL P 105 62.00 -41.53 -21.72
N PRO P 106 62.02 -40.19 -21.90
CA PRO P 106 62.06 -39.29 -20.74
C PRO P 106 60.80 -39.18 -19.87
N PHE P 107 60.98 -38.88 -18.59
CA PHE P 107 59.92 -38.47 -17.66
C PHE P 107 60.39 -37.14 -17.10
N VAL P 108 59.59 -36.10 -17.33
CA VAL P 108 59.99 -34.75 -17.03
C VAL P 108 58.97 -34.02 -16.16
N GLY P 109 59.45 -33.11 -15.30
CA GLY P 109 58.57 -32.34 -14.45
C GLY P 109 59.27 -31.41 -13.49
N LYS P 110 58.79 -31.35 -12.24
CA LYS P 110 59.29 -30.48 -11.18
C LYS P 110 59.44 -31.26 -9.88
N VAL P 111 60.37 -30.82 -9.02
CA VAL P 111 60.57 -31.36 -7.67
C VAL P 111 60.40 -30.23 -6.63
N HIS P 112 59.64 -30.49 -5.56
CA HIS P 112 59.41 -29.55 -4.44
C HIS P 112 60.01 -30.18 -3.20
N ILE P 113 60.92 -29.47 -2.53
CA ILE P 113 61.64 -30.00 -1.39
C ILE P 113 61.48 -29.08 -0.17
N GLY P 114 61.17 -29.69 0.95
CA GLY P 114 61.02 -28.95 2.19
C GLY P 114 61.75 -29.65 3.31
N TYR P 115 62.29 -28.87 4.24
CA TYR P 115 62.94 -29.44 5.40
C TYR P 115 62.90 -28.51 6.57
N LEU P 116 62.92 -29.09 7.79
CA LEU P 116 63.02 -28.33 9.03
C LEU P 116 64.37 -28.66 9.61
N PRO P 117 65.35 -27.77 9.45
CA PRO P 117 66.68 -28.08 9.95
C PRO P 117 66.74 -28.09 11.46
N ASN P 118 67.64 -28.89 12.01
CA ASN P 118 67.93 -28.83 13.44
C ASN P 118 69.43 -28.92 13.59
N LYS P 119 70.03 -27.74 13.78
CA LYS P 119 71.47 -27.50 13.93
C LYS P 119 72.24 -27.46 12.62
N GLN P 120 71.61 -27.79 11.47
CA GLN P 120 72.33 -27.80 10.18
C GLN P 120 71.54 -27.32 8.96
N VAL P 121 71.94 -26.19 8.37
CA VAL P 121 71.33 -25.69 7.15
C VAL P 121 72.22 -26.05 5.93
N LEU P 122 71.62 -26.16 4.75
CA LEU P 122 72.29 -26.53 3.51
C LEU P 122 72.16 -25.37 2.51
N GLY P 123 73.11 -25.24 1.59
CA GLY P 123 73.04 -24.21 0.55
C GLY P 123 71.86 -24.52 -0.37
N LEU P 124 71.01 -23.54 -0.67
CA LEU P 124 69.81 -23.78 -1.49
C LEU P 124 70.06 -24.49 -2.81
N SER P 125 71.10 -24.13 -3.54
CA SER P 125 71.40 -24.77 -4.83
C SER P 125 71.71 -26.25 -4.69
N LYS P 126 72.26 -26.66 -3.53
CA LYS P 126 72.61 -28.06 -3.26
C LYS P 126 71.42 -28.99 -3.23
N LEU P 127 70.21 -28.44 -3.00
CA LEU P 127 69.00 -29.21 -3.05
C LEU P 127 68.74 -29.55 -4.50
N ALA P 128 68.88 -28.57 -5.42
CA ALA P 128 68.71 -28.78 -6.86
C ALA P 128 69.82 -29.66 -7.45
N ARG P 129 71.01 -29.65 -6.84
CA ARG P 129 72.11 -30.50 -7.26
C ARG P 129 71.89 -31.93 -6.79
N ILE P 130 71.22 -32.14 -5.64
CA ILE P 130 70.83 -33.47 -5.18
C ILE P 130 69.80 -34.04 -6.17
N VAL P 131 68.91 -33.21 -6.70
CA VAL P 131 67.95 -33.63 -7.71
C VAL P 131 68.70 -34.11 -8.96
N GLU P 132 69.74 -33.41 -9.35
CA GLU P 132 70.55 -33.74 -10.52
C GLU P 132 71.36 -35.06 -10.41
N ILE P 133 71.79 -35.48 -9.21
CA ILE P 133 72.52 -36.75 -9.09
C ILE P 133 71.60 -37.92 -9.44
N TYR P 134 70.36 -37.88 -8.95
CA TYR P 134 69.48 -39.01 -9.10
C TYR P 134 68.61 -38.95 -10.34
N SER P 135 68.23 -37.76 -10.80
CA SER P 135 67.39 -37.66 -11.99
C SER P 135 68.19 -38.01 -13.27
N ARG P 136 69.52 -37.75 -13.26
CA ARG P 136 70.35 -38.04 -14.44
C ARG P 136 70.82 -39.51 -14.41
N ARG P 137 69.85 -40.43 -14.43
CA ARG P 137 70.08 -41.88 -14.37
C ARG P 137 68.88 -42.58 -15.02
N LEU P 138 68.95 -43.92 -15.22
CA LEU P 138 67.78 -44.67 -15.69
C LEU P 138 66.98 -44.95 -14.43
N GLN P 139 65.83 -44.30 -14.29
CA GLN P 139 65.04 -44.29 -13.08
C GLN P 139 63.58 -44.82 -13.15
N VAL P 140 62.98 -44.76 -11.97
CA VAL P 140 61.57 -45.02 -11.71
C VAL P 140 61.28 -43.88 -10.73
N GLN P 141 60.20 -43.16 -10.94
CA GLN P 141 59.85 -42.03 -10.08
C GLN P 141 59.89 -42.21 -8.58
N GLU P 142 59.49 -43.37 -8.08
CA GLU P 142 59.49 -43.64 -6.66
C GLU P 142 60.89 -43.76 -6.09
N ARG P 143 61.83 -44.26 -6.87
CA ARG P 143 63.20 -44.40 -6.40
C ARG P 143 63.88 -43.05 -6.37
N LEU P 144 63.68 -42.25 -7.42
CA LEU P 144 64.19 -40.89 -7.53
C LEU P 144 63.67 -40.05 -6.34
N THR P 145 62.38 -40.19 -6.00
CA THR P 145 61.81 -39.45 -4.88
C THR P 145 62.49 -39.80 -3.57
N LYS P 146 62.63 -41.12 -3.29
CA LYS P 146 63.25 -41.61 -2.06
C LYS P 146 64.69 -41.20 -1.94
N GLN P 147 65.49 -41.29 -3.03
CA GLN P 147 66.90 -40.96 -2.95
C GLN P 147 67.12 -39.51 -2.55
N ILE P 148 66.38 -38.56 -3.14
CA ILE P 148 66.50 -37.15 -2.79
C ILE P 148 66.21 -36.93 -1.29
N ALA P 149 65.17 -37.58 -0.75
CA ALA P 149 64.79 -37.45 0.66
C ALA P 149 65.81 -38.08 1.57
N VAL P 150 66.34 -39.26 1.19
CA VAL P 150 67.32 -39.98 1.98
C VAL P 150 68.68 -39.23 2.02
N ALA P 151 69.08 -38.59 0.91
CA ALA P 151 70.32 -37.84 0.87
C ALA P 151 70.20 -36.62 1.77
N ILE P 152 69.06 -35.89 1.72
CA ILE P 152 68.86 -34.70 2.55
C ILE P 152 68.86 -35.10 4.04
N THR P 153 68.21 -36.20 4.35
CA THR P 153 68.10 -36.67 5.72
C THR P 153 69.45 -37.08 6.29
N GLU P 154 70.26 -37.82 5.51
CA GLU P 154 71.57 -38.26 5.99
C GLU P 154 72.58 -37.12 6.09
N ALA P 155 72.45 -36.08 5.24
CA ALA P 155 73.42 -34.99 5.25
C ALA P 155 73.18 -34.00 6.38
N LEU P 156 71.91 -33.69 6.65
CA LEU P 156 71.58 -32.67 7.62
C LEU P 156 71.07 -33.19 8.95
N ARG P 157 70.57 -34.43 8.98
CA ARG P 157 69.89 -35.03 10.15
C ARG P 157 68.82 -34.07 10.72
N PRO P 158 67.90 -33.62 9.85
CA PRO P 158 66.95 -32.59 10.29
C PRO P 158 65.75 -33.15 11.03
N ALA P 159 64.86 -32.26 11.47
CA ALA P 159 63.69 -32.66 12.19
C ALA P 159 62.75 -33.42 11.26
N GLY P 160 62.59 -32.94 10.03
CA GLY P 160 61.80 -33.59 9.00
C GLY P 160 62.20 -33.17 7.60
N VAL P 161 61.71 -33.92 6.60
CA VAL P 161 61.93 -33.69 5.17
C VAL P 161 60.66 -34.09 4.41
N GLY P 162 60.30 -33.32 3.41
CA GLY P 162 59.21 -33.63 2.52
C GLY P 162 59.71 -33.43 1.11
N VAL P 163 59.45 -34.40 0.22
CA VAL P 163 59.87 -34.30 -1.17
C VAL P 163 58.68 -34.69 -2.01
N VAL P 164 58.31 -33.86 -2.99
CA VAL P 164 57.21 -34.15 -3.89
C VAL P 164 57.73 -34.03 -5.35
N VAL P 165 57.58 -35.08 -6.18
CA VAL P 165 57.98 -35.01 -7.58
C VAL P 165 56.71 -35.15 -8.45
N GLU P 166 56.42 -34.15 -9.29
CA GLU P 166 55.29 -34.20 -10.21
C GLU P 166 55.93 -34.35 -11.61
N ALA P 167 55.54 -35.39 -12.38
CA ALA P 167 56.16 -35.63 -13.69
C ALA P 167 55.24 -36.22 -14.75
N THR P 168 55.53 -35.92 -16.01
CA THR P 168 54.82 -36.46 -17.15
C THR P 168 55.75 -37.49 -17.72
N HIS P 169 55.26 -38.70 -17.86
CA HIS P 169 56.03 -39.77 -18.42
C HIS P 169 55.67 -39.84 -19.89
N MET P 170 56.68 -39.83 -20.76
CA MET P 170 56.45 -39.94 -22.20
C MET P 170 55.99 -41.35 -22.59
N CYS P 171 56.28 -42.37 -21.79
CA CYS P 171 55.86 -43.72 -22.05
C CYS P 171 54.36 -43.94 -21.83
N MET P 172 53.69 -43.02 -21.15
CA MET P 172 52.26 -43.14 -20.87
C MET P 172 51.43 -42.18 -21.72
N VAL P 173 52.13 -41.27 -22.39
CA VAL P 173 51.57 -40.19 -23.19
C VAL P 173 51.78 -40.36 -24.71
N MET P 174 53.02 -40.67 -25.14
CA MET P 174 53.36 -40.91 -26.56
C MET P 174 52.97 -42.29 -27.07
N ARG P 175 52.71 -43.21 -26.16
CA ARG P 175 52.41 -44.58 -26.51
C ARG P 175 51.67 -45.24 -25.38
N GLY P 176 51.57 -46.55 -25.44
CA GLY P 176 50.91 -47.32 -24.40
C GLY P 176 49.47 -46.94 -24.17
N VAL P 177 49.13 -46.58 -22.93
CA VAL P 177 47.77 -46.20 -22.58
C VAL P 177 47.34 -44.87 -23.20
N GLN P 178 48.32 -44.14 -23.69
CA GLN P 178 48.16 -42.85 -24.36
C GLN P 178 47.18 -41.90 -23.66
N LYS P 179 47.37 -41.76 -22.33
CA LYS P 179 46.60 -40.87 -21.45
C LYS P 179 47.37 -39.55 -21.45
N MET P 180 47.08 -38.72 -22.47
CA MET P 180 47.75 -37.45 -22.79
C MET P 180 47.82 -36.39 -21.68
N ASN P 181 46.82 -36.30 -20.81
CA ASN P 181 46.85 -35.30 -19.75
C ASN P 181 47.38 -35.80 -18.39
N SER P 182 47.73 -37.09 -18.28
CA SER P 182 48.11 -37.66 -16.98
C SER P 182 49.51 -37.26 -16.48
N LYS P 183 49.64 -37.28 -15.16
CA LYS P 183 50.87 -36.96 -14.45
C LYS P 183 50.98 -37.84 -13.24
N THR P 184 52.21 -38.21 -12.92
CA THR P 184 52.49 -39.02 -11.76
C THR P 184 53.05 -38.10 -10.72
N VAL P 185 52.49 -38.13 -9.50
CA VAL P 185 52.95 -37.32 -8.39
C VAL P 185 53.45 -38.29 -7.31
N THR P 186 54.68 -38.15 -6.83
CA THR P 186 55.19 -39.03 -5.76
C THR P 186 55.52 -38.18 -4.53
N SER P 187 55.31 -38.72 -3.33
CA SER P 187 55.51 -37.91 -2.14
C SER P 187 56.07 -38.64 -0.94
N THR P 188 57.28 -38.25 -0.49
CA THR P 188 57.94 -38.82 0.69
C THR P 188 57.89 -37.80 1.82
N MET P 189 57.34 -38.19 2.98
CA MET P 189 57.27 -37.31 4.13
C MET P 189 57.96 -38.01 5.30
N LEU P 190 59.03 -37.42 5.85
CA LEU P 190 59.82 -38.00 6.96
C LEU P 190 59.84 -37.05 8.17
N GLY P 191 60.04 -37.63 9.35
CA GLY P 191 60.14 -36.86 10.59
C GLY P 191 58.86 -36.12 10.91
N VAL P 192 58.96 -34.85 11.29
CA VAL P 192 57.80 -33.99 11.60
C VAL P 192 56.91 -33.75 10.37
N PHE P 193 57.48 -33.82 9.15
CA PHE P 193 56.70 -33.70 7.93
C PHE P 193 55.68 -34.86 7.85
N ARG P 194 55.97 -36.02 8.49
CA ARG P 194 55.03 -37.10 8.54
C ARG P 194 54.13 -37.00 9.78
N GLU P 195 54.73 -36.89 10.96
CA GLU P 195 54.04 -36.90 12.24
C GLU P 195 53.13 -35.74 12.50
N ASP P 196 53.54 -34.53 12.12
CA ASP P 196 52.79 -33.32 12.44
C ASP P 196 51.86 -32.91 11.35
N PRO P 197 50.54 -32.81 11.68
CA PRO P 197 49.55 -32.38 10.68
C PRO P 197 49.73 -30.94 10.18
N LYS P 198 50.29 -30.09 11.01
CA LYS P 198 50.45 -28.67 10.71
C LYS P 198 51.65 -28.46 9.80
N THR P 199 52.76 -29.21 10.07
CA THR P 199 53.97 -29.16 9.28
C THR P 199 53.67 -29.63 7.87
N ARG P 200 52.95 -30.77 7.73
CA ARG P 200 52.66 -31.28 6.41
C ARG P 200 51.68 -30.45 5.65
N GLU P 201 50.68 -29.86 6.32
CA GLU P 201 49.73 -29.00 5.63
C GLU P 201 50.44 -27.73 5.19
N GLU P 202 51.31 -27.16 6.04
CA GLU P 202 52.09 -25.98 5.71
C GLU P 202 53.00 -26.21 4.53
N PHE P 203 53.76 -27.32 4.53
CA PHE P 203 54.61 -27.64 3.41
C PHE P 203 53.80 -27.80 2.09
N LEU P 204 52.69 -28.56 2.12
CA LEU P 204 51.91 -28.78 0.91
C LEU P 204 51.27 -27.52 0.38
N THR P 205 50.96 -26.54 1.24
CA THR P 205 50.35 -25.28 0.80
C THR P 205 51.42 -24.38 0.20
N LEU P 206 52.58 -24.26 0.88
CA LEU P 206 53.66 -23.41 0.44
C LEU P 206 54.29 -23.79 -0.90
N ILE P 207 54.15 -25.05 -1.34
CA ILE P 207 54.68 -25.49 -2.63
C ILE P 207 53.73 -25.20 -3.81
N ARG P 208 52.60 -24.54 -3.57
CA ARG P 208 51.65 -24.17 -4.60
C ARG P 208 51.92 -22.74 -5.09
N PRO Q 17 34.90 -64.01 -20.39
CA PRO Q 17 35.02 -62.67 -21.01
C PRO Q 17 34.68 -62.71 -22.49
N ARG Q 18 34.20 -61.58 -23.02
CA ARG Q 18 33.83 -61.42 -24.43
C ARG Q 18 35.07 -61.61 -25.31
N SER Q 19 34.92 -62.37 -26.40
CA SER Q 19 36.05 -62.67 -27.27
C SER Q 19 35.98 -61.94 -28.62
N GLU Q 20 37.07 -61.99 -29.39
CA GLU Q 20 37.09 -61.38 -30.72
C GLU Q 20 36.18 -62.17 -31.70
N GLU Q 21 35.99 -63.48 -31.45
CA GLU Q 21 35.10 -64.33 -32.23
C GLU Q 21 33.64 -63.88 -31.99
N ASP Q 22 33.30 -63.57 -30.71
CA ASP Q 22 31.98 -63.07 -30.33
C ASP Q 22 31.70 -61.75 -31.04
N ASN Q 23 32.72 -60.87 -31.13
CA ASN Q 23 32.62 -59.57 -31.78
C ASN Q 23 32.33 -59.69 -33.27
N GLU Q 24 33.00 -60.62 -33.95
CA GLU Q 24 32.78 -60.82 -35.39
C GLU Q 24 31.38 -61.37 -35.65
N LEU Q 25 30.92 -62.26 -34.76
CA LEU Q 25 29.61 -62.91 -34.81
C LEU Q 25 28.47 -61.93 -34.57
N ASN Q 26 28.63 -61.02 -33.60
CA ASN Q 26 27.58 -60.07 -33.24
C ASN Q 26 27.61 -58.76 -34.00
N LEU Q 27 28.67 -58.49 -34.78
CA LEU Q 27 28.75 -57.24 -35.54
C LEU Q 27 27.58 -57.06 -36.53
N PRO Q 28 27.17 -58.07 -37.32
CA PRO Q 28 26.01 -57.89 -38.21
C PRO Q 28 24.70 -57.62 -37.46
N ASN Q 29 24.53 -58.22 -36.28
CA ASN Q 29 23.34 -58.00 -35.45
C ASN Q 29 23.29 -56.59 -34.87
N LEU Q 30 24.46 -56.04 -34.53
CA LEU Q 30 24.57 -54.69 -34.01
C LEU Q 30 24.27 -53.71 -35.14
N ALA Q 31 24.85 -53.95 -36.34
CA ALA Q 31 24.62 -53.10 -37.50
C ALA Q 31 23.15 -53.07 -37.88
N ALA Q 32 22.46 -54.22 -37.78
CA ALA Q 32 21.05 -54.32 -38.10
C ALA Q 32 20.20 -53.49 -37.14
N ALA Q 33 20.56 -53.51 -35.85
CA ALA Q 33 19.85 -52.74 -34.82
C ALA Q 33 20.03 -51.24 -35.05
N TYR Q 34 21.24 -50.83 -35.43
CA TYR Q 34 21.50 -49.42 -35.71
C TYR Q 34 20.82 -48.95 -36.98
N SER Q 35 20.69 -49.85 -37.98
CA SER Q 35 19.96 -49.51 -39.22
C SER Q 35 18.45 -49.33 -38.89
N SER Q 36 17.92 -50.17 -38.01
CA SER Q 36 16.55 -50.08 -37.57
C SER Q 36 16.31 -48.74 -36.85
N ILE Q 37 17.29 -48.29 -36.01
CA ILE Q 37 17.22 -47.03 -35.29
C ILE Q 37 17.16 -45.85 -36.28
N LEU Q 38 17.99 -45.85 -37.32
CA LEU Q 38 17.98 -44.80 -38.34
C LEU Q 38 16.58 -44.66 -38.99
N SER Q 39 15.96 -45.80 -39.33
CA SER Q 39 14.62 -45.78 -39.92
C SER Q 39 13.57 -45.31 -38.91
N SER Q 40 13.66 -45.77 -37.66
CA SER Q 40 12.69 -45.40 -36.63
C SER Q 40 12.76 -43.93 -36.23
N LEU Q 41 13.93 -43.27 -36.43
CA LEU Q 41 14.06 -41.84 -36.12
C LEU Q 41 13.51 -40.92 -37.25
N GLY Q 42 13.13 -41.51 -38.38
CA GLY Q 42 12.66 -40.75 -39.52
C GLY Q 42 13.75 -40.43 -40.53
N GLU Q 43 14.97 -40.97 -40.33
CA GLU Q 43 16.07 -40.74 -41.24
C GLU Q 43 16.06 -41.69 -42.41
N ASN Q 44 16.77 -41.32 -43.46
CA ASN Q 44 16.92 -42.10 -44.68
C ASN Q 44 18.21 -42.89 -44.53
N PRO Q 45 18.15 -44.18 -44.17
CA PRO Q 45 19.39 -44.95 -44.02
C PRO Q 45 20.18 -45.16 -45.31
N GLN Q 46 19.58 -44.80 -46.47
CA GLN Q 46 20.26 -44.92 -47.75
C GLN Q 46 21.03 -43.67 -48.17
N ARG Q 47 20.83 -42.50 -47.52
CA ARG Q 47 21.58 -41.30 -47.91
C ARG Q 47 23.06 -41.48 -47.69
N GLN Q 48 23.91 -40.88 -48.57
CA GLN Q 48 25.38 -40.97 -48.52
C GLN Q 48 25.96 -40.94 -47.12
N GLY Q 49 25.45 -40.01 -46.30
CA GLY Q 49 25.92 -39.81 -44.94
C GLY Q 49 25.67 -40.94 -43.94
N LEU Q 50 24.59 -41.69 -44.13
CA LEU Q 50 24.23 -42.77 -43.22
C LEU Q 50 24.52 -44.20 -43.71
N LEU Q 51 24.94 -44.38 -44.98
CA LEU Q 51 25.16 -45.70 -45.57
C LEU Q 51 26.08 -46.65 -44.75
N LYS Q 52 27.22 -46.16 -44.27
CA LYS Q 52 28.12 -46.99 -43.45
C LYS Q 52 27.91 -46.80 -41.92
N THR Q 53 26.98 -45.93 -41.51
CA THR Q 53 26.71 -45.64 -40.11
C THR Q 53 26.34 -46.91 -39.34
N PRO Q 54 25.45 -47.82 -39.83
CA PRO Q 54 25.18 -49.04 -39.06
C PRO Q 54 26.41 -49.81 -38.60
N TRP Q 55 27.43 -49.95 -39.47
CA TRP Q 55 28.68 -50.63 -39.12
C TRP Q 55 29.63 -49.77 -38.28
N ARG Q 56 29.69 -48.44 -38.54
CA ARG Q 56 30.55 -47.58 -37.76
C ARG Q 56 30.04 -47.42 -36.33
N ALA Q 57 28.70 -47.33 -36.13
CA ALA Q 57 28.11 -47.23 -34.79
C ALA Q 57 28.28 -48.56 -34.07
N ALA Q 58 28.07 -49.69 -34.76
CA ALA Q 58 28.23 -51.01 -34.18
C ALA Q 58 29.69 -51.27 -33.73
N SER Q 59 30.69 -50.85 -34.55
CA SER Q 59 32.10 -51.02 -34.22
C SER Q 59 32.52 -50.06 -33.09
N ALA Q 60 32.00 -48.82 -33.12
CA ALA Q 60 32.32 -47.84 -32.09
C ALA Q 60 31.81 -48.32 -30.74
N MET Q 61 30.56 -48.84 -30.72
CA MET Q 61 29.90 -49.33 -29.51
C MET Q 61 30.57 -50.55 -28.92
N GLN Q 62 31.09 -51.42 -29.80
CA GLN Q 62 31.86 -52.57 -29.34
C GLN Q 62 33.15 -52.07 -28.69
N PHE Q 63 33.81 -51.05 -29.27
CA PHE Q 63 35.02 -50.50 -28.66
C PHE Q 63 34.71 -49.86 -27.30
N PHE Q 64 33.57 -49.15 -27.19
CA PHE Q 64 33.18 -48.54 -25.93
C PHE Q 64 32.97 -49.55 -24.80
N THR Q 65 32.71 -50.82 -25.13
CA THR Q 65 32.47 -51.93 -24.22
C THR Q 65 33.59 -53.01 -24.30
N LYS Q 66 34.81 -52.64 -24.76
CA LYS Q 66 35.92 -53.59 -24.85
C LYS Q 66 36.46 -54.10 -23.49
N GLY Q 67 36.13 -53.45 -22.38
CA GLY Q 67 36.54 -53.90 -21.06
C GLY Q 67 35.93 -55.23 -20.63
N TYR Q 68 34.80 -55.65 -21.23
CA TYR Q 68 34.17 -56.96 -21.00
C TYR Q 68 35.07 -58.11 -21.45
N GLN Q 69 35.91 -57.85 -22.48
CA GLN Q 69 36.93 -58.71 -23.07
C GLN Q 69 38.20 -58.82 -22.23
N GLU Q 70 38.31 -58.11 -21.10
CA GLU Q 70 39.56 -58.05 -20.34
C GLU Q 70 39.47 -58.60 -18.93
N THR Q 71 40.58 -59.14 -18.46
CA THR Q 71 40.74 -59.77 -17.17
C THR Q 71 41.73 -58.95 -16.36
N ILE Q 72 41.43 -58.72 -15.06
CA ILE Q 72 42.29 -57.93 -14.18
C ILE Q 72 43.71 -58.49 -14.10
N SER Q 73 43.88 -59.83 -14.15
CA SER Q 73 45.22 -60.42 -14.10
C SER Q 73 45.98 -60.31 -15.42
N ASP Q 74 45.28 -60.37 -16.55
CA ASP Q 74 45.91 -60.23 -17.85
C ASP Q 74 46.39 -58.79 -18.03
N VAL Q 75 45.54 -57.81 -17.68
CA VAL Q 75 45.84 -56.38 -17.80
C VAL Q 75 47.04 -55.96 -16.94
N LEU Q 76 47.23 -56.60 -15.80
CA LEU Q 76 48.36 -56.29 -14.94
C LEU Q 76 49.71 -56.61 -15.58
N ASN Q 77 49.74 -57.61 -16.45
CA ASN Q 77 50.97 -58.02 -17.15
C ASN Q 77 52.17 -58.18 -16.24
N ASP Q 78 51.95 -58.80 -15.10
CA ASP Q 78 52.99 -59.05 -14.08
C ASP Q 78 53.82 -57.80 -13.80
N ALA Q 79 53.15 -56.68 -13.53
CA ALA Q 79 53.83 -55.43 -13.28
C ALA Q 79 53.73 -55.06 -11.81
N ILE Q 80 53.86 -56.06 -10.96
CA ILE Q 80 53.85 -55.87 -9.50
C ILE Q 80 55.27 -56.04 -8.97
N PHE Q 81 56.07 -54.97 -9.02
CA PHE Q 81 57.44 -55.04 -8.54
C PHE Q 81 57.44 -55.05 -7.02
N ASP Q 82 57.98 -56.12 -6.43
CA ASP Q 82 58.06 -56.21 -4.98
C ASP Q 82 59.18 -55.27 -4.54
N GLU Q 83 58.81 -54.12 -3.96
CA GLU Q 83 59.72 -53.06 -3.55
C GLU Q 83 59.12 -52.24 -2.40
N ASP Q 84 59.93 -51.89 -1.38
CA ASP Q 84 59.41 -51.11 -0.25
C ASP Q 84 59.68 -49.60 -0.34
N HIS Q 85 58.94 -48.89 -1.20
CA HIS Q 85 59.11 -47.43 -1.32
C HIS Q 85 58.01 -46.76 -0.53
N ASP Q 86 58.32 -46.36 0.73
CA ASP Q 86 57.40 -45.77 1.73
C ASP Q 86 56.92 -44.35 1.37
N GLU Q 87 56.15 -44.24 0.31
CA GLU Q 87 55.72 -42.96 -0.20
C GLU Q 87 54.39 -43.04 -0.90
N MET Q 88 53.73 -41.87 -1.03
CA MET Q 88 52.48 -41.82 -1.72
C MET Q 88 52.74 -41.79 -3.21
N VAL Q 89 52.06 -42.67 -3.94
CA VAL Q 89 52.17 -42.76 -5.39
C VAL Q 89 50.83 -42.34 -5.96
N ILE Q 90 50.83 -41.33 -6.83
CA ILE Q 90 49.60 -40.83 -7.43
C ILE Q 90 49.73 -40.79 -8.95
N VAL Q 91 48.66 -41.17 -9.67
CA VAL Q 91 48.55 -40.98 -11.11
C VAL Q 91 47.24 -40.21 -11.31
N LYS Q 92 47.35 -38.91 -11.59
CA LYS Q 92 46.18 -38.05 -11.71
C LYS Q 92 45.90 -37.65 -13.16
N ASP Q 93 44.70 -37.17 -13.42
CA ASP Q 93 44.28 -36.69 -14.72
C ASP Q 93 44.30 -37.77 -15.78
N ILE Q 94 43.85 -38.97 -15.42
CA ILE Q 94 43.75 -40.05 -16.39
C ILE Q 94 42.41 -39.84 -17.09
N ASP Q 95 42.43 -39.56 -18.41
CA ASP Q 95 41.24 -39.38 -19.24
C ASP Q 95 40.38 -40.61 -19.16
N MET Q 96 39.10 -40.41 -18.93
CA MET Q 96 38.16 -41.50 -18.69
C MET Q 96 36.94 -41.34 -19.55
N PHE Q 97 36.64 -42.35 -20.38
CA PHE Q 97 35.48 -42.33 -21.24
C PHE Q 97 34.63 -43.55 -20.96
N SER Q 98 33.40 -43.32 -20.47
CA SER Q 98 32.52 -44.44 -20.16
C SER Q 98 31.14 -44.30 -20.81
N MET Q 99 30.29 -45.30 -20.58
CA MET Q 99 28.96 -45.33 -21.12
C MET Q 99 27.98 -45.41 -19.96
N CYS Q 100 27.01 -44.52 -19.94
CA CYS Q 100 25.94 -44.55 -18.96
C CYS Q 100 25.04 -45.77 -19.28
N GLU Q 101 24.97 -46.75 -18.37
CA GLU Q 101 24.13 -47.93 -18.61
C GLU Q 101 22.64 -47.59 -18.61
N HIS Q 102 22.23 -46.45 -18.04
CA HIS Q 102 20.83 -46.08 -18.01
C HIS Q 102 20.31 -45.49 -19.32
N HIS Q 103 21.15 -44.76 -20.08
CA HIS Q 103 20.70 -44.09 -21.28
C HIS Q 103 21.48 -44.41 -22.55
N LEU Q 104 22.65 -45.09 -22.40
CA LEU Q 104 23.57 -45.46 -23.50
C LEU Q 104 24.08 -44.24 -24.23
N VAL Q 105 24.45 -43.23 -23.43
CA VAL Q 105 25.04 -41.98 -23.84
C VAL Q 105 26.31 -41.81 -22.96
N PRO Q 106 27.43 -41.28 -23.52
CA PRO Q 106 28.67 -41.21 -22.74
C PRO Q 106 28.71 -40.40 -21.44
N PHE Q 107 29.65 -40.75 -20.56
CA PHE Q 107 29.98 -39.96 -19.38
C PHE Q 107 31.52 -39.89 -19.37
N VAL Q 108 32.04 -38.68 -19.54
CA VAL Q 108 33.48 -38.46 -19.72
C VAL Q 108 34.11 -37.59 -18.63
N GLY Q 109 35.37 -37.83 -18.36
CA GLY Q 109 36.09 -37.05 -17.36
C GLY Q 109 37.48 -37.53 -17.08
N LYS Q 110 37.83 -37.58 -15.79
CA LYS Q 110 39.18 -37.89 -15.30
C LYS Q 110 39.10 -38.75 -14.06
N VAL Q 111 40.10 -39.60 -13.87
CA VAL Q 111 40.30 -40.42 -12.68
C VAL Q 111 41.60 -39.98 -12.04
N HIS Q 112 41.63 -39.93 -10.73
CA HIS Q 112 42.81 -39.57 -9.97
C HIS Q 112 43.00 -40.75 -9.02
N ILE Q 113 44.12 -41.48 -9.14
CA ILE Q 113 44.38 -42.63 -8.26
C ILE Q 113 45.61 -42.41 -7.37
N GLY Q 114 45.50 -42.74 -6.11
CA GLY Q 114 46.60 -42.64 -5.17
C GLY Q 114 46.62 -43.86 -4.27
N TYR Q 115 47.82 -44.31 -3.91
CA TYR Q 115 48.02 -45.44 -3.02
C TYR Q 115 49.31 -45.30 -2.21
N LEU Q 116 49.35 -45.95 -1.05
CA LEU Q 116 50.51 -46.00 -0.19
C LEU Q 116 50.85 -47.49 -0.13
N PRO Q 117 51.85 -47.94 -0.91
CA PRO Q 117 52.18 -49.36 -0.92
C PRO Q 117 52.68 -49.93 0.39
N ASN Q 118 52.50 -51.26 0.57
CA ASN Q 118 53.08 -51.96 1.70
C ASN Q 118 54.42 -52.50 1.16
N LYS Q 119 54.45 -53.72 0.59
CA LYS Q 119 55.68 -54.25 0.01
C LYS Q 119 55.58 -54.47 -1.51
N GLN Q 120 54.39 -54.34 -2.09
CA GLN Q 120 54.15 -54.49 -3.53
C GLN Q 120 53.86 -53.13 -4.17
N VAL Q 121 54.54 -52.85 -5.28
CA VAL Q 121 54.38 -51.63 -6.03
C VAL Q 121 53.88 -52.00 -7.43
N LEU Q 122 52.99 -51.19 -7.99
CA LEU Q 122 52.45 -51.44 -9.31
C LEU Q 122 53.04 -50.52 -10.35
N GLY Q 123 53.13 -50.98 -11.59
CA GLY Q 123 53.66 -50.19 -12.68
C GLY Q 123 52.71 -49.04 -12.97
N LEU Q 124 53.25 -47.84 -13.10
CA LEU Q 124 52.45 -46.64 -13.32
C LEU Q 124 51.33 -46.71 -14.36
N SER Q 125 51.58 -47.32 -15.51
CA SER Q 125 50.56 -47.41 -16.56
C SER Q 125 49.49 -48.45 -16.33
N LYS Q 126 49.70 -49.33 -15.35
CA LYS Q 126 48.73 -50.37 -15.03
C LYS Q 126 47.53 -49.80 -14.31
N LEU Q 127 47.72 -48.67 -13.63
CA LEU Q 127 46.65 -47.97 -12.94
C LEU Q 127 45.70 -47.43 -13.97
N ALA Q 128 46.25 -46.92 -15.08
CA ALA Q 128 45.45 -46.40 -16.16
C ALA Q 128 44.78 -47.55 -16.89
N ARG Q 129 45.45 -48.69 -16.96
CA ARG Q 129 44.93 -49.88 -17.60
C ARG Q 129 43.78 -50.46 -16.77
N ILE Q 130 43.88 -50.31 -15.45
CA ILE Q 130 42.80 -50.71 -14.53
C ILE Q 130 41.56 -49.86 -14.84
N VAL Q 131 41.72 -48.52 -14.97
CA VAL Q 131 40.65 -47.58 -15.34
C VAL Q 131 39.99 -48.05 -16.65
N GLU Q 132 40.79 -48.39 -17.66
CA GLU Q 132 40.28 -48.83 -18.94
C GLU Q 132 39.46 -50.12 -18.90
N ILE Q 133 39.80 -51.11 -18.06
CA ILE Q 133 39.01 -52.36 -18.00
C ILE Q 133 37.60 -52.08 -17.56
N TYR Q 134 37.44 -51.22 -16.56
CA TYR Q 134 36.15 -50.94 -15.99
C TYR Q 134 35.39 -49.84 -16.68
N SER Q 135 36.04 -48.77 -17.14
CA SER Q 135 35.33 -47.69 -17.80
C SER Q 135 34.78 -48.07 -19.19
N ARG Q 136 35.46 -49.00 -19.90
CA ARG Q 136 35.01 -49.41 -21.23
C ARG Q 136 33.95 -50.50 -21.09
N ARG Q 137 32.79 -50.12 -20.54
CA ARG Q 137 31.67 -50.97 -20.22
C ARG Q 137 30.47 -50.06 -19.96
N LEU Q 138 29.26 -50.63 -19.93
CA LEU Q 138 28.06 -49.90 -19.55
C LEU Q 138 28.16 -49.82 -18.01
N GLN Q 139 28.18 -48.59 -17.46
CA GLN Q 139 28.49 -48.34 -16.05
C GLN Q 139 27.58 -47.34 -15.37
N VAL Q 140 27.72 -47.27 -14.03
CA VAL Q 140 27.26 -46.24 -13.13
C VAL Q 140 28.57 -45.76 -12.48
N GLN Q 141 28.80 -44.45 -12.39
CA GLN Q 141 30.02 -43.88 -11.87
C GLN Q 141 30.48 -44.48 -10.54
N GLU Q 142 29.55 -44.78 -9.64
CA GLU Q 142 29.86 -45.29 -8.31
C GLU Q 142 30.46 -46.68 -8.36
N ARG Q 143 29.94 -47.52 -9.28
CA ARG Q 143 30.46 -48.88 -9.44
C ARG Q 143 31.85 -48.78 -10.02
N LEU Q 144 32.05 -47.98 -11.07
CA LEU Q 144 33.36 -47.80 -11.70
C LEU Q 144 34.46 -47.36 -10.69
N THR Q 145 34.21 -46.34 -9.85
CA THR Q 145 35.13 -45.84 -8.82
C THR Q 145 35.48 -46.98 -7.81
N LYS Q 146 34.49 -47.79 -7.39
CA LYS Q 146 34.70 -48.88 -6.45
C LYS Q 146 35.49 -50.02 -7.08
N GLN Q 147 35.20 -50.31 -8.37
CA GLN Q 147 35.87 -51.38 -9.10
C GLN Q 147 37.33 -51.10 -9.23
N ILE Q 148 37.70 -49.87 -9.55
CA ILE Q 148 39.09 -49.47 -9.60
C ILE Q 148 39.77 -49.63 -8.22
N ALA Q 149 39.11 -49.15 -7.16
CA ALA Q 149 39.68 -49.19 -5.82
C ALA Q 149 39.90 -50.63 -5.34
N VAL Q 150 38.94 -51.52 -5.57
CA VAL Q 150 39.01 -52.93 -5.20
C VAL Q 150 40.11 -53.64 -6.00
N ALA Q 151 40.24 -53.34 -7.30
CA ALA Q 151 41.30 -53.92 -8.12
C ALA Q 151 42.71 -53.64 -7.54
N ILE Q 152 43.01 -52.39 -7.19
CA ILE Q 152 44.32 -52.02 -6.65
C ILE Q 152 44.52 -52.59 -5.26
N THR Q 153 43.50 -52.46 -4.40
CA THR Q 153 43.54 -52.97 -3.03
C THR Q 153 43.83 -54.47 -3.01
N GLU Q 154 43.17 -55.23 -3.87
CA GLU Q 154 43.36 -56.67 -3.93
C GLU Q 154 44.68 -57.09 -4.58
N ALA Q 155 45.18 -56.30 -5.55
CA ALA Q 155 46.42 -56.66 -6.23
C ALA Q 155 47.66 -56.36 -5.39
N LEU Q 156 47.65 -55.24 -4.71
CA LEU Q 156 48.80 -54.77 -3.97
C LEU Q 156 48.76 -54.94 -2.46
N ARG Q 157 47.55 -55.13 -1.86
CA ARG Q 157 47.32 -55.19 -0.39
C ARG Q 157 48.07 -54.04 0.29
N PRO Q 158 47.73 -52.79 -0.08
CA PRO Q 158 48.52 -51.64 0.39
C PRO Q 158 48.07 -51.07 1.73
N ALA Q 159 48.79 -50.08 2.26
CA ALA Q 159 48.38 -49.43 3.49
C ALA Q 159 47.05 -48.69 3.26
N GLY Q 160 46.87 -48.11 2.08
CA GLY Q 160 45.64 -47.44 1.73
C GLY Q 160 45.57 -47.06 0.26
N VAL Q 161 44.35 -46.78 -0.23
CA VAL Q 161 44.07 -46.38 -1.62
C VAL Q 161 43.05 -45.22 -1.64
N GLY Q 162 43.16 -44.34 -2.62
CA GLY Q 162 42.20 -43.28 -2.85
C GLY Q 162 41.90 -43.19 -4.35
N VAL Q 163 40.62 -43.22 -4.73
CA VAL Q 163 40.20 -43.09 -6.12
C VAL Q 163 39.14 -41.98 -6.23
N VAL Q 164 39.40 -40.98 -7.09
CA VAL Q 164 38.46 -39.88 -7.32
C VAL Q 164 38.11 -39.86 -8.82
N VAL Q 165 36.81 -39.86 -9.16
CA VAL Q 165 36.39 -39.79 -10.55
C VAL Q 165 35.58 -38.51 -10.70
N GLU Q 166 35.89 -37.67 -11.67
CA GLU Q 166 35.09 -36.48 -11.99
C GLU Q 166 34.61 -36.66 -13.41
N ALA Q 167 33.30 -36.61 -13.63
CA ALA Q 167 32.76 -36.83 -14.95
C ALA Q 167 31.55 -35.97 -15.24
N THR Q 168 31.39 -35.65 -16.52
CA THR Q 168 30.25 -34.94 -17.09
C THR Q 168 29.40 -36.03 -17.72
N HIS Q 169 28.16 -36.17 -17.25
CA HIS Q 169 27.24 -37.15 -17.80
C HIS Q 169 26.44 -36.47 -18.87
N MET Q 170 26.55 -36.92 -20.13
CA MET Q 170 25.75 -36.34 -21.22
C MET Q 170 24.23 -36.50 -21.04
N CYS Q 171 23.80 -37.47 -20.25
CA CYS Q 171 22.39 -37.69 -19.91
C CYS Q 171 21.84 -36.61 -18.90
N MET Q 172 22.71 -35.76 -18.33
CA MET Q 172 22.30 -34.66 -17.45
C MET Q 172 22.56 -33.29 -18.09
N VAL Q 173 23.38 -33.26 -19.15
CA VAL Q 173 23.77 -32.05 -19.85
C VAL Q 173 23.02 -31.91 -21.21
N MET Q 174 22.93 -32.98 -22.01
CA MET Q 174 22.29 -32.96 -23.34
C MET Q 174 20.78 -33.16 -23.35
N ARG Q 175 20.18 -33.48 -22.19
CA ARG Q 175 18.75 -33.82 -22.09
C ARG Q 175 18.36 -33.88 -20.62
N GLY Q 176 17.11 -34.20 -20.34
CA GLY Q 176 16.63 -34.34 -18.98
C GLY Q 176 16.68 -33.02 -18.25
N VAL Q 177 17.44 -32.97 -17.13
CA VAL Q 177 17.60 -31.76 -16.31
C VAL Q 177 18.37 -30.62 -17.03
N GLN Q 178 19.23 -30.98 -18.01
CA GLN Q 178 20.04 -30.08 -18.82
C GLN Q 178 20.76 -29.06 -17.97
N LYS Q 179 21.43 -29.55 -16.91
CA LYS Q 179 22.23 -28.66 -16.06
C LYS Q 179 23.61 -28.67 -16.70
N MET Q 180 23.84 -27.71 -17.61
CA MET Q 180 24.99 -27.65 -18.51
C MET Q 180 26.36 -27.66 -17.88
N ASN Q 181 26.52 -26.98 -16.77
CA ASN Q 181 27.83 -26.89 -16.13
C ASN Q 181 28.11 -27.96 -15.09
N SER Q 182 27.16 -28.85 -14.80
CA SER Q 182 27.34 -29.79 -13.69
C SER Q 182 28.28 -30.99 -13.97
N LYS Q 183 28.93 -31.47 -12.90
CA LYS Q 183 29.83 -32.61 -12.93
C LYS Q 183 29.56 -33.48 -11.70
N THR Q 184 29.85 -34.77 -11.82
CA THR Q 184 29.71 -35.76 -10.76
C THR Q 184 31.09 -36.19 -10.30
N VAL Q 185 31.34 -36.06 -9.01
CA VAL Q 185 32.61 -36.46 -8.43
C VAL Q 185 32.28 -37.61 -7.49
N THR Q 186 32.99 -38.74 -7.62
CA THR Q 186 32.80 -39.86 -6.72
C THR Q 186 34.11 -40.16 -6.08
N SER Q 187 34.12 -40.43 -4.79
CA SER Q 187 35.38 -40.63 -4.06
C SER Q 187 35.41 -41.84 -3.11
N THR Q 188 36.35 -42.78 -3.36
CA THR Q 188 36.54 -43.97 -2.50
C THR Q 188 37.87 -43.79 -1.78
N MET Q 189 37.88 -43.89 -0.44
CA MET Q 189 39.07 -43.71 0.36
C MET Q 189 39.19 -44.93 1.25
N LEU Q 190 40.24 -45.77 1.07
CA LEU Q 190 40.42 -47.00 1.84
C LEU Q 190 41.70 -47.01 2.66
N GLY Q 191 41.74 -47.85 3.69
CA GLY Q 191 42.91 -48.01 4.54
C GLY Q 191 43.31 -46.72 5.22
N VAL Q 192 44.60 -46.36 5.17
CA VAL Q 192 45.07 -45.10 5.78
C VAL Q 192 44.54 -43.87 5.06
N PHE Q 193 44.07 -44.02 3.77
CA PHE Q 193 43.49 -42.86 3.09
C PHE Q 193 42.16 -42.46 3.74
N ARG Q 194 41.50 -43.39 4.44
CA ARG Q 194 40.30 -43.07 5.18
C ARG Q 194 40.60 -42.72 6.60
N GLU Q 195 41.50 -43.46 7.26
CA GLU Q 195 41.80 -43.26 8.67
C GLU Q 195 42.58 -42.01 9.01
N ASP Q 196 43.73 -41.76 8.33
CA ASP Q 196 44.60 -40.64 8.64
C ASP Q 196 44.15 -39.34 7.98
N PRO Q 197 43.95 -38.30 8.80
CA PRO Q 197 43.56 -36.99 8.23
C PRO Q 197 44.69 -36.38 7.40
N LYS Q 198 45.96 -36.61 7.82
CA LYS Q 198 47.13 -36.10 7.11
C LYS Q 198 47.24 -36.77 5.74
N THR Q 199 46.97 -38.09 5.65
CA THR Q 199 47.03 -38.84 4.40
C THR Q 199 45.97 -38.38 3.38
N ARG Q 200 44.70 -38.31 3.79
CA ARG Q 200 43.64 -37.86 2.91
C ARG Q 200 43.82 -36.43 2.48
N GLU Q 201 44.24 -35.52 3.36
CA GLU Q 201 44.43 -34.11 2.98
C GLU Q 201 45.56 -33.97 1.96
N GLU Q 202 46.61 -34.78 2.10
CA GLU Q 202 47.75 -34.74 1.20
C GLU Q 202 47.39 -35.19 -0.22
N PHE Q 203 46.62 -36.28 -0.32
CA PHE Q 203 46.18 -36.84 -1.58
C PHE Q 203 45.27 -35.86 -2.30
N LEU Q 204 44.28 -35.30 -1.60
CA LEU Q 204 43.35 -34.34 -2.17
C LEU Q 204 44.04 -33.08 -2.67
N THR Q 205 45.14 -32.64 -2.02
CA THR Q 205 45.95 -31.49 -2.47
C THR Q 205 46.78 -31.88 -3.70
N LEU Q 206 47.57 -32.97 -3.63
CA LEU Q 206 48.45 -33.39 -4.72
C LEU Q 206 47.72 -33.73 -6.04
N ILE Q 207 46.43 -34.13 -5.99
CA ILE Q 207 45.64 -34.42 -7.20
C ILE Q 207 45.04 -33.16 -7.85
N ARG Q 208 45.13 -32.00 -7.19
CA ARG Q 208 44.62 -30.76 -7.72
C ARG Q 208 45.45 -30.35 -8.93
N PRO R 17 -0.67 -29.24 -3.98
CA PRO R 17 0.21 -28.70 -5.03
C PRO R 17 -0.53 -27.97 -6.14
N ARG R 18 0.12 -26.94 -6.71
CA ARG R 18 -0.48 -26.14 -7.78
C ARG R 18 -0.67 -27.01 -9.04
N SER R 19 -1.83 -26.89 -9.70
CA SER R 19 -2.12 -27.70 -10.88
C SER R 19 -2.08 -26.90 -12.18
N GLU R 20 -2.09 -27.61 -13.33
CA GLU R 20 -2.13 -26.93 -14.63
C GLU R 20 -3.47 -26.23 -14.85
N GLU R 21 -4.55 -26.71 -14.22
CA GLU R 21 -5.87 -26.09 -14.29
C GLU R 21 -5.84 -24.76 -13.52
N ASP R 22 -5.15 -24.73 -12.37
CA ASP R 22 -4.97 -23.51 -11.56
C ASP R 22 -4.20 -22.48 -12.38
N ASN R 23 -3.16 -22.91 -13.12
CA ASN R 23 -2.36 -22.03 -13.98
C ASN R 23 -3.18 -21.40 -15.10
N GLU R 24 -4.06 -22.18 -15.76
CA GLU R 24 -4.88 -21.63 -16.82
C GLU R 24 -5.93 -20.64 -16.28
N LEU R 25 -6.45 -20.92 -15.10
CA LEU R 25 -7.42 -20.09 -14.39
C LEU R 25 -6.81 -18.74 -13.93
N ASN R 26 -5.57 -18.77 -13.39
CA ASN R 26 -4.93 -17.57 -12.88
C ASN R 26 -4.09 -16.81 -13.86
N LEU R 27 -3.83 -17.36 -15.05
CA LEU R 27 -3.04 -16.64 -16.06
C LEU R 27 -3.64 -15.28 -16.44
N PRO R 28 -4.96 -15.16 -16.71
CA PRO R 28 -5.51 -13.84 -17.04
C PRO R 28 -5.39 -12.82 -15.92
N ASN R 29 -5.46 -13.29 -14.66
CA ASN R 29 -5.32 -12.42 -13.49
C ASN R 29 -3.91 -11.91 -13.34
N LEU R 30 -2.92 -12.76 -13.66
CA LEU R 30 -1.52 -12.40 -13.61
C LEU R 30 -1.26 -11.39 -14.74
N ALA R 31 -1.76 -11.66 -15.95
CA ALA R 31 -1.57 -10.76 -17.09
C ALA R 31 -2.18 -9.37 -16.81
N ALA R 32 -3.35 -9.31 -16.14
CA ALA R 32 -3.99 -8.05 -15.78
C ALA R 32 -3.14 -7.25 -14.80
N ALA R 33 -2.51 -7.94 -13.84
CA ALA R 33 -1.65 -7.26 -12.87
C ALA R 33 -0.38 -6.71 -13.56
N TYR R 34 0.19 -7.46 -14.50
CA TYR R 34 1.35 -6.99 -15.25
C TYR R 34 0.99 -5.82 -16.18
N SER R 35 -0.23 -5.82 -16.75
CA SER R 35 -0.68 -4.71 -17.57
C SER R 35 -0.84 -3.43 -16.73
N SER R 36 -1.33 -3.59 -15.50
CA SER R 36 -1.48 -2.51 -14.55
C SER R 36 -0.14 -1.92 -14.20
N ILE R 37 0.90 -2.79 -14.02
CA ILE R 37 2.26 -2.40 -13.71
C ILE R 37 2.84 -1.56 -14.84
N LEU R 38 2.66 -1.97 -16.12
CA LEU R 38 3.15 -1.21 -17.28
C LEU R 38 2.60 0.23 -17.32
N SER R 39 1.33 0.36 -17.03
CA SER R 39 0.66 1.67 -16.98
C SER R 39 1.15 2.49 -15.77
N SER R 40 1.30 1.85 -14.60
CA SER R 40 1.76 2.52 -13.39
C SER R 40 3.23 2.96 -13.46
N LEU R 41 4.04 2.33 -14.32
CA LEU R 41 5.44 2.76 -14.49
C LEU R 41 5.59 3.98 -15.42
N GLY R 42 4.52 4.37 -16.09
CA GLY R 42 4.55 5.47 -17.04
C GLY R 42 4.78 5.00 -18.47
N GLU R 43 4.74 3.69 -18.70
CA GLU R 43 4.94 3.14 -20.03
C GLU R 43 3.64 3.09 -20.80
N ASN R 44 3.77 3.13 -22.13
CA ASN R 44 2.66 3.03 -23.05
C ASN R 44 2.40 1.52 -23.30
N PRO R 45 1.45 0.90 -22.56
CA PRO R 45 1.19 -0.54 -22.77
C PRO R 45 0.73 -0.89 -24.18
N GLN R 46 0.28 0.11 -24.95
CA GLN R 46 -0.16 -0.10 -26.32
C GLN R 46 0.96 0.01 -27.35
N ARG R 47 2.21 0.27 -26.92
CA ARG R 47 3.31 0.33 -27.88
C ARG R 47 3.72 -1.07 -28.29
N GLN R 48 4.15 -1.26 -29.53
CA GLN R 48 4.48 -2.58 -30.07
C GLN R 48 5.31 -3.49 -29.12
N GLY R 49 6.34 -2.95 -28.50
CA GLY R 49 7.19 -3.72 -27.59
C GLY R 49 6.53 -4.30 -26.36
N LEU R 50 5.43 -3.70 -25.91
CA LEU R 50 4.76 -4.13 -24.70
C LEU R 50 3.40 -4.84 -24.89
N LEU R 51 2.82 -4.83 -26.11
CA LEU R 51 1.50 -5.45 -26.34
C LEU R 51 1.35 -6.87 -25.77
N LYS R 52 2.34 -7.73 -25.96
CA LYS R 52 2.26 -9.09 -25.46
C LYS R 52 2.96 -9.33 -24.14
N THR R 53 3.48 -8.28 -23.54
CA THR R 53 4.22 -8.37 -22.29
C THR R 53 3.35 -8.86 -21.10
N PRO R 54 2.07 -8.42 -20.89
CA PRO R 54 1.33 -8.94 -19.73
C PRO R 54 1.29 -10.47 -19.65
N TRP R 55 1.00 -11.15 -20.79
CA TRP R 55 0.97 -12.62 -20.91
C TRP R 55 2.36 -13.27 -20.80
N ARG R 56 3.35 -12.73 -21.49
CA ARG R 56 4.72 -13.25 -21.43
C ARG R 56 5.27 -13.17 -20.01
N ALA R 57 5.06 -12.05 -19.35
CA ALA R 57 5.53 -11.84 -17.99
C ALA R 57 4.84 -12.80 -17.04
N ALA R 58 3.53 -12.99 -17.21
CA ALA R 58 2.71 -13.88 -16.40
C ALA R 58 3.13 -15.33 -16.58
N SER R 59 3.44 -15.75 -17.82
CA SER R 59 3.87 -17.13 -18.11
C SER R 59 5.24 -17.39 -17.53
N ALA R 60 6.14 -16.40 -17.58
CA ALA R 60 7.47 -16.57 -17.07
C ALA R 60 7.44 -16.72 -15.56
N MET R 61 6.57 -15.94 -14.86
CA MET R 61 6.42 -16.03 -13.41
C MET R 61 5.81 -17.37 -12.97
N GLN R 62 4.92 -17.93 -13.78
CA GLN R 62 4.35 -19.25 -13.52
C GLN R 62 5.45 -20.32 -13.74
N PHE R 63 6.37 -20.11 -14.68
CA PHE R 63 7.47 -21.03 -14.92
C PHE R 63 8.44 -20.97 -13.72
N PHE R 64 8.72 -19.76 -13.21
CA PHE R 64 9.61 -19.54 -12.08
C PHE R 64 9.05 -20.09 -10.77
N THR R 65 7.72 -20.32 -10.67
CA THR R 65 7.12 -20.85 -9.45
C THR R 65 6.53 -22.26 -9.63
N LYS R 66 6.99 -23.00 -10.66
CA LYS R 66 6.49 -24.35 -10.98
C LYS R 66 6.83 -25.41 -9.92
N GLY R 67 7.76 -25.12 -9.04
CA GLY R 67 8.13 -26.04 -7.97
C GLY R 67 7.02 -26.28 -6.97
N TYR R 68 6.05 -25.33 -6.87
CA TYR R 68 4.86 -25.52 -6.03
C TYR R 68 3.99 -26.65 -6.59
N GLN R 69 4.03 -26.88 -7.94
CA GLN R 69 3.33 -27.96 -8.66
C GLN R 69 3.99 -29.35 -8.50
N GLU R 70 5.14 -29.44 -7.79
CA GLU R 70 5.89 -30.67 -7.68
C GLU R 70 5.91 -31.29 -6.28
N THR R 71 6.11 -32.61 -6.21
CA THR R 71 6.14 -33.45 -5.01
C THR R 71 7.45 -34.27 -4.98
N ILE R 72 8.12 -34.40 -3.82
CA ILE R 72 9.37 -35.18 -3.71
C ILE R 72 9.19 -36.63 -4.22
N SER R 73 8.09 -37.27 -3.84
CA SER R 73 7.74 -38.64 -4.27
C SER R 73 7.66 -38.72 -5.81
N ASP R 74 6.99 -37.74 -6.43
CA ASP R 74 6.83 -37.68 -7.87
C ASP R 74 8.19 -37.48 -8.55
N VAL R 75 8.95 -36.48 -8.08
CA VAL R 75 10.23 -36.11 -8.66
C VAL R 75 11.29 -37.23 -8.55
N LEU R 76 11.28 -38.00 -7.47
CA LEU R 76 12.25 -39.09 -7.30
C LEU R 76 12.12 -40.21 -8.37
N ASN R 77 10.89 -40.48 -8.87
CA ASN R 77 10.59 -41.47 -9.91
C ASN R 77 11.27 -42.83 -9.67
N ASP R 78 11.11 -43.37 -8.45
CA ASP R 78 11.68 -44.64 -8.00
C ASP R 78 13.18 -44.77 -8.34
N ALA R 79 13.93 -43.64 -8.39
CA ALA R 79 15.35 -43.72 -8.74
C ALA R 79 16.27 -43.86 -7.54
N ILE R 80 15.99 -44.87 -6.71
CA ILE R 80 16.80 -45.23 -5.55
C ILE R 80 17.30 -46.63 -5.87
N PHE R 81 18.63 -46.81 -5.98
CA PHE R 81 19.17 -48.09 -6.43
C PHE R 81 19.50 -49.12 -5.34
N ASP R 82 19.21 -48.83 -4.04
CA ASP R 82 19.43 -49.78 -2.92
C ASP R 82 20.67 -50.67 -3.03
N GLU R 83 21.87 -50.11 -2.76
CA GLU R 83 23.13 -50.86 -2.83
C GLU R 83 24.22 -50.29 -1.94
N ASP R 84 25.23 -51.11 -1.60
CA ASP R 84 26.32 -50.63 -0.75
C ASP R 84 27.51 -50.11 -1.54
N HIS R 85 27.56 -48.78 -1.67
CA HIS R 85 28.69 -48.10 -2.30
C HIS R 85 29.28 -47.21 -1.22
N ASP R 86 30.28 -47.69 -0.49
CA ASP R 86 30.91 -46.93 0.59
C ASP R 86 31.85 -45.84 0.02
N GLU R 87 31.27 -44.76 -0.52
CA GLU R 87 32.00 -43.70 -1.20
C GLU R 87 31.22 -42.41 -1.24
N MET R 88 31.92 -41.27 -1.32
CA MET R 88 31.26 -39.98 -1.35
C MET R 88 30.72 -39.68 -2.76
N VAL R 89 29.48 -39.19 -2.85
CA VAL R 89 28.88 -38.90 -4.13
C VAL R 89 28.60 -37.41 -4.20
N ILE R 90 29.16 -36.74 -5.19
CA ILE R 90 28.98 -35.31 -5.36
C ILE R 90 28.39 -34.91 -6.72
N VAL R 91 27.37 -34.06 -6.71
CA VAL R 91 26.90 -33.41 -7.91
C VAL R 91 27.14 -31.90 -7.69
N LYS R 92 28.14 -31.36 -8.39
CA LYS R 92 28.52 -29.96 -8.22
C LYS R 92 28.20 -29.13 -9.44
N ASP R 93 28.17 -27.79 -9.28
CA ASP R 93 27.92 -26.84 -10.34
C ASP R 93 26.59 -27.02 -11.00
N ILE R 94 25.58 -27.31 -10.19
CA ILE R 94 24.21 -27.41 -10.65
C ILE R 94 23.68 -25.97 -10.70
N ASP R 95 23.31 -25.53 -11.90
CA ASP R 95 22.71 -24.23 -12.10
C ASP R 95 21.39 -24.14 -11.33
N MET R 96 21.23 -23.02 -10.67
CA MET R 96 20.12 -22.80 -9.78
C MET R 96 19.61 -21.43 -10.12
N PHE R 97 18.32 -21.30 -10.35
CA PHE R 97 17.71 -20.01 -10.64
C PHE R 97 16.50 -19.89 -9.77
N SER R 98 16.51 -18.95 -8.81
CA SER R 98 15.36 -18.80 -7.95
C SER R 98 14.87 -17.34 -7.95
N MET R 99 13.79 -17.08 -7.22
CA MET R 99 13.17 -15.78 -7.10
C MET R 99 13.18 -15.37 -5.65
N CYS R 100 13.73 -14.21 -5.35
CA CYS R 100 13.76 -13.66 -4.02
C CYS R 100 12.31 -13.31 -3.57
N GLU R 101 11.87 -13.85 -2.42
CA GLU R 101 10.52 -13.56 -1.96
C GLU R 101 10.36 -12.15 -1.39
N HIS R 102 11.46 -11.41 -1.18
CA HIS R 102 11.38 -10.09 -0.56
C HIS R 102 11.12 -8.96 -1.58
N HIS R 103 11.73 -9.05 -2.77
CA HIS R 103 11.61 -8.03 -3.81
C HIS R 103 11.12 -8.60 -5.16
N LEU R 104 10.92 -9.93 -5.26
CA LEU R 104 10.45 -10.59 -6.48
C LEU R 104 11.39 -10.36 -7.65
N VAL R 105 12.71 -10.33 -7.37
CA VAL R 105 13.80 -10.27 -8.37
C VAL R 105 14.63 -11.57 -8.21
N PRO R 106 15.27 -12.07 -9.27
CA PRO R 106 16.00 -13.34 -9.14
C PRO R 106 17.27 -13.36 -8.29
N PHE R 107 17.56 -14.53 -7.76
CA PHE R 107 18.84 -14.84 -7.14
C PHE R 107 19.29 -16.10 -7.86
N VAL R 108 20.44 -16.00 -8.56
CA VAL R 108 20.97 -17.05 -9.44
C VAL R 108 22.39 -17.51 -9.06
N GLY R 109 22.68 -18.79 -9.22
CA GLY R 109 24.00 -19.32 -8.89
C GLY R 109 24.15 -20.81 -9.12
N LYS R 110 24.89 -21.47 -8.24
CA LYS R 110 25.14 -22.92 -8.33
C LYS R 110 24.82 -23.61 -6.99
N VAL R 111 24.60 -24.93 -7.03
CA VAL R 111 24.37 -25.80 -5.88
C VAL R 111 25.31 -26.98 -5.95
N HIS R 112 25.94 -27.30 -4.83
CA HIS R 112 26.89 -28.40 -4.76
C HIS R 112 26.36 -29.33 -3.68
N ILE R 113 26.14 -30.59 -4.05
CA ILE R 113 25.56 -31.58 -3.17
C ILE R 113 26.47 -32.76 -3.00
N GLY R 114 26.75 -33.12 -1.76
CA GLY R 114 27.49 -34.33 -1.48
C GLY R 114 26.73 -35.17 -0.49
N TYR R 115 26.89 -36.50 -0.55
CA TYR R 115 26.32 -37.39 0.44
C TYR R 115 27.12 -38.67 0.55
N LEU R 116 27.05 -39.32 1.70
CA LEU R 116 27.68 -40.61 1.91
C LEU R 116 26.58 -41.65 2.07
N PRO R 117 26.31 -42.43 1.00
CA PRO R 117 25.21 -43.40 1.08
C PRO R 117 25.34 -44.44 2.19
N ASN R 118 24.19 -45.01 2.56
CA ASN R 118 24.06 -46.05 3.55
C ASN R 118 23.69 -47.30 2.76
N LYS R 119 22.41 -47.72 2.76
CA LYS R 119 22.02 -48.90 2.00
C LYS R 119 21.38 -48.56 0.66
N GLN R 120 21.42 -47.28 0.21
CA GLN R 120 20.81 -46.88 -1.07
C GLN R 120 21.31 -45.53 -1.65
N VAL R 121 21.53 -45.51 -2.98
CA VAL R 121 21.96 -44.34 -3.71
C VAL R 121 20.80 -43.76 -4.54
N LEU R 122 20.88 -42.48 -4.87
CA LEU R 122 19.87 -41.81 -5.68
C LEU R 122 20.39 -41.67 -7.11
N GLY R 123 19.50 -41.60 -8.09
CA GLY R 123 19.87 -41.33 -9.48
C GLY R 123 20.47 -39.93 -9.54
N LEU R 124 21.66 -39.76 -10.16
CA LEU R 124 22.36 -38.47 -10.17
C LEU R 124 21.50 -37.23 -10.49
N SER R 125 20.69 -37.31 -11.56
CA SER R 125 19.86 -36.19 -11.95
C SER R 125 18.78 -35.90 -10.94
N LYS R 126 18.37 -36.87 -10.12
CA LYS R 126 17.33 -36.61 -9.12
C LYS R 126 17.80 -35.61 -8.08
N LEU R 127 19.12 -35.43 -7.91
CA LEU R 127 19.69 -34.44 -7.02
C LEU R 127 19.47 -33.03 -7.62
N ALA R 128 19.64 -32.88 -8.93
CA ALA R 128 19.38 -31.64 -9.65
C ALA R 128 17.87 -31.35 -9.74
N ARG R 129 17.05 -32.41 -9.81
CA ARG R 129 15.59 -32.29 -9.82
C ARG R 129 15.07 -31.85 -8.44
N ILE R 130 15.75 -32.28 -7.36
CA ILE R 130 15.43 -31.85 -5.99
C ILE R 130 15.69 -30.32 -5.86
N VAL R 131 16.70 -29.82 -6.52
CA VAL R 131 17.01 -28.40 -6.52
C VAL R 131 15.89 -27.62 -7.20
N GLU R 132 15.37 -28.13 -8.32
CA GLU R 132 14.30 -27.52 -9.10
C GLU R 132 12.97 -27.38 -8.38
N ILE R 133 12.57 -28.38 -7.57
CA ILE R 133 11.32 -28.29 -6.78
C ILE R 133 11.36 -27.11 -5.86
N TYR R 134 12.52 -26.84 -5.22
CA TYR R 134 12.61 -25.78 -4.25
C TYR R 134 13.11 -24.46 -4.80
N SER R 135 13.99 -24.46 -5.81
CA SER R 135 14.50 -23.21 -6.37
C SER R 135 13.42 -22.48 -7.17
N ARG R 136 12.58 -23.23 -7.90
CA ARG R 136 11.45 -22.70 -8.65
C ARG R 136 10.27 -22.37 -7.73
N ARG R 137 10.48 -21.48 -6.77
CA ARG R 137 9.46 -20.99 -5.83
C ARG R 137 9.94 -19.59 -5.36
N LEU R 138 9.13 -18.84 -4.63
CA LEU R 138 9.59 -17.57 -4.04
C LEU R 138 10.33 -18.03 -2.79
N GLN R 139 11.66 -17.78 -2.74
CA GLN R 139 12.53 -18.29 -1.69
C GLN R 139 13.36 -17.26 -0.94
N VAL R 140 14.00 -17.76 0.13
CA VAL R 140 15.12 -17.26 0.91
C VAL R 140 16.17 -18.39 0.80
N GLN R 141 17.43 -18.00 0.56
CA GLN R 141 18.53 -18.91 0.29
C GLN R 141 18.74 -19.97 1.37
N GLU R 142 18.60 -19.56 2.63
CA GLU R 142 18.75 -20.45 3.76
C GLU R 142 17.67 -21.54 3.78
N ARG R 143 16.44 -21.18 3.41
CA ARG R 143 15.34 -22.15 3.38
C ARG R 143 15.57 -23.12 2.24
N LEU R 144 15.94 -22.61 1.05
CA LEU R 144 16.27 -23.41 -0.13
C LEU R 144 17.34 -24.47 0.22
N THR R 145 18.47 -24.06 0.81
CA THR R 145 19.59 -24.94 1.18
C THR R 145 19.15 -26.05 2.12
N LYS R 146 18.33 -25.70 3.10
CA LYS R 146 17.81 -26.63 4.10
C LYS R 146 16.84 -27.62 3.47
N GLN R 147 16.02 -27.16 2.51
CA GLN R 147 15.03 -28.03 1.88
C GLN R 147 15.68 -29.11 1.02
N ILE R 148 16.75 -28.75 0.29
CA ILE R 148 17.48 -29.71 -0.50
C ILE R 148 18.07 -30.83 0.40
N ALA R 149 18.77 -30.40 1.48
CA ALA R 149 19.40 -31.27 2.45
C ALA R 149 18.41 -32.18 3.16
N VAL R 150 17.24 -31.66 3.61
CA VAL R 150 16.21 -32.48 4.26
C VAL R 150 15.60 -33.53 3.28
N ALA R 151 15.40 -33.15 1.99
CA ALA R 151 14.83 -34.08 1.02
C ALA R 151 15.79 -35.23 0.77
N ILE R 152 17.10 -34.95 0.67
CA ILE R 152 18.07 -36.01 0.43
C ILE R 152 18.14 -36.91 1.65
N THR R 153 18.26 -36.30 2.84
CA THR R 153 18.31 -36.93 4.15
C THR R 153 17.16 -37.86 4.33
N GLU R 154 15.92 -37.42 4.11
CA GLU R 154 14.71 -38.24 4.28
C GLU R 154 14.51 -39.30 3.22
N ALA R 155 14.94 -39.04 1.98
CA ALA R 155 14.81 -40.03 0.90
C ALA R 155 15.81 -41.18 1.03
N LEU R 156 17.05 -40.91 1.47
CA LEU R 156 18.09 -41.93 1.51
C LEU R 156 18.49 -42.44 2.88
N ARG R 157 18.30 -41.61 3.92
CA ARG R 157 18.75 -41.84 5.31
C ARG R 157 20.24 -42.19 5.28
N PRO R 158 21.06 -41.28 4.74
CA PRO R 158 22.47 -41.60 4.56
C PRO R 158 23.31 -41.29 5.80
N ALA R 159 24.61 -41.60 5.74
CA ALA R 159 25.55 -41.33 6.81
C ALA R 159 25.78 -39.84 6.99
N GLY R 160 25.75 -39.09 5.87
CA GLY R 160 25.92 -37.65 5.88
C GLY R 160 25.48 -37.01 4.59
N VAL R 161 25.33 -35.67 4.63
CA VAL R 161 24.91 -34.82 3.50
C VAL R 161 25.56 -33.44 3.65
N GLY R 162 25.97 -32.85 2.53
CA GLY R 162 26.50 -31.51 2.46
C GLY R 162 25.80 -30.79 1.32
N VAL R 163 25.30 -29.59 1.56
CA VAL R 163 24.63 -28.78 0.54
C VAL R 163 25.21 -27.38 0.61
N VAL R 164 25.80 -26.93 -0.50
CA VAL R 164 26.40 -25.62 -0.58
C VAL R 164 25.71 -24.87 -1.73
N VAL R 165 25.14 -23.70 -1.44
CA VAL R 165 24.50 -22.86 -2.45
C VAL R 165 25.28 -21.52 -2.54
N GLU R 166 25.68 -21.09 -3.76
CA GLU R 166 26.36 -19.79 -3.97
C GLU R 166 25.54 -19.01 -4.99
N ALA R 167 25.12 -17.80 -4.64
CA ALA R 167 24.23 -17.05 -5.52
C ALA R 167 24.47 -15.58 -5.47
N THR R 168 24.11 -14.90 -6.57
CA THR R 168 24.11 -13.45 -6.69
C THR R 168 22.63 -13.05 -6.54
N HIS R 169 22.35 -12.09 -5.67
CA HIS R 169 21.00 -11.60 -5.47
C HIS R 169 20.86 -10.30 -6.23
N MET R 170 19.96 -10.22 -7.21
CA MET R 170 19.72 -8.99 -7.96
C MET R 170 19.28 -7.82 -7.05
N CYS R 171 18.60 -8.11 -5.93
CA CYS R 171 18.19 -7.11 -4.95
C CYS R 171 19.41 -6.50 -4.17
N MET R 172 20.57 -7.13 -4.27
CA MET R 172 21.78 -6.64 -3.62
C MET R 172 22.77 -6.00 -4.57
N VAL R 173 22.64 -6.25 -5.87
CA VAL R 173 23.53 -5.79 -6.92
C VAL R 173 22.88 -4.69 -7.82
N MET R 174 21.61 -4.91 -8.24
CA MET R 174 20.82 -3.97 -9.08
C MET R 174 20.22 -2.81 -8.32
N ARG R 175 20.10 -2.93 -7.01
CA ARG R 175 19.43 -1.94 -6.16
C ARG R 175 19.95 -2.06 -4.71
N GLY R 176 19.37 -1.29 -3.79
CA GLY R 176 19.73 -1.31 -2.38
C GLY R 176 21.19 -1.03 -2.11
N VAL R 177 21.89 -1.99 -1.47
CA VAL R 177 23.30 -1.81 -1.18
C VAL R 177 24.13 -1.64 -2.44
N GLN R 178 23.68 -2.21 -3.58
CA GLN R 178 24.41 -2.12 -4.85
C GLN R 178 25.89 -2.54 -4.71
N LYS R 179 26.10 -3.69 -4.08
CA LYS R 179 27.42 -4.23 -3.89
C LYS R 179 27.57 -5.24 -5.02
N MET R 180 27.90 -4.72 -6.21
CA MET R 180 28.00 -5.38 -7.50
C MET R 180 28.74 -6.72 -7.51
N ASN R 181 29.73 -6.88 -6.65
CA ASN R 181 30.53 -8.09 -6.64
C ASN R 181 30.14 -9.13 -5.56
N SER R 182 29.30 -8.75 -4.60
CA SER R 182 28.95 -9.66 -3.51
C SER R 182 28.18 -10.88 -3.95
N LYS R 183 28.44 -11.99 -3.25
CA LYS R 183 27.74 -13.26 -3.44
C LYS R 183 27.44 -13.84 -2.06
N THR R 184 26.28 -14.54 -1.93
CA THR R 184 25.90 -15.20 -0.68
C THR R 184 26.18 -16.69 -0.78
N VAL R 185 26.78 -17.27 0.25
CA VAL R 185 27.04 -18.71 0.28
C VAL R 185 26.39 -19.27 1.53
N THR R 186 25.54 -20.29 1.39
CA THR R 186 24.89 -21.00 2.49
C THR R 186 25.40 -22.46 2.49
N SER R 187 25.59 -23.04 3.68
CA SER R 187 26.15 -24.38 3.76
C SER R 187 25.48 -25.22 4.82
N THR R 188 24.86 -26.34 4.44
CA THR R 188 24.26 -27.26 5.39
C THR R 188 25.12 -28.50 5.43
N MET R 189 25.63 -28.88 6.61
CA MET R 189 26.45 -30.06 6.81
C MET R 189 25.72 -30.92 7.81
N LEU R 190 25.37 -32.16 7.43
CA LEU R 190 24.61 -33.04 8.30
C LEU R 190 25.34 -34.39 8.51
N GLY R 191 25.05 -35.05 9.62
CA GLY R 191 25.64 -36.35 9.91
C GLY R 191 27.15 -36.33 9.95
N VAL R 192 27.80 -37.25 9.17
CA VAL R 192 29.28 -37.33 9.08
C VAL R 192 29.87 -36.07 8.51
N PHE R 193 29.15 -35.37 7.61
CA PHE R 193 29.67 -34.12 7.04
C PHE R 193 29.86 -33.08 8.11
N ARG R 194 29.04 -33.12 9.18
CA ARG R 194 29.23 -32.20 10.28
C ARG R 194 30.25 -32.69 11.33
N GLU R 195 30.20 -33.97 11.71
CA GLU R 195 31.05 -34.54 12.75
C GLU R 195 32.48 -34.84 12.35
N ASP R 196 32.74 -35.28 11.11
CA ASP R 196 34.08 -35.69 10.68
C ASP R 196 34.83 -34.58 9.97
N PRO R 197 36.01 -34.17 10.48
CA PRO R 197 36.76 -33.11 9.81
C PRO R 197 37.31 -33.56 8.46
N LYS R 198 37.66 -34.85 8.35
CA LYS R 198 38.18 -35.43 7.14
C LYS R 198 37.13 -35.40 6.04
N THR R 199 35.87 -35.72 6.39
CA THR R 199 34.74 -35.78 5.47
C THR R 199 34.41 -34.43 4.91
N ARG R 200 34.26 -33.42 5.80
CA ARG R 200 33.97 -32.05 5.42
C ARG R 200 35.05 -31.39 4.55
N GLU R 201 36.32 -31.62 4.89
CA GLU R 201 37.43 -31.08 4.11
C GLU R 201 37.40 -31.67 2.70
N GLU R 202 37.18 -32.99 2.60
CA GLU R 202 37.08 -33.68 1.31
C GLU R 202 35.91 -33.15 0.49
N PHE R 203 34.73 -32.99 1.10
CA PHE R 203 33.58 -32.42 0.41
C PHE R 203 33.88 -31.02 -0.12
N LEU R 204 34.40 -30.12 0.74
CA LEU R 204 34.73 -28.75 0.37
C LEU R 204 35.86 -28.65 -0.67
N THR R 205 36.74 -29.64 -0.75
CA THR R 205 37.83 -29.63 -1.73
C THR R 205 37.29 -30.10 -3.08
N LEU R 206 36.53 -31.20 -3.09
CA LEU R 206 36.05 -31.79 -4.32
C LEU R 206 34.99 -30.94 -5.04
N ILE R 207 34.34 -29.97 -4.34
CA ILE R 207 33.36 -29.09 -4.99
C ILE R 207 34.02 -27.86 -5.67
N ARG R 208 35.35 -27.68 -5.50
CA ARG R 208 36.09 -26.62 -6.20
C ARG R 208 36.53 -27.19 -7.52
N PRO S 17 24.21 11.29 16.37
CA PRO S 17 24.63 11.14 14.98
C PRO S 17 24.51 12.44 14.18
N ARG S 18 25.39 12.58 13.18
CA ARG S 18 25.44 13.73 12.29
C ARG S 18 24.15 13.86 11.51
N SER S 19 23.61 15.07 11.36
CA SER S 19 22.37 15.26 10.63
C SER S 19 22.57 15.91 9.25
N GLU S 20 21.51 15.93 8.41
CA GLU S 20 21.58 16.59 7.12
C GLU S 20 21.65 18.12 7.29
N GLU S 21 21.10 18.66 8.40
CA GLU S 21 21.18 20.09 8.73
C GLU S 21 22.65 20.44 9.07
N ASP S 22 23.35 19.54 9.80
CA ASP S 22 24.76 19.69 10.16
C ASP S 22 25.63 19.76 8.91
N ASN S 23 25.27 18.94 7.89
CA ASN S 23 25.99 18.88 6.63
C ASN S 23 25.81 20.14 5.80
N GLU S 24 24.58 20.68 5.74
CA GLU S 24 24.33 21.90 4.98
C GLU S 24 25.01 23.11 5.59
N LEU S 25 25.04 23.16 6.91
CA LEU S 25 25.66 24.21 7.70
C LEU S 25 27.19 24.20 7.59
N ASN S 26 27.81 23.01 7.62
CA ASN S 26 29.26 22.90 7.57
C ASN S 26 29.86 22.78 6.18
N LEU S 27 29.03 22.65 5.14
CA LEU S 27 29.54 22.56 3.77
C LEU S 27 30.36 23.80 3.36
N PRO S 28 29.91 25.05 3.63
CA PRO S 28 30.74 26.22 3.27
C PRO S 28 32.08 26.26 4.00
N ASN S 29 32.13 25.78 5.24
CA ASN S 29 33.37 25.73 6.03
C ASN S 29 34.35 24.70 5.47
N LEU S 30 33.83 23.58 4.98
CA LEU S 30 34.64 22.54 4.38
C LEU S 30 35.16 23.04 3.04
N ALA S 31 34.30 23.69 2.23
CA ALA S 31 34.70 24.25 0.93
C ALA S 31 35.78 25.32 1.09
N ALA S 32 35.70 26.13 2.14
CA ALA S 32 36.69 27.18 2.41
C ALA S 32 38.04 26.56 2.74
N ALA S 33 38.05 25.46 3.51
CA ALA S 33 39.28 24.77 3.88
C ALA S 33 39.93 24.16 2.66
N TYR S 34 39.14 23.56 1.76
CA TYR S 34 39.65 22.97 0.52
C TYR S 34 40.16 24.03 -0.45
N SER S 35 39.53 25.20 -0.47
CA SER S 35 40.01 26.30 -1.31
C SER S 35 41.37 26.79 -0.78
N SER S 36 41.53 26.85 0.55
CA SER S 36 42.78 27.23 1.20
C SER S 36 43.87 26.23 0.83
N ILE S 37 43.55 24.93 0.80
CA ILE S 37 44.49 23.87 0.45
C ILE S 37 45.00 24.07 -0.98
N LEU S 38 44.08 24.35 -1.93
CA LEU S 38 44.46 24.58 -3.34
C LEU S 38 45.48 25.72 -3.47
N SER S 39 45.26 26.82 -2.74
CA SER S 39 46.15 27.96 -2.74
C SER S 39 47.49 27.62 -2.08
N SER S 40 47.46 26.88 -0.95
CA SER S 40 48.68 26.49 -0.23
C SER S 40 49.54 25.48 -1.01
N LEU S 41 48.97 24.74 -1.95
CA LEU S 41 49.73 23.81 -2.77
C LEU S 41 50.42 24.50 -3.99
N GLY S 42 50.13 25.78 -4.20
CA GLY S 42 50.68 26.52 -5.33
C GLY S 42 49.80 26.53 -6.55
N GLU S 43 48.61 25.94 -6.46
CA GLU S 43 47.68 25.89 -7.59
C GLU S 43 46.83 27.18 -7.69
N ASN S 44 46.09 27.33 -8.80
CA ASN S 44 45.26 28.50 -9.06
C ASN S 44 43.79 28.15 -8.82
N PRO S 45 43.23 28.49 -7.65
CA PRO S 45 41.81 28.15 -7.40
C PRO S 45 40.80 28.73 -8.40
N GLN S 46 41.25 29.64 -9.28
CA GLN S 46 40.40 30.30 -10.27
C GLN S 46 40.46 29.72 -11.69
N ARG S 47 41.30 28.69 -11.93
CA ARG S 47 41.32 28.10 -13.27
C ARG S 47 40.04 27.28 -13.55
N GLN S 48 39.77 26.89 -14.83
CA GLN S 48 38.56 26.14 -15.18
C GLN S 48 38.36 24.89 -14.29
N GLY S 49 39.34 23.98 -14.33
CA GLY S 49 39.32 22.73 -13.57
C GLY S 49 39.20 22.81 -12.07
N LEU S 50 39.54 23.96 -11.44
CA LEU S 50 39.48 24.07 -9.98
C LEU S 50 38.33 24.91 -9.40
N LEU S 51 37.52 25.57 -10.25
CA LEU S 51 36.44 26.43 -9.77
C LEU S 51 35.46 25.77 -8.80
N LYS S 52 34.87 24.63 -9.18
CA LYS S 52 33.89 23.93 -8.33
C LYS S 52 34.52 22.96 -7.33
N THR S 53 35.82 22.62 -7.51
CA THR S 53 36.55 21.69 -6.66
C THR S 53 36.34 21.91 -5.12
N PRO S 54 36.43 23.14 -4.53
CA PRO S 54 36.20 23.26 -3.08
C PRO S 54 34.88 22.64 -2.59
N TRP S 55 33.81 22.80 -3.37
CA TRP S 55 32.47 22.26 -3.08
C TRP S 55 32.31 20.78 -3.42
N ARG S 56 33.02 20.27 -4.44
CA ARG S 56 32.95 18.84 -4.78
C ARG S 56 33.79 18.02 -3.82
N ALA S 57 34.95 18.54 -3.38
CA ALA S 57 35.82 17.85 -2.44
C ALA S 57 35.14 17.79 -1.07
N ALA S 58 34.46 18.89 -0.69
CA ALA S 58 33.71 19.00 0.55
C ALA S 58 32.54 18.04 0.51
N SER S 59 31.79 18.00 -0.60
CA SER S 59 30.65 17.09 -0.73
C SER S 59 31.11 15.66 -0.70
N ALA S 60 32.22 15.35 -1.40
CA ALA S 60 32.80 14.02 -1.43
C ALA S 60 33.19 13.56 -0.02
N MET S 61 33.92 14.40 0.75
CA MET S 61 34.36 14.11 2.11
C MET S 61 33.17 13.89 3.05
N GLN S 62 32.06 14.61 2.86
CA GLN S 62 30.89 14.38 3.70
C GLN S 62 30.26 13.03 3.35
N PHE S 63 30.27 12.63 2.06
CA PHE S 63 29.73 11.33 1.67
C PHE S 63 30.63 10.22 2.25
N PHE S 64 31.99 10.35 2.13
CA PHE S 64 32.96 9.39 2.66
C PHE S 64 32.86 9.14 4.17
N THR S 65 32.21 10.07 4.93
CA THR S 65 32.04 9.98 6.37
C THR S 65 30.52 9.95 6.76
N LYS S 66 29.66 9.46 5.85
CA LYS S 66 28.21 9.41 6.10
C LYS S 66 27.78 8.38 7.18
N GLY S 67 28.68 7.49 7.56
CA GLY S 67 28.42 6.50 8.60
C GLY S 67 28.20 7.14 9.96
N TYR S 68 28.75 8.36 10.18
CA TYR S 68 28.55 9.13 11.42
C TYR S 68 27.06 9.49 11.63
N GLN S 69 26.29 9.58 10.53
CA GLN S 69 24.86 9.88 10.51
C GLN S 69 23.98 8.69 10.87
N GLU S 70 24.53 7.47 10.87
CA GLU S 70 23.78 6.25 11.05
C GLU S 70 23.91 5.57 12.42
N THR S 71 22.85 4.86 12.81
CA THR S 71 22.76 4.05 14.01
C THR S 71 22.51 2.59 13.60
N ILE S 72 23.13 1.63 14.29
CA ILE S 72 22.98 0.20 13.99
C ILE S 72 21.52 -0.30 14.09
N SER S 73 20.71 0.37 14.91
CA SER S 73 19.32 0.01 15.12
C SER S 73 18.50 0.30 13.85
N ASP S 74 18.68 1.52 13.29
CA ASP S 74 17.97 1.98 12.09
C ASP S 74 18.44 1.25 10.83
N VAL S 75 19.72 0.96 10.75
CA VAL S 75 20.34 0.27 9.63
C VAL S 75 19.72 -1.12 9.43
N LEU S 76 19.52 -1.85 10.53
CA LEU S 76 19.00 -3.21 10.53
C LEU S 76 17.52 -3.31 10.07
N ASN S 77 16.77 -2.18 10.14
CA ASN S 77 15.36 -2.03 9.70
C ASN S 77 14.45 -3.20 10.09
N ASP S 78 14.60 -3.73 11.32
CA ASP S 78 13.81 -4.85 11.82
C ASP S 78 13.95 -6.13 10.98
N ALA S 79 15.01 -6.25 10.18
CA ALA S 79 15.20 -7.43 9.33
C ALA S 79 15.90 -8.57 10.05
N ILE S 80 15.30 -9.01 11.17
CA ILE S 80 15.79 -10.16 11.92
C ILE S 80 14.65 -11.16 11.88
N PHE S 81 14.74 -12.16 10.99
CA PHE S 81 13.68 -13.12 10.73
C PHE S 81 13.45 -14.15 11.85
N ASP S 82 14.34 -14.30 12.85
CA ASP S 82 14.11 -15.22 13.99
C ASP S 82 13.72 -16.67 13.53
N GLU S 83 14.59 -17.26 12.69
CA GLU S 83 14.39 -18.55 12.05
C GLU S 83 15.20 -19.70 12.69
N ASP S 84 14.78 -20.94 12.43
CA ASP S 84 15.45 -22.13 12.95
C ASP S 84 16.30 -22.78 11.85
N HIS S 85 17.27 -22.01 11.30
CA HIS S 85 18.18 -22.52 10.28
C HIS S 85 19.48 -22.92 10.97
N ASP S 86 20.00 -24.11 10.64
CA ASP S 86 21.21 -24.61 11.27
C ASP S 86 22.31 -24.74 10.22
N GLU S 87 22.73 -23.61 9.66
CA GLU S 87 23.68 -23.61 8.57
C GLU S 87 24.53 -22.37 8.56
N MET S 88 25.69 -22.43 7.86
CA MET S 88 26.56 -21.27 7.77
C MET S 88 26.05 -20.30 6.74
N VAL S 89 26.00 -19.03 7.09
CA VAL S 89 25.58 -18.00 6.15
C VAL S 89 26.75 -17.08 5.95
N ILE S 90 27.11 -16.87 4.70
CA ILE S 90 28.24 -16.06 4.29
C ILE S 90 27.79 -15.02 3.26
N VAL S 91 28.27 -13.79 3.40
CA VAL S 91 28.09 -12.79 2.38
C VAL S 91 29.52 -12.30 2.06
N LYS S 92 30.09 -12.83 0.95
CA LYS S 92 31.47 -12.51 0.56
C LYS S 92 31.56 -11.48 -0.54
N ASP S 93 32.72 -10.85 -0.67
CA ASP S 93 33.06 -9.88 -1.70
C ASP S 93 32.21 -8.63 -1.64
N ILE S 94 32.03 -8.12 -0.43
CA ILE S 94 31.29 -6.88 -0.24
C ILE S 94 32.32 -5.76 -0.44
N ASP S 95 32.21 -4.95 -1.50
CA ASP S 95 33.16 -3.84 -1.73
C ASP S 95 33.12 -2.87 -0.58
N MET S 96 34.29 -2.41 -0.17
CA MET S 96 34.41 -1.61 1.02
C MET S 96 35.33 -0.42 0.73
N PHE S 97 34.83 0.82 0.95
CA PHE S 97 35.60 2.04 0.76
C PHE S 97 35.62 2.83 2.06
N SER S 98 36.81 2.99 2.59
CA SER S 98 37.00 3.68 3.85
C SER S 98 38.10 4.74 3.71
N MET S 99 38.27 5.54 4.75
CA MET S 99 39.25 6.61 4.80
C MET S 99 40.21 6.36 5.90
N CYS S 100 41.50 6.50 5.61
CA CYS S 100 42.52 6.35 6.64
C CYS S 100 42.44 7.59 7.54
N GLU S 101 42.31 7.38 8.85
CA GLU S 101 42.29 8.49 9.80
C GLU S 101 43.69 9.05 10.09
N HIS S 102 44.76 8.37 9.67
CA HIS S 102 46.10 8.86 9.92
C HIS S 102 46.60 9.81 8.82
N HIS S 103 46.22 9.57 7.54
CA HIS S 103 46.68 10.37 6.40
C HIS S 103 45.55 10.97 5.56
N LEU S 104 44.29 10.60 5.83
CA LEU S 104 43.10 10.99 5.06
C LEU S 104 43.15 10.55 3.59
N VAL S 105 43.71 9.38 3.32
CA VAL S 105 43.69 8.77 2.00
C VAL S 105 42.82 7.52 2.06
N PRO S 106 42.16 7.17 0.94
CA PRO S 106 41.33 5.97 0.96
C PRO S 106 42.08 4.66 1.25
N PHE S 107 41.36 3.70 1.86
CA PHE S 107 41.80 2.32 1.98
C PHE S 107 40.62 1.51 1.52
N VAL S 108 40.78 0.84 0.37
CA VAL S 108 39.69 0.15 -0.34
C VAL S 108 39.90 -1.38 -0.51
N GLY S 109 38.82 -2.14 -0.50
CA GLY S 109 38.90 -3.58 -0.64
C GLY S 109 37.58 -4.29 -0.55
N LYS S 110 37.57 -5.48 0.09
CA LYS S 110 36.39 -6.32 0.24
C LYS S 110 36.26 -6.82 1.68
N VAL S 111 35.00 -7.03 2.12
CA VAL S 111 34.69 -7.63 3.42
C VAL S 111 33.97 -8.95 3.16
N HIS S 112 34.33 -10.02 3.90
CA HIS S 112 33.70 -11.34 3.82
C HIS S 112 33.16 -11.65 5.21
N ILE S 113 31.84 -11.79 5.33
CA ILE S 113 31.23 -12.08 6.62
C ILE S 113 30.66 -13.51 6.63
N GLY S 114 30.81 -14.16 7.75
CA GLY S 114 30.26 -15.48 7.99
C GLY S 114 29.64 -15.55 9.37
N TYR S 115 28.59 -16.34 9.53
CA TYR S 115 28.00 -16.54 10.83
C TYR S 115 27.23 -17.83 10.86
N LEU S 116 27.00 -18.35 12.06
CA LEU S 116 26.20 -19.52 12.23
C LEU S 116 25.09 -19.07 13.14
N PRO S 117 23.87 -18.87 12.62
CA PRO S 117 22.78 -18.40 13.46
C PRO S 117 22.44 -19.34 14.60
N ASN S 118 21.78 -18.77 15.59
CA ASN S 118 21.39 -19.40 16.82
C ASN S 118 19.96 -18.91 17.15
N LYS S 119 18.98 -19.32 16.34
CA LYS S 119 17.57 -18.91 16.47
C LYS S 119 17.22 -17.57 15.78
N GLN S 120 18.19 -16.67 15.55
CA GLN S 120 17.96 -15.39 14.84
C GLN S 120 18.77 -15.25 13.53
N VAL S 121 18.15 -14.78 12.47
CA VAL S 121 18.79 -14.62 11.17
C VAL S 121 18.68 -13.16 10.64
N LEU S 122 19.73 -12.63 10.00
CA LEU S 122 19.70 -11.27 9.46
C LEU S 122 19.34 -11.26 7.96
N GLY S 123 18.77 -10.16 7.48
CA GLY S 123 18.50 -9.96 6.06
C GLY S 123 19.86 -9.77 5.39
N LEU S 124 20.16 -10.59 4.35
CA LEU S 124 21.46 -10.60 3.69
C LEU S 124 22.08 -9.23 3.45
N SER S 125 21.33 -8.27 2.87
CA SER S 125 21.91 -6.93 2.60
C SER S 125 22.24 -6.12 3.84
N LYS S 126 21.64 -6.46 5.01
CA LYS S 126 21.91 -5.74 6.26
C LYS S 126 23.31 -5.99 6.72
N LEU S 127 23.93 -7.17 6.41
CA LEU S 127 25.35 -7.44 6.70
C LEU S 127 26.19 -6.40 5.96
N ALA S 128 25.85 -6.13 4.69
CA ALA S 128 26.50 -5.13 3.86
C ALA S 128 26.24 -3.70 4.34
N ARG S 129 25.04 -3.39 4.88
CA ARG S 129 24.78 -2.04 5.41
C ARG S 129 25.57 -1.80 6.71
N ILE S 130 25.94 -2.88 7.44
CA ILE S 130 26.78 -2.90 8.65
C ILE S 130 28.21 -2.52 8.26
N VAL S 131 28.64 -2.91 7.04
CA VAL S 131 29.93 -2.51 6.48
C VAL S 131 29.87 -1.01 6.24
N GLU S 132 28.85 -0.50 5.56
CA GLU S 132 28.71 0.92 5.24
C GLU S 132 28.69 1.86 6.44
N ILE S 133 28.07 1.50 7.60
CA ILE S 133 28.07 2.39 8.79
C ILE S 133 29.49 2.67 9.24
N TYR S 134 30.33 1.60 9.37
CA TYR S 134 31.66 1.72 9.93
C TYR S 134 32.70 2.07 8.92
N SER S 135 32.59 1.58 7.68
CA SER S 135 33.57 1.93 6.64
C SER S 135 33.45 3.38 6.21
N ARG S 136 32.23 3.96 6.18
CA ARG S 136 32.08 5.36 5.79
C ARG S 136 32.37 6.27 6.97
N ARG S 137 33.61 6.24 7.47
CA ARG S 137 34.13 6.98 8.61
C ARG S 137 35.63 7.09 8.50
N LEU S 138 36.27 7.88 9.38
CA LEU S 138 37.72 7.95 9.41
C LEU S 138 38.10 6.77 10.29
N GLN S 139 38.82 5.81 9.72
CA GLN S 139 39.06 4.53 10.35
C GLN S 139 40.48 4.00 10.39
N VAL S 140 40.65 2.87 11.12
CA VAL S 140 41.78 1.95 11.12
C VAL S 140 41.13 0.58 10.77
N GLN S 141 41.74 -0.21 9.88
CA GLN S 141 41.17 -1.49 9.43
C GLN S 141 40.79 -2.44 10.57
N GLU S 142 41.56 -2.43 11.66
CA GLU S 142 41.33 -3.26 12.84
C GLU S 142 40.03 -2.86 13.56
N ARG S 143 39.79 -1.54 13.68
CA ARG S 143 38.60 -1.02 14.34
C ARG S 143 37.36 -1.33 13.49
N LEU S 144 37.46 -1.13 12.19
CA LEU S 144 36.40 -1.41 11.24
C LEU S 144 36.02 -2.93 11.29
N THR S 145 37.03 -3.81 11.38
CA THR S 145 36.83 -5.25 11.41
C THR S 145 36.09 -5.65 12.67
N LYS S 146 36.55 -5.15 13.83
CA LYS S 146 36.00 -5.48 15.12
C LYS S 146 34.60 -4.92 15.32
N GLN S 147 34.31 -3.71 14.79
CA GLN S 147 33.03 -3.02 14.85
C GLN S 147 31.94 -3.75 14.09
N ILE S 148 32.31 -4.35 12.93
CA ILE S 148 31.39 -5.15 12.11
C ILE S 148 31.04 -6.44 12.89
N ALA S 149 32.05 -7.19 13.36
CA ALA S 149 31.84 -8.46 14.07
C ALA S 149 31.03 -8.29 15.34
N VAL S 150 31.28 -7.20 16.09
CA VAL S 150 30.57 -6.90 17.31
C VAL S 150 29.11 -6.59 16.99
N ALA S 151 28.81 -5.82 15.91
CA ALA S 151 27.42 -5.51 15.53
C ALA S 151 26.57 -6.77 15.27
N ILE S 152 27.13 -7.74 14.54
CA ILE S 152 26.47 -9.00 14.21
C ILE S 152 26.29 -9.84 15.46
N THR S 153 27.30 -9.88 16.34
CA THR S 153 27.22 -10.66 17.57
C THR S 153 26.13 -10.11 18.46
N GLU S 154 26.14 -8.79 18.68
CA GLU S 154 25.19 -8.12 19.56
C GLU S 154 23.75 -8.10 19.03
N ALA S 155 23.57 -8.11 17.71
CA ALA S 155 22.23 -8.09 17.12
C ALA S 155 21.57 -9.45 17.04
N LEU S 156 22.33 -10.49 16.65
CA LEU S 156 21.74 -11.81 16.46
C LEU S 156 22.05 -12.82 17.53
N ARG S 157 23.08 -12.59 18.38
CA ARG S 157 23.57 -13.58 19.35
C ARG S 157 23.75 -14.97 18.68
N PRO S 158 24.62 -15.04 17.66
CA PRO S 158 24.77 -16.31 16.93
C PRO S 158 25.67 -17.34 17.64
N ALA S 159 25.82 -18.52 17.06
CA ALA S 159 26.70 -19.53 17.59
C ALA S 159 28.15 -19.05 17.35
N GLY S 160 28.42 -18.52 16.15
CA GLY S 160 29.72 -18.01 15.73
C GLY S 160 29.58 -16.91 14.69
N VAL S 161 30.67 -16.21 14.40
CA VAL S 161 30.79 -15.08 13.49
C VAL S 161 32.25 -15.06 13.00
N GLY S 162 32.45 -14.72 11.74
CA GLY S 162 33.78 -14.57 11.19
C GLY S 162 33.75 -13.40 10.24
N VAL S 163 34.68 -12.46 10.37
CA VAL S 163 34.74 -11.29 9.49
C VAL S 163 36.14 -11.16 8.97
N VAL S 164 36.31 -11.18 7.65
CA VAL S 164 37.61 -10.98 7.04
C VAL S 164 37.55 -9.70 6.19
N VAL S 165 38.46 -8.74 6.42
CA VAL S 165 38.53 -7.52 5.61
C VAL S 165 39.88 -7.50 4.87
N GLU S 166 39.91 -7.31 3.54
CA GLU S 166 41.19 -7.21 2.81
C GLU S 166 41.20 -5.89 2.06
N ALA S 167 42.23 -5.06 2.26
CA ALA S 167 42.26 -3.74 1.67
C ALA S 167 43.66 -3.31 1.19
N THR S 168 43.69 -2.34 0.26
CA THR S 168 44.89 -1.70 -0.23
C THR S 168 44.83 -0.31 0.37
N HIS S 169 45.85 0.05 1.15
CA HIS S 169 45.91 1.37 1.78
C HIS S 169 46.67 2.27 0.82
N MET S 170 46.08 3.39 0.36
CA MET S 170 46.75 4.31 -0.55
C MET S 170 48.00 4.95 0.06
N CYS S 171 48.04 5.10 1.39
CA CYS S 171 49.19 5.65 2.11
C CYS S 171 50.37 4.66 2.13
N MET S 172 50.16 3.37 1.82
CA MET S 172 51.25 2.40 1.71
C MET S 172 51.67 2.13 0.25
N VAL S 173 50.83 2.55 -0.71
CA VAL S 173 51.00 2.36 -2.14
C VAL S 173 51.52 3.65 -2.85
N MET S 174 50.84 4.79 -2.64
CA MET S 174 51.18 6.06 -3.27
C MET S 174 52.29 6.83 -2.59
N ARG S 175 52.71 6.44 -1.40
CA ARG S 175 53.69 7.16 -0.62
C ARG S 175 54.28 6.23 0.47
N GLY S 176 55.15 6.77 1.32
CA GLY S 176 55.71 6.01 2.42
C GLY S 176 56.56 4.86 1.95
N VAL S 177 56.27 3.65 2.40
CA VAL S 177 57.02 2.44 2.00
C VAL S 177 56.92 2.12 0.47
N GLN S 178 55.81 2.55 -0.16
CA GLN S 178 55.47 2.35 -1.56
C GLN S 178 55.57 0.91 -1.95
N LYS S 179 54.85 0.05 -1.23
CA LYS S 179 54.81 -1.37 -1.58
C LYS S 179 53.54 -1.55 -2.38
N MET S 180 53.66 -1.24 -3.67
CA MET S 180 52.63 -1.23 -4.71
C MET S 180 51.74 -2.47 -4.73
N ASN S 181 52.26 -3.65 -4.39
CA ASN S 181 51.44 -4.88 -4.38
C ASN S 181 50.86 -5.29 -3.01
N SER S 182 51.29 -4.65 -1.89
CA SER S 182 50.81 -5.06 -0.58
C SER S 182 49.30 -4.83 -0.33
N LYS S 183 48.75 -5.71 0.52
CA LYS S 183 47.38 -5.69 0.98
C LYS S 183 47.35 -6.10 2.45
N THR S 184 46.51 -5.45 3.23
CA THR S 184 46.31 -5.81 4.62
C THR S 184 45.06 -6.64 4.73
N VAL S 185 45.12 -7.75 5.47
CA VAL S 185 44.00 -8.64 5.75
C VAL S 185 43.82 -8.68 7.25
N THR S 186 42.63 -8.30 7.75
CA THR S 186 42.30 -8.35 9.20
C THR S 186 41.19 -9.39 9.36
N SER S 187 41.26 -10.21 10.42
CA SER S 187 40.34 -11.31 10.55
C SER S 187 39.88 -11.56 11.97
N THR S 188 38.57 -11.47 12.20
CA THR S 188 38.01 -11.72 13.52
C THR S 188 37.25 -13.02 13.46
N MET S 189 37.45 -13.92 14.44
CA MET S 189 36.76 -15.21 14.54
C MET S 189 36.18 -15.35 15.96
N LEU S 190 34.87 -15.37 16.11
CA LEU S 190 34.21 -15.46 17.43
C LEU S 190 33.36 -16.73 17.52
N GLY S 191 33.16 -17.20 18.73
CA GLY S 191 32.34 -18.39 18.97
C GLY S 191 32.87 -19.62 18.27
N VAL S 192 31.97 -20.46 17.71
CA VAL S 192 32.36 -21.68 17.00
C VAL S 192 33.34 -21.42 15.85
N PHE S 193 33.38 -20.19 15.28
CA PHE S 193 34.37 -19.86 14.23
C PHE S 193 35.77 -19.92 14.80
N ARG S 194 35.95 -19.48 16.04
CA ARG S 194 37.18 -19.57 16.75
C ARG S 194 37.40 -21.00 17.33
N GLU S 195 36.45 -21.53 18.08
CA GLU S 195 36.59 -22.83 18.74
C GLU S 195 36.75 -24.04 17.82
N ASP S 196 35.89 -24.20 16.80
CA ASP S 196 35.85 -25.37 15.94
C ASP S 196 36.76 -25.25 14.72
N PRO S 197 37.67 -26.22 14.55
CA PRO S 197 38.54 -26.20 13.39
C PRO S 197 37.77 -26.44 12.07
N LYS S 198 36.68 -27.25 12.14
CA LYS S 198 35.89 -27.56 10.96
C LYS S 198 35.16 -26.31 10.47
N THR S 199 34.56 -25.59 11.42
CA THR S 199 33.84 -24.34 11.15
C THR S 199 34.77 -23.30 10.56
N ARG S 200 35.99 -23.11 11.13
CA ARG S 200 36.90 -22.10 10.59
C ARG S 200 37.42 -22.42 9.19
N GLU S 201 37.83 -23.65 8.92
CA GLU S 201 38.32 -24.10 7.61
C GLU S 201 37.21 -23.96 6.54
N GLU S 202 35.97 -24.35 6.91
CA GLU S 202 34.83 -24.26 6.03
C GLU S 202 34.56 -22.82 5.62
N PHE S 203 34.54 -21.89 6.59
CA PHE S 203 34.32 -20.50 6.29
C PHE S 203 35.45 -19.94 5.39
N LEU S 204 36.69 -20.29 5.70
CA LEU S 204 37.85 -19.82 4.96
C LEU S 204 37.90 -20.35 3.54
N THR S 205 37.32 -21.52 3.27
CA THR S 205 37.28 -22.08 1.92
C THR S 205 36.15 -21.42 1.11
N LEU S 206 34.96 -21.24 1.73
CA LEU S 206 33.80 -20.71 1.02
C LEU S 206 33.90 -19.22 0.66
N ILE S 207 34.78 -18.45 1.33
CA ILE S 207 34.96 -17.03 0.96
C ILE S 207 35.93 -16.83 -0.22
N ARG S 208 36.61 -17.92 -0.66
CA ARG S 208 37.55 -17.98 -1.78
C ARG S 208 36.76 -18.07 -3.07
N PRO T 17 75.89 1.86 13.58
CA PRO T 17 75.26 1.77 12.26
C PRO T 17 76.00 2.58 11.20
N ARG T 18 75.83 2.21 9.91
CA ARG T 18 76.48 2.92 8.82
C ARG T 18 75.90 4.33 8.71
N SER T 19 76.76 5.34 8.51
CA SER T 19 76.29 6.73 8.43
C SER T 19 76.38 7.30 7.02
N GLU T 20 75.79 8.49 6.80
CA GLU T 20 75.88 9.16 5.49
C GLU T 20 77.31 9.66 5.26
N GLU T 21 78.07 9.94 6.33
CA GLU T 21 79.46 10.37 6.25
C GLU T 21 80.31 9.18 5.78
N ASP T 22 80.02 7.97 6.26
CA ASP T 22 80.68 6.73 5.83
C ASP T 22 80.41 6.50 4.34
N ASN T 23 79.18 6.78 3.87
CA ASN T 23 78.80 6.62 2.47
C ASN T 23 79.57 7.56 1.56
N GLU T 24 79.74 8.84 1.96
CA GLU T 24 80.51 9.81 1.15
C GLU T 24 81.98 9.40 1.10
N LEU T 25 82.51 8.90 2.21
CA LEU T 25 83.90 8.48 2.37
C LEU T 25 84.20 7.24 1.54
N ASN T 26 83.30 6.26 1.51
CA ASN T 26 83.52 5.01 0.82
C ASN T 26 83.05 4.97 -0.61
N LEU T 27 82.33 6.00 -1.08
CA LEU T 27 81.89 6.02 -2.47
C LEU T 27 83.06 5.95 -3.49
N PRO T 28 84.15 6.74 -3.32
CA PRO T 28 85.29 6.63 -4.25
C PRO T 28 85.98 5.26 -4.22
N ASN T 29 85.98 4.61 -3.06
CA ASN T 29 86.59 3.28 -2.92
C ASN T 29 85.78 2.23 -3.60
N LEU T 30 84.44 2.36 -3.55
CA LEU T 30 83.53 1.44 -4.20
C LEU T 30 83.64 1.64 -5.72
N ALA T 31 83.66 2.91 -6.18
CA ALA T 31 83.80 3.23 -7.61
C ALA T 31 85.10 2.67 -8.18
N ALA T 32 86.20 2.75 -7.40
CA ALA T 32 87.49 2.27 -7.85
C ALA T 32 87.47 0.75 -8.01
N ALA T 33 86.80 0.05 -7.08
CA ALA T 33 86.73 -1.42 -7.18
C ALA T 33 85.88 -1.83 -8.37
N TYR T 34 84.77 -1.11 -8.66
CA TYR T 34 83.93 -1.39 -9.82
C TYR T 34 84.65 -1.09 -11.14
N SER T 35 85.48 -0.06 -11.17
CA SER T 35 86.27 0.26 -12.36
C SER T 35 87.28 -0.87 -12.62
N SER T 36 87.90 -1.38 -11.55
CA SER T 36 88.83 -2.48 -11.61
C SER T 36 88.14 -3.73 -12.16
N ILE T 37 86.88 -3.99 -11.74
CA ILE T 37 86.09 -5.14 -12.19
C ILE T 37 85.82 -5.05 -13.69
N LEU T 38 85.46 -3.85 -14.20
CA LEU T 38 85.23 -3.64 -15.64
C LEU T 38 86.48 -4.00 -16.46
N SER T 39 87.67 -3.58 -15.98
CA SER T 39 88.93 -3.90 -16.64
C SER T 39 89.25 -5.39 -16.56
N SER T 40 89.02 -6.01 -15.39
CA SER T 40 89.30 -7.43 -15.20
C SER T 40 88.40 -8.34 -16.03
N LEU T 41 87.21 -7.88 -16.40
CA LEU T 41 86.30 -8.68 -17.24
C LEU T 41 86.64 -8.60 -18.74
N GLY T 42 87.59 -7.74 -19.12
CA GLY T 42 87.98 -7.52 -20.50
C GLY T 42 87.29 -6.35 -21.15
N GLU T 43 86.46 -5.61 -20.40
CA GLU T 43 85.74 -4.46 -20.93
C GLU T 43 86.57 -3.17 -20.93
N ASN T 44 86.12 -2.17 -21.68
CA ASN T 44 86.79 -0.88 -21.71
C ASN T 44 86.03 0.10 -20.82
N PRO T 45 86.61 0.49 -19.67
CA PRO T 45 85.91 1.45 -18.79
C PRO T 45 85.70 2.85 -19.37
N GLN T 46 86.35 3.14 -20.50
CA GLN T 46 86.33 4.44 -21.17
C GLN T 46 85.24 4.57 -22.24
N ARG T 47 84.68 3.45 -22.73
CA ARG T 47 83.65 3.52 -23.76
C ARG T 47 82.40 4.25 -23.22
N GLN T 48 81.74 5.09 -24.06
CA GLN T 48 80.59 5.93 -23.66
C GLN T 48 79.64 5.26 -22.63
N GLY T 49 79.23 4.02 -22.92
CA GLY T 49 78.34 3.24 -22.08
C GLY T 49 78.84 2.92 -20.68
N LEU T 50 80.18 2.75 -20.51
CA LEU T 50 80.79 2.43 -19.21
C LEU T 50 81.41 3.58 -18.42
N LEU T 51 81.51 4.79 -19.02
CA LEU T 51 82.14 5.97 -18.38
C LEU T 51 81.65 6.30 -16.96
N LYS T 52 80.33 6.36 -16.72
CA LYS T 52 79.79 6.65 -15.39
C LYS T 52 79.36 5.41 -14.58
N THR T 53 79.66 4.19 -15.09
CA THR T 53 79.27 2.91 -14.48
C THR T 53 79.94 2.64 -13.12
N PRO T 54 81.24 2.91 -12.85
CA PRO T 54 81.76 2.67 -11.51
C PRO T 54 81.03 3.41 -10.36
N TRP T 55 80.60 4.66 -10.61
CA TRP T 55 79.89 5.51 -9.63
C TRP T 55 78.43 5.13 -9.46
N ARG T 56 77.81 4.71 -10.58
CA ARG T 56 76.43 4.26 -10.59
C ARG T 56 76.32 2.90 -9.93
N ALA T 57 77.30 2.00 -10.13
CA ALA T 57 77.30 0.68 -9.49
C ALA T 57 77.60 0.80 -8.00
N ALA T 58 78.49 1.75 -7.64
CA ALA T 58 78.86 2.00 -6.25
C ALA T 58 77.66 2.54 -5.49
N SER T 59 76.95 3.57 -6.01
CA SER T 59 75.76 4.17 -5.37
C SER T 59 74.63 3.19 -5.26
N ALA T 60 74.44 2.34 -6.30
CA ALA T 60 73.38 1.32 -6.29
C ALA T 60 73.68 0.32 -5.18
N MET T 61 74.94 -0.09 -5.02
CA MET T 61 75.32 -1.03 -3.97
C MET T 61 75.11 -0.49 -2.56
N GLN T 62 75.27 0.83 -2.37
CA GLN T 62 75.02 1.49 -1.10
C GLN T 62 73.51 1.57 -0.85
N PHE T 63 72.70 1.76 -1.91
CA PHE T 63 71.25 1.74 -1.75
C PHE T 63 70.78 0.32 -1.40
N PHE T 64 71.30 -0.71 -2.08
CA PHE T 64 70.93 -2.09 -1.78
C PHE T 64 71.36 -2.55 -0.38
N THR T 65 72.29 -1.86 0.26
CA THR T 65 72.77 -2.22 1.59
C THR T 65 72.45 -1.15 2.64
N LYS T 66 71.48 -0.25 2.38
CA LYS T 66 71.09 0.87 3.26
C LYS T 66 70.47 0.47 4.61
N GLY T 67 70.12 -0.80 4.76
CA GLY T 67 69.53 -1.31 5.98
C GLY T 67 70.50 -1.33 7.16
N TYR T 68 71.80 -1.36 6.88
CA TYR T 68 72.84 -1.30 7.89
C TYR T 68 72.81 0.10 8.56
N GLN T 69 72.47 1.14 7.78
CA GLN T 69 72.29 2.51 8.26
C GLN T 69 71.12 2.66 9.25
N GLU T 70 70.28 1.62 9.41
CA GLU T 70 69.05 1.64 10.18
C GLU T 70 69.03 0.91 11.52
N THR T 71 68.13 1.35 12.42
CA THR T 71 67.92 0.74 13.72
C THR T 71 66.47 0.36 13.86
N ILE T 72 66.17 -0.84 14.39
CA ILE T 72 64.79 -1.25 14.62
C ILE T 72 64.02 -0.22 15.52
N SER T 73 64.67 0.34 16.53
CA SER T 73 64.10 1.41 17.38
C SER T 73 63.72 2.68 16.57
N ASP T 74 64.61 3.13 15.68
CA ASP T 74 64.39 4.28 14.80
C ASP T 74 63.24 4.05 13.80
N VAL T 75 63.22 2.87 13.18
CA VAL T 75 62.28 2.48 12.13
C VAL T 75 60.83 2.51 12.58
N LEU T 76 60.57 2.04 13.80
CA LEU T 76 59.22 1.96 14.32
C LEU T 76 58.52 3.33 14.47
N ASN T 77 59.31 4.43 14.63
CA ASN T 77 58.84 5.82 14.75
C ASN T 77 57.67 6.01 15.75
N ASP T 78 57.67 5.21 16.84
CA ASP T 78 56.65 5.23 17.90
C ASP T 78 55.25 4.87 17.39
N ALA T 79 55.17 3.91 16.47
CA ALA T 79 53.86 3.47 15.98
C ALA T 79 53.45 2.19 16.69
N ILE T 80 53.64 2.15 18.02
CA ILE T 80 53.23 1.02 18.84
C ILE T 80 52.09 1.45 19.76
N PHE T 81 50.86 1.15 19.35
CA PHE T 81 49.66 1.57 20.11
C PHE T 81 49.21 0.47 21.08
N ASP T 82 48.51 0.85 22.15
CA ASP T 82 47.98 -0.12 23.10
C ASP T 82 46.53 -0.40 22.74
N GLU T 83 46.29 -1.42 21.91
CA GLU T 83 44.94 -1.79 21.46
C GLU T 83 44.56 -3.21 21.84
N ASP T 84 43.32 -3.37 22.36
CA ASP T 84 42.76 -4.63 22.84
C ASP T 84 42.11 -5.49 21.72
N HIS T 85 42.58 -5.34 20.47
CA HIS T 85 42.00 -6.11 19.36
C HIS T 85 42.37 -7.57 19.48
N ASP T 86 41.42 -8.42 19.19
CA ASP T 86 41.62 -9.86 19.26
C ASP T 86 41.36 -10.34 17.85
N GLU T 87 42.28 -10.03 16.95
CA GLU T 87 42.14 -10.39 15.55
C GLU T 87 43.46 -10.64 14.90
N MET T 88 43.50 -11.46 13.86
CA MET T 88 44.72 -11.70 13.11
C MET T 88 44.96 -10.52 12.15
N VAL T 89 46.17 -9.98 12.16
CA VAL T 89 46.52 -8.86 11.32
C VAL T 89 47.62 -9.33 10.35
N ILE T 90 47.34 -9.24 9.06
CA ILE T 90 48.28 -9.68 8.05
C ILE T 90 48.59 -8.56 7.08
N VAL T 91 49.83 -8.42 6.70
CA VAL T 91 50.23 -7.50 5.67
C VAL T 91 50.94 -8.39 4.68
N LYS T 92 50.26 -8.71 3.55
CA LYS T 92 50.83 -9.62 2.57
C LYS T 92 51.27 -8.91 1.29
N ASP T 93 52.04 -9.62 0.44
CA ASP T 93 52.55 -9.20 -0.86
C ASP T 93 53.49 -8.01 -0.79
N ILE T 94 54.26 -7.94 0.28
CA ILE T 94 55.24 -6.87 0.47
C ILE T 94 56.44 -7.18 -0.45
N ASP T 95 56.67 -6.38 -1.50
CA ASP T 95 57.81 -6.60 -2.38
C ASP T 95 59.12 -6.54 -1.63
N MET T 96 60.00 -7.51 -1.88
CA MET T 96 61.26 -7.60 -1.17
C MET T 96 62.40 -7.75 -2.20
N PHE T 97 63.46 -6.97 -2.06
CA PHE T 97 64.62 -7.03 -2.95
C PHE T 97 65.81 -7.05 -2.02
N SER T 98 66.58 -8.16 -2.04
CA SER T 98 67.76 -8.28 -1.18
C SER T 98 69.02 -8.70 -1.99
N MET T 99 70.19 -8.81 -1.31
CA MET T 99 71.42 -9.24 -1.94
C MET T 99 71.91 -10.52 -1.35
N CYS T 100 72.19 -11.48 -2.19
CA CYS T 100 72.72 -12.77 -1.80
C CYS T 100 74.12 -12.57 -1.27
N GLU T 101 74.39 -12.93 0.00
CA GLU T 101 75.72 -12.72 0.57
C GLU T 101 76.77 -13.70 0.04
N HIS T 102 76.36 -14.75 -0.70
CA HIS T 102 77.31 -15.73 -1.21
C HIS T 102 77.89 -15.37 -2.55
N HIS T 103 77.13 -14.71 -3.41
CA HIS T 103 77.58 -14.35 -4.75
C HIS T 103 77.42 -12.89 -5.09
N LEU T 104 76.73 -12.13 -4.24
CA LEU T 104 76.46 -10.71 -4.42
C LEU T 104 75.57 -10.44 -5.62
N VAL T 105 74.56 -11.31 -5.84
CA VAL T 105 73.52 -11.12 -6.86
C VAL T 105 72.16 -11.04 -6.17
N PRO T 106 71.13 -10.39 -6.75
CA PRO T 106 69.86 -10.28 -6.03
C PRO T 106 69.06 -11.58 -5.92
N PHE T 107 68.22 -11.54 -4.92
CA PHE T 107 67.20 -12.52 -4.64
C PHE T 107 66.01 -11.65 -4.30
N VAL T 108 64.99 -11.76 -5.15
CA VAL T 108 63.83 -10.88 -5.05
C VAL T 108 62.54 -11.67 -4.90
N GLY T 109 61.56 -11.07 -4.24
CA GLY T 109 60.28 -11.73 -4.04
C GLY T 109 59.28 -10.95 -3.25
N LYS T 110 58.58 -11.65 -2.35
CA LYS T 110 57.49 -11.14 -1.52
C LYS T 110 57.62 -11.57 -0.07
N VAL T 111 57.07 -10.80 0.86
CA VAL T 111 57.05 -11.14 2.28
C VAL T 111 55.61 -11.05 2.78
N HIS T 112 55.13 -12.11 3.46
CA HIS T 112 53.78 -12.13 4.03
C HIS T 112 53.92 -12.23 5.55
N ILE T 113 53.35 -11.26 6.26
CA ILE T 113 53.48 -11.16 7.71
C ILE T 113 52.15 -11.23 8.37
N GLY T 114 52.06 -11.95 9.46
CA GLY T 114 50.84 -12.03 10.25
C GLY T 114 51.16 -12.09 11.72
N TYR T 115 50.30 -11.53 12.55
CA TYR T 115 50.48 -11.60 13.98
C TYR T 115 49.15 -11.54 14.72
N LEU T 116 49.11 -12.10 15.92
CA LEU T 116 47.93 -12.06 16.76
C LEU T 116 48.39 -11.26 17.93
N PRO T 117 47.96 -9.99 18.03
CA PRO T 117 48.50 -9.14 19.11
C PRO T 117 47.97 -9.47 20.49
N ASN T 118 48.67 -9.00 21.54
CA ASN T 118 48.20 -9.18 22.91
C ASN T 118 47.68 -7.85 23.39
N LYS T 119 48.55 -6.92 23.75
CA LYS T 119 48.13 -5.58 24.17
C LYS T 119 48.60 -4.51 23.18
N GLN T 120 49.68 -4.79 22.43
CA GLN T 120 50.24 -3.83 21.50
C GLN T 120 49.99 -4.18 20.04
N VAL T 121 49.68 -3.13 19.29
CA VAL T 121 49.49 -3.14 17.85
C VAL T 121 50.59 -2.26 17.22
N LEU T 122 50.97 -2.58 15.99
CA LEU T 122 51.99 -1.86 15.24
C LEU T 122 51.31 -1.18 14.04
N GLY T 123 51.80 0.01 13.65
CA GLY T 123 51.31 0.72 12.47
C GLY T 123 51.66 -0.09 11.25
N LEU T 124 50.67 -0.36 10.37
CA LEU T 124 50.81 -1.26 9.22
C LEU T 124 52.06 -1.04 8.40
N SER T 125 52.37 0.21 8.03
CA SER T 125 53.56 0.46 7.21
C SER T 125 54.87 0.09 7.88
N LYS T 126 54.90 0.05 9.23
CA LYS T 126 56.12 -0.32 9.96
C LYS T 126 56.47 -1.80 9.79
N LEU T 127 55.52 -2.66 9.40
CA LEU T 127 55.83 -4.06 9.09
C LEU T 127 56.64 -4.11 7.77
N ALA T 128 56.31 -3.23 6.82
CA ALA T 128 57.03 -3.12 5.55
C ALA T 128 58.40 -2.47 5.81
N ARG T 129 58.48 -1.54 6.77
CA ARG T 129 59.72 -0.91 7.18
C ARG T 129 60.66 -1.90 7.89
N ILE T 130 60.11 -2.88 8.65
CA ILE T 130 60.90 -3.94 9.25
C ILE T 130 61.53 -4.79 8.13
N VAL T 131 60.78 -5.08 7.07
CA VAL T 131 61.27 -5.83 5.92
C VAL T 131 62.44 -5.08 5.26
N GLU T 132 62.31 -3.78 5.12
CA GLU T 132 63.33 -2.95 4.52
C GLU T 132 64.64 -2.92 5.30
N ILE T 133 64.63 -2.88 6.66
CA ILE T 133 65.88 -2.87 7.45
C ILE T 133 66.73 -4.10 7.14
N TYR T 134 66.11 -5.29 7.16
CA TYR T 134 66.88 -6.51 7.03
C TYR T 134 67.09 -6.93 5.57
N SER T 135 66.16 -6.61 4.64
CA SER T 135 66.37 -7.02 3.24
C SER T 135 67.43 -6.19 2.54
N ARG T 136 67.59 -4.92 2.94
CA ARG T 136 68.60 -4.07 2.31
C ARG T 136 69.94 -4.32 2.97
N ARG T 137 70.46 -5.51 2.81
CA ARG T 137 71.70 -5.94 3.42
C ARG T 137 72.21 -7.15 2.63
N LEU T 138 73.42 -7.63 2.95
CA LEU T 138 73.93 -8.87 2.40
C LEU T 138 73.30 -9.93 3.31
N GLN T 139 72.46 -10.78 2.71
CA GLN T 139 71.61 -11.72 3.43
C GLN T 139 71.61 -13.15 2.94
N VAL T 140 71.01 -14.02 3.73
CA VAL T 140 70.57 -15.36 3.37
C VAL T 140 69.05 -15.36 3.71
N GLN T 141 68.21 -15.94 2.86
CA GLN T 141 66.76 -15.94 3.07
C GLN T 141 66.31 -16.40 4.48
N GLU T 142 66.97 -17.41 5.05
CA GLU T 142 66.67 -17.95 6.37
C GLU T 142 66.92 -16.95 7.47
N ARG T 143 68.00 -16.16 7.36
CA ARG T 143 68.29 -15.15 8.37
C ARG T 143 67.28 -14.02 8.30
N LEU T 144 66.97 -13.54 7.08
CA LEU T 144 66.07 -12.45 6.83
C LEU T 144 64.70 -12.72 7.42
N THR T 145 64.14 -13.95 7.21
CA THR T 145 62.86 -14.43 7.73
C THR T 145 62.85 -14.37 9.24
N LYS T 146 63.85 -14.98 9.90
CA LYS T 146 63.93 -14.96 11.36
C LYS T 146 64.07 -13.54 11.93
N GLN T 147 64.87 -12.66 11.30
CA GLN T 147 65.07 -11.29 11.79
C GLN T 147 63.77 -10.47 11.80
N ILE T 148 62.91 -10.66 10.80
CA ILE T 148 61.61 -9.99 10.70
C ILE T 148 60.69 -10.49 11.81
N ALA T 149 60.62 -11.82 11.96
CA ALA T 149 59.80 -12.45 12.98
C ALA T 149 60.19 -12.04 14.40
N VAL T 150 61.51 -12.00 14.71
CA VAL T 150 62.09 -11.60 16.01
C VAL T 150 61.80 -10.13 16.30
N ALA T 151 61.97 -9.22 15.30
CA ALA T 151 61.69 -7.79 15.46
C ALA T 151 60.25 -7.56 15.93
N ILE T 152 59.25 -8.16 15.26
CA ILE T 152 57.82 -8.05 15.59
C ILE T 152 57.53 -8.67 16.95
N THR T 153 58.11 -9.85 17.22
CA THR T 153 57.94 -10.57 18.48
C THR T 153 58.47 -9.71 19.65
N GLU T 154 59.59 -9.08 19.47
CA GLU T 154 60.23 -8.27 20.51
C GLU T 154 59.60 -6.88 20.70
N ALA T 155 59.02 -6.29 19.63
CA ALA T 155 58.42 -4.97 19.73
C ALA T 155 57.03 -5.02 20.34
N LEU T 156 56.26 -6.09 20.04
CA LEU T 156 54.87 -6.20 20.43
C LEU T 156 54.57 -7.23 21.49
N ARG T 157 55.48 -8.24 21.68
CA ARG T 157 55.26 -9.37 22.62
C ARG T 157 53.90 -10.00 22.36
N PRO T 158 53.67 -10.46 21.12
CA PRO T 158 52.33 -10.88 20.76
C PRO T 158 52.02 -12.35 21.10
N ALA T 159 50.77 -12.75 20.87
CA ALA T 159 50.35 -14.12 21.10
C ALA T 159 51.11 -15.07 20.11
N GLY T 160 51.35 -14.59 18.88
CA GLY T 160 52.08 -15.32 17.86
C GLY T 160 52.42 -14.48 16.62
N VAL T 161 53.42 -14.93 15.83
CA VAL T 161 53.85 -14.27 14.61
C VAL T 161 53.98 -15.34 13.52
N GLY T 162 53.68 -14.98 12.28
CA GLY T 162 53.90 -15.82 11.11
C GLY T 162 54.59 -15.00 10.06
N VAL T 163 55.75 -15.47 9.52
CA VAL T 163 56.50 -14.72 8.48
C VAL T 163 56.83 -15.69 7.34
N VAL T 164 56.38 -15.41 6.13
CA VAL T 164 56.65 -16.26 4.97
C VAL T 164 57.35 -15.41 3.92
N VAL T 165 58.52 -15.82 3.46
CA VAL T 165 59.25 -15.10 2.41
C VAL T 165 59.37 -16.02 1.15
N GLU T 166 58.91 -15.57 -0.03
CA GLU T 166 59.11 -16.35 -1.26
C GLU T 166 60.04 -15.57 -2.20
N ALA T 167 61.07 -16.21 -2.78
CA ALA T 167 62.02 -15.45 -3.61
C ALA T 167 62.68 -16.22 -4.74
N THR T 168 62.96 -15.51 -5.83
CA THR T 168 63.71 -16.07 -6.94
C THR T 168 65.16 -15.69 -6.71
N HIS T 169 66.06 -16.66 -6.64
CA HIS T 169 67.46 -16.36 -6.44
C HIS T 169 68.18 -16.31 -7.77
N MET T 170 68.72 -15.14 -8.15
CA MET T 170 69.44 -14.99 -9.41
C MET T 170 70.62 -15.95 -9.51
N CYS T 171 71.27 -16.29 -8.39
CA CYS T 171 72.40 -17.22 -8.38
C CYS T 171 71.98 -18.68 -8.68
N MET T 172 70.69 -19.00 -8.62
CA MET T 172 70.18 -20.32 -8.98
C MET T 172 69.47 -20.33 -10.34
N VAL T 173 69.11 -19.16 -10.85
CA VAL T 173 68.41 -18.97 -12.12
C VAL T 173 69.38 -18.54 -13.26
N MET T 174 70.24 -17.52 -13.00
CA MET T 174 71.22 -16.99 -13.95
C MET T 174 72.48 -17.81 -14.09
N ARG T 175 72.78 -18.69 -13.12
CA ARG T 175 74.03 -19.45 -13.12
C ARG T 175 73.92 -20.68 -12.20
N GLY T 176 74.98 -21.49 -12.13
CA GLY T 176 75.01 -22.63 -11.24
C GLY T 176 74.10 -23.74 -11.71
N VAL T 177 73.08 -24.09 -10.90
CA VAL T 177 72.09 -25.13 -11.25
C VAL T 177 71.18 -24.70 -12.43
N GLN T 178 70.99 -23.38 -12.61
CA GLN T 178 70.17 -22.75 -13.63
C GLN T 178 68.77 -23.33 -13.69
N LYS T 179 68.12 -23.49 -12.53
CA LYS T 179 66.74 -23.94 -12.51
C LYS T 179 65.93 -22.65 -12.47
N MET T 180 65.64 -22.14 -13.67
CA MET T 180 64.92 -20.91 -14.02
C MET T 180 63.57 -20.74 -13.35
N ASN T 181 62.84 -21.84 -13.18
CA ASN T 181 61.52 -21.78 -12.57
C ASN T 181 61.53 -21.96 -11.05
N SER T 182 62.69 -22.23 -10.41
CA SER T 182 62.73 -22.46 -8.96
C SER T 182 62.50 -21.19 -8.14
N LYS T 183 61.84 -21.37 -6.98
CA LYS T 183 61.62 -20.32 -5.99
C LYS T 183 61.97 -20.91 -4.62
N THR T 184 62.48 -20.08 -3.71
CA THR T 184 62.80 -20.52 -2.36
C THR T 184 61.76 -19.91 -1.44
N VAL T 185 61.10 -20.73 -0.61
CA VAL T 185 60.10 -20.25 0.35
C VAL T 185 60.55 -20.57 1.81
N THR T 186 60.75 -19.53 2.64
CA THR T 186 61.13 -19.71 4.03
C THR T 186 59.92 -19.34 4.96
N SER T 187 59.69 -20.15 6.01
CA SER T 187 58.53 -19.91 6.88
C SER T 187 58.81 -20.01 8.40
N THR T 188 58.66 -18.88 9.11
CA THR T 188 58.84 -18.82 10.57
C THR T 188 57.42 -18.71 11.20
N MET T 189 57.06 -19.66 12.09
CA MET T 189 55.77 -19.66 12.78
C MET T 189 56.10 -19.65 14.25
N LEU T 190 55.74 -18.56 14.96
CA LEU T 190 56.04 -18.42 16.39
C LEU T 190 54.75 -18.29 17.20
N GLY T 191 54.83 -18.68 18.48
CA GLY T 191 53.72 -18.61 19.44
C GLY T 191 52.53 -19.44 19.01
N VAL T 192 51.33 -18.84 19.03
CA VAL T 192 50.11 -19.52 18.57
C VAL T 192 50.18 -19.86 17.08
N PHE T 193 51.03 -19.17 16.30
CA PHE T 193 51.17 -19.55 14.88
C PHE T 193 51.81 -20.92 14.76
N ARG T 194 52.61 -21.35 15.76
CA ARG T 194 53.18 -22.68 15.73
C ARG T 194 52.28 -23.71 16.39
N GLU T 195 51.78 -23.39 17.57
CA GLU T 195 50.99 -24.30 18.37
C GLU T 195 49.61 -24.58 17.87
N ASP T 196 48.84 -23.56 17.46
CA ASP T 196 47.44 -23.80 17.07
C ASP T 196 47.28 -24.16 15.57
N PRO T 197 46.66 -25.31 15.29
CA PRO T 197 46.46 -25.71 13.88
C PRO T 197 45.45 -24.82 13.17
N LYS T 198 44.43 -24.35 13.89
CA LYS T 198 43.42 -23.46 13.33
C LYS T 198 44.07 -22.13 12.92
N THR T 199 44.98 -21.63 13.73
CA THR T 199 45.72 -20.39 13.53
C THR T 199 46.65 -20.42 12.32
N ARG T 200 47.41 -21.51 12.18
CA ARG T 200 48.34 -21.64 11.09
C ARG T 200 47.67 -21.75 9.74
N GLU T 201 46.64 -22.58 9.64
CA GLU T 201 45.91 -22.82 8.41
C GLU T 201 45.21 -21.54 7.94
N GLU T 202 44.64 -20.78 8.86
CA GLU T 202 44.00 -19.51 8.56
C GLU T 202 45.05 -18.51 8.05
N PHE T 203 46.24 -18.49 8.65
CA PHE T 203 47.32 -17.62 8.21
C PHE T 203 47.75 -17.98 6.78
N LEU T 204 47.96 -19.27 6.54
CA LEU T 204 48.37 -19.75 5.23
C LEU T 204 47.31 -19.58 4.18
N THR T 205 46.04 -19.58 4.56
CA THR T 205 44.95 -19.39 3.61
C THR T 205 44.84 -17.91 3.30
N LEU T 206 44.87 -17.03 4.31
CA LEU T 206 44.67 -15.60 4.08
C LEU T 206 45.82 -14.90 3.36
N ILE T 207 47.00 -15.53 3.25
CA ILE T 207 48.11 -14.89 2.53
C ILE T 207 48.08 -15.16 1.01
N ARG T 208 47.32 -16.17 0.57
CA ARG T 208 47.22 -16.55 -0.85
C ARG T 208 46.70 -15.45 -1.75
N MET U 4 -25.35 43.07 -41.05
CA MET U 4 -25.96 42.50 -39.86
C MET U 4 -27.28 43.27 -39.58
N PRO U 5 -28.39 42.86 -40.21
CA PRO U 5 -29.64 43.62 -40.06
C PRO U 5 -30.39 43.50 -38.74
N TYR U 6 -30.34 42.36 -38.04
CA TYR U 6 -31.11 42.20 -36.80
C TYR U 6 -30.37 42.54 -35.52
N LEU U 7 -31.11 43.06 -34.55
CA LEU U 7 -30.55 43.47 -33.27
C LEU U 7 -31.51 43.09 -32.15
N LEU U 8 -30.98 42.60 -31.03
CA LEU U 8 -31.81 42.26 -29.89
C LEU U 8 -31.27 43.02 -28.70
N ILE U 9 -32.13 43.81 -28.05
CA ILE U 9 -31.76 44.56 -26.84
C ILE U 9 -32.74 44.21 -25.72
N SER U 10 -32.30 44.30 -24.46
CA SER U 10 -33.18 43.92 -23.35
C SER U 10 -32.93 44.69 -22.06
N THR U 11 -33.90 44.68 -21.16
CA THR U 11 -33.76 45.27 -19.84
C THR U 11 -34.63 44.48 -18.87
N GLN U 12 -34.18 44.41 -17.62
CA GLN U 12 -34.93 43.73 -16.57
C GLN U 12 -36.02 44.69 -16.06
N ILE U 13 -37.12 44.15 -15.49
CA ILE U 13 -38.25 44.96 -15.03
C ILE U 13 -37.80 46.11 -14.13
N ARG U 14 -38.36 47.21 -14.59
CA ARG U 14 -38.38 48.62 -14.36
C ARG U 14 -37.69 49.16 -15.53
N MET U 15 -38.50 49.33 -16.57
CA MET U 15 -38.10 49.82 -17.87
C MET U 15 -37.51 51.25 -17.79
N GLU U 16 -37.85 52.02 -16.75
CA GLU U 16 -37.36 53.38 -16.49
C GLU U 16 -35.87 53.45 -16.18
N VAL U 17 -35.26 52.31 -15.82
CA VAL U 17 -33.88 52.28 -15.38
C VAL U 17 -33.10 51.18 -16.10
N GLY U 18 -31.80 51.37 -16.24
CA GLY U 18 -30.93 50.38 -16.85
C GLY U 18 -30.42 49.36 -15.84
N PRO U 19 -29.48 48.49 -16.22
CA PRO U 19 -28.81 48.40 -17.52
C PRO U 19 -29.65 47.88 -18.67
N THR U 20 -29.17 48.10 -19.88
CA THR U 20 -29.79 47.61 -21.09
C THR U 20 -28.75 46.76 -21.79
N MET U 21 -29.06 45.47 -22.01
CA MET U 21 -28.21 44.52 -22.71
C MET U 21 -28.32 44.86 -24.18
N VAL U 22 -27.20 45.17 -24.84
CA VAL U 22 -27.24 45.57 -26.24
C VAL U 22 -26.50 44.61 -27.20
N GLY U 23 -25.98 43.48 -26.70
CA GLY U 23 -25.26 42.54 -27.57
C GLY U 23 -24.61 41.32 -26.97
N ASP U 24 -24.11 40.45 -27.85
CA ASP U 24 -23.42 39.21 -27.50
C ASP U 24 -21.96 39.27 -28.03
N GLU U 25 -21.14 38.21 -27.83
CA GLU U 25 -19.73 38.24 -28.28
C GLU U 25 -19.53 38.59 -29.74
N GLN U 26 -20.47 38.18 -30.61
CA GLN U 26 -20.33 38.44 -32.04
C GLN U 26 -21.04 39.71 -32.52
N SER U 27 -21.38 40.63 -31.62
CA SER U 27 -22.01 41.89 -32.01
C SER U 27 -21.02 42.85 -32.72
N ASP U 28 -21.55 43.80 -33.54
CA ASP U 28 -20.80 44.82 -34.27
C ASP U 28 -20.06 45.66 -33.27
N PRO U 29 -18.71 45.66 -33.31
CA PRO U 29 -17.95 46.42 -32.31
C PRO U 29 -18.06 47.94 -32.42
N GLU U 30 -18.36 48.47 -33.61
CA GLU U 30 -18.51 49.91 -33.80
C GLU U 30 -19.83 50.39 -33.20
N LEU U 31 -20.89 49.60 -33.40
CA LEU U 31 -22.20 49.93 -32.83
C LEU U 31 -22.14 49.91 -31.31
N MET U 32 -21.38 48.97 -30.73
CA MET U 32 -21.28 48.88 -29.29
C MET U 32 -20.53 50.11 -28.72
N GLN U 33 -19.41 50.53 -29.35
CA GLN U 33 -18.71 51.74 -28.90
C GLN U 33 -19.55 53.02 -29.13
N HIS U 34 -20.47 53.00 -30.11
CA HIS U 34 -21.36 54.13 -30.37
C HIS U 34 -22.36 54.27 -29.21
N LEU U 35 -22.97 53.15 -28.79
CA LEU U 35 -23.90 53.12 -27.66
C LEU U 35 -23.21 53.33 -26.29
N GLY U 36 -21.87 53.28 -26.27
CA GLY U 36 -21.07 53.40 -25.05
C GLY U 36 -21.09 52.12 -24.23
N ALA U 37 -21.28 50.97 -24.92
CA ALA U 37 -21.37 49.67 -24.26
C ALA U 37 -20.05 49.10 -23.79
N SER U 38 -20.12 48.31 -22.72
CA SER U 38 -18.96 47.65 -22.17
C SER U 38 -19.21 46.12 -22.27
N LYS U 39 -18.16 45.35 -22.44
CA LYS U 39 -18.27 43.90 -22.56
C LYS U 39 -17.96 43.28 -21.20
N ARG U 40 -18.73 42.28 -20.79
CA ARG U 40 -18.49 41.61 -19.51
C ARG U 40 -19.04 40.19 -19.50
N ARG U 41 -18.49 39.33 -18.63
CA ARG U 41 -19.03 38.01 -18.44
C ARG U 41 -19.51 38.01 -17.00
N ALA U 42 -20.81 38.23 -16.79
CA ALA U 42 -21.38 38.28 -15.45
C ALA U 42 -21.21 36.94 -14.73
N LEU U 43 -20.99 36.98 -13.42
CA LEU U 43 -20.81 35.78 -12.59
C LEU U 43 -22.03 34.88 -12.70
N GLY U 44 -21.80 33.63 -13.08
CA GLY U 44 -22.89 32.68 -13.29
C GLY U 44 -23.19 32.42 -14.76
N ASN U 45 -22.72 33.29 -15.66
CA ASN U 45 -22.91 33.16 -17.10
C ASN U 45 -21.65 32.62 -17.77
N ASN U 46 -21.87 31.81 -18.81
CA ASN U 46 -20.76 31.25 -19.58
C ASN U 46 -20.68 31.94 -20.95
N PHE U 47 -20.92 33.25 -20.99
CA PHE U 47 -20.90 34.02 -22.22
C PHE U 47 -20.67 35.48 -21.91
N TYR U 48 -20.12 36.21 -22.87
CA TYR U 48 -19.90 37.64 -22.74
C TYR U 48 -21.13 38.41 -23.26
N GLU U 49 -21.39 39.56 -22.69
CA GLU U 49 -22.51 40.39 -23.08
C GLU U 49 -22.08 41.85 -23.14
N TYR U 50 -22.73 42.63 -23.99
CA TYR U 50 -22.48 44.06 -24.06
C TYR U 50 -23.64 44.75 -23.36
N TYR U 51 -23.35 45.74 -22.49
CA TYR U 51 -24.40 46.42 -21.75
C TYR U 51 -24.14 47.93 -21.64
N VAL U 52 -25.20 48.70 -21.38
CA VAL U 52 -25.08 50.15 -21.13
C VAL U 52 -25.86 50.45 -19.84
N ASP U 53 -25.50 51.51 -19.13
CA ASP U 53 -26.22 51.90 -17.93
C ASP U 53 -27.57 52.59 -18.22
N ASP U 54 -27.75 53.08 -19.45
CA ASP U 54 -28.94 53.78 -19.91
C ASP U 54 -30.19 52.93 -19.91
N PRO U 55 -31.37 53.55 -19.63
CA PRO U 55 -32.62 52.81 -19.76
C PRO U 55 -32.92 52.53 -21.24
N PRO U 56 -33.77 51.54 -21.56
CA PRO U 56 -34.02 51.20 -22.97
C PRO U 56 -34.48 52.34 -23.88
N ARG U 57 -35.25 53.31 -23.37
CA ARG U 57 -35.72 54.45 -24.16
C ARG U 57 -34.56 55.23 -24.77
N ILE U 58 -33.46 55.47 -24.02
CA ILE U 58 -32.27 56.19 -24.51
C ILE U 58 -31.60 55.36 -25.62
N VAL U 59 -31.47 54.05 -25.41
CA VAL U 59 -30.86 53.14 -26.36
C VAL U 59 -31.66 53.09 -27.67
N LEU U 60 -33.00 53.03 -27.59
CA LEU U 60 -33.87 53.00 -28.78
C LEU U 60 -33.71 54.28 -29.61
N ASP U 61 -33.60 55.43 -28.95
CA ASP U 61 -33.41 56.70 -29.64
C ASP U 61 -32.02 56.76 -30.33
N LYS U 62 -30.98 56.13 -29.73
CA LYS U 62 -29.65 56.08 -30.35
C LYS U 62 -29.73 55.16 -31.56
N LEU U 63 -30.34 53.98 -31.40
CA LEU U 63 -30.49 53.04 -32.50
C LEU U 63 -31.31 53.61 -33.66
N GLU U 64 -32.27 54.51 -33.38
CA GLU U 64 -33.08 55.17 -34.41
C GLU U 64 -32.21 56.01 -35.33
N ARG U 65 -31.22 56.72 -34.74
CA ARG U 65 -30.22 57.56 -35.43
C ARG U 65 -29.29 56.70 -36.30
N ARG U 66 -29.07 55.43 -35.94
CA ARG U 66 -28.22 54.51 -36.68
C ARG U 66 -28.97 53.69 -37.76
N GLY U 67 -30.26 53.97 -37.96
CA GLY U 67 -31.04 53.30 -39.01
C GLY U 67 -31.81 52.06 -38.60
N PHE U 68 -32.12 51.92 -37.30
CA PHE U 68 -32.85 50.76 -36.81
C PHE U 68 -34.30 51.06 -36.46
N ARG U 69 -35.18 50.08 -36.68
CA ARG U 69 -36.59 50.23 -36.37
C ARG U 69 -37.02 49.06 -35.51
N VAL U 70 -37.84 49.32 -34.48
CA VAL U 70 -38.38 48.28 -33.62
C VAL U 70 -39.47 47.50 -34.38
N LEU U 71 -39.28 46.19 -34.55
CA LEU U 71 -40.29 45.34 -35.20
C LEU U 71 -41.19 44.70 -34.16
N SER U 72 -40.61 44.35 -33.00
CA SER U 72 -41.36 43.69 -31.96
C SER U 72 -40.76 43.99 -30.61
N MET U 73 -41.61 43.98 -29.58
CA MET U 73 -41.21 44.16 -28.19
C MET U 73 -41.99 43.09 -27.41
N THR U 74 -41.28 42.32 -26.58
CA THR U 74 -41.93 41.27 -25.82
C THR U 74 -41.41 41.16 -24.39
N GLY U 75 -42.20 40.50 -23.55
CA GLY U 75 -41.80 40.21 -22.18
C GLY U 75 -41.52 38.73 -22.08
N VAL U 76 -40.46 38.36 -21.38
CA VAL U 76 -40.12 36.98 -21.14
C VAL U 76 -39.55 36.90 -19.71
N GLY U 77 -40.34 36.36 -18.80
CA GLY U 77 -40.03 36.31 -17.39
C GLY U 77 -40.14 37.73 -16.87
N GLN U 78 -39.02 38.26 -16.35
CA GLN U 78 -38.91 39.65 -15.90
C GLN U 78 -38.15 40.51 -16.90
N THR U 79 -37.87 40.01 -18.10
CA THR U 79 -37.12 40.72 -19.13
C THR U 79 -38.03 41.31 -20.19
N LEU U 80 -37.74 42.54 -20.60
CA LEU U 80 -38.40 43.24 -21.68
C LEU U 80 -37.38 43.17 -22.82
N VAL U 81 -37.75 42.61 -23.99
CA VAL U 81 -36.85 42.44 -25.13
C VAL U 81 -37.36 43.20 -26.34
N TRP U 82 -36.46 43.86 -27.10
CA TRP U 82 -36.81 44.58 -28.33
C TRP U 82 -36.07 43.93 -29.49
N CYS U 83 -36.79 43.69 -30.59
CA CYS U 83 -36.19 43.13 -31.79
C CYS U 83 -36.17 44.23 -32.81
N LEU U 84 -34.99 44.72 -33.17
CA LEU U 84 -34.83 45.81 -34.13
C LEU U 84 -34.25 45.34 -35.47
N HIS U 85 -34.49 46.11 -36.52
CA HIS U 85 -34.03 45.77 -37.85
C HIS U 85 -33.53 47.00 -38.60
N LYS U 86 -32.35 46.89 -39.25
CA LYS U 86 -31.74 47.99 -40.02
C LYS U 86 -32.54 48.14 -41.30
N GLU U 87 -33.45 49.13 -41.32
CA GLU U 87 -34.31 49.36 -42.46
C GLU U 87 -33.66 50.32 -43.45
N MET V 4 -35.88 61.71 -28.52
CA MET V 4 -37.04 62.29 -29.17
C MET V 4 -38.05 61.27 -29.80
N PRO V 5 -37.64 60.26 -30.61
CA PRO V 5 -38.66 59.43 -31.30
C PRO V 5 -39.44 58.42 -30.46
N TYR V 6 -38.76 57.55 -29.71
CA TYR V 6 -39.41 56.49 -28.95
C TYR V 6 -39.95 56.88 -27.56
N LEU V 7 -41.00 56.18 -27.15
CA LEU V 7 -41.66 56.37 -25.88
C LEU V 7 -42.09 55.04 -25.31
N LEU V 8 -41.93 54.86 -23.99
CA LEU V 8 -42.39 53.63 -23.35
C LEU V 8 -43.36 54.01 -22.24
N ILE V 9 -44.58 53.50 -22.30
CA ILE V 9 -45.56 53.74 -21.25
C ILE V 9 -46.02 52.39 -20.68
N SER V 10 -46.50 52.37 -19.42
CA SER V 10 -46.93 51.12 -18.81
C SER V 10 -48.04 51.28 -17.79
N THR V 11 -48.76 50.18 -17.51
CA THR V 11 -49.79 50.13 -16.49
C THR V 11 -49.78 48.73 -15.85
N GLN V 12 -50.20 48.62 -14.59
CA GLN V 12 -50.29 47.32 -13.94
C GLN V 12 -51.59 46.64 -14.38
N ILE V 13 -51.73 45.32 -14.18
CA ILE V 13 -52.93 44.58 -14.56
C ILE V 13 -54.17 45.22 -13.96
N ARG V 14 -55.13 45.28 -14.88
CA ARG V 14 -56.42 45.92 -14.92
C ARG V 14 -56.16 47.21 -15.63
N MET V 15 -56.05 47.06 -16.96
CA MET V 15 -55.77 48.09 -17.96
C MET V 15 -56.82 49.22 -17.95
N GLU V 16 -58.03 48.95 -17.46
CA GLU V 16 -59.10 49.95 -17.40
C GLU V 16 -58.83 51.07 -16.38
N VAL V 17 -57.85 50.89 -15.48
CA VAL V 17 -57.61 51.83 -14.42
C VAL V 17 -56.10 52.20 -14.30
N GLY V 18 -55.81 53.46 -13.97
CA GLY V 18 -54.45 53.93 -13.80
C GLY V 18 -53.85 53.55 -12.45
N PRO V 19 -52.65 54.06 -12.09
CA PRO V 19 -51.80 54.99 -12.85
C PRO V 19 -51.14 54.40 -14.08
N THR V 20 -50.65 55.28 -14.96
CA THR V 20 -49.93 54.90 -16.15
C THR V 20 -48.57 55.58 -16.06
N MET V 21 -47.49 54.79 -16.08
CA MET V 21 -46.12 55.29 -16.04
C MET V 21 -45.82 55.85 -17.43
N VAL V 22 -45.45 57.14 -17.53
CA VAL V 22 -45.20 57.75 -18.83
C VAL V 22 -43.77 58.24 -19.05
N GLY V 23 -42.91 58.19 -18.02
CA GLY V 23 -41.55 58.67 -18.17
C GLY V 23 -40.51 58.30 -17.13
N ASP V 24 -39.25 58.43 -17.52
CA ASP V 24 -38.08 58.25 -16.67
C ASP V 24 -37.44 59.66 -16.44
N GLU V 25 -36.36 59.76 -15.64
CA GLU V 25 -35.75 61.06 -15.36
C GLU V 25 -35.35 61.87 -16.59
N GLN V 26 -34.83 61.23 -17.63
CA GLN V 26 -34.37 61.94 -18.81
C GLN V 26 -35.43 62.16 -19.89
N SER V 27 -36.71 62.10 -19.51
CA SER V 27 -37.83 62.34 -20.41
C SER V 27 -38.04 63.83 -20.74
N ASP V 28 -38.74 64.13 -21.85
CA ASP V 28 -39.02 65.50 -22.30
C ASP V 28 -39.95 66.16 -21.29
N PRO V 29 -39.49 67.23 -20.61
CA PRO V 29 -40.32 67.87 -19.58
C PRO V 29 -41.60 68.51 -20.09
N GLU V 30 -41.59 68.91 -21.37
CA GLU V 30 -42.74 69.51 -22.03
C GLU V 30 -43.79 68.44 -22.28
N LEU V 31 -43.37 67.22 -22.66
CA LEU V 31 -44.30 66.10 -22.87
C LEU V 31 -44.88 65.72 -21.52
N MET V 32 -44.03 65.59 -20.48
CA MET V 32 -44.52 65.26 -19.15
C MET V 32 -45.51 66.29 -18.63
N GLN V 33 -45.30 67.57 -18.95
CA GLN V 33 -46.23 68.61 -18.57
C GLN V 33 -47.51 68.61 -19.41
N HIS V 34 -47.44 68.42 -20.77
CA HIS V 34 -48.61 68.32 -21.65
C HIS V 34 -49.60 67.26 -21.09
N LEU V 35 -49.09 66.04 -20.79
CA LEU V 35 -49.83 65.00 -20.10
C LEU V 35 -49.82 65.47 -18.62
N GLY V 36 -50.77 65.04 -17.80
CA GLY V 36 -50.79 65.47 -16.40
C GLY V 36 -49.74 64.78 -15.55
N ALA V 37 -48.50 64.60 -16.08
CA ALA V 37 -47.48 63.85 -15.38
C ALA V 37 -46.88 64.55 -14.21
N SER V 38 -46.69 63.79 -13.13
CA SER V 38 -46.00 64.24 -11.91
C SER V 38 -44.74 63.38 -11.76
N LYS V 39 -43.68 63.96 -11.21
CA LYS V 39 -42.42 63.24 -11.03
C LYS V 39 -42.35 62.75 -9.61
N ARG V 40 -41.88 61.50 -9.41
CA ARG V 40 -41.77 60.95 -8.06
C ARG V 40 -40.75 59.83 -8.00
N ARG V 41 -40.20 59.57 -6.82
CA ARG V 41 -39.32 58.43 -6.61
C ARG V 41 -40.07 57.57 -5.62
N ALA V 42 -40.75 56.54 -6.08
CA ALA V 42 -41.54 55.68 -5.20
C ALA V 42 -40.64 54.97 -4.20
N LEU V 43 -41.15 54.77 -2.96
CA LEU V 43 -40.41 54.09 -1.88
C LEU V 43 -39.98 52.69 -2.35
N GLY V 44 -38.67 52.43 -2.26
CA GLY V 44 -38.11 51.17 -2.71
C GLY V 44 -37.41 51.23 -4.05
N ASN V 45 -37.63 52.33 -4.79
CA ASN V 45 -36.99 52.55 -6.09
C ASN V 45 -35.84 53.55 -5.94
N ASN V 46 -34.77 53.34 -6.73
CA ASN V 46 -33.62 54.22 -6.75
C ASN V 46 -33.62 55.01 -8.07
N PHE V 47 -34.79 55.46 -8.50
CA PHE V 47 -34.94 56.20 -9.73
C PHE V 47 -36.24 57.00 -9.69
N TYR V 48 -36.30 58.08 -10.46
CA TYR V 48 -37.51 58.87 -10.57
C TYR V 48 -38.36 58.38 -11.75
N GLU V 49 -39.66 58.59 -11.65
CA GLU V 49 -40.57 58.26 -12.71
C GLU V 49 -41.61 59.36 -12.87
N TYR V 50 -42.20 59.45 -14.04
CA TYR V 50 -43.31 60.33 -14.32
C TYR V 50 -44.54 59.44 -14.46
N TYR V 51 -45.65 59.84 -13.86
CA TYR V 51 -46.88 59.04 -13.90
C TYR V 51 -48.11 59.92 -14.04
N VAL V 52 -49.22 59.32 -14.51
CA VAL V 52 -50.50 60.00 -14.61
C VAL V 52 -51.55 59.12 -13.98
N ASP V 53 -52.64 59.70 -13.45
CA ASP V 53 -53.71 58.90 -12.85
C ASP V 53 -54.59 58.21 -13.90
N ASP V 54 -54.56 58.67 -15.15
CA ASP V 54 -55.33 58.17 -16.27
C ASP V 54 -55.03 56.72 -16.66
N PRO V 55 -56.04 55.96 -17.12
CA PRO V 55 -55.77 54.62 -17.66
C PRO V 55 -55.06 54.73 -19.02
N PRO V 56 -54.34 53.66 -19.43
CA PRO V 56 -53.57 53.74 -20.67
C PRO V 56 -54.33 54.21 -21.92
N ARG V 57 -55.61 53.82 -22.11
CA ARG V 57 -56.39 54.26 -23.27
C ARG V 57 -56.46 55.78 -23.42
N ILE V 58 -56.72 56.52 -22.32
CA ILE V 58 -56.78 57.98 -22.30
C ILE V 58 -55.40 58.57 -22.72
N VAL V 59 -54.30 57.90 -22.31
CA VAL V 59 -52.93 58.32 -22.62
C VAL V 59 -52.59 58.04 -24.08
N LEU V 60 -53.09 56.93 -24.64
CA LEU V 60 -52.86 56.59 -26.04
C LEU V 60 -53.55 57.62 -26.95
N ASP V 61 -54.75 58.08 -26.55
CA ASP V 61 -55.50 59.12 -27.25
C ASP V 61 -54.77 60.47 -27.15
N LYS V 62 -54.14 60.75 -25.99
CA LYS V 62 -53.38 61.97 -25.76
C LYS V 62 -52.07 61.97 -26.60
N LEU V 63 -51.37 60.83 -26.61
CA LEU V 63 -50.14 60.66 -27.39
C LEU V 63 -50.42 60.59 -28.89
N GLU V 64 -51.67 60.31 -29.35
CA GLU V 64 -51.95 60.32 -30.79
C GLU V 64 -51.89 61.76 -31.32
N ARG V 65 -52.38 62.72 -30.51
CA ARG V 65 -52.36 64.14 -30.83
C ARG V 65 -50.94 64.73 -30.81
N ARG V 66 -49.93 63.97 -30.33
CA ARG V 66 -48.53 64.38 -30.30
C ARG V 66 -47.64 63.69 -31.36
N GLY V 67 -48.26 63.04 -32.35
CA GLY V 67 -47.56 62.40 -33.45
C GLY V 67 -47.10 60.98 -33.21
N PHE V 68 -47.50 60.38 -32.08
CA PHE V 68 -47.06 59.03 -31.73
C PHE V 68 -47.98 57.91 -32.20
N ARG V 69 -47.38 56.76 -32.55
CA ARG V 69 -48.12 55.57 -32.95
C ARG V 69 -47.59 54.36 -32.18
N VAL V 70 -48.48 53.49 -31.74
CA VAL V 70 -48.11 52.27 -31.04
C VAL V 70 -47.45 51.31 -32.03
N LEU V 71 -46.21 50.94 -31.76
CA LEU V 71 -45.48 49.98 -32.59
C LEU V 71 -45.66 48.57 -32.03
N SER V 72 -45.65 48.45 -30.69
CA SER V 72 -45.78 47.17 -30.04
C SER V 72 -46.40 47.33 -28.65
N MET V 73 -47.08 46.29 -28.17
CA MET V 73 -47.66 46.23 -26.83
C MET V 73 -47.31 44.85 -26.28
N THR V 74 -46.80 44.79 -25.05
CA THR V 74 -46.45 43.51 -24.45
C THR V 74 -46.79 43.42 -22.95
N GLY V 75 -46.84 42.20 -22.44
CA GLY V 75 -47.03 41.94 -21.02
C GLY V 75 -45.74 41.40 -20.45
N VAL V 76 -45.35 41.86 -19.27
CA VAL V 76 -44.16 41.39 -18.58
C VAL V 76 -44.53 41.35 -17.11
N GLY V 77 -44.62 40.16 -16.53
CA GLY V 77 -45.08 40.01 -15.17
C GLY V 77 -46.55 40.41 -15.09
N GLN V 78 -46.86 41.41 -14.28
CA GLN V 78 -48.20 41.98 -14.19
C GLN V 78 -48.31 43.35 -14.89
N THR V 79 -47.31 43.72 -15.71
CA THR V 79 -47.23 45.01 -16.38
C THR V 79 -47.57 44.89 -17.85
N LEU V 80 -48.34 45.85 -18.33
CA LEU V 80 -48.68 45.99 -19.73
C LEU V 80 -47.83 47.17 -20.19
N VAL V 81 -46.97 46.97 -21.21
CA VAL V 81 -46.08 48.00 -21.72
C VAL V 81 -46.42 48.35 -23.20
N TRP V 82 -46.40 49.64 -23.56
CA TRP V 82 -46.61 50.10 -24.93
C TRP V 82 -45.34 50.79 -25.42
N CYS V 83 -44.91 50.45 -26.62
CA CYS V 83 -43.75 51.09 -27.24
C CYS V 83 -44.28 51.97 -28.36
N LEU V 84 -44.18 53.29 -28.20
CA LEU V 84 -44.69 54.22 -29.20
C LEU V 84 -43.56 54.91 -29.93
N HIS V 85 -43.82 55.26 -31.19
CA HIS V 85 -42.84 55.94 -32.00
C HIS V 85 -43.44 57.21 -32.59
N LYS V 86 -42.68 58.30 -32.52
CA LYS V 86 -43.11 59.57 -33.08
C LYS V 86 -42.87 59.48 -34.58
N GLU V 87 -43.96 59.25 -35.35
CA GLU V 87 -43.91 59.13 -36.80
C GLU V 87 -45.09 59.87 -37.46
N MET W 4 -61.97 59.36 -30.54
CA MET W 4 -61.29 58.43 -29.64
C MET W 4 -60.60 57.30 -30.44
N PRO W 5 -59.34 57.49 -30.88
CA PRO W 5 -58.69 56.48 -31.73
C PRO W 5 -58.37 55.10 -31.13
N TYR W 6 -57.87 55.03 -29.88
CA TYR W 6 -57.47 53.74 -29.32
C TYR W 6 -58.55 53.07 -28.49
N LEU W 7 -58.58 51.74 -28.61
CA LEU W 7 -59.51 50.87 -27.91
C LEU W 7 -58.72 49.70 -27.29
N LEU W 8 -59.08 49.28 -26.07
CA LEU W 8 -58.40 48.16 -25.44
C LEU W 8 -59.40 47.10 -25.06
N ILE W 9 -59.25 45.90 -25.61
CA ILE W 9 -60.14 44.78 -25.27
C ILE W 9 -59.34 43.61 -24.71
N SER W 10 -59.98 42.73 -23.92
CA SER W 10 -59.28 41.60 -23.33
C SER W 10 -60.19 40.44 -22.96
N THR W 11 -59.60 39.25 -22.77
CA THR W 11 -60.33 38.10 -22.25
C THR W 11 -59.40 37.24 -21.35
N GLN W 12 -59.98 36.44 -20.46
CA GLN W 12 -59.19 35.52 -19.64
C GLN W 12 -58.82 34.28 -20.47
N ILE W 13 -57.80 33.51 -20.06
CA ILE W 13 -57.40 32.31 -20.78
C ILE W 13 -58.56 31.34 -20.92
N ARG W 14 -58.64 30.95 -22.19
CA ARG W 14 -59.57 30.22 -22.96
C ARG W 14 -60.19 31.30 -23.80
N MET W 15 -59.43 31.61 -24.86
CA MET W 15 -59.75 32.59 -25.88
C MET W 15 -61.06 32.20 -26.61
N GLU W 16 -61.38 30.90 -26.70
CA GLU W 16 -62.57 30.42 -27.39
C GLU W 16 -63.84 30.66 -26.65
N VAL W 17 -63.83 31.31 -25.47
CA VAL W 17 -65.04 31.42 -24.66
C VAL W 17 -64.95 32.69 -23.72
N GLY W 18 -65.73 32.68 -22.60
CA GLY W 18 -65.79 33.66 -21.52
C GLY W 18 -66.15 35.05 -21.95
N PRO W 19 -66.31 35.92 -20.94
CA PRO W 19 -66.60 37.33 -21.27
C PRO W 19 -65.39 38.05 -21.86
N THR W 20 -65.65 39.15 -22.52
CA THR W 20 -64.63 39.97 -23.13
C THR W 20 -64.82 41.38 -22.59
N MET W 21 -63.76 41.98 -22.04
CA MET W 21 -63.83 43.32 -21.50
C MET W 21 -63.61 44.25 -22.67
N VAL W 22 -64.55 45.14 -22.94
CA VAL W 22 -64.47 46.03 -24.10
C VAL W 22 -64.22 47.50 -23.73
N GLY W 23 -64.51 47.89 -22.49
CA GLY W 23 -64.32 49.27 -22.07
C GLY W 23 -64.14 49.54 -20.59
N ASP W 24 -64.12 50.83 -20.25
CA ASP W 24 -63.97 51.40 -18.90
C ASP W 24 -64.98 52.57 -18.68
N GLU W 25 -65.02 53.18 -17.47
CA GLU W 25 -65.92 54.28 -17.12
C GLU W 25 -66.08 55.37 -18.19
N GLN W 26 -64.99 55.70 -18.91
CA GLN W 26 -64.97 56.74 -19.93
C GLN W 26 -64.93 56.20 -21.36
N SER W 27 -65.55 55.04 -21.63
CA SER W 27 -65.61 54.53 -23.01
C SER W 27 -66.79 55.17 -23.75
N ASP W 28 -66.73 55.23 -25.11
CA ASP W 28 -67.82 55.80 -25.93
C ASP W 28 -69.06 54.95 -25.73
N PRO W 29 -70.13 55.51 -25.15
CA PRO W 29 -71.31 54.69 -24.86
C PRO W 29 -72.00 54.11 -26.08
N GLU W 30 -71.87 54.78 -27.25
CA GLU W 30 -72.47 54.31 -28.49
C GLU W 30 -71.79 53.04 -28.98
N LEU W 31 -70.45 53.00 -28.99
CA LEU W 31 -69.71 51.80 -29.41
C LEU W 31 -69.97 50.66 -28.42
N MET W 32 -70.10 51.00 -27.12
CA MET W 32 -70.39 50.05 -26.06
C MET W 32 -71.80 49.46 -26.25
N GLN W 33 -72.78 50.28 -26.66
CA GLN W 33 -74.13 49.78 -26.91
C GLN W 33 -74.12 48.89 -28.15
N HIS W 34 -73.49 49.37 -29.26
CA HIS W 34 -73.35 48.66 -30.53
C HIS W 34 -73.00 47.17 -30.37
N LEU W 35 -72.15 46.84 -29.41
CA LEU W 35 -71.82 45.45 -29.08
C LEU W 35 -71.99 45.39 -27.57
N GLY W 36 -73.22 45.14 -27.09
CA GLY W 36 -73.46 45.21 -25.65
C GLY W 36 -74.16 44.09 -24.90
N ALA W 37 -73.50 43.61 -23.83
CA ALA W 37 -74.06 42.58 -22.92
C ALA W 37 -74.19 43.05 -21.46
N SER W 38 -73.88 44.38 -21.16
CA SER W 38 -74.00 45.16 -19.89
C SER W 38 -72.72 45.96 -19.51
N LYS W 39 -72.75 46.69 -18.35
CA LYS W 39 -71.68 47.47 -17.71
C LYS W 39 -71.81 47.24 -16.20
N ARG W 40 -70.70 47.01 -15.50
CA ARG W 40 -70.77 46.68 -14.07
C ARG W 40 -69.49 47.07 -13.31
N ARG W 41 -69.52 46.92 -11.99
CA ARG W 41 -68.36 47.07 -11.12
C ARG W 41 -68.24 45.70 -10.45
N ALA W 42 -67.34 44.85 -10.94
CA ALA W 42 -67.16 43.52 -10.40
C ALA W 42 -66.69 43.58 -8.95
N LEU W 43 -67.16 42.66 -8.10
CA LEU W 43 -66.76 42.60 -6.68
C LEU W 43 -65.25 42.47 -6.55
N GLY W 44 -64.64 43.37 -5.79
CA GLY W 44 -63.19 43.37 -5.65
C GLY W 44 -62.52 44.48 -6.43
N ASN W 45 -63.24 45.08 -7.41
CA ASN W 45 -62.76 46.19 -8.21
C ASN W 45 -63.37 47.51 -7.74
N ASN W 46 -62.57 48.58 -7.82
CA ASN W 46 -63.03 49.90 -7.44
C ASN W 46 -63.20 50.77 -8.71
N PHE W 47 -63.72 50.18 -9.78
CA PHE W 47 -63.94 50.83 -11.06
C PHE W 47 -65.00 50.09 -11.86
N TYR W 48 -65.65 50.82 -12.75
CA TYR W 48 -66.66 50.26 -13.64
C TYR W 48 -66.01 49.78 -14.93
N GLU W 49 -66.56 48.71 -15.49
CA GLU W 49 -66.08 48.07 -16.69
C GLU W 49 -67.24 47.72 -17.62
N TYR W 50 -66.96 47.66 -18.93
CA TYR W 50 -67.95 47.27 -19.91
C TYR W 50 -67.58 45.87 -20.40
N TYR W 51 -68.57 44.96 -20.54
CA TYR W 51 -68.25 43.60 -20.98
C TYR W 51 -69.27 42.99 -21.95
N VAL W 52 -68.82 41.98 -22.71
CA VAL W 52 -69.70 41.19 -23.59
C VAL W 52 -69.54 39.70 -23.23
N ASP W 53 -70.58 38.90 -23.46
CA ASP W 53 -70.51 37.45 -23.23
C ASP W 53 -69.72 36.73 -24.35
N ASP W 54 -69.59 37.36 -25.53
CA ASP W 54 -68.95 36.83 -26.73
C ASP W 54 -67.48 36.56 -26.55
N PRO W 55 -66.96 35.53 -27.23
CA PRO W 55 -65.51 35.31 -27.22
C PRO W 55 -64.81 36.44 -27.99
N PRO W 56 -63.55 36.75 -27.70
CA PRO W 56 -62.87 37.85 -28.40
C PRO W 56 -63.00 37.85 -29.94
N ARG W 57 -62.89 36.70 -30.60
CA ARG W 57 -62.99 36.61 -32.07
C ARG W 57 -64.25 37.31 -32.64
N ILE W 58 -65.42 37.14 -31.99
CA ILE W 58 -66.66 37.79 -32.44
C ILE W 58 -66.52 39.30 -32.34
N VAL W 59 -66.09 39.81 -31.18
CA VAL W 59 -65.95 41.25 -30.97
C VAL W 59 -64.85 41.82 -31.92
N LEU W 60 -63.77 41.06 -32.24
CA LEU W 60 -62.76 41.55 -33.18
C LEU W 60 -63.41 41.81 -34.55
N ASP W 61 -64.30 40.92 -34.98
CA ASP W 61 -65.01 41.03 -36.25
C ASP W 61 -65.97 42.22 -36.23
N LYS W 62 -66.62 42.47 -35.08
CA LYS W 62 -67.54 43.59 -34.92
C LYS W 62 -66.78 44.92 -34.98
N LEU W 63 -65.58 44.99 -34.35
CA LEU W 63 -64.74 46.19 -34.36
C LEU W 63 -64.17 46.47 -35.76
N GLU W 64 -63.92 45.41 -36.55
CA GLU W 64 -63.44 45.59 -37.92
C GLU W 64 -64.47 46.33 -38.76
N ARG W 65 -65.76 45.98 -38.59
CA ARG W 65 -66.87 46.64 -39.26
C ARG W 65 -67.12 48.09 -38.75
N ARG W 66 -66.43 48.48 -37.69
CA ARG W 66 -66.48 49.80 -37.06
C ARG W 66 -65.20 50.65 -37.32
N GLY W 67 -64.37 50.22 -38.29
CA GLY W 67 -63.17 50.93 -38.72
C GLY W 67 -61.87 50.47 -38.07
N PHE W 68 -61.98 49.90 -36.86
CA PHE W 68 -60.84 49.43 -36.06
C PHE W 68 -60.08 48.26 -36.64
N ARG W 69 -58.79 48.23 -36.34
CA ARG W 69 -57.90 47.17 -36.77
C ARG W 69 -57.01 46.77 -35.58
N VAL W 70 -56.67 45.49 -35.44
CA VAL W 70 -55.76 45.06 -34.40
C VAL W 70 -54.36 45.57 -34.74
N LEU W 71 -53.67 46.15 -33.76
CA LEU W 71 -52.30 46.64 -33.92
C LEU W 71 -51.34 45.71 -33.18
N SER W 72 -51.77 45.19 -32.03
CA SER W 72 -50.97 44.29 -31.22
C SER W 72 -51.88 43.42 -30.35
N MET W 73 -51.40 42.24 -29.98
CA MET W 73 -52.07 41.31 -29.09
C MET W 73 -51.00 40.80 -28.13
N THR W 74 -51.27 40.82 -26.82
CA THR W 74 -50.31 40.32 -25.85
C THR W 74 -50.95 39.54 -24.71
N GLY W 75 -50.16 38.73 -24.03
CA GLY W 75 -50.61 38.01 -22.87
C GLY W 75 -49.97 38.63 -21.65
N VAL W 76 -50.74 38.81 -20.58
CA VAL W 76 -50.23 39.33 -19.33
C VAL W 76 -50.93 38.54 -18.23
N GLY W 77 -50.16 37.69 -17.55
CA GLY W 77 -50.73 36.77 -16.55
C GLY W 77 -51.62 35.76 -17.25
N GLN W 78 -52.91 35.74 -16.90
CA GLN W 78 -53.87 34.88 -17.59
C GLN W 78 -54.80 35.69 -18.52
N THR W 79 -54.51 36.99 -18.73
CA THR W 79 -55.28 37.87 -19.60
C THR W 79 -54.62 37.88 -20.99
N LEU W 80 -55.44 38.05 -22.01
CA LEU W 80 -55.05 38.16 -23.40
C LEU W 80 -55.63 39.53 -23.81
N VAL W 81 -54.77 40.47 -24.20
CA VAL W 81 -55.17 41.85 -24.48
C VAL W 81 -54.96 42.20 -25.95
N TRP W 82 -55.89 42.95 -26.56
CA TRP W 82 -55.78 43.44 -27.93
C TRP W 82 -55.78 44.95 -27.91
N CYS W 83 -54.86 45.56 -28.65
CA CYS W 83 -54.74 47.01 -28.79
C CYS W 83 -55.25 47.29 -30.18
N LEU W 84 -56.38 48.00 -30.30
CA LEU W 84 -56.95 48.29 -31.61
C LEU W 84 -56.83 49.77 -31.96
N HIS W 85 -56.88 50.08 -33.25
CA HIS W 85 -56.76 51.43 -33.73
C HIS W 85 -57.59 51.62 -34.98
N LYS W 86 -58.40 52.67 -35.00
CA LYS W 86 -59.26 52.99 -36.13
C LYS W 86 -58.45 53.30 -37.42
N GLU W 87 -58.67 52.51 -38.48
CA GLU W 87 -57.97 52.71 -39.75
C GLU W 87 -58.96 53.01 -40.89
N MET X 4 -65.89 37.05 -42.28
CA MET X 4 -65.24 36.73 -41.00
C MET X 4 -63.72 37.04 -41.08
N PRO X 5 -63.32 38.29 -40.85
CA PRO X 5 -61.91 38.66 -41.03
C PRO X 5 -60.90 38.15 -39.99
N TYR X 6 -61.26 38.06 -38.70
CA TYR X 6 -60.28 37.66 -37.69
C TYR X 6 -60.27 36.18 -37.36
N LEU X 7 -59.08 35.68 -37.05
CA LEU X 7 -58.88 34.27 -36.71
C LEU X 7 -57.92 34.16 -35.54
N LEU X 8 -58.21 33.26 -34.59
CA LEU X 8 -57.32 33.03 -33.47
C LEU X 8 -56.99 31.55 -33.44
N ILE X 9 -55.70 31.22 -33.54
CA ILE X 9 -55.21 29.85 -33.41
C ILE X 9 -54.22 29.77 -32.23
N SER X 10 -54.01 28.57 -31.65
CA SER X 10 -53.09 28.48 -30.51
C SER X 10 -52.46 27.08 -30.29
N THR X 11 -51.35 27.03 -29.57
CA THR X 11 -50.71 25.77 -29.22
C THR X 11 -50.10 25.86 -27.85
N GLN X 12 -50.00 24.72 -27.14
CA GLN X 12 -49.33 24.68 -25.84
C GLN X 12 -47.83 24.52 -26.09
N ILE X 13 -47.00 24.86 -25.10
CA ILE X 13 -45.55 24.81 -25.21
C ILE X 13 -45.07 23.45 -25.71
N ARG X 14 -44.23 23.65 -26.69
CA ARG X 14 -43.53 22.89 -27.66
C ARG X 14 -44.27 23.13 -28.91
N MET X 15 -43.91 24.27 -29.52
CA MET X 15 -44.46 24.75 -30.77
C MET X 15 -44.20 23.76 -31.92
N GLU X 16 -43.19 22.88 -31.80
CA GLU X 16 -42.84 21.88 -32.81
C GLU X 16 -43.91 20.78 -32.99
N VAL X 17 -44.78 20.62 -32.00
CA VAL X 17 -45.74 19.56 -32.01
C VAL X 17 -47.17 20.08 -31.73
N GLY X 18 -48.16 19.36 -32.25
CA GLY X 18 -49.55 19.70 -32.05
C GLY X 18 -50.11 19.15 -30.73
N PRO X 19 -51.42 19.29 -30.45
CA PRO X 19 -52.47 19.87 -31.32
C PRO X 19 -52.45 21.38 -31.42
N THR X 20 -53.21 21.93 -32.38
CA THR X 20 -53.33 23.37 -32.57
C THR X 20 -54.82 23.66 -32.57
N MET X 21 -55.29 24.43 -31.60
CA MET X 21 -56.69 24.83 -31.52
C MET X 21 -56.90 25.85 -32.67
N VAL X 22 -57.85 25.60 -33.55
CA VAL X 22 -58.11 26.45 -34.70
C VAL X 22 -59.51 27.12 -34.71
N GLY X 23 -60.30 26.92 -33.65
CA GLY X 23 -61.63 27.55 -33.58
C GLY X 23 -62.53 27.27 -32.39
N ASP X 24 -63.62 28.01 -32.32
CA ASP X 24 -64.65 27.91 -31.29
C ASP X 24 -66.00 27.46 -31.93
N GLU X 25 -67.08 27.32 -31.15
CA GLU X 25 -68.38 26.88 -31.68
C GLU X 25 -68.87 27.67 -32.89
N GLN X 26 -68.61 28.98 -32.93
CA GLN X 26 -69.10 29.81 -34.02
C GLN X 26 -68.11 29.99 -35.17
N SER X 27 -67.08 29.13 -35.27
CA SER X 27 -66.10 29.22 -36.35
C SER X 27 -66.67 28.77 -37.70
N ASP X 28 -66.07 29.26 -38.82
CA ASP X 28 -66.45 28.91 -40.19
C ASP X 28 -66.25 27.42 -40.38
N PRO X 29 -67.35 26.66 -40.60
CA PRO X 29 -67.23 25.21 -40.74
C PRO X 29 -66.45 24.75 -41.97
N GLU X 30 -66.48 25.52 -43.08
CA GLU X 30 -65.71 25.11 -44.25
C GLU X 30 -64.23 25.30 -44.01
N LEU X 31 -63.83 26.40 -43.33
CA LEU X 31 -62.43 26.62 -43.00
C LEU X 31 -61.92 25.52 -42.06
N MET X 32 -62.76 25.10 -41.09
CA MET X 32 -62.46 24.01 -40.17
C MET X 32 -62.29 22.68 -40.92
N GLN X 33 -63.17 22.43 -41.90
CA GLN X 33 -63.14 21.22 -42.72
C GLN X 33 -61.88 21.20 -43.58
N HIS X 34 -61.47 22.37 -44.10
CA HIS X 34 -60.30 22.53 -44.95
C HIS X 34 -59.03 22.20 -44.18
N LEU X 35 -58.92 22.67 -42.94
CA LEU X 35 -57.75 22.39 -42.12
C LEU X 35 -57.70 20.95 -41.59
N GLY X 36 -58.80 20.21 -41.70
CA GLY X 36 -58.92 18.85 -41.19
C GLY X 36 -59.24 18.83 -39.72
N ALA X 37 -59.91 19.89 -39.22
CA ALA X 37 -60.21 20.04 -37.81
C ALA X 37 -61.37 19.20 -37.33
N SER X 38 -61.33 18.81 -36.07
CA SER X 38 -62.41 18.05 -35.45
C SER X 38 -62.97 18.91 -34.30
N LYS X 39 -64.24 18.75 -33.98
CA LYS X 39 -64.89 19.55 -32.96
C LYS X 39 -65.10 18.69 -31.71
N ARG X 40 -64.67 19.17 -30.54
CA ARG X 40 -64.83 18.41 -29.29
C ARG X 40 -65.06 19.34 -28.09
N ARG X 41 -65.58 18.80 -26.98
CA ARG X 41 -65.68 19.53 -25.72
C ARG X 41 -64.80 18.76 -24.76
N ALA X 42 -63.57 19.25 -24.52
CA ALA X 42 -62.62 18.57 -23.65
C ALA X 42 -63.15 18.49 -22.22
N LEU X 43 -62.88 17.38 -21.51
CA LEU X 43 -63.32 17.20 -20.12
C LEU X 43 -62.78 18.33 -19.23
N GLY X 44 -63.67 19.00 -18.54
CA GLY X 44 -63.35 20.13 -17.70
C GLY X 44 -63.69 21.48 -18.32
N ASN X 45 -63.96 21.51 -19.65
CA ASN X 45 -64.34 22.72 -20.37
C ASN X 45 -65.85 22.73 -20.59
N ASN X 46 -66.45 23.92 -20.55
CA ASN X 46 -67.88 24.09 -20.80
C ASN X 46 -68.08 24.79 -22.16
N PHE X 47 -67.29 24.39 -23.16
CA PHE X 47 -67.34 24.94 -24.50
C PHE X 47 -66.75 23.97 -25.49
N TYR X 48 -67.18 24.09 -26.76
CA TYR X 48 -66.64 23.27 -27.83
C TYR X 48 -65.45 23.99 -28.50
N GLU X 49 -64.53 23.22 -29.05
CA GLU X 49 -63.36 23.74 -29.72
C GLU X 49 -63.06 22.94 -30.98
N TYR X 50 -62.36 23.55 -31.93
CA TYR X 50 -61.93 22.86 -33.14
C TYR X 50 -60.42 22.73 -33.02
N TYR X 51 -59.88 21.54 -33.31
CA TYR X 51 -58.45 21.31 -33.17
C TYR X 51 -57.91 20.47 -34.32
N VAL X 52 -56.61 20.56 -34.54
CA VAL X 52 -55.93 19.75 -35.52
C VAL X 52 -54.73 19.09 -34.85
N ASP X 53 -54.22 18.00 -35.41
CA ASP X 53 -53.05 17.33 -34.85
C ASP X 53 -51.74 18.02 -35.25
N ASP X 54 -51.76 18.82 -36.32
CA ASP X 54 -50.60 19.50 -36.89
C ASP X 54 -49.99 20.54 -35.97
N PRO X 55 -48.66 20.73 -36.04
CA PRO X 55 -48.03 21.81 -35.29
C PRO X 55 -48.44 23.17 -35.90
N PRO X 56 -48.37 24.27 -35.14
CA PRO X 56 -48.84 25.56 -35.65
C PRO X 56 -48.26 26.10 -36.97
N ARG X 57 -47.00 25.76 -37.34
CA ARG X 57 -46.34 26.25 -38.55
C ARG X 57 -47.08 25.77 -39.77
N ILE X 58 -47.48 24.48 -39.79
CA ILE X 58 -48.25 23.86 -40.87
C ILE X 58 -49.65 24.49 -40.98
N VAL X 59 -50.24 24.88 -39.85
CA VAL X 59 -51.54 25.54 -39.83
C VAL X 59 -51.40 26.98 -40.36
N LEU X 60 -50.29 27.66 -40.04
CA LEU X 60 -50.06 29.01 -40.56
C LEU X 60 -49.84 28.95 -42.08
N ASP X 61 -49.09 27.92 -42.55
CA ASP X 61 -48.84 27.70 -43.97
C ASP X 61 -50.16 27.46 -44.68
N LYS X 62 -51.05 26.64 -44.07
CA LYS X 62 -52.36 26.36 -44.66
C LYS X 62 -53.24 27.60 -44.71
N LEU X 63 -53.16 28.47 -43.70
CA LEU X 63 -53.95 29.70 -43.60
C LEU X 63 -53.46 30.79 -44.54
N GLU X 64 -52.17 30.77 -44.93
CA GLU X 64 -51.59 31.73 -45.87
C GLU X 64 -52.23 31.47 -47.25
N ARG X 65 -52.39 30.18 -47.63
CA ARG X 65 -53.05 29.76 -48.86
C ARG X 65 -54.59 29.89 -48.68
N ARG X 66 -55.06 30.92 -47.95
CA ARG X 66 -56.48 31.11 -47.68
C ARG X 66 -56.86 32.59 -47.44
N GLY X 67 -55.89 33.51 -47.49
CA GLY X 67 -56.13 34.95 -47.35
C GLY X 67 -55.72 35.58 -46.05
N PHE X 68 -55.32 34.76 -45.06
CA PHE X 68 -54.95 35.23 -43.72
C PHE X 68 -53.47 35.56 -43.56
N ARG X 69 -53.20 36.65 -42.86
CA ARG X 69 -51.85 37.04 -42.53
C ARG X 69 -51.76 37.20 -41.01
N VAL X 70 -50.65 36.76 -40.40
CA VAL X 70 -50.43 36.90 -38.99
C VAL X 70 -50.23 38.39 -38.65
N LEU X 71 -51.08 38.92 -37.79
CA LEU X 71 -50.97 40.30 -37.32
C LEU X 71 -50.17 40.33 -36.03
N SER X 72 -50.38 39.34 -35.15
CA SER X 72 -49.70 39.28 -33.88
C SER X 72 -49.57 37.85 -33.37
N MET X 73 -48.55 37.59 -32.58
CA MET X 73 -48.29 36.31 -31.95
C MET X 73 -47.89 36.63 -30.53
N THR X 74 -48.52 35.94 -29.56
CA THR X 74 -48.19 36.18 -28.15
C THR X 74 -48.17 34.90 -27.32
N GLY X 75 -47.54 34.98 -26.17
CA GLY X 75 -47.53 33.89 -25.23
C GLY X 75 -48.39 34.30 -24.05
N VAL X 76 -49.18 33.37 -23.54
CA VAL X 76 -50.02 33.61 -22.37
C VAL X 76 -50.01 32.29 -21.57
N GLY X 77 -49.35 32.30 -20.43
CA GLY X 77 -49.15 31.09 -19.64
C GLY X 77 -48.21 30.17 -20.41
N GLN X 78 -48.68 28.98 -20.75
CA GLN X 78 -47.92 28.04 -21.57
C GLN X 78 -48.45 27.95 -23.00
N THR X 79 -49.32 28.90 -23.42
CA THR X 79 -49.97 28.92 -24.71
C THR X 79 -49.35 29.95 -25.61
N LEU X 80 -49.16 29.58 -26.86
CA LEU X 80 -48.70 30.43 -27.93
C LEU X 80 -49.97 30.73 -28.75
N VAL X 81 -50.34 32.00 -28.92
CA VAL X 81 -51.54 32.39 -29.65
C VAL X 81 -51.18 33.22 -30.89
N TRP X 82 -51.84 32.97 -32.04
CA TRP X 82 -51.65 33.75 -33.26
C TRP X 82 -52.95 34.44 -33.62
N CYS X 83 -52.88 35.72 -33.96
CA CYS X 83 -54.05 36.47 -34.38
C CYS X 83 -53.88 36.73 -35.86
N LEU X 84 -54.65 36.05 -36.71
CA LEU X 84 -54.58 36.22 -38.18
C LEU X 84 -55.72 37.09 -38.70
N HIS X 85 -55.50 37.80 -39.81
CA HIS X 85 -56.53 38.64 -40.43
C HIS X 85 -56.61 38.43 -41.94
N LYS X 86 -57.84 38.42 -42.49
CA LYS X 86 -58.07 38.21 -43.92
C LYS X 86 -57.77 39.52 -44.64
N GLU X 87 -56.49 39.79 -44.94
CA GLU X 87 -56.09 41.03 -45.61
C GLU X 87 -56.40 41.02 -47.10
N MET Y 4 -43.38 27.21 -48.67
CA MET Y 4 -43.54 27.11 -47.20
C MET Y 4 -43.30 28.51 -46.59
N PRO Y 5 -44.35 29.33 -46.48
CA PRO Y 5 -44.16 30.73 -46.09
C PRO Y 5 -43.75 31.04 -44.66
N TYR Y 6 -44.35 30.38 -43.65
CA TYR Y 6 -44.06 30.68 -42.24
C TYR Y 6 -42.98 29.84 -41.61
N LEU Y 7 -42.27 30.46 -40.65
CA LEU Y 7 -41.20 29.83 -39.91
C LEU Y 7 -41.29 30.19 -38.44
N LEU Y 8 -41.00 29.24 -37.55
CA LEU Y 8 -40.97 29.53 -36.12
C LEU Y 8 -39.62 29.13 -35.57
N ILE Y 9 -38.90 30.06 -34.95
CA ILE Y 9 -37.62 29.78 -34.31
C ILE Y 9 -37.68 30.19 -32.84
N SER Y 10 -36.88 29.56 -31.96
CA SER Y 10 -36.94 29.88 -30.54
C SER Y 10 -35.61 29.69 -29.80
N THR Y 11 -35.49 30.29 -28.61
CA THR Y 11 -34.34 30.11 -27.72
C THR Y 11 -34.83 30.26 -26.29
N GLN Y 12 -34.14 29.61 -25.33
CA GLN Y 12 -34.49 29.77 -23.92
C GLN Y 12 -33.85 31.06 -23.39
N ILE Y 13 -34.28 31.55 -22.22
CA ILE Y 13 -33.74 32.78 -21.64
C ILE Y 13 -32.25 32.69 -21.51
N ARG Y 14 -31.71 33.80 -21.97
CA ARG Y 14 -30.44 34.31 -22.30
C ARG Y 14 -30.37 34.20 -23.78
N MET Y 15 -30.98 35.22 -24.40
CA MET Y 15 -31.07 35.39 -25.84
C MET Y 15 -29.69 35.51 -26.48
N GLU Y 16 -28.66 35.95 -25.73
CA GLU Y 16 -27.30 36.11 -26.22
C GLU Y 16 -26.61 34.79 -26.56
N VAL Y 17 -27.15 33.67 -26.10
CA VAL Y 17 -26.52 32.38 -26.29
C VAL Y 17 -27.51 31.35 -26.83
N GLY Y 18 -27.00 30.36 -27.54
CA GLY Y 18 -27.80 29.29 -28.10
C GLY Y 18 -28.05 28.16 -27.11
N PRO Y 19 -28.68 27.03 -27.53
CA PRO Y 19 -29.13 26.70 -28.89
C PRO Y 19 -30.36 27.48 -29.33
N THR Y 20 -30.61 27.45 -30.64
CA THR Y 20 -31.79 28.06 -31.23
C THR Y 20 -32.50 26.95 -31.97
N MET Y 21 -33.76 26.70 -31.61
CA MET Y 21 -34.62 25.70 -32.24
C MET Y 21 -35.07 26.30 -33.54
N VAL Y 22 -34.76 25.65 -34.67
CA VAL Y 22 -35.09 26.21 -35.98
C VAL Y 22 -36.11 25.38 -36.77
N GLY Y 23 -36.71 24.36 -36.16
CA GLY Y 23 -37.71 23.58 -36.86
C GLY Y 23 -38.19 22.29 -36.23
N ASP Y 24 -39.23 21.72 -36.84
CA ASP Y 24 -39.85 20.46 -36.50
C ASP Y 24 -39.49 19.41 -37.59
N GLU Y 25 -39.99 18.16 -37.48
CA GLU Y 25 -39.64 17.11 -38.42
C GLU Y 25 -40.07 17.41 -39.86
N GLN Y 26 -41.18 18.14 -40.03
CA GLN Y 26 -41.65 18.47 -41.40
C GLN Y 26 -41.08 19.80 -41.92
N SER Y 27 -39.97 20.27 -41.36
CA SER Y 27 -39.34 21.50 -41.84
C SER Y 27 -38.59 21.25 -43.15
N ASP Y 28 -38.35 22.32 -43.93
CA ASP Y 28 -37.63 22.27 -45.21
C ASP Y 28 -36.21 21.78 -44.93
N PRO Y 29 -35.87 20.57 -45.44
CA PRO Y 29 -34.54 20.01 -45.13
C PRO Y 29 -33.38 20.83 -45.69
N GLU Y 30 -33.61 21.51 -46.82
CA GLU Y 30 -32.57 22.33 -47.43
C GLU Y 30 -32.30 23.55 -46.57
N LEU Y 31 -33.36 24.17 -46.03
CA LEU Y 31 -33.21 25.33 -45.17
C LEU Y 31 -32.48 24.93 -43.88
N MET Y 32 -32.80 23.74 -43.32
CA MET Y 32 -32.16 23.25 -42.11
C MET Y 32 -30.67 23.00 -42.37
N GLN Y 33 -30.35 22.42 -43.52
CA GLN Y 33 -28.97 22.14 -43.93
C GLN Y 33 -28.19 23.46 -44.13
N HIS Y 34 -28.85 24.46 -44.71
CA HIS Y 34 -28.27 25.79 -44.93
C HIS Y 34 -27.91 26.46 -43.60
N LEU Y 35 -28.78 26.34 -42.60
CA LEU Y 35 -28.54 26.90 -41.28
C LEU Y 35 -27.50 26.10 -40.45
N GLY Y 36 -27.11 24.93 -40.92
CA GLY Y 36 -26.20 24.05 -40.19
C GLY Y 36 -26.89 23.33 -39.05
N ALA Y 37 -28.22 23.14 -39.15
CA ALA Y 37 -29.01 22.49 -38.12
C ALA Y 37 -28.87 20.98 -38.06
N SER Y 38 -29.06 20.42 -36.87
CA SER Y 38 -29.01 18.99 -36.64
C SER Y 38 -30.37 18.52 -36.13
N LYS Y 39 -30.75 17.30 -36.45
CA LYS Y 39 -32.04 16.75 -36.05
C LYS Y 39 -31.85 15.87 -34.82
N ARG Y 40 -32.75 15.99 -33.84
CA ARG Y 40 -32.65 15.18 -32.63
C ARG Y 40 -33.99 15.05 -31.93
N ARG Y 41 -34.15 14.00 -31.12
CA ARG Y 41 -35.31 13.86 -30.28
C ARG Y 41 -34.76 13.93 -28.86
N ALA Y 42 -34.88 15.10 -28.22
CA ALA Y 42 -34.38 15.29 -26.87
C ALA Y 42 -35.09 14.39 -25.88
N LEU Y 43 -34.36 13.87 -24.87
CA LEU Y 43 -34.94 12.99 -23.85
C LEU Y 43 -36.13 13.66 -23.13
N GLY Y 44 -37.26 12.98 -23.16
CA GLY Y 44 -38.49 13.50 -22.57
C GLY Y 44 -39.49 13.99 -23.60
N ASN Y 45 -39.05 14.16 -24.86
CA ASN Y 45 -39.89 14.62 -25.97
C ASN Y 45 -40.28 13.45 -26.85
N ASN Y 46 -41.49 13.56 -27.40
CA ASN Y 46 -42.00 12.56 -28.32
C ASN Y 46 -42.08 13.16 -29.72
N PHE Y 47 -41.08 13.95 -30.10
CA PHE Y 47 -41.01 14.58 -31.41
C PHE Y 47 -39.55 14.96 -31.71
N TYR Y 48 -39.24 15.05 -33.00
CA TYR Y 48 -37.92 15.46 -33.45
C TYR Y 48 -37.89 16.97 -33.68
N GLU Y 49 -36.72 17.57 -33.49
CA GLU Y 49 -36.52 18.99 -33.65
C GLU Y 49 -35.21 19.25 -34.37
N TYR Y 50 -35.13 20.43 -35.00
CA TYR Y 50 -33.91 20.88 -35.64
C TYR Y 50 -33.35 22.03 -34.79
N TYR Y 51 -32.05 22.01 -34.50
CA TYR Y 51 -31.44 23.03 -33.66
C TYR Y 51 -30.07 23.46 -34.18
N VAL Y 52 -29.63 24.67 -33.79
CA VAL Y 52 -28.30 25.18 -34.10
C VAL Y 52 -27.67 25.67 -32.80
N ASP Y 53 -26.33 25.67 -32.72
CA ASP Y 53 -25.64 26.18 -31.52
C ASP Y 53 -25.66 27.71 -31.42
N ASP Y 54 -25.90 28.40 -32.54
CA ASP Y 54 -25.91 29.84 -32.67
C ASP Y 54 -26.98 30.53 -31.85
N PRO Y 55 -26.68 31.74 -31.34
CA PRO Y 55 -27.74 32.52 -30.68
C PRO Y 55 -28.75 33.03 -31.72
N PRO Y 56 -29.98 33.35 -31.31
CA PRO Y 56 -31.01 33.78 -32.29
C PRO Y 56 -30.62 34.91 -33.24
N ARG Y 57 -29.81 35.87 -32.80
CA ARG Y 57 -29.39 37.00 -33.65
C ARG Y 57 -28.70 36.52 -34.93
N ILE Y 58 -27.82 35.50 -34.83
CA ILE Y 58 -27.10 34.93 -35.97
C ILE Y 58 -28.11 34.26 -36.91
N VAL Y 59 -29.04 33.50 -36.35
CA VAL Y 59 -30.09 32.80 -37.12
C VAL Y 59 -30.99 33.79 -37.88
N LEU Y 60 -31.42 34.88 -37.22
CA LEU Y 60 -32.24 35.92 -37.84
C LEU Y 60 -31.53 36.58 -39.03
N ASP Y 61 -30.21 36.81 -38.93
CA ASP Y 61 -29.44 37.39 -40.03
C ASP Y 61 -29.38 36.41 -41.21
N LYS Y 62 -29.21 35.11 -40.93
CA LYS Y 62 -29.14 34.06 -41.95
C LYS Y 62 -30.48 33.95 -42.67
N LEU Y 63 -31.60 34.00 -41.90
CA LEU Y 63 -32.93 33.91 -42.51
C LEU Y 63 -33.29 35.14 -43.33
N GLU Y 64 -32.74 36.31 -43.00
CA GLU Y 64 -32.99 37.52 -43.78
C GLU Y 64 -32.38 37.34 -45.18
N ARG Y 65 -31.17 36.75 -45.26
CA ARG Y 65 -30.53 36.44 -46.54
C ARG Y 65 -31.25 35.32 -47.33
N ARG Y 66 -32.22 34.66 -46.72
CA ARG Y 66 -33.04 33.59 -47.28
C ARG Y 66 -34.49 34.06 -47.59
N GLY Y 67 -34.75 35.37 -47.50
CA GLY Y 67 -36.05 35.96 -47.83
C GLY Y 67 -37.04 36.12 -46.69
N PHE Y 68 -36.64 35.76 -45.46
CA PHE Y 68 -37.53 35.86 -44.32
C PHE Y 68 -37.45 37.16 -43.55
N ARG Y 69 -38.61 37.60 -43.04
CA ARG Y 69 -38.74 38.80 -42.23
C ARG Y 69 -39.49 38.47 -40.93
N VAL Y 70 -39.04 39.02 -39.80
CA VAL Y 70 -39.70 38.81 -38.52
C VAL Y 70 -41.04 39.56 -38.50
N LEU Y 71 -42.13 38.83 -38.30
CA LEU Y 71 -43.46 39.43 -38.19
C LEU Y 71 -43.78 39.70 -36.72
N SER Y 72 -43.39 38.78 -35.83
CA SER Y 72 -43.68 38.91 -34.42
C SER Y 72 -42.64 38.18 -33.59
N MET Y 73 -42.42 38.66 -32.37
CA MET Y 73 -41.53 38.03 -31.40
C MET Y 73 -42.29 38.00 -30.08
N THR Y 74 -42.32 36.85 -29.41
CA THR Y 74 -43.01 36.76 -28.13
C THR Y 74 -42.28 35.90 -27.09
N GLY Y 75 -42.64 36.09 -25.84
CA GLY Y 75 -42.10 35.26 -24.77
C GLY Y 75 -43.21 34.36 -24.25
N VAL Y 76 -42.89 33.10 -24.00
CA VAL Y 76 -43.83 32.16 -23.44
C VAL Y 76 -43.01 31.31 -22.45
N GLY Y 77 -43.31 31.47 -21.15
CA GLY Y 77 -42.53 30.86 -20.09
C GLY Y 77 -41.13 31.48 -20.09
N GLN Y 78 -40.12 30.65 -20.31
CA GLN Y 78 -38.72 31.10 -20.43
C GLN Y 78 -38.23 31.06 -21.89
N THR Y 79 -39.15 30.89 -22.86
CA THR Y 79 -38.83 30.78 -24.28
C THR Y 79 -39.15 32.06 -25.02
N LEU Y 80 -38.24 32.45 -25.89
CA LEU Y 80 -38.38 33.59 -26.77
C LEU Y 80 -38.67 32.96 -28.13
N VAL Y 81 -39.80 33.30 -28.76
CA VAL Y 81 -40.18 32.74 -30.05
C VAL Y 81 -40.25 33.85 -31.12
N TRP Y 82 -39.76 33.57 -32.34
CA TRP Y 82 -39.85 34.48 -33.48
C TRP Y 82 -40.69 33.86 -34.56
N CYS Y 83 -41.62 34.62 -35.11
CA CYS Y 83 -42.48 34.14 -36.19
C CYS Y 83 -42.02 34.89 -37.45
N LEU Y 84 -41.42 34.17 -38.40
CA LEU Y 84 -40.92 34.79 -39.62
C LEU Y 84 -41.78 34.42 -40.82
N HIS Y 85 -41.80 35.30 -41.82
CA HIS Y 85 -42.58 35.06 -43.03
C HIS Y 85 -41.76 35.37 -44.27
N LYS Y 86 -41.80 34.45 -45.24
CA LYS Y 86 -41.05 34.60 -46.49
C LYS Y 86 -41.80 35.55 -47.41
N GLU Y 87 -41.24 36.76 -47.56
CA GLU Y 87 -41.85 37.80 -48.38
C GLU Y 87 -40.77 38.70 -49.01
N MET Z 4 -19.39 -11.16 67.39
CA MET Z 4 -20.15 -10.66 66.24
C MET Z 4 -21.63 -11.14 66.27
N PRO Z 5 -22.49 -10.52 67.10
CA PRO Z 5 -23.88 -11.02 67.20
C PRO Z 5 -24.83 -10.74 66.02
N TYR Z 6 -24.69 -9.62 65.29
CA TYR Z 6 -25.63 -9.32 64.21
C TYR Z 6 -25.21 -9.76 62.82
N LEU Z 7 -26.21 -10.10 61.99
CA LEU Z 7 -26.00 -10.55 60.63
C LEU Z 7 -27.07 -10.00 59.71
N LEU Z 8 -26.68 -9.56 58.50
CA LEU Z 8 -27.65 -9.08 57.52
C LEU Z 8 -27.52 -9.90 56.24
N ILE Z 9 -28.61 -10.56 55.82
CA ILE Z 9 -28.62 -11.32 54.58
C ILE Z 9 -29.73 -10.78 53.66
N SER Z 10 -29.55 -10.91 52.32
CA SER Z 10 -30.53 -10.36 51.40
C SER Z 10 -30.68 -11.13 50.10
N THR Z 11 -31.82 -10.96 49.44
CA THR Z 11 -32.08 -11.56 48.14
C THR Z 11 -32.94 -10.58 47.30
N GLN Z 12 -32.80 -10.63 45.97
CA GLN Z 12 -33.64 -9.80 45.12
C GLN Z 12 -34.98 -10.53 44.94
N ILE Z 13 -36.02 -9.81 44.48
CA ILE Z 13 -37.35 -10.39 44.28
C ILE Z 13 -37.27 -11.63 43.38
N ARG Z 14 -37.95 -12.59 43.94
CA ARG Z 14 -38.16 -14.00 43.75
C ARG Z 14 -37.30 -14.63 44.76
N MET Z 15 -37.85 -14.67 45.98
CA MET Z 15 -37.21 -15.23 47.16
C MET Z 15 -36.93 -16.72 46.97
N GLU Z 16 -37.67 -17.43 46.06
CA GLU Z 16 -37.48 -18.85 45.74
C GLU Z 16 -36.12 -19.15 45.15
N VAL Z 17 -35.44 -18.14 44.62
CA VAL Z 17 -34.18 -18.34 43.94
C VAL Z 17 -33.09 -17.41 44.47
N GLY Z 18 -31.85 -17.85 44.35
CA GLY Z 18 -30.71 -17.05 44.79
C GLY Z 18 -30.23 -16.13 43.69
N PRO Z 19 -29.06 -15.46 43.85
CA PRO Z 19 -28.14 -15.52 44.98
C PRO Z 19 -28.66 -14.84 46.24
N THR Z 20 -28.02 -15.19 47.36
CA THR Z 20 -28.33 -14.59 48.64
C THR Z 20 -27.03 -13.95 49.09
N MET Z 21 -27.09 -12.64 49.37
CA MET Z 21 -25.94 -11.87 49.86
C MET Z 21 -25.85 -12.20 51.33
N VAL Z 22 -24.70 -12.74 51.78
CA VAL Z 22 -24.53 -13.13 53.17
C VAL Z 22 -23.44 -12.34 53.94
N GLY Z 23 -22.80 -11.35 53.32
CA GLY Z 23 -21.77 -10.58 54.00
C GLY Z 23 -21.04 -9.47 53.25
N ASP Z 24 -20.25 -8.69 54.01
CA ASP Z 24 -19.43 -7.59 53.51
C ASP Z 24 -17.91 -7.93 53.74
N GLU Z 25 -16.98 -7.03 53.36
CA GLU Z 25 -15.55 -7.27 53.52
C GLU Z 25 -15.13 -7.68 54.94
N GLN Z 26 -15.77 -7.11 55.96
CA GLN Z 26 -15.39 -7.41 57.34
C GLN Z 26 -16.18 -8.55 57.98
N SER Z 27 -16.86 -9.40 57.18
CA SER Z 27 -17.63 -10.52 57.72
C SER Z 27 -16.71 -11.63 58.24
N ASP Z 28 -17.21 -12.46 59.18
CA ASP Z 28 -16.50 -13.60 59.78
C ASP Z 28 -16.16 -14.58 58.66
N PRO Z 29 -14.86 -14.77 58.36
CA PRO Z 29 -14.49 -15.65 57.24
C PRO Z 29 -14.84 -17.12 57.45
N GLU Z 30 -14.89 -17.57 58.71
CA GLU Z 30 -15.24 -18.94 59.02
C GLU Z 30 -16.73 -19.16 58.77
N LEU Z 31 -17.57 -18.19 59.14
CA LEU Z 31 -19.00 -18.29 58.89
C LEU Z 31 -19.28 -18.29 57.39
N MET Z 32 -18.56 -17.44 56.63
CA MET Z 32 -18.71 -17.37 55.18
C MET Z 32 -18.31 -18.69 54.53
N GLN Z 33 -17.20 -19.29 55.01
CA GLN Z 33 -16.72 -20.59 54.54
C GLN Z 33 -17.73 -21.69 54.85
N HIS Z 34 -18.36 -21.63 56.02
CA HIS Z 34 -19.36 -22.59 56.46
C HIS Z 34 -20.59 -22.55 55.55
N LEU Z 35 -21.03 -21.34 55.18
CA LEU Z 35 -22.16 -21.17 54.29
C LEU Z 35 -21.85 -21.49 52.81
N GLY Z 36 -20.58 -21.73 52.47
CA GLY Z 36 -20.13 -21.97 51.11
C GLY Z 36 -20.11 -20.70 50.27
N ALA Z 37 -19.94 -19.54 50.94
CA ALA Z 37 -19.94 -18.24 50.29
C ALA Z 37 -18.67 -17.93 49.53
N SER Z 38 -18.80 -17.13 48.49
CA SER Z 38 -17.68 -16.67 47.69
C SER Z 38 -17.61 -15.15 47.79
N LYS Z 39 -16.41 -14.59 47.74
CA LYS Z 39 -16.23 -13.14 47.84
C LYS Z 39 -16.07 -12.58 46.42
N ARG Z 40 -16.73 -11.45 46.13
CA ARG Z 40 -16.62 -10.82 44.83
C ARG Z 40 -16.92 -9.33 44.88
N ARG Z 41 -16.42 -8.59 43.89
CA ARG Z 41 -16.76 -7.19 43.75
C ARG Z 41 -17.49 -7.12 42.41
N ALA Z 42 -18.82 -7.10 42.45
CA ALA Z 42 -19.63 -7.05 41.26
C ALA Z 42 -19.37 -5.77 40.47
N LEU Z 43 -19.42 -5.85 39.13
CA LEU Z 43 -19.20 -4.71 38.24
C LEU Z 43 -20.19 -3.61 38.55
N GLY Z 44 -19.68 -2.41 38.80
CA GLY Z 44 -20.51 -1.26 39.15
C GLY Z 44 -20.48 -0.94 40.64
N ASN Z 45 -19.99 -1.89 41.48
CA ASN Z 45 -19.86 -1.73 42.92
C ASN Z 45 -18.43 -1.42 43.31
N ASN Z 46 -18.27 -0.58 44.33
CA ASN Z 46 -16.96 -0.23 44.86
C ASN Z 46 -16.75 -0.89 46.24
N PHE Z 47 -17.21 -2.13 46.37
CA PHE Z 47 -17.11 -2.88 47.61
C PHE Z 47 -17.21 -4.37 47.33
N TYR Z 48 -16.64 -5.17 48.23
CA TYR Z 48 -16.70 -6.62 48.11
C TYR Z 48 -17.90 -7.15 48.89
N GLU Z 49 -18.44 -8.27 48.44
CA GLU Z 49 -19.60 -8.91 49.05
C GLU Z 49 -19.40 -10.43 49.09
N TYR Z 50 -20.06 -11.08 50.01
CA TYR Z 50 -20.05 -12.53 50.11
C TYR Z 50 -21.44 -12.99 49.66
N TYR Z 51 -21.51 -14.00 48.80
CA TYR Z 51 -22.78 -14.46 48.29
C TYR Z 51 -22.81 -15.99 48.19
N VAL Z 52 -24.02 -16.55 48.15
CA VAL Z 52 -24.22 -17.98 47.94
C VAL Z 52 -25.27 -18.14 46.83
N ASP Z 53 -25.23 -19.24 46.09
CA ASP Z 53 -26.20 -19.49 45.03
C ASP Z 53 -27.59 -19.87 45.57
N ASP Z 54 -27.65 -20.34 46.81
CA ASP Z 54 -28.84 -20.79 47.49
C ASP Z 54 -29.91 -19.73 47.68
N PRO Z 55 -31.19 -20.14 47.64
CA PRO Z 55 -32.25 -19.19 47.98
C PRO Z 55 -32.23 -18.88 49.49
N PRO Z 56 -32.80 -17.75 49.94
CA PRO Z 56 -32.74 -17.39 51.36
C PRO Z 56 -33.20 -18.47 52.36
N ARG Z 57 -34.22 -19.29 52.00
CA ARG Z 57 -34.73 -20.33 52.90
C ARG Z 57 -33.63 -21.30 53.33
N ILE Z 58 -32.74 -21.71 52.39
CA ILE Z 58 -31.63 -22.63 52.66
C ILE Z 58 -30.64 -21.94 53.61
N VAL Z 59 -30.32 -20.66 53.33
CA VAL Z 59 -29.40 -19.88 54.15
C VAL Z 59 -29.93 -19.69 55.58
N LEU Z 60 -31.24 -19.42 55.73
CA LEU Z 60 -31.85 -19.24 57.05
C LEU Z 60 -31.75 -20.52 57.89
N ASP Z 61 -31.92 -21.69 57.25
CA ASP Z 61 -31.82 -22.99 57.93
C ASP Z 61 -30.39 -23.23 58.37
N LYS Z 62 -29.40 -22.85 57.54
CA LYS Z 62 -27.97 -23.01 57.87
C LYS Z 62 -27.58 -22.10 59.01
N LEU Z 63 -28.05 -20.85 59.01
CA LEU Z 63 -27.75 -19.90 60.06
C LEU Z 63 -28.38 -20.31 61.39
N GLU Z 64 -29.54 -21.00 61.35
CA GLU Z 64 -30.21 -21.47 62.57
C GLU Z 64 -29.33 -22.51 63.26
N ARG Z 65 -28.70 -23.42 62.47
CA ARG Z 65 -27.78 -24.43 62.99
C ARG Z 65 -26.46 -23.82 63.54
N ARG Z 66 -26.23 -22.53 63.27
CA ARG Z 66 -25.06 -21.77 63.73
C ARG Z 66 -25.40 -20.79 64.88
N GLY Z 67 -26.60 -20.89 65.46
CA GLY Z 67 -27.02 -20.07 66.58
C GLY Z 67 -27.78 -18.80 66.27
N PHE Z 68 -28.08 -18.54 65.01
CA PHE Z 68 -28.78 -17.31 64.63
C PHE Z 68 -30.30 -17.43 64.58
N ARG Z 69 -30.99 -16.34 64.91
CA ARG Z 69 -32.44 -16.28 64.86
C ARG Z 69 -32.84 -14.99 64.16
N VAL Z 70 -33.85 -15.06 63.30
CA VAL Z 70 -34.35 -13.92 62.56
C VAL Z 70 -35.07 -12.98 63.54
N LEU Z 71 -34.61 -11.74 63.62
CA LEU Z 71 -35.24 -10.73 64.46
C LEU Z 71 -36.26 -9.95 63.63
N SER Z 72 -35.89 -9.62 62.39
CA SER Z 72 -36.75 -8.87 61.50
C SER Z 72 -36.49 -9.21 60.02
N MET Z 73 -37.49 -9.03 59.19
CA MET Z 73 -37.41 -9.21 57.74
C MET Z 73 -38.11 -8.02 57.10
N THR Z 74 -37.46 -7.37 56.14
CA THR Z 74 -38.06 -6.23 55.46
C THR Z 74 -37.77 -6.17 53.97
N GLY Z 75 -38.58 -5.43 53.24
CA GLY Z 75 -38.39 -5.20 51.82
C GLY Z 75 -37.95 -3.77 51.62
N VAL Z 76 -37.00 -3.58 50.71
CA VAL Z 76 -36.50 -2.25 50.39
C VAL Z 76 -36.21 -2.27 48.90
N GLY Z 77 -36.99 -1.54 48.13
CA GLY Z 77 -36.90 -1.58 46.68
C GLY Z 77 -37.32 -2.97 46.20
N GLN Z 78 -36.42 -3.69 45.52
CA GLN Z 78 -36.70 -5.07 45.12
C GLN Z 78 -35.93 -6.09 45.96
N THR Z 79 -35.35 -5.66 47.10
CA THR Z 79 -34.55 -6.49 47.98
C THR Z 79 -35.33 -6.89 49.21
N LEU Z 80 -35.19 -8.15 49.59
CA LEU Z 80 -35.73 -8.73 50.79
C LEU Z 80 -34.53 -8.84 51.72
N VAL Z 81 -34.58 -8.23 52.91
CA VAL Z 81 -33.46 -8.26 53.86
C VAL Z 81 -33.87 -8.95 55.16
N TRP Z 82 -32.99 -9.79 55.73
CA TRP Z 82 -33.21 -10.45 57.02
C TRP Z 82 -32.16 -9.97 58.00
N CYS Z 83 -32.58 -9.62 59.21
CA CYS Z 83 -31.67 -9.20 60.25
C CYS Z 83 -31.64 -10.31 61.28
N LEU Z 84 -30.52 -11.02 61.40
CA LEU Z 84 -30.41 -12.14 62.33
C LEU Z 84 -29.51 -11.79 63.52
N HIS Z 85 -29.78 -12.43 64.66
CA HIS Z 85 -29.00 -12.19 65.86
C HIS Z 85 -28.58 -13.52 66.50
N LYS Z 86 -27.34 -13.60 66.98
CA LYS Z 86 -26.83 -14.81 67.61
C LYS Z 86 -27.28 -14.83 69.07
N MET AA 4 -36.14 -28.70 59.07
CA MET AA 4 -36.24 -27.52 58.20
C MET AA 4 -37.04 -26.43 58.93
N PRO AA 5 -36.38 -25.59 59.77
CA PRO AA 5 -37.12 -24.66 60.61
C PRO AA 5 -37.74 -23.44 59.95
N TYR AA 6 -37.12 -22.87 58.91
CA TYR AA 6 -37.66 -21.67 58.27
C TYR AA 6 -38.54 -21.93 57.07
N LEU AA 7 -39.53 -21.05 56.90
CA LEU AA 7 -40.45 -21.11 55.79
C LEU AA 7 -40.74 -19.72 55.28
N LEU AA 8 -40.84 -19.56 53.96
CA LEU AA 8 -41.18 -18.28 53.36
C LEU AA 8 -42.40 -18.48 52.47
N ILE AA 9 -43.46 -17.71 52.72
CA ILE AA 9 -44.67 -17.75 51.91
C ILE AA 9 -44.97 -16.34 51.40
N SER AA 10 -45.66 -16.21 50.28
CA SER AA 10 -45.96 -14.87 49.73
C SER AA 10 -47.26 -14.79 48.94
N THR AA 11 -47.76 -13.56 48.75
CA THR AA 11 -48.93 -13.30 47.94
C THR AA 11 -48.80 -11.91 47.31
N GLN AA 12 -49.38 -11.72 46.12
CA GLN AA 12 -49.40 -10.39 45.52
C GLN AA 12 -50.49 -9.53 46.15
N ILE AA 13 -50.47 -8.19 45.93
CA ILE AA 13 -51.46 -7.29 46.50
C ILE AA 13 -52.84 -7.71 46.11
N ARG AA 14 -53.60 -7.69 47.18
CA ARG AA 14 -54.90 -8.11 47.55
C ARG AA 14 -54.66 -9.38 48.30
N MET AA 15 -54.35 -9.16 49.57
CA MET AA 15 -54.09 -10.21 50.55
C MET AA 15 -55.32 -11.11 50.76
N GLU AA 16 -56.53 -10.61 50.46
CA GLU AA 16 -57.79 -11.37 50.59
C GLU AA 16 -57.91 -12.52 49.61
N VAL AA 17 -57.08 -12.53 48.56
CA VAL AA 17 -57.19 -13.53 47.51
C VAL AA 17 -55.85 -14.16 47.19
N GLY AA 18 -55.89 -15.40 46.71
CA GLY AA 18 -54.70 -16.13 46.32
C GLY AA 18 -54.30 -15.85 44.88
N PRO AA 19 -53.29 -16.55 44.32
CA PRO AA 19 -52.50 -17.65 44.92
C PRO AA 19 -51.53 -17.23 46.00
N THR AA 20 -51.06 -18.23 46.75
CA THR AA 20 -50.07 -18.03 47.78
C THR AA 20 -48.90 -18.94 47.44
N MET AA 21 -47.71 -18.36 47.25
CA MET AA 21 -46.49 -19.11 46.96
C MET AA 21 -46.04 -19.71 48.27
N VAL AA 22 -45.91 -21.04 48.31
CA VAL AA 22 -45.56 -21.71 49.57
C VAL AA 22 -44.22 -22.47 49.52
N GLY AA 23 -43.48 -22.41 48.40
CA GLY AA 23 -42.21 -23.12 48.32
C GLY AA 23 -41.41 -23.02 47.03
N ASP AA 24 -40.18 -23.52 47.08
CA ASP AA 24 -39.22 -23.57 45.99
C ASP AA 24 -38.89 -25.07 45.65
N GLU AA 25 -38.02 -25.34 44.66
CA GLU AA 25 -37.71 -26.72 44.28
C GLU AA 25 -37.26 -27.61 45.42
N GLN AA 26 -36.53 -27.05 46.38
CA GLN AA 26 -35.99 -27.82 47.51
C GLN AA 26 -36.89 -27.84 48.75
N SER AA 27 -38.17 -27.49 48.60
CA SER AA 27 -39.11 -27.50 49.72
C SER AA 27 -39.49 -28.92 50.12
N ASP AA 28 -39.92 -29.10 51.39
CA ASP AA 28 -40.37 -30.37 51.97
C ASP AA 28 -41.59 -30.84 51.19
N PRO AA 29 -41.47 -31.96 50.45
CA PRO AA 29 -42.59 -32.40 49.61
C PRO AA 29 -43.82 -32.79 50.39
N GLU AA 30 -43.64 -33.31 51.62
CA GLU AA 30 -44.77 -33.71 52.45
C GLU AA 30 -45.54 -32.48 52.92
N LEU AA 31 -44.83 -31.40 53.29
CA LEU AA 31 -45.48 -30.18 53.72
C LEU AA 31 -46.25 -29.56 52.55
N MET AA 32 -45.68 -29.60 51.33
CA MET AA 32 -46.32 -29.07 50.14
C MET AA 32 -47.59 -29.86 49.83
N GLN AA 33 -47.51 -31.19 49.95
CA GLN AA 33 -48.64 -32.09 49.73
C GLN AA 33 -49.75 -31.84 50.77
N HIS AA 34 -49.36 -31.58 52.02
CA HIS AA 34 -50.28 -31.29 53.11
C HIS AA 34 -51.05 -29.99 52.84
N LEU AA 35 -50.35 -28.97 52.32
CA LEU AA 35 -50.99 -27.70 51.99
C LEU AA 35 -51.84 -27.74 50.72
N GLY AA 36 -51.80 -28.84 49.98
CA GLY AA 36 -52.50 -28.98 48.71
C GLY AA 36 -51.82 -28.20 47.60
N ALA AA 37 -50.49 -27.97 47.73
CA ALA AA 37 -49.71 -27.22 46.78
C ALA AA 37 -49.39 -27.98 45.51
N SER AA 38 -49.26 -27.26 44.41
CA SER AA 38 -48.89 -27.82 43.11
C SER AA 38 -47.54 -27.23 42.70
N LYS AA 39 -46.70 -28.00 42.01
CA LYS AA 39 -45.38 -27.57 41.56
C LYS AA 39 -45.41 -27.14 40.08
N ARG AA 40 -44.92 -25.94 39.78
CA ARG AA 40 -44.95 -25.43 38.41
C ARG AA 40 -43.80 -24.50 38.11
N ARG AA 41 -43.47 -24.34 36.82
CA ARG AA 41 -42.48 -23.37 36.41
C ARG AA 41 -43.25 -22.39 35.56
N ALA AA 42 -43.64 -21.24 36.14
CA ALA AA 42 -44.42 -20.24 35.43
C ALA AA 42 -43.66 -19.69 34.24
N LEU AA 43 -44.39 -19.34 33.16
CA LEU AA 43 -43.80 -18.79 31.94
C LEU AA 43 -43.04 -17.51 32.25
N GLY AA 44 -41.76 -17.49 31.87
CA GLY AA 44 -40.92 -16.34 32.17
C GLY AA 44 -39.97 -16.54 33.31
N ASN AA 45 -40.19 -17.60 34.12
CA ASN AA 45 -39.35 -17.96 35.26
C ASN AA 45 -38.45 -19.13 34.92
N ASN AA 46 -37.24 -19.11 35.47
CA ASN AA 46 -36.28 -20.19 35.27
C ASN AA 46 -36.11 -20.99 36.58
N PHE AA 47 -37.22 -21.22 37.27
CA PHE AA 47 -37.22 -21.94 38.53
C PHE AA 47 -38.63 -22.49 38.79
N TYR AA 48 -38.70 -23.56 39.57
CA TYR AA 48 -39.98 -24.13 39.94
C TYR AA 48 -40.47 -23.52 41.26
N GLU AA 49 -41.78 -23.49 41.45
CA GLU AA 49 -42.41 -22.96 42.65
C GLU AA 49 -43.58 -23.84 43.06
N TYR AA 50 -43.92 -23.80 44.34
CA TYR AA 50 -45.08 -24.49 44.87
C TYR AA 50 -46.09 -23.41 45.21
N TYR AA 51 -47.34 -23.59 44.83
CA TYR AA 51 -48.37 -22.58 45.07
C TYR AA 51 -49.70 -23.23 45.47
N VAL AA 52 -50.56 -22.44 46.13
CA VAL AA 52 -51.92 -22.86 46.48
C VAL AA 52 -52.88 -21.76 46.03
N ASP AA 53 -54.13 -22.11 45.76
CA ASP AA 53 -55.13 -21.12 45.36
C ASP AA 53 -55.63 -20.26 46.53
N ASP AA 54 -55.45 -20.76 47.77
CA ASP AA 54 -55.90 -20.13 49.01
C ASP AA 54 -55.27 -18.79 49.29
N PRO AA 55 -56.02 -17.87 49.92
CA PRO AA 55 -55.41 -16.61 50.36
C PRO AA 55 -54.45 -16.89 51.54
N PRO AA 56 -53.47 -16.00 51.78
CA PRO AA 56 -52.50 -16.25 52.86
C PRO AA 56 -53.06 -16.57 54.25
N ARG AA 57 -54.22 -16.01 54.63
CA ARG AA 57 -54.81 -16.26 55.94
C ARG AA 57 -55.08 -17.75 56.16
N ILE AA 58 -55.60 -18.46 55.12
CA ILE AA 58 -55.87 -19.89 55.18
C ILE AA 58 -54.55 -20.66 55.35
N VAL AA 59 -53.53 -20.29 54.58
CA VAL AA 59 -52.21 -20.92 54.63
C VAL AA 59 -51.55 -20.75 56.01
N LEU AA 60 -51.64 -19.54 56.60
CA LEU AA 60 -51.08 -19.27 57.92
C LEU AA 60 -51.73 -20.16 59.00
N ASP AA 61 -53.07 -20.36 58.91
CA ASP AA 61 -53.79 -21.21 59.87
C ASP AA 61 -53.35 -22.67 59.73
N LYS AA 62 -53.13 -23.14 58.50
CA LYS AA 62 -52.68 -24.50 58.23
C LYS AA 62 -51.26 -24.71 58.78
N LEU AA 63 -50.36 -23.71 58.58
CA LEU AA 63 -48.98 -23.76 59.07
C LEU AA 63 -48.93 -23.72 60.60
N GLU AA 64 -49.88 -23.06 61.25
CA GLU AA 64 -49.94 -22.98 62.71
C GLU AA 64 -50.17 -24.39 63.27
N ARG AA 65 -51.09 -25.14 62.66
CA ARG AA 65 -51.36 -26.52 63.05
C ARG AA 65 -50.17 -27.47 62.80
N ARG AA 66 -49.23 -27.06 61.95
CA ARG AA 66 -48.01 -27.78 61.61
C ARG AA 66 -46.78 -27.40 62.46
N GLY AA 67 -46.95 -26.48 63.41
CA GLY AA 67 -45.89 -26.05 64.30
C GLY AA 67 -45.14 -24.82 63.85
N PHE AA 68 -45.74 -24.02 62.94
CA PHE AA 68 -45.10 -22.80 62.47
C PHE AA 68 -45.69 -21.57 63.09
N ARG AA 69 -44.82 -20.60 63.40
CA ARG AA 69 -45.23 -19.30 63.93
C ARG AA 69 -44.64 -18.19 63.04
N VAL AA 70 -45.43 -17.15 62.76
CA VAL AA 70 -44.97 -16.02 61.98
C VAL AA 70 -43.96 -15.21 62.81
N LEU AA 71 -42.75 -15.06 62.31
CA LEU AA 71 -41.73 -14.26 62.95
C LEU AA 71 -41.74 -12.82 62.38
N SER AA 72 -42.01 -12.69 61.09
CA SER AA 72 -42.03 -11.39 60.44
C SER AA 72 -42.89 -11.43 59.17
N MET AA 73 -43.43 -10.27 58.81
CA MET AA 73 -44.23 -10.08 57.61
C MET AA 73 -43.76 -8.77 56.99
N THR AA 74 -43.48 -8.78 55.69
CA THR AA 74 -43.04 -7.58 55.01
C THR AA 74 -43.64 -7.39 53.62
N GLY AA 75 -43.59 -6.17 53.12
CA GLY AA 75 -43.99 -5.87 51.75
C GLY AA 75 -42.74 -5.58 50.95
N VAL AA 76 -42.70 -6.08 49.71
CA VAL AA 76 -41.60 -5.82 48.80
C VAL AA 76 -42.23 -5.68 47.42
N GLY AA 77 -42.23 -4.47 46.88
CA GLY AA 77 -42.92 -4.18 45.62
C GLY AA 77 -44.42 -4.31 45.86
N GLN AA 78 -45.06 -5.24 45.15
CA GLN AA 78 -46.49 -5.55 45.33
C GLN AA 78 -46.69 -6.89 46.03
N THR AA 79 -45.63 -7.46 46.64
CA THR AA 79 -45.67 -8.74 47.30
C THR AA 79 -45.67 -8.60 48.80
N LEU AA 80 -46.47 -9.42 49.45
CA LEU AA 80 -46.56 -9.54 50.90
C LEU AA 80 -45.85 -10.85 51.19
N VAL AA 81 -44.78 -10.82 52.02
CA VAL AA 81 -44.00 -12.02 52.37
C VAL AA 81 -44.10 -12.33 53.87
N TRP AA 82 -44.25 -13.61 54.24
CA TRP AA 82 -44.27 -14.05 55.63
C TRP AA 82 -43.10 -14.96 55.89
N CYS AA 83 -42.40 -14.74 56.99
CA CYS AA 83 -41.27 -15.57 57.40
C CYS AA 83 -41.72 -16.35 58.62
N LEU AA 84 -41.89 -17.66 58.47
CA LEU AA 84 -42.35 -18.51 59.56
C LEU AA 84 -41.24 -19.39 60.09
N HIS AA 85 -41.33 -19.74 61.36
CA HIS AA 85 -40.33 -20.56 62.02
C HIS AA 85 -41.02 -21.65 62.80
N LYS AA 86 -40.42 -22.83 62.75
CA LYS AA 86 -40.87 -24.04 63.39
C LYS AA 86 -40.35 -23.96 64.83
N GLU AA 87 -41.25 -23.71 65.79
CA GLU AA 87 -40.87 -23.59 67.19
C GLU AA 87 -41.97 -24.06 68.13
N MET BA 4 -59.34 -20.46 64.30
CA MET BA 4 -58.85 -19.45 63.35
C MET BA 4 -57.88 -18.46 64.03
N PRO BA 5 -56.60 -18.85 64.22
CA PRO BA 5 -55.67 -17.98 64.96
C PRO BA 5 -55.15 -16.74 64.25
N TYR BA 6 -54.95 -16.77 62.93
CA TYR BA 6 -54.40 -15.60 62.22
C TYR BA 6 -55.42 -14.67 61.62
N LEU BA 7 -55.09 -13.38 61.60
CA LEU BA 7 -55.96 -12.35 61.09
C LEU BA 7 -55.15 -11.33 60.31
N LEU BA 8 -55.65 -10.84 59.19
CA LEU BA 8 -54.97 -9.80 58.43
C LEU BA 8 -55.90 -8.63 58.26
N ILE BA 9 -55.48 -7.44 58.71
CA ILE BA 9 -56.26 -6.22 58.54
C ILE BA 9 -55.42 -5.18 57.79
N SER BA 10 -56.06 -4.25 57.07
CA SER BA 10 -55.32 -3.27 56.28
C SER BA 10 -56.02 -1.92 56.12
N THR BA 11 -55.26 -0.89 55.76
CA THR BA 11 -55.79 0.43 55.45
C THR BA 11 -54.90 1.10 54.39
N GLN BA 12 -55.46 1.99 53.58
CA GLN BA 12 -54.66 2.73 52.61
C GLN BA 12 -53.98 3.91 53.31
N ILE BA 13 -52.96 4.52 52.68
CA ILE BA 13 -52.23 5.64 53.26
C ILE BA 13 -53.18 6.75 53.67
N ARG BA 14 -52.89 7.11 54.90
CA ARG BA 14 -53.42 7.96 55.91
C ARG BA 14 -54.06 7.02 56.86
N MET BA 15 -53.19 6.53 57.75
CA MET BA 15 -53.52 5.60 58.81
C MET BA 15 -54.54 6.19 59.80
N GLU BA 16 -54.62 7.54 59.88
CA GLU BA 16 -55.56 8.24 60.76
C GLU BA 16 -57.02 8.04 60.38
N VAL BA 17 -57.28 7.62 59.14
CA VAL BA 17 -58.64 7.52 58.63
C VAL BA 17 -58.91 6.16 58.00
N GLY BA 18 -60.16 5.75 57.99
CA GLY BA 18 -60.58 4.48 57.40
C GLY BA 18 -60.86 4.62 55.92
N PRO BA 19 -61.44 3.59 55.26
CA PRO BA 19 -61.85 2.28 55.81
C PRO BA 19 -60.69 1.37 56.18
N THR BA 20 -61.01 0.33 56.94
CA THR BA 20 -60.05 -0.69 57.32
C THR BA 20 -60.62 -2.01 56.85
N MET BA 21 -59.88 -2.72 56.00
CA MET BA 21 -60.25 -4.04 55.50
C MET BA 21 -60.00 -5.04 56.63
N VAL BA 22 -61.04 -5.78 57.05
CA VAL BA 22 -60.91 -6.68 58.18
C VAL BA 22 -61.15 -8.17 57.84
N GLY BA 23 -61.41 -8.51 56.58
CA GLY BA 23 -61.65 -9.91 56.22
C GLY BA 23 -61.93 -10.26 54.78
N ASP BA 24 -61.94 -11.56 54.49
CA ASP BA 24 -62.21 -12.14 53.18
C ASP BA 24 -63.49 -13.00 53.24
N GLU BA 25 -63.91 -13.63 52.12
CA GLU BA 25 -65.14 -14.45 52.13
C GLU BA 25 -65.21 -15.50 53.21
N GLN BA 26 -64.07 -16.12 53.54
CA GLN BA 26 -64.02 -17.18 54.54
C GLN BA 26 -63.72 -16.71 55.95
N SER BA 27 -63.90 -15.41 56.24
CA SER BA 27 -63.67 -14.88 57.58
C SER BA 27 -64.80 -15.30 58.55
N ASP BA 28 -64.50 -15.32 59.86
CA ASP BA 28 -65.45 -15.66 60.93
C ASP BA 28 -66.58 -14.61 60.90
N PRO BA 29 -67.82 -15.02 60.57
CA PRO BA 29 -68.91 -14.05 60.48
C PRO BA 29 -69.25 -13.36 61.80
N GLU BA 30 -69.05 -14.05 62.93
CA GLU BA 30 -69.32 -13.48 64.24
C GLU BA 30 -68.29 -12.39 64.55
N LEU BA 31 -67.02 -12.62 64.22
CA LEU BA 31 -65.97 -11.62 64.44
C LEU BA 31 -66.23 -10.40 63.58
N MET BA 32 -66.68 -10.60 62.32
CA MET BA 32 -66.98 -9.50 61.41
C MET BA 32 -68.16 -8.69 61.93
N GLN BA 33 -69.19 -9.37 62.45
CA GLN BA 33 -70.36 -8.74 63.03
C GLN BA 33 -69.99 -7.93 64.28
N HIS BA 34 -69.05 -8.47 65.09
CA HIS BA 34 -68.57 -7.81 66.30
C HIS BA 34 -67.84 -6.51 65.94
N LEU BA 35 -67.05 -6.53 64.88
CA LEU BA 35 -66.32 -5.34 64.43
C LEU BA 35 -67.22 -4.31 63.73
N GLY BA 36 -68.47 -4.66 63.45
CA GLY BA 36 -69.39 -3.80 62.72
C GLY BA 36 -69.08 -3.76 61.24
N ALA BA 37 -68.43 -4.83 60.73
CA ALA BA 37 -68.03 -4.91 59.34
C ALA BA 37 -69.17 -5.22 58.38
N SER BA 38 -69.02 -4.74 57.16
CA SER BA 38 -70.00 -4.99 56.10
C SER BA 38 -69.27 -5.77 54.98
N LYS BA 39 -70.00 -6.66 54.28
CA LYS BA 39 -69.41 -7.45 53.22
C LYS BA 39 -69.73 -6.79 51.89
N ARG BA 40 -68.75 -6.74 50.99
CA ARG BA 40 -68.97 -6.13 49.67
C ARG BA 40 -67.99 -6.67 48.63
N ARG BA 41 -68.37 -6.59 47.36
CA ARG BA 41 -67.46 -6.91 46.27
C ARG BA 41 -67.29 -5.60 45.54
N ALA BA 42 -66.18 -4.88 45.84
CA ALA BA 42 -65.89 -3.60 45.22
C ALA BA 42 -65.73 -3.73 43.71
N LEU BA 43 -66.20 -2.71 42.95
CA LEU BA 43 -66.09 -2.69 41.49
C LEU BA 43 -64.62 -2.84 41.06
N GLY BA 44 -64.35 -3.82 40.22
CA GLY BA 44 -62.99 -4.10 39.79
C GLY BA 44 -62.35 -5.31 40.45
N ASN BA 45 -62.96 -5.77 41.57
CA ASN BA 45 -62.50 -6.95 42.31
C ASN BA 45 -63.38 -8.14 42.01
N ASN BA 46 -62.77 -9.31 41.97
CA ASN BA 46 -63.46 -10.58 41.74
C ASN BA 46 -63.49 -11.38 43.05
N PHE BA 47 -63.70 -10.70 44.18
CA PHE BA 47 -63.75 -11.32 45.49
C PHE BA 47 -64.51 -10.43 46.45
N TYR BA 48 -65.07 -11.02 47.51
CA TYR BA 48 -65.77 -10.26 48.55
C TYR BA 48 -64.79 -9.90 49.68
N GLU BA 49 -65.07 -8.79 50.36
CA GLU BA 49 -64.23 -8.31 51.44
C GLU BA 49 -65.10 -7.78 52.57
N TYR BA 50 -64.56 -7.78 53.77
CA TYR BA 50 -65.26 -7.22 54.92
C TYR BA 50 -64.51 -5.93 55.27
N TYR BA 51 -65.23 -4.84 55.53
CA TYR BA 51 -64.59 -3.56 55.83
C TYR BA 51 -65.32 -2.82 56.94
N VAL BA 52 -64.63 -1.88 57.60
CA VAL BA 52 -65.22 -0.99 58.61
C VAL BA 52 -64.83 0.44 58.27
N ASP BA 53 -65.63 1.41 58.68
CA ASP BA 53 -65.32 2.82 58.43
C ASP BA 53 -64.21 3.35 59.36
N ASP BA 54 -63.96 2.67 60.48
CA ASP BA 54 -63.00 3.05 61.50
C ASP BA 54 -61.56 3.05 61.03
N PRO BA 55 -60.73 3.95 61.57
CA PRO BA 55 -59.29 3.88 61.29
C PRO BA 55 -58.68 2.64 61.97
N PRO BA 56 -57.52 2.16 61.48
CA PRO BA 56 -56.94 0.92 62.06
C PRO BA 56 -56.72 0.92 63.57
N ARG BA 57 -56.43 2.07 64.20
CA ARG BA 57 -56.19 2.15 65.63
C ARG BA 57 -57.42 1.66 66.42
N ILE BA 58 -58.63 2.00 65.95
CA ILE BA 58 -59.86 1.58 66.62
C ILE BA 58 -60.04 0.07 66.47
N VAL BA 59 -59.76 -0.45 65.28
CA VAL BA 59 -59.87 -1.87 64.97
C VAL BA 59 -58.88 -2.68 65.81
N LEU BA 60 -57.64 -2.19 65.96
CA LEU BA 60 -56.61 -2.87 66.76
C LEU BA 60 -57.02 -2.99 68.23
N ASP BA 61 -57.64 -1.93 68.77
CA ASP BA 61 -58.11 -1.95 70.16
C ASP BA 61 -59.26 -2.93 70.30
N LYS BA 62 -60.18 -2.97 69.31
CA LYS BA 62 -61.34 -3.87 69.31
C LYS BA 62 -60.91 -5.34 69.28
N LEU BA 63 -59.94 -5.65 68.40
CA LEU BA 63 -59.41 -7.00 68.27
C LEU BA 63 -58.63 -7.45 69.48
N GLU BA 64 -57.93 -6.53 70.16
CA GLU BA 64 -57.18 -6.88 71.39
C GLU BA 64 -58.15 -7.39 72.45
N ARG BA 65 -59.34 -6.76 72.55
CA ARG BA 65 -60.41 -7.20 73.46
C ARG BA 65 -61.04 -8.57 73.05
N ARG BA 66 -60.52 -9.18 71.97
CA ARG BA 66 -60.90 -10.48 71.44
C ARG BA 66 -59.71 -11.49 71.41
N GLY BA 67 -58.63 -11.20 72.14
CA GLY BA 67 -57.49 -12.09 72.28
C GLY BA 67 -56.39 -11.96 71.26
N PHE BA 68 -56.60 -11.16 70.21
CA PHE BA 68 -55.60 -11.01 69.15
C PHE BA 68 -54.45 -10.14 69.56
N ARG BA 69 -53.27 -10.40 69.00
CA ARG BA 69 -52.08 -9.62 69.30
C ARG BA 69 -51.33 -9.35 67.99
N VAL BA 70 -50.92 -8.08 67.76
CA VAL BA 70 -50.19 -7.74 66.56
C VAL BA 70 -48.82 -8.42 66.57
N LEU BA 71 -48.57 -9.26 65.59
CA LEU BA 71 -47.30 -9.93 65.43
C LEU BA 71 -46.38 -9.09 64.53
N SER BA 72 -46.94 -8.51 63.47
CA SER BA 72 -46.18 -7.74 62.51
C SER BA 72 -47.06 -6.69 61.82
N MET BA 73 -46.43 -5.61 61.37
CA MET BA 73 -47.08 -4.53 60.63
C MET BA 73 -46.17 -4.19 59.47
N THR BA 74 -46.70 -4.09 58.25
CA THR BA 74 -45.88 -3.76 57.10
C THR BA 74 -46.58 -2.82 56.11
N GLY BA 75 -45.81 -2.21 55.25
CA GLY BA 75 -46.32 -1.38 54.18
C GLY BA 75 -46.08 -2.11 52.88
N VAL BA 76 -47.07 -2.08 51.99
CA VAL BA 76 -46.93 -2.69 50.67
C VAL BA 76 -47.65 -1.74 49.70
N GLY BA 77 -46.89 -1.06 48.87
CA GLY BA 77 -47.43 -0.03 48.00
C GLY BA 77 -47.93 1.13 48.84
N GLN BA 78 -49.25 1.41 48.78
CA GLN BA 78 -49.85 2.45 49.62
C GLN BA 78 -50.69 1.84 50.76
N THR BA 79 -50.56 0.52 51.02
CA THR BA 79 -51.32 -0.20 52.02
C THR BA 79 -50.50 -0.47 53.26
N LEU BA 80 -51.09 -0.31 54.41
CA LEU BA 80 -50.53 -0.62 55.71
C LEU BA 80 -51.27 -1.90 56.12
N VAL BA 81 -50.54 -2.99 56.39
CA VAL BA 81 -51.13 -4.29 56.74
C VAL BA 81 -50.68 -4.72 58.15
N TRP BA 82 -51.60 -5.28 58.96
CA TRP BA 82 -51.30 -5.81 60.29
C TRP BA 82 -51.59 -7.30 60.30
N CYS BA 83 -50.66 -8.08 60.84
CA CYS BA 83 -50.85 -9.51 60.96
C CYS BA 83 -51.07 -9.79 62.44
N LEU BA 84 -52.28 -10.21 62.82
CA LEU BA 84 -52.61 -10.47 64.22
C LEU BA 84 -52.73 -11.97 64.50
N HIS BA 85 -52.39 -12.41 65.70
CA HIS BA 85 -52.46 -13.81 66.09
C HIS BA 85 -53.19 -13.91 67.40
N LYS BA 86 -54.16 -14.81 67.48
CA LYS BA 86 -54.94 -14.98 68.71
C LYS BA 86 -54.09 -15.62 69.78
N GLU BA 87 -53.63 -14.79 70.73
CA GLU BA 87 -52.80 -15.19 71.87
C GLU BA 87 -52.81 -14.13 72.96
N MET CA 4 -57.21 2.10 75.93
CA MET CA 4 -56.73 2.35 74.57
C MET CA 4 -55.29 1.80 74.41
N PRO CA 5 -55.11 0.48 74.21
CA PRO CA 5 -53.74 -0.08 74.18
C PRO CA 5 -52.87 0.23 72.96
N TYR CA 6 -53.44 0.36 71.75
CA TYR CA 6 -52.62 0.59 70.56
C TYR CA 6 -52.43 2.05 70.18
N LEU CA 7 -51.27 2.34 69.62
CA LEU CA 7 -50.90 3.69 69.21
C LEU CA 7 -50.16 3.63 67.90
N LEU CA 8 -50.45 4.57 66.99
CA LEU CA 8 -49.75 4.62 65.71
C LEU CA 8 -49.15 6.01 65.56
N ILE CA 9 -47.83 6.07 65.37
CA ILE CA 9 -47.15 7.35 65.14
C ILE CA 9 -46.39 7.27 63.83
N SER CA 10 -46.18 8.42 63.16
CA SER CA 10 -45.49 8.41 61.88
C SER CA 10 -44.66 9.66 61.61
N THR CA 11 -43.72 9.55 60.68
CA THR CA 11 -42.91 10.66 60.21
C THR CA 11 -42.56 10.47 58.74
N GLN CA 12 -42.38 11.57 58.00
CA GLN CA 12 -41.96 11.46 56.60
C GLN CA 12 -40.46 11.28 56.52
N ILE CA 13 -39.93 10.80 55.38
CA ILE CA 13 -38.51 10.52 55.23
C ILE CA 13 -37.68 11.74 55.58
N ARG CA 14 -36.73 11.37 56.42
CA ARG CA 14 -35.72 11.98 57.21
C ARG CA 14 -36.25 11.88 58.59
N MET CA 15 -36.00 10.71 59.14
CA MET CA 15 -36.39 10.30 60.48
C MET CA 15 -35.76 11.21 61.55
N GLU CA 16 -34.63 11.87 61.24
CA GLU CA 16 -33.93 12.78 62.15
C GLU CA 16 -34.70 14.06 62.44
N VAL CA 17 -35.72 14.36 61.67
CA VAL CA 17 -36.46 15.61 61.80
C VAL CA 17 -37.96 15.37 61.81
N GLY CA 18 -38.68 16.26 62.47
CA GLY CA 18 -40.13 16.18 62.53
C GLY CA 18 -40.80 16.89 61.35
N PRO CA 19 -42.13 17.06 61.36
CA PRO CA 19 -43.10 16.67 62.39
C PRO CA 19 -43.32 15.15 62.52
N THR CA 20 -43.90 14.76 63.66
CA THR CA 20 -44.27 13.39 63.92
C THR CA 20 -45.77 13.42 64.18
N MET CA 21 -46.54 12.65 63.38
CA MET CA 21 -47.97 12.51 63.53
C MET CA 21 -48.19 11.58 64.70
N VAL CA 22 -48.92 12.04 65.72
CA VAL CA 22 -49.11 11.24 66.94
C VAL CA 22 -50.56 10.86 67.23
N GLY CA 23 -51.52 11.22 66.36
CA GLY CA 23 -52.91 10.88 66.61
C GLY CA 23 -53.96 11.32 65.61
N ASP CA 24 -55.17 10.80 65.78
CA ASP CA 24 -56.34 11.09 64.96
C ASP CA 24 -57.43 11.78 65.84
N GLU CA 25 -58.61 12.14 65.28
CA GLU CA 25 -59.66 12.81 66.04
C GLU CA 25 -60.06 12.11 67.33
N GLN CA 26 -60.05 10.77 67.34
CA GLN CA 26 -60.45 10.02 68.53
C GLN CA 26 -59.30 9.65 69.47
N SER CA 27 -58.14 10.31 69.35
CA SER CA 27 -57.00 10.04 70.24
C SER CA 27 -57.23 10.57 71.66
N ASP CA 28 -56.52 9.98 72.65
CA ASP CA 28 -56.58 10.37 74.06
C ASP CA 28 -56.10 11.82 74.18
N PRO CA 29 -56.99 12.76 74.55
CA PRO CA 29 -56.57 14.17 74.61
C PRO CA 29 -55.51 14.48 75.65
N GLU CA 30 -55.47 13.72 76.75
CA GLU CA 30 -54.48 13.90 77.81
C GLU CA 30 -53.11 13.46 77.30
N LEU CA 31 -53.04 12.35 76.56
CA LEU CA 31 -51.79 11.87 75.99
C LEU CA 31 -51.27 12.86 74.96
N MET CA 32 -52.17 13.44 74.15
CA MET CA 32 -51.78 14.42 73.14
C MET CA 32 -51.24 15.68 73.80
N GLN CA 33 -51.90 16.12 74.88
CA GLN CA 33 -51.48 17.28 75.65
C GLN CA 33 -50.11 17.03 76.30
N HIS CA 34 -49.89 15.80 76.80
CA HIS CA 34 -48.63 15.40 77.42
C HIS CA 34 -47.47 15.46 76.41
N LEU CA 35 -47.72 15.00 75.17
CA LEU CA 35 -46.72 15.04 74.12
C LEU CA 35 -46.47 16.45 73.55
N GLY CA 36 -47.30 17.43 73.91
CA GLY CA 36 -47.23 18.79 73.38
C GLY CA 36 -47.81 18.89 71.97
N ALA CA 37 -48.72 17.97 71.62
CA ALA CA 37 -49.31 17.90 70.30
C ALA CA 37 -50.36 18.96 70.03
N SER CA 38 -50.51 19.34 68.77
CA SER CA 38 -51.51 20.30 68.34
C SER CA 38 -52.44 19.60 67.34
N LYS CA 39 -53.71 19.97 67.34
CA LYS CA 39 -54.69 19.38 66.44
C LYS CA 39 -54.85 20.27 65.21
N ARG CA 40 -54.91 19.67 64.01
CA ARG CA 40 -55.08 20.45 62.78
C ARG CA 40 -55.69 19.63 61.68
N ARG CA 41 -56.30 20.29 60.70
CA ARG CA 41 -56.79 19.61 59.50
C ARG CA 41 -55.96 20.20 58.37
N ALA CA 42 -54.92 19.49 57.94
CA ALA CA 42 -54.04 19.97 56.89
C ALA CA 42 -54.79 20.14 55.57
N LEU CA 43 -54.41 21.16 54.78
CA LEU CA 43 -55.05 21.45 53.50
C LEU CA 43 -54.94 20.25 52.57
N GLY CA 44 -56.09 19.77 52.10
CA GLY CA 44 -56.11 18.60 51.25
C GLY CA 44 -56.64 17.35 51.94
N ASN CA 45 -56.69 17.39 53.29
CA ASN CA 45 -57.18 16.28 54.11
C ASN CA 45 -58.58 16.55 54.60
N ASN CA 46 -59.39 15.50 54.69
CA ASN CA 46 -60.75 15.62 55.22
C ASN CA 46 -60.83 14.96 56.60
N PHE CA 47 -59.79 15.15 57.42
CA PHE CA 47 -59.71 14.61 58.77
C PHE CA 47 -58.74 15.42 59.61
N TYR CA 48 -58.91 15.39 60.92
CA TYR CA 48 -58.03 16.09 61.84
C TYR CA 48 -56.91 15.15 62.31
N GLU CA 49 -55.76 15.72 62.64
CA GLU CA 49 -54.60 14.98 63.07
C GLU CA 49 -53.90 15.71 64.23
N TYR CA 50 -53.19 14.95 65.04
CA TYR CA 50 -52.40 15.52 66.12
C TYR CA 50 -50.95 15.38 65.69
N TYR CA 51 -50.15 16.42 65.86
CA TYR CA 51 -48.75 16.37 65.45
C TYR CA 51 -47.85 17.08 66.44
N VAL CA 52 -46.56 16.76 66.42
CA VAL CA 52 -45.53 17.42 67.23
C VAL CA 52 -44.37 17.80 66.30
N ASP CA 53 -43.62 18.85 66.67
CA ASP CA 53 -42.46 19.26 65.87
C ASP CA 53 -41.25 18.32 66.05
N ASP CA 54 -41.23 17.54 67.13
CA ASP CA 54 -40.17 16.62 67.50
C ASP CA 54 -39.94 15.49 66.51
N PRO CA 55 -38.67 15.07 66.35
CA PRO CA 55 -38.43 13.87 65.53
C PRO CA 55 -38.95 12.61 66.26
N PRO CA 56 -39.22 11.52 65.53
CA PRO CA 56 -39.77 10.31 66.18
C PRO CA 56 -39.01 9.76 67.38
N ARG CA 57 -37.67 9.86 67.41
CA ARG CA 57 -36.86 9.37 68.54
C ARG CA 57 -37.30 9.99 69.87
N ILE CA 58 -37.57 11.32 69.88
CA ILE CA 58 -38.02 12.06 71.06
C ILE CA 58 -39.40 11.54 71.48
N VAL CA 59 -40.30 11.37 70.51
CA VAL CA 59 -41.66 10.87 70.77
C VAL CA 59 -41.64 9.45 71.34
N LEU CA 60 -40.78 8.57 70.82
CA LEU CA 60 -40.64 7.20 71.31
C LEU CA 60 -40.19 7.14 72.75
N ASP CA 61 -39.25 8.03 73.13
CA ASP CA 61 -38.75 8.11 74.50
C ASP CA 61 -39.86 8.57 75.46
N LYS CA 62 -40.68 9.54 75.01
CA LYS CA 62 -41.78 10.08 75.80
C LYS CA 62 -42.85 9.01 76.01
N LEU CA 63 -43.16 8.26 74.95
CA LEU CA 63 -44.17 7.19 75.01
C LEU CA 63 -43.73 6.05 75.90
N GLU CA 64 -42.40 5.78 75.98
CA GLU CA 64 -41.85 4.72 76.82
C GLU CA 64 -42.13 5.06 78.30
N ARG CA 65 -41.94 6.34 78.68
CA ARG CA 65 -42.23 6.82 80.02
C ARG CA 65 -43.75 6.85 80.35
N ARG CA 66 -44.59 6.61 79.37
CA ARG CA 66 -46.04 6.54 79.50
C ARG CA 66 -46.59 5.08 79.39
N GLY CA 67 -45.68 4.08 79.43
CA GLY CA 67 -46.05 2.67 79.39
C GLY CA 67 -46.09 1.97 78.04
N PHE CA 68 -45.73 2.68 76.96
CA PHE CA 68 -45.78 2.10 75.62
C PHE CA 68 -44.49 1.44 75.18
N ARG CA 69 -44.62 0.41 74.34
CA ARG CA 69 -43.51 -0.35 73.79
C ARG CA 69 -43.73 -0.55 72.29
N VAL CA 70 -42.67 -0.33 71.48
CA VAL CA 70 -42.74 -0.50 70.03
C VAL CA 70 -42.90 -2.00 69.69
N LEU CA 71 -43.99 -2.35 69.01
CA LEU CA 71 -44.24 -3.72 68.56
C LEU CA 71 -43.71 -3.89 67.14
N SER CA 72 -43.84 -2.87 66.30
CA SER CA 72 -43.41 -2.94 64.92
C SER CA 72 -43.13 -1.56 64.36
N MET CA 73 -42.27 -1.48 63.35
CA MET CA 73 -41.94 -0.25 62.63
C MET CA 73 -41.93 -0.63 61.14
N THR CA 74 -42.60 0.17 60.31
CA THR CA 74 -42.62 -0.10 58.88
C THR CA 74 -42.53 1.15 58.03
N GLY CA 75 -42.17 0.98 56.76
CA GLY CA 75 -42.13 2.06 55.80
C GLY CA 75 -43.26 1.85 54.81
N VAL CA 76 -43.96 2.92 54.47
CA VAL CA 76 -45.04 2.86 53.49
C VAL CA 76 -44.93 4.15 52.68
N GLY CA 77 -44.54 4.01 51.41
CA GLY CA 77 -44.24 5.18 50.58
C GLY CA 77 -43.02 5.91 51.14
N GLN CA 78 -43.20 7.17 51.53
CA GLN CA 78 -42.11 7.93 52.17
C GLN CA 78 -42.36 8.12 53.67
N THR CA 79 -43.28 7.34 54.26
CA THR CA 79 -43.65 7.42 55.67
C THR CA 79 -43.07 6.28 56.46
N LEU CA 80 -42.57 6.59 57.63
CA LEU CA 80 -42.05 5.65 58.60
C LEU CA 80 -43.14 5.59 59.66
N VAL CA 81 -43.72 4.42 59.93
CA VAL CA 81 -44.80 4.24 60.90
C VAL CA 81 -44.33 3.35 62.07
N TRP CA 82 -44.69 3.69 63.31
CA TRP CA 82 -44.42 2.88 64.50
C TRP CA 82 -45.74 2.44 65.12
N CYS CA 83 -45.84 1.16 65.46
CA CYS CA 83 -47.03 0.62 66.10
C CYS CA 83 -46.63 0.32 67.56
N LEU CA 84 -47.17 1.08 68.51
CA LEU CA 84 -46.85 0.90 69.92
C LEU CA 84 -48.01 0.29 70.70
N HIS CA 85 -47.69 -0.45 71.76
CA HIS CA 85 -48.70 -1.08 72.58
C HIS CA 85 -48.44 -0.82 74.06
N LYS CA 86 -49.50 -0.50 74.81
CA LYS CA 86 -49.39 -0.21 76.22
C LYS CA 86 -49.33 -1.52 76.97
N GLU CA 87 -48.14 -1.85 77.50
CA GLU CA 87 -47.90 -3.10 78.24
C GLU CA 87 -46.84 -2.92 79.31
N MET DA 4 -32.61 7.81 77.85
CA MET DA 4 -32.75 7.73 76.39
C MET DA 4 -32.82 6.26 75.89
N PRO DA 5 -33.97 5.57 76.01
CA PRO DA 5 -34.02 4.15 75.61
C PRO DA 5 -34.08 3.85 74.11
N TYR DA 6 -34.70 4.71 73.28
CA TYR DA 6 -34.81 4.41 71.85
C TYR DA 6 -33.73 5.01 70.97
N LEU DA 7 -33.39 4.29 69.89
CA LEU DA 7 -32.37 4.70 68.95
C LEU DA 7 -32.80 4.36 67.53
N LEU DA 8 -32.53 5.26 66.58
CA LEU DA 8 -32.86 5.01 65.19
C LEU DA 8 -31.60 5.16 64.35
N ILE DA 9 -31.22 4.10 63.62
CA ILE DA 9 -30.07 4.15 62.74
C ILE DA 9 -30.51 3.77 61.31
N SER DA 10 -29.78 4.25 60.28
CA SER DA 10 -30.17 3.95 58.90
C SER DA 10 -29.00 3.89 57.92
N THR DA 11 -29.20 3.26 56.76
CA THR DA 11 -28.25 3.24 55.66
C THR DA 11 -29.01 3.17 54.34
N GLN DA 12 -28.45 3.77 53.29
CA GLN DA 12 -29.04 3.71 51.98
C GLN DA 12 -28.77 2.35 51.35
N ILE DA 13 -29.56 1.94 50.34
CA ILE DA 13 -29.42 0.65 49.68
C ILE DA 13 -27.98 0.45 49.23
N ARG DA 14 -27.59 -0.72 49.68
CA ARG DA 14 -26.38 -1.48 49.74
C ARG DA 14 -25.98 -1.39 51.15
N MET DA 15 -26.60 -2.30 51.90
CA MET DA 15 -26.41 -2.49 53.33
C MET DA 15 -24.97 -2.88 53.65
N GLU DA 16 -24.22 -3.45 52.69
CA GLU DA 16 -22.82 -3.85 52.87
C GLU DA 16 -21.86 -2.69 53.06
N VAL DA 17 -22.28 -1.48 52.71
CA VAL DA 17 -21.42 -0.32 52.75
C VAL DA 17 -22.07 0.85 53.49
N GLY DA 18 -21.25 1.70 54.07
CA GLY DA 18 -21.73 2.87 54.77
C GLY DA 18 -21.95 4.05 53.82
N PRO DA 19 -22.27 5.25 54.32
CA PRO DA 19 -22.39 5.64 55.74
C PRO DA 19 -23.62 5.12 56.44
N THR DA 20 -23.60 5.15 57.76
CA THR DA 20 -24.73 4.76 58.58
C THR DA 20 -25.09 5.97 59.42
N MET DA 21 -26.33 6.47 59.28
CA MET DA 21 -26.83 7.59 60.04
C MET DA 21 -27.13 7.09 61.44
N VAL DA 22 -26.50 7.66 62.47
CA VAL DA 22 -26.67 7.17 63.82
C VAL DA 22 -27.29 8.19 64.81
N GLY DA 23 -27.70 9.37 64.33
CA GLY DA 23 -28.31 10.35 65.22
C GLY DA 23 -28.74 11.70 64.66
N ASP DA 24 -29.47 12.45 65.47
CA ASP DA 24 -29.97 13.79 65.17
C ASP DA 24 -29.32 14.83 66.15
N GLU DA 25 -29.65 16.13 66.03
CA GLU DA 25 -29.04 17.17 66.89
C GLU DA 25 -29.14 16.89 68.37
N GLN DA 26 -30.24 16.28 68.83
CA GLN DA 26 -30.43 16.01 70.25
C GLN DA 26 -29.94 14.63 70.71
N SER DA 27 -29.10 13.96 69.91
CA SER DA 27 -28.57 12.64 70.28
C SER DA 27 -27.55 12.72 71.41
N ASP DA 28 -27.39 11.62 72.18
CA ASP DA 28 -26.43 11.49 73.27
C ASP DA 28 -25.02 11.68 72.71
N PRO DA 29 -24.33 12.76 73.09
CA PRO DA 29 -22.99 13.04 72.52
C PRO DA 29 -21.95 11.99 72.87
N GLU DA 30 -22.08 11.35 74.04
CA GLU DA 30 -21.15 10.31 74.47
C GLU DA 30 -21.31 9.07 73.61
N LEU DA 31 -22.56 8.70 73.29
CA LEU DA 31 -22.82 7.55 72.44
C LEU DA 31 -22.32 7.80 71.03
N MET DA 32 -22.49 9.03 70.53
CA MET DA 32 -22.03 9.39 69.18
C MET DA 32 -20.50 9.34 69.13
N GLN DA 33 -19.83 9.84 70.18
CA GLN DA 33 -18.38 9.83 70.31
C GLN DA 33 -17.86 8.39 70.37
N HIS DA 34 -18.56 7.52 71.12
CA HIS DA 34 -18.21 6.10 71.25
C HIS DA 34 -18.28 5.40 69.87
N LEU DA 35 -19.30 5.70 69.08
CA LEU DA 35 -19.44 5.11 67.75
C LEU DA 35 -18.45 5.68 66.71
N GLY DA 36 -17.73 6.76 67.06
CA GLY DA 36 -16.85 7.45 66.14
C GLY DA 36 -17.60 8.32 65.13
N ALA DA 37 -18.82 8.75 65.50
CA ALA DA 37 -19.66 9.57 64.64
C ALA DA 37 -19.22 11.01 64.51
N SER DA 38 -19.53 11.61 63.37
CA SER DA 38 -19.25 13.01 63.11
C SER DA 38 -20.58 13.72 62.87
N LYS DA 39 -20.66 14.99 63.25
CA LYS DA 39 -21.88 15.77 63.08
C LYS DA 39 -21.74 16.61 61.82
N ARG DA 40 -22.80 16.69 61.01
CA ARG DA 40 -22.77 17.49 59.80
C ARG DA 40 -24.18 17.89 59.35
N ARG DA 41 -24.28 18.95 58.55
CA ARG DA 41 -25.55 19.35 57.95
C ARG DA 41 -25.29 19.22 56.45
N ALA DA 42 -25.74 18.11 55.86
CA ALA DA 42 -25.52 17.85 54.44
C ALA DA 42 -26.25 18.88 53.58
N LEU DA 43 -25.65 19.25 52.44
CA LEU DA 43 -26.24 20.24 51.52
C LEU DA 43 -27.63 19.78 51.05
N GLY DA 44 -28.62 20.64 51.25
CA GLY DA 44 -29.99 20.32 50.91
C GLY DA 44 -30.84 20.01 52.13
N ASN DA 45 -30.20 19.71 53.27
CA ASN DA 45 -30.89 19.42 54.53
C ASN DA 45 -30.87 20.63 55.46
N ASN DA 46 -31.96 20.81 56.20
CA ASN DA 46 -32.06 21.90 57.17
C ASN DA 46 -31.98 21.33 58.61
N PHE DA 47 -31.11 20.34 58.80
CA PHE DA 47 -30.94 19.70 60.10
C PHE DA 47 -29.56 19.07 60.16
N TYR DA 48 -29.04 18.90 61.37
CA TYR DA 48 -27.76 18.24 61.59
C TYR DA 48 -28.00 16.75 61.82
N GLU DA 49 -27.00 15.95 61.46
CA GLU DA 49 -27.06 14.50 61.59
C GLU DA 49 -25.71 13.98 62.08
N TYR DA 50 -25.74 12.83 62.71
CA TYR DA 50 -24.52 12.14 63.12
C TYR DA 50 -24.38 10.92 62.20
N TYR DA 51 -23.18 10.68 61.68
CA TYR DA 51 -22.97 9.57 60.76
C TYR DA 51 -21.65 8.88 61.01
N VAL DA 52 -21.52 7.62 60.57
CA VAL DA 52 -20.28 6.86 60.64
C VAL DA 52 -20.02 6.28 59.26
N ASP DA 53 -18.74 6.05 58.91
CA ASP DA 53 -18.41 5.45 57.62
C ASP DA 53 -18.73 3.96 57.55
N ASP DA 54 -18.87 3.29 58.72
CA ASP DA 54 -19.11 1.87 58.86
C ASP DA 54 -20.43 1.41 58.30
N PRO DA 55 -20.47 0.17 57.75
CA PRO DA 55 -21.76 -0.38 57.33
C PRO DA 55 -22.64 -0.70 58.56
N PRO DA 56 -23.97 -0.78 58.41
CA PRO DA 56 -24.84 -1.02 59.57
C PRO DA 56 -24.50 -2.21 60.46
N ARG DA 57 -24.00 -3.31 59.89
CA ARG DA 57 -23.64 -4.51 60.66
C ARG DA 57 -22.63 -4.19 61.79
N ILE DA 58 -21.60 -3.36 61.47
CA ILE DA 58 -20.57 -2.95 62.44
C ILE DA 58 -21.22 -2.12 63.54
N VAL DA 59 -22.10 -1.18 63.17
CA VAL DA 59 -22.81 -0.31 64.10
C VAL DA 59 -23.72 -1.11 65.04
N LEU DA 60 -24.45 -2.11 64.51
CA LEU DA 60 -25.32 -2.96 65.32
C LEU DA 60 -24.54 -3.74 66.38
N ASP DA 61 -23.33 -4.25 66.02
CA ASP DA 61 -22.49 -4.98 66.96
C ASP DA 61 -21.99 -4.06 68.08
N LYS DA 62 -21.66 -2.80 67.73
CA LYS DA 62 -21.21 -1.81 68.70
C LYS DA 62 -22.33 -1.44 69.65
N LEU DA 63 -23.55 -1.27 69.12
CA LEU DA 63 -24.72 -0.93 69.93
C LEU DA 63 -25.12 -2.06 70.87
N GLU DA 64 -24.88 -3.32 70.47
CA GLU DA 64 -25.18 -4.48 71.32
C GLU DA 64 -24.30 -4.42 72.58
N ARG DA 65 -23.01 -4.09 72.41
CA ARG DA 65 -22.07 -3.94 73.53
C ARG DA 65 -22.40 -2.74 74.45
N ARG DA 66 -23.30 -1.87 74.01
CA ARG DA 66 -23.75 -0.70 74.75
C ARG DA 66 -25.18 -0.90 75.36
N GLY DA 67 -25.72 -2.11 75.30
CA GLY DA 67 -27.02 -2.44 75.86
C GLY DA 67 -28.23 -2.39 74.95
N PHE DA 68 -28.02 -2.11 73.65
CA PHE DA 68 -29.13 -2.00 72.72
C PHE DA 68 -29.50 -3.29 72.01
N ARG DA 69 -30.79 -3.44 71.70
CA ARG DA 69 -31.30 -4.59 70.98
C ARG DA 69 -32.21 -4.13 69.85
N VAL DA 70 -32.09 -4.73 68.67
CA VAL DA 70 -32.93 -4.37 67.53
C VAL DA 70 -34.37 -4.86 67.81
N LEU DA 71 -35.32 -3.93 67.78
CA LEU DA 71 -36.74 -4.24 67.95
C LEU DA 71 -37.39 -4.44 66.58
N SER DA 72 -36.99 -3.65 65.60
CA SER DA 72 -37.56 -3.72 64.27
C SER DA 72 -36.57 -3.17 63.23
N MET DA 73 -36.69 -3.65 62.00
CA MET DA 73 -35.91 -3.20 60.86
C MET DA 73 -36.89 -3.03 59.69
N THR DA 74 -36.84 -1.90 58.99
CA THR DA 74 -37.72 -1.66 57.87
C THR DA 74 -37.06 -0.94 56.70
N GLY DA 75 -37.67 -1.04 55.52
CA GLY DA 75 -37.23 -0.32 54.35
C GLY DA 75 -38.22 0.80 54.09
N VAL DA 76 -37.72 1.97 53.72
CA VAL DA 76 -38.57 3.10 53.37
C VAL DA 76 -37.86 3.83 52.21
N GLY DA 77 -38.41 3.73 51.01
CA GLY DA 77 -37.77 4.24 49.81
C GLY DA 77 -36.54 3.39 49.53
N GLN DA 78 -35.35 4.02 49.56
CA GLN DA 78 -34.09 3.31 49.40
C GLN DA 78 -33.33 3.22 50.72
N THR DA 79 -33.98 3.48 51.86
CA THR DA 79 -33.36 3.48 53.17
C THR DA 79 -33.73 2.25 53.96
N LEU DA 80 -32.75 1.69 54.67
CA LEU DA 80 -32.93 0.58 55.59
C LEU DA 80 -32.82 1.22 56.96
N VAL DA 81 -33.84 1.09 57.82
CA VAL DA 81 -33.87 1.71 59.14
C VAL DA 81 -33.96 0.65 60.24
N TRP DA 82 -33.20 0.82 61.34
CA TRP DA 82 -33.24 -0.06 62.50
C TRP DA 82 -33.73 0.71 63.71
N CYS DA 83 -34.67 0.14 64.44
CA CYS DA 83 -35.19 0.74 65.65
C CYS DA 83 -34.64 -0.08 66.83
N LEU DA 84 -33.75 0.50 67.63
CA LEU DA 84 -33.13 -0.21 68.74
C LEU DA 84 -33.63 0.30 70.08
N HIS DA 85 -33.63 -0.57 71.09
CA HIS DA 85 -34.09 -0.23 72.41
C HIS DA 85 -33.10 -0.69 73.46
N LYS DA 86 -32.81 0.17 74.45
CA LYS DA 86 -31.87 -0.17 75.51
C LYS DA 86 -32.61 -1.02 76.53
N GLU DA 87 -32.25 -2.32 76.57
CA GLU DA 87 -32.87 -3.28 77.49
C GLU DA 87 -31.89 -4.38 77.88
N MET EA 4 65.36 3.60 -71.92
CA MET EA 4 64.76 3.29 -70.60
C MET EA 4 63.49 4.16 -70.33
N PRO EA 5 62.33 3.83 -70.93
CA PRO EA 5 61.17 4.72 -70.81
C PRO EA 5 60.42 4.75 -69.49
N TYR EA 6 60.34 3.63 -68.77
CA TYR EA 6 59.58 3.62 -67.52
C TYR EA 6 60.42 3.85 -66.27
N LEU EA 7 59.80 4.48 -65.29
CA LEU EA 7 60.45 4.79 -64.03
C LEU EA 7 59.46 4.58 -62.89
N LEU EA 8 59.92 4.00 -61.78
CA LEU EA 8 59.04 3.81 -60.62
C LEU EA 8 59.71 4.48 -59.44
N ILE EA 9 59.00 5.40 -58.79
CA ILE EA 9 59.48 6.07 -57.59
C ILE EA 9 58.47 5.87 -56.47
N SER EA 10 58.91 5.89 -55.20
CA SER EA 10 58.00 5.68 -54.09
C SER EA 10 58.39 6.39 -52.80
N THR EA 11 57.46 6.52 -51.86
CA THR EA 11 57.71 7.09 -50.56
C THR EA 11 56.68 6.49 -49.59
N GLN EA 12 57.07 6.31 -48.32
CA GLN EA 12 56.17 5.82 -47.31
C GLN EA 12 55.24 6.95 -46.91
N ILE EA 13 54.11 6.61 -46.25
CA ILE EA 13 53.12 7.59 -45.81
C ILE EA 13 53.76 8.65 -44.96
N ARG EA 14 53.41 9.82 -45.42
CA ARG EA 14 53.70 11.20 -45.22
C ARG EA 14 54.49 11.57 -46.41
N MET EA 15 53.70 11.85 -47.47
CA MET EA 15 54.17 12.26 -48.78
C MET EA 15 54.97 13.57 -48.71
N GLU EA 16 54.75 14.41 -47.68
CA GLU EA 16 55.45 15.68 -47.49
C GLU EA 16 56.93 15.51 -47.14
N VAL EA 17 57.33 14.30 -46.73
CA VAL EA 17 58.70 14.06 -46.30
C VAL EA 17 59.31 12.85 -46.99
N GLY EA 18 60.61 12.85 -47.12
CA GLY EA 18 61.34 11.74 -47.71
C GLY EA 18 61.68 10.66 -46.68
N PRO EA 19 62.49 9.65 -47.04
CA PRO EA 19 63.16 9.44 -48.34
C PRO EA 19 62.22 9.03 -49.47
N THR EA 20 62.71 9.17 -50.70
CA THR EA 20 61.99 8.77 -51.89
C THR EA 20 62.86 7.76 -52.59
N MET EA 21 62.34 6.54 -52.79
CA MET EA 21 63.03 5.46 -53.48
C MET EA 21 62.95 5.77 -54.96
N VAL EA 22 64.12 5.92 -55.61
CA VAL EA 22 64.14 6.30 -57.02
C VAL EA 22 64.73 5.24 -57.97
N GLY EA 23 65.10 4.06 -57.47
CA GLY EA 23 65.66 3.03 -58.34
C GLY EA 23 66.09 1.72 -57.71
N ASP EA 24 66.44 0.76 -58.58
CA ASP EA 24 66.91 -0.58 -58.24
C ASP EA 24 68.36 -0.76 -58.77
N GLU EA 25 68.99 -1.94 -58.55
CA GLU EA 25 70.38 -2.15 -58.99
C GLU EA 25 70.64 -1.86 -60.46
N GLN EA 26 69.66 -2.11 -61.33
CA GLN EA 26 69.83 -1.90 -62.76
C GLN EA 26 69.36 -0.55 -63.27
N SER EA 27 69.14 0.43 -62.38
CA SER EA 27 68.71 1.78 -62.78
C SER EA 27 69.85 2.55 -63.48
N ASP EA 28 69.49 3.57 -64.28
CA ASP EA 28 70.42 4.42 -65.01
C ASP EA 28 71.28 5.18 -64.02
N PRO EA 29 72.60 4.90 -63.96
CA PRO EA 29 73.45 5.56 -62.97
C PRO EA 29 73.59 7.07 -63.16
N GLU EA 30 73.46 7.55 -64.40
CA GLU EA 30 73.52 8.99 -64.65
C GLU EA 30 72.29 9.68 -64.11
N LEU EA 31 71.11 9.06 -64.27
CA LEU EA 31 69.87 9.61 -63.75
C LEU EA 31 69.90 9.62 -62.22
N MET EA 32 70.45 8.56 -61.61
CA MET EA 32 70.55 8.47 -60.16
C MET EA 32 71.49 9.54 -59.63
N GLN EA 33 72.62 9.75 -60.32
CA GLN EA 33 73.60 10.78 -59.97
C GLN EA 33 72.97 12.18 -60.09
N HIS EA 34 72.18 12.40 -61.14
CA HIS EA 34 71.50 13.67 -61.39
C HIS EA 34 70.53 13.99 -60.26
N LEU EA 35 69.78 12.98 -59.79
CA LEU EA 35 68.83 13.15 -58.69
C LEU EA 35 69.50 13.28 -57.31
N GLY EA 36 70.82 13.06 -57.22
CA GLY EA 36 71.57 13.08 -55.97
C GLY EA 36 71.33 11.83 -55.13
N ALA EA 37 70.95 10.71 -55.80
CA ALA EA 37 70.63 9.45 -55.14
C ALA EA 37 71.84 8.68 -54.68
N SER EA 38 71.68 7.92 -53.61
CA SER EA 38 72.73 7.07 -53.06
C SER EA 38 72.25 5.62 -53.14
N LYS EA 39 73.17 4.69 -53.32
CA LYS EA 39 72.84 3.27 -53.41
C LYS EA 39 73.05 2.61 -52.06
N ARG EA 40 72.15 1.74 -51.65
CA ARG EA 40 72.29 1.04 -50.36
C ARG EA 40 71.52 -0.25 -50.33
N ARG EA 41 71.92 -1.18 -49.46
CA ARG EA 41 71.16 -2.40 -49.22
C ARG EA 41 70.73 -2.29 -47.76
N ALA EA 42 69.48 -1.84 -47.53
CA ALA EA 42 68.98 -1.67 -46.18
C ALA EA 42 68.95 -2.99 -45.43
N LEU EA 43 69.24 -2.96 -44.12
CA LEU EA 43 69.25 -4.16 -43.27
C LEU EA 43 67.90 -4.85 -43.33
N GLY EA 44 67.91 -6.12 -43.66
CA GLY EA 44 66.68 -6.89 -43.80
C GLY EA 44 66.30 -7.17 -45.24
N ASN EA 45 66.87 -6.38 -46.19
CA ASN EA 45 66.61 -6.53 -47.63
C ASN EA 45 67.74 -7.28 -48.31
N ASN EA 46 67.42 -8.06 -49.31
CA ASN EA 46 68.42 -8.79 -50.11
C ASN EA 46 68.55 -8.15 -51.51
N PHE EA 47 68.48 -6.84 -51.58
CA PHE EA 47 68.56 -6.12 -52.83
C PHE EA 47 69.04 -4.69 -52.57
N TYR EA 48 69.66 -4.08 -53.57
CA TYR EA 48 70.11 -2.71 -53.46
C TYR EA 48 69.05 -1.77 -54.00
N GLU EA 49 69.03 -0.55 -53.46
CA GLU EA 49 68.07 0.47 -53.86
C GLU EA 49 68.76 1.83 -53.97
N TYR EA 50 68.19 2.72 -54.76
CA TYR EA 50 68.66 4.09 -54.87
C TYR EA 50 67.62 4.95 -54.17
N TYR EA 51 68.07 5.89 -53.34
CA TYR EA 51 67.13 6.73 -52.60
C TYR EA 51 67.64 8.18 -52.52
N VAL EA 52 66.72 9.12 -52.26
CA VAL EA 52 67.05 10.53 -52.04
C VAL EA 52 66.34 10.96 -50.77
N ASP EA 53 66.87 11.96 -50.07
CA ASP EA 53 66.24 12.48 -48.85
C ASP EA 53 65.00 13.34 -49.15
N ASP EA 54 64.86 13.82 -50.38
CA ASP EA 54 63.80 14.70 -50.82
C ASP EA 54 62.43 14.09 -50.80
N PRO EA 55 61.39 14.90 -50.53
CA PRO EA 55 60.03 14.39 -50.65
C PRO EA 55 59.68 14.16 -52.14
N PRO EA 56 58.69 13.31 -52.44
CA PRO EA 56 58.38 13.01 -53.84
C PRO EA 56 58.11 14.21 -54.75
N ARG EA 57 57.49 15.30 -54.23
CA ARG EA 57 57.20 16.50 -55.04
C ARG EA 57 58.46 17.07 -55.68
N ILE EA 58 59.59 17.14 -54.92
CA ILE EA 58 60.87 17.64 -55.43
C ILE EA 58 61.40 16.72 -56.53
N VAL EA 59 61.33 15.40 -56.29
CA VAL EA 59 61.77 14.39 -57.25
C VAL EA 59 60.96 14.45 -58.56
N LEU EA 60 59.63 14.63 -58.46
CA LEU EA 60 58.75 14.72 -59.63
C LEU EA 60 59.10 15.94 -60.48
N ASP EA 61 59.44 17.08 -59.85
CA ASP EA 61 59.82 18.28 -60.57
C ASP EA 61 61.16 18.07 -61.30
N LYS EA 62 62.10 17.36 -60.66
CA LYS EA 62 63.39 17.06 -61.27
C LYS EA 62 63.21 16.13 -62.45
N LEU EA 63 62.34 15.12 -62.32
CA LEU EA 63 62.07 14.17 -63.40
C LEU EA 63 61.35 14.81 -64.59
N GLU EA 64 60.53 15.85 -64.34
CA GLU EA 64 59.84 16.58 -65.40
C GLU EA 64 60.87 17.28 -66.28
N ARG EA 65 61.90 17.89 -65.67
CA ARG EA 65 63.00 18.55 -66.38
C ARG EA 65 63.91 17.56 -67.16
N ARG EA 66 63.77 16.27 -66.91
CA ARG EA 66 64.48 15.17 -67.56
C ARG EA 66 63.59 14.39 -68.58
N GLY EA 67 62.41 14.94 -68.94
CA GLY EA 67 61.50 14.37 -69.92
C GLY EA 67 60.43 13.40 -69.44
N PHE EA 68 60.32 13.19 -68.13
CA PHE EA 68 59.35 12.25 -67.59
C PHE EA 68 58.03 12.85 -67.25
N ARG EA 69 56.98 12.06 -67.40
CA ARG EA 69 55.62 12.48 -67.05
C ARG EA 69 54.97 11.40 -66.20
N VAL EA 70 54.24 11.78 -65.15
CA VAL EA 70 53.52 10.82 -64.32
C VAL EA 70 52.37 10.24 -65.12
N LEU EA 71 52.35 8.91 -65.29
CA LEU EA 71 51.25 8.21 -65.95
C LEU EA 71 50.23 7.74 -64.93
N SER EA 72 50.69 7.30 -63.76
CA SER EA 72 49.82 6.79 -62.71
C SER EA 72 50.45 6.95 -61.34
N MET EA 73 49.63 7.07 -60.32
CA MET EA 73 50.07 7.15 -58.93
C MET EA 73 49.15 6.23 -58.13
N THR EA 74 49.71 5.37 -57.27
CA THR EA 74 48.91 4.46 -56.49
C THR EA 74 49.42 4.26 -55.06
N GLY EA 75 48.56 3.77 -54.18
CA GLY EA 75 48.94 3.43 -52.83
C GLY EA 75 48.92 1.91 -52.70
N VAL EA 76 49.88 1.36 -52.00
CA VAL EA 76 49.96 -0.08 -51.75
C VAL EA 76 50.51 -0.21 -50.34
N GLY EA 77 49.68 -0.67 -49.40
CA GLY EA 77 50.08 -0.73 -48.00
C GLY EA 77 50.19 0.68 -47.46
N GLN EA 78 51.41 1.07 -47.01
CA GLN EA 78 51.70 2.43 -46.58
C GLN EA 78 52.59 3.17 -47.60
N THR EA 79 52.74 2.61 -48.82
CA THR EA 79 53.60 3.16 -49.84
C THR EA 79 52.80 3.87 -50.88
N LEU EA 80 53.30 5.02 -51.29
CA LEU EA 80 52.77 5.78 -52.38
C LEU EA 80 53.76 5.50 -53.53
N VAL EA 81 53.27 5.11 -54.70
CA VAL EA 81 54.11 4.79 -55.85
C VAL EA 81 53.73 5.64 -57.07
N TRP EA 82 54.72 6.15 -57.82
CA TRP EA 82 54.49 6.90 -59.06
C TRP EA 82 55.10 6.15 -60.21
N CYS EA 83 54.37 6.03 -61.32
CA CYS EA 83 54.84 5.38 -62.51
C CYS EA 83 55.04 6.47 -63.54
N LEU EA 84 56.29 6.76 -63.90
CA LEU EA 84 56.60 7.81 -64.86
C LEU EA 84 57.05 7.25 -66.19
N HIS EA 85 56.80 7.99 -67.27
CA HIS EA 85 57.16 7.56 -68.60
C HIS EA 85 57.86 8.69 -69.35
N LYS EA 86 58.97 8.35 -70.03
CA LYS EA 86 59.73 9.34 -70.80
C LYS EA 86 59.03 9.55 -72.13
N GLU EA 87 58.43 10.73 -72.28
CA GLU EA 87 57.71 11.10 -73.50
C GLU EA 87 57.76 12.62 -73.73
N MET FA 4 57.85 24.95 -60.98
CA MET FA 4 57.30 23.91 -60.09
C MET FA 4 56.01 23.27 -60.68
N PRO FA 5 56.15 22.33 -61.64
CA PRO FA 5 54.96 21.76 -62.29
C PRO FA 5 54.11 20.77 -61.48
N TYR FA 6 54.71 19.96 -60.59
CA TYR FA 6 53.93 18.97 -59.85
C TYR FA 6 53.45 19.43 -58.49
N LEU FA 7 52.28 18.93 -58.09
CA LEU FA 7 51.65 19.27 -56.82
C LEU FA 7 51.00 18.04 -56.23
N LEU FA 8 51.09 17.87 -54.91
CA LEU FA 8 50.44 16.75 -54.24
C LEU FA 8 49.56 17.32 -53.16
N ILE FA 9 48.28 16.97 -53.19
CA ILE FA 9 47.32 17.37 -52.15
C ILE FA 9 46.64 16.12 -51.57
N SER FA 10 46.21 16.18 -50.31
CA SER FA 10 45.60 15.02 -49.67
C SER FA 10 44.52 15.34 -48.63
N THR FA 11 43.70 14.36 -48.26
CA THR FA 11 42.69 14.50 -47.21
C THR FA 11 42.45 13.11 -46.60
N GLN FA 12 41.93 13.05 -45.37
CA GLN FA 12 41.60 11.77 -44.73
C GLN FA 12 40.19 11.36 -45.08
N ILE FA 13 39.84 10.07 -44.93
CA ILE FA 13 38.51 9.54 -45.29
C ILE FA 13 37.42 10.38 -44.64
N ARG FA 14 36.51 10.66 -45.56
CA ARG FA 14 35.38 11.50 -45.72
C ARG FA 14 35.89 12.65 -46.51
N MET FA 15 35.93 12.40 -47.82
CA MET FA 15 36.36 13.33 -48.86
C MET FA 15 35.51 14.61 -48.87
N GLU FA 16 34.26 14.55 -48.35
CA GLU FA 16 33.36 15.70 -48.27
C GLU FA 16 33.83 16.78 -47.30
N VAL FA 17 34.79 16.46 -46.41
CA VAL FA 17 35.20 17.38 -45.38
C VAL FA 17 36.72 17.52 -45.32
N GLY FA 18 37.19 18.67 -44.85
CA GLY FA 18 38.61 18.95 -44.71
C GLY FA 18 39.17 18.47 -43.38
N PRO FA 19 40.44 18.79 -43.03
CA PRO FA 19 41.41 19.61 -43.78
C PRO FA 19 41.98 18.92 -45.00
N THR FA 20 42.59 19.73 -45.88
CA THR FA 20 43.24 19.24 -47.07
C THR FA 20 44.68 19.71 -46.98
N MET FA 21 45.63 18.77 -47.01
CA MET FA 21 47.05 19.06 -46.99
C MET FA 21 47.43 19.54 -48.38
N VAL FA 22 47.97 20.76 -48.49
CA VAL FA 22 48.28 21.32 -49.80
C VAL FA 22 49.78 21.58 -50.04
N GLY FA 23 50.66 21.23 -49.10
CA GLY FA 23 52.08 21.45 -49.29
C GLY FA 23 53.05 21.06 -48.20
N ASP FA 24 54.35 21.12 -48.52
CA ASP FA 24 55.46 20.82 -47.63
C ASP FA 24 56.32 22.10 -47.42
N GLU FA 25 57.42 22.04 -46.64
CA GLU FA 25 58.25 23.23 -46.39
C GLU FA 25 58.74 23.94 -47.62
N GLN FA 26 59.04 23.21 -48.70
CA GLN FA 26 59.52 23.82 -49.93
C GLN FA 26 58.44 24.21 -50.93
N SER FA 27 57.18 24.26 -50.52
CA SER FA 27 56.10 24.64 -51.43
C SER FA 27 56.13 26.14 -51.77
N ASP FA 28 55.57 26.51 -52.93
CA ASP FA 28 55.49 27.89 -53.41
C ASP FA 28 54.66 28.70 -52.42
N PRO FA 29 55.28 29.68 -51.73
CA PRO FA 29 54.52 30.44 -50.72
C PRO FA 29 53.39 31.28 -51.28
N GLU FA 30 53.51 31.73 -52.53
CA GLU FA 30 52.46 32.52 -53.16
C GLU FA 30 51.24 31.64 -53.44
N LEU FA 31 51.48 30.40 -53.90
CA LEU FA 31 50.39 29.46 -54.16
C LEU FA 31 49.70 29.08 -52.86
N MET FA 32 50.46 28.90 -51.78
CA MET FA 32 49.91 28.57 -50.47
C MET FA 32 49.06 29.72 -49.94
N GLN FA 33 49.53 30.95 -50.11
CA GLN FA 33 48.82 32.18 -49.72
C GLN FA 33 47.52 32.31 -50.52
N HIS FA 34 47.57 31.99 -51.81
CA HIS FA 34 46.41 32.03 -52.70
C HIS FA 34 45.32 31.06 -52.24
N LEU FA 35 45.73 29.85 -51.84
CA LEU FA 35 44.81 28.83 -51.35
C LEU FA 35 44.27 29.10 -49.92
N GLY FA 36 44.83 30.09 -49.24
CA GLY FA 36 44.47 30.41 -47.87
C GLY FA 36 45.07 29.44 -46.88
N ALA FA 37 46.18 28.78 -47.25
CA ALA FA 37 46.84 27.77 -46.44
C ALA FA 37 47.63 28.32 -45.28
N SER FA 38 47.74 27.54 -44.22
CA SER FA 38 48.53 27.91 -43.05
C SER FA 38 49.64 26.88 -42.88
N LYS FA 39 50.78 27.29 -42.37
CA LYS FA 39 51.93 26.39 -42.16
C LYS FA 39 51.97 25.95 -40.70
N ARG FA 40 52.28 24.68 -40.47
CA ARG FA 40 52.34 24.15 -39.12
C ARG FA 40 53.14 22.87 -39.03
N ARG FA 41 53.67 22.57 -37.84
CA ARG FA 41 54.35 21.31 -37.61
C ARG FA 41 53.47 20.60 -36.60
N ALA FA 42 52.63 19.67 -37.08
CA ALA FA 42 51.71 18.94 -36.21
C ALA FA 42 52.47 18.10 -35.20
N LEU FA 43 51.94 17.98 -33.95
CA LEU FA 43 52.57 17.19 -32.89
C LEU FA 43 52.77 15.75 -33.35
N GLY FA 44 54.01 15.29 -33.25
CA GLY FA 44 54.37 13.94 -33.69
C GLY FA 44 55.09 13.90 -35.02
N ASN FA 45 55.03 15.00 -35.78
CA ASN FA 45 55.69 15.12 -37.07
C ASN FA 45 56.96 15.93 -36.94
N ASN FA 46 57.98 15.55 -37.71
CA ASN FA 46 59.24 16.27 -37.75
C ASN FA 46 59.38 17.00 -39.07
N PHE FA 47 58.28 17.61 -39.53
CA PHE FA 47 58.23 18.37 -40.76
C PHE FA 47 57.08 19.34 -40.74
N TYR FA 48 57.21 20.43 -41.49
CA TYR FA 48 56.14 21.41 -41.60
C TYR FA 48 55.23 21.07 -42.77
N GLU FA 49 53.98 21.47 -42.67
CA GLU FA 49 52.98 21.20 -43.71
C GLU FA 49 52.09 22.42 -43.91
N TYR FA 50 51.52 22.53 -45.09
CA TYR FA 50 50.57 23.59 -45.40
C TYR FA 50 49.21 22.91 -45.51
N TYR FA 51 48.19 23.49 -44.88
CA TYR FA 51 46.85 22.90 -44.89
C TYR FA 51 45.76 23.96 -45.05
N VAL FA 52 44.58 23.54 -45.50
CA VAL FA 52 43.40 24.40 -45.60
C VAL FA 52 42.23 23.66 -44.94
N ASP FA 53 41.24 24.40 -44.43
CA ASP FA 53 40.06 23.78 -43.82
C ASP FA 53 39.09 23.19 -44.84
N ASP FA 54 39.18 23.63 -46.10
CA ASP FA 54 38.33 23.23 -47.22
C ASP FA 54 38.42 21.77 -47.59
N PRO FA 55 37.30 21.18 -48.02
CA PRO FA 55 37.37 19.81 -48.55
C PRO FA 55 38.13 19.78 -49.89
N PRO FA 56 38.68 18.63 -50.30
CA PRO FA 56 39.46 18.58 -51.55
C PRO FA 56 38.78 19.13 -52.81
N ARG FA 57 37.46 18.98 -52.96
CA ARG FA 57 36.73 19.47 -54.13
C ARG FA 57 36.94 20.99 -54.34
N ILE FA 58 36.89 21.78 -53.24
CA ILE FA 58 37.10 23.23 -53.28
C ILE FA 58 38.55 23.53 -53.71
N VAL FA 59 39.51 22.80 -53.15
CA VAL FA 59 40.93 22.97 -53.47
C VAL FA 59 41.22 22.64 -54.95
N LEU FA 60 40.62 21.57 -55.47
CA LEU FA 60 40.79 21.18 -56.88
C LEU FA 60 40.26 22.27 -57.84
N ASP FA 61 39.14 22.91 -57.50
CA ASP FA 61 38.58 23.99 -58.31
C ASP FA 61 39.51 25.20 -58.30
N LYS FA 62 40.12 25.50 -57.14
CA LYS FA 62 41.06 26.61 -57.00
C LYS FA 62 42.33 26.36 -57.81
N LEU FA 63 42.85 25.12 -57.75
CA LEU FA 63 44.05 24.74 -58.49
C LEU FA 63 43.82 24.73 -60.01
N GLU FA 64 42.59 24.47 -60.46
CA GLU FA 64 42.23 24.49 -61.89
C GLU FA 64 42.39 25.92 -62.42
N ARG FA 65 41.93 26.91 -61.63
CA ARG FA 65 42.08 28.33 -61.96
C ARG FA 65 43.53 28.84 -61.89
N ARG FA 66 44.45 28.01 -61.41
CA ARG FA 66 45.87 28.29 -61.35
C ARG FA 66 46.69 27.49 -62.40
N GLY FA 67 46.01 26.80 -63.32
CA GLY FA 67 46.64 26.03 -64.39
C GLY FA 67 46.91 24.57 -64.11
N PHE FA 68 46.47 24.08 -62.95
CA PHE FA 68 46.72 22.69 -62.59
C PHE FA 68 45.66 21.72 -63.07
N ARG FA 69 46.09 20.51 -63.43
CA ARG FA 69 45.19 19.46 -63.84
C ARG FA 69 45.48 18.17 -63.08
N VAL FA 70 44.43 17.48 -62.61
CA VAL FA 70 44.59 16.21 -61.91
C VAL FA 70 45.10 15.14 -62.88
N LEU FA 71 46.27 14.58 -62.59
CA LEU FA 71 46.83 13.50 -63.39
C LEU FA 71 46.43 12.15 -62.81
N SER FA 72 46.41 12.05 -61.47
CA SER FA 72 46.06 10.82 -60.78
C SER FA 72 45.48 11.08 -59.40
N MET FA 73 44.68 10.16 -58.89
CA MET FA 73 44.08 10.19 -57.56
C MET FA 73 44.21 8.79 -56.99
N THR FA 74 44.69 8.66 -55.76
CA THR FA 74 44.83 7.34 -55.16
C THR FA 74 44.47 7.30 -53.68
N GLY FA 75 44.19 6.12 -53.16
CA GLY FA 75 43.97 5.92 -51.74
C GLY FA 75 45.19 5.20 -51.16
N VAL FA 76 45.63 5.62 -49.98
CA VAL FA 76 46.71 4.97 -49.28
C VAL FA 76 46.35 5.04 -47.81
N GLY FA 77 46.04 3.89 -47.22
CA GLY FA 77 45.57 3.82 -45.85
C GLY FA 77 44.18 4.44 -45.80
N GLN FA 78 44.02 5.50 -45.01
CA GLN FA 78 42.77 6.26 -44.95
C GLN FA 78 42.91 7.61 -45.66
N THR FA 79 43.98 7.82 -46.46
CA THR FA 79 44.26 9.07 -47.15
C THR FA 79 43.92 8.98 -48.61
N LEU FA 80 43.32 10.03 -49.12
CA LEU FA 80 43.01 10.20 -50.53
C LEU FA 80 44.05 11.23 -51.01
N VAL FA 81 44.86 10.88 -52.01
CA VAL FA 81 45.91 11.77 -52.53
C VAL FA 81 45.64 12.15 -54.00
N TRP FA 82 45.86 13.41 -54.38
CA TRP FA 82 45.73 13.88 -55.77
C TRP FA 82 47.08 14.37 -56.26
N CYS FA 83 47.47 13.96 -57.46
CA CYS FA 83 48.70 14.39 -58.07
C CYS FA 83 48.34 15.32 -59.20
N LEU FA 84 48.64 16.62 -59.09
CA LEU FA 84 48.29 17.60 -60.09
C LEU FA 84 49.52 18.09 -60.88
N HIS FA 85 49.32 18.47 -62.14
CA HIS FA 85 50.40 18.95 -62.99
C HIS FA 85 50.00 20.24 -63.69
N LYS FA 86 50.91 21.22 -63.69
CA LYS FA 86 50.66 22.50 -64.32
C LYS FA 86 50.86 22.34 -65.81
N GLU FA 87 49.74 22.38 -66.57
CA GLU FA 87 49.75 22.25 -68.03
C GLU FA 87 48.61 23.04 -68.67
N MET GA 4 32.13 25.18 -61.41
CA MET GA 4 32.44 24.04 -60.52
C MET GA 4 32.87 22.81 -61.36
N PRO GA 5 34.13 22.75 -61.81
CA PRO GA 5 34.54 21.67 -62.71
C PRO GA 5 34.74 20.29 -62.10
N TYR GA 6 35.19 20.19 -60.83
CA TYR GA 6 35.44 18.88 -60.23
C TYR GA 6 34.29 18.30 -59.46
N LEU GA 7 34.18 16.98 -59.49
CA LEU GA 7 33.15 16.25 -58.79
C LEU GA 7 33.72 15.00 -58.17
N LEU GA 8 33.31 14.67 -56.95
CA LEU GA 8 33.76 13.46 -56.29
C LEU GA 8 32.53 12.66 -55.90
N ILE GA 9 32.47 11.42 -56.37
CA ILE GA 9 31.38 10.51 -56.00
C ILE GA 9 31.98 9.23 -55.38
N SER GA 10 31.22 8.53 -54.52
CA SER GA 10 31.76 7.34 -53.87
C SER GA 10 30.71 6.29 -53.54
N THR GA 11 31.14 5.06 -53.30
CA THR GA 11 30.28 3.96 -52.86
C THR GA 11 31.11 2.99 -52.03
N GLN GA 12 30.47 2.29 -51.10
CA GLN GA 12 31.17 1.29 -50.30
C GLN GA 12 31.26 -0.01 -51.09
N ILE GA 13 32.17 -0.93 -50.70
CA ILE GA 13 32.37 -2.21 -51.36
C ILE GA 13 31.06 -2.95 -51.50
N ARG GA 14 30.94 -3.36 -52.75
CA ARG GA 14 29.93 -3.95 -53.56
C ARG GA 14 29.46 -2.84 -54.40
N MET GA 15 30.25 -2.61 -55.47
CA MET GA 15 30.05 -1.58 -56.46
C MET GA 15 28.72 -1.75 -57.20
N GLU GA 16 28.17 -2.97 -57.25
CA GLU GA 16 26.90 -3.27 -57.91
C GLU GA 16 25.69 -2.66 -57.22
N VAL GA 17 25.83 -2.21 -55.98
CA VAL GA 17 24.73 -1.71 -55.20
C VAL GA 17 25.05 -0.35 -54.57
N GLY GA 18 24.03 0.45 -54.36
CA GLY GA 18 24.18 1.75 -53.72
C GLY GA 18 24.12 1.67 -52.20
N PRO GA 19 24.08 2.81 -51.48
CA PRO GA 19 24.03 4.20 -51.97
C PRO GA 19 25.33 4.70 -52.58
N THR GA 20 25.22 5.79 -53.31
CA THR GA 20 26.36 6.46 -53.91
C THR GA 20 26.32 7.88 -53.38
N MET GA 21 27.39 8.31 -52.73
CA MET GA 21 27.56 9.66 -52.21
C MET GA 21 27.88 10.53 -53.40
N VAL GA 22 27.08 11.56 -53.65
CA VAL GA 22 27.27 12.41 -54.82
C VAL GA 22 27.58 13.87 -54.51
N GLY GA 23 27.74 14.24 -53.23
CA GLY GA 23 28.04 15.61 -52.88
C GLY GA 23 28.17 15.99 -51.43
N ASP GA 24 28.67 17.19 -51.19
CA ASP GA 24 28.87 17.79 -49.88
C ASP GA 24 27.99 19.06 -49.76
N GLU GA 25 28.03 19.77 -48.61
CA GLU GA 25 27.19 20.97 -48.42
C GLU GA 25 27.29 22.01 -49.51
N GLN GA 26 28.48 22.17 -50.10
CA GLN GA 26 28.72 23.16 -51.16
C GLN GA 26 28.51 22.64 -52.58
N SER GA 27 27.83 21.50 -52.75
CA SER GA 27 27.57 20.97 -54.08
C SER GA 27 26.46 21.76 -54.80
N ASP GA 28 26.47 21.72 -56.14
CA ASP GA 28 25.49 22.39 -57.01
C ASP GA 28 24.11 21.77 -56.73
N PRO GA 29 23.19 22.57 -56.18
CA PRO GA 29 21.86 22.02 -55.83
C PRO GA 29 21.04 21.53 -57.01
N GLU GA 30 21.23 22.14 -58.19
CA GLU GA 30 20.51 21.74 -59.38
C GLU GA 30 21.01 20.38 -59.85
N LEU GA 31 22.33 20.15 -59.80
CA LEU GA 31 22.91 18.87 -60.20
C LEU GA 31 22.44 17.77 -59.23
N MET GA 32 22.37 18.08 -57.92
CA MET GA 32 21.92 17.12 -56.92
C MET GA 32 20.44 16.77 -57.15
N GLN GA 33 19.63 17.77 -57.47
CA GLN GA 33 18.21 17.59 -57.76
C GLN GA 33 18.02 16.74 -59.03
N HIS GA 34 18.87 16.96 -60.04
CA HIS GA 34 18.86 16.22 -61.29
C HIS GA 34 19.16 14.74 -61.05
N LEU GA 35 20.15 14.46 -60.18
CA LEU GA 35 20.51 13.08 -59.84
C LEU GA 35 19.49 12.38 -58.93
N GLY GA 36 18.50 13.11 -58.41
CA GLY GA 36 17.54 12.57 -57.46
C GLY GA 36 18.13 12.39 -56.08
N ALA GA 37 19.18 13.17 -55.75
CA ALA GA 37 19.87 13.10 -54.47
C ALA GA 37 19.12 13.73 -53.32
N SER GA 38 19.34 13.21 -52.12
CA SER GA 38 18.75 13.74 -50.91
C SER GA 38 19.89 14.21 -50.00
N LYS GA 39 19.65 15.25 -49.21
CA LYS GA 39 20.66 15.79 -48.32
C LYS GA 39 20.43 15.24 -46.92
N ARG GA 40 21.50 14.83 -46.23
CA ARG GA 40 21.37 14.29 -44.87
C ARG GA 40 22.65 14.43 -44.08
N ARG GA 41 22.55 14.43 -42.75
CA ARG GA 41 23.75 14.42 -41.91
C ARG GA 41 23.67 13.10 -41.19
N ALA GA 42 24.40 12.08 -41.67
CA ALA GA 42 24.37 10.76 -41.08
C ALA GA 42 24.87 10.80 -39.64
N LEU GA 43 24.29 9.97 -38.75
CA LEU GA 43 24.69 9.89 -37.36
C LEU GA 43 26.18 9.52 -37.26
N GLY GA 44 26.94 10.33 -36.54
CA GLY GA 44 28.37 10.11 -36.42
C GLY GA 44 29.19 11.09 -37.24
N ASN GA 45 28.58 11.75 -38.23
CA ASN GA 45 29.21 12.75 -39.09
C ASN GA 45 28.82 14.15 -38.66
N ASN GA 46 29.77 15.06 -38.77
CA ASN GA 46 29.53 16.46 -38.44
C ASN GA 46 29.53 17.28 -39.75
N PHE GA 47 28.87 16.76 -40.78
CA PHE GA 47 28.77 17.39 -42.07
C PHE GA 47 27.59 16.80 -42.83
N TYR GA 48 27.03 17.58 -43.75
CA TYR GA 48 25.93 17.11 -44.60
C TYR GA 48 26.46 16.50 -45.87
N GLU GA 49 25.71 15.57 -46.43
CA GLU GA 49 26.08 14.87 -47.65
C GLU GA 49 24.87 14.68 -48.54
N TYR GA 50 25.11 14.54 -49.84
CA TYR GA 50 24.07 14.26 -50.79
C TYR GA 50 24.29 12.81 -51.24
N TYR GA 51 23.22 12.02 -51.30
CA TYR GA 51 23.35 10.62 -51.67
C TYR GA 51 22.20 10.18 -52.57
N VAL GA 52 22.41 9.09 -53.31
CA VAL GA 52 21.39 8.47 -54.14
C VAL GA 52 21.38 6.97 -53.84
N ASP GA 53 20.24 6.31 -54.03
CA ASP GA 53 20.14 4.86 -53.81
C ASP GA 53 20.79 4.04 -54.94
N ASP GA 54 21.01 4.66 -56.11
CA ASP GA 54 21.58 4.04 -57.29
C ASP GA 54 23.01 3.57 -57.13
N PRO GA 55 23.37 2.45 -57.80
CA PRO GA 55 24.78 2.04 -57.81
C PRO GA 55 25.61 3.03 -58.64
N PRO GA 56 26.94 3.10 -58.42
CA PRO GA 56 27.76 4.10 -59.14
C PRO GA 56 27.64 4.09 -60.67
N ARG GA 57 27.44 2.93 -61.31
CA ARG GA 57 27.33 2.85 -62.76
C ARG GA 57 26.19 3.74 -63.31
N ILE GA 58 25.02 3.75 -62.62
CA ILE GA 58 23.88 4.57 -63.02
C ILE GA 58 24.25 6.06 -62.88
N VAL GA 59 24.88 6.43 -61.78
CA VAL GA 59 25.31 7.81 -61.51
C VAL GA 59 26.35 8.29 -62.55
N LEU GA 60 27.31 7.44 -62.92
CA LEU GA 60 28.31 7.79 -63.92
C LEU GA 60 27.67 8.08 -65.28
N ASP GA 61 26.66 7.29 -65.67
CA ASP GA 61 25.98 7.48 -66.94
C ASP GA 61 25.21 8.80 -66.95
N LYS GA 62 24.59 9.15 -65.81
CA LYS GA 62 23.85 10.40 -65.65
C LYS GA 62 24.80 11.59 -65.74
N LEU GA 63 25.96 11.50 -65.07
CA LEU GA 63 26.96 12.57 -65.08
C LEU GA 63 27.59 12.79 -66.45
N GLU GA 64 27.69 11.72 -67.25
CA GLU GA 64 28.23 11.80 -68.61
C GLU GA 64 27.32 12.69 -69.47
N ARG GA 65 25.99 12.50 -69.32
CA ARG GA 65 24.98 13.31 -70.01
C ARG GA 65 24.92 14.78 -69.53
N ARG GA 66 25.62 15.09 -68.44
CA ARG GA 66 25.73 16.42 -67.86
C ARG GA 66 27.12 17.09 -68.11
N GLY GA 67 27.95 16.48 -68.98
CA GLY GA 67 29.26 16.99 -69.37
C GLY GA 67 30.47 16.50 -68.60
N PHE GA 68 30.28 15.58 -67.65
CA PHE GA 68 31.38 15.08 -66.84
C PHE GA 68 32.09 13.88 -67.41
N ARG GA 69 33.39 13.78 -67.14
CA ARG GA 69 34.24 12.69 -67.59
C ARG GA 69 35.08 12.20 -66.42
N VAL GA 70 35.14 10.87 -66.20
CA VAL GA 70 35.93 10.27 -65.12
C VAL GA 70 37.41 10.48 -65.42
N LEU GA 71 38.11 11.13 -64.50
CA LEU GA 71 39.55 11.35 -64.63
C LEU GA 71 40.29 10.25 -63.88
N SER GA 72 39.78 9.85 -62.71
CA SER GA 72 40.41 8.82 -61.90
C SER GA 72 39.37 8.07 -61.06
N MET GA 73 39.68 6.82 -60.72
CA MET GA 73 38.89 5.98 -59.85
C MET GA 73 39.88 5.31 -58.88
N THR GA 74 39.59 5.37 -57.58
CA THR GA 74 40.47 4.77 -56.60
C THR GA 74 39.72 4.10 -55.45
N GLY GA 75 40.41 3.23 -54.73
CA GLY GA 75 39.89 2.58 -53.55
C GLY GA 75 40.62 3.15 -52.35
N VAL GA 76 39.89 3.41 -51.28
CA VAL GA 76 40.46 3.89 -50.02
C VAL GA 76 39.64 3.22 -48.91
N GLY GA 77 40.26 2.31 -48.18
CA GLY GA 77 39.56 1.49 -47.20
C GLY GA 77 38.61 0.55 -47.93
N GLN GA 78 37.33 0.67 -47.65
CA GLN GA 78 36.29 -0.10 -48.35
C GLN GA 78 35.49 0.80 -49.31
N THR GA 79 35.98 2.03 -49.60
CA THR GA 79 35.32 3.00 -50.44
C THR GA 79 35.93 3.05 -51.81
N LEU GA 80 35.09 3.12 -52.83
CA LEU GA 80 35.45 3.29 -54.22
C LEU GA 80 35.10 4.74 -54.50
N VAL GA 81 36.08 5.55 -54.94
CA VAL GA 81 35.88 6.98 -55.21
C VAL GA 81 36.14 7.27 -56.70
N TRP GA 82 35.30 8.12 -57.31
CA TRP GA 82 35.47 8.56 -58.69
C TRP GA 82 35.70 10.07 -58.68
N CYS GA 83 36.68 10.53 -59.45
CA CYS GA 83 36.97 11.94 -59.56
C CYS GA 83 36.58 12.35 -60.97
N LEU GA 84 35.52 13.16 -61.11
CA LEU GA 84 34.99 13.60 -62.39
C LEU GA 84 35.32 15.05 -62.71
N HIS GA 85 35.49 15.36 -64.00
CA HIS GA 85 35.79 16.71 -64.42
C HIS GA 85 34.88 17.14 -65.56
N LYS GA 86 34.35 18.36 -65.49
CA LYS GA 86 33.47 18.88 -66.50
C LYS GA 86 34.32 19.37 -67.64
N GLU GA 87 34.27 18.65 -68.78
CA GLU GA 87 35.05 18.98 -69.98
C GLU GA 87 34.30 18.53 -71.23
N MET HA 4 24.36 3.65 -72.73
CA MET HA 4 25.01 3.23 -71.48
C MET HA 4 26.55 3.26 -71.63
N PRO HA 5 27.18 4.45 -71.46
CA PRO HA 5 28.64 4.54 -71.71
C PRO HA 5 29.56 3.92 -70.65
N TYR HA 6 29.21 3.93 -69.35
CA TYR HA 6 30.12 3.41 -68.33
C TYR HA 6 29.89 1.96 -67.96
N LEU HA 7 30.98 1.27 -67.63
CA LEU HA 7 30.95 -0.13 -67.24
C LEU HA 7 31.92 -0.38 -66.10
N LEU HA 8 31.51 -1.19 -65.12
CA LEU HA 8 32.40 -1.54 -64.01
C LEU HA 8 32.52 -3.05 -63.95
N ILE HA 9 33.74 -3.56 -64.01
CA ILE HA 9 34.00 -5.00 -63.88
C ILE HA 9 34.97 -5.22 -62.72
N SER HA 10 34.92 -6.40 -62.09
CA SER HA 10 35.82 -6.68 -60.97
C SER HA 10 36.23 -8.14 -60.82
N THR HA 11 37.28 -8.39 -60.07
CA THR HA 11 37.74 -9.74 -59.74
C THR HA 11 38.41 -9.70 -58.37
N GLN HA 12 38.39 -10.82 -57.65
CA GLN HA 12 39.08 -10.90 -56.36
C GLN HA 12 40.55 -11.20 -56.59
N ILE HA 13 41.42 -10.97 -55.59
CA ILE HA 13 42.85 -11.20 -55.71
C ILE HA 13 43.12 -12.61 -56.20
N ARG HA 14 44.02 -12.57 -57.16
CA ARG HA 14 44.56 -13.49 -58.13
C ARG HA 14 43.84 -13.17 -59.37
N MET HA 15 44.36 -12.13 -60.01
CA MET HA 15 43.86 -11.58 -61.27
C MET HA 15 43.92 -12.62 -62.39
N GLU HA 16 44.81 -13.64 -62.28
CA GLU HA 16 44.98 -14.72 -63.27
C GLU HA 16 43.77 -15.61 -63.41
N VAL HA 17 42.85 -15.59 -62.43
CA VAL HA 17 41.73 -16.49 -62.39
C VAL HA 17 40.42 -15.76 -62.11
N GLY HA 18 39.33 -16.33 -62.59
CA GLY HA 18 38.01 -15.78 -62.39
C GLY HA 18 37.41 -16.20 -61.06
N PRO HA 19 36.12 -15.89 -60.78
CA PRO HA 19 35.16 -15.20 -61.65
C PRO HA 19 35.42 -13.70 -61.79
N THR HA 20 34.79 -13.10 -62.79
CA THR HA 20 34.88 -11.68 -63.03
C THR HA 20 33.44 -11.19 -63.02
N MET HA 21 33.14 -10.25 -62.12
CA MET HA 21 31.83 -9.64 -61.98
C MET HA 21 31.71 -8.64 -63.11
N VAL HA 22 30.71 -8.79 -63.98
CA VAL HA 22 30.57 -7.91 -65.14
C VAL HA 22 29.29 -7.05 -65.17
N GLY HA 23 28.47 -7.11 -64.12
CA GLY HA 23 27.24 -6.31 -64.10
C GLY HA 23 26.34 -6.41 -62.90
N ASP HA 24 25.36 -5.51 -62.84
CA ASP HA 24 24.33 -5.42 -61.80
C ASP HA 24 22.94 -5.67 -62.41
N GLU HA 25 21.85 -5.65 -61.61
CA GLU HA 25 20.50 -5.92 -62.14
C GLU HA 25 20.10 -5.07 -63.34
N GLN HA 26 20.56 -3.82 -63.40
CA GLN HA 26 20.19 -2.92 -64.48
C GLN HA 26 21.15 -2.93 -65.67
N SER HA 27 22.08 -3.90 -65.75
CA SER HA 27 23.02 -4.00 -66.86
C SER HA 27 22.35 -4.38 -68.20
N ASP HA 28 22.97 -3.98 -69.34
CA ASP HA 28 22.51 -4.27 -70.69
C ASP HA 28 22.48 -5.79 -70.87
N PRO HA 29 21.27 -6.38 -71.05
CA PRO HA 29 21.18 -7.84 -71.15
C PRO HA 29 21.87 -8.42 -72.36
N GLU HA 30 21.94 -7.66 -73.46
CA GLU HA 30 22.62 -8.13 -74.67
C GLU HA 30 24.11 -8.19 -74.44
N LEU HA 31 24.68 -7.20 -73.76
CA LEU HA 31 26.11 -7.19 -73.47
C LEU HA 31 26.46 -8.34 -72.52
N MET HA 32 25.59 -8.62 -71.53
CA MET HA 32 25.81 -9.73 -70.60
C MET HA 32 25.76 -11.06 -71.32
N GLN HA 33 24.80 -11.21 -72.24
CA GLN HA 33 24.65 -12.41 -73.06
C GLN HA 33 25.89 -12.61 -73.95
N HIS HA 34 26.41 -11.51 -74.52
CA HIS HA 34 27.59 -11.54 -75.37
C HIS HA 34 28.82 -12.01 -74.60
N LEU HA 35 28.97 -11.55 -73.34
CA LEU HA 35 30.09 -11.96 -72.50
C LEU HA 35 29.96 -13.39 -71.95
N GLY HA 36 28.80 -14.02 -72.13
CA GLY HA 36 28.51 -15.34 -71.60
C GLY HA 36 28.22 -15.30 -70.12
N ALA HA 37 27.76 -14.14 -69.62
CA ALA HA 37 27.49 -13.95 -68.21
C ALA HA 37 26.22 -14.60 -67.73
N SER HA 38 26.22 -14.98 -66.46
CA SER HA 38 25.03 -15.55 -65.84
C SER HA 38 24.61 -14.62 -64.70
N LYS HA 39 23.31 -14.55 -64.42
CA LYS HA 39 22.79 -13.70 -63.36
C LYS HA 39 22.57 -14.55 -62.11
N ARG HA 40 22.95 -14.02 -60.94
CA ARG HA 40 22.76 -14.74 -59.69
C ARG HA 40 22.71 -13.81 -58.49
N ARG HA 41 22.11 -14.27 -57.40
CA ARG HA 41 22.13 -13.53 -56.14
C ARG HA 41 22.90 -14.43 -55.19
N ALA HA 42 24.18 -14.14 -54.98
CA ALA HA 42 25.02 -14.95 -54.12
C ALA HA 42 24.52 -14.92 -52.67
N LEU HA 43 24.67 -16.06 -51.94
CA LEU HA 43 24.26 -16.16 -50.53
C LEU HA 43 24.96 -15.09 -49.71
N GLY HA 44 24.18 -14.29 -49.00
CA GLY HA 44 24.71 -13.20 -48.19
C GLY HA 44 24.52 -11.84 -48.81
N ASN HA 45 24.22 -11.78 -50.12
CA ASN HA 45 23.98 -10.54 -50.86
C ASN HA 45 22.50 -10.30 -51.06
N ASN HA 46 22.09 -9.02 -51.01
CA ASN HA 46 20.71 -8.62 -51.25
C ASN HA 46 20.59 -7.92 -52.61
N PHE HA 47 21.30 -8.42 -53.61
CA PHE HA 47 21.30 -7.88 -54.96
C PHE HA 47 21.74 -8.94 -55.95
N TYR HA 48 21.31 -8.79 -57.21
CA TYR HA 48 21.72 -9.70 -58.26
C TYR HA 48 22.99 -9.18 -58.95
N GLU HA 49 23.78 -10.09 -59.49
CA GLU HA 49 25.01 -9.75 -60.17
C GLU HA 49 25.17 -10.61 -61.42
N TYR HA 50 25.93 -10.12 -62.38
CA TYR HA 50 26.27 -10.86 -63.58
C TYR HA 50 27.73 -11.23 -63.45
N TYR HA 51 28.07 -12.48 -63.74
CA TYR HA 51 29.45 -12.92 -63.59
C TYR HA 51 29.87 -13.86 -64.73
N VAL HA 52 31.16 -13.98 -64.96
CA VAL HA 52 31.73 -14.91 -65.93
C VAL HA 52 32.84 -15.69 -65.22
N ASP HA 53 33.12 -16.90 -65.67
CA ASP HA 53 34.20 -17.72 -65.09
C ASP HA 53 35.58 -17.25 -65.52
N ASP HA 54 35.67 -16.49 -66.63
CA ASP HA 54 36.90 -15.98 -67.22
C ASP HA 54 37.67 -15.04 -66.34
N PRO HA 55 39.01 -15.07 -66.43
CA PRO HA 55 39.80 -14.06 -65.72
C PRO HA 55 39.61 -12.67 -66.36
N PRO HA 56 39.85 -11.57 -65.62
CA PRO HA 56 39.62 -10.23 -66.19
C PRO HA 56 40.28 -9.92 -67.54
N ARG HA 57 41.48 -10.47 -67.81
CA ARG HA 57 42.18 -10.24 -69.08
C ARG HA 57 41.30 -10.62 -70.29
N ILE HA 58 40.61 -11.77 -70.22
CA ILE HA 58 39.73 -12.26 -71.29
C ILE HA 58 38.54 -11.30 -71.46
N VAL HA 59 37.96 -10.87 -70.34
CA VAL HA 59 36.83 -9.95 -70.34
C VAL HA 59 37.21 -8.58 -70.94
N LEU HA 60 38.39 -8.06 -70.60
CA LEU HA 60 38.87 -6.78 -71.13
C LEU HA 60 39.04 -6.82 -72.65
N ASP HA 61 39.54 -7.94 -73.18
CA ASP HA 61 39.72 -8.11 -74.62
C ASP HA 61 38.35 -8.16 -75.34
N LYS HA 62 37.34 -8.81 -74.71
CA LYS HA 62 35.99 -8.91 -75.25
C LYS HA 62 35.34 -7.53 -75.28
N LEU HA 63 35.50 -6.75 -74.20
CA LEU HA 63 34.93 -5.41 -74.11
C LEU HA 63 35.59 -4.43 -75.09
N GLU HA 64 36.86 -4.64 -75.42
CA GLU HA 64 37.57 -3.78 -76.39
C GLU HA 64 36.90 -3.95 -77.77
N ARG HA 65 36.57 -5.20 -78.13
CA ARG HA 65 35.88 -5.50 -79.40
C ARG HA 65 34.41 -4.96 -79.44
N ARG HA 66 33.91 -4.50 -78.30
CA ARG HA 66 32.60 -3.91 -78.14
C ARG HA 66 32.61 -2.38 -77.99
N GLY HA 67 33.78 -1.74 -78.19
CA GLY HA 67 33.94 -0.29 -78.12
C GLY HA 67 34.37 0.30 -76.80
N PHE HA 68 34.66 -0.54 -75.80
CA PHE HA 68 35.06 -0.04 -74.48
C PHE HA 68 36.56 0.13 -74.32
N ARG HA 69 36.96 1.13 -73.53
CA ARG HA 69 38.33 1.40 -73.19
C ARG HA 69 38.45 1.55 -71.66
N VAL HA 70 39.50 0.97 -71.07
CA VAL HA 70 39.74 1.11 -69.66
C VAL HA 70 40.16 2.57 -69.33
N LEU HA 71 39.40 3.24 -68.49
CA LEU HA 71 39.72 4.59 -68.04
C LEU HA 71 40.54 4.54 -66.76
N SER HA 72 40.21 3.60 -65.87
CA SER HA 72 40.91 3.46 -64.62
C SER HA 72 40.85 2.02 -64.09
N MET HA 73 41.83 1.63 -63.30
CA MET HA 73 41.87 0.35 -62.63
C MET HA 73 42.29 0.63 -61.18
N THR HA 74 41.56 0.07 -60.20
CA THR HA 74 41.91 0.28 -58.82
C THR HA 74 41.76 -0.98 -57.96
N GLY HA 75 42.38 -0.97 -56.80
CA GLY HA 75 42.25 -2.03 -55.83
C GLY HA 75 41.46 -1.48 -54.65
N VAL HA 76 40.55 -2.27 -54.12
CA VAL HA 76 39.77 -1.89 -52.94
C VAL HA 76 39.59 -3.16 -52.13
N GLY HA 77 40.25 -3.23 -50.99
CA GLY HA 77 40.28 -4.45 -50.18
C GLY HA 77 41.03 -5.53 -50.94
N GLN HA 78 40.36 -6.64 -51.27
CA GLN HA 78 40.95 -7.71 -52.08
C GLN HA 78 40.42 -7.72 -53.51
N THR HA 79 39.70 -6.64 -53.92
CA THR HA 79 39.06 -6.55 -55.22
C THR HA 79 39.83 -5.65 -56.16
N LEU HA 80 39.95 -6.06 -57.40
CA LEU HA 80 40.54 -5.32 -58.47
C LEU HA 80 39.34 -4.87 -59.30
N VAL HA 81 39.17 -3.55 -59.49
CA VAL HA 81 38.03 -2.99 -60.24
C VAL HA 81 38.52 -2.25 -61.49
N TRP HA 82 37.84 -2.42 -62.63
CA TRP HA 82 38.13 -1.69 -63.87
C TRP HA 82 36.93 -0.82 -64.24
N CYS HA 83 37.19 0.43 -64.56
CA CYS HA 83 36.15 1.34 -64.99
C CYS HA 83 36.34 1.56 -66.49
N LEU HA 84 35.40 1.07 -67.30
CA LEU HA 84 35.50 1.19 -68.76
C LEU HA 84 34.49 2.19 -69.32
N HIS HA 85 34.84 2.82 -70.43
CA HIS HA 85 33.96 3.80 -71.06
C HIS HA 85 33.84 3.52 -72.55
N LYS HA 86 32.61 3.59 -73.07
CA LYS HA 86 32.37 3.35 -74.49
C LYS HA 86 32.73 4.60 -75.24
N GLU HA 87 33.83 4.54 -76.00
CA GLU HA 87 34.29 5.67 -76.79
C GLU HA 87 34.94 5.20 -78.09
N MET IA 4 45.06 -9.55 -79.16
CA MET IA 4 44.99 -9.52 -77.70
C MET IA 4 45.52 -8.15 -77.18
N PRO IA 5 44.65 -7.13 -77.12
CA PRO IA 5 45.12 -5.79 -76.71
C PRO IA 5 45.45 -5.58 -75.22
N TYR IA 6 44.75 -6.22 -74.28
CA TYR IA 6 44.99 -5.97 -72.86
C TYR IA 6 45.92 -6.93 -72.19
N LEU IA 7 46.68 -6.41 -71.20
CA LEU IA 7 47.67 -7.17 -70.45
C LEU IA 7 47.66 -6.76 -69.01
N LEU IA 8 47.81 -7.73 -68.10
CA LEU IA 8 47.88 -7.43 -66.67
C LEU IA 8 49.17 -8.03 -66.13
N ILE IA 9 50.00 -7.22 -65.49
CA ILE IA 9 51.22 -7.69 -64.86
C ILE IA 9 51.23 -7.26 -63.40
N SER IA 10 51.93 -8.00 -62.53
CA SER IA 10 51.97 -7.66 -61.11
C SER IA 10 53.27 -8.01 -60.39
N THR IA 11 53.46 -7.46 -59.20
CA THR IA 11 54.60 -7.75 -58.35
C THR IA 11 54.22 -7.49 -56.89
N GLN IA 12 54.79 -8.29 -55.98
CA GLN IA 12 54.53 -8.09 -54.56
C GLN IA 12 55.36 -6.92 -54.06
N ILE IA 13 54.99 -6.34 -52.90
CA ILE IA 13 55.70 -5.21 -52.30
C ILE IA 13 57.16 -5.54 -52.13
N ARG IA 14 57.85 -4.54 -52.64
CA ARG IA 14 59.19 -4.20 -52.95
C ARG IA 14 59.23 -4.32 -54.42
N MET IA 15 58.74 -3.23 -55.01
CA MET IA 15 58.65 -3.02 -56.42
C MET IA 15 60.04 -3.13 -57.10
N GLU IA 16 61.15 -2.89 -56.37
CA GLU IA 16 62.53 -2.97 -56.86
C GLU IA 16 63.00 -4.37 -57.20
N VAL IA 17 62.25 -5.39 -56.76
CA VAL IA 17 62.68 -6.77 -56.96
C VAL IA 17 61.54 -7.61 -57.51
N GLY IA 18 61.90 -8.65 -58.24
CA GLY IA 18 60.93 -9.58 -58.79
C GLY IA 18 60.59 -10.70 -57.80
N PRO IA 19 59.80 -11.71 -58.20
CA PRO IA 19 59.26 -11.96 -59.54
C PRO IA 19 58.15 -11.00 -59.97
N THR IA 20 57.88 -10.97 -61.26
CA THR IA 20 56.80 -10.21 -61.83
C THR IA 20 55.90 -11.22 -62.55
N MET IA 21 54.62 -11.27 -62.17
CA MET IA 21 53.63 -12.13 -62.80
C MET IA 21 53.25 -11.48 -64.09
N VAL IA 22 53.40 -12.19 -65.21
CA VAL IA 22 53.13 -11.61 -66.52
C VAL IA 22 52.01 -12.31 -67.31
N GLY IA 23 51.34 -13.30 -66.73
CA GLY IA 23 50.27 -14.00 -67.43
C GLY IA 23 49.56 -15.14 -66.73
N ASP IA 24 48.48 -15.59 -67.35
CA ASP IA 24 47.64 -16.69 -66.89
C ASP IA 24 47.70 -17.84 -67.94
N GLU IA 25 46.99 -18.99 -67.72
CA GLU IA 25 47.04 -20.11 -68.66
C GLU IA 25 46.72 -19.75 -70.10
N GLN IA 26 45.82 -18.80 -70.33
CA GLN IA 26 45.43 -18.43 -71.69
C GLN IA 26 46.22 -17.28 -72.29
N SER IA 27 47.36 -16.91 -71.70
CA SER IA 27 48.19 -15.83 -72.23
C SER IA 27 48.88 -16.22 -73.55
N ASP IA 28 49.27 -15.21 -74.35
CA ASP IA 28 49.95 -15.38 -75.62
C ASP IA 28 51.28 -16.05 -75.37
N PRO IA 29 51.48 -17.29 -75.86
CA PRO IA 29 52.73 -18.00 -75.58
C PRO IA 29 53.96 -17.36 -76.18
N GLU IA 30 53.80 -16.66 -77.31
CA GLU IA 30 54.91 -15.99 -77.97
C GLU IA 30 55.36 -14.79 -77.12
N LEU IA 31 54.40 -14.04 -76.57
CA LEU IA 31 54.72 -12.89 -75.73
C LEU IA 31 55.41 -13.37 -74.44
N MET IA 32 54.95 -14.48 -73.88
CA MET IA 32 55.54 -15.05 -72.66
C MET IA 32 56.97 -15.51 -72.94
N GLN IA 33 57.19 -16.17 -74.07
CA GLN IA 33 58.50 -16.63 -74.51
C GLN IA 33 59.44 -15.43 -74.72
N HIS IA 34 58.92 -14.35 -75.32
CA HIS IA 34 59.68 -13.13 -75.57
C HIS IA 34 60.15 -12.49 -74.25
N LEU IA 35 59.28 -12.45 -73.23
CA LEU IA 35 59.62 -11.91 -71.93
C LEU IA 35 60.53 -12.82 -71.09
N GLY IA 36 60.79 -14.06 -71.56
CA GLY IA 36 61.58 -15.05 -70.83
C GLY IA 36 60.82 -15.65 -69.65
N ALA IA 37 59.47 -15.66 -69.76
CA ALA IA 37 58.60 -16.17 -68.70
C ALA IA 37 58.54 -17.67 -68.64
N SER IA 38 58.32 -18.18 -67.43
CA SER IA 38 58.17 -19.61 -67.19
C SER IA 38 56.75 -19.85 -66.67
N LYS IA 39 56.18 -21.01 -66.98
CA LYS IA 39 54.84 -21.35 -66.53
C LYS IA 39 54.96 -22.24 -65.28
N ARG IA 40 54.13 -22.00 -64.27
CA ARG IA 40 54.16 -22.81 -63.05
C ARG IA 40 52.84 -22.77 -62.31
N ARG IA 41 52.59 -23.77 -61.48
CA ARG IA 41 51.42 -23.76 -60.59
C ARG IA 41 52.01 -23.78 -59.18
N ALA IA 42 52.11 -22.61 -58.55
CA ALA IA 42 52.69 -22.51 -57.21
C ALA IA 42 51.88 -23.31 -56.18
N LEU IA 43 52.53 -23.90 -55.17
CA LEU IA 43 51.85 -24.69 -54.14
C LEU IA 43 50.81 -23.87 -53.42
N GLY IA 44 49.59 -24.37 -53.39
CA GLY IA 44 48.47 -23.65 -52.78
C GLY IA 44 47.52 -22.99 -53.78
N ASN IA 45 47.95 -22.92 -55.06
CA ASN IA 45 47.12 -22.34 -56.10
C ASN IA 45 46.59 -23.44 -56.98
N ASN IA 46 45.38 -23.22 -57.49
CA ASN IA 46 44.74 -24.15 -58.40
C ASN IA 46 44.71 -23.55 -59.82
N PHE IA 47 45.79 -22.87 -60.21
CA PHE IA 47 45.89 -22.25 -61.52
C PHE IA 47 47.35 -22.08 -61.89
N TYR IA 48 47.62 -22.03 -63.19
CA TYR IA 48 48.96 -21.80 -63.69
C TYR IA 48 49.18 -20.30 -63.91
N GLU IA 49 50.43 -19.88 -63.79
CA GLU IA 49 50.82 -18.49 -63.97
C GLU IA 49 52.13 -18.43 -64.76
N TYR IA 50 52.35 -17.31 -65.42
CA TYR IA 50 53.60 -17.05 -66.11
C TYR IA 50 54.31 -15.99 -65.29
N TYR IA 51 55.60 -16.17 -65.03
CA TYR IA 51 56.36 -15.23 -64.20
C TYR IA 51 57.78 -15.01 -64.76
N VAL IA 52 58.38 -13.88 -64.39
CA VAL IA 52 59.76 -13.58 -64.74
C VAL IA 52 60.48 -13.17 -63.46
N ASP IA 53 61.80 -13.37 -63.39
CA ASP IA 53 62.57 -12.98 -62.23
C ASP IA 53 62.79 -11.46 -62.13
N ASP IA 54 62.66 -10.75 -63.25
CA ASP IA 54 62.87 -9.31 -63.37
C ASP IA 54 61.92 -8.47 -62.54
N PRO IA 55 62.40 -7.31 -62.03
CA PRO IA 55 61.48 -6.38 -61.37
C PRO IA 55 60.53 -5.74 -62.40
N PRO IA 56 59.37 -5.22 -61.97
CA PRO IA 56 58.41 -4.65 -62.94
C PRO IA 56 58.95 -3.59 -63.90
N ARG IA 57 59.89 -2.74 -63.48
CA ARG IA 57 60.47 -1.70 -64.34
C ARG IA 57 61.08 -2.30 -65.62
N ILE IA 58 61.80 -3.44 -65.53
CA ILE IA 58 62.40 -4.11 -66.68
C ILE IA 58 61.29 -4.62 -67.62
N VAL IA 59 60.25 -5.24 -67.04
CA VAL IA 59 59.11 -5.78 -67.79
C VAL IA 59 58.35 -4.66 -68.52
N LEU IA 60 58.14 -3.50 -67.87
CA LEU IA 60 57.44 -2.38 -68.47
C LEU IA 60 58.21 -1.82 -69.68
N ASP IA 61 59.56 -1.81 -69.63
CA ASP IA 61 60.35 -1.36 -70.76
C ASP IA 61 60.18 -2.35 -71.93
N LYS IA 62 60.34 -3.66 -71.68
CA LYS IA 62 60.18 -4.70 -72.70
C LYS IA 62 58.78 -4.62 -73.35
N LEU IA 63 57.74 -4.41 -72.54
CA LEU IA 63 56.40 -4.27 -73.07
C LEU IA 63 56.20 -3.00 -73.92
N GLU IA 64 56.86 -1.88 -73.57
CA GLU IA 64 56.77 -0.63 -74.33
C GLU IA 64 57.37 -0.83 -75.74
N ARG IA 65 58.51 -1.51 -75.81
CA ARG IA 65 59.13 -1.84 -77.08
C ARG IA 65 58.28 -2.83 -77.91
N ARG IA 66 57.31 -3.48 -77.27
CA ARG IA 66 56.38 -4.44 -77.86
C ARG IA 66 55.07 -3.78 -78.36
N GLY IA 67 54.81 -2.54 -78.00
CA GLY IA 67 53.62 -1.81 -78.42
C GLY IA 67 52.62 -1.55 -77.29
N PHE IA 68 52.99 -1.91 -76.06
CA PHE IA 68 52.10 -1.71 -74.92
C PHE IA 68 52.33 -0.41 -74.20
N ARG IA 69 51.27 0.16 -73.66
CA ARG IA 69 51.34 1.39 -72.88
C ARG IA 69 50.57 1.18 -71.57
N VAL IA 70 51.13 1.67 -70.45
CA VAL IA 70 50.49 1.56 -69.17
C VAL IA 70 49.30 2.50 -69.15
N LEU IA 71 48.11 1.96 -68.93
CA LEU IA 71 46.94 2.78 -68.82
C LEU IA 71 46.69 3.07 -67.37
N SER IA 72 46.91 2.07 -66.48
CA SER IA 72 46.66 2.26 -65.06
C SER IA 72 47.58 1.38 -64.21
N MET IA 73 47.87 1.83 -62.99
CA MET IA 73 48.66 1.09 -62.01
C MET IA 73 47.94 1.19 -60.68
N THR IA 74 47.77 0.07 -59.98
CA THR IA 74 47.09 0.09 -58.69
C THR IA 74 47.71 -0.86 -57.67
N GLY IA 75 47.41 -0.64 -56.41
CA GLY IA 75 47.84 -1.49 -55.33
C GLY IA 75 46.62 -2.19 -54.80
N VAL IA 76 46.75 -3.50 -54.53
CA VAL IA 76 45.67 -4.29 -53.96
C VAL IA 76 46.35 -5.21 -52.97
N GLY IA 77 46.09 -4.99 -51.69
CA GLY IA 77 46.78 -5.72 -50.63
C GLY IA 77 48.27 -5.38 -50.65
N GLN IA 78 49.12 -6.39 -50.89
CA GLN IA 78 50.56 -6.17 -51.01
C GLN IA 78 51.03 -6.26 -52.48
N THR IA 79 50.10 -6.26 -53.44
CA THR IA 79 50.39 -6.40 -54.85
C THR IA 79 50.29 -5.09 -55.58
N LEU IA 80 51.22 -4.85 -56.48
CA LEU IA 80 51.24 -3.72 -57.37
C LEU IA 80 50.84 -4.30 -58.73
N VAL IA 81 49.74 -3.82 -59.33
CA VAL IA 81 49.24 -4.32 -60.62
C VAL IA 81 49.31 -3.23 -61.70
N TRP IA 82 49.70 -3.59 -62.93
CA TRP IA 82 49.73 -2.68 -64.07
C TRP IA 82 48.78 -3.20 -65.14
N CYS IA 83 47.97 -2.30 -65.71
CA CYS IA 83 47.06 -2.64 -66.78
C CYS IA 83 47.60 -1.99 -68.05
N LEU IA 84 48.08 -2.79 -68.99
CA LEU IA 84 48.66 -2.27 -70.23
C LEU IA 84 47.77 -2.54 -71.44
N HIS IA 85 47.81 -1.63 -72.42
CA HIS IA 85 47.02 -1.78 -73.64
C HIS IA 85 47.91 -1.61 -74.87
N LYS IA 86 47.72 -2.46 -75.87
CA LYS IA 86 48.49 -2.39 -77.10
C LYS IA 86 47.87 -1.28 -77.93
N GLU IA 87 48.56 -0.13 -78.01
CA GLU IA 87 48.07 1.02 -78.78
C GLU IA 87 49.22 1.82 -79.39
N MET JA 4 63.37 -49.17 37.73
CA MET JA 4 62.70 -48.53 36.59
C MET JA 4 61.17 -48.81 36.61
N PRO JA 5 60.41 -48.03 37.41
CA PRO JA 5 58.97 -48.29 37.53
C PRO JA 5 58.07 -47.91 36.35
N TYR JA 6 58.36 -46.82 35.61
CA TYR JA 6 57.45 -46.41 34.52
C TYR JA 6 57.82 -46.94 33.15
N LEU JA 7 56.80 -47.15 32.33
CA LEU JA 7 56.95 -47.67 30.98
C LEU JA 7 55.98 -46.97 30.04
N LEU JA 8 56.42 -46.63 28.83
CA LEU JA 8 55.53 -46.02 27.84
C LEU JA 8 55.55 -46.87 26.59
N ILE JA 9 54.39 -47.37 26.16
CA ILE JA 9 54.26 -48.14 24.93
C ILE JA 9 53.24 -47.45 24.00
N SER JA 10 53.38 -47.63 22.67
CA SER JA 10 52.47 -46.96 21.73
C SER JA 10 52.23 -47.73 20.45
N THR JA 11 51.13 -47.41 19.75
CA THR JA 11 50.82 -47.97 18.44
C THR JA 11 50.09 -46.90 17.61
N GLN JA 12 50.24 -46.93 16.28
CA GLN JA 12 49.48 -46.01 15.43
C GLN JA 12 48.07 -46.58 15.22
N ILE JA 13 47.11 -45.74 14.76
CA ILE JA 13 45.72 -46.12 14.54
C ILE JA 13 45.64 -47.38 13.70
N ARG JA 14 44.80 -48.22 14.29
CA ARG JA 14 44.39 -49.57 14.11
C ARG JA 14 45.12 -50.32 15.15
N MET JA 15 44.52 -50.27 16.34
CA MET JA 15 45.00 -50.88 17.57
C MET JA 15 45.08 -52.41 17.44
N GLU JA 16 44.30 -53.02 16.50
CA GLU JA 16 44.29 -54.46 16.28
C GLU JA 16 45.60 -54.99 15.67
N VAL JA 17 46.43 -54.10 15.12
CA VAL JA 17 47.63 -54.49 14.43
C VAL JA 17 48.85 -53.70 14.92
N GLY JA 18 50.02 -54.31 14.81
CA GLY JA 18 51.27 -53.68 15.19
C GLY JA 18 51.87 -52.83 14.07
N PRO JA 19 53.11 -52.32 14.22
CA PRO JA 19 54.03 -52.50 15.36
C PRO JA 19 53.63 -51.75 16.61
N THR JA 20 54.24 -52.13 17.73
CA THR JA 20 54.04 -51.47 19.01
C THR JA 20 55.39 -51.01 19.47
N MET JA 21 55.54 -49.69 19.70
CA MET JA 21 56.79 -49.10 20.20
C MET JA 21 56.86 -49.42 21.67
N VAL JA 22 57.93 -50.11 22.11
CA VAL JA 22 58.04 -50.50 23.51
C VAL JA 22 59.22 -49.87 24.27
N GLY JA 23 59.99 -48.97 23.63
CA GLY JA 23 61.12 -48.34 24.31
C GLY JA 23 61.98 -47.36 23.56
N ASP JA 24 62.87 -46.69 24.30
CA ASP JA 24 63.84 -45.73 23.78
C ASP JA 24 65.28 -46.25 24.05
N GLU JA 25 66.33 -45.51 23.64
CA GLU JA 25 67.71 -45.96 23.82
C GLU JA 25 68.07 -46.37 25.24
N GLN JA 26 67.50 -45.68 26.24
CA GLN JA 26 67.83 -45.96 27.64
C GLN JA 26 66.91 -46.94 28.35
N SER JA 27 66.15 -47.75 27.59
CA SER JA 27 65.25 -48.71 28.23
C SER JA 27 65.94 -50.04 28.62
N ASP JA 28 65.36 -50.73 29.61
CA ASP JA 28 65.82 -52.01 30.17
C ASP JA 28 66.06 -53.04 29.05
N PRO JA 29 67.34 -53.39 28.78
CA PRO JA 29 67.62 -54.32 27.68
C PRO JA 29 67.09 -55.74 27.89
N GLU JA 30 67.01 -56.18 29.16
CA GLU JA 30 66.46 -57.50 29.48
C GLU JA 30 64.96 -57.51 29.22
N LEU JA 31 64.25 -56.42 29.55
CA LEU JA 31 62.82 -56.33 29.31
C LEU JA 31 62.53 -56.26 27.81
N MET JA 32 63.38 -55.55 27.04
CA MET JA 32 63.20 -55.46 25.60
C MET JA 32 63.45 -56.84 24.99
N GLN JA 33 64.46 -57.59 25.47
CA GLN JA 33 64.75 -58.95 25.01
C GLN JA 33 63.57 -59.88 25.33
N HIS JA 34 62.98 -59.74 26.54
CA HIS JA 34 61.84 -60.51 27.01
C HIS JA 34 60.66 -60.43 26.03
N LEU JA 35 60.34 -59.23 25.53
CA LEU JA 35 59.39 -59.09 24.44
C LEU JA 35 60.27 -59.32 23.16
N GLY JA 36 59.68 -59.54 21.99
CA GLY JA 36 60.47 -59.74 20.78
C GLY JA 36 60.97 -58.44 20.19
N ALA JA 37 61.48 -57.53 21.06
CA ALA JA 37 61.86 -56.19 20.63
C ALA JA 37 63.15 -56.14 19.89
N SER JA 38 63.16 -55.30 18.87
CA SER JA 38 64.33 -55.03 18.07
C SER JA 38 64.61 -53.52 18.17
N LYS JA 39 65.88 -53.14 18.11
CA LYS JA 39 66.26 -51.73 18.18
C LYS JA 39 66.48 -51.22 16.76
N ARG JA 40 66.02 -50.00 16.47
CA ARG JA 40 66.21 -49.41 15.15
C ARG JA 40 66.13 -47.90 15.19
N ARG JA 41 66.70 -47.27 14.17
CA ARG JA 41 66.60 -45.84 14.00
C ARG JA 41 65.86 -45.68 12.70
N ALA JA 42 64.56 -45.41 12.75
CA ALA JA 42 63.77 -45.26 11.53
C ALA JA 42 64.22 -44.04 10.72
N LEU JA 43 64.15 -44.12 9.39
CA LEU JA 43 64.49 -43.02 8.49
C LEU JA 43 63.65 -41.80 8.80
N GLY JA 44 64.31 -40.68 9.07
CA GLY JA 44 63.64 -39.43 9.43
C GLY JA 44 63.70 -39.11 10.90
N ASN JA 45 64.07 -40.11 11.74
CA ASN JA 45 64.22 -39.94 13.19
C ASN JA 45 65.68 -39.83 13.58
N ASN JA 46 65.96 -39.01 14.58
CA ASN JA 46 67.32 -38.84 15.10
C ASN JA 46 67.42 -39.49 16.48
N PHE JA 47 66.80 -40.67 16.65
CA PHE JA 47 66.81 -41.41 17.90
C PHE JA 47 66.52 -42.87 17.62
N TYR JA 48 66.97 -43.75 18.52
CA TYR JA 48 66.69 -45.17 18.40
C TYR JA 48 65.43 -45.53 19.17
N GLU JA 49 64.77 -46.58 18.73
CA GLU JA 49 63.53 -47.04 19.34
C GLU JA 49 63.52 -48.58 19.40
N TYR JA 50 62.76 -49.12 20.34
CA TYR JA 50 62.55 -50.55 20.44
C TYR JA 50 61.12 -50.80 19.98
N TYR JA 51 60.90 -51.82 19.14
CA TYR JA 51 59.56 -52.10 18.63
C TYR JA 51 59.32 -53.60 18.53
N VAL JA 52 58.03 -53.99 18.51
CA VAL JA 52 57.62 -55.38 18.31
C VAL JA 52 56.56 -55.42 17.22
N ASP JA 53 56.45 -56.54 16.49
CA ASP JA 53 55.42 -56.67 15.45
C ASP JA 53 53.99 -56.86 16.01
N ASP JA 54 53.89 -57.28 17.27
CA ASP JA 54 52.65 -57.57 17.99
C ASP JA 54 51.75 -56.36 18.17
N PRO JA 55 50.43 -56.58 18.13
CA PRO JA 55 49.51 -55.49 18.47
C PRO JA 55 49.60 -55.17 19.98
N PRO JA 56 49.20 -53.96 20.40
CA PRO JA 56 49.32 -53.60 21.83
C PRO JA 56 48.69 -54.56 22.83
N ARG JA 57 47.57 -55.23 22.50
CA ARG JA 57 46.91 -56.17 23.40
C ARG JA 57 47.86 -57.28 23.87
N ILE JA 58 48.67 -57.84 22.94
CA ILE JA 58 49.64 -58.90 23.24
C ILE JA 58 50.72 -58.35 24.19
N VAL JA 59 51.23 -57.15 23.89
CA VAL JA 59 52.26 -56.49 24.68
C VAL JA 59 51.76 -56.21 26.12
N LEU JA 60 50.51 -55.74 26.27
CA LEU JA 60 49.92 -55.45 27.58
C LEU JA 60 49.83 -56.70 28.44
N ASP JA 61 49.47 -57.84 27.83
CA ASP JA 61 49.37 -59.11 28.54
C ASP JA 61 50.74 -59.56 29.03
N LYS JA 62 51.78 -59.38 28.20
CA LYS JA 62 53.15 -59.75 28.54
C LYS JA 62 53.66 -58.88 29.68
N LEU JA 63 53.36 -57.58 29.64
CA LEU JA 63 53.79 -56.64 30.68
C LEU JA 63 53.08 -56.90 32.02
N GLU JA 64 51.84 -57.42 31.99
CA GLU JA 64 51.10 -57.76 33.20
C GLU JA 64 51.81 -58.88 33.92
N ARG JA 65 52.30 -59.89 33.17
CA ARG JA 65 53.05 -61.03 33.72
C ARG JA 65 54.44 -60.61 34.28
N ARG JA 66 54.88 -59.39 33.96
CA ARG JA 66 56.13 -58.81 34.42
C ARG JA 66 55.95 -57.75 35.52
N GLY JA 67 54.75 -57.66 36.08
CA GLY JA 67 54.44 -56.76 37.20
C GLY JA 67 53.90 -55.40 36.86
N PHE JA 68 53.67 -55.12 35.58
CA PHE JA 68 53.17 -53.80 35.16
C PHE JA 68 51.66 -53.70 35.12
N ARG JA 69 51.16 -52.51 35.42
CA ARG JA 69 49.73 -52.23 35.37
C ARG JA 69 49.52 -50.93 34.58
N VAL JA 70 48.50 -50.90 33.73
CA VAL JA 70 48.19 -49.71 32.96
C VAL JA 70 47.62 -48.64 33.90
N LEU JA 71 48.27 -47.48 33.96
CA LEU JA 71 47.79 -46.36 34.77
C LEU JA 71 46.92 -45.45 33.91
N SER JA 72 47.32 -45.24 32.66
CA SER JA 72 46.58 -44.39 31.77
C SER JA 72 46.78 -44.80 30.30
N MET JA 73 45.81 -44.49 29.45
CA MET JA 73 45.86 -44.74 28.02
C MET JA 73 45.35 -43.46 27.36
N THR JA 74 46.07 -42.93 26.37
CA THR JA 74 45.63 -41.72 25.69
C THR JA 74 45.85 -41.77 24.18
N GLY JA 75 45.18 -40.90 23.46
CA GLY JA 75 45.38 -40.72 22.04
C GLY JA 75 46.04 -39.38 21.80
N VAL JA 76 47.03 -39.33 20.91
CA VAL JA 76 47.70 -38.09 20.55
C VAL JA 76 47.95 -38.21 19.04
N GLY JA 77 47.30 -37.37 18.24
CA GLY JA 77 47.37 -37.45 16.79
C GLY JA 77 46.74 -38.77 16.34
N GLN JA 78 47.53 -39.62 15.69
CA GLN JA 78 47.06 -40.95 15.27
C GLN JA 78 47.65 -42.06 16.17
N THR JA 79 48.29 -41.69 17.30
CA THR JA 79 48.97 -42.61 18.21
C THR JA 79 48.16 -42.89 19.44
N LEU JA 80 48.15 -44.15 19.84
CA LEU JA 80 47.52 -44.63 21.06
C LEU JA 80 48.71 -44.91 21.98
N VAL JA 81 48.76 -44.27 23.17
CA VAL JA 81 49.86 -44.43 24.11
C VAL JA 81 49.37 -45.03 25.43
N TRP JA 82 50.13 -45.97 26.03
CA TRP JA 82 49.84 -46.58 27.33
C TRP JA 82 50.95 -46.25 28.31
N CYS JA 83 50.58 -45.81 29.50
CA CYS JA 83 51.53 -45.49 30.54
C CYS JA 83 51.39 -46.58 31.59
N LEU JA 84 52.41 -47.44 31.73
CA LEU JA 84 52.37 -48.53 32.70
C LEU JA 84 53.29 -48.30 33.88
N HIS JA 85 52.94 -48.85 35.05
CA HIS JA 85 53.74 -48.70 36.25
C HIS JA 85 53.95 -50.04 36.93
N LYS JA 86 55.17 -50.31 37.39
CA LYS JA 86 55.48 -51.57 38.04
C LYS JA 86 55.03 -51.49 39.48
N GLU JA 87 53.95 -52.23 39.81
CA GLU JA 87 53.38 -52.25 41.15
C GLU JA 87 52.69 -53.61 41.42
N MET KA 4 44.64 -64.17 29.77
CA MET KA 4 44.36 -63.01 28.91
C MET KA 4 43.67 -61.84 29.67
N PRO KA 5 44.42 -61.08 30.49
CA PRO KA 5 43.77 -60.03 31.30
C PRO KA 5 43.35 -58.75 30.57
N TYR KA 6 44.07 -58.30 29.53
CA TYR KA 6 43.71 -57.04 28.87
C TYR KA 6 42.81 -57.18 27.67
N LEU KA 7 41.98 -56.17 27.47
CA LEU KA 7 41.03 -56.13 26.36
C LEU KA 7 40.93 -54.71 25.80
N LEU KA 8 40.88 -54.58 24.48
CA LEU KA 8 40.72 -53.27 23.86
C LEU KA 8 39.49 -53.29 22.99
N ILE KA 9 38.52 -52.39 23.25
CA ILE KA 9 37.32 -52.28 22.43
C ILE KA 9 37.22 -50.83 21.89
N SER KA 10 36.55 -50.63 20.74
CA SER KA 10 36.44 -49.29 20.16
C SER KA 10 35.16 -49.06 19.34
N THR KA 11 34.83 -47.79 19.09
CA THR KA 11 33.71 -47.37 18.26
C THR KA 11 34.04 -46.02 17.61
N GLN KA 12 33.58 -45.79 16.37
CA GLN KA 12 33.78 -44.49 15.73
C GLN KA 12 32.81 -43.47 16.32
N ILE KA 13 33.06 -42.16 16.12
CA ILE KA 13 32.22 -41.10 16.64
C ILE KA 13 30.77 -41.32 16.24
N ARG KA 14 30.04 -41.26 17.33
CA ARG KA 14 28.69 -41.41 17.75
C ARG KA 14 28.73 -42.65 18.50
N MET KA 15 29.05 -42.46 19.80
CA MET KA 15 29.15 -43.52 20.79
C MET KA 15 27.81 -44.24 21.01
N GLU KA 16 26.67 -43.57 20.73
CA GLU KA 16 25.33 -44.14 20.89
C GLU KA 16 25.01 -45.29 19.94
N VAL KA 17 25.82 -45.47 18.90
CA VAL KA 17 25.56 -46.45 17.88
C VAL KA 17 26.81 -47.28 17.57
N GLY KA 18 26.60 -48.50 17.13
CA GLY KA 18 27.68 -49.39 16.77
C GLY KA 18 28.13 -49.18 15.33
N PRO KA 19 29.00 -50.06 14.78
CA PRO KA 19 29.60 -51.24 15.39
C PRO KA 19 30.63 -50.94 16.48
N THR KA 20 30.93 -51.96 17.28
CA THR KA 20 31.95 -51.87 18.30
C THR KA 20 32.96 -52.95 17.96
N MET KA 21 34.24 -52.54 17.76
CA MET KA 21 35.33 -53.47 17.50
C MET KA 21 35.70 -54.10 18.82
N VAL KA 22 35.63 -55.43 18.91
CA VAL KA 22 35.89 -56.11 20.18
C VAL KA 22 37.12 -57.04 20.16
N GLY KA 23 37.85 -57.11 19.05
CA GLY KA 23 39.03 -57.98 18.98
C GLY KA 23 39.83 -58.03 17.69
N ASP KA 24 40.98 -58.71 17.76
CA ASP KA 24 41.90 -58.93 16.66
C ASP KA 24 42.01 -60.45 16.37
N GLU KA 25 42.81 -60.87 15.38
CA GLU KA 25 42.94 -62.30 15.03
C GLU KA 25 43.27 -63.23 16.21
N GLN KA 26 44.07 -62.75 17.16
CA GLN KA 26 44.47 -63.56 18.30
C GLN KA 26 43.58 -63.42 19.52
N SER KA 27 42.35 -62.90 19.36
CA SER KA 27 41.43 -62.76 20.50
C SER KA 27 40.83 -64.11 20.93
N ASP KA 28 40.39 -64.21 22.20
CA ASP KA 28 39.76 -65.40 22.78
C ASP KA 28 38.48 -65.70 22.01
N PRO KA 29 38.44 -66.84 21.30
CA PRO KA 29 37.25 -67.15 20.48
C PRO KA 29 35.98 -67.36 21.28
N GLU KA 30 36.10 -67.86 22.53
CA GLU KA 30 34.94 -68.06 23.39
C GLU KA 30 34.35 -66.73 23.82
N LEU KA 31 35.22 -65.75 24.15
CA LEU KA 31 34.77 -64.42 24.53
C LEU KA 31 34.09 -63.72 23.36
N MET KA 32 34.65 -63.89 22.15
CA MET KA 32 34.06 -63.29 20.95
C MET KA 32 32.70 -63.91 20.66
N GLN KA 33 32.58 -65.23 20.81
CA GLN KA 33 31.34 -65.96 20.60
C GLN KA 33 30.29 -65.50 21.64
N HIS KA 34 30.72 -65.28 22.89
CA HIS KA 34 29.85 -64.82 23.97
C HIS KA 34 29.27 -63.45 23.65
N LEU KA 35 30.10 -62.55 23.11
CA LEU KA 35 29.67 -61.21 22.75
C LEU KA 35 28.81 -61.17 21.47
N GLY KA 36 28.70 -62.28 20.76
CA GLY KA 36 27.99 -62.34 19.50
C GLY KA 36 28.78 -61.71 18.37
N ALA KA 37 30.11 -61.66 18.50
CA ALA KA 37 31.00 -61.05 17.53
C ALA KA 37 31.20 -61.89 16.26
N SER KA 38 31.44 -61.20 15.15
CA SER KA 38 31.72 -61.83 13.88
C SER KA 38 33.13 -61.42 13.45
N LYS KA 39 33.84 -62.31 12.76
CA LYS KA 39 35.20 -62.03 12.30
C LYS KA 39 35.13 -61.58 10.85
N ARG KA 40 35.88 -60.54 10.48
CA ARG KA 40 35.90 -60.04 9.11
C ARG KA 40 37.17 -59.30 8.78
N ARG KA 41 37.51 -59.21 7.50
CA ARG KA 41 38.65 -58.40 7.06
C ARG KA 41 38.02 -57.34 6.19
N ALA KA 42 37.81 -56.14 6.76
CA ALA KA 42 37.17 -55.05 6.03
C ALA KA 42 38.01 -54.62 4.84
N LEU KA 43 37.35 -54.24 3.72
CA LEU KA 43 38.04 -53.78 2.51
C LEU KA 43 38.99 -52.60 2.83
N GLY KA 44 40.26 -52.74 2.47
CA GLY KA 44 41.24 -51.72 2.77
C GLY KA 44 42.14 -52.04 3.95
N ASN KA 45 41.76 -53.05 4.75
CA ASN KA 45 42.54 -53.52 5.89
C ASN KA 45 43.24 -54.81 5.54
N ASN KA 46 44.46 -54.98 6.07
CA ASN KA 46 45.23 -56.19 5.87
C ASN KA 46 45.28 -57.00 7.17
N PHE KA 47 44.16 -57.05 7.89
CA PHE KA 47 44.04 -57.76 9.15
C PHE KA 47 42.59 -58.08 9.44
N TYR KA 48 42.36 -59.13 10.24
CA TYR KA 48 41.01 -59.50 10.63
C TYR KA 48 40.63 -58.83 11.94
N GLU KA 49 39.34 -58.60 12.11
CA GLU KA 49 38.81 -57.96 13.29
C GLU KA 49 37.53 -58.65 13.75
N TYR KA 50 37.21 -58.53 15.03
CA TYR KA 50 35.97 -59.03 15.57
C TYR KA 50 35.11 -57.82 15.88
N TYR KA 51 33.83 -57.84 15.50
CA TYR KA 51 32.96 -56.70 15.71
C TYR KA 51 31.56 -57.14 16.12
N VAL KA 52 30.82 -56.23 16.76
CA VAL KA 52 29.42 -56.45 17.11
C VAL KA 52 28.62 -55.23 16.63
N ASP KA 53 27.34 -55.41 16.36
CA ASP KA 53 26.49 -54.30 15.93
C ASP KA 53 26.12 -53.36 17.08
N ASP KA 54 26.21 -53.84 18.33
CA ASP KA 54 25.85 -53.12 19.54
C ASP KA 54 26.68 -51.88 19.79
N PRO KA 55 26.06 -50.85 20.39
CA PRO KA 55 26.86 -49.68 20.82
C PRO KA 55 27.77 -50.06 21.99
N PRO KA 56 28.88 -49.31 22.21
CA PRO KA 56 29.80 -49.68 23.30
C PRO KA 56 29.19 -49.88 24.68
N ARG KA 57 28.14 -49.14 25.05
CA ARG KA 57 27.52 -49.27 26.37
C ARG KA 57 27.04 -50.70 26.64
N ILE KA 58 26.43 -51.36 25.62
CA ILE KA 58 25.94 -52.74 25.71
C ILE KA 58 27.14 -53.68 25.90
N VAL KA 59 28.22 -53.47 25.14
CA VAL KA 59 29.42 -54.28 25.21
C VAL KA 59 30.10 -54.17 26.59
N LEU KA 60 30.18 -52.95 27.14
CA LEU KA 60 30.78 -52.73 28.45
C LEU KA 60 30.00 -53.47 29.56
N ASP KA 61 28.67 -53.48 29.47
CA ASP KA 61 27.83 -54.20 30.43
C ASP KA 61 28.04 -55.70 30.34
N LYS KA 62 28.20 -56.23 29.12
CA LYS KA 62 28.44 -57.64 28.89
C LYS KA 62 29.80 -58.05 29.43
N LEU KA 63 30.82 -57.22 29.21
CA LEU KA 63 32.18 -57.49 29.69
C LEU KA 63 32.26 -57.43 31.22
N GLU KA 64 31.42 -56.60 31.87
CA GLU KA 64 31.38 -56.49 33.33
C GLU KA 64 30.93 -57.83 33.91
N ARG KA 65 29.91 -58.45 33.29
CA ARG KA 65 29.41 -59.76 33.70
C ARG KA 65 30.42 -60.91 33.44
N ARG KA 66 31.49 -60.63 32.71
CA ARG KA 66 32.56 -61.56 32.39
C ARG KA 66 33.86 -61.27 33.20
N GLY KA 67 33.80 -60.37 34.19
CA GLY KA 67 34.91 -60.04 35.07
C GLY KA 67 35.78 -58.86 34.70
N PHE KA 68 35.44 -58.14 33.63
CA PHE KA 68 36.23 -57.00 33.17
C PHE KA 68 35.83 -55.67 33.74
N ARG KA 69 36.82 -54.79 33.93
CA ARG KA 69 36.64 -53.43 34.41
C ARG KA 69 37.31 -52.47 33.43
N VAL KA 70 36.73 -51.27 33.24
CA VAL KA 70 37.34 -50.25 32.41
C VAL KA 70 38.45 -49.58 33.22
N LEU KA 71 39.67 -49.62 32.69
CA LEU KA 71 40.81 -48.95 33.33
C LEU KA 71 40.99 -47.56 32.73
N SER KA 72 40.77 -47.41 31.42
CA SER KA 72 40.93 -46.15 30.73
C SER KA 72 40.04 -46.08 29.50
N MET KA 73 39.69 -44.87 29.10
CA MET KA 73 38.91 -44.59 27.89
C MET KA 73 39.57 -43.40 27.23
N THR KA 74 39.85 -43.49 25.93
CA THR KA 74 40.47 -42.38 25.23
C THR KA 74 39.92 -42.16 23.83
N GLY KA 75 40.13 -40.97 23.27
CA GLY KA 75 39.76 -40.64 21.92
C GLY KA 75 41.04 -40.54 21.10
N VAL KA 76 41.04 -41.10 19.90
CA VAL KA 76 42.18 -41.02 19.01
C VAL KA 76 41.57 -40.82 17.64
N GLY KA 77 41.71 -39.61 17.12
CA GLY KA 77 41.06 -39.23 15.87
C GLY KA 77 39.55 -39.21 16.08
N GLN KA 78 38.84 -40.03 15.29
CA GLN KA 78 37.39 -40.14 15.45
C GLN KA 78 36.98 -41.42 16.20
N THR KA 79 37.95 -42.12 16.83
CA THR KA 79 37.74 -43.37 17.52
C THR KA 79 37.72 -43.18 19.02
N LEU KA 80 36.79 -43.84 19.70
CA LEU KA 80 36.69 -43.90 21.15
C LEU KA 80 37.19 -45.30 21.48
N VAL KA 81 38.24 -45.42 22.31
CA VAL KA 81 38.84 -46.70 22.70
C VAL KA 81 38.69 -46.94 24.22
N TRP KA 82 38.36 -48.17 24.64
CA TRP KA 82 38.29 -48.57 26.05
C TRP KA 82 39.32 -49.64 26.31
N CYS KA 83 40.06 -49.50 27.40
CA CYS KA 83 41.04 -50.48 27.81
C CYS KA 83 40.50 -51.15 29.05
N LEU KA 84 40.12 -52.43 28.94
CA LEU KA 84 39.54 -53.17 30.05
C LEU KA 84 40.52 -54.20 30.62
N HIS KA 85 40.37 -54.51 31.91
CA HIS KA 85 41.23 -55.46 32.59
C HIS KA 85 40.41 -56.42 33.42
N LYS KA 86 40.75 -57.72 33.32
CA LYS KA 86 40.04 -58.76 34.06
C LYS KA 86 40.56 -58.76 35.48
N GLU KA 87 39.72 -58.32 36.42
CA GLU KA 87 40.09 -58.27 37.84
C GLU KA 87 38.89 -58.50 38.74
N MET LA 4 22.51 -52.70 34.83
CA MET LA 4 23.17 -51.88 33.81
C MET LA 4 24.27 -51.00 34.46
N PRO LA 5 25.49 -51.54 34.66
CA PRO LA 5 26.51 -50.78 35.39
C PRO LA 5 27.19 -49.62 34.66
N TYR LA 6 27.39 -49.70 33.34
CA TYR LA 6 28.10 -48.65 32.61
C TYR LA 6 27.22 -47.58 32.00
N LEU LA 7 27.75 -46.36 31.94
CA LEU LA 7 27.06 -45.22 31.40
C LEU LA 7 28.02 -44.34 30.60
N LEU LA 8 27.58 -43.84 29.44
CA LEU LA 8 28.40 -42.94 28.64
C LEU LA 8 27.62 -41.65 28.44
N ILE LA 9 28.20 -40.53 28.84
CA ILE LA 9 27.59 -39.22 28.64
C ILE LA 9 28.57 -38.32 27.86
N SER LA 10 28.06 -37.32 27.12
CA SER LA 10 28.94 -36.46 26.33
C SER LA 10 28.42 -35.04 26.17
N THR LA 11 29.27 -34.11 25.78
CA THR LA 11 28.92 -32.72 25.51
C THR LA 11 29.89 -32.22 24.42
N GLN LA 12 29.48 -31.25 23.59
CA GLN LA 12 30.37 -30.65 22.60
C GLN LA 12 31.19 -29.54 23.30
N ILE LA 13 32.29 -29.09 22.67
CA ILE LA 13 33.16 -28.09 23.25
C ILE LA 13 32.37 -26.85 23.62
N ARG LA 14 32.72 -26.49 24.83
CA ARG LA 14 32.29 -25.54 25.81
C ARG LA 14 31.54 -26.34 26.79
N MET LA 15 32.33 -26.96 27.68
CA MET LA 15 31.87 -27.82 28.76
C MET LA 15 30.94 -27.07 29.74
N GLU LA 16 31.02 -25.72 29.80
CA GLU LA 16 30.21 -24.87 30.64
C GLU LA 16 28.73 -24.84 30.24
N VAL LA 17 28.42 -25.28 29.01
CA VAL LA 17 27.06 -25.22 28.51
C VAL LA 17 26.62 -26.55 27.90
N GLY LA 18 25.31 -26.80 27.91
CA GLY LA 18 24.72 -27.99 27.33
C GLY LA 18 24.47 -27.86 25.84
N PRO LA 19 23.84 -28.84 25.19
CA PRO LA 19 23.24 -30.06 25.76
C PRO LA 19 24.25 -31.13 26.16
N THR LA 20 23.81 -32.08 26.95
CA THR LA 20 24.61 -33.21 27.36
C THR LA 20 23.87 -34.46 26.92
N MET LA 21 24.49 -35.29 26.08
CA MET LA 21 23.93 -36.54 25.60
C MET LA 21 24.05 -37.54 26.73
N VAL LA 22 22.92 -38.11 27.19
CA VAL LA 22 22.93 -39.03 28.33
C VAL LA 22 22.49 -40.46 28.00
N GLY LA 23 22.21 -40.79 26.73
CA GLY LA 23 21.78 -42.14 26.38
C GLY LA 23 21.46 -42.45 24.93
N ASP LA 24 21.39 -43.75 24.61
CA ASP LA 24 21.02 -44.32 23.30
C ASP LA 24 19.59 -44.93 23.41
N GLU LA 25 18.99 -45.46 22.31
CA GLU LA 25 17.64 -46.04 22.32
C GLU LA 25 17.43 -47.09 23.42
N GLN LA 26 18.46 -47.90 23.73
CA GLN LA 26 18.32 -48.94 24.73
C GLN LA 26 18.75 -48.53 26.14
N SER LA 27 18.78 -47.22 26.43
CA SER LA 27 19.13 -46.76 27.78
C SER LA 27 18.01 -47.01 28.78
N ASP LA 28 18.34 -47.08 30.10
CA ASP LA 28 17.39 -47.25 31.20
C ASP LA 28 16.40 -46.08 31.18
N PRO LA 29 15.12 -46.34 30.86
CA PRO LA 29 14.15 -45.24 30.75
C PRO LA 29 13.87 -44.52 32.05
N GLU LA 30 14.01 -45.26 33.17
CA GLU LA 30 13.80 -44.71 34.49
C GLU LA 30 14.88 -43.68 34.78
N LEU LA 31 16.14 -44.00 34.47
CA LEU LA 31 17.27 -43.11 34.69
C LEU LA 31 17.16 -41.89 33.80
N MET LA 32 16.72 -42.05 32.53
CA MET LA 32 16.54 -40.94 31.59
C MET LA 32 15.48 -39.99 32.10
N GLN LA 33 14.36 -40.54 32.63
CA GLN LA 33 13.27 -39.76 33.19
C GLN LA 33 13.75 -38.98 34.42
N HIS LA 34 14.58 -39.63 35.27
CA HIS LA 34 15.14 -39.02 36.47
C HIS LA 34 16.04 -37.80 36.09
N LEU LA 35 16.86 -37.94 35.03
CA LEU LA 35 17.72 -36.87 34.58
C LEU LA 35 16.98 -35.74 33.84
N GLY LA 36 15.68 -35.93 33.55
CA GLY LA 36 14.90 -34.97 32.80
C GLY LA 36 15.22 -35.00 31.32
N ALA LA 37 15.70 -36.14 30.82
CA ALA LA 37 16.11 -36.29 29.45
C ALA LA 37 14.94 -36.44 28.48
N SER LA 38 15.15 -35.99 27.25
CA SER LA 38 14.18 -36.10 26.18
C SER LA 38 14.79 -36.97 25.09
N LYS LA 39 13.99 -37.70 24.36
CA LYS LA 39 14.47 -38.57 23.29
C LYS LA 39 14.27 -37.85 21.95
N ARG LA 40 15.25 -37.89 21.07
CA ARG LA 40 15.14 -37.26 19.75
C ARG LA 40 16.04 -37.89 18.73
N ARG LA 41 15.71 -37.73 17.45
CA ARG LA 41 16.57 -38.19 16.37
C ARG LA 41 16.93 -36.91 15.63
N ALA LA 42 18.12 -36.39 15.91
CA ALA LA 42 18.57 -35.15 15.30
C ALA LA 42 18.70 -35.30 13.79
N LEU LA 43 18.32 -34.25 13.03
CA LEU LA 43 18.41 -34.28 11.57
C LEU LA 43 19.85 -34.61 11.10
N GLY LA 44 19.98 -35.63 10.27
CA GLY LA 44 21.27 -36.10 9.82
C GLY LA 44 21.73 -37.39 10.50
N ASN LA 45 21.09 -37.74 11.63
CA ASN LA 45 21.36 -38.98 12.38
C ASN LA 45 20.33 -40.04 12.08
N ASN LA 46 20.76 -41.31 12.05
CA ASN LA 46 19.85 -42.44 11.83
C ASN LA 46 19.64 -43.22 13.15
N PHE LA 47 19.62 -42.52 14.27
CA PHE LA 47 19.47 -43.13 15.59
C PHE LA 47 18.87 -42.13 16.57
N TYR LA 48 18.21 -42.65 17.61
CA TYR LA 48 17.66 -41.80 18.65
C TYR LA 48 18.66 -41.62 19.79
N GLU LA 49 18.55 -40.48 20.47
CA GLU LA 49 19.43 -40.15 21.58
C GLU LA 49 18.64 -39.52 22.71
N TYR LA 50 19.14 -39.64 23.93
CA TYR LA 50 18.55 -38.98 25.08
C TYR LA 50 19.47 -37.81 25.42
N TYR LA 51 18.92 -36.63 25.65
CA TYR LA 51 19.74 -35.45 25.94
C TYR LA 51 19.09 -34.59 27.03
N VAL LA 52 19.91 -33.77 27.68
CA VAL LA 52 19.44 -32.79 28.66
C VAL LA 52 20.03 -31.42 28.27
N ASP LA 53 19.35 -30.33 28.63
CA ASP LA 53 19.86 -28.98 28.36
C ASP LA 53 21.00 -28.60 29.29
N ASP LA 54 21.15 -29.28 30.43
CA ASP LA 54 22.16 -29.03 31.46
C ASP LA 54 23.59 -29.25 31.00
N PRO LA 55 24.53 -28.44 31.52
CA PRO LA 55 25.94 -28.72 31.24
C PRO LA 55 26.37 -30.02 31.93
N PRO LA 56 27.44 -30.68 31.45
CA PRO LA 56 27.86 -31.95 32.06
C PRO LA 56 28.06 -31.96 33.58
N ARG LA 57 28.54 -30.86 34.18
CA ARG LA 57 28.74 -30.79 35.63
C ARG LA 57 27.45 -31.10 36.41
N ILE LA 58 26.30 -30.56 35.96
CA ILE LA 58 25.01 -30.80 36.62
C ILE LA 58 24.63 -32.28 36.48
N VAL LA 59 24.82 -32.86 35.31
CA VAL LA 59 24.53 -34.27 35.03
C VAL LA 59 25.40 -35.19 35.89
N LEU LA 60 26.69 -34.87 36.04
CA LEU LA 60 27.60 -35.69 36.85
C LEU LA 60 27.19 -35.71 38.32
N ASP LA 61 26.73 -34.55 38.83
CA ASP LA 61 26.27 -34.46 40.22
C ASP LA 61 25.01 -35.29 40.42
N LYS LA 62 24.09 -35.30 39.43
CA LYS LA 62 22.84 -36.08 39.47
C LYS LA 62 23.15 -37.59 39.43
N LEU LA 63 24.10 -37.99 38.58
CA LEU LA 63 24.50 -39.39 38.48
C LEU LA 63 25.18 -39.89 39.75
N GLU LA 64 25.88 -39.00 40.48
CA GLU LA 64 26.55 -39.36 41.74
C GLU LA 64 25.49 -39.77 42.76
N ARG LA 65 24.39 -39.00 42.83
CA ARG LA 65 23.23 -39.25 43.72
C ARG LA 65 22.51 -40.57 43.36
N ARG LA 66 22.80 -41.14 42.17
CA ARG LA 66 22.23 -42.39 41.69
C ARG LA 66 23.22 -43.57 41.73
N GLY LA 67 24.36 -43.41 42.40
CA GLY LA 67 25.34 -44.48 42.56
C GLY LA 67 26.47 -44.54 41.55
N PHE LA 68 26.54 -43.59 40.60
CA PHE LA 68 27.58 -43.61 39.58
C PHE LA 68 28.85 -42.85 39.95
N ARG LA 69 29.98 -43.34 39.43
CA ARG LA 69 31.27 -42.70 39.62
C ARG LA 69 32.00 -42.62 38.27
N VAL LA 70 32.63 -41.47 37.99
CA VAL LA 70 33.38 -41.31 36.76
C VAL LA 70 34.64 -42.19 36.81
N LEU LA 71 34.79 -43.10 35.83
CA LEU LA 71 35.97 -43.93 35.71
C LEU LA 71 36.98 -43.26 34.77
N SER LA 72 36.49 -42.61 33.70
CA SER LA 72 37.35 -41.94 32.75
C SER LA 72 36.63 -40.80 32.04
N MET LA 73 37.38 -39.83 31.57
CA MET LA 73 36.88 -38.70 30.80
C MET LA 73 37.85 -38.50 29.63
N THR LA 74 37.32 -38.37 28.40
CA THR LA 74 38.19 -38.18 27.25
C THR LA 74 37.63 -37.18 26.23
N GLY LA 75 38.52 -36.66 25.37
CA GLY LA 75 38.14 -35.79 24.27
C GLY LA 75 38.24 -36.57 22.98
N VAL LA 76 37.28 -36.43 22.09
CA VAL LA 76 37.30 -37.07 20.77
C VAL LA 76 36.72 -36.05 19.79
N GLY LA 77 37.56 -35.51 18.93
CA GLY LA 77 37.15 -34.43 18.03
C GLY LA 77 36.84 -33.19 18.86
N GLN LA 78 35.60 -32.71 18.78
CA GLN LA 78 35.15 -31.58 19.61
C GLN LA 78 34.23 -32.05 20.75
N THR LA 79 34.20 -33.36 21.05
CA THR LA 79 33.34 -33.94 22.07
C THR LA 79 34.12 -34.30 23.32
N LEU LA 80 33.54 -34.04 24.48
CA LEU LA 80 34.05 -34.44 25.77
C LEU LA 80 33.14 -35.61 26.18
N VAL LA 81 33.71 -36.79 26.46
CA VAL LA 81 32.95 -38.00 26.85
C VAL LA 81 33.31 -38.47 28.28
N TRP LA 82 32.32 -38.87 29.08
CA TRP LA 82 32.54 -39.41 30.42
C TRP LA 82 32.06 -40.86 30.47
N CYS LA 83 32.86 -41.74 31.05
CA CYS LA 83 32.51 -43.14 31.22
C CYS LA 83 32.24 -43.36 32.71
N LEU LA 84 30.98 -43.59 33.09
CA LEU LA 84 30.64 -43.77 34.50
C LEU LA 84 30.28 -45.21 34.81
N HIS LA 85 30.51 -45.62 36.06
CA HIS LA 85 30.21 -46.97 36.50
C HIS LA 85 29.45 -46.96 37.81
N LYS LA 86 28.42 -47.81 37.93
CA LYS LA 86 27.61 -47.90 39.13
C LYS LA 86 28.34 -48.76 40.14
N GLU LA 87 28.86 -48.13 41.20
CA GLU LA 87 29.64 -48.78 42.26
C GLU LA 87 29.51 -48.07 43.62
N MET MA 4 27.56 -30.70 45.92
CA MET MA 4 28.16 -30.51 44.59
C MET MA 4 29.52 -31.23 44.48
N PRO MA 5 29.53 -32.56 44.24
CA PRO MA 5 30.81 -33.29 44.25
C PRO MA 5 31.72 -33.10 43.03
N TYR MA 6 31.18 -32.90 41.82
CA TYR MA 6 32.02 -32.80 40.63
C TYR MA 6 32.40 -31.39 40.23
N LEU MA 7 33.58 -31.27 39.63
CA LEU MA 7 34.10 -29.99 39.18
C LEU MA 7 34.81 -30.17 37.85
N LEU MA 8 34.64 -29.22 36.94
CA LEU MA 8 35.36 -29.26 35.67
C LEU MA 8 36.15 -27.98 35.51
N ILE MA 9 37.47 -28.09 35.33
CA ILE MA 9 38.34 -26.93 35.08
C ILE MA 9 39.09 -27.12 33.76
N SER MA 10 39.49 -26.02 33.10
CA SER MA 10 40.17 -26.13 31.81
C SER MA 10 41.17 -25.03 31.53
N THR MA 11 42.10 -25.29 30.61
CA THR MA 11 43.07 -24.31 30.13
C THR MA 11 43.33 -24.57 28.66
N GLN MA 12 43.70 -23.51 27.89
CA GLN MA 12 44.08 -23.67 26.49
C GLN MA 12 45.55 -24.07 26.41
N ILE MA 13 46.00 -24.61 25.27
CA ILE MA 13 47.39 -25.06 25.10
C ILE MA 13 48.35 -23.95 25.40
N ARG MA 14 49.28 -24.43 26.23
CA ARG MA 14 50.34 -23.94 27.03
C ARG MA 14 49.79 -23.97 28.40
N MET MA 15 49.88 -25.19 28.98
CA MET MA 15 49.43 -25.51 30.32
C MET MA 15 50.15 -24.66 31.37
N GLU MA 16 51.37 -24.16 31.07
CA GLU MA 16 52.18 -23.35 31.97
C GLU MA 16 51.58 -21.99 32.27
N VAL MA 17 50.61 -21.55 31.45
CA VAL MA 17 50.04 -20.23 31.60
C VAL MA 17 48.51 -20.25 31.64
N GLY MA 18 47.93 -19.27 32.30
CA GLY MA 18 46.49 -19.14 32.39
C GLY MA 18 45.91 -18.38 31.20
N PRO MA 19 44.61 -18.04 31.19
CA PRO MA 19 43.60 -18.29 32.24
C PRO MA 19 43.19 -19.74 32.37
N THR MA 20 42.56 -20.05 33.51
CA THR MA 20 42.01 -21.35 33.78
C THR MA 20 40.54 -21.16 34.03
N MET MA 21 39.69 -21.80 33.22
CA MET MA 21 38.23 -21.74 33.37
C MET MA 21 37.85 -22.63 34.54
N VAL MA 22 37.19 -22.07 35.55
CA VAL MA 22 36.88 -22.83 36.76
C VAL MA 22 35.37 -22.99 37.03
N GLY MA 23 34.50 -22.52 36.14
CA GLY MA 23 33.06 -22.65 36.36
C GLY MA 23 32.11 -22.08 35.32
N ASP MA 24 30.81 -22.43 35.47
CA ASP MA 24 29.69 -21.98 34.62
C ASP MA 24 28.70 -21.14 35.48
N GLU MA 25 27.61 -20.62 34.92
CA GLU MA 25 26.66 -19.79 35.66
C GLU MA 25 26.15 -20.39 36.96
N GLN MA 26 25.94 -21.70 36.99
CA GLN MA 26 25.41 -22.38 38.17
C GLN MA 26 26.47 -22.92 39.11
N SER MA 27 27.74 -22.49 38.99
CA SER MA 27 28.80 -22.94 39.89
C SER MA 27 28.64 -22.38 41.29
N ASP MA 28 29.22 -23.07 42.31
CA ASP MA 28 29.21 -22.68 43.72
C ASP MA 28 29.88 -21.33 43.85
N PRO MA 29 29.13 -20.28 44.20
CA PRO MA 29 29.72 -18.95 44.27
C PRO MA 29 30.78 -18.80 45.33
N GLU MA 30 30.68 -19.56 46.43
CA GLU MA 30 31.67 -19.50 47.50
C GLU MA 30 33.00 -20.10 47.02
N LEU MA 31 32.93 -21.21 46.29
CA LEU MA 31 34.13 -21.85 45.76
C LEU MA 31 34.79 -20.93 44.73
N MET MA 32 34.00 -20.25 43.89
CA MET MA 32 34.53 -19.33 42.88
C MET MA 32 35.22 -18.15 43.55
N GLN MA 33 34.60 -17.62 44.62
CA GLN MA 33 35.14 -16.53 45.40
C GLN MA 33 36.45 -16.95 46.09
N HIS MA 34 36.50 -18.20 46.59
CA HIS MA 34 37.68 -18.77 47.24
C HIS MA 34 38.88 -18.85 46.27
N LEU MA 35 38.65 -19.32 45.04
CA LEU MA 35 39.71 -19.39 44.01
C LEU MA 35 40.12 -18.02 43.44
N GLY MA 36 39.37 -16.97 43.76
CA GLY MA 36 39.61 -15.64 43.22
C GLY MA 36 39.12 -15.49 41.79
N ALA MA 37 38.10 -16.28 41.42
CA ALA MA 37 37.53 -16.26 40.08
C ALA MA 37 36.63 -15.07 39.81
N SER MA 38 36.59 -14.65 38.55
CA SER MA 38 35.75 -13.55 38.10
C SER MA 38 34.74 -14.11 37.10
N LYS MA 39 33.54 -13.54 37.07
CA LYS MA 39 32.50 -13.99 36.15
C LYS MA 39 32.49 -13.09 34.92
N ARG MA 40 32.37 -13.67 33.72
CA ARG MA 40 32.33 -12.89 32.50
C ARG MA 40 31.63 -13.63 31.37
N ARG MA 41 31.13 -12.89 30.38
CA ARG MA 41 30.56 -13.51 29.20
C ARG MA 41 31.45 -13.01 28.09
N ALA MA 42 32.42 -13.84 27.66
CA ALA MA 42 33.35 -13.45 26.62
C ALA MA 42 32.64 -13.17 25.29
N LEU MA 43 33.13 -12.20 24.51
CA LEU MA 43 32.54 -11.83 23.23
C LEU MA 43 32.48 -13.03 22.29
N GLY MA 44 31.29 -13.33 21.80
CA GLY MA 44 31.09 -14.50 20.94
C GLY MA 44 30.43 -15.67 21.64
N ASN MA 45 30.41 -15.65 22.98
CA ASN MA 45 29.77 -16.67 23.79
C ASN MA 45 28.42 -16.21 24.29
N ASN MA 46 27.46 -17.14 24.38
CA ASN MA 46 26.13 -16.87 24.88
C ASN MA 46 25.96 -17.50 26.27
N PHE MA 47 27.01 -17.45 27.08
CA PHE MA 47 27.00 -18.03 28.42
C PHE MA 47 28.06 -17.36 29.28
N TYR MA 48 27.86 -17.37 30.59
CA TYR MA 48 28.81 -16.80 31.52
C TYR MA 48 29.79 -17.88 31.99
N GLU MA 49 31.00 -17.48 32.32
CA GLU MA 49 32.03 -18.38 32.78
C GLU MA 49 32.78 -17.76 33.95
N TYR MA 50 33.38 -18.60 34.77
CA TYR MA 50 34.22 -18.14 35.86
C TYR MA 50 35.64 -18.50 35.46
N TYR MA 51 36.58 -17.57 35.62
CA TYR MA 51 37.96 -17.81 35.23
C TYR MA 51 38.94 -17.23 36.25
N VAL MA 52 40.17 -17.74 36.24
CA VAL MA 52 41.26 -17.21 37.06
C VAL MA 52 42.47 -16.99 36.16
N ASP MA 53 43.34 -16.04 36.52
CA ASP MA 53 44.55 -15.78 35.74
C ASP MA 53 45.64 -16.84 35.90
N ASP MA 54 45.57 -17.61 36.98
CA ASP MA 54 46.52 -18.65 37.35
C ASP MA 54 46.59 -19.81 36.36
N PRO MA 55 47.78 -20.40 36.19
CA PRO MA 55 47.87 -21.63 35.38
C PRO MA 55 47.20 -22.79 36.12
N PRO MA 56 46.79 -23.85 35.41
CA PRO MA 56 46.08 -24.95 36.07
C PRO MA 56 46.76 -25.58 37.30
N ARG MA 57 48.10 -25.65 37.33
CA ARG MA 57 48.83 -26.24 38.45
C ARG MA 57 48.49 -25.54 39.78
N ILE MA 58 48.41 -24.18 39.78
CA ILE MA 58 48.06 -23.41 40.96
C ILE MA 58 46.61 -23.73 41.39
N VAL MA 59 45.69 -23.78 40.43
CA VAL MA 59 44.29 -24.08 40.69
C VAL MA 59 44.11 -25.49 41.28
N LEU MA 60 44.84 -26.49 40.75
CA LEU MA 60 44.79 -27.87 41.24
C LEU MA 60 45.22 -27.97 42.70
N ASP MA 61 46.27 -27.23 43.07
CA ASP MA 61 46.77 -27.20 44.45
C ASP MA 61 45.73 -26.56 45.38
N LYS MA 62 45.06 -25.50 44.94
CA LYS MA 62 44.03 -24.82 45.72
C LYS MA 62 42.81 -25.72 45.93
N LEU MA 63 42.39 -26.45 44.87
CA LEU MA 63 41.26 -27.37 44.94
C LEU MA 63 41.56 -28.57 45.85
N GLU MA 64 42.84 -28.99 45.94
CA GLU MA 64 43.25 -30.07 46.82
C GLU MA 64 43.01 -29.69 48.26
N ARG MA 65 43.31 -28.42 48.63
CA ARG MA 65 43.07 -27.89 49.98
C ARG MA 65 41.56 -27.76 50.33
N ARG MA 66 40.67 -27.89 49.32
CA ARG MA 66 39.23 -27.86 49.51
C ARG MA 66 38.57 -29.24 49.41
N GLY MA 67 39.37 -30.30 49.37
CA GLY MA 67 38.86 -31.66 49.35
C GLY MA 67 38.69 -32.29 47.98
N PHE MA 68 39.15 -31.62 46.93
CA PHE MA 68 39.02 -32.18 45.57
C PHE MA 68 40.22 -33.00 45.13
N ARG MA 69 39.95 -34.01 44.32
CA ARG MA 69 40.99 -34.86 43.76
C ARG MA 69 40.73 -35.03 42.27
N VAL MA 70 41.79 -34.98 41.46
CA VAL MA 70 41.67 -35.16 40.02
C VAL MA 70 41.33 -36.62 39.73
N LEU MA 71 40.21 -36.85 39.06
CA LEU MA 71 39.81 -38.19 38.66
C LEU MA 71 40.33 -38.47 37.25
N SER MA 72 40.24 -37.46 36.36
CA SER MA 72 40.68 -37.61 34.99
C SER MA 72 41.12 -36.28 34.40
N MET MA 73 41.99 -36.34 33.40
CA MET MA 73 42.49 -35.18 32.66
C MET MA 73 42.46 -35.57 31.20
N THR MA 74 41.93 -34.69 30.34
CA THR MA 74 41.90 -34.97 28.90
C THR MA 74 42.17 -33.76 28.03
N GLY MA 75 42.56 -33.99 26.78
CA GLY MA 75 42.74 -32.94 25.81
C GLY MA 75 41.63 -33.02 24.79
N VAL MA 76 41.04 -31.88 24.42
CA VAL MA 76 39.98 -31.82 23.43
C VAL MA 76 40.25 -30.58 22.59
N GLY MA 77 40.63 -30.76 21.33
CA GLY MA 77 41.04 -29.66 20.48
C GLY MA 77 42.34 -29.09 21.02
N GLN MA 78 42.32 -27.81 21.42
CA GLN MA 78 43.48 -27.17 22.05
C GLN MA 78 43.27 -26.96 23.55
N THR MA 79 42.24 -27.60 24.16
CA THR MA 79 41.88 -27.44 25.56
C THR MA 79 42.32 -28.64 26.37
N LEU MA 80 42.81 -28.38 27.55
CA LEU MA 80 43.19 -29.38 28.54
C LEU MA 80 42.08 -29.26 29.60
N VAL MA 81 41.38 -30.35 29.90
CA VAL MA 81 40.28 -30.36 30.86
C VAL MA 81 40.59 -31.30 32.04
N TRP MA 82 40.28 -30.89 33.29
CA TRP MA 82 40.42 -31.72 34.48
C TRP MA 82 39.05 -31.97 35.09
N CYS MA 83 38.78 -33.22 35.46
CA CYS MA 83 37.53 -33.58 36.10
C CYS MA 83 37.88 -33.92 37.55
N LEU MA 84 37.46 -33.08 38.49
CA LEU MA 84 37.76 -33.28 39.90
C LEU MA 84 36.54 -33.73 40.69
N HIS MA 85 36.77 -34.48 41.76
CA HIS MA 85 35.69 -34.97 42.60
C HIS MA 85 36.01 -34.72 44.07
N LYS MA 86 35.00 -34.26 44.83
CA LYS MA 86 35.16 -33.98 46.25
C LYS MA 86 35.06 -35.31 46.97
N GLU MA 87 36.19 -35.86 47.37
CA GLU MA 87 36.23 -37.16 48.03
C GLU MA 87 36.19 -37.00 49.55
N MET NA 4 53.02 -28.56 47.85
CA MET NA 4 52.73 -28.47 46.40
C MET NA 4 52.42 -29.88 45.84
N PRO NA 5 51.17 -30.35 45.96
CA PRO NA 5 50.87 -31.72 45.55
C PRO NA 5 50.79 -32.03 44.05
N TYR NA 6 50.31 -31.08 43.21
CA TYR NA 6 50.16 -31.39 41.79
C TYR NA 6 51.34 -30.97 40.93
N LEU NA 7 51.57 -31.75 39.87
CA LEU NA 7 52.65 -31.50 38.93
C LEU NA 7 52.18 -31.80 37.52
N LEU NA 8 52.56 -30.96 36.56
CA LEU NA 8 52.22 -31.18 35.16
C LEU NA 8 53.50 -31.23 34.35
N ILE NA 9 53.73 -32.34 33.65
CA ILE NA 9 54.89 -32.48 32.77
C ILE NA 9 54.41 -32.79 31.36
N SER NA 10 55.20 -32.43 30.33
CA SER NA 10 54.79 -32.65 28.95
C SER NA 10 55.93 -32.90 27.98
N THR NA 11 55.64 -33.47 26.83
CA THR NA 11 56.60 -33.67 25.76
C THR NA 11 55.85 -33.61 24.43
N GLN NA 12 56.54 -33.17 23.35
CA GLN NA 12 55.92 -33.16 22.03
C GLN NA 12 56.00 -34.57 21.46
N ILE NA 13 55.23 -34.85 20.38
CA ILE NA 13 55.19 -36.16 19.76
C ILE NA 13 56.60 -36.61 19.38
N ARG NA 14 56.78 -37.85 19.79
CA ARG NA 14 57.85 -38.80 19.87
C ARG NA 14 58.23 -38.77 21.29
N MET NA 15 57.45 -39.55 22.03
CA MET NA 15 57.57 -39.73 23.47
C MET NA 15 58.95 -40.32 23.85
N GLU NA 16 59.62 -41.03 22.91
CA GLU NA 16 60.94 -41.62 23.12
C GLU NA 16 62.05 -40.59 23.29
N VAL NA 17 61.81 -39.34 22.90
CA VAL NA 17 62.84 -38.33 22.93
C VAL NA 17 62.35 -37.05 23.63
N GLY NA 18 63.29 -36.31 24.20
CA GLY NA 18 62.97 -35.06 24.88
C GLY NA 18 62.96 -33.88 23.91
N PRO NA 19 62.85 -32.63 24.39
CA PRO NA 19 62.77 -32.21 25.79
C PRO NA 19 61.45 -32.54 26.49
N THR NA 20 61.46 -32.48 27.81
CA THR NA 20 60.28 -32.70 28.62
C THR NA 20 60.11 -31.43 29.46
N MET NA 21 58.97 -30.76 29.30
CA MET NA 21 58.63 -29.56 30.07
C MET NA 21 58.25 -30.01 31.46
N VAL NA 22 58.94 -29.52 32.48
CA VAL NA 22 58.69 -29.97 33.85
C VAL NA 22 58.20 -28.85 34.81
N GLY NA 23 57.97 -27.64 34.29
CA GLY NA 23 57.49 -26.56 35.14
C GLY NA 23 57.25 -25.19 34.54
N ASP NA 24 56.65 -24.31 35.33
CA ASP NA 24 56.35 -22.92 35.01
C ASP NA 24 57.12 -21.98 35.97
N GLU NA 25 56.98 -20.64 35.84
CA GLU NA 25 57.71 -19.69 36.72
C GLU NA 25 57.54 -19.94 38.20
N GLN NA 26 56.35 -20.39 38.63
CA GLN NA 26 56.09 -20.62 40.05
C GLN NA 26 56.35 -22.05 40.52
N SER NA 27 57.12 -22.84 39.75
CA SER NA 27 57.44 -24.21 40.15
C SER NA 27 58.46 -24.23 41.29
N ASP NA 28 58.45 -25.30 42.09
CA ASP NA 28 59.37 -25.51 43.20
C ASP NA 28 60.80 -25.57 42.64
N PRO NA 29 61.65 -24.59 43.01
CA PRO NA 29 63.01 -24.55 42.45
C PRO NA 29 63.91 -25.71 42.84
N GLU NA 30 63.69 -26.30 44.03
CA GLU NA 30 64.50 -27.43 44.48
C GLU NA 30 64.18 -28.66 43.65
N LEU NA 31 62.88 -28.88 43.34
CA LEU NA 31 62.47 -30.00 42.50
C LEU NA 31 63.02 -29.84 41.09
N MET NA 32 63.02 -28.61 40.55
CA MET NA 32 63.55 -28.34 39.21
C MET NA 32 65.05 -28.60 39.18
N GLN NA 33 65.76 -28.18 40.23
CA GLN NA 33 67.20 -28.40 40.36
C GLN NA 33 67.51 -29.90 40.46
N HIS NA 34 66.69 -30.64 41.19
CA HIS NA 34 66.82 -32.09 41.35
C HIS NA 34 66.66 -32.81 39.98
N LEU NA 35 65.70 -32.36 39.18
CA LEU NA 35 65.48 -32.94 37.85
C LEU NA 35 66.54 -32.52 36.80
N GLY NA 36 67.41 -31.57 37.16
CA GLY NA 36 68.41 -31.05 36.23
C GLY NA 36 67.79 -30.11 35.21
N ALA NA 37 66.63 -29.50 35.55
CA ALA NA 37 65.93 -28.58 34.68
C ALA NA 37 66.58 -27.21 34.54
N SER NA 38 66.38 -26.60 33.38
CA SER NA 38 66.87 -25.26 33.12
C SER NA 38 65.65 -24.35 32.87
N LYS NA 39 65.75 -23.08 33.22
CA LYS NA 39 64.67 -22.13 33.03
C LYS NA 39 64.92 -21.33 31.76
N ARG NA 40 63.88 -21.12 30.93
CA ARG NA 40 64.02 -20.37 29.70
C ARG NA 40 62.70 -19.78 29.24
N ARG NA 41 62.76 -18.74 28.42
CA ARG NA 41 61.57 -18.16 27.80
C ARG NA 41 61.82 -18.35 26.31
N ALA NA 42 61.20 -19.39 25.74
CA ALA NA 42 61.39 -19.69 24.33
C ALA NA 42 60.86 -18.58 23.44
N LEU NA 43 61.52 -18.35 22.29
CA LEU NA 43 61.12 -17.32 21.33
C LEU NA 43 59.67 -17.54 20.87
N GLY NA 44 58.85 -16.52 21.03
CA GLY NA 44 57.44 -16.61 20.69
C GLY NA 44 56.52 -16.74 21.90
N ASN NA 45 57.10 -17.11 23.06
CA ASN NA 45 56.36 -17.27 24.32
C ASN NA 45 56.54 -16.08 25.22
N ASN NA 46 55.49 -15.73 25.96
CA ASN NA 46 55.52 -14.63 26.91
C ASN NA 46 55.51 -15.19 28.35
N PHE NA 47 56.21 -16.29 28.58
CA PHE NA 47 56.28 -16.95 29.89
C PHE NA 47 57.54 -17.79 29.97
N TYR NA 48 58.01 -18.03 31.20
CA TYR NA 48 59.17 -18.87 31.43
C TYR NA 48 58.74 -20.32 31.68
N GLU NA 49 59.65 -21.25 31.37
CA GLU NA 49 59.40 -22.66 31.48
C GLU NA 49 60.65 -23.40 31.95
N TYR NA 50 60.44 -24.51 32.63
CA TYR NA 50 61.53 -25.36 33.07
C TYR NA 50 61.49 -26.58 32.17
N TYR NA 51 62.65 -26.99 31.66
CA TYR NA 51 62.69 -28.15 30.76
C TYR NA 51 63.91 -29.03 31.03
N VAL NA 52 63.84 -30.28 30.61
CA VAL NA 52 64.97 -31.22 30.69
C VAL NA 52 65.16 -31.85 29.32
N ASP NA 53 66.37 -32.28 28.99
CA ASP NA 53 66.65 -32.93 27.72
C ASP NA 53 66.12 -34.38 27.66
N ASP NA 54 65.87 -34.99 28.82
CA ASP NA 54 65.42 -36.37 28.98
C ASP NA 54 64.05 -36.64 28.42
N PRO NA 55 63.84 -37.87 27.90
CA PRO NA 55 62.49 -38.25 27.50
C PRO NA 55 61.57 -38.41 28.72
N PRO NA 56 60.24 -38.32 28.56
CA PRO NA 56 59.34 -38.40 29.72
C PRO NA 56 59.49 -39.62 30.62
N ARG NA 57 59.84 -40.80 30.08
CA ARG NA 57 60.02 -42.01 30.89
C ARG NA 57 61.06 -41.81 32.00
N ILE NA 58 62.20 -41.15 31.69
CA ILE NA 58 63.27 -40.87 32.65
C ILE NA 58 62.73 -39.93 33.74
N VAL NA 59 62.00 -38.89 33.33
CA VAL NA 59 61.43 -37.90 34.24
C VAL NA 59 60.41 -38.54 35.19
N LEU NA 60 59.55 -39.45 34.67
CA LEU NA 60 58.55 -40.15 35.48
C LEU NA 60 59.21 -41.01 36.57
N ASP NA 61 60.32 -41.68 36.24
CA ASP NA 61 61.06 -42.50 37.19
C ASP NA 61 61.67 -41.64 38.28
N LYS NA 62 62.19 -40.46 37.92
CA LYS NA 62 62.77 -39.52 38.87
C LYS NA 62 61.71 -38.98 39.83
N LEU NA 63 60.54 -38.63 39.29
CA LEU NA 63 59.42 -38.12 40.09
C LEU NA 63 58.85 -39.18 41.03
N GLU NA 64 58.92 -40.46 40.65
CA GLU NA 64 58.45 -41.57 41.50
C GLU NA 64 59.30 -41.63 42.76
N ARG NA 65 60.63 -41.49 42.61
CA ARG NA 65 61.57 -41.46 43.73
C ARG NA 65 61.43 -40.21 44.64
N ARG NA 66 60.65 -39.22 44.19
CA ARG NA 66 60.36 -37.99 44.91
C ARG NA 66 58.90 -37.98 45.49
N GLY NA 67 58.19 -39.12 45.44
CA GLY NA 67 56.85 -39.26 46.00
C GLY NA 67 55.67 -39.03 45.07
N PHE NA 68 55.93 -38.80 43.78
CA PHE NA 68 54.85 -38.55 42.82
C PHE NA 68 54.32 -39.78 42.12
N ARG NA 69 53.02 -39.77 41.81
CA ARG NA 69 52.38 -40.84 41.08
C ARG NA 69 51.55 -40.24 39.95
N VAL NA 70 51.55 -40.89 38.78
CA VAL NA 70 50.77 -40.44 37.64
C VAL NA 70 49.30 -40.68 37.91
N LEU NA 71 48.50 -39.62 37.88
CA LEU NA 71 47.05 -39.74 38.06
C LEU NA 71 46.38 -39.85 36.70
N SER NA 72 46.87 -39.11 35.70
CA SER NA 72 46.33 -39.13 34.36
C SER NA 72 47.39 -38.75 33.31
N MET NA 73 47.22 -39.23 32.09
CA MET NA 73 48.07 -38.91 30.95
C MET NA 73 47.14 -38.61 29.79
N THR NA 74 47.35 -37.50 29.10
CA THR NA 74 46.51 -37.14 27.98
C THR NA 74 47.28 -36.55 26.79
N GLY NA 75 46.64 -36.56 25.63
CA GLY NA 75 47.18 -35.95 24.43
C GLY NA 75 46.38 -34.72 24.12
N VAL NA 76 47.05 -33.65 23.72
CA VAL NA 76 46.37 -32.40 23.34
C VAL NA 76 47.22 -31.83 22.20
N GLY NA 77 46.66 -31.83 21.00
CA GLY NA 77 47.41 -31.44 19.81
C GLY NA 77 48.50 -32.46 19.55
N GLN NA 78 49.75 -32.02 19.56
CA GLN NA 78 50.90 -32.91 19.42
C GLN NA 78 51.64 -33.10 20.76
N THR NA 79 51.02 -32.70 21.88
CA THR NA 79 51.61 -32.76 23.20
C THR NA 79 51.04 -33.90 24.01
N LEU NA 80 51.91 -34.59 24.71
CA LEU NA 80 51.57 -35.65 25.63
C LEU NA 80 51.77 -34.99 27.01
N VAL NA 81 50.74 -34.95 27.86
CA VAL NA 81 50.79 -34.33 29.18
C VAL NA 81 50.55 -35.37 30.29
N TRP NA 82 51.31 -35.30 31.39
CA TRP NA 82 51.13 -36.16 32.56
C TRP NA 82 50.75 -35.30 33.74
N CYS NA 83 49.75 -35.73 34.50
CA CYS NA 83 49.31 -35.04 35.70
C CYS NA 83 49.72 -35.91 36.87
N LEU NA 84 50.70 -35.48 37.66
CA LEU NA 84 51.20 -36.25 38.79
C LEU NA 84 50.77 -35.66 40.11
N HIS NA 85 50.64 -36.51 41.13
CA HIS NA 85 50.22 -36.06 42.44
C HIS NA 85 51.11 -36.65 43.53
N LYS NA 86 51.44 -35.80 44.51
CA LYS NA 86 52.22 -36.09 45.71
C LYS NA 86 51.38 -36.99 46.61
N GLU NA 87 51.68 -38.30 46.66
CA GLU NA 87 50.95 -39.20 47.55
C GLU NA 87 51.81 -40.40 48.02
ZN ZN OA . -19.61 39.25 15.50
O3 QBQ PA . -11.01 10.17 -5.11
C4 QBQ PA . -19.11 9.27 -3.97
C5 QBQ PA . -17.58 11.26 -4.41
O4 QBQ PA . -11.81 10.18 -2.72
C6 QBQ PA . -15.33 11.49 -4.69
N1 QBQ PA . -19.82 11.82 -6.35
C7 QBQ PA . -14.13 10.59 -4.71
C8 QBQ PA . -15.71 12.01 -3.29
N2 QBQ PA . -18.77 10.43 -4.66
C9 QBQ PA . -17.03 11.26 -3.01
O5 QBQ PA . -11.69 9.03 -0.50
C10 QBQ PA . -22.05 10.00 -6.05
O6 QBQ PA . -10.38 11.23 -0.91
N3 QBQ PA . -22.02 11.07 -6.90
O7 QBQ PA . -12.95 11.25 -0.80
O8 QBQ PA . -12.38 12.07 1.57
N QBQ PA . -21.09 12.95 -7.89
C QBQ PA . -20.95 11.93 -7.04
O QBQ PA . -16.50 10.80 -5.20
C1 QBQ PA . -19.81 10.76 -5.49
C2 QBQ PA . -20.83 9.81 -5.29
C3 QBQ PA . -20.36 8.88 -4.31
O1 QBQ PA . -13.04 11.46 -4.35
O10 QBQ PA . -14.74 11.69 0.82
O11 QBQ PA . -15.88 13.42 -3.28
O12 QBQ PA . -17.88 11.89 -2.06
O13 QBQ PA . -23.08 9.33 -5.92
O2 QBQ PA . -10.82 12.32 -3.59
O9 QBQ PA . -13.43 13.62 -0.06
P QBQ PA . -11.56 11.03 -4.03
P1 QBQ PA . -11.62 10.43 -1.16
P2 QBQ PA . -13.41 12.16 0.42
H7 QBQ PA . -18.44 8.79 -3.25
H QBQ PA . -17.78 12.26 -4.79
H1 QBQ PA . -15.17 12.27 -5.44
H9 QBQ PA . -13.92 10.17 -5.70
H8 QBQ PA . -14.16 9.77 -4.01
H2 QBQ PA . -14.99 11.76 -2.52
H3 QBQ PA . -16.79 10.25 -2.66
H11 QBQ PA . -11.13 8.23 -0.63
H16 QBQ PA . -22.86 11.21 -7.46
H12 QBQ PA . -12.54 11.63 2.45
H5 QBQ PA . -20.33 13.60 -8.03
H4 QBQ PA . -21.92 13.12 -8.45
H6 QBQ PA . -20.93 8.03 -3.95
H14 QBQ PA . -16.11 13.66 -2.35
H15 QBQ PA . -18.61 12.32 -2.59
H10 QBQ PA . -10.76 13.23 -4.00
H13 QBQ PA . -12.68 14.25 0.09
N1 HBI QA . -33.13 19.50 -13.99
N2 HBI QA . -34.26 19.01 -12.01
C2 HBI QA . -33.91 19.93 -12.98
N3 HBI QA . -34.37 21.22 -12.85
C4 HBI QA . -34.09 22.23 -13.83
O4 HBI QA . -34.57 23.33 -13.61
C4A HBI QA . -33.29 21.78 -14.91
C8A HBI QA . -32.85 20.46 -14.95
N8 HBI QA . -32.01 20.06 -15.96
C7 HBI QA . -31.63 20.97 -17.03
C6 HBI QA . -32.21 22.35 -16.85
N5 HBI QA . -32.97 22.74 -15.88
C9 HBI QA . -31.87 23.27 -18.00
O9 HBI QA . -32.72 24.37 -18.10
C10 HBI QA . -30.35 23.69 -18.00
O10 HBI QA . -30.18 24.71 -18.95
C11 HBI QA . -29.99 24.25 -16.64
HN21 HBI QA . -33.89 18.06 -12.05
HN22 HBI QA . -34.81 19.26 -11.19
H3 HBI QA . -34.96 21.49 -12.08
H8 HBI QA . -31.71 19.09 -16.02
H71 HBI QA . -31.95 20.55 -17.99
H72 HBI QA . -30.54 21.01 -17.07
H9 HBI QA . -32.07 22.77 -18.94
HO9 HBI QA . -32.37 25.01 -18.78
H10 HBI QA . -29.72 22.83 -18.23
HO1 HBI QA . -29.20 24.78 -19.14
H111 HBI QA . -29.13 24.91 -16.68
H112 HBI QA . -30.81 24.84 -16.21
H113 HBI QA . -29.75 23.46 -15.93
N1 HBI RA . -30.06 37.11 -5.26
N2 HBI RA . -30.62 35.38 -3.93
C2 HBI RA . -31.01 36.31 -4.84
N3 HBI RA . -32.31 36.38 -5.26
C4 HBI RA . -32.72 37.37 -6.21
O4 HBI RA . -33.91 37.33 -6.48
C4A HBI RA . -31.68 38.22 -6.72
C8A HBI RA . -30.40 38.04 -6.22
N8 HBI RA . -29.42 38.88 -6.59
C7 HBI RA . -29.63 39.93 -7.58
C6 HBI RA . -31.06 39.98 -8.06
N5 HBI RA . -32.02 39.20 -7.67
C9 HBI RA . -31.28 41.01 -9.16
O9 HBI RA . -32.44 40.82 -9.87
C10 HBI RA . -31.18 42.48 -8.62
O10 HBI RA . -31.54 43.34 -9.68
C11 HBI RA . -32.15 42.61 -7.45
HN21 HBI RA . -29.66 35.35 -3.59
HN22 HBI RA . -31.28 34.72 -3.49
H3 HBI RA . -33.01 35.75 -4.89
H8 HBI RA . -28.47 38.73 -6.25
H71 HBI RA . -28.97 39.76 -8.43
H72 HBI RA . -29.35 40.88 -7.16
H9 HBI RA . -30.51 40.88 -9.92
HO9 HBI RA . -32.58 41.55 -10.51
H10 HBI RA . -30.16 42.70 -8.29
HO1 HBI RA . -31.31 44.26 -9.39
H111 HBI RA . -32.43 43.65 -7.27
H112 HBI RA . -33.07 42.05 -7.58
H113 HBI RA . -31.71 42.26 -6.51
ZN ZN SA . -54.74 47.62 21.54
O3 QBQ TA . -18.65 48.02 15.00
C4 QBQ TA . -20.80 40.60 12.38
C5 QBQ TA . -21.85 42.87 12.30
O4 QBQ TA . -19.78 46.60 16.76
C6 QBQ TA . -21.25 44.89 13.13
N1 QBQ TA . -22.31 41.95 9.54
C7 QBQ TA . -20.11 45.48 13.90
C8 QBQ TA . -22.39 44.32 13.99
N2 QBQ TA . -21.42 41.62 11.72
C9 QBQ TA . -22.27 42.82 13.75
O5 QBQ TA . -19.84 45.48 18.95
C10 QBQ TA . -21.62 39.20 9.11
O6 QBQ TA . -20.94 47.70 18.70
N3 QBQ TA . -22.17 40.02 8.17
O7 QBQ TA . -21.89 45.65 17.58
O8 QBQ TA . -23.40 45.64 19.56
N QBQ TA . -22.90 42.04 7.33
C QBQ TA . -22.49 41.34 8.38
O QBQ TA . -20.80 43.81 12.28
C1 QBQ TA . -21.74 41.18 10.47
C2 QBQ TA . -21.38 39.86 10.37
C3 QBQ TA . -20.77 39.49 11.59
O1 QBQ TA . -20.62 46.69 14.49
O10 QBQ TA . -23.18 43.68 18.22
O11 QBQ TA . -23.62 44.83 13.51
O12 QBQ TA . -23.48 42.10 13.86
O13 QBQ TA . -21.41 38.03 8.87
O2 QBQ TA . -20.85 48.65 15.90
O9 QBQ TA . -24.29 45.59 17.39
P QBQ TA . -19.93 47.57 15.52
P1 QBQ TA . -20.61 46.42 18.11
P2 QBQ TA . -23.23 45.06 18.21
H7 QBQ TA . -20.36 40.81 13.35
H QBQ TA . -22.62 43.26 11.65
H1 QBQ TA . -21.63 45.64 12.44
H9 QBQ TA . -19.26 45.74 13.27
H8 QBQ TA . -19.73 44.85 14.70
H2 QBQ TA . -22.27 44.56 15.05
H3 QBQ TA . -21.50 42.39 14.39
H11 QBQ TA . -18.90 45.51 19.24
H16 QBQ TA . -22.32 39.59 7.27
H12 QBQ TA . -22.68 46.05 20.11
H5 QBQ TA . -23.18 43.01 7.48
H4 QBQ TA . -22.98 41.73 6.37
H6 QBQ TA . -20.36 38.50 11.82
H14 QBQ TA . -23.96 45.42 14.22
H15 QBQ TA . -23.77 41.92 12.93
H10 QBQ TA . -21.51 49.18 15.36
H13 QBQ TA . -24.65 46.50 17.52
N1 HBI UA . -47.50 44.61 -0.21
N2 HBI UA . -46.72 42.79 0.99
C2 HBI UA . -47.29 43.28 -0.17
N3 HBI UA . -47.63 42.39 -1.19
C4 HBI UA . -48.13 42.87 -2.42
O4 HBI UA . -48.35 42.00 -3.26
C4A HBI UA . -48.34 44.27 -2.51
C8A HBI UA . -48.03 45.07 -1.42
N8 HBI UA . -48.29 46.39 -1.49
C7 HBI UA . -48.87 47.01 -2.66
C6 HBI UA . -49.15 46.03 -3.76
N5 HBI UA . -48.92 44.75 -3.70
C9 HBI UA . -49.64 46.68 -5.04
O9 HBI UA . -49.45 45.89 -6.18
C10 HBI UA . -51.11 47.20 -4.89
O10 HBI UA . -51.53 47.61 -6.17
C11 HBI UA . -52.00 46.06 -4.39
HN21 HBI UA . -46.54 43.41 1.77
HN22 HBI UA . -46.57 41.80 1.14
H3 HBI UA . -47.40 41.41 -1.11
H8 HBI UA . -48.04 46.98 -0.71
H71 HBI UA . -48.18 47.78 -3.02
H72 HBI UA . -49.80 47.52 -2.39
H9 HBI UA . -49.00 47.53 -5.27
HO9 HBI UA . -49.93 46.29 -6.95
H10 HBI UA . -51.15 48.03 -4.19
HO1 HBI UA . -52.37 48.14 -6.05
H111 HBI UA . -53.04 46.23 -4.64
H112 HBI UA . -51.71 45.11 -4.83
H113 HBI UA . -51.94 45.95 -3.31
ZN ZN VA . -74.94 19.84 8.33
O3 QBQ WA . -62.01 52.47 19.55
C4 QBQ WA . -55.07 48.21 18.18
C5 QBQ WA . -57.27 48.40 16.91
O4 QBQ WA . -61.64 50.23 20.74
C6 QBQ WA . -59.19 49.57 17.32
N1 QBQ WA . -55.33 48.52 14.67
C7 QBQ WA . -59.69 50.59 18.30
C8 QBQ WA . -59.44 48.10 17.72
N2 QBQ WA . -55.81 48.40 17.02
C9 QBQ WA . -58.02 47.54 17.90
O5 QBQ WA . -61.28 49.00 22.89
C10 QBQ WA . -52.63 47.88 15.46
O6 QBQ WA . -63.65 49.31 21.99
N3 QBQ WA . -53.05 48.05 14.16
O7 QBQ WA . -61.95 47.79 20.76
O8 QBQ WA . -63.04 45.94 22.05
N QBQ WA . -54.60 48.44 12.48
C QBQ WA . -54.34 48.35 13.79
O QBQ WA . -57.76 49.71 17.14
C1 QBQ WA . -54.96 48.35 15.95
C2 QBQ WA . -53.67 48.06 16.43
C3 QBQ WA . -53.76 47.99 17.85
O1 QBQ WA . -61.12 50.38 18.35
O10 QBQ WA . -60.77 45.57 21.03
O11 QBQ WA . -60.19 47.40 16.74
O12 QBQ WA . -57.89 46.16 17.61
O13 QBQ WA . -51.48 47.51 15.71
O2 QBQ WA . -63.53 50.36 19.02
O9 QBQ WA . -62.79 45.83 19.52
P QBQ WA . -62.14 50.96 19.42
P1 QBQ WA . -62.22 49.08 21.67
P2 QBQ WA . -62.12 46.20 20.86
H7 QBQ WA . -55.52 48.24 19.16
H QBQ WA . -57.55 48.20 15.87
H1 QBQ WA . -59.59 49.84 16.34
H9 QBQ WA . -59.51 51.62 18.00
H8 QBQ WA . -59.30 50.49 19.32
H2 QBQ WA . -59.99 48.00 18.66
H3 QBQ WA . -57.68 47.72 18.92
H11 QBQ WA . -61.40 49.32 23.82
H16 QBQ WA . -52.33 47.95 13.45
H12 QBQ WA . -62.92 45.21 22.72
H5 QBQ WA . -55.54 48.67 12.17
H4 QBQ WA . -53.92 48.31 11.74
H6 QBQ WA . -52.93 47.79 18.53
H14 QBQ WA . -60.28 46.47 17.09
H15 QBQ WA . -57.22 46.08 16.88
H10 QBQ WA . -64.14 50.53 18.25
H13 QBQ WA . -63.76 45.95 19.35
ZN ZN XA . -52.65 -5.19 -5.85
O3 QBQ YA . -80.72 17.15 2.27
C4 QBQ YA . -74.04 21.01 5.11
C5 QBQ YA . -74.43 19.67 2.97
O4 QBQ YA . -79.21 15.80 3.80
C6 QBQ YA . -76.27 18.54 2.21
N1 QBQ YA . -73.04 22.11 1.89
C7 QBQ YA . -77.69 18.34 2.68
C8 QBQ YA . -75.27 17.51 2.78
N2 QBQ YA . -73.96 20.83 3.72
C9 QBQ YA . -74.45 18.37 3.75
O5 QBQ YA . -78.97 14.55 5.94
C10 QBQ YA . -72.17 23.94 3.95
O6 QBQ YA . -79.21 13.24 3.72
N3 QBQ YA . -71.99 24.12 2.59
O7 QBQ YA . -77.12 14.61 4.23
O8 QBQ YA . -76.33 12.38 5.16
N QBQ YA . -72.20 23.60 0.36
C QBQ YA . -72.41 23.25 1.63
O QBQ YA . -75.78 19.84 2.58
C1 QBQ YA . -73.28 21.91 3.20
C2 QBQ YA . -72.90 22.75 4.28
C3 QBQ YA . -73.41 22.16 5.47
O1 QBQ YA . -78.09 17.05 2.16
O10 QBQ YA . -74.98 14.50 5.50
O11 QBQ YA . -74.44 16.94 1.78
O12 QBQ YA . -73.14 17.90 4.06
O13 QBQ YA . -71.63 24.68 4.76
O2 QBQ YA . -79.43 15.03 1.42
O9 QBQ YA . -75.18 13.49 3.21
P QBQ YA . -79.50 16.28 2.32
P1 QBQ YA . -78.69 14.44 4.43
P2 QBQ YA . -75.84 13.72 4.56
H7 QBQ YA . -74.56 20.30 5.76
H QBQ YA . -73.88 19.61 2.03
H1 QBQ YA . -76.30 18.57 1.12
H9 QBQ YA . -78.37 19.09 2.29
H8 QBQ YA . -77.81 18.32 3.76
H2 QBQ YA . -75.74 16.70 3.34
H3 QBQ YA . -75.00 18.48 4.69
H11 QBQ YA . -79.80 14.78 6.42
H16 QBQ YA . -71.51 24.97 2.32
H12 QBQ YA . -77.08 12.27 5.80
H5 QBQ YA . -72.48 22.96 -0.39
H4 QBQ YA . -71.78 24.47 0.06
H6 QBQ YA . -73.29 22.56 6.48
H14 QBQ YA . -74.98 16.26 1.32
H15 QBQ YA . -72.50 18.48 3.58
H10 QBQ YA . -79.32 14.92 0.43
H13 QBQ YA . -75.50 12.83 2.54
N1 HBI ZA . -61.46 31.96 -6.15
N2 HBI ZA . -60.26 31.31 -4.29
C2 HBI ZA . -60.35 31.43 -5.68
N3 HBI ZA . -59.31 30.98 -6.49
C4 HBI ZA . -59.36 31.11 -7.93
O4 HBI ZA . -58.37 30.71 -8.55
C4A HBI ZA . -60.56 31.69 -8.43
C8A HBI ZA . -61.55 32.08 -7.53
N8 HBI ZA . -62.71 32.58 -8.00
C7 HBI ZA . -62.94 32.78 -9.42
C6 HBI ZA . -61.79 32.32 -10.27
N5 HBI ZA . -60.69 31.83 -9.83
C9 HBI ZA . -61.99 32.58 -11.74
O9 HBI ZA . -60.81 32.56 -12.49
C10 HBI ZA . -63.10 31.64 -12.37
O10 HBI ZA . -63.09 31.87 -13.77
C11 HBI ZA . -62.73 30.20 -12.05
HN21 HBI ZA . -61.03 31.60 -3.71
HN22 HBI ZA . -59.46 30.90 -3.83
H3 HBI ZA . -58.46 30.60 -6.09
H8 HBI ZA . -63.43 32.90 -7.35
H71 HBI ZA . -63.14 33.83 -9.61
H72 HBI ZA . -63.84 32.24 -9.71
H9 HBI ZA . -62.32 33.61 -11.87
HO9 HBI ZA . -61.02 32.62 -13.46
H10 HBI ZA . -64.08 31.88 -11.96
HO1 HBI ZA . -63.90 31.43 -14.13
H111 HBI ZA . -63.20 29.51 -12.75
H112 HBI ZA . -61.67 30.02 -12.09
H113 HBI ZA . -63.07 29.91 -11.06
ZN ZN AB . -18.32 7.04 -1.42
O3 QBQ BB . -49.40 -9.15 -12.93
C4 QBQ BB . -52.05 -2.52 -8.40
C5 QBQ BB . -50.18 -2.94 -10.08
O4 QBQ BB . -48.64 -8.79 -10.57
C6 QBQ BB . -49.50 -4.78 -11.23
N1 QBQ BB . -51.28 -0.35 -11.05
C7 QBQ BB . -49.97 -6.19 -11.45
C8 QBQ BB . -48.56 -4.61 -10.02
N2 QBQ BB . -51.33 -2.19 -9.54
C9 QBQ BB . -49.39 -3.74 -9.06
O5 QBQ BB . -48.35 -9.76 -8.32
C10 QBQ BB . -53.35 0.75 -9.37
O6 QBQ BB . -46.57 -10.14 -10.01
N3 QBQ BB . -52.83 1.35 -10.50
O7 QBQ BB . -46.96 -7.84 -9.04
O8 QBQ BB . -44.79 -8.43 -8.02
N QBQ BB . -51.47 1.53 -12.35
C QBQ BB . -51.85 0.82 -11.28
O QBQ BB . -50.62 -3.89 -11.00
C1 QBQ BB . -51.76 -0.98 -9.98
C2 QBQ BB . -52.77 -0.53 -9.10
C3 QBQ BB . -52.93 -1.52 -8.12
O1 QBQ BB . -48.91 -6.86 -12.17
O10 QBQ BB . -46.35 -7.13 -6.77
O11 QBQ BB . -47.36 -3.96 -10.44
O12 QBQ BB . -48.68 -2.84 -8.24
O13 QBQ BB . -54.18 1.31 -8.68
O2 QBQ BB . -47.07 -8.44 -12.46
O9 QBQ BB . -45.22 -6.16 -8.68
P QBQ BB . -48.51 -8.36 -12.09
P1 QBQ BB . -47.58 -9.24 -9.48
P2 QBQ BB . -45.82 -7.37 -8.05
H7 QBQ BB . -51.91 -3.46 -7.88
H QBQ BB . -49.58 -2.24 -10.65
H1 QBQ BB . -49.04 -4.41 -12.13
H9 QBQ BB . -50.87 -6.24 -12.08
H8 QBQ BB . -50.18 -6.76 -10.55
H2 QBQ BB . -48.31 -5.55 -9.55
H3 QBQ BB . -50.03 -4.38 -8.46
H11 QBQ BB . -48.88 -10.60 -8.22
H16 QBQ BB . -53.26 2.25 -10.72
H12 QBQ BB . -44.86 -9.29 -7.52
H5 QBQ BB . -50.71 1.18 -12.92
H4 QBQ BB . -51.86 2.41 -12.64
H6 QBQ BB . -53.64 -1.48 -7.29
H14 QBQ BB . -47.11 -4.42 -11.29
H15 QBQ BB . -49.03 -1.94 -8.46
H10 QBQ BB . -46.60 -8.44 -13.33
H13 QBQ BB . -44.40 -6.16 -9.22
N1 HBI CB . -52.57 16.61 -14.79
N2 HBI CB . -52.41 16.62 -12.49
C2 HBI CB . -51.99 17.14 -13.70
N3 HBI CB . -51.01 18.14 -13.74
C4 HBI CB . -50.51 18.67 -15.00
O4 HBI CB . -49.65 19.55 -14.92
C4A HBI CB . -51.14 18.12 -16.16
C8A HBI CB . -52.11 17.12 -16.01
N8 HBI CB . -52.65 16.57 -17.11
C7 HBI CB . -52.31 17.01 -18.45
C6 HBI CB . -51.27 18.08 -18.45
N5 HBI CB . -50.73 18.60 -17.40
C9 HBI CB . -50.96 18.61 -19.84
O9 HBI CB . -50.32 19.86 -19.82
C10 HBI CB . -50.19 17.58 -20.72
O10 HBI CB . -49.86 18.24 -21.93
C11 HBI CB . -48.95 17.13 -19.96
HN21 HBI CB . -53.12 15.89 -12.48
HN22 HBI CB . -52.05 16.93 -11.61
H3 HBI CB . -50.60 18.49 -12.88
H8 HBI CB . -53.38 15.87 -17.01
H71 HBI CB . -53.21 17.37 -18.95
H72 HBI CB . -51.96 16.15 -19.03
H9 HBI CB . -51.90 18.85 -20.33
HO9 HBI CB . -50.06 20.12 -20.74
H10 HBI CB . -50.82 16.71 -20.94
HO1 HBI CB . -49.51 17.54 -22.55
H111 HBI CB . -48.18 16.75 -20.63
H112 HBI CB . -48.50 17.95 -19.39
H113 HBI CB . -49.17 16.34 -19.25
ZN ZN DB . -25.03 -7.86 10.10
O3 QBQ EB . -6.52 18.36 27.88
C4 QBQ EB . -14.28 20.96 28.42
C5 QBQ EB . -13.17 18.67 28.70
O4 QBQ EB . -7.61 18.71 25.64
C6 QBQ EB . -10.99 18.03 28.42
N1 QBQ EB . -14.99 18.65 31.01
C7 QBQ EB . -9.68 18.71 28.11
C8 QBQ EB . -11.80 17.56 27.19
N2 QBQ EB . -14.05 19.77 29.10
C9 QBQ EB . -13.02 18.48 27.21
O5 QBQ EB . -8.18 19.88 23.55
C10 QBQ EB . -16.83 20.88 31.05
O6 QBQ EB . -6.94 17.61 23.42
N3 QBQ EB . -16.87 19.79 31.91
O7 QBQ EB . -9.37 17.74 24.18
O8 QBQ EB . -9.56 17.12 21.74
N QBQ EB . -16.14 17.78 32.78
C QBQ EB . -15.97 18.74 31.88
O QBQ EB . -11.86 18.94 29.15
C1 QBQ EB . -14.93 19.68 30.13
C2 QBQ EB . -15.78 20.81 30.09
C3 QBQ EB . -15.33 21.62 28.99
O1 QBQ EB . -8.93 17.70 27.41
O10 QBQ EB . -11.59 17.88 23.02
O11 QBQ EB . -12.19 16.19 27.30
O12 QBQ EB . -14.21 17.93 26.63
O13 QBQ EB . -17.70 21.77 31.12
O2 QBQ EB . -7.12 16.35 26.34
O9 QBQ EB . -10.60 15.59 23.44
P QBQ EB . -7.44 17.75 26.88
P1 QBQ EB . -7.96 18.47 24.10
P2 QBQ EB . -10.34 17.08 23.07
H7 QBQ EB . -13.68 21.27 27.57
H QBQ EB . -13.46 17.77 29.22
H1 QBQ EB . -10.78 17.25 29.15
H9 QBQ EB . -9.12 19.00 28.99
H8 QBQ EB . -9.76 19.59 27.46
H2 QBQ EB . -11.27 17.68 26.25
H3 QBQ EB . -12.77 19.41 26.69
H11 QBQ EB . -7.54 20.59 23.26
H16 QBQ EB . -17.62 19.80 32.60
H12 QBQ EB . -9.61 17.86 21.08
H5 QBQ EB . -15.50 16.98 32.78
H4 QBQ EB . -16.86 17.75 33.49
H6 QBQ EB . -15.76 22.57 28.69
H14 QBQ EB . -12.67 15.98 26.46
H15 QBQ EB . -14.90 17.87 27.35
H10 QBQ EB . -7.00 15.46 26.78
H13 QBQ EB . -10.89 14.90 22.78
N1 HBI FB . -27.80 13.38 41.55
N2 HBI FB . -29.06 14.18 39.85
C2 HBI FB . -28.82 13.16 40.74
N3 HBI FB . -29.57 12.00 40.73
C4 HBI FB . -29.29 10.91 41.67
O4 HBI FB . -30.02 9.92 41.58
C4A HBI FB . -28.23 11.18 42.56
C8A HBI FB . -27.54 12.39 42.48
N8 HBI FB . -26.48 12.63 43.28
C7 HBI FB . -26.07 11.67 44.30
C6 HBI FB . -26.92 10.42 44.30
N5 HBI FB . -27.92 10.18 43.50
C9 HBI FB . -26.55 9.44 45.40
O9 HBI FB . -27.55 8.53 45.69
C10 HBI FB . -25.16 8.75 45.12
O10 HBI FB . -25.00 7.73 46.10
C11 HBI FB . -25.19 8.12 43.74
HN21 HBI FB . -28.49 15.02 39.84
HN22 HBI FB . -29.80 14.12 39.15
H3 HBI FB . -30.32 11.87 40.08
H8 HBI FB . -25.98 13.52 43.24
H71 HBI FB . -26.11 12.13 45.27
H72 HBI FB . -25.03 11.40 44.13
H9 HBI FB . -26.47 9.99 46.34
HO9 HBI FB . -27.20 7.84 46.32
H10 HBI FB . -24.35 9.47 45.19
HO1 HBI FB . -24.05 7.46 46.07
H111 HBI FB . -24.46 7.32 43.64
H112 HBI FB . -26.17 7.70 43.50
H113 HBI FB . -24.96 8.85 42.96
ZN ZN GB . -61.54 -8.85 11.80
O3 QBQ HB . -25.51 -16.66 10.34
C4 QBQ HB . -25.70 -9.08 13.23
C5 QBQ HB . -27.17 -11.12 13.68
O4 QBQ HB . -26.86 -15.07 8.84
C6 QBQ HB . -27.15 -13.19 12.68
N1 QBQ HB . -26.74 -10.10 16.46
C7 QBQ HB . -26.31 -13.84 11.62
C8 QBQ HB . -28.35 -12.40 12.14
N2 QBQ HB . -26.34 -9.98 14.08
C9 QBQ HB . -27.93 -10.94 12.38
O5 QBQ HB . -27.27 -13.93 6.64
C10 QBQ HB . -25.42 -7.53 16.54
O6 QBQ HB . -28.82 -15.88 7.45
N3 QBQ HB . -25.97 -8.18 17.63
O7 QBQ HB . -28.87 -13.63 8.60
O8 QBQ HB . -30.71 -13.13 6.89
N QBQ HB . -27.04 -9.91 18.73
C QBQ HB . -26.59 -9.41 17.59
O QBQ HB . -26.36 -12.25 13.46
C1 QBQ HB . -26.23 -9.49 15.36
C2 QBQ HB . -25.56 -8.26 15.30
C3 QBQ HB . -25.21 -8.02 13.95
O1 QBQ HB . -27.20 -14.86 11.09
O10 QBQ HB . -29.86 -11.34 8.43
O11 QBQ HB . -29.56 -12.75 12.82
O12 QBQ HB . -29.01 -10.02 12.49
O13 QBQ HB . -24.97 -6.39 16.65
O2 QBQ HB . -28.08 -16.92 10.03
O9 QBQ HB . -31.20 -13.24 9.36
P QBQ HB . -26.85 -16.02 10.12
P1 QBQ HB . -27.99 -14.68 7.79
P2 QBQ HB . -30.20 -12.79 8.30
H7 QBQ HB . -25.62 -9.25 12.16
H QBQ HB . -27.81 -11.40 14.52
H1 QBQ HB . -27.41 -13.96 13.41
H9 QBQ HB . -25.42 -14.34 12.01
H8 QBQ HB . -26.01 -13.19 10.81
H2 QBQ HB . -28.53 -12.55 11.08
H3 QBQ HB . -27.28 -10.63 11.56
H11 QBQ HB . -26.31 -13.91 6.39
H16 QBQ HB . -25.89 -7.69 18.52
H12 QBQ HB . -30.16 -13.13 6.06
H5 QBQ HB . -27.51 -10.82 18.73
H4 QBQ HB . -26.97 -9.47 19.63
H6 QBQ HB . -24.67 -7.16 13.57
H14 QBQ HB . -30.28 -12.20 12.38
H15 QBQ HB . -28.96 -9.63 13.41
H10 QBQ HB . -28.69 -17.27 10.73
H13 QBQ HB . -31.95 -13.87 9.16
N1 HBI IB . -30.08 -4.03 32.57
N2 HBI IB . -30.65 -2.15 31.44
C2 HBI IB . -30.96 -3.05 32.43
N3 HBI IB . -32.13 -2.92 33.15
C4 HBI IB . -32.48 -3.84 34.18
O4 HBI IB . -33.50 -3.61 34.76
C4A HBI IB . -31.53 -4.90 34.37
C8A HBI IB . -30.39 -4.94 33.58
N8 HBI IB . -29.51 -5.96 33.73
C7 HBI IB . -29.71 -7.00 34.74
C6 HBI IB . -30.99 -6.83 35.49
N5 HBI IB . -31.85 -5.87 35.33
C9 HBI IB . -31.18 -7.89 36.59
O9 HBI IB . -32.17 -7.54 37.52
C10 HBI IB . -31.45 -9.32 36.00
O10 HBI IB . -31.74 -10.17 37.07
C11 HBI IB . -32.64 -9.22 35.04
HN21 HBI IB . -29.79 -2.24 30.91
HN22 HBI IB . -31.25 -1.35 31.24
H3 HBI IB . -32.76 -2.13 32.98
H8 HBI IB . -28.67 -5.98 33.17
H71 HBI IB . -28.87 -7.00 35.43
H72 HBI IB . -29.69 -7.96 34.23
H9 HBI IB . -30.27 -7.92 37.18
HO9 HBI IB . -32.29 -8.29 38.16
H10 HBI IB . -30.58 -9.68 35.46
HO1 HBI IB . -31.74 -11.09 36.72
H111 HBI IB . -33.13 -10.17 34.91
H112 HBI IB . -33.39 -8.51 35.39
H113 HBI IB . -32.34 -8.87 34.06
ZN ZN JB . -73.06 21.87 28.21
O3 QBQ KB . -68.82 -12.39 15.16
C4 QBQ KB . -61.17 -9.52 14.97
C5 QBQ KB . -63.10 -9.36 16.65
O4 QBQ KB . -68.63 -10.25 13.81
C6 QBQ KB . -65.23 -10.15 16.62
N1 QBQ KB . -60.81 -9.83 18.48
C7 QBQ KB . -66.10 -10.98 15.72
C8 QBQ KB . -65.29 -8.64 16.35
N2 QBQ KB . -61.70 -9.59 16.26
C9 QBQ KB . -63.86 -8.32 15.86
O5 QBQ KB . -68.33 -8.76 11.85
C10 QBQ KB . -58.24 -9.80 17.17
O6 QBQ KB . -70.47 -8.59 13.22
N3 QBQ KB . -58.44 -9.89 18.53
O7 QBQ KB . -68.24 -7.83 14.18
O8 QBQ KB . -69.09 -5.69 13.17
N QBQ KB . -59.68 -9.90 20.48
C QBQ KB . -59.67 -9.90 19.14
O QBQ KB . -63.84 -10.54 16.47
C1 QBQ KB . -60.67 -9.75 17.14
C2 QBQ KB . -59.47 -9.75 16.42
C3 QBQ KB . -59.81 -9.62 15.04
O1 QBQ KB . -67.42 -10.47 15.98
O10 QBQ KB . -66.64 -6.02 13.56
O11 QBQ KB . -65.66 -7.92 17.51
O12 QBQ KB . -63.39 -7.01 16.15
O13 QBQ KB . -57.10 -9.67 16.72
O2 QBQ KB . -69.88 -10.08 15.99
O9 QBQ KB . -68.26 -5.71 15.47
P QBQ KB . -68.77 -10.89 15.26
P1 QBQ KB . -69.01 -8.83 13.21
P2 QBQ KB . -68.01 -6.26 14.08
H7 QBQ KB . -61.80 -9.43 14.09
H QBQ KB . -63.14 -9.19 17.73
H1 QBQ KB . -65.45 -10.45 17.64
H9 QBQ KB . -66.09 -12.04 15.94
H8 QBQ KB . -65.90 -10.88 14.65
H2 QBQ KB . -65.99 -8.37 15.56
H3 QBQ KB . -63.78 -8.50 14.79
H11 QBQ KB . -68.50 -9.26 11.02
H16 QBQ KB . -57.59 -9.95 19.09
H12 QBQ KB . -69.02 -5.61 12.17
H5 QBQ KB . -60.58 -9.92 20.97
H4 QBQ KB . -58.87 -9.88 21.08
H6 QBQ KB . -59.10 -9.60 14.20
H14 QBQ KB . -65.67 -6.96 17.25
H15 QBQ KB . -62.55 -7.10 16.67
H10 QBQ KB . -70.25 -10.14 16.92
H13 QBQ KB . -69.12 -5.79 15.94
N1 HBI LB . -49.35 -8.07 31.68
N2 HBI LB . -48.59 -6.44 30.19
C2 HBI LB . -48.98 -6.80 31.49
N3 HBI LB . -48.94 -5.85 32.48
C4 HBI LB . -49.29 -6.15 33.82
O4 HBI LB . -49.22 -5.23 34.62
C4A HBI LB . -49.67 -7.51 34.04
C8A HBI LB . -49.69 -8.40 32.98
N8 HBI LB . -50.14 -9.67 33.18
C7 HBI LB . -50.52 -10.14 34.50
C6 HBI LB . -50.43 -9.07 35.53
N5 HBI LB . -50.03 -7.86 35.35
C9 HBI LB . -50.79 -9.57 36.93
O9 HBI LB . -50.32 -8.72 37.95
C10 HBI LB . -52.31 -9.87 37.10
O10 HBI LB . -52.55 -10.11 38.48
C11 HBI LB . -53.11 -8.66 36.68
HN21 HBI LB . -48.65 -7.13 29.44
HN22 HBI LB . -48.31 -5.50 29.95
H3 HBI LB . -48.63 -4.90 32.28
H8 HBI LB . -50.12 -10.34 32.42
H71 HBI LB . -49.90 -10.98 34.78
H72 HBI LB . -51.54 -10.53 34.45
H9 HBI LB . -50.23 -10.48 37.13
HO9 HBI LB . -50.66 -9.03 38.83
H10 HBI LB . -52.59 -10.73 36.50
HO1 HBI LB . -53.44 -10.55 38.54
H111 HBI LB . -54.10 -8.65 37.11
H112 HBI LB . -52.63 -7.72 36.97
H113 HBI LB . -53.24 -8.62 35.59
ZN ZN MB . -43.40 41.53 36.95
O3 QBQ NB . -76.51 25.47 35.17
C4 QBQ NB . -71.72 20.23 31.03
C5 QBQ NB . -71.36 21.61 33.15
O4 QBQ NB . -75.16 26.46 33.24
C6 QBQ NB . -72.73 23.06 34.22
N1 QBQ NB . -70.09 19.04 33.94
C7 QBQ NB . -74.12 23.59 34.06
C8 QBQ NB . -71.63 23.87 33.50
N2 QBQ NB . -71.27 20.39 32.34
C9 QBQ NB . -71.18 22.91 32.40
O5 QBQ NB . -75.29 27.92 31.19
C10 QBQ NB . -70.00 17.09 31.81
O6 QBQ NB . -74.43 28.91 33.40
N3 QBQ NB . -69.49 16.90 33.09
O7 QBQ NB . -73.08 27.16 32.14
O8 QBQ NB . -71.96 29.21 31.25
N QBQ NB . -69.02 17.49 35.28
C QBQ NB . -69.56 17.83 34.10
O QBQ NB . -72.65 21.71 33.71
C1 QBQ NB . -70.63 19.24 32.72
C2 QBQ NB . -70.65 18.35 31.64
C3 QBQ NB . -71.35 18.99 30.57
O1 QBQ NB . -74.10 24.83 34.79
O10 QBQ NB . -70.90 26.93 30.98
O11 QBQ NB . -70.57 24.23 34.37
O12 QBQ NB . -69.83 23.09 31.97
O13 QBQ NB . -69.78 16.28 30.93
O2 QBQ NB . -74.52 27.08 35.60
O9 QBQ NB . -70.93 28.03 33.23
P QBQ NB . -75.17 25.97 34.75
P1 QBQ NB . -74.51 27.72 32.51
P2 QBQ NB . -71.66 27.84 31.88
H7 QBQ NB . -72.28 21.00 30.50
H QBQ NB . -70.70 21.51 34.00
H1 QBQ NB . -72.56 22.93 35.29
H9 QBQ NB . -74.89 22.96 34.49
H8 QBQ NB . -74.42 23.80 33.03
H2 QBQ NB . -72.02 24.79 33.05
H3 QBQ NB . -71.84 23.00 31.55
H11 QBQ NB . -76.24 27.75 30.97
H16 QBQ NB . -69.05 16.00 33.25
H12 QBQ NB . -71.47 29.61 30.49
H5 QBQ NB . -69.05 18.16 36.04
H4 QBQ NB . -68.59 16.61 35.49
H6 QBQ NB . -71.54 18.57 29.58
H14 QBQ NB . -69.94 24.77 33.81
H15 QBQ NB . -69.29 22.35 32.37
H10 QBQ NB . -74.16 27.09 36.53
H13 QBQ NB . -70.61 28.90 33.56
N1 HBI OB . -58.98 7.00 39.98
N2 HBI OB . -58.10 7.44 37.89
C2 HBI OB . -57.91 7.27 39.24
N3 HBI OB . -56.65 7.43 39.77
C4 HBI OB . -56.39 7.30 41.19
O4 HBI OB . -55.23 7.47 41.52
C4A HBI OB . -57.53 6.95 41.97
C8A HBI OB . -58.76 6.81 41.34
N8 HBI OB . -59.85 6.55 42.07
C7 HBI OB . -59.78 6.36 43.52
C6 HBI OB . -58.39 6.52 44.06
N5 HBI OB . -57.35 6.79 43.35
C9 HBI OB . -58.29 6.22 45.54
O9 HBI OB . -56.98 5.92 45.97
C10 HBI OB . -58.95 7.34 46.42
O10 HBI OB . -58.66 7.04 47.77
C11 HBI OB . -58.37 8.68 46.02
HN21 HBI OB . -59.03 7.36 37.49
HN22 HBI OB . -57.34 7.69 37.26
H3 HBI OB . -55.86 7.67 39.18
H8 HBI OB . -60.76 6.44 41.62
H71 HBI OB . -60.16 5.36 43.76
H72 HBI OB . -60.45 7.07 44.01
H9 HBI OB . -58.79 5.28 45.75
HO9 HBI OB . -56.96 5.87 46.96
H10 HBI OB . -60.03 7.34 46.26
HO1 HBI OB . -59.26 7.63 48.32
H111 HBI OB . -58.47 9.42 46.82
H112 HBI OB . -57.30 8.61 45.79
H113 HBI OB . -58.85 9.09 45.14
N1 HBI PB . -45.82 20.19 46.00
N2 HBI PB . -46.15 20.04 43.74
C2 HBI PB . -45.57 19.52 44.87
N3 HBI PB . -44.80 18.37 44.80
C4 HBI PB . -44.16 17.82 45.98
O4 HBI PB . -43.51 16.82 45.79
C4A HBI PB . -44.43 18.51 47.18
C8A HBI PB . -45.24 19.65 47.16
N8 HBI PB . -45.40 20.38 48.29
C7 HBI PB . -44.83 19.95 49.56
C6 HBI PB . -44.04 18.69 49.44
N5 HBI PB . -43.84 18.03 48.35
C9 HBI PB . -43.52 18.18 50.77
O9 HBI PB . -43.16 16.83 50.75
C10 HBI PB . -42.37 19.09 51.36
O10 HBI PB . -41.87 18.45 52.50
C11 HBI PB . -41.29 19.23 50.31
HN21 HBI PB . -46.71 20.88 43.80
HN22 HBI PB . -46.04 19.61 42.83
H3 HBI PB . -44.66 17.90 43.91
H8 HBI PB . -46.00 21.20 48.29
H71 HBI PB . -45.65 19.81 50.27
H72 HBI PB . -44.22 20.74 49.95
H9 HBI PB . -44.34 18.17 51.48
HO9 HBI PB . -42.72 16.59 51.61
H10 HBI PB . -42.77 20.07 51.62
HO1 HBI PB . -41.30 19.10 52.98
H111 HBI PB . -40.33 19.50 50.74
H112 HBI PB . -41.14 18.31 49.74
H113 HBI PB . -41.53 20.02 49.59
ZN ZN QB . -13.61 23.16 25.79
O3 QBQ RB . -37.69 44.48 43.44
C4 QBQ RB . -42.72 39.14 39.56
C5 QBQ RB . -40.46 38.95 40.72
O4 QBQ RB . -37.39 44.33 40.91
C6 QBQ RB . -39.07 40.40 41.80
N1 QBQ RB . -41.86 36.57 41.86
C7 QBQ RB . -39.07 41.84 42.23
C8 QBQ RB . -38.50 40.13 40.40
N2 QBQ RB . -41.83 38.54 40.46
C9 QBQ RB . -39.74 39.68 39.61
O5 QBQ RB . -37.48 45.33 38.60
C10 QBQ RB . -44.42 36.06 40.59
O6 QBQ RB . -35.25 45.12 39.78
N3 QBQ RB . -43.82 35.26 41.55
O7 QBQ RB . -36.53 43.02 39.00
O8 QBQ RB . -35.13 43.37 36.96
N QBQ RB . -42.16 34.62 43.03
C QBQ RB . -42.62 35.51 42.14
O QBQ RB . -40.42 39.86 41.80
C1 QBQ RB . -42.42 37.40 40.94
C2 QBQ RB . -43.66 37.25 40.30
C3 QBQ RB . -43.85 38.37 39.44
O1 QBQ RB . -37.68 42.22 42.26
O10 QBQ RB . -37.08 41.74 36.94
O11 QBQ RB . -37.52 39.10 40.43
O12 QBQ RB . -39.50 38.85 38.49
O13 QBQ RB . -45.39 35.69 39.96
O2 QBQ RB . -35.58 43.51 42.39
O9 QBQ RB . -34.96 41.22 38.17
P QBQ RB . -37.07 43.70 42.33
P1 QBQ RB . -36.59 44.52 39.54
P2 QBQ RB . -35.93 42.31 37.71
H7 QBQ RB . -42.50 40.07 39.06
H QBQ RB . -39.91 38.08 41.09
H1 QBQ RB . -38.60 39.84 42.61
H9 QBQ RB . -39.49 41.99 43.22
H8 QBQ RB . -39.59 42.51 41.55
H2 QBQ RB . -38.07 41.02 39.93
H3 QBQ RB . -40.30 40.57 39.28
H11 QBQ RB . -37.88 46.23 38.70
H16 QBQ RB . -44.35 34.42 41.82
H12 QBQ RB . -35.49 43.97 36.25
H5 QBQ RB . -41.27 34.77 43.48
H4 QBQ RB . -42.65 33.77 43.31
H6 QBQ RB . -44.71 38.55 38.80
H14 QBQ RB . -37.12 39.06 39.53
H15 QBQ RB . -39.69 37.92 38.77
H10 QBQ RB . -34.98 43.14 43.10
H13 QBQ RB . -34.41 41.29 39.00
ZN ZN SB . 70.78 -0.06 -14.88
O3 QBQ TB . 75.36 -30.84 -34.55
C4 QBQ TB . 67.07 -30.21 -33.75
C5 QBQ TB . 68.90 -28.52 -34.25
O4 QBQ TB . 74.14 -30.43 -32.40
C6 QBQ TB . 71.16 -28.68 -34.49
N1 QBQ TB . 66.83 -27.73 -36.24
C7 QBQ TB . 72.16 -29.81 -34.51
C8 QBQ TB . 70.85 -28.11 -33.11
N2 QBQ TB . 67.60 -29.17 -34.47
C9 QBQ TB . 69.44 -28.62 -32.83
O5 QBQ TB . 74.02 -31.29 -30.08
C10 QBQ TB . 64.35 -29.18 -35.96
O6 QBQ TB . 75.82 -29.63 -30.69
N3 QBQ TB . 64.59 -28.16 -36.87
O7 QBQ TB . 73.37 -28.95 -30.61
O8 QBQ TB . 74.04 -28.14 -28.38
N QBQ TB . 65.84 -26.56 -37.94
C QBQ TB . 65.77 -27.49 -36.99
O QBQ TB . 69.89 -29.13 -35.03
C1 QBQ TB . 66.65 -28.74 -35.36
C2 QBQ TB . 65.51 -29.50 -35.16
C3 QBQ TB . 65.79 -30.43 -34.13
O1 QBQ TB . 73.47 -29.21 -34.43
O10 QBQ TB . 71.68 -28.39 -28.88
O11 QBQ TB . 70.84 -26.69 -33.17
O12 QBQ TB . 68.67 -27.80 -31.97
O13 QBQ TB . 63.26 -29.72 -35.89
O2 QBQ TB . 75.61 -28.68 -33.33
O9 QBQ TB . 73.00 -26.61 -29.94
P QBQ TB . 74.73 -29.81 -33.74
P1 QBQ TB . 74.44 -30.10 -30.88
P2 QBQ TB . 72.98 -28.01 -29.40
H7 QBQ TB . 67.64 -30.76 -33.00
H QBQ TB . 68.82 -27.50 -34.61
H1 QBQ TB . 71.50 -27.91 -35.18
H9 QBQ TB . 72.12 -30.40 -35.42
H8 QBQ TB . 72.06 -30.51 -33.67
H2 QBQ TB . 71.55 -28.44 -32.34
H3 QBQ TB . 69.47 -29.64 -32.47
H11 QBQ TB . 74.47 -32.18 -29.97
H16 QBQ TB . 63.80 -27.91 -37.45
H12 QBQ TB . 73.99 -28.73 -27.57
H5 QBQ TB . 66.70 -26.02 -38.05
H4 QBQ TB . 65.10 -26.32 -38.59
H6 QBQ TB . 65.09 -31.18 -33.75
H14 QBQ TB . 71.23 -26.37 -32.31
H15 QBQ TB . 67.88 -27.51 -32.51
H10 QBQ TB . 76.07 -27.97 -33.86
H13 QBQ TB . 73.80 -26.20 -30.36
N1 HBI UB . 54.62 -18.19 -44.36
N2 HBI UB . 53.50 -18.52 -42.37
C2 HBI UB . 53.89 -17.66 -43.37
N3 HBI UB . 53.56 -16.32 -43.29
C4 HBI UB . 53.96 -15.37 -44.27
O4 HBI UB . 53.59 -14.24 -44.09
C4A HBI UB . 54.70 -15.93 -45.35
C8A HBI UB . 55.01 -17.28 -45.37
N8 HBI UB . 55.80 -17.78 -46.37
C7 HBI UB . 56.24 -16.96 -47.46
C6 HBI UB . 55.81 -15.53 -47.30
N5 HBI UB . 55.13 -15.03 -46.32
C9 HBI UB . 56.20 -14.66 -48.49
O9 HBI UB . 55.44 -13.49 -48.58
C10 HBI UB . 57.73 -14.39 -48.58
O10 HBI UB . 57.93 -13.47 -49.63
C11 HBI UB . 58.19 -13.83 -47.24
HN21 HBI UB . 53.77 -19.49 -42.40
HN22 HBI UB . 52.97 -18.19 -41.57
H3 HBI UB . 53.02 -15.98 -42.51
H8 HBI UB . 56.00 -18.77 -46.40
H71 HBI UB . 55.86 -17.36 -48.39
H72 HBI UB . 57.33 -17.01 -47.52
H9 HBI UB . 55.89 -15.16 -49.41
HO9 HBI UB . 55.81 -12.91 -49.30
H10 HBI UB . 58.26 -15.31 -48.79
HO1 HBI UB . 58.90 -13.43 -49.80
H111 HBI UB . 59.12 -13.27 -47.34
H112 HBI UB . 57.46 -13.15 -46.81
H113 HBI UB . 58.38 -14.61 -46.51
ZN ZN VB . 37.03 13.01 -9.27
O3 QBQ WB . 73.15 8.44 -15.46
C4 QBQ WB . 69.71 1.23 -17.98
C5 QBQ WB . 69.09 3.68 -18.24
O4 QBQ WB . 71.69 7.30 -13.71
C6 QBQ WB . 70.07 5.57 -17.44
N1 QBQ WB . 68.47 2.68 -20.96
C7 QBQ WB . 71.26 5.88 -16.57
C8 QBQ WB . 68.75 5.33 -16.69
N2 QBQ WB . 69.29 2.32 -18.72
C9 QBQ WB . 68.56 3.83 -16.84
O5 QBQ WB . 71.37 6.14 -11.52
C10 QBQ WB . 68.80 -0.18 -21.24
O6 QBQ WB . 70.48 8.52 -11.81
N3 QBQ WB . 68.29 0.66 -22.21
O7 QBQ WB . 69.40 6.57 -13.05
O8 QBQ WB . 68.00 6.73 -10.93
N QBQ WB . 67.68 2.70 -23.13
C QBQ WB . 68.16 2.01 -22.08
O QBQ WB . 70.32 4.37 -18.22
C1 QBQ WB . 68.96 1.88 -19.98
C2 QBQ WB . 69.17 0.50 -20.02
C3 QBQ WB . 69.66 0.11 -18.74
O1 QBQ WB . 70.96 7.20 -16.08
O10 QBQ WB . 67.76 4.77 -12.50
O11 QBQ WB . 67.67 6.04 -17.28
O12 QBQ WB . 67.22 3.37 -16.73
O13 QBQ WB . 68.87 -1.39 -21.40
O2 QBQ WB . 70.78 9.33 -14.91
O9 QBQ WB . 66.91 7.06 -13.18
P QBQ WB . 71.75 8.14 -15.06
P1 QBQ WB . 70.73 7.20 -12.45
P2 QBQ WB . 67.97 6.23 -12.41
H7 QBQ WB . 70.02 1.32 -16.94
H QBQ WB . 68.50 4.22 -18.99
H1 QBQ WB . 70.03 6.36 -18.20
H9 QBQ WB . 72.20 5.91 -17.11
H8 QBQ WB . 71.39 5.22 -15.70
H2 QBQ WB . 68.80 5.59 -15.64
H3 QBQ WB . 69.18 3.30 -16.11
H11 QBQ WB . 72.29 6.08 -11.15
H16 QBQ WB . 68.01 0.21 -23.07
H12 QBQ WB . 68.30 7.63 -10.64
H5 QBQ WB . 67.57 3.70 -23.07
H4 QBQ WB . 67.43 2.28 -24.02
H6 QBQ WB . 69.92 -0.91 -18.46
H14 QBQ WB . 66.88 5.86 -16.71
H15 QBQ WB . 66.89 3.19 -17.65
H10 QBQ WB . 70.48 10.03 -15.54
H13 QBQ WB . 67.11 7.91 -13.67
N1 HBI XB . 60.11 -1.30 -35.82
N2 HBI XB . 59.21 -2.90 -34.46
C2 HBI XB . 59.00 -1.91 -35.41
N3 HBI XB . 57.73 -1.54 -35.85
C4 HBI XB . 57.52 -0.52 -36.83
O4 HBI XB . 56.40 -0.33 -37.15
C4A HBI XB . 58.72 0.12 -37.29
C8A HBI XB . 59.94 -0.30 -36.78
N8 HBI XB . 61.06 0.33 -37.15
C7 HBI XB . 61.07 1.39 -38.14
C6 HBI XB . 59.69 1.73 -38.62
N5 HBI XB . 58.60 1.14 -38.25
C9 HBI XB . 59.67 2.78 -39.70
O9 HBI XB . 58.49 2.81 -40.43
C10 HBI XB . 60.04 4.20 -39.13
O10 HBI XB . 59.88 5.11 -40.21
C11 HBI XB . 59.10 4.51 -37.99
HN21 HBI XB . 60.16 -3.10 -34.15
HN22 HBI XB . 58.46 -3.44 -34.05
H3 HBI XB . 56.91 -2.04 -35.52
H8 HBI XB . 61.95 0.01 -36.79
H71 HBI XB . 61.69 1.11 -38.97
H72 HBI XB . 61.52 2.27 -37.69
H9 HBI XB . 60.41 2.51 -40.45
HO9 HBI XB . 58.50 3.58 -41.07
H10 HBI XB . 61.08 4.23 -38.80
HO1 HBI XB . 60.26 5.98 -39.90
H111 HBI XB . 59.02 5.59 -37.81
H112 HBI XB . 58.10 4.14 -38.15
H113 HBI XB . 59.46 4.09 -37.05
N1 HBI YB . 43.91 8.79 -31.17
N2 HBI YB . 44.33 6.95 -29.89
C2 HBI YB . 43.91 7.46 -31.09
N3 HBI YB . 43.47 6.62 -32.10
C4 HBI YB . 42.99 7.14 -33.36
O4 HBI YB . 42.67 6.32 -34.16
C4A HBI YB . 43.02 8.56 -33.46
C8A HBI YB . 43.46 9.32 -32.37
N8 HBI YB . 43.42 10.68 -32.43
C7 HBI YB . 42.99 11.36 -33.65
C6 HBI YB . 42.58 10.41 -34.73
N5 HBI YB . 42.59 9.12 -34.65
C9 HBI YB . 42.24 11.13 -36.04
O9 HBI YB . 42.28 10.29 -37.15
C10 HBI YB . 40.88 11.91 -35.95
O10 HBI YB . 40.59 12.36 -37.24
C11 HBI YB . 39.80 10.96 -35.46
HN21 HBI YB . 44.62 7.58 -29.14
HN22 HBI YB . 44.35 5.95 -29.70
H3 HBI YB . 43.49 5.61 -31.98
H8 HBI YB . 43.77 11.24 -31.66
H71 HBI YB . 43.81 12.00 -33.99
H72 HBI YB . 42.17 12.02 -33.41
H9 HBI YB . 43.03 11.84 -36.27
HO9 HBI YB . 41.93 10.76 -37.95
H10 HBI YB . 40.98 12.75 -35.25
HO1 HBI YB . 39.87 13.03 -37.16
H111 HBI YB . 38.80 11.30 -35.74
H112 HBI YB . 39.92 9.96 -35.87
H113 HBI YB . 39.80 10.87 -34.37
ZN ZN ZB . 12.93 -11.49 -22.02
O3 QBQ AC . 30.70 19.04 -11.45
C4 QBQ AC . 36.94 13.63 -12.74
C5 QBQ AC . 34.76 14.19 -13.93
O4 QBQ AC . 30.47 16.85 -10.14
C6 QBQ AC . 33.08 15.63 -13.42
N1 QBQ AC . 36.60 13.99 -16.25
C7 QBQ AC . 32.74 16.62 -12.33
C8 QBQ AC . 32.59 14.18 -13.16
N2 QBQ AC . 36.19 13.91 -13.88
C9 QBQ AC . 33.90 13.42 -12.96
O5 QBQ AC . 30.27 15.56 -8.00
C10 QBQ AC . 39.26 13.10 -15.53
O6 QBQ AC . 28.16 15.97 -9.37
N3 QBQ AC . 38.82 13.34 -16.82
O7 QBQ AC . 30.02 14.44 -10.26
O8 QBQ AC . 28.38 12.78 -9.22
N QBQ AC . 37.31 13.98 -18.44
C QBQ AC . 37.56 13.78 -17.15
O QBQ AC . 34.51 15.55 -13.62
C1 QBQ AC . 37.00 13.77 -14.97
C2 QBQ AC . 38.27 13.37 -14.53
C3 QBQ AC . 38.22 13.30 -13.10
O1 QBQ AC . 31.31 16.75 -12.43
O10 QBQ AC . 30.66 12.04 -10.00
O11 QBQ AC . 31.87 13.66 -14.27
O12 QBQ AC . 33.86 12.04 -13.29
O13 QBQ AC . 40.35 12.60 -15.30
O2 QBQ AC . 28.91 17.32 -12.06
O9 QBQ AC . 28.91 12.71 -11.68
P QBQ AC . 30.32 17.58 -11.55
P1 QBQ AC . 29.64 15.72 -9.39
P2 QBQ AC . 29.51 12.93 -10.28
H7 QBQ AC . 36.52 13.68 -11.75
H QBQ AC . 34.42 14.09 -14.96
H1 QBQ AC . 32.73 16.06 -14.36
H9 QBQ AC . 33.18 17.60 -12.49
H8 QBQ AC . 32.99 16.30 -11.32
H2 QBQ AC . 31.97 14.09 -12.27
H3 QBQ AC . 34.24 13.54 -11.92
H11 QBQ AC . 30.78 16.20 -7.43
H16 QBQ AC . 39.51 13.17 -17.54
H12 QBQ AC . 28.46 12.30 -8.35
H5 QBQ AC . 36.40 14.31 -18.73
H4 QBQ AC . 37.99 13.84 -19.19
H6 QBQ AC . 39.05 13.03 -12.46
H14 QBQ AC . 31.56 12.76 -13.99
H15 QBQ AC . 34.32 11.92 -14.16
H10 QBQ AC . 28.49 17.46 -12.95
H13 QBQ AC . 28.41 13.41 -12.17
N1 HBI BC . 28.25 -1.77 -36.88
N2 HBI BC . 29.37 -2.52 -35.04
C2 HBI BC . 29.33 -2.38 -36.41
N3 HBI BC . 30.35 -2.92 -37.20
C4 HBI BC . 30.35 -2.78 -38.63
O4 HBI BC . 31.33 -3.22 -39.23
C4A HBI BC . 29.22 -2.08 -39.14
C8A HBI BC . 28.23 -1.62 -38.25
N8 HBI BC . 27.11 -1.01 -38.72
C7 HBI BC . 26.93 -0.77 -40.14
C6 HBI BC . 28.07 -1.30 -40.99
N5 HBI BC . 29.16 -1.90 -40.56
C9 HBI BC . 27.90 -0.98 -42.46
O9 HBI BC . 29.08 -1.04 -43.15
C10 HBI BC . 26.76 -1.81 -43.12
O10 HBI BC . 26.81 -1.56 -44.52
C11 HBI BC . 27.01 -3.30 -42.83
HN21 HBI BC . 28.59 -2.19 -34.48
HN22 HBI BC . 30.12 -3.02 -34.57
H3 HBI BC . 31.16 -3.36 -36.76
H8 HBI BC . 26.41 -0.65 -38.08
H71 HBI BC . 26.81 0.30 -40.31
H72 HBI BC . 26.00 -1.24 -40.45
H9 HBI BC . 27.65 0.07 -42.56
HO9 HBI BC . 28.91 -0.95 -44.13
H10 HBI BC . 25.79 -1.54 -42.72
HO1 HBI BC . 25.97 -1.93 -44.90
H111 HBI BC . 26.52 -3.94 -43.56
H112 HBI BC . 28.08 -3.54 -42.86
H113 HBI BC . 26.64 -3.59 -41.86
ZN ZN CC . 31.68 -39.72 -35.90
O3 QBQ DC . 6.98 -13.48 -28.29
C4 QBQ DC . 14.07 -10.23 -25.37
C5 QBQ DC . 13.43 -11.56 -27.42
O4 QBQ DC . 8.30 -14.83 -26.62
C6 QBQ DC . 11.49 -12.50 -28.10
N1 QBQ DC . 15.14 -9.47 -28.63
C7 QBQ DC . 10.03 -12.55 -27.72
C8 QBQ DC . 12.35 -13.61 -27.48
N2 QBQ DC . 14.07 -10.46 -26.73
C9 QBQ DC . 13.35 -12.84 -26.63
O5 QBQ DC . 8.06 -16.12 -24.51
C10 QBQ DC . 16.41 -7.77 -26.70
O6 QBQ DC . 7.97 -17.33 -26.69
N3 QBQ DC . 16.62 -7.70 -28.06
O7 QBQ DC . 10.10 -16.30 -25.86
O8 QBQ DC . 10.76 -18.59 -25.11
N QBQ DC . 16.23 -8.27 -30.26
C QBQ DC . 15.99 -8.51 -28.97
O QBQ DC . 12.08 -11.26 -27.71
C1 QBQ DC . 14.90 -9.55 -27.31
C2 QBQ DC . 15.47 -8.77 -26.30
C3 QBQ DC . 14.92 -9.20 -25.07
O1 QBQ DC . 9.45 -13.67 -28.43
O10 QBQ DC . 12.43 -16.91 -25.47
O11 QBQ DC . 12.99 -14.37 -28.50
O12 QBQ DC . 14.65 -13.42 -26.60
O13 QBQ DC . 17.07 -7.06 -25.94
O2 QBQ DC . 8.03 -15.62 -28.93
O9 QBQ DC . 11.25 -17.89 -27.32
P QBQ DC . 8.10 -14.40 -28.12
P1 QBQ DC . 8.53 -16.24 -25.91
P2 QBQ DC . 11.22 -17.44 -25.92
H7 QBQ DC . 13.45 -10.81 -24.68
H QBQ DC . 13.93 -11.67 -28.37
H1 QBQ DC . 11.57 -12.51 -29.19
H9 QBQ DC . 9.48 -11.66 -28.02
H8 QBQ DC . 9.85 -12.70 -26.66
H2 QBQ DC . 11.76 -14.28 -26.86
H3 QBQ DC . 12.97 -12.69 -25.62
H11 QBQ DC . 7.23 -15.72 -24.14
H16 QBQ DC . 17.26 -6.99 -28.37
H12 QBQ DC . 11.24 -18.93 -24.31
H5 QBQ DC . 15.79 -8.88 -30.96
H4 QBQ DC . 16.80 -7.54 -30.63
H6 QBQ DC . 15.15 -8.79 -24.09
H14 QBQ DC . 12.46 -14.23 -29.33
H15 QBQ DC . 15.27 -12.65 -26.65
H10 QBQ DC . 7.93 -15.77 -29.90
H13 QBQ DC . 10.90 -18.78 -27.59
ZN ZN EC . 67.41 -32.85 -31.17
O3 QBQ FC . 34.33 -44.09 -42.82
C4 QBQ FC . 32.48 -37.46 -38.51
C5 QBQ FC . 34.40 -37.98 -40.11
O4 QBQ FC . 35.21 -44.14 -40.39
C6 QBQ FC . 34.87 -39.94 -41.15
N1 QBQ FC . 33.76 -35.19 -40.93
C7 QBQ FC . 34.30 -41.33 -41.21
C8 QBQ FC . 35.92 -39.71 -40.05
N2 QBQ FC . 33.34 -37.13 -39.56
C9 QBQ FC . 35.21 -38.75 -39.10
O5 QBQ FC . 35.30 -45.01 -38.04
C10 QBQ FC . 31.79 -33.91 -39.23
O6 QBQ FC . 37.14 -45.67 -39.71
N3 QBQ FC . 32.47 -33.30 -40.27
O7 QBQ FC . 37.00 -43.29 -38.86
O8 QBQ FC . 38.51 -44.24 -37.14
N QBQ FC . 33.90 -33.22 -42.09
C QBQ FC . 33.39 -33.93 -41.07
O QBQ FC . 33.83 -38.97 -40.93
C1 QBQ FC . 33.11 -35.83 -39.92
C2 QBQ FC . 32.12 -35.31 -39.07
C3 QBQ FC . 31.71 -36.36 -38.19
O1 QBQ FC . 35.41 -42.13 -41.63
O10 QBQ FC . 37.36 -41.98 -36.69
O11 QBQ FC . 37.11 -39.12 -40.57
O12 QBQ FC . 36.09 -37.91 -38.35
O13 QBQ FC . 31.07 -33.28 -38.47
O2 QBQ FC . 36.89 -44.04 -42.25
O9 QBQ FC . 39.28 -42.22 -38.38
P QBQ FC . 35.42 -43.68 -41.89
P1 QBQ FC . 36.21 -44.62 -39.24
P2 QBQ FC . 38.05 -42.90 -37.71
H7 QBQ FC . 32.45 -38.45 -38.06
H QBQ FC . 35.02 -37.38 -40.78
H1 QBQ FC . 35.21 -39.70 -42.17
H9 QBQ FC . 33.49 -41.44 -41.92
H8 QBQ FC . 33.95 -41.72 -40.25
H2 QBQ FC . 36.20 -40.62 -39.52
H3 QBQ FC . 34.58 -39.32 -38.41
H11 QBQ FC . 34.64 -45.75 -37.94
H16 QBQ FC . 32.25 -32.32 -40.42
H12 QBQ FC . 37.97 -44.82 -36.55
H5 QBQ FC . 34.59 -33.65 -42.68
H4 QBQ FC . 33.67 -32.25 -42.30
H6 QBQ FC . 30.94 -36.29 -37.43
H14 QBQ FC . 37.72 -39.05 -39.80
H15 QBQ FC . 35.72 -36.98 -38.42
H10 QBQ FC . 37.45 -43.83 -43.05
H13 QBQ FC . 39.65 -42.50 -39.26
N1 HBI GC . 34.94 -18.50 -45.03
N2 HBI GC . 35.11 -18.31 -42.75
C2 HBI GC . 35.57 -17.93 -44.00
N3 HBI GC . 36.65 -17.06 -44.13
C4 HBI GC . 37.16 -16.65 -45.40
O4 HBI GC . 38.09 -15.87 -45.37
C4A HBI GC . 36.49 -17.21 -46.51
C8A HBI GC . 35.42 -18.08 -46.29
N8 HBI GC . 34.82 -18.66 -47.34
C7 HBI GC . 35.19 -18.36 -48.70
C6 HBI GC . 36.34 -17.38 -48.79
N5 HBI GC . 36.97 -16.86 -47.79
C9 HBI GC . 36.64 -16.98 -50.22
O9 HBI GC . 37.32 -15.78 -50.31
C10 HBI GC . 37.32 -18.13 -51.04
O10 HBI GC . 37.72 -17.59 -52.28
C11 HBI GC . 38.53 -18.64 -50.25
HN21 HBI GC . 34.36 -18.98 -42.67
HN22 HBI GC . 35.54 -17.99 -41.89
H3 HBI GC . 37.10 -16.67 -43.30
H8 HBI GC . 34.04 -19.29 -47.19
H71 HBI GC . 34.32 -17.97 -49.22
H72 HBI GC . 35.46 -19.28 -49.22
H9 HBI GC . 35.71 -16.71 -50.72
HO9 HBI GC . 37.64 -15.63 -51.24
H10 HBI GC . 36.62 -18.96 -51.19
HO1 HBI GC . 37.97 -18.35 -52.86
H111 HBI GC . 39.25 -19.12 -50.90
H112 HBI GC . 39.06 -17.82 -49.75
H113 HBI GC . 38.25 -19.35 -49.48
ZN ZN HC . 58.23 -46.04 -19.61
O3 QBQ IC . 80.50 -22.46 -1.92
C4 QBQ IC . 72.91 -18.70 -1.60
C5 QBQ IC . 73.77 -21.08 -1.39
O4 QBQ IC . 79.42 -22.09 -4.15
C6 QBQ IC . 75.82 -22.01 -1.69
N1 QBQ IC . 71.99 -20.92 0.99
C7 QBQ IC . 77.21 -21.56 -2.03
C8 QBQ IC . 74.93 -22.37 -2.90
N2 QBQ IC . 73.01 -19.91 -0.95
C9 QBQ IC . 73.88 -21.25 -2.89
O5 QBQ IC . 79.02 -20.89 -6.27
C10 QBQ IC . 70.41 -18.49 1.05
O6 QBQ IC . 79.87 -23.33 -6.36
N3 QBQ IC . 70.26 -19.57 1.91
O7 QBQ IC . 77.52 -22.81 -5.60
O8 QBQ IC . 77.22 -23.25 -8.09
N QBQ IC . 70.73 -21.67 2.76
C QBQ IC . 71.01 -20.71 1.87
O QBQ IC . 75.11 -20.98 -0.97
C1 QBQ IC . 72.15 -19.89 0.12
C2 QBQ IC . 71.47 -18.67 0.10
C3 QBQ IC . 71.97 -17.92 -0.99
O1 QBQ IC . 77.94 -22.78 -2.26
O10 QBQ IC . 75.46 -22.06 -6.77
O11 QBQ IC . 74.33 -23.66 -2.77
O12 QBQ IC . 72.62 -21.56 -3.47
O13 QBQ IC . 69.65 -17.55 1.06
O2 QBQ IC . 79.42 -24.45 -3.26
O9 QBQ IC . 75.84 -24.54 -6.40
P QBQ IC . 79.40 -22.97 -2.83
P1 QBQ IC . 79.03 -22.30 -5.68
P2 QBQ IC . 76.47 -23.15 -6.75
H7 QBQ IC . 73.51 -18.44 -2.48
H QBQ IC . 73.39 -21.96 -0.87
H1 QBQ IC . 75.91 -22.80 -0.96
H9 QBQ IC . 77.70 -21.01 -1.24
H8 QBQ IC . 77.28 -20.94 -2.93
H2 QBQ IC . 75.47 -22.35 -3.85
H3 QBQ IC . 74.28 -20.38 -3.37
H11 QBQ IC . 79.74 -20.36 -6.71
H16 QBQ IC . 69.51 -19.48 2.60
H12 QBQ IC . 77.11 -22.62 -8.85
H5 QBQ IC . 71.27 -22.53 2.76
H4 QBQ IC . 69.99 -21.62 3.46
H6 QBQ IC . 71.66 -16.90 -1.26
H14 QBQ IC . 75.07 -24.31 -2.89
H15 QBQ IC . 72.00 -21.83 -2.73
H10 QBQ IC . 79.34 -25.30 -2.76
H13 QBQ IC . 76.27 -25.20 -5.82
N1 HBI JC . 58.58 -24.07 11.59
N2 HBI JC . 57.38 -23.12 9.92
C2 HBI JC . 57.51 -24.15 10.82
N3 HBI JC . 56.59 -25.17 10.87
C4 HBI JC . 56.70 -26.24 11.83
O4 HBI JC . 55.83 -27.09 11.79
C4A HBI JC . 57.83 -26.14 12.68
C8A HBI JC . 58.71 -25.08 12.53
N8 HBI JC . 59.82 -25.01 13.29
C7 HBI JC . 60.10 -26.01 14.32
C6 HBI JC . 59.07 -27.09 14.36
N5 HBI JC . 58.01 -27.16 13.62
C9 HBI JC . 59.31 -28.11 15.47
O9 HBI JC . 58.19 -28.87 15.78
C10 HBI JC . 60.56 -29.01 15.17
O10 HBI JC . 60.60 -30.01 16.17
C11 HBI JC . 60.37 -29.65 13.81
HN21 HBI JC . 58.08 -22.40 9.85
HN22 HBI JC . 56.61 -23.09 9.24
H3 HBI JC . 55.78 -25.18 10.24
H8 HBI JC . 60.45 -24.22 13.20
H71 HBI JC . 60.16 -25.52 15.29
H72 HBI JC . 61.09 -26.43 14.13
H9 HBI JC . 59.49 -27.57 16.39
HO9 HBI JC . 58.43 -29.56 16.46
H10 HBI JC . 61.47 -28.43 15.19
HO1 HBI JC . 61.48 -30.44 16.11
H111 HBI JC . 60.95 -30.57 13.71
H112 HBI JC . 59.33 -29.91 13.61
H113 HBI JC . 60.69 -28.98 13.01
ZN ZN KC . 22.25 -41.57 -18.25
O3 QBQ LC . 56.24 -54.97 -18.94
C4 QBQ LC . 57.43 -46.87 -16.09
C5 QBQ LC . 55.81 -48.78 -15.68
O4 QBQ LC . 55.54 -52.90 -20.20
C6 QBQ LC . 55.63 -50.87 -16.58
N1 QBQ LC . 56.38 -47.93 -12.91
C7 QBQ LC . 56.41 -51.71 -17.55
C8 QBQ LC . 54.58 -49.96 -17.22
N2 QBQ LC . 56.73 -47.73 -15.27
C9 QBQ LC . 55.15 -48.57 -17.01
O5 QBQ LC . 55.32 -51.86 -22.42
C10 QBQ LC . 58.00 -45.56 -12.73
O6 QBQ LC . 53.77 -53.73 -21.78
N3 QBQ LC . 57.46 -46.23 -11.65
O7 QBQ LC . 53.62 -51.46 -20.64
O8 QBQ LC . 52.08 -50.60 -22.39
N QBQ LC . 56.29 -47.92 -10.62
C QBQ LC . 56.69 -47.35 -11.75
O QBQ LC . 56.51 -50.00 -15.84
C1 QBQ LC . 56.91 -47.31 -13.98
C2 QBQ LC . 57.71 -46.17 -13.99
C3 QBQ LC . 58.03 -45.90 -15.35
O1 QBQ LC . 55.71 -52.96 -17.65
O10 QBQ LC . 53.08 -49.06 -20.82
O11 QBQ LC . 53.33 -50.10 -16.55
O12 QBQ LC . 54.22 -47.51 -16.88
O13 QBQ LC . 58.63 -44.53 -12.57
O2 QBQ LC . 53.92 -54.11 -18.79
O9 QBQ LC . 51.40 -50.64 -20.09
P QBQ LC . 55.37 -53.80 -18.90
P1 QBQ LC . 54.53 -52.55 -21.36
P2 QBQ LC . 52.54 -50.36 -21.00
H7 QBQ LC . 57.47 -46.99 -17.18
H QBQ LC . 55.12 -48.96 -14.86
H1 QBQ LC . 55.18 -51.52 -15.82
H9 QBQ LC . 57.42 -51.90 -17.23
H8 QBQ LC . 56.47 -51.29 -18.56
H2 QBQ LC . 54.43 -50.16 -18.27
H3 QBQ LC . 55.88 -48.33 -17.79
H11 QBQ LC . 55.54 -52.14 -23.34
H16 QBQ LC . 57.67 -45.83 -10.75
H12 QBQ LC . 52.20 -51.45 -22.89
H5 QBQ LC . 55.68 -48.73 -10.67
H4 QBQ LC . 56.54 -47.62 -9.68
H6 QBQ LC . 58.65 -45.08 -15.70
H14 QBQ LC . 52.63 -50.12 -17.26
H15 QBQ LC . 54.37 -47.14 -15.96
H10 QBQ LC . 53.43 -54.75 -18.20
H13 QBQ LC . 51.36 -50.30 -19.14
N1 HBI MC . 53.85 -41.12 2.89
N2 HBI MC . 53.47 -39.24 1.65
C2 HBI MC . 53.10 -40.04 2.67
N3 HBI MC . 51.96 -39.71 3.40
C4 HBI MC . 51.49 -40.51 4.50
O4 HBI MC . 50.50 -40.08 5.07
C4A HBI MC . 52.28 -41.67 4.76
C8A HBI MC . 53.41 -41.93 3.95
N8 HBI MC . 54.12 -43.05 4.14
C7 HBI MC . 53.78 -43.98 5.22
C6 HBI MC . 52.57 -43.56 6.01
N5 HBI MC . 51.86 -42.51 5.81
C9 HBI MC . 52.30 -44.48 7.18
O9 HBI MC . 51.52 -43.90 8.16
C10 HBI MC . 51.74 -45.88 6.73
O10 HBI MC . 51.34 -46.57 7.91
C11 HBI MC . 50.55 -45.66 5.82
HN21 HBI MC . 54.28 -39.49 1.09
HN22 HBI MC . 52.97 -38.40 1.39
H3 HBI MC . 51.46 -38.86 3.20
H8 HBI MC . 54.95 -43.25 3.58
H71 HBI MC . 54.65 -44.07 5.88
H72 HBI MC . 53.62 -44.96 4.80
H9 HBI MC . 53.23 -44.65 7.73
HO9 HBI MC . 51.25 -44.57 8.84
H10 HBI MC . 52.52 -46.44 6.20
HO1 HBI MC . 51.21 -47.52 7.64
H111 HBI MC . 49.90 -46.53 5.78
H112 HBI MC . 49.94 -44.82 6.14
H113 HBI MC . 50.85 -45.45 4.79
ZN ZN NC . 15.38 -9.27 -2.26
O3 QBQ OC . 14.64 -44.06 -14.57
C4 QBQ OC . 22.62 -42.25 -14.68
C5 QBQ OC . 20.69 -41.65 -13.11
O4 QBQ OC . 15.10 -42.01 -16.01
C6 QBQ OC . 18.45 -42.02 -13.25
N1 QBQ OC . 22.81 -42.49 -11.16
C7 QBQ OC . 17.49 -42.69 -14.18
C8 QBQ OC . 18.71 -40.53 -13.55
N2 QBQ OC . 22.04 -42.15 -13.42
C9 QBQ OC . 20.18 -40.50 -13.96
O5 QBQ OC . 15.32 -40.73 -18.14
C10 QBQ OC . 25.39 -42.94 -12.38
O6 QBQ OC . 13.40 -40.18 -16.60
N3 QBQ OC . 25.14 -43.00 -11.03
O7 QBQ OC . 15.77 -39.64 -15.90
O8 QBQ OC . 15.10 -37.44 -16.90
N QBQ OC . 23.80 -43.00 -9.14
C QBQ OC . 23.90 -42.81 -10.46
O QBQ OC . 19.75 -42.68 -13.32
C1 QBQ OC . 23.02 -42.44 -12.50
C2 QBQ OC . 24.22 -42.67 -13.18
C3 QBQ OC . 23.94 -42.56 -14.58
O1 QBQ OC . 16.19 -42.18 -13.82
O10 QBQ OC . 17.51 -38.03 -16.63
O11 QBQ OC . 18.44 -39.71 -12.42
O12 QBQ OC . 20.86 -39.28 -13.72
O13 QBQ OC . 26.54 -42.99 -12.81
O2 QBQ OC . 13.78 -41.69 -13.87
O9 QBQ OC . 16.12 -37.54 -14.59
P QBQ OC . 14.86 -42.57 -14.53
P1 QBQ OC . 14.81 -40.62 -16.71
P2 QBQ OC . 16.17 -38.10 -16.02
H7 QBQ OC . 22.04 -42.08 -15.60
H QBQ OC . 20.64 -41.44 -12.04
H1 QBQ OC . 18.12 -42.23 -12.23
H9 QBQ OC . 17.46 -43.78 -14.07
H8 QBQ OC . 17.65 -42.49 -15.24
H2 QBQ OC . 18.10 -40.14 -14.37
H3 QBQ OC . 20.26 -40.74 -15.03
H11 QBQ OC . 15.06 -41.32 -18.88
H16 QBQ OC . 25.94 -43.21 -10.44
H12 QBQ OC . 15.27 -37.00 -17.77
H5 QBQ OC . 22.91 -42.87 -8.69
H4 QBQ OC . 24.57 -43.29 -8.55
H6 QBQ OC . 24.66 -42.70 -15.38
H14 QBQ OC . 17.46 -39.73 -12.29
H15 QBQ OC . 21.54 -39.46 -13.01
H10 QBQ OC . 13.41 -41.67 -12.96
H13 QBQ OC . 15.28 -37.42 -14.08
N1 HBI PC . 34.33 -42.17 1.83
N2 HBI PC . 35.37 -40.71 0.44
C2 HBI PC . 34.90 -40.99 1.69
N3 HBI PC . 35.01 -40.04 2.71
C4 HBI PC . 34.57 -40.31 4.06
O4 HBI PC . 34.74 -39.42 4.88
C4A HBI PC . 33.99 -41.59 4.23
C8A HBI PC . 33.88 -42.46 3.13
N8 HBI PC . 33.23 -43.65 3.28
C7 HBI PC . 32.73 -44.07 4.59
C6 HBI PC . 32.90 -43.04 5.65
N5 HBI PC . 33.47 -41.89 5.51
C9 HBI PC . 32.43 -43.50 7.01
O9 HBI PC . 32.94 -42.74 8.07
C10 HBI PC . 30.87 -43.62 7.09
O10 HBI PC . 30.54 -43.93 8.42
C11 HBI PC . 30.25 -42.28 6.65
HN21 HBI PC . 35.25 -41.39 -0.31
HN22 HBI PC . 35.79 -39.83 0.20
H3 HBI PC . 35.48 -39.16 2.54
H8 HBI PC . 33.20 -44.32 2.51
H71 HBI PC . 33.23 -44.99 4.88
H72 HBI PC . 31.68 -44.32 4.47
H9 HBI PC . 32.86 -44.48 7.22
HO9 HBI PC . 32.51 -43.02 8.93
H10 HBI PC . 30.51 -44.42 6.44
HO1 HBI PC . 29.57 -44.16 8.44
H111 HBI PC . 29.25 -42.16 7.05
H112 HBI PC . 30.85 -41.44 7.00
H113 HBI PC . 30.19 -42.21 5.57
ZN ZN QC . 47.33 6.14 6.24
O3 QBQ RC . 12.38 -5.14 4.55
C4 QBQ RC . 16.42 -11.01 0.57
C5 QBQ RC . 17.08 -9.58 2.61
O4 QBQ RC . 13.83 -4.31 2.63
C6 QBQ RC . 15.96 -7.89 3.66
N1 QBQ RC . 17.82 -12.35 3.54
C7 QBQ RC . 14.65 -7.19 3.46
C8 QBQ RC . 17.13 -7.29 2.87
N2 QBQ RC . 16.94 -10.85 1.87
C9 QBQ RC . 17.38 -8.34 1.78
O5 QBQ RC . 14.11 -3.40 0.33
C10 QBQ RC . 17.55 -14.37 1.48
O6 QBQ RC . 14.57 -1.86 2.37
N3 QBQ RC . 18.04 -14.60 2.75
O7 QBQ RC . 16.10 -3.80 1.85
O8 QBQ RC . 17.33 -1.96 0.70
N QBQ RC . 18.51 -14.04 4.94
C QBQ RC . 18.14 -13.64 3.73
O QBQ RC . 15.86 -9.28 3.26
C1 QBQ RC . 17.34 -12.09 2.30
C2 QBQ RC . 17.13 -13.02 1.25
C3 QBQ RC . 16.54 -12.31 0.17
O1 QBQ RC . 14.80 -5.91 4.10
O10 QBQ RC . 17.86 -4.35 0.18
O11 QBQ RC . 18.28 -7.09 3.71
O12 QBQ RC . 18.67 -8.32 1.19
O13 QBQ RC . 17.58 -15.25 0.61
O2 QBQ RC . 14.44 -3.55 4.95
O9 QBQ RC . 18.48 -3.37 2.41
P QBQ RC . 13.76 -4.71 4.17
P1 QBQ RC . 14.61 -3.22 1.78
P2 QBQ RC . 17.51 -3.38 1.24
H7 QBQ RC . 16.01 -10.16 0.01
H QBQ RC . 17.80 -9.75 3.42
H1 QBQ RC . 16.11 -7.95 4.74
H9 QBQ RC . 13.80 -7.70 3.93
H8 QBQ RC . 14.37 -7.01 2.42
H2 QBQ RC . 16.90 -6.33 2.40
H3 QBQ RC . 16.64 -8.21 1.00
H11 QBQ RC . 13.25 -3.12 -0.09
H16 QBQ RC . 18.33 -15.54 2.95
H12 QBQ RC . 17.14 -1.71 -0.24
H5 QBQ RC . 18.61 -13.36 5.68
H4 QBQ RC . 18.72 -15.00 5.20
H6 QBQ RC . 16.24 -12.73 -0.78
H14 QBQ RC . 18.97 -6.69 3.13
H15 QBQ RC . 19.15 -9.14 1.54
H10 QBQ RC . 14.73 -3.48 5.90
H13 QBQ RC . 18.29 -2.95 3.29
N1 HBI SC . 26.79 -25.64 9.73
N2 HBI SC . 27.75 -25.38 7.68
C2 HBI SC . 27.90 -25.58 9.03
N3 HBI SC . 29.16 -25.62 9.59
C4 HBI SC . 29.39 -25.80 10.98
O4 HBI SC . 30.55 -25.85 11.32
C4A HBI SC . 28.22 -25.93 11.75
C8A HBI SC . 26.97 -25.85 11.10
N8 HBI SC . 25.85 -25.91 11.84
C7 HBI SC . 25.88 -26.09 13.28
C6 HBI SC . 27.28 -26.16 13.83
N5 HBI SC . 28.38 -26.09 13.13
C9 HBI SC . 27.31 -26.45 15.31
O9 HBI SC . 28.52 -26.96 15.75
C10 HBI SC . 26.83 -25.22 16.17
O10 HBI SC . 27.08 -25.52 17.52
C11 HBI SC . 27.64 -24.00 15.75
HN21 HBI SC . 26.82 -25.32 7.28
HN22 HBI SC . 28.54 -25.29 7.06
H3 HBI SC . 29.98 -25.55 8.99
H8 HBI SC . 24.94 -25.86 11.38
H71 HBI SC . 25.33 -26.99 13.53
H72 HBI SC . 25.33 -25.27 13.75
H9 HBI SC . 26.64 -27.28 15.53
HO9 HBI SC . 28.54 -26.99 16.73
H10 HBI SC . 25.77 -25.03 16.00
HO1 HBI SC . 26.58 -24.85 18.05
H111 HBI SC . 27.65 -23.24 16.53
H112 HBI SC . 28.67 -24.24 15.53
H113 HBI SC . 27.23 -23.52 14.85
ZN ZN TC . 74.00 -16.82 -4.13
O3 QBQ UC . 53.01 8.58 12.44
C4 QBQ UC . 47.58 3.69 8.83
C5 QBQ UC . 49.76 3.26 10.06
O4 QBQ UC . 53.38 8.20 9.92
C6 QBQ UC . 51.28 4.66 11.05
N1 QBQ UC . 48.03 1.12 11.23
C7 QBQ UC . 51.40 6.15 11.24
C8 QBQ UC . 51.85 4.15 9.71
N2 QBQ UC . 48.36 3.02 9.77
C9 QBQ UC . 50.60 3.81 8.92
O5 QBQ UC . 53.65 9.29 7.68
C10 QBQ UC . 45.42 0.97 10.00
O6 QBQ UC . 55.72 8.39 8.92
N3 QBQ UC . 45.90 0.11 10.96
O7 QBQ UC . 54.00 6.77 7.99
O8 QBQ UC . 55.80 6.67 6.16
N QBQ UC . 47.39 -0.65 12.56
C QBQ UC . 47.13 0.20 11.56
O QBQ UC . 49.89 4.24 11.08
C1 QBQ UC . 47.60 1.99 10.28
C2 QBQ UC . 46.36 2.00 9.65
C3 QBQ UC . 46.36 3.10 8.73
O1 QBQ UC . 52.82 6.35 11.29
O10 QBQ UC . 53.66 5.23 6.07
O11 QBQ UC . 52.67 2.98 9.89
O12 QBQ UC . 50.76 2.87 7.87
O13 QBQ UC . 44.32 0.83 9.49
O2 QBQ UC . 55.12 7.33 11.52
O9 QBQ UC . 55.55 4.76 7.71
P QBQ UC . 53.63 7.70 11.40
P1 QBQ UC . 54.27 8.22 8.60
P2 QBQ UC . 54.74 5.82 6.95
H7 QBQ UC . 47.93 4.56 8.29
H QBQ UC . 50.18 2.36 10.51
H1 QBQ UC . 51.70 4.19 11.93
H9 QBQ UC . 50.97 6.50 12.17
H8 QBQ UC . 50.99 6.75 10.43
H2 QBQ UC . 52.44 4.88 9.17
H3 QBQ UC . 50.17 4.73 8.52
H11 QBQ UC . 53.26 10.18 7.88
H16 QBQ UC . 45.27 -0.65 11.22
H12 QBQ UC . 55.63 7.13 5.30
H5 QBQ UC . 48.29 -0.61 13.03
H4 QBQ UC . 46.74 -1.35 12.90
H6 QBQ UC . 45.53 3.37 8.08
H14 QBQ UC . 52.98 2.73 8.98
H15 QBQ UC . 50.45 1.99 8.22
H10 QBQ UC . 55.62 6.76 12.16
H13 QBQ UC . 55.59 3.80 7.45
N1 HBI VC . 41.74 -14.39 15.73
N2 HBI VC . 41.44 -14.55 13.43
C2 HBI VC . 41.89 -15.10 14.61
N3 HBI VC . 42.49 -16.37 14.57
C4 HBI VC . 43.00 -17.03 15.74
O4 HBI VC . 43.43 -18.14 15.55
C4A HBI VC . 42.87 -16.27 16.94
C8A HBI VC . 42.25 -14.99 16.89
N8 HBI VC . 42.22 -14.22 18.01
C7 HBI VC . 42.71 -14.73 19.28
C6 HBI VC . 43.27 -16.13 19.19
N5 HBI VC . 43.37 -16.84 18.13
C9 HBI VC . 43.69 -16.68 20.54
O9 HBI VC . 43.81 -18.06 20.56
C10 HBI VC . 44.99 -15.96 21.10
O10 HBI VC . 45.38 -16.66 22.26
C11 HBI VC . 46.08 -16.04 20.06
HN21 HBI VC . 41.02 -13.62 13.43
HN22 HBI VC . 41.47 -15.03 12.54
H3 HBI VC . 42.52 -16.89 13.70
H8 HBI VC . 41.77 -13.31 18.00
H71 HBI VC . 41.89 -14.71 20.00
H72 HBI VC . 43.46 -14.04 19.67
H9 HBI VC . 42.88 -16.52 21.26
HO9 HBI VC . 44.20 -18.36 21.42
H10 HBI VC . 44.77 -14.93 21.34
HO1 HBI VC . 46.05 -16.09 22.72
H111 HBI VC . 47.07 -15.94 20.49
H112 HBI VC . 46.06 -16.98 19.50
H113 HBI VC . 45.98 -15.25 19.31
K K WC . -34.30 47.70 -15.99
K K XC . -53.57 49.69 -14.13
K K YC . -62.16 34.17 -22.31
K K ZC . -47.78 22.37 -29.06
K K AD . -30.56 30.72 -25.16
K K BD . -33.82 -13.83 44.83
K K CD . -52.89 -12.21 46.46
K K DD . -57.05 4.99 55.29
K K ED . -39.42 13.72 59.19
K K FD . -25.17 2.09 52.69
K K GD . 57.45 9.87 -47.12
K K HD . 38.73 14.64 -45.08
K K ID . 27.95 0.21 -52.58
K K JD . 40.30 -13.37 -59.49
K K KD . 58.42 -7.80 -55.82
K K LD . 49.09 -50.12 14.39
K K MD . 29.99 -45.75 17.48
K K ND . 28.85 -28.33 25.51
K K OD . 46.89 -21.66 29.02
K K PD . 59.44 -35.30 22.63
#